data_2JES
#
_entry.id   2JES
#
_cell.length_a   174.314
_cell.length_b   221.405
_cell.length_c   421.866
_cell.angle_alpha   90.00
_cell.angle_beta   90.00
_cell.angle_gamma   90.00
#
_symmetry.space_group_name_H-M   'C 2 2 21'
#
loop_
_entity.id
_entity.type
_entity.pdbx_description
1 polymer 'PORTAL PROTEIN'
2 polymer 'UNIDENTIFIED FRAGMENT OF PORTAL PROTEIN'
3 non-polymer 'MERCURY (II) ION'
4 non-polymer 'CALCIUM ION'
#
loop_
_entity_poly.entity_id
_entity_poly.type
_entity_poly.pdbx_seq_one_letter_code
_entity_poly.pdbx_strand_id
1 'polypeptide(L)'
;MADIYPLGKTHTEELNEIIVESAKEIAEPDTTMIQKLIDEHNPEPLLKGVRYYMCENDIEKKRRTYYDAAGQQLVDDTKT
NNRTSHAWHKLFVDQKTQYLVGEPVTFTSDNKTLLEYVNELADDDFDDILNETVKNMSNKGIEYWHPFVDEEGEFDYVIF
PAEEMIVVYKDNTRRDILFALRYYSYKGIMGEETQKAELYTDTHVYYYEKIDGVYQMDYSYGENNPRPHMTKGGQAIGWG
RVPIIPFKNNEEMVSDLKFYKDLIDNYDSITSSTMDSFSDFQQIVYVLKNYDGENPKEFTANLRYHSVIKVSGDGGVDTL
RAEIPVDSAAKELERIQDELYKSAQAVDNSPETIGGGATGPALEKLYALLDLKANMAERKIRAGLRLFFWFFAEYLRNTG
KGDFNPDKELTMTFTRTRIQNDSEIVQSLVQGVTGGIMSKETAVARNPFVQDPEEELARIEEEMNQYAEMQGNLLDDEGG
DDDLEEDDPNAGAAESGGAGQVS
;
A,C,E,G,I,K,M,O,Q,S,U,W,Y
2 'polypeptide(L)'
;(UNK)(UNK)(UNK)(UNK)(UNK)(UNK)(UNK)(UNK)(UNK)(UNK)(UNK)(UNK)(UNK)(UNK)(UNK)(UNK)
(UNK)(UNK)(UNK)(UNK)(UNK)(UNK)(UNK)(UNK)(UNK)(UNK)(UNK)(UNK)(UNK)(UNK)
;
B,D,F,H,J,L,N,P,R,T,V,X,Z
#
# COMPACT_ATOMS: atom_id res chain seq x y z
N PRO A 29 79.55 5.60 22.64
CA PRO A 29 78.32 5.26 23.33
C PRO A 29 78.54 4.34 24.53
N ASP A 30 77.51 4.21 25.37
CA ASP A 30 77.61 3.42 26.60
C ASP A 30 76.83 2.10 26.51
N THR A 31 77.31 1.08 27.23
CA THR A 31 76.67 -0.24 27.24
C THR A 31 75.60 -0.38 28.34
N THR A 32 75.76 0.36 29.43
CA THR A 32 74.79 0.38 30.53
C THR A 32 73.49 1.08 30.14
N MET A 33 73.63 2.23 29.48
CA MET A 33 72.50 3.02 29.02
C MET A 33 71.67 2.21 28.02
N ILE A 34 72.35 1.37 27.22
CA ILE A 34 71.70 0.47 26.26
C ILE A 34 70.70 -0.45 26.98
N GLN A 35 71.14 -1.02 28.10
CA GLN A 35 70.28 -1.87 28.90
C GLN A 35 69.07 -1.12 29.47
N LYS A 36 69.30 0.08 30.01
CA LYS A 36 68.22 0.95 30.45
C LYS A 36 67.21 1.19 29.32
N LEU A 37 67.73 1.58 28.15
CA LEU A 37 66.91 1.85 26.98
C LEU A 37 66.09 0.63 26.54
N ILE A 38 66.71 -0.55 26.61
CA ILE A 38 66.01 -1.78 26.26
C ILE A 38 64.96 -2.16 27.33
N ASP A 39 65.36 -2.13 28.60
CA ASP A 39 64.47 -2.52 29.70
C ASP A 39 63.35 -1.53 29.96
N GLU A 40 63.60 -0.27 29.59
CA GLU A 40 62.58 0.77 29.68
C GLU A 40 61.57 0.66 28.52
N HIS A 41 62.05 0.18 27.38
CA HIS A 41 61.22 0.05 26.17
C HIS A 41 60.10 -0.98 26.37
N ASN A 42 58.92 -0.66 25.84
CA ASN A 42 57.81 -1.61 25.76
C ASN A 42 57.11 -1.58 24.40
N PRO A 43 56.94 -2.76 23.78
CA PRO A 43 56.28 -2.86 22.49
C PRO A 43 54.77 -3.15 22.56
N GLU A 44 54.21 -3.25 23.76
CA GLU A 44 52.76 -3.52 23.90
C GLU A 44 51.83 -2.44 23.30
N PRO A 45 52.21 -1.15 23.37
CA PRO A 45 51.39 -0.18 22.64
C PRO A 45 51.47 -0.36 21.13
N LEU A 46 52.65 -0.71 20.62
CA LEU A 46 52.87 -0.81 19.17
C LEU A 46 52.47 -2.15 18.57
N LEU A 47 52.28 -3.16 19.43
CA LEU A 47 51.83 -4.48 18.95
C LEU A 47 50.32 -4.65 19.05
N LYS A 48 49.70 -3.79 19.86
CA LYS A 48 48.25 -3.75 20.05
C LYS A 48 47.51 -3.95 18.73
N GLY A 49 47.78 -3.05 17.78
CA GLY A 49 47.13 -3.08 16.48
C GLY A 49 47.45 -4.34 15.70
N VAL A 50 48.66 -4.86 15.88
CA VAL A 50 49.09 -6.05 15.15
C VAL A 50 48.31 -7.26 15.64
N ARG A 51 48.05 -7.32 16.94
CA ARG A 51 47.25 -8.40 17.51
C ARG A 51 45.80 -8.31 17.01
N TYR A 52 45.26 -7.10 16.96
CA TYR A 52 43.91 -6.91 16.47
C TYR A 52 43.79 -7.15 14.98
N TYR A 53 44.82 -6.82 14.21
CA TYR A 53 44.83 -7.13 12.78
C TYR A 53 44.80 -8.66 12.56
N MET A 54 45.25 -9.41 13.57
CA MET A 54 45.36 -10.86 13.44
C MET A 54 44.23 -11.61 14.16
N CYS A 55 43.28 -10.85 14.71
CA CYS A 55 42.20 -11.39 15.54
C CYS A 55 42.76 -12.01 16.83
N GLU A 56 43.58 -11.24 17.53
CA GLU A 56 44.02 -11.60 18.86
C GLU A 56 43.51 -10.49 19.76
N ASN A 57 42.18 -10.39 19.86
CA ASN A 57 41.57 -9.28 20.59
C ASN A 57 41.47 -9.61 22.07
N ASP A 58 41.44 -8.56 22.90
CA ASP A 58 41.47 -8.72 24.36
C ASP A 58 40.42 -9.67 24.91
N ILE A 59 39.44 -9.99 24.08
CA ILE A 59 38.39 -10.91 24.46
C ILE A 59 38.90 -12.34 24.54
N GLU A 60 40.04 -12.62 23.91
CA GLU A 60 40.64 -13.94 23.98
C GLU A 60 41.07 -14.25 25.41
N LYS A 61 41.10 -13.22 26.26
CA LYS A 61 41.38 -13.35 27.68
C LYS A 61 40.11 -13.57 28.53
N LYS A 62 38.95 -13.59 27.88
CA LYS A 62 37.70 -13.84 28.58
C LYS A 62 37.68 -15.24 29.14
N ARG A 63 37.34 -15.40 30.41
CA ARG A 63 37.23 -16.72 31.04
C ARG A 63 36.03 -16.78 31.96
N ARG A 64 35.33 -17.91 31.98
CA ARG A 64 34.12 -18.00 32.79
C ARG A 64 34.46 -18.48 34.20
N THR A 65 34.25 -17.61 35.19
CA THR A 65 34.70 -17.89 36.55
C THR A 65 33.55 -18.17 37.53
N TYR A 66 33.90 -18.49 38.78
CA TYR A 66 32.93 -18.70 39.85
C TYR A 66 33.71 -18.69 41.17
N TYR A 67 33.01 -18.71 42.29
CA TYR A 67 33.69 -18.60 43.60
C TYR A 67 33.64 -19.87 44.42
N ASP A 68 34.79 -20.19 45.02
CA ASP A 68 34.98 -21.37 45.86
C ASP A 68 34.31 -21.24 47.23
N ALA A 69 34.75 -22.06 48.18
CA ALA A 69 34.29 -21.99 49.57
C ALA A 69 34.52 -20.58 50.14
N ALA A 70 35.78 -20.27 50.46
CA ALA A 70 36.14 -18.94 50.94
C ALA A 70 36.46 -17.98 49.78
N GLY A 71 35.53 -17.88 48.84
CA GLY A 71 35.56 -16.83 47.81
C GLY A 71 36.78 -16.74 46.90
N GLN A 72 37.41 -17.89 46.65
CA GLN A 72 38.52 -17.95 45.69
C GLN A 72 38.02 -17.98 44.23
N GLN A 73 38.29 -16.90 43.49
CA GLN A 73 37.87 -16.84 42.10
C GLN A 73 38.53 -17.93 41.25
N LEU A 74 37.72 -18.75 40.61
CA LEU A 74 38.20 -19.94 39.91
C LEU A 74 37.45 -20.12 38.59
N VAL A 75 38.15 -20.61 37.57
CA VAL A 75 37.55 -20.96 36.28
C VAL A 75 36.75 -22.25 36.44
N ASP A 76 35.58 -22.34 35.80
CA ASP A 76 34.82 -23.60 35.87
C ASP A 76 34.71 -24.34 34.54
N ASP A 77 35.25 -25.56 34.55
CA ASP A 77 35.25 -26.46 33.39
C ASP A 77 33.84 -26.91 33.02
N THR A 78 32.87 -26.60 33.86
CA THR A 78 31.46 -26.88 33.59
C THR A 78 31.01 -26.22 32.28
N LYS A 79 31.31 -24.92 32.15
CA LYS A 79 30.78 -24.09 31.08
C LYS A 79 31.75 -23.85 29.92
N THR A 80 31.18 -23.76 28.71
CA THR A 80 31.97 -23.45 27.52
C THR A 80 32.26 -21.97 27.54
N ASN A 81 33.48 -21.62 27.20
CA ASN A 81 33.92 -20.24 27.27
C ASN A 81 34.23 -19.73 25.87
N ASN A 82 33.19 -19.35 25.15
CA ASN A 82 33.36 -18.82 23.80
C ASN A 82 33.98 -17.44 23.87
N ARG A 83 35.03 -17.22 23.10
CA ARG A 83 35.57 -15.88 22.92
C ARG A 83 35.85 -15.57 21.45
N THR A 84 35.00 -14.72 20.90
CA THR A 84 34.98 -14.43 19.47
C THR A 84 35.58 -13.04 19.20
N SER A 85 36.68 -13.03 18.46
CA SER A 85 37.37 -11.78 18.17
C SER A 85 37.23 -11.41 16.70
N HIS A 86 36.63 -10.25 16.46
CA HIS A 86 36.20 -9.83 15.12
C HIS A 86 37.26 -9.12 14.29
N ALA A 87 37.35 -9.50 13.02
CA ALA A 87 38.37 -8.98 12.09
C ALA A 87 38.07 -7.57 11.56
N TRP A 88 37.34 -6.79 12.36
CA TRP A 88 36.97 -5.42 11.98
C TRP A 88 38.16 -4.54 11.66
N HIS A 89 39.14 -4.52 12.57
CA HIS A 89 40.32 -3.68 12.40
C HIS A 89 41.08 -4.03 11.14
N LYS A 90 41.25 -5.33 10.89
CA LYS A 90 41.97 -5.77 9.70
C LYS A 90 41.31 -5.27 8.43
N LEU A 91 39.98 -5.37 8.41
CA LEU A 91 39.21 -4.95 7.24
C LEU A 91 39.49 -3.50 6.93
N PHE A 92 39.47 -2.67 7.97
CA PHE A 92 39.60 -1.23 7.81
C PHE A 92 40.98 -0.85 7.31
N VAL A 93 41.99 -1.51 7.85
CA VAL A 93 43.39 -1.25 7.48
C VAL A 93 43.63 -1.61 6.02
N ASP A 94 43.33 -2.85 5.66
CA ASP A 94 43.40 -3.30 4.27
C ASP A 94 42.70 -2.35 3.32
N GLN A 95 41.62 -1.73 3.79
CA GLN A 95 40.85 -0.83 2.99
C GLN A 95 41.60 0.48 2.81
N LYS A 96 42.23 0.97 3.88
CA LYS A 96 43.01 2.20 3.81
C LYS A 96 44.26 2.00 2.94
N THR A 97 45.03 0.96 3.24
CA THR A 97 46.25 0.65 2.51
C THR A 97 45.98 0.67 1.01
N GLN A 98 45.04 -0.17 0.57
CA GLN A 98 44.73 -0.36 -0.84
C GLN A 98 44.24 0.92 -1.51
N TYR A 99 43.56 1.75 -0.74
CA TYR A 99 43.05 2.99 -1.25
C TYR A 99 44.19 3.91 -1.60
N LEU A 100 45.17 4.00 -0.71
CA LEU A 100 46.30 4.89 -0.90
C LEU A 100 47.31 4.33 -1.89
N VAL A 101 47.71 3.09 -1.67
CA VAL A 101 48.93 2.54 -2.24
C VAL A 101 48.65 1.39 -3.22
N GLY A 102 47.44 0.83 -3.15
CA GLY A 102 47.03 -0.26 -4.06
C GLY A 102 47.45 -0.06 -5.50
N GLU A 103 47.24 1.13 -6.02
CA GLU A 103 47.83 1.52 -7.30
C GLU A 103 49.20 2.12 -7.00
N PRO A 104 50.24 1.72 -7.77
CA PRO A 104 51.63 2.18 -7.62
C PRO A 104 51.80 3.68 -7.80
N VAL A 105 52.63 4.27 -6.95
CA VAL A 105 52.92 5.70 -6.99
C VAL A 105 53.61 6.09 -8.30
N THR A 106 53.13 7.15 -8.95
CA THR A 106 53.74 7.65 -10.19
C THR A 106 54.61 8.89 -9.94
N PHE A 107 55.69 9.02 -10.73
CA PHE A 107 56.68 10.08 -10.51
C PHE A 107 56.90 10.91 -11.75
N THR A 108 56.98 12.23 -11.56
CA THR A 108 57.22 13.16 -12.67
C THR A 108 58.27 14.23 -12.33
N SER A 109 59.19 14.45 -13.26
CA SER A 109 60.12 15.59 -13.21
C SER A 109 60.49 16.02 -14.63
N ASP A 110 61.19 17.15 -14.73
CA ASP A 110 61.73 17.60 -16.02
C ASP A 110 63.16 17.13 -16.23
N ASN A 111 63.82 16.80 -15.11
CA ASN A 111 65.13 16.18 -15.10
C ASN A 111 64.99 14.68 -15.39
N LYS A 112 65.25 14.32 -16.64
CA LYS A 112 64.94 12.98 -17.16
C LYS A 112 65.85 11.87 -16.65
N THR A 113 67.14 12.17 -16.48
CA THR A 113 68.10 11.22 -15.93
C THR A 113 67.67 10.77 -14.51
N LEU A 114 67.34 11.75 -13.67
CA LEU A 114 66.83 11.49 -12.33
C LEU A 114 65.59 10.62 -12.46
N LEU A 115 64.66 11.06 -13.30
CA LEU A 115 63.39 10.37 -13.55
C LEU A 115 63.61 8.90 -13.93
N GLU A 116 64.65 8.65 -14.73
CA GLU A 116 65.04 7.29 -15.09
C GLU A 116 65.49 6.51 -13.88
N TYR A 117 66.41 7.08 -13.10
CA TYR A 117 67.00 6.42 -11.94
C TYR A 117 65.98 6.07 -10.85
N VAL A 118 65.01 6.95 -10.66
CA VAL A 118 63.94 6.74 -9.68
C VAL A 118 63.06 5.57 -10.10
N ASN A 119 62.61 5.59 -11.35
CA ASN A 119 61.78 4.53 -11.93
C ASN A 119 62.42 3.15 -11.86
N GLU A 120 63.68 3.07 -12.27
CA GLU A 120 64.48 1.86 -12.10
C GLU A 120 64.37 1.32 -10.68
N LEU A 121 64.44 2.24 -9.72
CA LEU A 121 64.48 1.89 -8.30
C LEU A 121 63.12 1.49 -7.77
N ALA A 122 62.11 2.24 -8.17
CA ALA A 122 60.83 2.22 -7.48
C ALA A 122 59.64 2.11 -8.43
N ASP A 123 59.34 0.89 -8.87
CA ASP A 123 58.10 0.67 -9.60
C ASP A 123 57.59 -0.77 -9.65
N ASP A 124 58.22 -1.67 -8.88
CA ASP A 124 57.67 -3.03 -8.71
C ASP A 124 57.81 -3.62 -7.31
N ASP A 125 59.04 -3.82 -6.86
CA ASP A 125 59.29 -4.32 -5.50
C ASP A 125 58.99 -3.24 -4.48
N PHE A 126 59.18 -1.99 -4.91
CA PHE A 126 58.94 -0.82 -4.10
C PHE A 126 57.44 -0.69 -3.78
N ASP A 127 56.61 -0.99 -4.77
CA ASP A 127 55.17 -0.97 -4.62
C ASP A 127 54.73 -1.92 -3.49
N ASP A 128 55.16 -3.18 -3.59
CA ASP A 128 54.77 -4.23 -2.66
C ASP A 128 55.24 -3.97 -1.22
N ILE A 129 56.40 -3.33 -1.08
CA ILE A 129 56.93 -2.96 0.24
C ILE A 129 56.16 -1.78 0.81
N LEU A 130 55.88 -0.78 -0.03
CA LEU A 130 55.12 0.40 0.39
C LEU A 130 53.76 -0.01 0.93
N ASN A 131 53.11 -0.94 0.24
CA ASN A 131 51.89 -1.56 0.73
C ASN A 131 52.03 -2.08 2.16
N GLU A 132 53.08 -2.86 2.39
CA GLU A 132 53.32 -3.47 3.69
C GLU A 132 53.65 -2.43 4.75
N THR A 133 54.11 -1.27 4.30
CA THR A 133 54.50 -0.19 5.21
C THR A 133 53.28 0.54 5.76
N VAL A 134 52.34 0.85 4.86
CA VAL A 134 51.11 1.53 5.24
C VAL A 134 50.35 0.66 6.23
N LYS A 135 50.07 -0.57 5.82
CA LYS A 135 49.51 -1.59 6.70
C LYS A 135 50.23 -1.55 8.05
N ASN A 136 51.55 -1.49 8.01
CA ASN A 136 52.35 -1.52 9.22
C ASN A 136 52.25 -0.26 10.06
N MET A 137 52.16 0.87 9.39
CA MET A 137 52.08 2.13 10.12
C MET A 137 50.71 2.30 10.73
N SER A 138 49.72 1.64 10.13
CA SER A 138 48.34 1.68 10.61
C SER A 138 48.18 0.82 11.84
N ASN A 139 48.85 -0.33 11.85
CA ASN A 139 48.81 -1.25 12.98
C ASN A 139 49.65 -0.79 14.17
N LYS A 140 50.84 -0.29 13.89
CA LYS A 140 51.77 0.06 14.95
C LYS A 140 51.66 1.53 15.35
N GLY A 141 51.31 2.37 14.39
CA GLY A 141 51.21 3.79 14.64
C GLY A 141 52.37 4.51 14.02
N ILE A 142 53.40 3.75 13.66
CA ILE A 142 54.62 4.27 13.02
C ILE A 142 55.42 3.12 12.42
N GLU A 143 55.98 3.32 11.24
CA GLU A 143 56.87 2.34 10.65
C GLU A 143 58.13 2.99 10.16
N TYR A 144 59.25 2.49 10.65
CA TYR A 144 60.57 2.92 10.21
C TYR A 144 61.11 1.95 9.16
N TRP A 145 61.74 2.49 8.13
CA TRP A 145 62.53 1.65 7.24
C TRP A 145 63.93 2.21 6.92
N HIS A 146 64.92 1.33 6.81
CA HIS A 146 66.32 1.72 6.78
C HIS A 146 66.94 1.59 5.39
N PRO A 147 67.62 2.66 4.92
CA PRO A 147 68.40 2.68 3.68
C PRO A 147 69.86 2.31 3.91
N PHE A 148 70.41 1.50 3.01
CA PHE A 148 71.79 1.04 3.13
C PHE A 148 72.32 0.58 1.78
N VAL A 149 73.64 0.64 1.63
CA VAL A 149 74.29 0.22 0.39
C VAL A 149 74.60 -1.29 0.43
N ASP A 150 74.21 -2.00 -0.63
CA ASP A 150 74.36 -3.45 -0.72
C ASP A 150 75.83 -3.89 -0.72
N GLU A 151 76.04 -5.20 -0.56
CA GLU A 151 77.38 -5.78 -0.66
C GLU A 151 77.91 -5.61 -2.10
N GLU A 152 76.99 -5.62 -3.05
CA GLU A 152 77.30 -5.42 -4.47
C GLU A 152 77.57 -3.95 -4.85
N GLY A 153 77.35 -3.04 -3.89
CA GLY A 153 77.55 -1.60 -4.13
C GLY A 153 76.30 -0.83 -4.56
N GLU A 154 75.17 -1.53 -4.68
CA GLU A 154 73.93 -0.89 -5.12
C GLU A 154 73.12 -0.34 -3.96
N PHE A 155 72.17 0.54 -4.25
CA PHE A 155 71.27 1.11 -3.24
C PHE A 155 70.09 0.18 -2.91
N ASP A 156 69.89 -0.02 -1.61
CA ASP A 156 68.89 -0.96 -1.11
C ASP A 156 68.20 -0.46 0.16
N TYR A 157 66.97 -0.92 0.37
CA TYR A 157 66.13 -0.48 1.48
C TYR A 157 65.39 -1.67 2.08
N VAL A 158 65.39 -1.72 3.41
CA VAL A 158 64.73 -2.80 4.13
C VAL A 158 63.97 -2.20 5.28
N ILE A 159 62.76 -2.73 5.48
CA ILE A 159 61.84 -2.32 6.53
C ILE A 159 62.48 -2.57 7.92
N PHE A 160 62.29 -1.63 8.83
CA PHE A 160 62.94 -1.72 10.13
C PHE A 160 61.90 -1.63 11.23
N PRO A 161 61.27 -2.79 11.57
CA PRO A 161 60.15 -2.90 12.51
C PRO A 161 60.23 -1.92 13.69
N ALA A 162 59.24 -1.04 13.77
CA ALA A 162 59.24 0.07 14.73
C ALA A 162 59.13 -0.38 16.19
N GLU A 163 58.61 -1.58 16.39
CA GLU A 163 58.57 -2.15 17.74
C GLU A 163 59.92 -2.68 18.23
N GLU A 164 60.90 -2.74 17.31
CA GLU A 164 62.28 -3.11 17.64
C GLU A 164 63.16 -1.87 17.82
N MET A 165 62.65 -0.73 17.38
CA MET A 165 63.41 0.53 17.33
C MET A 165 63.29 1.36 18.61
N ILE A 166 64.31 2.17 18.85
CA ILE A 166 64.34 3.11 19.98
C ILE A 166 64.97 4.42 19.48
N VAL A 167 64.26 5.53 19.63
CA VAL A 167 64.66 6.83 19.06
C VAL A 167 64.63 8.00 20.07
N VAL A 168 65.78 8.67 20.21
CA VAL A 168 65.88 9.96 20.91
C VAL A 168 66.75 10.94 20.10
N TYR A 169 66.33 12.21 20.06
CA TYR A 169 67.08 13.27 19.37
C TYR A 169 67.17 14.53 20.24
N TRP A 239 76.03 9.96 6.18
CA TRP A 239 74.88 10.55 5.51
C TRP A 239 74.61 12.00 5.89
N GLY A 240 75.03 12.40 7.10
CA GLY A 240 74.84 13.77 7.58
C GLY A 240 73.71 13.84 8.58
N ARG A 241 72.59 13.21 8.23
CA ARG A 241 71.46 13.07 9.15
C ARG A 241 71.44 11.65 9.74
N VAL A 242 70.58 11.44 10.75
CA VAL A 242 70.35 10.11 11.31
C VAL A 242 69.78 9.18 10.22
N PRO A 243 70.22 7.90 10.20
CA PRO A 243 70.08 7.04 9.03
C PRO A 243 68.80 6.19 8.91
N ILE A 244 67.69 6.62 9.50
CA ILE A 244 66.41 5.89 9.36
C ILE A 244 65.24 6.78 8.96
N ILE A 245 64.25 6.19 8.28
CA ILE A 245 63.13 6.94 7.70
C ILE A 245 61.77 6.63 8.36
N PRO A 246 61.23 7.60 9.11
CA PRO A 246 59.93 7.39 9.72
C PRO A 246 58.78 7.57 8.72
N PHE A 247 57.83 6.65 8.79
CA PHE A 247 56.52 6.83 8.18
C PHE A 247 55.53 6.88 9.32
N LYS A 248 55.12 8.08 9.69
CA LYS A 248 54.17 8.27 10.77
C LYS A 248 52.74 8.00 10.30
N ASN A 249 51.98 7.29 11.14
CA ASN A 249 50.56 7.08 10.89
C ASN A 249 49.81 8.39 11.14
N ASN A 250 50.02 8.96 12.32
CA ASN A 250 49.43 10.22 12.71
C ASN A 250 50.52 11.10 13.25
N GLU A 251 50.11 12.21 13.85
CA GLU A 251 51.03 13.03 14.59
C GLU A 251 51.32 12.37 15.91
N GLU A 252 50.30 11.71 16.48
CA GLU A 252 50.42 11.12 17.81
C GLU A 252 51.02 9.73 17.75
N MET A 253 51.26 9.26 16.52
CA MET A 253 51.91 7.97 16.26
C MET A 253 51.22 6.79 16.96
N VAL A 254 49.91 6.93 17.19
CA VAL A 254 49.06 5.84 17.64
C VAL A 254 48.51 5.08 16.43
N SER A 255 48.17 3.81 16.66
CA SER A 255 47.54 2.99 15.66
C SER A 255 46.15 3.53 15.36
N ASP A 256 45.57 3.12 14.23
CA ASP A 256 44.18 3.49 13.89
C ASP A 256 43.21 2.89 14.90
N LEU A 257 43.51 1.66 15.32
CA LEU A 257 42.74 0.95 16.34
C LEU A 257 42.46 1.81 17.57
N LYS A 258 43.29 2.82 17.79
CA LYS A 258 43.19 3.64 18.99
C LYS A 258 41.84 4.36 19.11
N PHE A 259 41.24 4.67 17.96
CA PHE A 259 40.03 5.48 17.93
C PHE A 259 38.71 4.68 17.86
N TYR A 260 38.82 3.35 17.81
CA TYR A 260 37.65 2.50 17.82
C TYR A 260 37.81 1.17 18.57
N LYS A 261 38.89 1.02 19.32
CA LYS A 261 39.15 -0.23 20.04
C LYS A 261 38.05 -0.54 21.04
N ASP A 262 37.53 0.50 21.68
CA ASP A 262 36.43 0.36 22.62
C ASP A 262 35.23 -0.31 21.95
N LEU A 263 34.97 0.06 20.69
CA LEU A 263 33.87 -0.51 19.94
C LEU A 263 34.14 -1.97 19.63
N ILE A 264 35.17 -2.27 18.86
CA ILE A 264 35.52 -3.67 18.59
C ILE A 264 35.39 -4.54 19.85
N ASP A 265 35.95 -4.08 20.97
CA ASP A 265 35.88 -4.82 22.23
C ASP A 265 34.45 -5.10 22.66
N ASN A 266 33.63 -4.04 22.65
CA ASN A 266 32.22 -4.12 22.95
C ASN A 266 31.55 -5.15 22.06
N TYR A 267 31.81 -5.03 20.76
CA TYR A 267 31.28 -5.93 19.75
C TYR A 267 31.65 -7.38 20.04
N ASP A 268 32.92 -7.62 20.34
CA ASP A 268 33.40 -8.94 20.73
C ASP A 268 32.71 -9.46 21.98
N SER A 269 32.60 -8.59 22.99
CA SER A 269 31.99 -8.96 24.27
C SER A 269 30.57 -9.45 24.11
N ILE A 270 29.75 -8.66 23.41
CA ILE A 270 28.33 -8.99 23.21
C ILE A 270 28.14 -10.29 22.47
N THR A 271 28.90 -10.47 21.40
CA THR A 271 28.82 -11.65 20.55
C THR A 271 29.23 -12.93 21.27
N SER A 272 30.23 -12.84 22.14
CA SER A 272 30.67 -14.00 22.89
C SER A 272 29.75 -14.34 24.04
N SER A 273 29.14 -13.31 24.61
CA SER A 273 28.14 -13.48 25.65
C SER A 273 26.91 -14.21 25.09
N THR A 274 26.45 -13.75 23.93
CA THR A 274 25.32 -14.37 23.25
C THR A 274 25.63 -15.80 22.85
N MET A 275 26.87 -16.06 22.45
CA MET A 275 27.33 -17.42 22.19
C MET A 275 27.25 -18.31 23.42
N ASP A 276 27.66 -17.78 24.57
CA ASP A 276 27.59 -18.54 25.82
C ASP A 276 26.14 -18.91 26.08
N SER A 277 25.25 -17.95 25.84
CA SER A 277 23.82 -18.18 26.01
C SER A 277 23.35 -19.36 25.17
N PHE A 278 23.74 -19.36 23.89
CA PHE A 278 23.41 -20.43 22.96
C PHE A 278 23.95 -21.78 23.39
N SER A 279 25.10 -21.76 24.06
CA SER A 279 25.71 -22.97 24.55
C SER A 279 25.04 -23.47 25.83
N ASP A 280 24.63 -22.54 26.68
CA ASP A 280 23.97 -22.87 27.95
C ASP A 280 22.55 -23.38 27.75
N PHE A 281 21.85 -22.82 26.76
CA PHE A 281 20.48 -23.19 26.47
C PHE A 281 20.31 -24.71 26.37
N GLN A 282 21.37 -25.39 25.93
CA GLN A 282 21.35 -26.83 25.74
C GLN A 282 21.19 -27.58 27.05
N GLN A 283 21.82 -27.07 28.11
CA GLN A 283 21.83 -27.75 29.41
C GLN A 283 20.66 -27.33 30.30
N ILE A 284 19.63 -28.17 30.31
CA ILE A 284 18.39 -27.94 31.04
C ILE A 284 18.66 -28.11 32.54
N VAL A 285 18.03 -27.27 33.36
CA VAL A 285 18.15 -27.41 34.80
C VAL A 285 16.79 -27.75 35.42
N TYR A 286 16.75 -28.86 36.15
CA TYR A 286 15.51 -29.35 36.73
C TYR A 286 15.32 -28.96 38.19
N VAL A 287 14.16 -28.37 38.46
CA VAL A 287 13.75 -28.05 39.82
C VAL A 287 12.81 -29.16 40.28
N LEU A 288 13.25 -29.93 41.29
CA LEU A 288 12.47 -31.08 41.75
C LEU A 288 11.72 -30.82 43.06
N LYS A 289 10.42 -30.55 42.91
CA LYS A 289 9.55 -30.24 44.05
C LYS A 289 8.87 -31.51 44.57
N ASN A 290 8.99 -31.74 45.87
CA ASN A 290 8.43 -32.93 46.54
C ASN A 290 8.68 -34.20 45.72
N TYR A 291 9.95 -34.53 45.57
CA TYR A 291 10.41 -35.67 44.76
C TYR A 291 10.05 -37.02 45.38
N ASP A 292 9.52 -37.91 44.55
CA ASP A 292 9.02 -39.23 44.98
C ASP A 292 10.12 -40.16 45.50
N GLY A 293 11.21 -40.30 44.72
CA GLY A 293 12.28 -41.26 45.02
C GLY A 293 13.21 -40.87 46.16
N GLU A 294 13.58 -41.85 46.97
CA GLU A 294 14.57 -41.65 48.04
C GLU A 294 16.00 -41.72 47.49
N ASN A 295 16.21 -42.59 46.49
CA ASN A 295 17.52 -42.76 45.85
C ASN A 295 17.85 -41.64 44.86
N PRO A 296 19.11 -41.14 44.91
CA PRO A 296 19.59 -40.10 43.97
C PRO A 296 20.05 -40.72 42.64
N LYS A 297 20.48 -41.98 42.70
CA LYS A 297 20.82 -42.76 41.52
C LYS A 297 19.61 -42.91 40.62
N GLU A 298 18.48 -43.31 41.21
CA GLU A 298 17.23 -43.56 40.50
C GLU A 298 16.84 -42.46 39.50
N PHE A 299 17.02 -41.20 39.87
CA PHE A 299 16.62 -40.07 39.02
C PHE A 299 17.38 -39.98 37.70
N THR A 300 18.71 -39.85 37.79
CA THR A 300 19.57 -39.56 36.64
C THR A 300 19.52 -40.70 35.63
N ALA A 301 19.39 -41.93 36.14
CA ALA A 301 19.23 -43.10 35.29
C ALA A 301 17.80 -43.18 34.75
N ASN A 302 16.82 -43.01 35.63
CA ASN A 302 15.42 -43.17 35.25
C ASN A 302 14.95 -42.15 34.21
N LEU A 303 15.54 -40.96 34.23
CA LEU A 303 15.27 -39.91 33.24
C LEU A 303 16.06 -40.13 31.95
N ARG A 304 17.29 -40.62 32.11
CA ARG A 304 18.23 -40.74 31.00
C ARG A 304 17.96 -41.97 30.13
N TYR A 305 17.39 -43.01 30.72
CA TYR A 305 17.15 -44.25 29.99
C TYR A 305 15.67 -44.54 29.77
N HIS A 306 14.84 -43.91 30.60
CA HIS A 306 13.40 -43.94 30.37
C HIS A 306 12.89 -42.50 30.31
N SER A 307 11.71 -42.31 29.72
CA SER A 307 11.18 -40.97 29.56
C SER A 307 10.76 -40.35 30.90
N VAL A 308 10.76 -41.12 31.97
CA VAL A 308 9.99 -40.80 33.17
C VAL A 308 10.74 -40.08 34.30
N ILE A 309 10.01 -39.21 34.99
CA ILE A 309 10.37 -38.74 36.34
C ILE A 309 9.13 -38.95 37.23
N LYS A 310 9.32 -39.71 38.30
CA LYS A 310 8.25 -39.99 39.26
C LYS A 310 8.19 -38.93 40.36
N VAL A 311 7.01 -38.35 40.55
CA VAL A 311 6.80 -37.31 41.57
C VAL A 311 5.56 -37.60 42.40
N SER A 312 5.70 -37.49 43.72
CA SER A 312 4.55 -37.63 44.62
C SER A 312 4.24 -36.33 45.37
N GLY A 313 3.39 -36.42 46.38
CA GLY A 313 2.92 -35.25 47.12
C GLY A 313 1.98 -34.45 46.24
N ASP A 314 2.17 -33.13 46.24
CA ASP A 314 1.44 -32.24 45.33
C ASP A 314 2.41 -31.52 44.40
N GLY A 315 3.66 -32.00 44.39
CA GLY A 315 4.76 -31.36 43.67
C GLY A 315 4.74 -31.51 42.16
N GLY A 316 5.94 -31.52 41.57
CA GLY A 316 6.09 -31.61 40.13
C GLY A 316 7.52 -31.35 39.71
N VAL A 317 7.70 -31.09 38.42
CA VAL A 317 9.02 -30.75 37.89
C VAL A 317 8.96 -29.48 37.05
N ASP A 318 9.68 -28.45 37.49
CA ASP A 318 9.89 -27.24 36.70
C ASP A 318 11.27 -27.28 36.04
N THR A 319 11.35 -26.69 34.85
CA THR A 319 12.62 -26.60 34.16
C THR A 319 13.06 -25.14 34.07
N LEU A 320 14.36 -24.93 34.29
CA LEU A 320 14.95 -23.61 34.11
C LEU A 320 15.84 -23.68 32.89
N ARG A 321 15.51 -22.89 31.88
CA ARG A 321 16.31 -22.82 30.68
C ARG A 321 16.82 -21.41 30.58
N ALA A 322 18.06 -21.28 30.10
CA ALA A 322 18.69 -19.98 29.89
C ALA A 322 17.93 -19.19 28.84
N GLU A 323 17.81 -17.89 29.08
CA GLU A 323 17.26 -17.02 28.09
C GLU A 323 18.44 -16.63 27.19
N ILE A 324 18.17 -16.50 25.89
CA ILE A 324 19.20 -16.08 24.93
C ILE A 324 18.88 -14.66 24.45
N PRO A 325 19.78 -13.70 24.73
CA PRO A 325 19.42 -12.32 24.45
C PRO A 325 19.63 -11.91 23.00
N VAL A 326 19.28 -12.77 22.04
CA VAL A 326 19.57 -12.49 20.62
C VAL A 326 19.04 -11.16 20.16
N ASP A 327 17.77 -10.89 20.46
CA ASP A 327 17.07 -9.70 20.01
C ASP A 327 17.73 -8.41 20.41
N SER A 328 17.95 -8.25 21.72
CA SER A 328 18.61 -7.07 22.27
C SER A 328 20.01 -6.97 21.72
N ALA A 329 20.75 -8.08 21.75
CA ALA A 329 22.09 -8.10 21.22
C ALA A 329 22.13 -7.64 19.79
N ALA A 330 21.22 -8.18 18.98
CA ALA A 330 21.15 -7.85 17.57
C ALA A 330 20.89 -6.39 17.37
N LYS A 331 20.11 -5.79 18.28
CA LYS A 331 19.76 -4.38 18.19
C LYS A 331 20.91 -3.44 18.58
N GLU A 332 21.63 -3.81 19.63
CA GLU A 332 22.80 -3.05 20.06
C GLU A 332 23.90 -3.19 19.01
N LEU A 333 24.26 -4.41 18.66
CA LEU A 333 25.27 -4.69 17.63
C LEU A 333 25.09 -3.92 16.32
N GLU A 334 23.84 -3.60 16.01
CA GLU A 334 23.55 -2.89 14.79
C GLU A 334 24.10 -1.48 14.87
N ARG A 335 23.89 -0.82 16.00
CA ARG A 335 24.36 0.53 16.18
C ARG A 335 25.87 0.58 16.21
N ILE A 336 26.46 -0.28 17.04
CA ILE A 336 27.92 -0.38 17.20
C ILE A 336 28.60 -0.52 15.86
N GLN A 337 27.98 -1.28 14.97
CA GLN A 337 28.52 -1.51 13.64
C GLN A 337 28.51 -0.26 12.77
N ASP A 338 27.46 0.55 12.90
CA ASP A 338 27.37 1.79 12.18
C ASP A 338 28.41 2.74 12.74
N GLU A 339 28.52 2.79 14.07
CA GLU A 339 29.50 3.65 14.72
C GLU A 339 30.90 3.25 14.28
N LEU A 340 31.21 1.97 14.40
CA LEU A 340 32.46 1.40 13.94
C LEU A 340 32.92 2.02 12.63
N TYR A 341 32.10 1.91 11.58
CA TYR A 341 32.41 2.47 10.26
C TYR A 341 32.66 3.97 10.29
N LYS A 342 32.07 4.66 11.26
CA LYS A 342 32.22 6.11 11.39
C LYS A 342 33.49 6.44 12.16
N SER A 343 33.66 5.79 13.30
CA SER A 343 34.81 5.99 14.16
C SER A 343 36.10 5.57 13.45
N ALA A 344 35.98 4.66 12.49
CA ALA A 344 37.11 4.16 11.73
C ALA A 344 37.29 4.87 10.40
N GLN A 345 36.45 5.86 10.13
CA GLN A 345 36.45 6.54 8.84
C GLN A 345 36.66 5.54 7.72
N ALA A 346 35.72 4.60 7.58
CA ALA A 346 35.80 3.57 6.57
C ALA A 346 34.72 3.78 5.51
N VAL A 347 34.63 2.85 4.56
CA VAL A 347 33.55 2.81 3.58
C VAL A 347 32.81 1.51 3.75
N ASP A 348 31.49 1.58 3.78
CA ASP A 348 30.69 0.37 3.89
C ASP A 348 29.93 0.17 2.61
N ASN A 349 30.42 -0.72 1.75
CA ASN A 349 29.67 -0.99 0.52
C ASN A 349 28.71 -2.18 0.53
N SER A 350 28.11 -2.42 1.71
CA SER A 350 26.87 -3.21 1.83
C SER A 350 25.83 -2.65 0.85
N PRO A 351 24.81 -3.46 0.49
CA PRO A 351 23.95 -2.90 -0.55
C PRO A 351 22.93 -1.90 0.02
N GLU A 352 22.64 -0.86 -0.73
CA GLU A 352 21.74 0.17 -0.20
C GLU A 352 20.25 -0.16 -0.32
N THR A 353 19.62 -0.47 0.82
CA THR A 353 18.15 -0.58 0.90
C THR A 353 17.46 0.54 0.13
N ILE A 354 17.86 1.77 0.41
CA ILE A 354 17.39 2.93 -0.34
C ILE A 354 17.93 2.94 -1.79
N GLY A 355 16.99 3.01 -2.73
CA GLY A 355 17.29 3.16 -4.15
C GLY A 355 17.72 4.57 -4.45
N GLY A 356 18.91 4.92 -3.97
CA GLY A 356 19.54 6.20 -4.32
C GLY A 356 21.00 6.06 -4.65
N GLY A 357 21.67 5.17 -3.92
CA GLY A 357 23.12 4.99 -3.90
C GLY A 357 23.90 4.85 -5.20
N ALA A 358 23.23 5.01 -6.34
CA ALA A 358 23.92 4.94 -7.63
C ALA A 358 24.55 6.28 -7.99
N THR A 359 23.82 7.38 -7.76
CA THR A 359 24.21 8.72 -8.23
C THR A 359 25.55 9.21 -7.74
N GLY A 360 26.09 10.19 -8.48
CA GLY A 360 27.38 10.80 -8.17
C GLY A 360 27.53 11.26 -6.73
N PRO A 361 26.57 12.07 -6.24
CA PRO A 361 26.59 12.57 -4.88
C PRO A 361 26.45 11.45 -3.88
N ALA A 362 25.67 10.43 -4.23
CA ALA A 362 25.41 9.33 -3.32
C ALA A 362 26.67 8.55 -3.07
N LEU A 363 27.46 8.38 -4.12
CA LEU A 363 28.72 7.67 -4.03
C LEU A 363 29.79 8.53 -3.39
N GLU A 364 29.77 9.83 -3.68
CA GLU A 364 30.72 10.78 -3.09
C GLU A 364 30.52 10.86 -1.58
N LYS A 365 29.26 10.73 -1.14
CA LYS A 365 28.93 10.70 0.28
C LYS A 365 29.44 9.44 0.93
N LEU A 366 29.48 8.37 0.18
CA LEU A 366 29.88 7.06 0.67
C LEU A 366 31.37 6.99 1.05
N TYR A 367 32.19 7.58 0.20
CA TYR A 367 33.63 7.60 0.39
C TYR A 367 34.13 8.78 1.22
N ALA A 368 33.21 9.70 1.52
CA ALA A 368 33.55 10.93 2.23
C ALA A 368 34.55 10.70 3.36
N LEU A 369 34.20 9.85 4.33
CA LEU A 369 35.05 9.66 5.50
C LEU A 369 36.39 9.02 5.20
N LEU A 370 36.43 8.02 4.31
CA LEU A 370 37.70 7.40 3.94
C LEU A 370 38.59 8.37 3.16
N ASP A 371 37.99 9.15 2.25
CA ASP A 371 38.66 10.27 1.59
C ASP A 371 39.28 11.28 2.56
N LEU A 372 38.77 11.31 3.79
CA LEU A 372 39.26 12.18 4.85
C LEU A 372 40.50 11.52 5.42
N LYS A 373 40.38 10.23 5.71
CA LYS A 373 41.44 9.47 6.34
C LYS A 373 42.57 9.26 5.34
N ALA A 374 42.24 9.13 4.06
CA ALA A 374 43.25 8.94 3.03
C ALA A 374 44.13 10.15 2.94
N ASN A 375 43.51 11.34 2.96
CA ASN A 375 44.26 12.58 2.83
C ASN A 375 45.36 12.79 3.87
N MET A 376 45.04 12.66 5.15
CA MET A 376 46.08 12.70 6.20
C MET A 376 47.20 11.73 5.93
N ALA A 377 46.82 10.47 5.80
CA ALA A 377 47.75 9.40 5.54
C ALA A 377 48.63 9.67 4.32
N GLU A 378 48.10 10.35 3.29
CA GLU A 378 48.93 10.71 2.16
C GLU A 378 49.99 11.73 2.59
N ARG A 379 49.55 12.81 3.23
CA ARG A 379 50.49 13.82 3.72
C ARG A 379 51.64 13.20 4.49
N LYS A 380 51.30 12.33 5.44
CA LYS A 380 52.27 11.63 6.28
C LYS A 380 53.13 10.66 5.51
N ILE A 381 52.54 10.02 4.49
CA ILE A 381 53.29 9.09 3.63
C ILE A 381 54.27 9.84 2.73
N ARG A 382 53.83 10.98 2.20
CA ARG A 382 54.68 11.86 1.38
C ARG A 382 55.91 12.38 2.14
N ALA A 383 55.68 12.87 3.36
CA ALA A 383 56.76 13.30 4.26
C ALA A 383 57.88 12.27 4.37
N GLY A 384 57.49 11.03 4.66
CA GLY A 384 58.44 9.93 4.77
C GLY A 384 59.13 9.67 3.46
N LEU A 385 58.36 9.63 2.39
CA LEU A 385 58.89 9.28 1.07
C LEU A 385 59.84 10.35 0.50
N ARG A 386 59.60 11.61 0.82
CA ARG A 386 60.46 12.71 0.37
C ARG A 386 61.84 12.55 1.00
N LEU A 387 61.85 12.29 2.30
CA LEU A 387 63.08 12.02 3.04
C LEU A 387 63.80 10.80 2.48
N PHE A 388 63.03 9.79 2.06
CA PHE A 388 63.59 8.60 1.41
C PHE A 388 64.29 8.97 0.11
N PHE A 389 63.70 9.87 -0.67
CA PHE A 389 64.31 10.26 -1.94
C PHE A 389 65.43 11.28 -1.76
N TRP A 390 65.48 11.88 -0.56
CA TRP A 390 66.62 12.69 -0.15
C TRP A 390 67.86 11.80 -0.01
N PHE A 391 67.65 10.63 0.58
CA PHE A 391 68.70 9.64 0.80
C PHE A 391 69.20 9.02 -0.50
N PHE A 392 68.28 8.67 -1.39
CA PHE A 392 68.62 8.16 -2.71
C PHE A 392 69.46 9.16 -3.50
N ALA A 393 69.20 10.46 -3.29
CA ALA A 393 69.94 11.54 -3.93
C ALA A 393 71.36 11.67 -3.39
N GLU A 394 71.50 11.44 -2.09
CA GLU A 394 72.80 11.42 -1.44
C GLU A 394 73.67 10.32 -2.04
N TYR A 395 73.10 9.12 -2.14
CA TYR A 395 73.76 7.97 -2.76
C TYR A 395 74.19 8.27 -4.19
N LEU A 396 73.33 8.95 -4.94
CA LEU A 396 73.62 9.31 -6.33
C LEU A 396 74.74 10.34 -6.43
N ARG A 397 74.76 11.28 -5.49
CA ARG A 397 75.81 12.30 -5.39
C ARG A 397 77.19 11.65 -5.18
N ASN A 398 77.22 10.65 -4.30
CA ASN A 398 78.46 9.99 -3.88
C ASN A 398 78.85 8.82 -4.77
N THR A 399 77.88 8.24 -5.48
CA THR A 399 78.17 7.15 -6.42
C THR A 399 78.62 7.72 -7.77
N GLY A 400 78.54 9.04 -7.91
CA GLY A 400 79.00 9.75 -9.09
C GLY A 400 78.07 9.65 -10.28
N LYS A 401 76.79 9.47 -9.99
CA LYS A 401 75.76 9.39 -11.04
C LYS A 401 74.99 10.70 -11.22
N GLY A 402 75.42 11.74 -10.50
CA GLY A 402 74.85 13.08 -10.62
C GLY A 402 74.40 13.66 -9.29
N ASP A 403 74.27 14.98 -9.23
CA ASP A 403 73.75 15.66 -8.06
C ASP A 403 72.36 16.23 -8.32
N PHE A 404 71.38 15.81 -7.51
CA PHE A 404 69.99 16.19 -7.74
C PHE A 404 69.31 16.79 -6.51
N ASN A 405 68.22 17.52 -6.75
CA ASN A 405 67.34 18.05 -5.70
C ASN A 405 65.90 17.53 -5.87
N PRO A 406 65.58 16.37 -5.26
CA PRO A 406 64.27 15.74 -5.40
C PRO A 406 63.13 16.62 -4.87
N ASP A 407 63.34 17.23 -3.70
CA ASP A 407 62.31 18.04 -3.05
C ASP A 407 61.81 19.20 -3.90
N LYS A 408 62.51 19.48 -5.00
CA LYS A 408 62.12 20.59 -5.85
C LYS A 408 61.96 20.18 -7.31
N GLU A 409 62.64 19.10 -7.72
CA GLU A 409 62.55 18.61 -9.10
C GLU A 409 61.51 17.49 -9.26
N LEU A 410 61.47 16.58 -8.29
CA LEU A 410 60.63 15.38 -8.36
C LEU A 410 59.23 15.64 -7.80
N THR A 411 58.23 15.26 -8.58
CA THR A 411 56.84 15.31 -8.15
C THR A 411 56.27 13.90 -8.05
N MET A 412 55.44 13.67 -7.03
CA MET A 412 54.81 12.38 -6.81
C MET A 412 53.31 12.41 -7.16
N THR A 413 52.79 11.26 -7.59
CA THR A 413 51.38 11.13 -7.94
C THR A 413 50.78 9.88 -7.31
N PHE A 414 49.84 10.10 -6.39
CA PHE A 414 49.06 9.03 -5.81
C PHE A 414 47.77 8.84 -6.59
N THR A 415 47.34 7.59 -6.69
CA THR A 415 46.13 7.24 -7.42
C THR A 415 45.14 6.63 -6.44
N ARG A 416 43.86 6.92 -6.65
CA ARG A 416 42.83 6.35 -5.81
C ARG A 416 41.79 5.58 -6.59
N THR A 417 41.64 4.32 -6.19
CA THR A 417 40.62 3.42 -6.72
C THR A 417 39.28 3.83 -6.14
N ARG A 418 38.57 4.69 -6.88
CA ARG A 418 37.33 5.21 -6.38
C ARG A 418 36.14 4.77 -7.23
N ILE A 419 35.05 4.37 -6.55
CA ILE A 419 33.84 3.91 -7.21
C ILE A 419 33.10 5.09 -7.85
N GLN A 420 32.83 4.97 -9.14
CA GLN A 420 32.21 6.04 -9.87
C GLN A 420 31.00 5.54 -10.65
N ASN A 421 30.16 6.49 -11.06
CA ASN A 421 29.07 6.17 -11.92
C ASN A 421 29.50 6.52 -13.33
N ASP A 422 30.40 5.70 -13.89
CA ASP A 422 31.01 5.99 -15.19
C ASP A 422 30.03 6.44 -16.26
N SER A 423 28.82 5.89 -16.22
CA SER A 423 27.77 6.15 -17.19
C SER A 423 27.30 7.59 -17.10
N GLU A 424 27.14 8.05 -15.87
CA GLU A 424 26.68 9.40 -15.58
C GLU A 424 27.70 10.38 -16.10
N ILE A 425 28.97 10.17 -15.75
CA ILE A 425 30.06 11.11 -16.07
C ILE A 425 30.21 11.29 -17.57
N VAL A 426 30.12 10.20 -18.31
CA VAL A 426 30.29 10.22 -19.76
C VAL A 426 29.30 11.20 -20.39
N GLN A 427 28.06 11.20 -19.88
CA GLN A 427 26.98 12.02 -20.44
C GLN A 427 27.13 13.47 -20.07
N SER A 428 27.51 13.71 -18.82
CA SER A 428 27.87 15.04 -18.37
C SER A 428 29.00 15.60 -19.26
N LEU A 429 30.08 14.84 -19.39
CA LEU A 429 31.18 15.25 -20.25
C LEU A 429 30.66 15.53 -21.65
N VAL A 430 29.96 14.57 -22.26
CA VAL A 430 29.40 14.78 -23.61
C VAL A 430 28.60 16.08 -23.66
N GLN A 431 27.73 16.25 -22.67
CA GLN A 431 26.88 17.41 -22.55
C GLN A 431 27.69 18.70 -22.43
N GLY A 432 28.75 18.65 -21.61
CA GLY A 432 29.65 19.77 -21.41
C GLY A 432 30.39 20.18 -22.65
N VAL A 433 30.85 19.21 -23.43
CA VAL A 433 31.56 19.47 -24.69
C VAL A 433 30.64 20.05 -25.76
N THR A 434 29.47 19.41 -25.95
CA THR A 434 28.45 19.87 -26.88
C THR A 434 27.99 21.27 -26.55
N GLY A 435 27.87 21.58 -25.27
CA GLY A 435 27.40 22.89 -24.84
C GLY A 435 28.44 23.97 -25.07
N GLY A 436 29.70 23.56 -25.05
CA GLY A 436 30.81 24.48 -25.28
C GLY A 436 31.45 25.01 -24.02
N ILE A 437 31.17 24.35 -22.89
CA ILE A 437 31.80 24.73 -21.63
C ILE A 437 33.05 23.91 -21.38
N MET A 438 33.43 23.09 -22.35
CA MET A 438 34.58 22.20 -22.18
C MET A 438 35.32 21.86 -23.45
N SER A 439 36.65 21.85 -23.32
CA SER A 439 37.55 21.33 -24.34
C SER A 439 37.50 19.80 -24.35
N LYS A 440 37.57 19.22 -25.54
CA LYS A 440 37.60 17.77 -25.68
C LYS A 440 38.79 17.18 -24.94
N GLU A 441 39.91 17.92 -24.93
CA GLU A 441 41.09 17.57 -24.14
C GLU A 441 40.70 17.27 -22.70
N THR A 442 40.26 18.30 -21.98
CA THR A 442 39.88 18.16 -20.57
C THR A 442 38.87 17.00 -20.41
N ALA A 443 37.96 16.89 -21.37
CA ALA A 443 36.96 15.82 -21.38
C ALA A 443 37.63 14.45 -21.45
N VAL A 444 38.46 14.25 -22.47
CA VAL A 444 39.15 12.98 -22.66
C VAL A 444 39.92 12.56 -21.40
N ALA A 445 40.62 13.53 -20.79
CA ALA A 445 41.36 13.30 -19.56
C ALA A 445 40.45 12.92 -18.42
N ARG A 446 39.21 13.41 -18.47
CA ARG A 446 38.23 13.16 -17.42
C ARG A 446 37.36 11.93 -17.65
N ASN A 447 37.41 11.40 -18.89
CA ASN A 447 36.68 10.20 -19.29
C ASN A 447 37.14 8.98 -18.52
N PRO A 448 36.20 8.27 -17.87
CA PRO A 448 36.53 7.12 -17.00
C PRO A 448 37.08 5.89 -17.74
N PHE A 449 36.84 5.79 -19.04
CA PHE A 449 37.35 4.69 -19.85
C PHE A 449 38.74 4.97 -20.42
N VAL A 450 39.35 6.06 -19.95
CA VAL A 450 40.66 6.48 -20.43
C VAL A 450 41.72 6.27 -19.34
N GLN A 451 42.76 5.52 -19.69
CA GLN A 451 43.93 5.35 -18.84
C GLN A 451 44.89 6.51 -19.07
N ASP A 452 45.44 6.59 -20.30
CA ASP A 452 46.40 7.64 -20.68
C ASP A 452 45.78 8.63 -21.67
N PRO A 453 45.47 9.85 -21.20
CA PRO A 453 44.94 10.94 -22.03
C PRO A 453 45.77 11.25 -23.27
N GLU A 454 47.10 11.16 -23.16
CA GLU A 454 48.01 11.47 -24.26
C GLU A 454 47.79 10.58 -25.48
N GLU A 455 47.74 9.27 -25.25
CA GLU A 455 47.51 8.30 -26.30
C GLU A 455 46.12 8.43 -26.92
N GLU A 456 45.12 8.72 -26.08
CA GLU A 456 43.71 8.80 -26.49
C GLU A 456 43.33 10.11 -27.20
N LEU A 457 44.02 11.21 -26.84
CA LEU A 457 43.88 12.47 -27.57
C LEU A 457 44.54 12.35 -28.95
N ALA A 458 45.67 11.64 -28.98
CA ALA A 458 46.37 11.37 -30.22
C ALA A 458 45.60 10.40 -31.12
N ARG A 459 44.95 9.40 -30.51
CA ARG A 459 44.24 8.36 -31.27
C ARG A 459 43.02 8.92 -31.98
N ILE A 460 42.27 9.79 -31.29
CA ILE A 460 41.06 10.43 -31.81
C ILE A 460 41.37 11.41 -32.95
N GLU A 461 42.58 11.97 -32.92
CA GLU A 461 43.03 12.84 -33.97
C GLU A 461 43.30 12.03 -35.24
N GLU A 462 44.11 10.97 -35.11
CA GLU A 462 44.47 10.09 -36.23
C GLU A 462 43.25 9.36 -36.83
N GLU A 463 42.18 9.24 -36.03
CA GLU A 463 40.91 8.72 -36.52
C GLU A 463 40.25 9.74 -37.45
N MET A 464 40.31 11.02 -37.04
CA MET A 464 39.72 12.12 -37.81
C MET A 464 40.41 12.31 -39.15
N ASN A 465 41.75 12.31 -39.14
CA ASN A 465 42.54 12.45 -40.37
C ASN A 465 42.40 11.26 -41.31
N GLN A 466 41.62 10.27 -40.89
CA GLN A 466 41.34 9.07 -41.68
C GLN A 466 39.94 9.15 -42.28
N TYR A 467 38.91 8.98 -41.45
CA TYR A 467 37.53 9.04 -41.91
C TYR A 467 36.99 10.48 -41.84
N UNK B 1 71.32 12.22 17.32
CA UNK B 1 70.28 11.15 17.40
C UNK B 1 70.85 9.76 17.08
N UNK B 2 70.99 8.93 18.13
CA UNK B 2 71.24 7.50 17.95
C UNK B 2 69.91 6.78 17.64
N UNK B 3 70.00 5.51 17.24
CA UNK B 3 68.84 4.65 16.97
C UNK B 3 69.23 3.18 17.08
N UNK B 4 68.59 2.45 18.01
CA UNK B 4 68.94 1.06 18.32
C UNK B 4 67.81 0.06 18.01
N UNK B 5 68.14 -1.04 17.35
CA UNK B 5 67.19 -2.12 17.06
C UNK B 5 67.48 -3.32 17.94
N UNK B 6 66.50 -3.72 18.77
CA UNK B 6 66.67 -4.84 19.68
C UNK B 6 66.16 -6.16 19.08
N UNK B 7 67.02 -6.83 18.31
CA UNK B 7 66.67 -8.11 17.68
C UNK B 7 66.97 -9.32 18.57
N UNK B 8 66.26 -10.42 18.35
CA UNK B 8 66.53 -11.68 19.07
C UNK B 8 66.26 -12.89 18.17
N UNK B 9 67.33 -13.61 17.83
CA UNK B 9 67.26 -14.73 16.88
C UNK B 9 67.58 -16.09 17.51
N UNK B 10 66.58 -16.98 17.53
CA UNK B 10 66.75 -18.34 18.05
C UNK B 10 67.36 -19.25 16.97
N UNK B 11 68.50 -19.84 17.30
CA UNK B 11 69.26 -20.69 16.38
C UNK B 11 68.60 -22.06 16.13
N UNK B 12 69.27 -22.89 15.34
CA UNK B 12 68.84 -24.26 15.07
C UNK B 12 68.68 -25.02 16.38
N UNK B 13 69.52 -24.67 17.35
CA UNK B 13 69.50 -25.24 18.69
C UNK B 13 69.16 -24.16 19.74
N UNK B 14 70.10 -23.23 19.91
CA UNK B 14 70.07 -22.23 20.99
C UNK B 14 69.15 -21.03 20.72
N UNK B 15 69.45 -19.90 21.37
CA UNK B 15 68.76 -18.62 21.14
C UNK B 15 69.67 -17.44 21.49
N UNK B 16 69.99 -16.62 20.48
CA UNK B 16 70.82 -15.44 20.68
C UNK B 16 69.96 -14.20 20.87
N UNK B 17 70.57 -13.13 21.39
CA UNK B 17 69.84 -11.86 21.63
C UNK B 17 70.69 -10.63 21.31
N UNK B 18 70.94 -10.41 20.03
CA UNK B 18 71.83 -9.33 19.56
C UNK B 18 71.14 -7.95 19.52
N UNK B 19 71.89 -6.93 19.11
CA UNK B 19 71.41 -5.55 19.01
C UNK B 19 72.23 -4.72 18.01
N UNK B 20 71.70 -3.57 17.60
CA UNK B 20 72.39 -2.67 16.69
C UNK B 20 72.20 -1.23 17.14
N UNK B 21 73.22 -0.38 16.93
CA UNK B 21 73.14 1.05 17.25
C UNK B 21 73.53 1.95 16.07
N UNK B 22 72.52 2.45 15.34
CA UNK B 22 72.74 3.31 14.18
C UNK B 22 73.05 4.77 14.55
N UNK B 23 74.19 5.27 14.07
CA UNK B 23 74.66 6.64 14.34
C UNK B 23 74.81 7.44 13.05
N UNK B 24 74.98 8.76 13.19
CA UNK B 24 75.14 9.65 12.04
C UNK B 24 76.35 9.31 11.15
N UNK B 25 77.26 8.49 11.67
CA UNK B 25 78.49 8.10 10.96
C UNK B 25 78.64 6.60 10.70
N UNK B 26 78.36 5.77 11.71
CA UNK B 26 78.52 4.31 11.63
C UNK B 26 77.38 3.52 12.31
N UNK B 27 77.52 2.20 12.37
CA UNK B 27 76.43 1.31 12.85
C UNK B 27 76.93 0.11 13.66
N UNK B 28 77.51 0.37 14.83
CA UNK B 28 78.11 -0.65 15.70
C UNK B 28 77.11 -1.69 16.23
N UNK B 29 77.54 -2.95 16.30
CA UNK B 29 76.66 -4.05 16.73
C UNK B 29 76.73 -4.36 18.24
N UNK B 30 76.17 -5.51 18.63
CA UNK B 30 76.23 -6.03 20.00
C UNK B 30 75.42 -7.32 20.12
N PRO C 29 76.56 -30.70 6.99
CA PRO C 29 75.41 -30.61 7.89
C PRO C 29 75.41 -31.68 8.99
N ASP C 30 74.62 -31.46 10.04
CA ASP C 30 74.54 -32.37 11.18
C ASP C 30 73.26 -33.21 11.14
N THR C 31 73.34 -34.43 11.67
CA THR C 31 72.19 -35.35 11.70
C THR C 31 71.37 -35.17 12.98
N THR C 32 72.00 -34.69 14.04
CA THR C 32 71.33 -34.43 15.31
C THR C 32 70.43 -33.20 15.21
N MET C 33 70.99 -32.12 14.68
CA MET C 33 70.26 -30.88 14.47
C MET C 33 69.02 -31.16 13.61
N ILE C 34 69.17 -32.07 12.65
CA ILE C 34 68.06 -32.51 11.80
C ILE C 34 66.89 -33.00 12.67
N GLN C 35 67.21 -33.85 13.64
CA GLN C 35 66.19 -34.40 14.54
C GLN C 35 65.51 -33.32 15.38
N LYS C 36 66.30 -32.39 15.92
CA LYS C 36 65.75 -31.20 16.60
C LYS C 36 64.78 -30.44 15.69
N LEU C 37 65.25 -30.13 14.48
CA LEU C 37 64.48 -29.41 13.48
C LEU C 37 63.18 -30.12 13.14
N ILE C 38 63.24 -31.45 13.09
CA ILE C 38 62.05 -32.27 12.83
C ILE C 38 61.11 -32.35 14.05
N ASP C 39 61.67 -32.58 15.23
CA ASP C 39 60.89 -32.72 16.47
C ASP C 39 60.35 -31.39 16.98
N GLU C 40 61.03 -30.30 16.64
CA GLU C 40 60.55 -28.95 16.95
C GLU C 40 59.43 -28.47 15.99
N HIS C 41 59.50 -28.91 14.73
CA HIS C 41 58.50 -28.56 13.72
C HIS C 41 57.10 -29.08 14.07
N ASN C 42 56.10 -28.25 13.80
CA ASN C 42 54.70 -28.66 13.88
C ASN C 42 53.90 -28.19 12.67
N PRO C 43 53.15 -29.11 12.03
CA PRO C 43 52.33 -28.76 10.88
C PRO C 43 50.88 -28.35 11.21
N GLU C 44 50.48 -28.42 12.47
CA GLU C 44 49.09 -28.13 12.86
C GLU C 44 48.62 -26.69 12.60
N PRO C 45 49.53 -25.69 12.68
CA PRO C 45 49.12 -24.36 12.19
C PRO C 45 48.86 -24.37 10.68
N LEU C 46 49.71 -25.08 9.93
CA LEU C 46 49.62 -25.08 8.48
C LEU C 46 48.51 -25.96 7.90
N LEU C 47 48.11 -26.98 8.67
CA LEU C 47 47.07 -27.90 8.20
C LEU C 47 45.67 -27.45 8.63
N LYS C 48 45.64 -26.48 9.54
CA LYS C 48 44.40 -25.85 10.02
C LYS C 48 43.44 -25.55 8.87
N GLY C 49 43.88 -24.70 7.95
CA GLY C 49 43.10 -24.32 6.78
C GLY C 49 42.74 -25.47 5.86
N VAL C 50 43.65 -26.44 5.75
CA VAL C 50 43.42 -27.61 4.91
C VAL C 50 42.26 -28.45 5.43
N ARG C 51 42.21 -28.63 6.75
CA ARG C 51 41.12 -29.35 7.39
C ARG C 51 39.79 -28.61 7.22
N TYR C 52 39.81 -27.28 7.36
CA TYR C 52 38.61 -26.48 7.14
C TYR C 52 38.16 -26.47 5.67
N TYR C 53 39.12 -26.54 4.76
CA TYR C 53 38.80 -26.66 3.33
C TYR C 53 38.08 -27.97 3.04
N MET C 54 38.29 -28.97 3.90
CA MET C 54 37.74 -30.30 3.67
C MET C 54 36.48 -30.56 4.52
N CYS C 55 36.05 -29.53 5.27
CA CYS C 55 34.98 -29.68 6.26
C CYS C 55 35.38 -30.67 7.34
N GLU C 56 36.53 -30.38 7.96
CA GLU C 56 36.98 -31.06 9.17
C GLU C 56 37.14 -29.95 10.16
N ASN C 57 36.06 -29.34 10.58
CA ASN C 57 36.18 -28.21 11.49
C ASN C 57 36.25 -28.70 12.92
N ASP C 58 36.79 -27.87 13.81
CA ASP C 58 36.97 -28.22 15.22
C ASP C 58 35.70 -28.75 15.89
N ILE C 59 34.56 -28.49 15.24
CA ILE C 59 33.27 -28.92 15.75
C ILE C 59 33.10 -30.44 15.64
N GLU C 60 33.92 -31.09 14.85
CA GLU C 60 33.91 -32.54 14.78
C GLU C 60 34.42 -33.17 16.08
N LYS C 61 34.91 -32.34 17.00
CA LYS C 61 35.34 -32.76 18.33
C LYS C 61 34.26 -32.62 19.39
N LYS C 62 33.17 -31.93 19.03
CA LYS C 62 32.02 -31.82 19.92
C LYS C 62 31.51 -33.21 20.34
N ARG C 63 31.27 -33.39 21.63
CA ARG C 63 30.72 -34.62 22.18
C ARG C 63 29.75 -34.29 23.30
N ARG C 64 28.66 -35.02 23.42
CA ARG C 64 27.65 -34.69 24.43
C ARG C 64 27.90 -35.41 25.74
N THR C 65 28.26 -34.66 26.78
CA THR C 65 28.76 -35.26 28.02
C THR C 65 27.72 -35.27 29.16
N TYR C 66 28.15 -35.72 30.34
CA TYR C 66 27.36 -35.66 31.57
C TYR C 66 28.28 -36.08 32.70
N TYR C 67 27.81 -36.04 33.95
CA TYR C 67 28.66 -36.39 35.08
C TYR C 67 28.24 -37.64 35.81
N ASP C 68 29.22 -38.45 36.18
CA ASP C 68 29.00 -39.70 36.89
C ASP C 68 28.69 -39.47 38.37
N ALA C 69 28.81 -40.53 39.16
CA ALA C 69 28.64 -40.45 40.62
C ALA C 69 29.49 -39.32 41.20
N ALA C 70 30.81 -39.57 41.30
CA ALA C 70 31.76 -38.58 41.80
C ALA C 70 32.30 -37.67 40.69
N GLY C 71 31.39 -37.04 39.95
CA GLY C 71 31.73 -36.01 38.97
C GLY C 71 32.69 -36.36 37.85
N GLN C 72 32.67 -37.62 37.41
CA GLN C 72 33.48 -38.05 36.26
C GLN C 72 32.80 -37.70 34.93
N GLN C 73 33.39 -36.74 34.21
CA GLN C 73 32.84 -36.33 32.91
C GLN C 73 32.89 -37.44 31.89
N LEU C 74 31.73 -37.73 31.29
CA LEU C 74 31.57 -38.90 30.45
C LEU C 74 30.64 -38.61 29.28
N VAL C 75 30.92 -39.23 28.15
CA VAL C 75 30.02 -39.17 26.99
C VAL C 75 28.79 -40.03 27.25
N ASP C 76 27.60 -39.53 26.90
CA ASP C 76 26.40 -40.37 27.06
C ASP C 76 25.77 -40.87 25.76
N ASP C 77 25.70 -42.19 25.66
CA ASP C 77 25.14 -42.89 24.49
C ASP C 77 23.67 -42.53 24.26
N THR C 78 23.02 -42.03 25.31
CA THR C 78 21.62 -41.62 25.28
C THR C 78 21.27 -40.66 24.13
N LYS C 79 22.06 -39.59 23.97
CA LYS C 79 21.70 -38.50 23.05
C LYS C 79 22.49 -38.56 21.75
N THR C 80 21.89 -38.08 20.66
CA THR C 80 22.58 -38.00 19.36
C THR C 80 23.52 -36.82 19.37
N ASN C 81 24.74 -37.01 18.88
CA ASN C 81 25.75 -35.97 18.91
C ASN C 81 26.04 -35.37 17.54
N ASN C 82 25.14 -34.52 17.05
CA ASN C 82 25.31 -33.89 15.75
C ASN C 82 26.43 -32.86 15.77
N ARG C 83 27.38 -33.02 14.85
CA ARG C 83 28.38 -31.99 14.63
C ARG C 83 28.56 -31.66 13.15
N THR C 84 27.91 -30.58 12.76
CA THR C 84 27.85 -30.14 11.40
C THR C 84 28.94 -29.11 11.18
N SER C 85 29.82 -29.38 10.22
CA SER C 85 30.89 -28.45 9.90
C SER C 85 30.66 -27.83 8.51
N HIS C 86 30.73 -26.50 8.44
CA HIS C 86 30.32 -25.77 7.24
C HIS C 86 31.43 -25.46 6.24
N ALA C 87 31.12 -25.64 4.96
CA ALA C 87 32.10 -25.51 3.87
C ALA C 87 32.45 -24.07 3.49
N TRP C 88 32.33 -23.17 4.46
CA TRP C 88 32.46 -21.72 4.22
C TRP C 88 33.84 -21.35 3.73
N HIS C 89 34.86 -21.96 4.34
CA HIS C 89 36.23 -21.63 4.03
C HIS C 89 36.64 -22.14 2.66
N LYS C 90 36.17 -23.33 2.31
CA LYS C 90 36.41 -23.85 0.97
C LYS C 90 35.81 -22.97 -0.10
N LEU C 91 34.61 -22.45 0.18
CA LEU C 91 33.92 -21.55 -0.75
C LEU C 91 34.75 -20.31 -1.01
N PHE C 92 35.28 -19.70 0.05
CA PHE C 92 35.98 -18.43 -0.06
C PHE C 92 37.29 -18.55 -0.80
N VAL C 93 38.02 -19.62 -0.52
CA VAL C 93 39.30 -19.93 -1.16
C VAL C 93 39.13 -20.18 -2.66
N ASP C 94 38.27 -21.14 -3.01
CA ASP C 94 37.90 -21.36 -4.41
C ASP C 94 37.54 -20.07 -5.16
N GLN C 95 36.90 -19.14 -4.47
CA GLN C 95 36.47 -17.90 -5.07
C GLN C 95 37.65 -16.98 -5.29
N LYS C 96 38.59 -17.00 -4.35
CA LYS C 96 39.82 -16.23 -4.50
C LYS C 96 40.69 -16.84 -5.60
N THR C 97 40.93 -18.15 -5.50
CA THR C 97 41.74 -18.89 -6.47
C THR C 97 41.33 -18.63 -7.91
N GLN C 98 40.05 -18.83 -8.19
CA GLN C 98 39.51 -18.68 -9.53
C GLN C 98 39.54 -17.25 -10.01
N TYR C 99 39.43 -16.31 -9.08
CA TYR C 99 39.38 -14.89 -9.44
C TYR C 99 40.73 -14.43 -9.99
N LEU C 100 41.80 -14.82 -9.31
CA LEU C 100 43.16 -14.45 -9.68
C LEU C 100 43.69 -15.25 -10.86
N VAL C 101 43.52 -16.57 -10.78
CA VAL C 101 44.28 -17.51 -11.60
C VAL C 101 43.40 -18.35 -12.51
N GLY C 102 42.09 -18.29 -12.31
CA GLY C 102 41.13 -19.02 -13.14
C GLY C 102 41.35 -18.79 -14.63
N GLU C 103 41.59 -17.55 -14.99
CA GLU C 103 42.11 -17.25 -16.32
C GLU C 103 43.61 -17.34 -16.27
N PRO C 104 44.21 -18.10 -17.22
CA PRO C 104 45.66 -18.26 -17.34
C PRO C 104 46.39 -16.92 -17.50
N VAL C 105 47.54 -16.83 -16.84
CA VAL C 105 48.37 -15.63 -16.85
C VAL C 105 49.00 -15.44 -18.23
N THR C 106 48.93 -14.21 -18.75
CA THR C 106 49.53 -13.86 -20.04
C THR C 106 50.88 -13.18 -19.83
N PHE C 107 51.76 -13.34 -20.81
CA PHE C 107 53.12 -12.79 -20.74
C PHE C 107 53.47 -11.98 -21.99
N THR C 108 54.18 -10.88 -21.78
CA THR C 108 54.63 -10.02 -22.88
C THR C 108 56.04 -9.50 -22.66
N SER C 109 56.81 -9.52 -23.74
CA SER C 109 58.14 -8.92 -23.77
C SER C 109 58.47 -8.55 -25.21
N ASP C 110 59.49 -7.71 -25.37
CA ASP C 110 59.99 -7.38 -26.69
C ASP C 110 61.00 -8.43 -27.15
N ASN C 111 61.66 -9.07 -26.18
CA ASN C 111 62.57 -10.18 -26.44
C ASN C 111 61.78 -11.43 -26.85
N LYS C 112 61.60 -11.60 -28.15
CA LYS C 112 60.71 -12.64 -28.68
C LYS C 112 61.17 -14.09 -28.47
N THR C 113 62.49 -14.30 -28.46
CA THR C 113 63.07 -15.62 -28.20
C THR C 113 62.78 -16.09 -26.78
N LEU C 114 62.91 -15.16 -25.84
CA LEU C 114 62.52 -15.37 -24.43
C LEU C 114 61.03 -15.65 -24.34
N LEU C 115 60.24 -14.82 -25.02
CA LEU C 115 58.78 -14.92 -25.03
C LEU C 115 58.28 -16.30 -25.48
N GLU C 116 58.92 -16.85 -26.51
CA GLU C 116 58.64 -18.20 -27.00
C GLU C 116 58.92 -19.25 -25.94
N TYR C 117 60.12 -19.19 -25.35
CA TYR C 117 60.56 -20.18 -24.37
C TYR C 117 59.72 -20.18 -23.11
N VAL C 118 59.24 -19.00 -22.71
CA VAL C 118 58.34 -18.86 -21.57
C VAL C 118 56.99 -19.53 -21.86
N ASN C 119 56.37 -19.16 -23.00
CA ASN C 119 55.10 -19.73 -23.43
C ASN C 119 55.09 -21.24 -23.59
N GLU C 120 56.18 -21.77 -24.14
CA GLU C 120 56.42 -23.20 -24.23
C GLU C 120 56.32 -23.86 -22.86
N LEU C 121 56.83 -23.18 -21.85
CA LEU C 121 56.93 -23.67 -20.48
C LEU C 121 55.62 -23.52 -19.71
N ALA C 122 54.97 -22.38 -19.92
CA ALA C 122 53.92 -21.92 -19.03
C ALA C 122 52.65 -21.44 -19.75
N ASP C 123 51.83 -22.38 -20.21
CA ASP C 123 50.50 -22.01 -20.67
C ASP C 123 49.42 -23.09 -20.66
N ASP C 124 49.71 -24.27 -20.09
CA ASP C 124 48.68 -25.30 -19.89
C ASP C 124 48.74 -26.07 -18.57
N ASP C 125 49.81 -26.82 -18.34
CA ASP C 125 49.99 -27.54 -17.08
C ASP C 125 50.37 -26.59 -15.96
N PHE C 126 50.97 -25.49 -16.37
CA PHE C 126 51.39 -24.43 -15.46
C PHE C 126 50.17 -23.80 -14.81
N ASP C 127 49.16 -23.49 -15.64
CA ASP C 127 47.90 -22.92 -15.20
C ASP C 127 47.31 -23.76 -14.08
N ASP C 128 47.16 -25.06 -14.35
CA ASP C 128 46.55 -26.02 -13.43
C ASP C 128 47.31 -26.18 -12.11
N ILE C 129 48.63 -26.02 -12.16
CA ILE C 129 49.47 -26.11 -10.98
C ILE C 129 49.38 -24.80 -10.20
N LEU C 130 49.45 -23.67 -10.90
CA LEU C 130 49.34 -22.37 -10.25
C LEU C 130 48.01 -22.25 -9.49
N ASN C 131 46.93 -22.69 -10.12
CA ASN C 131 45.63 -22.80 -9.46
C ASN C 131 45.74 -23.55 -8.15
N GLU C 132 46.42 -24.69 -8.19
CA GLU C 132 46.57 -25.52 -7.00
C GLU C 132 47.46 -24.87 -5.95
N THR C 133 48.28 -23.91 -6.38
CA THR C 133 49.22 -23.24 -5.49
C THR C 133 48.53 -22.14 -4.70
N VAL C 134 47.68 -21.39 -5.38
CA VAL C 134 46.91 -20.34 -4.73
C VAL C 134 46.01 -20.93 -3.65
N LYS C 135 45.22 -21.92 -4.04
CA LYS C 135 44.36 -22.66 -3.13
C LYS C 135 45.15 -23.16 -1.93
N ASN C 136 46.34 -23.67 -2.19
CA ASN C 136 47.24 -24.17 -1.16
C ASN C 136 47.78 -23.09 -0.23
N MET C 137 48.21 -21.97 -0.82
CA MET C 137 48.78 -20.89 -0.04
C MET C 137 47.71 -20.26 0.84
N SER C 138 46.46 -20.32 0.38
CA SER C 138 45.33 -19.79 1.14
C SER C 138 45.02 -20.65 2.34
N ASN C 139 45.18 -21.97 2.19
CA ASN C 139 44.91 -22.93 3.26
C ASN C 139 46.05 -22.98 4.27
N LYS C 140 47.29 -23.03 3.76
CA LYS C 140 48.48 -23.24 4.59
C LYS C 140 49.10 -21.94 5.07
N GLY C 141 48.93 -20.88 4.29
CA GLY C 141 49.53 -19.58 4.61
C GLY C 141 50.75 -19.32 3.76
N ILE C 142 51.26 -20.39 3.14
CA ILE C 142 52.46 -20.37 2.31
C ILE C 142 52.58 -21.67 1.50
N GLU C 143 52.92 -21.54 0.23
CA GLU C 143 53.16 -22.71 -0.56
C GLU C 143 54.48 -22.59 -1.30
N TYR C 144 55.38 -23.54 -1.03
CA TYR C 144 56.66 -23.59 -1.70
C TYR C 144 56.56 -24.54 -2.86
N TRP C 145 57.32 -24.25 -3.91
CA TRP C 145 57.51 -25.24 -4.97
C TRP C 145 58.95 -25.26 -5.56
N HIS C 146 59.43 -26.44 -5.90
CA HIS C 146 60.86 -26.65 -6.19
C HIS C 146 61.16 -26.84 -7.67
N PRO C 147 62.10 -26.05 -8.20
CA PRO C 147 62.61 -26.16 -9.57
C PRO C 147 63.78 -27.15 -9.65
N PHE C 148 63.76 -28.00 -10.66
CA PHE C 148 64.79 -29.03 -10.81
C PHE C 148 64.91 -29.48 -12.26
N VAL C 149 66.10 -29.91 -12.66
CA VAL C 149 66.33 -30.43 -14.01
C VAL C 149 65.91 -31.89 -14.09
N ASP C 150 65.18 -32.24 -15.15
CA ASP C 150 64.67 -33.61 -15.36
C ASP C 150 65.76 -34.62 -15.72
N GLU C 151 65.44 -35.91 -15.60
CA GLU C 151 66.33 -37.00 -16.01
C GLU C 151 66.59 -36.93 -17.51
N GLU C 152 65.65 -36.34 -18.26
CA GLU C 152 65.80 -36.12 -19.70
C GLU C 152 66.53 -34.80 -20.01
N GLY C 153 66.93 -34.08 -18.96
CA GLY C 153 67.73 -32.87 -19.12
C GLY C 153 66.93 -31.60 -19.37
N GLU C 154 65.60 -31.72 -19.28
CA GLU C 154 64.71 -30.56 -19.43
C GLU C 154 64.36 -29.92 -18.09
N PHE C 155 63.89 -28.67 -18.16
CA PHE C 155 63.50 -27.91 -16.95
C PHE C 155 62.14 -28.37 -16.44
N ASP C 156 62.06 -28.59 -15.13
CA ASP C 156 60.84 -29.09 -14.52
C ASP C 156 60.61 -28.49 -13.15
N TYR C 157 59.34 -28.48 -12.73
CA TYR C 157 58.93 -27.92 -11.45
C TYR C 157 57.88 -28.82 -10.81
N VAL C 158 58.04 -29.04 -9.51
CA VAL C 158 57.09 -29.82 -8.72
C VAL C 158 56.78 -29.09 -7.42
N ILE C 159 55.51 -29.08 -7.05
CA ILE C 159 55.07 -28.44 -5.82
C ILE C 159 55.78 -29.07 -4.63
N PHE C 160 56.16 -28.25 -3.65
CA PHE C 160 56.81 -28.74 -2.45
C PHE C 160 56.04 -28.37 -1.17
N PRO C 161 55.00 -29.17 -0.83
CA PRO C 161 54.11 -28.94 0.31
C PRO C 161 54.80 -28.29 1.52
N ALA C 162 54.40 -27.07 1.84
CA ALA C 162 55.05 -26.26 2.86
C ALA C 162 55.00 -26.85 4.27
N GLU C 163 54.10 -27.79 4.49
CA GLU C 163 53.97 -28.44 5.79
C GLU C 163 55.02 -29.53 6.02
N GLU C 164 55.73 -29.87 4.96
CA GLU C 164 56.86 -30.80 5.03
C GLU C 164 58.19 -30.05 5.03
N MET C 165 58.14 -28.74 4.75
CA MET C 165 59.33 -27.90 4.63
C MET C 165 59.73 -27.25 5.95
N ILE C 166 61.03 -26.98 6.09
CA ILE C 166 61.58 -26.27 7.23
C ILE C 166 62.63 -25.30 6.71
N VAL C 167 62.47 -24.01 7.03
CA VAL C 167 63.30 -22.94 6.44
C VAL C 167 63.94 -21.98 7.46
N VAL C 168 65.28 -21.92 7.44
CA VAL C 168 66.06 -20.91 8.20
C VAL C 168 67.09 -20.25 7.28
N TYR C 169 67.29 -18.94 7.44
CA TYR C 169 68.28 -18.18 6.68
C TYR C 169 69.00 -17.19 7.58
N TRP C 239 72.88 -23.22 -8.12
CA TRP C 239 72.07 -22.10 -8.59
C TRP C 239 72.58 -20.74 -8.10
N GLY C 240 73.26 -20.73 -6.95
CA GLY C 240 73.73 -19.49 -6.35
C GLY C 240 72.91 -19.09 -5.13
N ARG C 241 71.59 -19.08 -5.32
CA ARG C 241 70.66 -18.86 -4.22
C ARG C 241 70.11 -20.20 -3.72
N VAL C 242 69.39 -20.17 -2.61
CA VAL C 242 68.68 -21.34 -2.08
C VAL C 242 67.61 -21.78 -3.10
N PRO C 243 67.42 -23.11 -3.26
CA PRO C 243 66.75 -23.65 -4.45
C PRO C 243 65.23 -23.83 -4.40
N ILE C 244 64.54 -23.13 -3.49
CA ILE C 244 63.06 -23.22 -3.45
C ILE C 244 62.34 -21.87 -3.57
N ILE C 245 61.12 -21.91 -4.11
CA ILE C 245 60.35 -20.70 -4.39
C ILE C 245 59.14 -20.58 -3.45
N PRO C 246 59.18 -19.58 -2.54
CA PRO C 246 58.01 -19.25 -1.72
C PRO C 246 56.90 -18.47 -2.45
N PHE C 247 55.67 -18.92 -2.27
CA PHE C 247 54.48 -18.16 -2.63
C PHE C 247 53.74 -17.84 -1.35
N LYS C 248 54.01 -16.67 -0.81
CA LYS C 248 53.37 -16.23 0.43
C LYS C 248 51.90 -15.91 0.21
N ASN C 249 51.05 -16.32 1.16
CA ASN C 249 49.66 -15.90 1.18
C ASN C 249 49.55 -14.44 1.64
N ASN C 250 50.19 -14.14 2.77
CA ASN C 250 50.22 -12.80 3.33
C ASN C 250 51.64 -12.44 3.65
N GLU C 251 51.81 -11.40 4.45
CA GLU C 251 53.12 -11.11 5.00
C GLU C 251 53.34 -11.98 6.23
N GLU C 252 52.24 -12.32 6.90
CA GLU C 252 52.30 -13.07 8.15
C GLU C 252 52.30 -14.56 7.89
N MET C 253 52.08 -14.93 6.62
CA MET C 253 52.09 -16.33 6.17
C MET C 253 51.07 -17.22 6.89
N VAL C 254 50.00 -16.57 7.38
CA VAL C 254 48.83 -17.26 7.92
C VAL C 254 47.80 -17.52 6.82
N SER C 255 47.01 -18.58 7.03
CA SER C 255 45.91 -18.91 6.15
C SER C 255 44.86 -17.80 6.17
N ASP C 256 44.00 -17.77 5.15
CA ASP C 256 42.85 -16.85 5.14
C ASP C 256 41.92 -17.16 6.31
N LEU C 257 41.83 -18.45 6.64
CA LEU C 257 41.00 -18.94 7.75
C LEU C 257 41.26 -18.22 9.06
N LYS C 258 42.47 -17.71 9.22
CA LYS C 258 42.91 -17.03 10.43
C LYS C 258 42.01 -15.84 10.82
N PHE C 259 41.48 -15.13 9.81
CA PHE C 259 40.75 -13.91 10.04
C PHE C 259 39.25 -14.12 10.21
N TYR C 260 38.80 -15.37 10.08
CA TYR C 260 37.39 -15.65 10.27
C TYR C 260 37.08 -17.03 10.84
N LYS C 261 38.08 -17.68 11.42
CA LYS C 261 37.88 -19.01 12.02
C LYS C 261 36.87 -18.95 13.18
N ASP C 262 36.98 -17.92 14.01
CA ASP C 262 36.05 -17.71 15.12
C ASP C 262 34.62 -17.75 14.65
N LEU C 263 34.37 -17.11 13.51
CA LEU C 263 33.04 -17.05 12.93
C LEU C 263 32.55 -18.44 12.46
N ILE C 264 33.31 -19.08 11.58
CA ILE C 264 32.90 -20.40 11.10
C ILE C 264 32.60 -21.30 12.29
N ASP C 265 33.43 -21.21 13.32
CA ASP C 265 33.25 -22.04 14.51
C ASP C 265 31.92 -21.75 15.20
N ASN C 266 31.60 -20.48 15.33
CA ASN C 266 30.34 -20.07 15.94
C ASN C 266 29.15 -20.56 15.13
N TYR C 267 29.24 -20.37 13.81
CA TYR C 267 28.23 -20.84 12.86
C TYR C 267 27.99 -22.33 13.05
N ASP C 268 29.09 -23.11 13.06
CA ASP C 268 29.02 -24.55 13.28
C ASP C 268 28.39 -24.90 14.62
N SER C 269 28.80 -24.17 15.66
CA SER C 269 28.33 -24.41 17.03
C SER C 269 26.83 -24.27 17.13
N ILE C 270 26.31 -23.17 16.59
CA ILE C 270 24.89 -22.90 16.67
C ILE C 270 24.09 -23.96 15.94
N THR C 271 24.41 -24.17 14.66
CA THR C 271 23.69 -25.11 13.79
C THR C 271 23.54 -26.49 14.43
N SER C 272 24.64 -27.02 14.97
CA SER C 272 24.66 -28.34 15.58
C SER C 272 23.86 -28.41 16.86
N SER C 273 23.90 -27.31 17.63
CA SER C 273 23.13 -27.19 18.87
C SER C 273 21.65 -27.28 18.55
N THR C 274 21.26 -26.48 17.56
CA THR C 274 19.91 -26.49 17.03
C THR C 274 19.52 -27.89 16.53
N MET C 275 20.47 -28.59 15.92
CA MET C 275 20.24 -29.96 15.46
C MET C 275 19.98 -30.94 16.59
N ASP C 276 20.68 -30.76 17.72
CA ASP C 276 20.45 -31.59 18.89
C ASP C 276 19.06 -31.36 19.47
N SER C 277 18.60 -30.11 19.42
CA SER C 277 17.27 -29.76 19.89
C SER C 277 16.20 -30.47 19.08
N PHE C 278 16.38 -30.48 17.75
CA PHE C 278 15.49 -31.18 16.84
C PHE C 278 15.46 -32.65 17.15
N SER C 279 16.62 -33.17 17.52
CA SER C 279 16.77 -34.57 17.85
C SER C 279 16.15 -34.90 19.21
N ASP C 280 16.35 -34.02 20.20
CA ASP C 280 15.80 -34.22 21.55
C ASP C 280 14.30 -34.04 21.62
N PHE C 281 13.78 -33.18 20.75
CA PHE C 281 12.36 -32.90 20.68
C PHE C 281 11.56 -34.18 20.56
N GLN C 282 12.12 -35.15 19.83
CA GLN C 282 11.48 -36.45 19.59
C GLN C 282 11.25 -37.26 20.87
N GLN C 283 12.21 -37.23 21.80
CA GLN C 283 12.08 -38.01 23.04
C GLN C 283 11.31 -37.31 24.18
N ILE C 284 10.03 -37.63 24.27
CA ILE C 284 9.12 -37.03 25.24
C ILE C 284 9.49 -37.49 26.65
N VAL C 285 9.52 -36.57 27.60
CA VAL C 285 9.79 -36.90 29.00
C VAL C 285 8.52 -36.72 29.83
N TYR C 286 8.08 -37.80 30.47
CA TYR C 286 6.85 -37.80 31.25
C TYR C 286 7.08 -37.50 32.73
N VAL C 287 6.29 -36.59 33.28
CA VAL C 287 6.27 -36.36 34.72
C VAL C 287 5.02 -37.02 35.29
N LEU C 288 5.24 -37.99 36.19
CA LEU C 288 4.14 -38.79 36.73
C LEU C 288 3.76 -38.39 38.15
N LYS C 289 2.65 -37.67 38.26
CA LYS C 289 2.17 -37.13 39.53
C LYS C 289 1.12 -38.05 40.17
N ASN C 290 1.40 -38.49 41.41
CA ASN C 290 0.58 -39.45 42.16
C ASN C 290 0.10 -40.59 41.25
N TYR C 291 1.08 -41.36 40.78
CA TYR C 291 0.86 -42.45 39.83
C TYR C 291 0.05 -43.61 40.45
N ASP C 292 -0.93 -44.12 39.70
CA ASP C 292 -1.88 -45.13 40.16
C ASP C 292 -1.23 -46.51 40.40
N GLY C 293 -0.55 -47.02 39.36
CA GLY C 293 0.05 -48.35 39.41
C GLY C 293 1.19 -48.48 40.38
N GLU C 294 1.30 -49.65 41.01
CA GLU C 294 2.43 -49.95 41.90
C GLU C 294 3.62 -50.47 41.08
N ASN C 295 3.33 -51.35 40.12
CA ASN C 295 4.34 -51.91 39.23
C ASN C 295 4.90 -50.89 38.23
N PRO C 296 6.24 -50.89 38.04
CA PRO C 296 6.93 -50.01 37.07
C PRO C 296 6.84 -50.55 35.64
N LYS C 297 6.74 -51.88 35.51
CA LYS C 297 6.56 -52.57 34.23
C LYS C 297 5.25 -52.15 33.56
N GLU C 298 4.15 -52.20 34.33
CA GLU C 298 2.80 -51.87 33.86
C GLU C 298 2.73 -50.55 33.08
N PHE C 299 3.53 -49.56 33.48
CA PHE C 299 3.57 -48.27 32.81
C PHE C 299 4.06 -48.35 31.36
N THR C 300 5.31 -48.81 31.19
CA THR C 300 6.03 -48.77 29.90
C THR C 300 5.35 -49.62 28.83
N ALA C 301 4.77 -50.74 29.27
CA ALA C 301 3.97 -51.60 28.39
C ALA C 301 2.60 -50.99 28.14
N ASN C 302 1.95 -50.52 29.20
CA ASN C 302 0.59 -50.00 29.10
C ASN C 302 0.44 -48.76 28.21
N LEU C 303 1.50 -47.95 28.16
CA LEU C 303 1.54 -46.75 27.31
C LEU C 303 2.02 -47.08 25.90
N ARG C 304 2.86 -48.11 25.79
CA ARG C 304 3.49 -48.48 24.53
C ARG C 304 2.61 -49.40 23.68
N TYR C 305 1.73 -50.15 24.33
CA TYR C 305 0.85 -51.06 23.61
C TYR C 305 -0.62 -50.71 23.72
N HIS C 306 -0.93 -49.82 24.65
CA HIS C 306 -2.26 -49.23 24.70
C HIS C 306 -2.14 -47.72 24.85
N SER C 307 -3.20 -47.01 24.52
CA SER C 307 -3.18 -45.58 24.55
C SER C 307 -3.11 -45.03 25.97
N VAL C 308 -3.19 -45.90 26.96
CA VAL C 308 -3.54 -45.47 28.31
C VAL C 308 -2.41 -45.31 29.32
N ILE C 309 -2.53 -44.26 30.13
CA ILE C 309 -1.81 -44.12 31.40
C ILE C 309 -2.88 -43.91 32.49
N LYS C 310 -2.86 -44.76 33.52
CA LYS C 310 -3.82 -44.68 34.61
C LYS C 310 -3.24 -43.90 35.80
N VAL C 311 -4.02 -42.96 36.31
CA VAL C 311 -3.58 -42.09 37.41
C VAL C 311 -4.70 -41.93 38.42
N SER C 312 -4.36 -42.04 39.71
CA SER C 312 -5.33 -41.81 40.78
C SER C 312 -4.93 -40.61 41.65
N GLY C 313 -5.60 -40.48 42.79
CA GLY C 313 -5.39 -39.32 43.65
C GLY C 313 -5.94 -38.08 42.96
N ASP C 314 -5.22 -36.98 43.07
CA ASP C 314 -5.59 -35.75 42.36
C ASP C 314 -4.53 -35.40 41.33
N GLY C 315 -3.71 -36.39 40.97
CA GLY C 315 -2.55 -36.20 40.10
C GLY C 315 -2.84 -36.12 38.61
N GLY C 316 -1.89 -36.59 37.83
CA GLY C 316 -1.98 -36.54 36.38
C GLY C 316 -0.64 -36.78 35.70
N VAL C 317 -0.55 -36.38 34.43
CA VAL C 317 0.68 -36.54 33.66
C VAL C 317 1.02 -35.24 32.95
N ASP C 318 2.19 -34.70 33.27
CA ASP C 318 2.74 -33.56 32.54
C ASP C 318 3.81 -34.10 31.60
N THR C 319 3.94 -33.47 30.43
CA THR C 319 5.00 -33.83 29.53
C THR C 319 6.01 -32.70 29.48
N LEU C 320 7.28 -33.08 29.37
CA LEU C 320 8.36 -32.14 29.20
C LEU C 320 8.96 -32.32 27.83
N ARG C 321 8.76 -31.35 26.96
CA ARG C 321 9.32 -31.40 25.62
C ARG C 321 10.39 -30.32 25.52
N ALA C 322 11.47 -30.64 24.80
CA ALA C 322 12.57 -29.71 24.57
C ALA C 322 12.10 -28.57 23.69
N GLU C 323 12.57 -27.37 24.01
CA GLU C 323 12.27 -26.22 23.20
C GLU C 323 13.35 -26.20 22.12
N ILE C 324 12.98 -25.85 20.89
CA ILE C 324 13.92 -25.76 19.78
C ILE C 324 14.18 -24.30 19.46
N PRO C 325 15.44 -23.85 19.61
CA PRO C 325 15.71 -22.42 19.49
C PRO C 325 15.84 -21.89 18.06
N VAL C 326 15.05 -22.41 17.11
CA VAL C 326 15.24 -22.07 15.68
C VAL C 326 15.20 -20.58 15.39
N ASP C 327 14.25 -19.90 16.01
CA ASP C 327 14.07 -18.46 15.81
C ASP C 327 15.27 -17.59 16.15
N SER C 328 15.72 -17.67 17.41
CA SER C 328 16.88 -16.93 17.86
C SER C 328 18.08 -17.34 17.02
N ALA C 329 18.30 -18.64 16.86
CA ALA C 329 19.41 -19.17 16.07
C ALA C 329 19.42 -18.56 14.69
N ALA C 330 18.26 -18.63 14.04
CA ALA C 330 18.14 -18.15 12.66
C ALA C 330 18.50 -16.69 12.63
N LYS C 331 18.19 -15.98 13.70
CA LYS C 331 18.46 -14.54 13.75
C LYS C 331 19.93 -14.24 13.94
N GLU C 332 20.59 -15.01 14.79
CA GLU C 332 22.01 -14.80 15.04
C GLU C 332 22.82 -15.24 13.82
N LEU C 333 22.49 -16.43 13.32
CA LEU C 333 23.12 -17.00 12.11
C LEU C 333 23.12 -16.08 10.91
N GLU C 334 22.06 -15.29 10.77
CA GLU C 334 21.95 -14.37 9.67
C GLU C 334 23.06 -13.34 9.75
N ARG C 335 23.26 -12.76 10.93
CA ARG C 335 24.30 -11.75 11.12
C ARG C 335 25.69 -12.33 10.91
N ILE C 336 25.98 -13.46 11.56
CA ILE C 336 27.26 -14.15 11.38
C ILE C 336 27.57 -14.33 9.90
N GLN C 337 26.58 -14.72 9.11
CA GLN C 337 26.76 -14.97 7.69
C GLN C 337 27.15 -13.72 6.90
N ASP C 338 26.58 -12.59 7.27
CA ASP C 338 26.95 -11.33 6.66
C ASP C 338 28.38 -10.97 7.05
N GLU C 339 28.72 -11.16 8.32
CA GLU C 339 30.05 -10.83 8.82
C GLU C 339 31.07 -11.71 8.15
N LEU C 340 30.74 -13.00 8.04
CA LEU C 340 31.54 -13.98 7.35
C LEU C 340 32.06 -13.42 6.03
N TYR C 341 31.14 -13.02 5.16
CA TYR C 341 31.47 -12.46 3.84
C TYR C 341 32.37 -11.24 3.91
N LYS C 342 32.26 -10.46 4.99
CA LYS C 342 33.09 -9.27 5.18
C LYS C 342 34.46 -9.64 5.71
N SER C 343 34.46 -10.42 6.80
CA SER C 343 35.70 -10.87 7.44
C SER C 343 36.59 -11.60 6.44
N ALA C 344 35.95 -12.22 5.44
CA ALA C 344 36.63 -13.05 4.45
C ALA C 344 36.90 -12.31 3.17
N GLN C 345 36.53 -11.04 3.11
CA GLN C 345 36.63 -10.27 1.88
C GLN C 345 36.16 -11.06 0.64
N ALA C 346 34.96 -11.61 0.74
CA ALA C 346 34.36 -12.43 -0.32
C ALA C 346 33.30 -11.67 -1.11
N VAL C 347 32.72 -12.34 -2.10
CA VAL C 347 31.56 -11.80 -2.81
C VAL C 347 30.37 -12.69 -2.53
N ASP C 348 29.24 -12.07 -2.24
CA ASP C 348 27.98 -12.81 -2.10
C ASP C 348 27.07 -12.47 -3.27
N ASN C 349 26.94 -13.39 -4.22
CA ASN C 349 26.00 -13.16 -5.31
C ASN C 349 24.64 -13.85 -5.15
N SER C 350 24.14 -13.88 -3.92
CA SER C 350 22.75 -14.21 -3.66
C SER C 350 21.92 -13.15 -4.36
N PRO C 351 20.64 -13.44 -4.65
CA PRO C 351 19.85 -12.44 -5.41
C PRO C 351 19.46 -11.17 -4.63
N GLU C 352 19.56 -10.01 -5.28
CA GLU C 352 19.29 -8.75 -4.58
C GLU C 352 17.81 -8.38 -4.41
N THR C 353 17.34 -8.58 -3.16
CA THR C 353 16.04 -8.11 -2.66
C THR C 353 15.69 -6.70 -3.14
N ILE C 354 16.67 -5.80 -3.02
CA ILE C 354 16.54 -4.43 -3.51
C ILE C 354 16.79 -4.43 -5.03
N GLY C 355 15.92 -3.73 -5.73
CA GLY C 355 15.98 -3.62 -7.17
C GLY C 355 16.95 -2.55 -7.60
N GLY C 356 18.23 -2.72 -7.25
CA GLY C 356 19.29 -1.83 -7.72
C GLY C 356 20.46 -2.54 -8.39
N GLY C 357 20.73 -3.75 -7.91
CA GLY C 357 22.00 -4.50 -8.13
C GLY C 357 22.52 -4.79 -9.52
N ALA C 358 21.89 -4.20 -10.53
CA ALA C 358 22.30 -4.37 -11.91
C ALA C 358 23.37 -3.37 -12.30
N THR C 359 23.19 -2.12 -11.88
CA THR C 359 23.99 -0.97 -12.35
C THR C 359 25.49 -1.08 -12.11
N GLY C 360 26.24 -0.31 -12.91
CA GLY C 360 27.69 -0.23 -12.81
C GLY C 360 28.21 -0.20 -11.38
N PRO C 361 27.88 0.86 -10.65
CA PRO C 361 28.26 1.06 -9.24
C PRO C 361 27.81 -0.08 -8.33
N ALA C 362 26.62 -0.62 -8.59
CA ALA C 362 26.04 -1.63 -7.75
C ALA C 362 26.89 -2.87 -7.79
N LEU C 363 27.46 -3.14 -8.97
CA LEU C 363 28.25 -4.34 -9.19
C LEU C 363 29.66 -4.13 -8.68
N GLU C 364 30.18 -2.92 -8.86
CA GLU C 364 31.50 -2.54 -8.36
C GLU C 364 31.56 -2.66 -6.84
N LYS C 365 30.50 -2.18 -6.17
CA LYS C 365 30.37 -2.28 -4.72
C LYS C 365 30.39 -3.73 -4.27
N LEU C 366 29.71 -4.59 -5.01
CA LEU C 366 29.63 -6.02 -4.67
C LEU C 366 30.99 -6.68 -4.58
N TYR C 367 31.83 -6.43 -5.59
CA TYR C 367 33.16 -7.02 -5.68
C TYR C 367 34.21 -6.30 -4.86
N ALA C 368 33.87 -5.10 -4.40
CA ALA C 368 34.83 -4.23 -3.74
C ALA C 368 35.76 -4.98 -2.83
N LEU C 369 35.25 -5.77 -1.89
CA LEU C 369 36.10 -6.42 -0.91
C LEU C 369 37.05 -7.45 -1.51
N LEU C 370 36.52 -8.29 -2.41
CA LEU C 370 37.32 -9.31 -3.07
C LEU C 370 38.41 -8.67 -3.91
N ASP C 371 38.09 -7.55 -4.56
CA ASP C 371 39.06 -6.76 -5.31
C ASP C 371 40.18 -6.26 -4.43
N LEU C 372 39.88 -6.08 -3.15
CA LEU C 372 40.88 -5.70 -2.15
C LEU C 372 41.80 -6.90 -1.90
N LYS C 373 41.18 -8.05 -1.60
CA LYS C 373 41.89 -9.27 -1.27
C LYS C 373 42.67 -9.80 -2.47
N ALA C 374 42.10 -9.64 -3.67
CA ALA C 374 42.75 -10.09 -4.89
C ALA C 374 44.06 -9.35 -5.13
N ASN C 375 44.06 -8.04 -4.87
CA ASN C 375 45.22 -7.21 -5.14
C ASN C 375 46.47 -7.58 -4.35
N MET C 376 46.36 -7.68 -3.02
CA MET C 376 47.45 -8.22 -2.20
C MET C 376 47.92 -9.56 -2.74
N ALA C 377 46.97 -10.48 -2.89
CA ALA C 377 47.24 -11.81 -3.41
C ALA C 377 48.03 -11.77 -4.70
N GLU C 378 47.70 -10.85 -5.60
CA GLU C 378 48.46 -10.70 -6.85
C GLU C 378 49.90 -10.24 -6.59
N ARG C 379 50.07 -9.23 -5.74
CA ARG C 379 51.40 -8.76 -5.37
C ARG C 379 52.26 -9.90 -4.87
N LYS C 380 51.72 -10.68 -3.94
CA LYS C 380 52.43 -11.83 -3.37
C LYS C 380 52.70 -12.93 -4.41
N ILE C 381 51.70 -13.23 -5.24
CA ILE C 381 51.85 -14.23 -6.29
C ILE C 381 52.93 -13.82 -7.29
N ARG C 382 52.93 -12.55 -7.69
CA ARG C 382 53.94 -12.02 -8.62
C ARG C 382 55.35 -12.15 -8.04
N ALA C 383 55.50 -11.81 -6.75
CA ALA C 383 56.78 -11.91 -6.05
C ALA C 383 57.41 -13.29 -6.20
N GLY C 384 56.60 -14.32 -5.95
CA GLY C 384 57.02 -15.69 -6.15
C GLY C 384 57.34 -15.97 -7.60
N LEU C 385 56.42 -15.60 -8.50
CA LEU C 385 56.52 -15.94 -9.92
C LEU C 385 57.72 -15.29 -10.61
N ARG C 386 58.13 -14.11 -10.15
CA ARG C 386 59.32 -13.44 -10.69
C ARG C 386 60.58 -14.24 -10.39
N LEU C 387 60.69 -14.66 -9.13
CA LEU C 387 61.76 -15.53 -8.65
C LEU C 387 61.76 -16.84 -9.42
N PHE C 388 60.58 -17.39 -9.68
CA PHE C 388 60.45 -18.58 -10.50
C PHE C 388 61.02 -18.36 -11.88
N PHE C 389 60.76 -17.20 -12.47
CA PHE C 389 61.30 -16.90 -13.80
C PHE C 389 62.77 -16.51 -13.80
N TRP C 390 63.29 -16.13 -12.63
CA TRP C 390 64.73 -15.95 -12.44
C TRP C 390 65.44 -17.29 -12.58
N PHE C 391 64.84 -18.33 -11.99
CA PHE C 391 65.39 -19.68 -12.03
C PHE C 391 65.32 -20.27 -13.42
N PHE C 392 64.28 -19.91 -14.17
CA PHE C 392 64.16 -20.35 -15.56
C PHE C 392 65.24 -19.70 -16.42
N ALA C 393 65.62 -18.47 -16.10
CA ALA C 393 66.66 -17.75 -16.82
C ALA C 393 68.04 -18.34 -16.59
N GLU C 394 68.29 -18.76 -15.35
CA GLU C 394 69.54 -19.42 -14.96
C GLU C 394 69.74 -20.70 -15.76
N TYR C 395 68.69 -21.52 -15.82
CA TYR C 395 68.68 -22.75 -16.62
C TYR C 395 69.01 -22.45 -18.08
N LEU C 396 68.38 -21.42 -18.63
CA LEU C 396 68.59 -21.03 -20.04
C LEU C 396 70.02 -20.54 -20.30
N ARG C 397 70.56 -19.79 -19.34
CA ARG C 397 71.94 -19.32 -19.38
C ARG C 397 72.90 -20.51 -19.45
N ASN C 398 72.66 -21.51 -18.62
CA ASN C 398 73.52 -22.67 -18.50
C ASN C 398 73.25 -23.75 -19.55
N THR C 399 72.01 -23.82 -20.03
CA THR C 399 71.65 -24.79 -21.08
C THR C 399 72.06 -24.30 -22.48
N GLY C 400 72.57 -23.08 -22.53
CA GLY C 400 73.10 -22.49 -23.77
C GLY C 400 72.02 -22.04 -24.73
N LYS C 401 70.86 -21.68 -24.19
CA LYS C 401 69.75 -21.20 -25.01
C LYS C 401 69.63 -19.67 -24.95
N GLY C 402 70.62 -19.03 -24.32
CA GLY C 402 70.68 -17.56 -24.23
C GLY C 402 70.71 -17.03 -22.81
N ASP C 403 71.09 -15.76 -22.66
CA ASP C 403 71.10 -15.07 -21.38
C ASP C 403 70.04 -13.96 -21.35
N PHE C 404 69.18 -13.99 -20.34
CA PHE C 404 68.04 -13.08 -20.27
C PHE C 404 67.87 -12.43 -18.91
N ASN C 405 67.15 -11.31 -18.89
CA ASN C 405 66.77 -10.64 -17.64
C ASN C 405 65.25 -10.51 -17.52
N PRO C 406 64.60 -11.50 -16.88
CA PRO C 406 63.14 -11.54 -16.79
C PRO C 406 62.60 -10.33 -16.04
N ASP C 407 63.26 -9.99 -14.93
CA ASP C 407 62.83 -8.90 -14.05
C ASP C 407 62.70 -7.54 -14.74
N LYS C 408 63.27 -7.41 -15.93
CA LYS C 408 63.22 -6.15 -16.66
C LYS C 408 62.66 -6.30 -18.09
N GLU C 409 62.77 -7.49 -18.65
CA GLU C 409 62.31 -7.73 -20.02
C GLU C 409 60.87 -8.25 -20.07
N LEU C 410 60.55 -9.19 -19.17
CA LEU C 410 59.24 -9.85 -19.15
C LEU C 410 58.19 -9.13 -18.31
N THR C 411 56.99 -8.99 -18.88
CA THR C 411 55.84 -8.46 -18.15
C THR C 411 54.74 -9.51 -18.03
N MET C 412 54.02 -9.48 -16.91
CA MET C 412 52.94 -10.43 -16.66
C MET C 412 51.57 -9.76 -16.67
N THR C 413 50.56 -10.51 -17.09
CA THR C 413 49.22 -9.98 -17.19
C THR C 413 48.19 -10.91 -16.57
N PHE C 414 47.65 -10.50 -15.43
CA PHE C 414 46.59 -11.24 -14.77
C PHE C 414 45.24 -10.80 -15.27
N THR C 415 44.33 -11.75 -15.40
CA THR C 415 42.99 -11.46 -15.87
C THR C 415 41.99 -11.73 -14.75
N ARG C 416 40.95 -10.92 -14.68
CA ARG C 416 39.94 -11.10 -13.67
C ARG C 416 38.53 -11.29 -14.23
N THR C 417 37.92 -12.41 -13.79
CA THR C 417 36.55 -12.79 -14.15
C THR C 417 35.54 -11.98 -13.33
N ARG C 418 35.23 -10.78 -13.82
CA ARG C 418 34.41 -9.86 -13.05
C ARG C 418 33.06 -9.59 -13.73
N ILE C 419 32.00 -9.65 -12.92
CA ILE C 419 30.65 -9.47 -13.42
C ILE C 419 30.40 -8.01 -13.82
N GLN C 420 29.92 -7.83 -15.05
CA GLN C 420 29.73 -6.49 -15.59
C GLN C 420 28.32 -6.35 -16.13
N ASN C 421 27.93 -5.09 -16.36
CA ASN C 421 26.70 -4.79 -17.02
C ASN C 421 27.01 -4.48 -18.49
N ASP C 422 27.35 -5.51 -19.25
CA ASP C 422 27.80 -5.35 -20.64
C ASP C 422 26.92 -4.43 -21.46
N SER C 423 25.63 -4.51 -21.22
CA SER C 423 24.65 -3.71 -21.96
C SER C 423 24.88 -2.23 -21.74
N GLU C 424 25.19 -1.88 -20.50
CA GLU C 424 25.40 -0.51 -20.06
C GLU C 424 26.69 0.06 -20.60
N ILE C 425 27.76 -0.74 -20.56
CA ILE C 425 29.08 -0.31 -21.03
C ILE C 425 29.03 0.03 -22.50
N VAL C 426 28.59 -0.93 -23.32
CA VAL C 426 28.41 -0.74 -24.75
C VAL C 426 27.76 0.61 -25.07
N GLN C 427 26.75 0.99 -24.28
CA GLN C 427 26.06 2.26 -24.47
C GLN C 427 26.94 3.45 -24.12
N SER C 428 27.58 3.41 -22.96
CA SER C 428 28.51 4.47 -22.56
C SER C 428 29.61 4.65 -23.58
N LEU C 429 30.16 3.54 -24.07
CA LEU C 429 31.19 3.58 -25.07
C LEU C 429 30.66 4.24 -26.33
N VAL C 430 29.51 3.79 -26.84
CA VAL C 430 28.92 4.39 -28.05
C VAL C 430 28.72 5.90 -27.89
N GLN C 431 28.26 6.27 -26.71
CA GLN C 431 27.97 7.65 -26.37
C GLN C 431 29.27 8.46 -26.33
N GLY C 432 30.29 7.91 -25.68
CA GLY C 432 31.60 8.52 -25.60
C GLY C 432 32.25 8.74 -26.96
N VAL C 433 32.17 7.72 -27.83
CA VAL C 433 32.65 7.83 -29.19
C VAL C 433 31.86 8.90 -29.95
N THR C 434 30.55 8.75 -30.00
CA THR C 434 29.69 9.72 -30.67
C THR C 434 29.97 11.13 -30.19
N GLY C 435 29.98 11.32 -28.87
CA GLY C 435 30.33 12.61 -28.27
C GLY C 435 31.69 13.16 -28.72
N GLY C 436 32.62 12.27 -29.01
CA GLY C 436 33.96 12.67 -29.38
C GLY C 436 34.91 12.81 -28.21
N ILE C 437 34.60 12.11 -27.11
CA ILE C 437 35.51 12.06 -25.96
C ILE C 437 36.37 10.79 -26.01
N MET C 438 36.26 10.05 -27.11
CA MET C 438 36.89 8.73 -27.20
C MET C 438 37.22 8.30 -28.60
N SER C 439 38.38 7.64 -28.69
CA SER C 439 38.78 6.95 -29.90
C SER C 439 38.02 5.62 -30.00
N LYS C 440 37.73 5.21 -31.23
CA LYS C 440 37.13 3.90 -31.48
C LYS C 440 38.06 2.78 -31.04
N GLU C 441 39.37 3.00 -31.20
CA GLU C 441 40.40 2.11 -30.67
C GLU C 441 40.14 1.79 -29.21
N THR C 442 40.32 2.80 -28.35
CA THR C 442 40.17 2.63 -26.91
C THR C 442 38.84 1.93 -26.62
N ALA C 443 37.79 2.35 -27.33
CA ALA C 443 36.45 1.79 -27.13
C ALA C 443 36.41 0.30 -27.47
N VAL C 444 36.95 -0.06 -28.64
CA VAL C 444 36.97 -1.46 -29.06
C VAL C 444 37.68 -2.32 -28.01
N ALA C 445 38.80 -1.80 -27.51
CA ALA C 445 39.57 -2.48 -26.48
C ALA C 445 38.79 -2.59 -25.19
N ARG C 446 37.88 -1.65 -24.97
CA ARG C 446 37.05 -1.58 -23.77
C ARG C 446 35.70 -2.32 -23.89
N ASN C 447 35.27 -2.58 -25.13
CA ASN C 447 34.05 -3.34 -25.41
C ASN C 447 34.08 -4.74 -24.77
N PRO C 448 33.02 -5.10 -24.02
CA PRO C 448 32.97 -6.39 -23.33
C PRO C 448 32.76 -7.61 -24.24
N PHE C 449 32.38 -7.38 -25.49
CA PHE C 449 32.22 -8.48 -26.47
C PHE C 449 33.50 -8.67 -27.30
N VAL C 450 34.59 -8.05 -26.86
CA VAL C 450 35.86 -8.13 -27.57
C VAL C 450 36.91 -8.89 -26.74
N GLN C 451 37.46 -9.95 -27.31
CA GLN C 451 38.54 -10.69 -26.71
C GLN C 451 39.87 -10.04 -27.06
N ASP C 452 40.25 -10.12 -28.34
CA ASP C 452 41.51 -9.53 -28.84
C ASP C 452 41.26 -8.25 -29.66
N PRO C 453 41.56 -7.08 -29.07
CA PRO C 453 41.40 -5.79 -29.73
C PRO C 453 42.13 -5.67 -31.06
N GLU C 454 43.24 -6.39 -31.21
CA GLU C 454 44.04 -6.33 -32.44
C GLU C 454 43.28 -6.87 -33.65
N GLU C 455 42.66 -8.04 -33.50
CA GLU C 455 41.90 -8.68 -34.57
C GLU C 455 40.61 -7.91 -34.91
N GLU C 456 39.92 -7.39 -33.90
CA GLU C 456 38.67 -6.66 -34.09
C GLU C 456 38.89 -5.27 -34.74
N LEU C 457 39.94 -4.57 -34.31
CA LEU C 457 40.26 -3.26 -34.88
C LEU C 457 40.56 -3.40 -36.36
N ALA C 458 41.19 -4.52 -36.70
CA ALA C 458 41.53 -4.85 -38.07
C ALA C 458 40.29 -5.34 -38.84
N ARG C 459 39.41 -6.06 -38.14
CA ARG C 459 38.21 -6.59 -38.77
C ARG C 459 37.29 -5.45 -39.21
N ILE C 460 37.09 -4.49 -38.30
CA ILE C 460 36.22 -3.32 -38.54
C ILE C 460 36.76 -2.39 -39.65
N GLU C 461 38.05 -2.47 -39.91
CA GLU C 461 38.68 -1.71 -40.99
C GLU C 461 38.48 -2.39 -42.36
N GLU C 462 38.58 -3.72 -42.38
CA GLU C 462 38.39 -4.50 -43.60
C GLU C 462 36.91 -4.57 -43.99
N GLU C 463 36.03 -4.31 -43.02
CA GLU C 463 34.61 -4.15 -43.31
C GLU C 463 34.35 -2.85 -44.10
N MET C 464 34.82 -1.72 -43.55
CA MET C 464 34.70 -0.39 -44.18
C MET C 464 35.25 -0.34 -45.61
N ASN C 465 36.43 -0.93 -45.82
CA ASN C 465 37.05 -1.00 -47.15
C ASN C 465 36.29 -1.88 -48.15
N GLN C 466 35.28 -2.60 -47.66
CA GLN C 466 34.38 -3.39 -48.51
C GLN C 466 33.10 -2.58 -48.82
N TYR C 467 32.44 -2.08 -47.78
CA TYR C 467 31.25 -1.25 -47.93
C TYR C 467 31.61 0.08 -48.61
N UNK D 1 71.22 -20.54 3.72
CA UNK D 1 69.83 -21.02 3.91
C UNK D 1 69.64 -22.47 3.45
N UNK D 2 69.61 -23.39 4.41
CA UNK D 2 69.22 -24.77 4.15
C UNK D 2 67.70 -24.89 4.07
N UNK D 3 67.22 -26.02 3.56
CA UNK D 3 65.80 -26.29 3.43
C UNK D 3 65.55 -27.80 3.41
N UNK D 4 64.80 -28.29 4.39
CA UNK D 4 64.57 -29.74 4.54
C UNK D 4 63.11 -30.14 4.30
N UNK D 5 62.91 -31.23 3.56
CA UNK D 5 61.58 -31.80 3.36
C UNK D 5 61.43 -33.12 4.13
N UNK D 6 60.39 -33.23 4.95
CA UNK D 6 60.18 -34.42 5.77
C UNK D 6 59.08 -35.32 5.19
N UNK D 7 59.48 -36.21 4.27
CA UNK D 7 58.58 -37.18 3.64
C UNK D 7 58.45 -38.47 4.46
N UNK D 8 57.34 -39.16 4.27
CA UNK D 8 57.11 -40.47 4.92
C UNK D 8 56.23 -41.33 4.02
N UNK D 9 56.82 -42.37 3.44
CA UNK D 9 56.15 -43.20 2.45
C UNK D 9 55.95 -44.64 2.93
N UNK D 10 54.69 -45.03 3.09
CA UNK D 10 54.34 -46.40 3.48
C UNK D 10 54.40 -47.34 2.28
N UNK D 11 55.21 -48.39 2.39
CA UNK D 11 55.44 -49.35 1.31
C UNK D 11 54.31 -50.36 1.12
N UNK D 12 54.48 -51.29 0.18
CA UNK D 12 53.51 -52.36 -0.08
C UNK D 12 53.23 -53.19 1.17
N UNK D 13 54.23 -53.26 2.04
CA UNK D 13 54.12 -53.92 3.34
C UNK D 13 54.43 -52.94 4.48
N UNK D 14 55.69 -52.54 4.57
CA UNK D 14 56.22 -51.75 5.68
C UNK D 14 55.83 -50.26 5.64
N UNK D 15 56.65 -49.42 6.27
CA UNK D 15 56.52 -47.95 6.22
C UNK D 15 57.88 -47.30 6.45
N UNK D 16 58.33 -46.49 5.49
CA UNK D 16 59.61 -45.79 5.60
C UNK D 16 59.39 -44.33 5.96
N UNK D 17 60.45 -43.67 6.46
CA UNK D 17 60.38 -42.26 6.86
C UNK D 17 61.64 -41.48 6.45
N UNK D 18 61.79 -41.23 5.16
CA UNK D 18 62.96 -40.54 4.60
C UNK D 18 62.92 -39.00 4.75
N UNK D 19 63.98 -38.33 4.30
CA UNK D 19 64.09 -36.87 4.36
C UNK D 19 65.08 -36.33 3.33
N UNK D 20 65.01 -35.03 3.04
CA UNK D 20 65.90 -34.36 2.08
C UNK D 20 66.33 -32.99 2.57
N UNK D 21 67.60 -32.63 2.34
CA UNK D 21 68.12 -31.31 2.71
C UNK D 21 68.69 -30.55 1.51
N UNK D 22 67.91 -29.60 0.99
CA UNK D 22 68.30 -28.80 -0.17
C UNK D 22 69.21 -27.63 0.20
N UNK D 23 70.41 -27.64 -0.40
CA UNK D 23 71.45 -26.62 -0.14
C UNK D 23 71.77 -25.81 -1.39
N UNK D 24 72.46 -24.68 -1.21
CA UNK D 24 72.83 -23.80 -2.32
C UNK D 24 73.64 -24.52 -3.42
N UNK D 25 74.26 -25.66 -3.07
CA UNK D 25 75.12 -26.41 -4.00
C UNK D 25 74.62 -27.82 -4.36
N UNK D 26 74.12 -28.58 -3.38
CA UNK D 26 73.64 -29.95 -3.60
C UNK D 26 72.39 -30.31 -2.77
N UNK D 27 71.93 -31.56 -2.86
CA UNK D 27 70.64 -31.98 -2.27
C UNK D 27 70.65 -33.36 -1.58
N UNK D 28 71.44 -33.47 -0.51
CA UNK D 28 71.65 -34.75 0.22
C UNK D 28 70.36 -35.34 0.83
N UNK D 29 70.24 -36.67 0.77
CA UNK D 29 69.04 -37.36 1.27
C UNK D 29 69.19 -37.83 2.73
N UNK D 30 68.28 -38.72 3.16
CA UNK D 30 68.32 -39.37 4.49
C UNK D 30 67.11 -40.29 4.66
N PRO E 29 56.07 -60.26 -9.85
CA PRO E 29 55.28 -59.80 -8.71
C PRO E 29 54.96 -60.94 -7.73
N ASP E 30 54.50 -60.56 -6.54
CA ASP E 30 54.22 -61.52 -5.47
C ASP E 30 52.71 -61.73 -5.26
N THR E 31 52.34 -62.92 -4.82
CA THR E 31 50.93 -63.28 -4.59
C THR E 31 50.45 -62.91 -3.18
N THR E 32 51.37 -62.94 -2.22
CA THR E 32 51.06 -62.58 -0.84
C THR E 32 50.76 -61.08 -0.70
N MET E 33 51.60 -60.26 -1.34
CA MET E 33 51.45 -58.80 -1.32
C MET E 33 50.10 -58.38 -1.93
N ILE E 34 49.67 -59.12 -2.95
CA ILE E 34 48.37 -58.93 -3.60
C ILE E 34 47.25 -59.03 -2.58
N GLN E 35 47.35 -60.03 -1.70
CA GLN E 35 46.38 -60.21 -0.63
C GLN E 35 46.37 -59.05 0.37
N LYS E 36 47.56 -58.62 0.79
CA LYS E 36 47.70 -57.42 1.63
C LYS E 36 47.01 -56.19 1.00
N LEU E 37 47.35 -55.93 -0.26
CA LEU E 37 46.83 -54.80 -1.01
C LEU E 37 45.31 -54.85 -1.15
N ILE E 38 44.77 -56.06 -1.33
CA ILE E 38 43.33 -56.26 -1.41
C ILE E 38 42.65 -56.12 -0.04
N ASP E 39 43.22 -56.78 0.97
CA ASP E 39 42.64 -56.76 2.32
C ASP E 39 42.80 -55.42 3.00
N GLU E 40 43.88 -54.72 2.68
CA GLU E 40 44.10 -53.35 3.15
C GLU E 40 43.17 -52.33 2.46
N HIS E 41 42.83 -52.60 1.19
CA HIS E 41 41.94 -51.73 0.41
C HIS E 41 40.55 -51.62 1.03
N ASN E 42 39.97 -50.42 0.98
CA ASN E 42 38.58 -50.21 1.35
C ASN E 42 37.86 -49.27 0.36
N PRO E 43 36.71 -49.71 -0.18
CA PRO E 43 35.94 -48.92 -1.12
C PRO E 43 34.87 -48.01 -0.51
N GLU E 44 34.63 -48.12 0.80
CA GLU E 44 33.62 -47.30 1.51
C GLU E 44 33.81 -45.77 1.36
N PRO E 45 35.08 -45.27 1.34
CA PRO E 45 35.21 -43.84 1.01
C PRO E 45 34.73 -43.54 -0.41
N LEU E 46 35.10 -44.42 -1.35
CA LEU E 46 34.80 -44.20 -2.77
C LEU E 46 33.36 -44.57 -3.17
N LEU E 47 32.65 -45.32 -2.33
CA LEU E 47 31.25 -45.62 -2.59
C LEU E 47 30.29 -44.63 -1.93
N LYS E 48 30.80 -43.94 -0.92
CA LYS E 48 30.06 -42.87 -0.21
C LYS E 48 29.15 -42.05 -1.14
N GLY E 49 29.76 -41.43 -2.14
CA GLY E 49 29.04 -40.59 -3.08
C GLY E 49 28.10 -41.35 -4.00
N VAL E 50 28.43 -42.61 -4.26
CA VAL E 50 27.60 -43.46 -5.12
C VAL E 50 26.30 -43.80 -4.41
N ARG E 51 26.38 -44.07 -3.12
CA ARG E 51 25.19 -44.40 -2.33
C ARG E 51 24.28 -43.16 -2.18
N TYR E 52 24.89 -41.98 -2.00
CA TYR E 52 24.10 -40.77 -1.93
C TYR E 52 23.47 -40.40 -3.28
N TYR E 53 24.21 -40.60 -4.37
CA TYR E 53 23.66 -40.40 -5.72
C TYR E 53 22.42 -41.28 -5.96
N MET E 54 22.33 -42.38 -5.23
CA MET E 54 21.24 -43.33 -5.40
C MET E 54 20.16 -43.19 -4.32
N CYS E 55 20.33 -42.20 -3.46
CA CYS E 55 19.47 -42.01 -2.30
C CYS E 55 19.53 -43.23 -1.38
N GLU E 56 20.75 -43.56 -0.96
CA GLU E 56 20.97 -44.51 0.11
C GLU E 56 21.77 -43.75 1.14
N ASN E 57 21.17 -42.71 1.70
CA ASN E 57 21.87 -41.85 2.64
C ASN E 57 21.97 -42.50 4.02
N ASP E 58 22.90 -42.03 4.84
CA ASP E 58 23.12 -42.61 6.18
C ASP E 58 21.87 -42.66 7.02
N ILE E 59 20.89 -41.83 6.69
CA ILE E 59 19.64 -41.79 7.40
C ILE E 59 18.88 -43.11 7.28
N GLU E 60 19.19 -43.91 6.27
CA GLU E 60 18.53 -45.19 6.10
C GLU E 60 18.86 -46.13 7.26
N LYS E 61 19.86 -45.75 8.06
CA LYS E 61 20.26 -46.52 9.25
C LYS E 61 19.55 -46.06 10.52
N LYS E 62 18.70 -45.04 10.39
CA LYS E 62 17.93 -44.53 11.52
C LYS E 62 16.91 -45.56 11.98
N ARG E 63 16.85 -45.80 13.28
CA ARG E 63 15.88 -46.73 13.84
C ARG E 63 15.39 -46.24 15.20
N ARG E 64 14.09 -46.36 15.44
CA ARG E 64 13.50 -45.86 16.66
C ARG E 64 13.63 -46.90 17.78
N THR E 65 14.43 -46.56 18.79
CA THR E 65 14.77 -47.51 19.84
C THR E 65 14.11 -47.16 21.17
N TYR E 66 14.32 -48.03 22.16
CA TYR E 66 13.87 -47.80 23.53
C TYR E 66 14.69 -48.69 24.46
N TYR E 67 14.48 -48.59 25.77
CA TYR E 67 15.25 -49.39 26.73
C TYR E 67 14.44 -50.44 27.49
N ASP E 68 15.06 -51.60 27.65
CA ASP E 68 14.44 -52.76 28.30
C ASP E 68 14.43 -52.65 29.83
N ALA E 69 14.27 -53.79 30.50
CA ALA E 69 14.31 -53.86 31.95
C ALA E 69 15.65 -53.29 32.45
N ALA E 70 16.72 -54.06 32.25
CA ALA E 70 18.09 -53.62 32.58
C ALA E 70 18.75 -52.90 31.40
N GLY E 71 18.11 -51.83 30.93
CA GLY E 71 18.70 -50.92 29.95
C GLY E 71 19.36 -51.58 28.75
N GLN E 72 18.66 -52.52 28.13
CA GLN E 72 19.09 -53.08 26.85
C GLN E 72 18.45 -52.32 25.68
N GLN E 73 19.27 -51.62 24.90
CA GLN E 73 18.73 -50.82 23.78
C GLN E 73 18.05 -51.72 22.75
N LEU E 74 16.82 -51.36 22.39
CA LEU E 74 15.98 -52.20 21.55
C LEU E 74 15.11 -51.39 20.59
N VAL E 75 14.95 -51.92 19.38
CA VAL E 75 14.03 -51.33 18.39
C VAL E 75 12.60 -51.58 18.87
N ASP E 76 11.71 -50.58 18.75
CA ASP E 76 10.32 -50.84 19.13
C ASP E 76 9.33 -50.82 17.97
N ASP E 77 8.63 -51.94 17.82
CA ASP E 77 7.71 -52.19 16.71
C ASP E 77 6.48 -51.31 16.76
N THR E 78 6.27 -50.65 17.90
CA THR E 78 5.14 -49.76 18.13
C THR E 78 5.08 -48.61 17.11
N LYS E 79 6.22 -47.96 16.90
CA LYS E 79 6.28 -46.72 16.13
C LYS E 79 6.81 -46.93 14.72
N THR E 80 6.29 -46.16 13.77
CA THR E 80 6.77 -46.19 12.40
C THR E 80 8.09 -45.46 12.37
N ASN E 81 9.04 -45.99 11.62
CA ASN E 81 10.38 -45.41 11.59
C ASN E 81 10.71 -44.78 10.22
N ASN E 82 10.09 -43.65 9.94
CA ASN E 82 10.32 -42.99 8.66
C ASN E 82 11.78 -42.58 8.51
N ARG E 83 12.42 -43.05 7.45
CA ARG E 83 13.73 -42.49 7.07
C ARG E 83 13.77 -42.07 5.61
N THR E 84 13.68 -40.75 5.44
CA THR E 84 13.57 -40.10 4.15
C THR E 84 14.96 -39.62 3.73
N SER E 85 15.41 -40.07 2.55
CA SER E 85 16.73 -39.69 2.05
C SER E 85 16.62 -38.87 0.78
N HIS E 86 17.30 -37.73 0.76
CA HIS E 86 17.08 -36.70 -0.27
C HIS E 86 18.04 -36.75 -1.45
N ALA E 87 17.49 -36.59 -2.64
CA ALA E 87 18.25 -36.74 -3.86
C ALA E 87 19.06 -35.51 -4.22
N TRP E 88 19.51 -34.76 -3.22
CA TRP E 88 20.20 -33.48 -3.43
C TRP E 88 21.51 -33.63 -4.16
N HIS E 89 22.28 -34.66 -3.76
CA HIS E 89 23.60 -34.91 -4.32
C HIS E 89 23.52 -35.32 -5.77
N LYS E 90 22.61 -36.22 -6.09
CA LYS E 90 22.42 -36.63 -7.47
C LYS E 90 22.08 -35.42 -8.34
N LEU E 91 21.24 -34.53 -7.81
CA LEU E 91 20.80 -33.36 -8.52
C LEU E 91 22.00 -32.48 -8.91
N PHE E 92 22.87 -32.23 -7.94
CA PHE E 92 24.04 -31.36 -8.15
C PHE E 92 25.00 -31.97 -9.15
N VAL E 93 25.27 -33.27 -8.99
CA VAL E 93 26.17 -34.01 -9.87
C VAL E 93 25.71 -33.98 -11.30
N ASP E 94 24.46 -34.40 -11.52
CA ASP E 94 23.82 -34.29 -12.81
C ASP E 94 23.96 -32.92 -13.44
N GLN E 95 23.84 -31.89 -12.61
CA GLN E 95 23.94 -30.51 -13.05
C GLN E 95 25.37 -30.15 -13.47
N LYS E 96 26.35 -30.62 -12.70
CA LYS E 96 27.75 -30.40 -13.04
C LYS E 96 28.11 -31.17 -14.32
N THR E 97 27.79 -32.47 -14.35
CA THR E 97 28.07 -33.31 -15.51
C THR E 97 27.63 -32.57 -16.77
N GLN E 98 26.32 -32.43 -16.92
CA GLN E 98 25.71 -31.84 -18.11
C GLN E 98 26.24 -30.46 -18.48
N TYR E 99 26.74 -29.73 -17.49
CA TYR E 99 27.24 -28.39 -17.72
C TYR E 99 28.54 -28.48 -18.50
N LEU E 100 29.40 -29.40 -18.06
CA LEU E 100 30.72 -29.58 -18.66
C LEU E 100 30.66 -30.35 -19.97
N VAL E 101 29.96 -31.47 -19.96
CA VAL E 101 30.12 -32.49 -20.98
C VAL E 101 28.83 -32.77 -21.76
N GLY E 102 27.70 -32.27 -21.26
CA GLY E 102 26.41 -32.43 -21.92
C GLY E 102 26.43 -32.06 -23.39
N GLU E 103 27.21 -31.03 -23.73
CA GLU E 103 27.54 -30.76 -25.12
C GLU E 103 28.88 -31.41 -25.44
N PRO E 104 28.94 -32.16 -26.56
CA PRO E 104 30.14 -32.92 -26.93
C PRO E 104 31.38 -32.04 -27.15
N VAL E 105 32.52 -32.51 -26.66
CA VAL E 105 33.81 -31.83 -26.83
C VAL E 105 34.26 -31.73 -28.31
N THR E 106 34.61 -30.53 -28.73
CA THR E 106 35.07 -30.27 -30.10
C THR E 106 36.59 -30.20 -30.14
N PHE E 107 37.17 -30.65 -31.25
CA PHE E 107 38.62 -30.70 -31.42
C PHE E 107 39.10 -29.93 -32.64
N THR E 108 40.23 -29.25 -32.49
CA THR E 108 40.83 -28.48 -33.58
C THR E 108 42.34 -28.65 -33.63
N SER E 109 42.86 -28.82 -34.84
CA SER E 109 44.28 -28.83 -35.11
C SER E 109 44.52 -28.37 -36.53
N ASP E 110 45.79 -28.10 -36.86
CA ASP E 110 46.18 -27.80 -38.23
C ASP E 110 46.60 -29.07 -38.96
N ASN E 111 47.02 -30.07 -38.20
CA ASN E 111 47.30 -31.40 -38.72
C ASN E 111 45.99 -32.14 -39.02
N LYS E 112 45.62 -32.16 -40.30
CA LYS E 112 44.28 -32.62 -40.72
C LYS E 112 44.06 -34.13 -40.67
N THR E 113 45.13 -34.90 -40.91
CA THR E 113 45.05 -36.35 -40.80
C THR E 113 44.78 -36.76 -39.36
N LEU E 114 45.49 -36.14 -38.42
CA LEU E 114 45.28 -36.34 -36.98
C LEU E 114 43.85 -36.00 -36.59
N LEU E 115 43.39 -34.82 -37.03
CA LEU E 115 42.04 -34.33 -36.76
C LEU E 115 40.95 -35.29 -37.22
N GLU E 116 41.17 -35.94 -38.36
CA GLU E 116 40.26 -36.97 -38.89
C GLU E 116 40.19 -38.18 -37.98
N TYR E 117 41.38 -38.70 -37.60
CA TYR E 117 41.49 -39.90 -36.77
C TYR E 117 40.92 -39.72 -35.37
N VAL E 118 41.07 -38.51 -34.83
CA VAL E 118 40.50 -38.16 -33.53
C VAL E 118 38.97 -38.14 -33.60
N ASN E 119 38.44 -37.42 -34.59
CA ASN E 119 36.99 -37.32 -34.81
C ASN E 119 36.30 -38.68 -35.00
N GLU E 120 36.91 -39.51 -35.84
CA GLU E 120 36.47 -40.88 -36.09
C GLU E 120 36.34 -41.69 -34.79
N LEU E 121 37.30 -41.48 -33.89
CA LEU E 121 37.37 -42.18 -32.60
C LEU E 121 36.39 -41.59 -31.59
N ALA E 122 36.30 -40.25 -31.59
CA ALA E 122 35.71 -39.53 -30.49
C ALA E 122 34.74 -38.47 -30.97
N ASP E 123 33.49 -38.88 -31.19
CA ASP E 123 32.41 -37.91 -31.34
C ASP E 123 31.00 -38.48 -31.25
N ASP E 124 30.85 -39.72 -30.78
CA ASP E 124 29.51 -40.24 -30.45
C ASP E 124 29.38 -41.12 -29.19
N ASP E 125 30.02 -42.29 -29.21
CA ASP E 125 30.04 -43.19 -28.06
C ASP E 125 31.00 -42.65 -27.00
N PHE E 126 31.96 -41.86 -27.46
CA PHE E 126 32.92 -41.18 -26.62
C PHE E 126 32.22 -40.16 -25.73
N ASP E 127 31.32 -39.39 -26.33
CA ASP E 127 30.53 -38.40 -25.62
C ASP E 127 29.81 -39.06 -24.43
N ASP E 128 29.03 -40.10 -24.72
CA ASP E 128 28.19 -40.76 -23.71
C ASP E 128 28.99 -41.39 -22.58
N ILE E 129 30.23 -41.79 -22.88
CA ILE E 129 31.09 -42.39 -21.86
C ILE E 129 31.72 -41.30 -20.99
N LEU E 130 32.18 -40.23 -21.62
CA LEU E 130 32.76 -39.11 -20.89
C LEU E 130 31.77 -38.54 -19.89
N ASN E 131 30.51 -38.45 -20.31
CA ASN E 131 29.40 -38.13 -19.40
C ASN E 131 29.39 -39.05 -18.18
N GLU E 132 29.47 -40.35 -18.44
CA GLU E 132 29.46 -41.32 -17.35
C GLU E 132 30.71 -41.19 -16.46
N THR E 133 31.76 -40.61 -17.01
CA THR E 133 33.04 -40.49 -16.30
C THR E 133 33.00 -39.34 -15.31
N VAL E 134 32.41 -38.23 -15.75
CA VAL E 134 32.30 -37.01 -14.93
C VAL E 134 31.43 -37.27 -13.71
N LYS E 135 30.23 -37.76 -13.98
CA LYS E 135 29.33 -38.27 -12.95
C LYS E 135 30.10 -39.23 -12.03
N ASN E 136 30.80 -40.19 -12.59
CA ASN E 136 31.57 -41.15 -11.81
C ASN E 136 32.67 -40.53 -10.95
N MET E 137 33.38 -39.56 -11.50
CA MET E 137 34.48 -38.94 -10.77
C MET E 137 33.95 -38.06 -9.65
N SER E 138 32.71 -37.58 -9.82
CA SER E 138 32.08 -36.71 -8.83
C SER E 138 31.58 -37.54 -7.66
N ASN E 139 31.07 -38.72 -7.94
CA ASN E 139 30.59 -39.61 -6.89
C ASN E 139 31.71 -40.29 -6.10
N LYS E 140 32.79 -40.63 -6.78
CA LYS E 140 33.85 -41.46 -6.18
C LYS E 140 35.05 -40.63 -5.72
N GLY E 141 35.33 -39.55 -6.44
CA GLY E 141 36.49 -38.71 -6.16
C GLY E 141 37.54 -38.84 -7.24
N ILE E 142 37.43 -39.92 -8.01
CA ILE E 142 38.35 -40.24 -9.09
C ILE E 142 37.76 -41.35 -9.95
N GLU E 143 38.01 -41.29 -11.26
CA GLU E 143 37.63 -42.37 -12.15
C GLU E 143 38.77 -42.66 -13.08
N TYR E 144 39.10 -43.95 -13.15
CA TYR E 144 40.11 -44.43 -14.06
C TYR E 144 39.45 -45.13 -15.25
N TRP E 145 39.98 -44.92 -16.44
CA TRP E 145 39.56 -45.75 -17.57
C TRP E 145 40.74 -46.27 -18.44
N HIS E 146 40.60 -47.51 -18.94
CA HIS E 146 41.73 -48.27 -19.50
C HIS E 146 41.72 -48.40 -21.02
N PRO E 147 42.82 -47.95 -21.67
CA PRO E 147 43.03 -48.11 -23.10
C PRO E 147 43.66 -49.46 -23.45
N PHE E 148 43.12 -50.12 -24.46
CA PHE E 148 43.54 -51.46 -24.86
C PHE E 148 43.17 -51.73 -26.31
N VAL E 149 43.97 -52.56 -26.96
CA VAL E 149 43.77 -52.91 -28.37
C VAL E 149 42.84 -54.11 -28.49
N ASP E 150 41.81 -53.96 -29.32
CA ASP E 150 40.73 -54.94 -29.49
C ASP E 150 41.22 -56.23 -30.14
N GLU E 151 40.38 -57.26 -30.06
CA GLU E 151 40.66 -58.55 -30.70
C GLU E 151 40.73 -58.42 -32.22
N GLU E 152 39.99 -57.44 -32.74
CA GLU E 152 40.01 -57.09 -34.17
C GLU E 152 41.22 -56.23 -34.57
N GLY E 153 41.96 -55.74 -33.57
CA GLY E 153 43.18 -54.97 -33.81
C GLY E 153 42.97 -53.46 -33.78
N GLU E 154 41.76 -53.02 -33.44
CA GLU E 154 41.45 -51.59 -33.36
C GLU E 154 41.65 -51.05 -31.93
N PHE E 155 41.72 -49.72 -31.82
CA PHE E 155 41.88 -49.05 -30.53
C PHE E 155 40.56 -48.95 -29.80
N ASP E 156 40.57 -49.31 -28.52
CA ASP E 156 39.37 -49.28 -27.71
C ASP E 156 39.67 -48.75 -26.31
N TYR E 157 38.60 -48.38 -25.59
CA TYR E 157 38.72 -47.86 -24.24
C TYR E 157 37.50 -48.28 -23.45
N VAL E 158 37.73 -48.67 -22.20
CA VAL E 158 36.67 -49.13 -21.32
C VAL E 158 36.91 -48.54 -19.94
N ILE E 159 35.83 -48.09 -19.31
CA ILE E 159 35.90 -47.51 -17.97
C ILE E 159 36.42 -48.55 -16.98
N PHE E 160 37.25 -48.12 -16.03
CA PHE E 160 37.85 -49.05 -15.08
C PHE E 160 37.59 -48.61 -13.64
N PRO E 161 36.38 -48.93 -13.14
CA PRO E 161 35.81 -48.42 -11.88
C PRO E 161 36.85 -48.26 -10.76
N ALA E 162 37.01 -47.03 -10.29
CA ALA E 162 38.10 -46.66 -9.39
C ALA E 162 38.09 -47.39 -8.06
N GLU E 163 36.91 -47.88 -7.68
CA GLU E 163 36.74 -48.60 -6.42
C GLU E 163 37.24 -50.04 -6.51
N GLU E 164 37.53 -50.50 -7.73
CA GLU E 164 38.15 -51.82 -7.94
C GLU E 164 39.66 -51.69 -8.12
N MET E 165 40.15 -50.47 -8.28
CA MET E 165 41.55 -50.20 -8.58
C MET E 165 42.39 -49.97 -7.34
N ILE E 166 43.69 -50.25 -7.46
CA ILE E 166 44.68 -50.02 -6.41
C ILE E 166 45.96 -49.52 -7.07
N VAL E 167 46.43 -48.34 -6.66
CA VAL E 167 47.53 -47.64 -7.35
C VAL E 167 48.70 -47.19 -6.43
N VAL E 168 49.91 -47.67 -6.73
CA VAL E 168 51.15 -47.21 -6.08
C VAL E 168 52.24 -46.96 -7.12
N TYR E 169 52.95 -45.84 -6.98
CA TYR E 169 54.06 -45.47 -7.86
C TYR E 169 55.30 -45.09 -7.07
N TRP E 239 53.54 -49.80 -23.37
CA TRP E 239 53.25 -48.41 -23.67
C TRP E 239 54.33 -47.44 -23.21
N GLY E 240 55.20 -47.89 -22.31
CA GLY E 240 56.27 -47.06 -21.76
C GLY E 240 55.90 -46.51 -20.39
N ARG E 241 54.69 -45.96 -20.29
CA ARG E 241 54.13 -45.50 -19.03
C ARG E 241 53.10 -46.52 -18.52
N VAL E 242 52.76 -46.41 -17.24
CA VAL E 242 51.69 -47.22 -16.64
C VAL E 242 50.40 -47.07 -17.48
N PRO E 243 49.70 -48.19 -17.75
CA PRO E 243 48.66 -48.26 -18.78
C PRO E 243 47.23 -47.80 -18.40
N ILE E 244 47.07 -46.97 -17.37
CA ILE E 244 45.73 -46.50 -17.02
C ILE E 244 45.61 -44.97 -16.91
N ILE E 245 44.41 -44.46 -17.19
CA ILE E 245 44.19 -43.01 -17.27
C ILE E 245 43.33 -42.51 -16.11
N PRO E 246 43.95 -41.68 -15.22
CA PRO E 246 43.21 -41.02 -14.14
C PRO E 246 42.42 -39.77 -14.57
N PHE E 247 41.16 -39.70 -14.12
CA PHE E 247 40.36 -38.49 -14.21
C PHE E 247 40.04 -38.10 -12.79
N LYS E 248 40.83 -37.17 -12.25
CA LYS E 248 40.64 -36.70 -10.89
C LYS E 248 39.43 -35.77 -10.79
N ASN E 249 38.71 -35.86 -9.68
CA ASN E 249 37.65 -34.92 -9.37
C ASN E 249 38.22 -33.59 -8.83
N ASN E 250 39.11 -33.72 -7.84
CA ASN E 250 39.79 -32.59 -7.24
C ASN E 250 41.25 -32.95 -7.15
N GLU E 251 41.99 -32.22 -6.32
CA GLU E 251 43.37 -32.57 -6.03
C GLU E 251 43.39 -33.64 -4.97
N GLU E 252 42.43 -33.52 -4.05
CA GLU E 252 42.35 -34.42 -2.90
C GLU E 252 41.65 -35.74 -3.24
N MET E 253 41.07 -35.81 -4.45
CA MET E 253 40.41 -37.01 -4.97
C MET E 253 39.26 -37.51 -4.10
N VAL E 254 38.62 -36.56 -3.42
CA VAL E 254 37.37 -36.78 -2.70
C VAL E 254 36.18 -36.43 -3.58
N SER E 255 35.05 -37.05 -3.26
CA SER E 255 33.80 -36.82 -3.95
C SER E 255 33.30 -35.41 -3.66
N ASP E 256 32.43 -34.90 -4.52
CA ASP E 256 31.79 -33.62 -4.26
C ASP E 256 31.00 -33.68 -2.96
N LEU E 257 30.37 -34.83 -2.71
CA LEU E 257 29.61 -35.06 -1.49
C LEU E 257 30.35 -34.66 -0.21
N LYS E 258 31.68 -34.55 -0.30
CA LYS E 258 32.52 -34.31 0.87
C LYS E 258 32.26 -32.96 1.54
N PHE E 259 31.94 -31.97 0.72
CA PHE E 259 31.86 -30.61 1.22
C PHE E 259 30.45 -30.22 1.65
N TYR E 260 29.50 -31.15 1.50
CA TYR E 260 28.11 -30.91 1.90
C TYR E 260 27.33 -32.12 2.41
N LYS E 261 28.02 -33.20 2.77
CA LYS E 261 27.37 -34.40 3.32
C LYS E 261 26.71 -34.10 4.66
N ASP E 262 27.36 -33.27 5.47
CA ASP E 262 26.81 -32.81 6.74
C ASP E 262 25.44 -32.16 6.57
N LEU E 263 25.29 -31.35 5.53
CA LEU E 263 24.02 -30.70 5.25
C LEU E 263 22.94 -31.69 4.82
N ILE E 264 23.22 -32.49 3.78
CA ILE E 264 22.23 -33.47 3.32
C ILE E 264 21.78 -34.35 4.47
N ASP E 265 22.73 -34.74 5.31
CA ASP E 265 22.40 -35.57 6.46
C ASP E 265 21.44 -34.87 7.39
N ASN E 266 21.74 -33.61 7.66
CA ASN E 266 20.91 -32.77 8.51
C ASN E 266 19.51 -32.61 7.95
N TYR E 267 19.44 -32.31 6.65
CA TYR E 267 18.18 -32.16 5.94
C TYR E 267 17.34 -33.43 6.06
N ASP E 268 17.99 -34.57 5.91
CA ASP E 268 17.31 -35.86 6.03
C ASP E 268 16.81 -36.10 7.43
N SER E 269 17.61 -35.70 8.42
CA SER E 269 17.33 -35.94 9.83
C SER E 269 16.07 -35.21 10.23
N ILE E 270 16.01 -33.93 9.87
CA ILE E 270 14.90 -33.08 10.21
C ILE E 270 13.59 -33.60 9.60
N THR E 271 13.66 -33.97 8.33
CA THR E 271 12.48 -34.36 7.55
C THR E 271 11.92 -35.70 8.00
N SER E 272 12.80 -36.56 8.47
CA SER E 272 12.36 -37.84 8.97
C SER E 272 11.78 -37.71 10.35
N SER E 273 12.38 -36.81 11.14
CA SER E 273 11.90 -36.52 12.50
C SER E 273 10.48 -35.93 12.48
N THR E 274 10.27 -34.99 11.56
CA THR E 274 8.97 -34.35 11.36
C THR E 274 7.95 -35.34 10.87
N MET E 275 8.41 -36.30 10.07
CA MET E 275 7.54 -37.35 9.56
C MET E 275 7.06 -38.29 10.65
N ASP E 276 7.96 -38.64 11.57
CA ASP E 276 7.59 -39.45 12.72
C ASP E 276 6.53 -38.75 13.53
N SER E 277 6.68 -37.42 13.66
CA SER E 277 5.75 -36.61 14.43
C SER E 277 4.37 -36.67 13.82
N PHE E 278 4.31 -36.59 12.49
CA PHE E 278 3.04 -36.70 11.78
C PHE E 278 2.38 -38.05 12.03
N SER E 279 3.19 -39.09 12.04
CA SER E 279 2.75 -40.44 12.24
C SER E 279 2.23 -40.64 13.67
N ASP E 280 2.97 -40.12 14.65
CA ASP E 280 2.61 -40.28 16.07
C ASP E 280 1.37 -39.52 16.44
N PHE E 281 1.23 -38.33 15.88
CA PHE E 281 0.05 -37.50 16.09
C PHE E 281 -1.27 -38.27 15.95
N GLN E 282 -1.25 -39.38 15.20
CA GLN E 282 -2.45 -40.18 14.95
C GLN E 282 -2.81 -41.04 16.15
N GLN E 283 -1.83 -41.44 16.94
CA GLN E 283 -2.07 -42.30 18.11
C GLN E 283 -2.23 -41.55 19.44
N ILE E 284 -3.49 -41.24 19.76
CA ILE E 284 -3.86 -40.43 20.93
C ILE E 284 -3.60 -41.22 22.20
N VAL E 285 -2.99 -40.58 23.19
CA VAL E 285 -2.70 -41.20 24.48
C VAL E 285 -3.61 -40.60 25.54
N TYR E 286 -4.35 -41.46 26.23
CA TYR E 286 -5.34 -41.01 27.23
C TYR E 286 -4.82 -41.12 28.67
N VAL E 287 -5.02 -40.06 29.44
CA VAL E 287 -4.68 -40.05 30.85
C VAL E 287 -5.98 -40.18 31.65
N LEU E 288 -6.08 -41.28 32.38
CA LEU E 288 -7.32 -41.60 33.10
C LEU E 288 -7.23 -41.30 34.61
N LYS E 289 -7.82 -40.17 34.99
CA LYS E 289 -7.81 -39.69 36.38
C LYS E 289 -9.10 -40.08 37.08
N ASN E 290 -8.94 -40.80 38.20
CA ASN E 290 -10.05 -41.34 38.99
C ASN E 290 -11.07 -42.10 38.12
N TYR E 291 -10.58 -43.12 37.43
CA TYR E 291 -11.39 -43.92 36.50
C TYR E 291 -12.49 -44.74 37.18
N ASP E 292 -13.70 -44.69 36.62
CA ASP E 292 -14.91 -45.28 37.20
C ASP E 292 -14.94 -46.82 37.24
N GLY E 293 -14.67 -47.44 36.09
CA GLY E 293 -14.74 -48.91 35.96
C GLY E 293 -13.62 -49.67 36.65
N GLU E 294 -13.95 -50.83 37.20
CA GLU E 294 -12.94 -51.70 37.81
C GLU E 294 -12.25 -52.56 36.74
N ASN E 295 -13.03 -53.02 35.74
CA ASN E 295 -12.51 -53.86 34.65
C ASN E 295 -11.68 -53.08 33.62
N PRO E 296 -10.56 -53.67 33.16
CA PRO E 296 -9.70 -53.05 32.14
C PRO E 296 -10.23 -53.28 30.73
N LYS E 297 -10.92 -54.42 30.57
CA LYS E 297 -11.59 -54.81 29.33
C LYS E 297 -12.63 -53.76 28.93
N GLU E 298 -13.52 -53.46 29.89
CA GLU E 298 -14.58 -52.47 29.72
C GLU E 298 -14.13 -51.17 29.02
N PHE E 299 -12.96 -50.67 29.38
CA PHE E 299 -12.50 -49.41 28.81
C PHE E 299 -12.28 -49.44 27.30
N THR E 300 -11.42 -50.35 26.84
CA THR E 300 -10.94 -50.39 25.44
C THR E 300 -12.10 -50.67 24.49
N ALA E 301 -13.03 -51.52 24.95
CA ALA E 301 -14.25 -51.83 24.23
C ALA E 301 -15.22 -50.65 24.24
N ASN E 302 -15.51 -50.15 25.44
CA ASN E 302 -16.51 -49.11 25.62
C ASN E 302 -16.22 -47.83 24.86
N LEU E 303 -14.94 -47.53 24.69
CA LEU E 303 -14.50 -46.37 23.91
C LEU E 303 -14.50 -46.66 22.41
N ARG E 304 -14.11 -47.88 22.05
CA ARG E 304 -13.93 -48.24 20.65
C ARG E 304 -15.27 -48.46 19.96
N TYR E 305 -16.25 -49.01 20.68
CA TYR E 305 -17.55 -49.37 20.11
C TYR E 305 -18.70 -48.45 20.48
N HIS E 306 -18.54 -47.73 21.59
CA HIS E 306 -19.46 -46.65 21.95
C HIS E 306 -18.65 -45.39 22.18
N SER E 307 -19.29 -44.23 22.08
CA SER E 307 -18.54 -42.99 22.12
C SER E 307 -18.06 -42.66 23.53
N VAL E 308 -18.35 -43.54 24.50
CA VAL E 308 -18.30 -43.16 25.91
C VAL E 308 -17.09 -43.64 26.72
N ILE E 309 -16.58 -42.74 27.56
CA ILE E 309 -15.68 -43.09 28.65
C ILE E 309 -16.34 -42.66 29.95
N LYS E 310 -16.49 -43.60 30.88
CA LYS E 310 -17.16 -43.35 32.15
C LYS E 310 -16.16 -43.00 33.24
N VAL E 311 -16.43 -41.92 33.97
CA VAL E 311 -15.55 -41.41 35.01
C VAL E 311 -16.35 -40.96 36.23
N SER E 312 -15.89 -41.38 37.41
CA SER E 312 -16.47 -40.95 38.68
C SER E 312 -15.48 -40.10 39.51
N GLY E 313 -15.75 -39.97 40.80
CA GLY E 313 -14.94 -39.12 41.68
C GLY E 313 -15.02 -37.70 41.17
N ASP E 314 -13.90 -36.98 41.20
CA ASP E 314 -13.82 -35.63 40.62
C ASP E 314 -12.86 -35.60 39.43
N GLY E 315 -12.59 -36.79 38.86
CA GLY E 315 -11.58 -36.94 37.82
C GLY E 315 -11.98 -36.50 36.43
N GLY E 316 -11.53 -37.26 35.43
CA GLY E 316 -11.80 -36.96 34.03
C GLY E 316 -10.82 -37.62 33.09
N VAL E 317 -10.79 -37.13 31.84
CA VAL E 317 -9.90 -37.66 30.84
C VAL E 317 -9.16 -36.52 30.15
N ASP E 318 -7.83 -36.56 30.25
CA ASP E 318 -6.96 -35.69 29.49
C ASP E 318 -6.37 -36.52 28.37
N THR E 319 -6.17 -35.89 27.22
CA THR E 319 -5.55 -36.57 26.09
C THR E 319 -4.17 -36.00 25.84
N LEU E 320 -3.22 -36.88 25.58
CA LEU E 320 -1.88 -36.46 25.23
C LEU E 320 -1.67 -36.69 23.76
N ARG E 321 -1.53 -35.60 23.01
CA ARG E 321 -1.26 -35.69 21.58
C ARG E 321 0.15 -35.18 21.29
N ALA E 322 0.80 -35.79 20.30
CA ALA E 322 2.14 -35.37 19.91
C ALA E 322 2.11 -33.98 19.28
N GLU E 323 3.13 -33.19 19.56
CA GLU E 323 3.30 -31.91 18.89
C GLU E 323 4.08 -32.22 17.61
N ILE E 324 3.74 -31.55 16.52
CA ILE E 324 4.45 -31.74 15.25
C ILE E 324 5.22 -30.45 15.00
N PRO E 325 6.56 -30.53 14.91
CA PRO E 325 7.37 -29.34 14.80
C PRO E 325 7.49 -28.77 13.39
N VAL E 326 6.40 -28.76 12.62
CA VAL E 326 6.45 -28.30 11.23
C VAL E 326 7.07 -26.92 11.06
N ASP E 327 6.70 -25.99 11.93
CA ASP E 327 7.07 -24.59 11.78
C ASP E 327 8.56 -24.33 11.92
N SER E 328 9.13 -24.77 13.04
CA SER E 328 10.55 -24.61 13.30
C SER E 328 11.32 -25.37 12.24
N ALA E 329 10.91 -26.61 12.00
CA ALA E 329 11.53 -27.46 11.01
C ALA E 329 11.60 -26.72 9.70
N ALA E 330 10.46 -26.17 9.28
CA ALA E 330 10.32 -25.52 8.00
C ALA E 330 11.29 -24.38 7.89
N LYS E 331 11.45 -23.66 9.01
CA LYS E 331 12.32 -22.51 9.06
C LYS E 331 13.80 -22.91 9.02
N GLU E 332 14.15 -24.02 9.65
CA GLU E 332 15.53 -24.49 9.61
C GLU E 332 15.83 -24.98 8.23
N LEU E 333 14.99 -25.91 7.74
CA LEU E 333 15.13 -26.49 6.39
C LEU E 333 15.37 -25.47 5.28
N GLU E 334 14.79 -24.29 5.43
CA GLU E 334 14.91 -23.22 4.47
C GLU E 334 16.35 -22.76 4.37
N ARG E 335 17.01 -22.58 5.51
CA ARG E 335 18.40 -22.13 5.54
C ARG E 335 19.29 -23.22 4.96
N ILE E 336 19.18 -24.41 5.53
CA ILE E 336 19.97 -25.56 5.09
C ILE E 336 19.97 -25.67 3.57
N GLN E 337 18.79 -25.48 2.98
CA GLN E 337 18.61 -25.56 1.54
C GLN E 337 19.41 -24.51 0.80
N ASP E 338 19.41 -23.30 1.33
CA ASP E 338 20.18 -22.23 0.72
C ASP E 338 21.67 -22.53 0.80
N GLU E 339 22.13 -22.92 1.99
CA GLU E 339 23.54 -23.25 2.21
C GLU E 339 23.94 -24.39 1.29
N LEU E 340 23.06 -25.38 1.20
CA LEU E 340 23.23 -26.58 0.37
C LEU E 340 23.62 -26.19 -1.05
N TYR E 341 22.94 -25.20 -1.63
CA TYR E 341 23.27 -24.73 -2.96
C TYR E 341 24.60 -24.02 -3.00
N LYS E 342 24.97 -23.38 -1.90
CA LYS E 342 26.23 -22.65 -1.83
C LYS E 342 27.39 -23.60 -1.63
N SER E 343 27.29 -24.45 -0.62
CA SER E 343 28.34 -25.42 -0.32
C SER E 343 28.60 -26.35 -1.49
N ALA E 344 27.62 -26.53 -2.37
CA ALA E 344 27.72 -27.45 -3.48
C ALA E 344 28.08 -26.77 -4.78
N GLN E 345 28.32 -25.47 -4.72
CA GLN E 345 28.53 -24.65 -5.92
C GLN E 345 27.56 -24.94 -7.06
N ALA E 346 26.27 -24.94 -6.73
CA ALA E 346 25.23 -25.28 -7.68
C ALA E 346 24.46 -24.06 -8.18
N VAL E 347 23.58 -24.27 -9.16
CA VAL E 347 22.65 -23.26 -9.61
C VAL E 347 21.26 -23.64 -9.14
N ASP E 348 20.56 -22.65 -8.58
CA ASP E 348 19.18 -22.82 -8.18
C ASP E 348 18.32 -22.01 -9.12
N ASN E 349 17.63 -22.66 -10.03
CA ASN E 349 16.71 -21.91 -10.89
C ASN E 349 15.24 -22.05 -10.53
N SER E 350 14.97 -22.05 -9.22
CA SER E 350 13.65 -21.74 -8.68
C SER E 350 13.24 -20.34 -9.18
N PRO E 351 11.95 -20.00 -9.09
CA PRO E 351 11.57 -18.72 -9.72
C PRO E 351 11.83 -17.49 -8.82
N GLU E 352 12.41 -16.44 -9.40
CA GLU E 352 12.77 -15.30 -8.57
C GLU E 352 11.59 -14.41 -8.16
N THR E 353 11.24 -14.53 -6.87
CA THR E 353 10.34 -13.60 -6.19
C THR E 353 10.64 -12.18 -6.65
N ILE E 354 11.92 -11.79 -6.55
CA ILE E 354 12.34 -10.45 -6.98
C ILE E 354 12.31 -10.33 -8.50
N GLY E 355 11.66 -9.27 -8.95
CA GLY E 355 11.56 -8.94 -10.36
C GLY E 355 12.84 -8.35 -10.93
N GLY E 356 13.95 -9.05 -10.75
CA GLY E 356 15.24 -8.66 -11.32
C GLY E 356 15.89 -9.69 -12.22
N GLY E 357 15.70 -10.97 -11.88
CA GLY E 357 16.44 -12.10 -12.47
C GLY E 357 16.51 -12.34 -13.97
N ALA E 358 16.02 -11.41 -14.77
CA ALA E 358 16.11 -11.53 -16.21
C ALA E 358 17.43 -10.99 -16.75
N THR E 359 17.95 -9.93 -16.15
CA THR E 359 19.05 -9.15 -16.73
C THR E 359 20.39 -9.88 -16.80
N GLY E 360 21.26 -9.42 -17.69
CA GLY E 360 22.60 -9.96 -17.88
C GLY E 360 23.36 -10.28 -16.61
N PRO E 361 23.59 -9.28 -15.75
CA PRO E 361 24.32 -9.52 -14.51
C PRO E 361 23.55 -10.45 -13.59
N ALA E 362 22.21 -10.36 -13.63
CA ALA E 362 21.37 -11.15 -12.74
C ALA E 362 21.53 -12.63 -13.02
N LEU E 363 21.70 -12.97 -14.30
CA LEU E 363 21.88 -14.35 -14.72
C LEU E 363 23.31 -14.80 -14.50
N GLU E 364 24.24 -13.88 -14.68
CA GLU E 364 25.65 -14.12 -14.44
C GLU E 364 25.89 -14.49 -12.97
N LYS E 365 25.31 -13.70 -12.07
CA LYS E 365 25.36 -13.95 -10.62
C LYS E 365 24.79 -15.29 -10.22
N LEU E 366 23.83 -15.77 -10.99
CA LEU E 366 23.17 -17.04 -10.73
C LEU E 366 24.13 -18.21 -10.95
N TYR E 367 24.82 -18.18 -12.07
CA TYR E 367 25.72 -19.26 -12.45
C TYR E 367 27.09 -19.16 -11.81
N ALA E 368 27.37 -18.01 -11.21
CA ALA E 368 28.67 -17.69 -10.66
C ALA E 368 29.37 -18.85 -9.95
N LEU E 369 28.64 -19.54 -9.07
CA LEU E 369 29.23 -20.62 -8.28
C LEU E 369 29.48 -21.90 -9.06
N LEU E 370 28.55 -22.26 -9.92
CA LEU E 370 28.73 -23.41 -10.79
C LEU E 370 29.88 -23.15 -11.75
N ASP E 371 29.93 -21.94 -12.32
CA ASP E 371 31.02 -21.52 -13.18
C ASP E 371 32.37 -21.67 -12.52
N LEU E 372 32.42 -21.49 -11.22
CA LEU E 372 33.63 -21.72 -10.44
C LEU E 372 33.96 -23.20 -10.48
N LYS E 373 32.98 -24.01 -10.12
CA LYS E 373 33.12 -25.46 -9.99
C LYS E 373 33.37 -26.08 -11.35
N ALA E 374 32.83 -25.46 -12.39
CA ALA E 374 33.01 -25.96 -13.74
C ALA E 374 34.46 -25.81 -14.19
N ASN E 375 35.07 -24.70 -13.80
CA ASN E 375 36.42 -24.37 -14.25
C ASN E 375 37.50 -25.31 -13.72
N MET E 376 37.45 -25.65 -12.42
CA MET E 376 38.34 -26.68 -11.86
C MET E 376 38.13 -28.02 -12.55
N ALA E 377 36.86 -28.41 -12.65
CA ALA E 377 36.49 -29.67 -13.26
C ALA E 377 37.03 -29.80 -14.69
N GLU E 378 36.95 -28.72 -15.47
CA GLU E 378 37.51 -28.77 -16.82
C GLU E 378 39.03 -28.98 -16.79
N ARG E 379 39.73 -28.21 -15.96
CA ARG E 379 41.19 -28.35 -15.81
C ARG E 379 41.57 -29.80 -15.54
N LYS E 380 40.87 -30.43 -14.61
CA LYS E 380 41.12 -31.81 -14.25
C LYS E 380 40.65 -32.79 -15.30
N ILE E 381 39.58 -32.44 -16.02
CA ILE E 381 39.11 -33.28 -17.11
C ILE E 381 40.08 -33.24 -18.27
N ARG E 382 40.56 -32.04 -18.58
CA ARG E 382 41.57 -31.84 -19.64
C ARG E 382 42.84 -32.63 -19.40
N ALA E 383 43.40 -32.50 -18.19
CA ALA E 383 44.59 -33.24 -17.76
C ALA E 383 44.50 -34.74 -18.09
N GLY E 384 43.40 -35.37 -17.67
CA GLY E 384 43.12 -36.76 -18.01
C GLY E 384 43.02 -36.97 -19.50
N LEU E 385 42.27 -36.10 -20.18
CA LEU E 385 42.00 -36.25 -21.61
C LEU E 385 43.23 -36.08 -22.50
N ARG E 386 44.16 -35.24 -22.07
CA ARG E 386 45.43 -35.07 -22.77
C ARG E 386 46.23 -36.38 -22.73
N LEU E 387 46.26 -36.99 -21.55
CA LEU E 387 46.92 -38.28 -21.37
C LEU E 387 46.25 -39.36 -22.21
N PHE E 388 44.92 -39.29 -22.31
CA PHE E 388 44.16 -40.19 -23.17
C PHE E 388 44.62 -40.11 -24.64
N PHE E 389 44.81 -38.89 -25.13
CA PHE E 389 45.22 -38.69 -26.52
C PHE E 389 46.71 -38.96 -26.77
N TRP E 390 47.49 -38.98 -25.69
CA TRP E 390 48.89 -39.45 -25.73
C TRP E 390 48.94 -40.94 -26.11
N PHE E 391 48.03 -41.71 -25.50
CA PHE E 391 47.93 -43.15 -25.71
C PHE E 391 47.42 -43.50 -27.10
N PHE E 392 46.45 -42.72 -27.58
CA PHE E 392 45.95 -42.87 -28.93
C PHE E 392 47.05 -42.57 -29.95
N ALA E 393 47.95 -41.66 -29.60
CA ALA E 393 49.09 -41.29 -30.46
C ALA E 393 50.10 -42.42 -30.57
N GLU E 394 50.37 -43.07 -29.44
CA GLU E 394 51.28 -44.21 -29.38
C GLU E 394 50.78 -45.35 -30.25
N TYR E 395 49.48 -45.62 -30.17
CA TYR E 395 48.82 -46.62 -31.00
C TYR E 395 48.98 -46.29 -32.47
N LEU E 396 48.82 -45.01 -32.82
CA LEU E 396 48.94 -44.55 -34.20
C LEU E 396 50.37 -44.63 -34.73
N ARG E 397 51.34 -44.37 -33.86
CA ARG E 397 52.76 -44.50 -34.15
C ARG E 397 53.12 -45.96 -34.48
N ASN E 398 52.61 -46.87 -33.66
CA ASN E 398 52.91 -48.30 -33.77
C ASN E 398 52.05 -49.02 -34.81
N THR E 399 50.82 -48.54 -35.01
CA THR E 399 49.93 -49.12 -36.02
C THR E 399 50.32 -48.64 -37.43
N GLY E 400 51.27 -47.70 -37.49
CA GLY E 400 51.80 -47.19 -38.75
C GLY E 400 50.87 -46.25 -39.50
N LYS E 401 50.07 -45.50 -38.75
CA LYS E 401 49.15 -44.53 -39.32
C LYS E 401 49.68 -43.10 -39.15
N GLY E 402 50.93 -42.98 -38.71
CA GLY E 402 51.60 -41.69 -38.55
C GLY E 402 52.10 -41.44 -37.15
N ASP E 403 53.03 -40.50 -37.02
CA ASP E 403 53.55 -40.06 -35.72
C ASP E 403 53.07 -38.64 -35.44
N PHE E 404 52.45 -38.44 -34.27
CA PHE E 404 51.83 -37.16 -33.93
C PHE E 404 52.21 -36.68 -32.54
N ASN E 405 52.06 -35.37 -32.31
CA ASN E 405 52.18 -34.79 -30.98
C ASN E 405 50.89 -34.05 -30.60
N PRO E 406 49.99 -34.73 -29.85
CA PRO E 406 48.70 -34.15 -29.49
C PRO E 406 48.88 -32.95 -28.57
N ASP E 407 49.80 -33.07 -27.61
CA ASP E 407 50.02 -32.05 -26.59
C ASP E 407 50.32 -30.66 -27.15
N LYS E 408 50.71 -30.61 -28.43
CA LYS E 408 51.09 -29.36 -29.07
C LYS E 408 50.29 -29.08 -30.35
N GLU E 409 49.81 -30.13 -31.00
CA GLU E 409 49.05 -29.99 -32.25
C GLU E 409 47.55 -29.84 -32.02
N LEU E 410 47.00 -30.71 -31.17
CA LEU E 410 45.55 -30.78 -30.92
C LEU E 410 45.08 -29.79 -29.86
N THR E 411 43.98 -29.10 -30.16
CA THR E 411 43.30 -28.22 -29.19
C THR E 411 41.90 -28.73 -28.86
N MET E 412 41.49 -28.57 -27.60
CA MET E 412 40.18 -29.05 -27.15
C MET E 412 39.22 -27.91 -26.85
N THR E 413 37.94 -28.12 -27.15
CA THR E 413 36.92 -27.10 -26.96
C THR E 413 35.70 -27.62 -26.22
N PHE E 414 35.54 -27.13 -24.99
CA PHE E 414 34.38 -27.44 -24.17
C PHE E 414 33.31 -26.39 -24.39
N THR E 415 32.06 -26.82 -24.39
CA THR E 415 30.94 -25.92 -24.59
C THR E 415 30.09 -25.89 -23.33
N ARG E 416 29.52 -24.74 -23.02
CA ARG E 416 28.71 -24.62 -21.80
C ARG E 416 27.29 -24.14 -22.04
N THR E 417 26.34 -24.99 -21.63
CA THR E 417 24.90 -24.70 -21.67
C THR E 417 24.50 -23.66 -20.62
N ARG E 418 24.66 -22.39 -20.98
CA ARG E 418 24.42 -21.31 -20.03
C ARG E 418 23.23 -20.44 -20.41
N ILE E 419 22.38 -20.17 -19.43
CA ILE E 419 21.17 -19.34 -19.64
C ILE E 419 21.57 -17.90 -19.93
N GLN E 420 20.98 -17.34 -20.98
CA GLN E 420 21.31 -15.97 -21.35
C GLN E 420 20.06 -15.19 -21.64
N ASN E 421 20.21 -13.88 -21.74
CA ASN E 421 19.13 -13.01 -22.16
C ASN E 421 19.36 -12.69 -23.62
N ASP E 422 19.04 -13.66 -24.47
CA ASP E 422 19.31 -13.54 -25.90
C ASP E 422 18.82 -12.23 -26.51
N SER E 423 17.68 -11.76 -26.03
CA SER E 423 17.06 -10.51 -26.50
C SER E 423 17.96 -9.30 -26.24
N GLU E 424 18.62 -9.32 -25.07
CA GLU E 424 19.43 -8.21 -24.56
C GLU E 424 20.72 -8.16 -25.34
N ILE E 425 21.37 -9.31 -25.51
CA ILE E 425 22.62 -9.39 -26.25
C ILE E 425 22.42 -8.88 -27.67
N VAL E 426 21.50 -9.48 -28.41
CA VAL E 426 21.17 -9.05 -29.76
C VAL E 426 21.19 -7.53 -29.89
N GLN E 427 20.48 -6.84 -29.00
CA GLN E 427 20.41 -5.37 -29.02
C GLN E 427 21.74 -4.69 -28.78
N SER E 428 22.43 -5.11 -27.71
CA SER E 428 23.78 -4.65 -27.40
C SER E 428 24.71 -4.83 -28.58
N LEU E 429 24.61 -5.98 -29.22
CA LEU E 429 25.40 -6.25 -30.40
C LEU E 429 25.05 -5.28 -31.51
N VAL E 430 23.78 -5.18 -31.89
CA VAL E 430 23.35 -4.24 -32.92
C VAL E 430 23.85 -2.84 -32.63
N GLN E 431 23.78 -2.47 -31.35
CA GLN E 431 24.17 -1.15 -30.88
C GLN E 431 25.67 -0.89 -31.06
N GLY E 432 26.48 -1.87 -30.66
CA GLY E 432 27.93 -1.81 -30.77
C GLY E 432 28.42 -1.68 -32.21
N VAL E 433 27.81 -2.45 -33.11
CA VAL E 433 28.10 -2.39 -34.55
C VAL E 433 27.72 -1.02 -35.08
N THR E 434 26.46 -0.65 -34.94
CA THR E 434 25.98 0.67 -35.35
C THR E 434 26.88 1.78 -34.81
N GLY E 435 27.25 1.68 -33.54
CA GLY E 435 28.14 2.64 -32.89
C GLY E 435 29.51 2.69 -33.53
N GLY E 436 29.97 1.54 -34.05
CA GLY E 436 31.27 1.44 -34.70
C GLY E 436 32.36 0.93 -33.77
N ILE E 437 31.95 0.30 -32.66
CA ILE E 437 32.89 -0.30 -31.72
C ILE E 437 33.05 -1.80 -31.95
N MET E 438 32.48 -2.29 -33.04
CA MET E 438 32.46 -3.71 -33.32
C MET E 438 32.37 -4.04 -34.79
N SER E 439 33.09 -5.09 -35.15
CA SER E 439 32.97 -5.69 -36.46
C SER E 439 31.70 -6.52 -36.48
N LYS E 440 31.06 -6.62 -37.64
CA LYS E 440 29.94 -7.54 -37.84
C LYS E 440 30.38 -9.00 -37.66
N GLU E 441 31.64 -9.30 -38.02
CA GLU E 441 32.27 -10.59 -37.79
C GLU E 441 32.17 -11.03 -36.34
N THR E 442 32.82 -10.27 -35.45
CA THR E 442 32.79 -10.54 -34.01
C THR E 442 31.35 -10.65 -33.52
N ALA E 443 30.49 -9.78 -34.04
CA ALA E 443 29.08 -9.74 -33.65
C ALA E 443 28.33 -11.00 -34.05
N VAL E 444 28.49 -11.43 -35.30
CA VAL E 444 27.85 -12.64 -35.80
C VAL E 444 28.26 -13.86 -34.96
N ALA E 445 29.54 -13.88 -34.57
CA ALA E 445 30.08 -14.96 -33.73
C ALA E 445 29.51 -14.95 -32.33
N ARG E 446 29.17 -13.75 -31.86
CA ARG E 446 28.61 -13.55 -30.52
C ARG E 446 27.09 -13.69 -30.47
N ASN E 447 26.42 -13.53 -31.62
CA ASN E 447 24.97 -13.68 -31.73
C ASN E 447 24.49 -15.03 -31.20
N PRO E 448 23.56 -15.03 -30.22
CA PRO E 448 23.06 -16.27 -29.62
C PRO E 448 22.23 -17.19 -30.54
N PHE E 449 21.74 -16.67 -31.67
CA PHE E 449 20.98 -17.49 -32.62
C PHE E 449 21.90 -18.14 -33.66
N VAL E 450 23.21 -17.92 -33.50
CA VAL E 450 24.21 -18.40 -34.44
C VAL E 450 24.93 -19.62 -33.89
N GLN E 451 24.89 -20.72 -34.64
CA GLN E 451 25.58 -21.94 -34.29
C GLN E 451 27.00 -21.93 -34.83
N ASP E 452 27.14 -21.84 -36.15
CA ASP E 452 28.44 -21.81 -36.83
C ASP E 452 28.66 -20.46 -37.50
N PRO E 453 29.60 -19.65 -36.96
CA PRO E 453 29.89 -18.28 -37.47
C PRO E 453 30.35 -18.26 -38.92
N GLU E 454 31.03 -19.32 -39.34
CA GLU E 454 31.52 -19.44 -40.72
C GLU E 454 30.38 -19.45 -41.72
N GLU E 455 29.39 -20.32 -41.51
CA GLU E 455 28.24 -20.46 -42.40
C GLU E 455 27.40 -19.19 -42.51
N GLU E 456 27.22 -18.52 -41.37
CA GLU E 456 26.40 -17.31 -41.29
C GLU E 456 27.08 -16.11 -41.94
N LEU E 457 28.35 -15.87 -41.60
CA LEU E 457 29.10 -14.76 -42.18
C LEU E 457 29.08 -14.85 -43.70
N ALA E 458 29.15 -16.09 -44.21
CA ALA E 458 29.08 -16.37 -45.64
C ALA E 458 27.67 -16.22 -46.21
N ARG E 459 26.67 -16.58 -45.39
CA ARG E 459 25.26 -16.47 -45.78
C ARG E 459 24.80 -15.02 -45.93
N ILE E 460 25.27 -14.17 -45.01
CA ILE E 460 24.95 -12.73 -45.00
C ILE E 460 25.61 -11.99 -46.17
N GLU E 461 26.77 -12.47 -46.61
CA GLU E 461 27.47 -11.92 -47.78
C GLU E 461 26.78 -12.27 -49.09
N GLU E 462 26.33 -13.53 -49.21
CA GLU E 462 25.61 -14.02 -50.38
C GLU E 462 24.22 -13.42 -50.51
N GLU E 463 23.67 -12.96 -49.38
CA GLU E 463 22.41 -12.25 -49.39
C GLU E 463 22.62 -10.86 -50.00
N MET E 464 23.65 -10.15 -49.54
CA MET E 464 23.96 -8.80 -49.99
C MET E 464 24.29 -8.75 -51.48
N ASN E 465 25.07 -9.71 -51.96
CA ASN E 465 25.41 -9.83 -53.38
C ASN E 465 24.18 -10.13 -54.25
N GLN E 466 23.09 -10.52 -53.60
CA GLN E 466 21.80 -10.70 -54.28
C GLN E 466 20.97 -9.41 -54.23
N TYR E 467 20.65 -8.92 -53.02
CA TYR E 467 19.82 -7.72 -52.87
C TYR E 467 20.57 -6.43 -53.24
N UNK F 1 55.25 -48.56 -11.34
CA UNK F 1 53.84 -48.48 -10.89
C UNK F 1 53.00 -49.62 -11.45
N UNK F 2 52.68 -50.59 -10.59
CA UNK F 2 51.68 -51.62 -10.90
C UNK F 2 50.26 -51.06 -10.63
N UNK F 3 49.25 -51.79 -11.10
CA UNK F 3 47.84 -51.43 -10.89
C UNK F 3 46.96 -52.68 -10.96
N UNK F 4 46.22 -52.95 -9.88
CA UNK F 4 45.43 -54.17 -9.76
C UNK F 4 43.92 -53.93 -9.67
N UNK F 5 43.16 -54.71 -10.42
CA UNK F 5 41.70 -54.66 -10.40
C UNK F 5 41.11 -55.90 -9.73
N UNK F 6 40.38 -55.70 -8.62
CA UNK F 6 39.78 -56.81 -7.88
C UNK F 6 38.32 -57.01 -8.28
N UNK F 7 38.10 -57.83 -9.30
CA UNK F 7 36.76 -58.18 -9.78
C UNK F 7 36.22 -59.44 -9.08
N UNK F 8 34.90 -59.59 -9.06
CA UNK F 8 34.27 -60.81 -8.52
C UNK F 8 32.97 -61.11 -9.29
N UNK F 9 32.99 -62.22 -10.02
CA UNK F 9 31.89 -62.61 -10.91
C UNK F 9 31.17 -63.89 -10.45
N UNK F 10 29.89 -63.75 -10.13
CA UNK F 10 29.03 -64.88 -9.76
C UNK F 10 28.48 -65.55 -11.03
N UNK F 11 28.72 -66.85 -11.14
CA UNK F 11 28.34 -67.62 -12.33
C UNK F 11 26.84 -67.97 -12.36
N UNK F 12 26.44 -68.77 -13.35
CA UNK F 12 25.06 -69.26 -13.46
C UNK F 12 24.66 -70.08 -12.24
N UNK F 13 25.68 -70.68 -11.59
CA UNK F 13 25.52 -71.46 -10.36
C UNK F 13 26.42 -70.93 -9.24
N UNK F 14 27.73 -71.04 -9.42
CA UNK F 14 28.72 -70.75 -8.38
C UNK F 14 29.03 -69.25 -8.22
N UNK F 15 30.24 -68.96 -7.74
CA UNK F 15 30.78 -67.59 -7.64
C UNK F 15 32.31 -67.60 -7.70
N UNK F 16 32.87 -66.99 -8.73
CA UNK F 16 34.32 -66.85 -8.88
C UNK F 16 34.80 -65.50 -8.31
N UNK F 17 36.11 -65.40 -8.07
CA UNK F 17 36.70 -64.16 -7.52
C UNK F 17 38.09 -63.85 -8.10
N UNK F 18 38.14 -63.54 -9.41
CA UNK F 18 39.39 -63.28 -10.13
C UNK F 18 40.02 -61.90 -9.83
N UNK F 19 41.15 -61.62 -10.47
CA UNK F 19 41.83 -60.32 -10.36
C UNK F 19 42.80 -60.09 -11.54
N UNK F 20 43.24 -58.85 -11.73
CA UNK F 20 44.16 -58.49 -12.83
C UNK F 20 45.24 -57.52 -12.35
N UNK F 21 46.45 -57.69 -12.87
CA UNK F 21 47.56 -56.78 -12.54
C UNK F 21 48.18 -56.15 -13.79
N UNK F 22 47.87 -54.87 -14.01
CA UNK F 22 48.35 -54.13 -15.17
C UNK F 22 49.74 -53.52 -14.94
N UNK F 23 50.69 -53.93 -15.76
CA UNK F 23 52.09 -53.51 -15.66
C UNK F 23 52.54 -52.76 -16.91
N UNK F 24 53.66 -52.04 -16.79
CA UNK F 24 54.22 -51.22 -17.88
C UNK F 24 54.38 -51.99 -19.20
N UNK F 25 54.59 -53.31 -19.09
CA UNK F 25 54.87 -54.18 -20.24
C UNK F 25 53.75 -55.19 -20.57
N UNK F 26 53.09 -55.73 -19.55
CA UNK F 26 52.02 -56.74 -19.73
C UNK F 26 50.88 -56.64 -18.70
N UNK F 27 49.98 -57.63 -18.67
CA UNK F 27 48.80 -57.61 -17.79
C UNK F 27 48.33 -59.01 -17.30
N UNK F 28 49.14 -59.62 -16.44
CA UNK F 28 48.86 -60.96 -15.88
C UNK F 28 47.57 -61.01 -15.05
N UNK F 29 46.77 -62.07 -15.23
CA UNK F 29 45.50 -62.25 -14.50
C UNK F 29 45.65 -62.98 -13.15
N UNK F 30 44.53 -63.45 -12.58
CA UNK F 30 44.49 -64.24 -11.33
C UNK F 30 43.06 -64.55 -10.92
N PRO G 29 22.52 -76.04 -23.93
CA PRO G 29 22.16 -75.44 -22.64
C PRO G 29 21.60 -76.47 -21.65
N ASP G 30 21.47 -76.07 -20.38
CA ASP G 30 20.99 -76.97 -19.33
C ASP G 30 19.61 -76.56 -18.83
N THR G 31 18.80 -77.54 -18.44
CA THR G 31 17.43 -77.29 -17.98
C THR G 31 17.37 -77.02 -16.47
N THR G 32 18.35 -77.51 -15.72
CA THR G 32 18.42 -77.26 -14.29
C THR G 32 18.85 -75.82 -14.00
N MET G 33 19.87 -75.37 -14.71
CA MET G 33 20.37 -74.00 -14.60
C MET G 33 19.25 -72.98 -14.90
N ILE G 34 18.41 -73.33 -15.88
CA ILE G 34 17.23 -72.54 -16.24
C ILE G 34 16.33 -72.32 -15.02
N GLN G 35 16.10 -73.40 -14.28
CA GLN G 35 15.31 -73.31 -13.05
C GLN G 35 15.96 -72.37 -12.02
N LYS G 36 17.28 -72.52 -11.81
CA LYS G 36 18.04 -71.62 -10.96
C LYS G 36 17.88 -70.15 -11.36
N LEU G 37 18.06 -69.89 -12.66
CA LEU G 37 17.96 -68.54 -13.21
C LEU G 37 16.57 -67.94 -13.03
N ILE G 38 15.54 -68.78 -13.16
CA ILE G 38 14.16 -68.36 -12.96
C ILE G 38 13.81 -68.13 -11.47
N ASP G 39 14.17 -69.08 -10.61
CA ASP G 39 13.87 -69.02 -9.18
C ASP G 39 14.74 -68.04 -8.43
N GLU G 40 15.86 -67.66 -9.04
CA GLU G 40 16.74 -66.62 -8.51
C GLU G 40 16.26 -65.22 -8.94
N HIS G 41 15.69 -65.14 -10.15
CA HIS G 41 15.15 -63.89 -10.70
C HIS G 41 14.03 -63.33 -9.85
N ASN G 42 14.02 -62.01 -9.69
CA ASN G 42 12.93 -61.31 -9.04
C ASN G 42 12.54 -60.03 -9.78
N PRO G 43 11.25 -59.90 -10.12
CA PRO G 43 10.75 -58.73 -10.84
C PRO G 43 10.31 -57.56 -9.96
N GLU G 44 10.30 -57.72 -8.64
CA GLU G 44 9.85 -56.64 -7.76
C GLU G 44 10.63 -55.32 -7.93
N PRO G 45 11.98 -55.38 -8.08
CA PRO G 45 12.68 -54.12 -8.37
C PRO G 45 12.18 -53.46 -9.65
N LEU G 46 11.90 -54.24 -10.68
CA LEU G 46 11.54 -53.67 -11.98
C LEU G 46 10.06 -53.31 -12.12
N LEU G 47 9.23 -53.88 -11.25
CA LEU G 47 7.79 -53.59 -11.26
C LEU G 47 7.41 -52.44 -10.34
N LYS G 48 8.29 -52.13 -9.39
CA LYS G 48 8.15 -50.97 -8.52
C LYS G 48 7.59 -49.74 -9.29
N GLY G 49 8.32 -49.28 -10.31
CA GLY G 49 7.94 -48.11 -11.08
C GLY G 49 6.60 -48.27 -11.78
N VAL G 50 6.32 -49.49 -12.25
CA VAL G 50 5.07 -49.80 -12.94
C VAL G 50 3.89 -49.68 -11.99
N ARG G 51 4.09 -50.10 -10.74
CA ARG G 51 3.06 -50.07 -9.72
C ARG G 51 2.74 -48.63 -9.35
N TYR G 52 3.79 -47.83 -9.17
CA TYR G 52 3.61 -46.42 -8.88
C TYR G 52 2.98 -45.65 -10.04
N TYR G 53 3.40 -45.96 -11.27
CA TYR G 53 2.80 -45.37 -12.46
C TYR G 53 1.29 -45.66 -12.52
N MET G 54 0.85 -46.68 -11.79
CA MET G 54 -0.55 -47.07 -11.81
C MET G 54 -1.32 -46.69 -10.53
N CYS G 55 -0.70 -45.84 -9.70
CA CYS G 55 -1.21 -45.54 -8.35
C CYS G 55 -1.49 -46.84 -7.60
N GLU G 56 -0.45 -47.67 -7.46
CA GLU G 56 -0.44 -48.76 -6.52
C GLU G 56 0.75 -48.49 -5.61
N ASN G 57 0.68 -47.40 -4.86
CA ASN G 57 1.78 -46.97 -4.01
C ASN G 57 1.83 -47.73 -2.68
N ASP G 58 3.01 -47.85 -2.09
CA ASP G 58 3.20 -48.68 -0.88
C ASP G 58 2.18 -48.42 0.21
N ILE G 59 1.65 -47.20 0.20
CA ILE G 59 0.68 -46.75 1.17
C ILE G 59 -0.62 -47.55 1.11
N GLU G 60 -0.82 -48.31 0.03
CA GLU G 60 -2.04 -49.11 -0.10
C GLU G 60 -2.01 -50.26 0.89
N LYS G 61 -0.83 -50.51 1.47
CA LYS G 61 -0.64 -51.53 2.51
C LYS G 61 -0.91 -50.99 3.94
N LYS G 62 -1.13 -49.68 4.03
CA LYS G 62 -1.46 -49.04 5.31
C LYS G 62 -2.73 -49.63 5.87
N ARG G 63 -2.73 -49.91 7.17
CA ARG G 63 -3.90 -50.44 7.86
C ARG G 63 -3.93 -49.93 9.29
N ARG G 64 -5.11 -49.57 9.78
CA ARG G 64 -5.24 -49.03 11.13
C ARG G 64 -5.34 -50.15 12.17
N THR G 65 -4.29 -50.28 12.98
CA THR G 65 -4.16 -51.42 13.89
C THR G 65 -4.41 -51.02 15.36
N TYR G 66 -4.46 -52.01 16.25
CA TYR G 66 -4.60 -51.82 17.69
C TYR G 66 -4.23 -53.12 18.40
N TYR G 67 -4.06 -53.09 19.72
CA TYR G 67 -3.60 -54.30 20.41
C TYR G 67 -4.68 -55.01 21.22
N ASP G 68 -4.61 -56.33 21.20
CA ASP G 68 -5.56 -57.19 21.91
C ASP G 68 -5.23 -57.30 23.40
N ALA G 69 -5.73 -58.37 24.03
CA ALA G 69 -5.47 -58.70 25.43
C ALA G 69 -3.96 -58.79 25.66
N ALA G 70 -3.38 -59.95 25.35
CA ALA G 70 -1.93 -60.16 25.44
C ALA G 70 -1.14 -59.61 24.22
N GLY G 71 -1.42 -58.35 23.85
CA GLY G 71 -0.63 -57.64 22.85
C GLY G 71 -0.55 -58.22 21.44
N GLN G 72 -1.67 -58.75 20.94
CA GLN G 72 -1.75 -59.17 19.54
C GLN G 72 -2.18 -58.04 18.60
N GLN G 73 -1.25 -57.57 17.77
CA GLN G 73 -1.53 -56.51 16.81
C GLN G 73 -2.66 -56.91 15.85
N LEU G 74 -3.70 -56.10 15.81
CA LEU G 74 -4.90 -56.44 15.05
C LEU G 74 -5.44 -55.20 14.34
N VAL G 75 -6.01 -55.41 13.15
CA VAL G 75 -6.69 -54.36 12.40
C VAL G 75 -8.01 -54.06 13.11
N ASP G 76 -8.40 -52.78 13.20
CA ASP G 76 -9.71 -52.54 13.83
C ASP G 76 -10.80 -52.01 12.90
N ASP G 77 -11.87 -52.82 12.79
CA ASP G 77 -13.04 -52.53 11.95
C ASP G 77 -13.70 -51.18 12.30
N THR G 78 -13.48 -50.73 13.54
CA THR G 78 -13.98 -49.46 14.04
C THR G 78 -13.73 -48.28 13.11
N LYS G 79 -12.48 -48.10 12.68
CA LYS G 79 -12.04 -46.88 12.00
C LYS G 79 -11.85 -47.04 10.51
N THR G 80 -12.09 -45.96 9.75
CA THR G 80 -11.85 -45.97 8.30
C THR G 80 -10.37 -45.84 8.00
N ASN G 81 -9.87 -46.73 7.16
CA ASN G 81 -8.45 -46.73 6.82
C ASN G 81 -8.20 -46.16 5.43
N ASN G 82 -8.22 -44.83 5.34
CA ASN G 82 -7.98 -44.17 4.07
C ASN G 82 -6.55 -44.40 3.65
N ARG G 83 -6.35 -44.86 2.41
CA ARG G 83 -5.01 -44.87 1.82
C ARG G 83 -4.97 -44.31 0.41
N THR G 84 -4.59 -43.03 0.36
CA THR G 84 -4.51 -42.24 -0.85
C THR G 84 -3.13 -42.42 -1.49
N SER G 85 -3.10 -42.78 -2.77
CA SER G 85 -1.84 -42.89 -3.51
C SER G 85 -1.79 -41.92 -4.70
N HIS G 86 -0.74 -41.12 -4.76
CA HIS G 86 -0.70 -39.96 -5.67
C HIS G 86 0.00 -40.19 -6.98
N ALA G 87 -0.63 -39.77 -8.08
CA ALA G 87 -0.14 -40.07 -9.42
C ALA G 87 1.09 -39.28 -9.81
N TRP G 88 1.97 -39.02 -8.84
CA TRP G 88 3.08 -38.10 -9.06
C TRP G 88 4.05 -38.64 -10.09
N HIS G 89 4.42 -39.90 -9.90
CA HIS G 89 5.41 -40.56 -10.73
C HIS G 89 4.96 -40.68 -12.17
N LYS G 90 3.69 -41.04 -12.35
CA LYS G 90 3.09 -41.15 -13.67
C LYS G 90 3.17 -39.83 -14.43
N LEU G 91 2.87 -38.74 -13.74
CA LEU G 91 2.90 -37.42 -14.33
C LEU G 91 4.30 -37.04 -14.82
N PHE G 92 5.30 -37.38 -14.02
CA PHE G 92 6.68 -37.08 -14.37
C PHE G 92 7.13 -37.89 -15.57
N VAL G 93 6.87 -39.20 -15.52
CA VAL G 93 7.19 -40.11 -16.61
C VAL G 93 6.56 -39.64 -17.91
N ASP G 94 5.23 -39.52 -17.92
CA ASP G 94 4.50 -38.99 -19.08
C ASP G 94 5.12 -37.73 -19.64
N GLN G 95 5.67 -36.89 -18.76
CA GLN G 95 6.25 -35.62 -19.16
C GLN G 95 7.60 -35.83 -19.83
N LYS G 96 8.41 -36.74 -19.29
CA LYS G 96 9.69 -37.09 -19.88
C LYS G 96 9.48 -37.76 -21.24
N THR G 97 8.62 -38.77 -21.26
CA THR G 97 8.31 -39.51 -22.48
C THR G 97 8.00 -38.53 -23.60
N GLN G 98 6.92 -37.78 -23.44
CA GLN G 98 6.43 -36.88 -24.46
C GLN G 98 7.45 -35.84 -24.88
N TYR G 99 8.33 -35.46 -23.97
CA TYR G 99 9.32 -34.43 -24.26
C TYR G 99 10.32 -34.94 -25.28
N LEU G 100 10.74 -36.18 -25.07
CA LEU G 100 11.77 -36.79 -25.90
C LEU G 100 11.19 -37.34 -27.19
N VAL G 101 10.07 -38.03 -27.08
CA VAL G 101 9.60 -38.90 -28.13
C VAL G 101 8.23 -38.50 -28.67
N GLY G 102 7.54 -37.60 -27.98
CA GLY G 102 6.21 -37.14 -28.42
C GLY G 102 6.16 -36.65 -29.85
N GLU G 103 7.22 -35.97 -30.28
CA GLU G 103 7.43 -35.67 -31.69
C GLU G 103 8.28 -36.79 -32.31
N PRO G 104 7.82 -37.34 -33.45
CA PRO G 104 8.50 -38.47 -34.08
C PRO G 104 9.93 -38.13 -34.49
N VAL G 105 10.83 -39.09 -34.27
CA VAL G 105 12.24 -38.94 -34.63
C VAL G 105 12.45 -38.81 -36.15
N THR G 106 13.32 -37.88 -36.53
CA THR G 106 13.63 -37.62 -37.93
C THR G 106 15.04 -38.09 -38.26
N PHE G 107 15.21 -38.63 -39.47
CA PHE G 107 16.48 -39.23 -39.87
C PHE G 107 17.04 -38.51 -41.08
N THR G 108 18.37 -38.48 -41.18
CA THR G 108 19.04 -37.92 -42.36
C THR G 108 20.31 -38.70 -42.73
N SER G 109 20.46 -38.96 -44.03
CA SER G 109 21.70 -39.53 -44.57
C SER G 109 21.87 -39.10 -46.01
N ASP G 110 23.08 -39.26 -46.54
CA ASP G 110 23.35 -38.99 -47.96
C ASP G 110 23.06 -40.21 -48.83
N ASN G 111 23.07 -41.39 -48.20
CA ASN G 111 22.68 -42.62 -48.86
C ASN G 111 21.15 -42.72 -48.90
N LYS G 112 20.58 -42.33 -50.04
CA LYS G 112 19.12 -42.18 -50.17
C LYS G 112 18.31 -43.48 -50.14
N THR G 113 18.90 -44.54 -50.69
CA THR G 113 18.28 -45.88 -50.68
C THR G 113 18.07 -46.35 -49.24
N LEU G 114 19.11 -46.20 -48.43
CA LEU G 114 19.05 -46.48 -46.99
C LEU G 114 18.00 -45.62 -46.32
N LEU G 115 18.03 -44.32 -46.63
CA LEU G 115 17.09 -43.36 -46.07
C LEU G 115 15.64 -43.73 -46.38
N GLU G 116 15.39 -44.19 -47.60
CA GLU G 116 14.07 -44.68 -48.00
C GLU G 116 13.62 -45.87 -47.14
N TYR G 117 14.47 -46.91 -47.10
CA TYR G 117 14.17 -48.14 -46.35
C TYR G 117 13.94 -47.90 -44.87
N VAL G 118 14.70 -46.96 -44.29
CA VAL G 118 14.56 -46.62 -42.88
C VAL G 118 13.22 -45.95 -42.61
N ASN G 119 12.91 -44.92 -43.40
CA ASN G 119 11.63 -44.20 -43.30
C ASN G 119 10.40 -45.09 -43.42
N GLU G 120 10.45 -46.00 -44.39
CA GLU G 120 9.42 -47.04 -44.60
C GLU G 120 9.14 -47.83 -43.31
N LEU G 121 10.21 -48.19 -42.59
CA LEU G 121 10.15 -49.01 -41.39
C LEU G 121 9.70 -48.24 -40.14
N ALA G 122 10.14 -46.99 -40.07
CA ALA G 122 10.08 -46.24 -38.83
C ALA G 122 9.59 -44.84 -39.04
N ASP G 123 8.29 -44.68 -39.25
CA ASP G 123 7.70 -43.35 -39.13
C ASP G 123 6.21 -43.24 -38.76
N ASP G 124 5.61 -44.35 -38.30
CA ASP G 124 4.27 -44.29 -37.69
C ASP G 124 4.03 -45.23 -36.49
N ASP G 125 4.04 -46.53 -36.72
CA ASP G 125 3.87 -47.52 -35.65
C ASP G 125 5.12 -47.58 -34.79
N PHE G 126 6.24 -47.18 -35.37
CA PHE G 126 7.51 -47.12 -34.69
C PHE G 126 7.46 -46.05 -33.62
N ASP G 127 6.90 -44.90 -33.99
CA ASP G 127 6.74 -43.79 -33.06
C ASP G 127 5.99 -44.26 -31.81
N ASP G 128 4.80 -44.83 -32.01
CA ASP G 128 3.90 -45.22 -30.91
C ASP G 128 4.45 -46.35 -30.04
N ILE G 129 5.43 -47.09 -30.55
CA ILE G 129 6.11 -48.13 -29.77
C ILE G 129 7.28 -47.53 -29.01
N LEU G 130 8.05 -46.65 -29.67
CA LEU G 130 9.14 -45.95 -29.01
C LEU G 130 8.64 -45.14 -27.80
N ASN G 131 7.46 -44.55 -27.94
CA ASN G 131 6.77 -43.88 -26.84
C ASN G 131 6.56 -44.81 -25.65
N GLU G 132 6.08 -46.01 -25.94
CA GLU G 132 5.82 -47.03 -24.93
C GLU G 132 7.11 -47.62 -24.37
N THR G 133 8.22 -47.40 -25.08
CA THR G 133 9.52 -47.89 -24.68
C THR G 133 10.11 -46.99 -23.60
N VAL G 134 10.01 -45.69 -23.83
CA VAL G 134 10.55 -44.67 -22.93
C VAL G 134 9.83 -44.70 -21.57
N LYS G 135 8.50 -44.59 -21.63
CA LYS G 135 7.61 -44.81 -20.50
C LYS G 135 8.02 -46.08 -19.75
N ASN G 136 8.06 -47.19 -20.47
CA ASN G 136 8.47 -48.47 -19.91
C ASN G 136 9.85 -48.49 -19.27
N MET G 137 10.82 -47.82 -19.91
CA MET G 137 12.18 -47.85 -19.42
C MET G 137 12.33 -46.99 -18.19
N SER G 138 11.42 -46.01 -18.07
CA SER G 138 11.42 -45.10 -16.92
C SER G 138 10.81 -45.76 -15.71
N ASN G 139 9.76 -46.54 -15.94
CA ASN G 139 9.13 -47.31 -14.88
C ASN G 139 10.02 -48.46 -14.41
N LYS G 140 10.66 -49.14 -15.34
CA LYS G 140 11.36 -50.38 -15.03
C LYS G 140 12.86 -50.19 -14.80
N GLY G 141 13.42 -49.17 -15.44
CA GLY G 141 14.87 -48.95 -15.38
C GLY G 141 15.60 -49.39 -16.62
N ILE G 142 14.93 -50.24 -17.41
CA ILE G 142 15.47 -50.77 -18.67
C ILE G 142 14.33 -51.39 -19.47
N GLU G 143 14.39 -51.24 -20.79
CA GLU G 143 13.45 -51.95 -21.63
C GLU G 143 14.15 -52.62 -22.80
N TYR G 144 13.91 -53.91 -22.91
CA TYR G 144 14.46 -54.71 -23.99
C TYR G 144 13.39 -54.89 -25.06
N TRP G 145 13.81 -54.81 -26.32
CA TRP G 145 12.90 -55.19 -27.38
C TRP G 145 13.59 -55.98 -28.48
N HIS G 146 12.85 -56.92 -29.08
CA HIS G 146 13.45 -57.99 -29.89
C HIS G 146 13.15 -57.90 -31.40
N PRO G 147 14.21 -57.94 -32.23
CA PRO G 147 14.12 -58.00 -33.68
C PRO G 147 14.08 -59.44 -34.23
N PHE G 148 13.16 -59.68 -35.16
CA PHE G 148 12.92 -61.01 -35.70
C PHE G 148 12.27 -60.91 -37.08
N VAL G 149 12.55 -61.87 -37.95
CA VAL G 149 11.98 -61.89 -39.31
C VAL G 149 10.59 -62.54 -39.31
N ASP G 150 9.64 -61.88 -39.98
CA ASP G 150 8.23 -62.27 -39.99
C ASP G 150 7.97 -63.58 -40.71
N GLU G 151 6.78 -64.14 -40.51
CA GLU G 151 6.36 -65.34 -41.25
C GLU G 151 6.28 -65.06 -42.75
N GLU G 152 5.93 -63.81 -43.09
CA GLU G 152 5.87 -63.35 -44.48
C GLU G 152 7.25 -62.98 -45.06
N GLY G 153 8.27 -62.97 -44.21
CA GLY G 153 9.65 -62.73 -44.65
C GLY G 153 10.16 -61.30 -44.50
N GLU G 154 9.35 -60.46 -43.85
CA GLU G 154 9.70 -59.06 -43.61
C GLU G 154 10.32 -58.84 -42.22
N PHE G 155 11.00 -57.70 -42.08
CA PHE G 155 11.58 -57.29 -40.80
C PHE G 155 10.53 -56.74 -39.85
N ASP G 156 10.59 -57.21 -38.60
CA ASP G 156 9.62 -56.85 -37.57
C ASP G 156 10.32 -56.77 -36.22
N TYR G 157 9.71 -56.01 -35.31
CA TYR G 157 10.25 -55.79 -33.97
C TYR G 157 9.10 -55.80 -32.99
N VAL G 158 9.32 -56.47 -31.86
CA VAL G 158 8.31 -56.54 -30.82
C VAL G 158 8.99 -56.27 -29.49
N ILE G 159 8.28 -55.57 -28.62
CA ILE G 159 8.75 -55.22 -27.29
C ILE G 159 8.90 -56.48 -26.42
N PHE G 160 9.97 -56.55 -25.64
CA PHE G 160 10.28 -57.76 -24.89
C PHE G 160 10.43 -57.44 -23.39
N PRO G 161 9.29 -57.30 -22.68
CA PRO G 161 9.20 -56.80 -21.31
C PRO G 161 10.39 -57.22 -20.45
N ALA G 162 11.16 -56.22 -19.99
CA ALA G 162 12.44 -56.46 -19.31
C ALA G 162 12.33 -57.29 -18.03
N GLU G 163 11.12 -57.30 -17.46
CA GLU G 163 10.84 -58.04 -16.24
C GLU G 163 10.61 -59.54 -16.47
N GLU G 164 10.52 -59.94 -17.73
CA GLU G 164 10.47 -61.35 -18.13
C GLU G 164 11.83 -61.87 -18.56
N MET G 165 12.75 -60.94 -18.79
CA MET G 165 14.08 -61.25 -19.32
C MET G 165 15.14 -61.50 -18.25
N ILE G 166 16.16 -62.28 -18.62
CA ILE G 166 17.29 -62.60 -17.74
C ILE G 166 18.56 -62.61 -18.61
N VAL G 167 19.54 -61.78 -18.26
CA VAL G 167 20.71 -61.56 -19.13
C VAL G 167 22.06 -61.75 -18.40
N VAL G 168 22.91 -62.61 -18.96
CA VAL G 168 24.31 -62.75 -18.52
C VAL G 168 25.25 -62.87 -19.72
N TYR G 169 26.38 -62.17 -19.65
CA TYR G 169 27.41 -62.20 -20.68
C TYR G 169 28.78 -62.38 -20.05
N TRP G 239 22.81 -63.89 -36.15
CA TRP G 239 23.05 -62.45 -36.31
C TRP G 239 24.51 -62.05 -36.02
N GLY G 240 25.22 -62.86 -35.25
CA GLY G 240 26.61 -62.58 -34.90
C GLY G 240 26.74 -62.17 -33.45
N ARG G 241 25.93 -61.21 -33.05
CA ARG G 241 25.83 -60.78 -31.65
C ARG G 241 24.56 -61.36 -31.04
N VAL G 242 24.44 -61.24 -29.72
CA VAL G 242 23.21 -61.62 -29.01
C VAL G 242 22.00 -60.84 -29.58
N PRO G 243 20.82 -61.49 -29.70
CA PRO G 243 19.71 -61.00 -30.53
C PRO G 243 18.67 -60.08 -29.88
N ILE G 244 19.00 -59.39 -28.78
CA ILE G 244 18.05 -58.46 -28.14
C ILE G 244 18.62 -57.05 -27.93
N ILE G 245 17.74 -56.04 -27.94
CA ILE G 245 18.16 -54.65 -27.88
C ILE G 245 17.80 -53.96 -26.56
N PRO G 246 18.83 -53.62 -25.74
CA PRO G 246 18.59 -52.87 -24.50
C PRO G 246 18.37 -51.37 -24.75
N PHE G 247 17.34 -50.81 -24.10
CA PHE G 247 17.18 -49.36 -23.96
C PHE G 247 17.31 -49.06 -22.47
N LYS G 248 18.49 -48.59 -22.08
CA LYS G 248 18.76 -48.27 -20.69
C LYS G 248 18.13 -46.95 -20.27
N ASN G 249 17.49 -46.95 -19.10
CA ASN G 249 17.02 -45.72 -18.49
C ASN G 249 18.20 -44.90 -18.00
N ASN G 250 19.10 -45.55 -17.24
CA ASN G 250 20.30 -44.92 -16.73
C ASN G 250 21.50 -45.80 -16.98
N GLU G 251 22.53 -45.61 -16.16
CA GLU G 251 23.65 -46.54 -16.14
C GLU G 251 23.39 -47.62 -15.10
N GLU G 252 22.72 -47.23 -14.03
CA GLU G 252 22.45 -48.15 -12.93
C GLU G 252 21.21 -48.96 -13.23
N MET G 253 20.54 -48.61 -14.32
CA MET G 253 19.33 -49.29 -14.79
C MET G 253 18.22 -49.38 -13.73
N VAL G 254 18.18 -48.35 -12.88
CA VAL G 254 17.08 -48.16 -11.94
C VAL G 254 16.00 -47.30 -12.59
N SER G 255 14.79 -47.42 -12.05
CA SER G 255 13.67 -46.58 -12.47
C SER G 255 13.90 -45.11 -12.08
N ASP G 256 13.09 -44.21 -12.64
CA ASP G 256 13.13 -42.79 -12.23
C ASP G 256 12.64 -42.64 -10.80
N LEU G 257 11.63 -43.45 -10.46
CA LEU G 257 11.08 -43.50 -9.11
C LEU G 257 12.15 -43.65 -8.03
N LYS G 258 13.30 -44.21 -8.40
CA LYS G 258 14.38 -44.48 -7.45
C LYS G 258 14.85 -43.24 -6.70
N PHE G 259 14.78 -42.09 -7.36
CA PHE G 259 15.33 -40.86 -6.81
C PHE G 259 14.31 -39.96 -6.10
N TYR G 260 13.06 -40.40 -6.05
CA TYR G 260 12.03 -39.65 -5.33
C TYR G 260 10.91 -40.49 -4.68
N LYS G 261 11.14 -41.79 -4.57
CA LYS G 261 10.13 -42.67 -3.99
C LYS G 261 9.89 -42.30 -2.54
N ASP G 262 10.95 -41.90 -1.84
CA ASP G 262 10.86 -41.44 -0.45
C ASP G 262 9.89 -40.27 -0.30
N LEU G 263 9.93 -39.36 -1.27
CA LEU G 263 9.07 -38.20 -1.23
C LEU G 263 7.63 -38.58 -1.49
N ILE G 264 7.37 -39.27 -2.61
CA ILE G 264 6.01 -39.70 -2.91
C ILE G 264 5.35 -40.42 -1.75
N ASP G 265 6.10 -41.28 -1.09
CA ASP G 265 5.60 -42.02 0.07
C ASP G 265 5.22 -41.09 1.22
N ASN G 266 6.13 -40.18 1.58
CA ASN G 266 5.84 -39.16 2.57
C ASN G 266 4.57 -38.42 2.22
N TYR G 267 4.50 -37.93 0.97
CA TYR G 267 3.34 -37.21 0.48
C TYR G 267 2.06 -37.98 0.69
N ASP G 268 2.09 -39.27 0.35
CA ASP G 268 0.96 -40.18 0.52
C ASP G 268 0.65 -40.43 1.98
N SER G 269 1.70 -40.54 2.81
CA SER G 269 1.55 -40.83 4.24
C SER G 269 0.75 -39.74 4.92
N ILE G 270 1.19 -38.51 4.71
CA ILE G 270 0.61 -37.33 5.32
C ILE G 270 -0.85 -37.17 4.96
N THR G 271 -1.16 -37.32 3.66
CA THR G 271 -2.49 -37.05 3.14
C THR G 271 -3.52 -38.02 3.66
N SER G 272 -3.07 -39.24 3.89
CA SER G 272 -3.94 -40.28 4.36
C SER G 272 -4.13 -40.18 5.86
N SER G 273 -3.10 -39.67 6.54
CA SER G 273 -3.21 -39.40 7.97
C SER G 273 -4.25 -38.32 8.21
N THR G 274 -4.15 -37.24 7.43
CA THR G 274 -5.06 -36.13 7.50
C THR G 274 -6.48 -36.58 7.19
N MET G 275 -6.60 -37.51 6.25
CA MET G 275 -7.89 -38.04 5.81
C MET G 275 -8.59 -38.86 6.88
N ASP G 276 -7.79 -39.59 7.66
CA ASP G 276 -8.30 -40.32 8.81
C ASP G 276 -8.80 -39.32 9.84
N SER G 277 -8.02 -38.27 10.03
CA SER G 277 -8.38 -37.22 10.92
C SER G 277 -9.74 -36.65 10.59
N PHE G 278 -9.98 -36.28 9.34
CA PHE G 278 -11.30 -35.80 8.93
C PHE G 278 -12.36 -36.85 9.23
N SER G 279 -12.01 -38.11 9.03
CA SER G 279 -12.94 -39.21 9.22
C SER G 279 -13.27 -39.41 10.70
N ASP G 280 -12.27 -39.30 11.58
CA ASP G 280 -12.49 -39.47 13.02
C ASP G 280 -13.17 -38.29 13.65
N PHE G 281 -12.96 -37.11 13.08
CA PHE G 281 -13.56 -35.90 13.61
C PHE G 281 -15.07 -36.07 13.77
N GLN G 282 -15.66 -36.91 12.92
CA GLN G 282 -17.10 -37.14 12.92
C GLN G 282 -17.59 -37.87 14.16
N GLN G 283 -16.83 -38.87 14.60
CA GLN G 283 -17.23 -39.67 15.76
C GLN G 283 -16.85 -39.04 17.09
N ILE G 284 -17.79 -38.29 17.66
CA ILE G 284 -17.61 -37.60 18.95
C ILE G 284 -17.47 -38.58 20.11
N VAL G 285 -16.48 -38.36 20.97
CA VAL G 285 -16.29 -39.19 22.16
C VAL G 285 -16.68 -38.42 23.41
N TYR G 286 -17.61 -38.97 24.20
CA TYR G 286 -18.11 -38.28 25.38
C TYR G 286 -17.45 -38.76 26.66
N VAL G 287 -17.07 -37.82 27.52
CA VAL G 287 -16.58 -38.14 28.86
C VAL G 287 -17.68 -37.83 29.86
N LEU G 288 -18.15 -38.86 30.56
CA LEU G 288 -19.27 -38.73 31.47
C LEU G 288 -18.85 -38.69 32.93
N LYS G 289 -18.83 -37.48 33.49
CA LYS G 289 -18.42 -37.27 34.88
C LYS G 289 -19.62 -37.27 35.82
N ASN G 290 -19.59 -38.15 36.82
CA ASN G 290 -20.68 -38.33 37.79
C ASN G 290 -22.05 -38.44 37.11
N TYR G 291 -22.21 -39.52 36.35
CA TYR G 291 -23.39 -39.74 35.52
C TYR G 291 -24.62 -40.10 36.37
N ASP G 292 -25.74 -39.45 36.05
CA ASP G 292 -27.00 -39.56 36.79
C ASP G 292 -27.68 -40.94 36.71
N GLY G 293 -27.78 -41.48 35.50
CA GLY G 293 -28.47 -42.76 35.26
C GLY G 293 -27.73 -44.01 35.73
N GLU G 294 -28.48 -44.99 36.23
CA GLU G 294 -27.89 -46.28 36.58
C GLU G 294 -27.80 -47.16 35.34
N ASN G 295 -28.83 -47.09 34.50
CA ASN G 295 -28.92 -47.91 33.29
C ASN G 295 -27.99 -47.42 32.17
N PRO G 296 -27.26 -48.35 31.53
CA PRO G 296 -26.40 -48.02 30.40
C PRO G 296 -27.20 -47.91 29.10
N LYS G 297 -28.37 -48.55 29.08
CA LYS G 297 -29.32 -48.47 27.98
C LYS G 297 -29.88 -47.05 27.87
N GLU G 298 -30.33 -46.51 29.01
CA GLU G 298 -30.88 -45.17 29.10
C GLU G 298 -30.10 -44.13 28.31
N PHE G 299 -28.77 -44.13 28.46
CA PHE G 299 -27.90 -43.14 27.82
C PHE G 299 -28.02 -43.07 26.30
N THR G 300 -27.59 -44.14 25.63
CA THR G 300 -27.46 -44.17 24.18
C THR G 300 -28.78 -43.83 23.50
N ALA G 301 -29.88 -44.29 24.10
CA ALA G 301 -31.21 -44.02 23.59
C ALA G 301 -31.65 -42.59 23.88
N ASN G 302 -31.36 -42.13 25.10
CA ASN G 302 -31.81 -40.83 25.56
C ASN G 302 -31.15 -39.67 24.83
N LEU G 303 -29.89 -39.88 24.43
CA LEU G 303 -29.13 -38.91 23.63
C LEU G 303 -29.45 -39.00 22.14
N ARG G 304 -29.70 -40.21 21.66
CA ARG G 304 -29.92 -40.44 20.25
C ARG G 304 -31.31 -40.00 19.79
N TYR G 305 -32.31 -40.16 20.66
CA TYR G 305 -33.72 -39.88 20.31
C TYR G 305 -34.27 -38.59 20.90
N HIS G 306 -33.71 -38.19 22.04
CA HIS G 306 -34.04 -36.91 22.64
C HIS G 306 -32.74 -36.15 22.80
N SER G 307 -32.82 -34.84 22.90
CA SER G 307 -31.63 -34.02 22.88
C SER G 307 -30.77 -34.22 24.12
N VAL G 308 -31.30 -34.93 25.11
CA VAL G 308 -30.84 -34.81 26.50
C VAL G 308 -29.78 -35.79 26.98
N ILE G 309 -28.90 -35.29 27.84
CA ILE G 309 -28.08 -36.10 28.73
C ILE G 309 -28.35 -35.62 30.17
N LYS G 310 -28.69 -36.53 31.07
CA LYS G 310 -28.96 -36.20 32.46
C LYS G 310 -27.73 -36.45 33.32
N VAL G 311 -27.34 -35.43 34.09
CA VAL G 311 -26.17 -35.51 34.95
C VAL G 311 -26.50 -34.99 36.34
N SER G 312 -26.10 -35.73 37.37
CA SER G 312 -26.23 -35.28 38.76
C SER G 312 -24.86 -35.12 39.42
N GLY G 313 -24.88 -34.98 40.76
CA GLY G 313 -23.68 -34.64 41.51
C GLY G 313 -23.24 -33.26 41.10
N ASP G 314 -21.92 -33.07 40.96
CA ASP G 314 -21.37 -31.81 40.50
C ASP G 314 -20.70 -31.99 39.14
N GLY G 315 -20.98 -33.13 38.51
CA GLY G 315 -20.31 -33.55 37.28
C GLY G 315 -20.72 -32.81 36.02
N GLY G 316 -20.73 -33.53 34.91
CA GLY G 316 -21.03 -32.95 33.60
C GLY G 316 -20.58 -33.81 32.45
N VAL G 317 -20.58 -33.23 31.25
CA VAL G 317 -20.19 -33.96 30.05
C VAL G 317 -19.17 -33.17 29.26
N ASP G 318 -17.95 -33.71 29.18
CA ASP G 318 -16.94 -33.20 28.28
C ASP G 318 -16.98 -34.02 27.01
N THR G 319 -16.64 -33.40 25.89
CA THR G 319 -16.56 -34.12 24.63
C THR G 319 -15.13 -34.11 24.14
N LEU G 320 -14.68 -35.24 23.61
CA LEU G 320 -13.36 -35.31 23.01
C LEU G 320 -13.54 -35.45 21.52
N ARG G 321 -12.99 -34.52 20.77
CA ARG G 321 -13.07 -34.57 19.32
C ARG G 321 -11.67 -34.58 18.74
N ALA G 322 -11.47 -35.37 17.69
CA ALA G 322 -10.19 -35.41 16.97
C ALA G 322 -9.75 -34.02 16.51
N GLU G 323 -8.46 -33.74 16.64
CA GLU G 323 -7.87 -32.58 16.03
C GLU G 323 -7.45 -33.01 14.64
N ILE G 324 -7.69 -32.16 13.66
CA ILE G 324 -7.33 -32.45 12.29
C ILE G 324 -6.13 -31.58 11.95
N PRO G 325 -4.98 -32.19 11.63
CA PRO G 325 -3.76 -31.42 11.47
C PRO G 325 -3.59 -30.73 10.10
N VAL G 326 -4.68 -30.25 9.52
CA VAL G 326 -4.65 -29.64 8.18
C VAL G 326 -3.57 -28.61 7.97
N ASP G 327 -3.40 -27.70 8.93
CA ASP G 327 -2.47 -26.57 8.78
C ASP G 327 -0.99 -26.95 8.72
N SER G 328 -0.56 -27.86 9.59
CA SER G 328 0.81 -28.33 9.60
C SER G 328 1.00 -29.17 8.37
N ALA G 329 0.06 -30.09 8.15
CA ALA G 329 0.08 -30.97 6.98
C ALA G 329 0.32 -30.17 5.73
N ALA G 330 -0.48 -29.12 5.54
CA ALA G 330 -0.48 -28.37 4.32
C ALA G 330 0.86 -27.70 4.17
N LYS G 331 1.47 -27.36 5.29
CA LYS G 331 2.73 -26.62 5.24
C LYS G 331 3.87 -27.55 4.87
N GLU G 332 3.85 -28.76 5.43
CA GLU G 332 4.86 -29.74 5.09
C GLU G 332 4.70 -30.14 3.63
N LEU G 333 3.48 -30.56 3.27
CA LEU G 333 3.15 -30.92 1.89
C LEU G 333 3.62 -29.91 0.85
N GLU G 334 3.54 -28.63 1.18
CA GLU G 334 4.00 -27.60 0.26
C GLU G 334 5.47 -27.77 -0.14
N ARG G 335 6.33 -28.09 0.83
CA ARG G 335 7.76 -28.19 0.56
C ARG G 335 8.04 -29.46 -0.22
N ILE G 336 7.51 -30.58 0.27
CA ILE G 336 7.71 -31.89 -0.36
C ILE G 336 7.38 -31.79 -1.84
N GLN G 337 6.28 -31.14 -2.17
CA GLN G 337 5.85 -30.96 -3.53
C GLN G 337 6.86 -30.20 -4.36
N ASP G 338 7.53 -29.24 -3.75
CA ASP G 338 8.54 -28.48 -4.45
C ASP G 338 9.77 -29.35 -4.66
N GLU G 339 10.17 -30.08 -3.62
CA GLU G 339 11.31 -30.97 -3.73
C GLU G 339 11.06 -32.04 -4.77
N LEU G 340 9.89 -32.67 -4.68
CA LEU G 340 9.38 -33.61 -5.67
C LEU G 340 9.73 -33.19 -7.10
N TYR G 341 9.30 -31.99 -7.51
CA TYR G 341 9.62 -31.48 -8.84
C TYR G 341 11.11 -31.33 -9.09
N LYS G 342 11.89 -31.07 -8.04
CA LYS G 342 13.33 -30.93 -8.20
C LYS G 342 13.94 -32.31 -8.28
N SER G 343 13.69 -33.09 -7.25
CA SER G 343 14.25 -34.41 -7.14
C SER G 343 13.89 -35.25 -8.36
N ALA G 344 12.82 -34.86 -9.06
CA ALA G 344 12.35 -35.58 -10.25
C ALA G 344 12.72 -34.87 -11.56
N GLN G 345 13.57 -33.85 -11.47
CA GLN G 345 13.95 -33.05 -12.64
C GLN G 345 12.79 -32.84 -13.60
N ALA G 346 11.70 -32.27 -13.08
CA ALA G 346 10.47 -32.10 -13.85
C ALA G 346 10.23 -30.63 -14.18
N VAL G 347 9.13 -30.37 -14.85
CA VAL G 347 8.67 -29.02 -15.09
C VAL G 347 7.30 -28.84 -14.41
N ASP G 348 7.16 -27.74 -13.66
CA ASP G 348 5.91 -27.40 -13.03
C ASP G 348 5.36 -26.17 -13.71
N ASN G 349 4.41 -26.33 -14.62
CA ASN G 349 3.78 -25.15 -15.20
C ASN G 349 2.46 -24.72 -14.58
N SER G 350 2.38 -24.84 -13.24
CA SER G 350 1.42 -24.07 -12.45
C SER G 350 1.61 -22.58 -12.76
N PRO G 351 0.58 -21.74 -12.53
CA PRO G 351 0.77 -20.34 -12.95
C PRO G 351 1.69 -19.53 -12.03
N GLU G 352 2.46 -18.62 -12.61
CA GLU G 352 3.46 -17.89 -11.82
C GLU G 352 2.95 -16.62 -11.10
N THR G 353 2.85 -16.74 -9.76
CA THR G 353 2.49 -15.64 -8.87
C THR G 353 3.27 -14.38 -9.18
N ILE G 354 4.57 -14.55 -9.40
CA ILE G 354 5.42 -13.41 -9.76
C ILE G 354 5.31 -13.08 -11.25
N GLY G 355 5.11 -11.79 -11.52
CA GLY G 355 4.93 -11.28 -12.88
C GLY G 355 6.22 -11.20 -13.68
N GLY G 356 6.90 -12.33 -13.83
CA GLY G 356 8.09 -12.40 -14.68
C GLY G 356 8.12 -13.53 -15.69
N GLY G 357 7.46 -14.64 -15.34
CA GLY G 357 7.53 -15.92 -16.07
C GLY G 357 7.32 -16.01 -17.58
N ALA G 358 7.09 -14.88 -18.25
CA ALA G 358 6.87 -14.89 -19.69
C ALA G 358 8.18 -14.80 -20.47
N THR G 359 9.16 -14.05 -19.94
CA THR G 359 10.41 -13.78 -20.67
C THR G 359 11.25 -15.01 -20.98
N GLY G 360 12.09 -14.88 -22.00
CA GLY G 360 13.02 -15.92 -22.44
C GLY G 360 13.75 -16.65 -21.32
N PRO G 361 14.53 -15.91 -20.50
CA PRO G 361 15.26 -16.53 -19.40
C PRO G 361 14.35 -17.14 -18.33
N ALA G 362 13.11 -16.64 -18.24
CA ALA G 362 12.18 -17.12 -17.24
C ALA G 362 11.68 -18.50 -17.60
N LEU G 363 11.52 -18.72 -18.90
CA LEU G 363 11.02 -20.00 -19.41
C LEU G 363 12.15 -21.01 -19.49
N GLU G 364 13.36 -20.52 -19.77
CA GLU G 364 14.54 -21.37 -19.87
C GLU G 364 14.83 -22.01 -18.51
N LYS G 365 14.82 -21.19 -17.47
CA LYS G 365 14.94 -21.63 -16.08
C LYS G 365 13.89 -22.68 -15.73
N LEU G 366 12.67 -22.49 -16.22
CA LEU G 366 11.57 -23.42 -15.95
C LEU G 366 11.89 -24.85 -16.43
N TYR G 367 12.38 -24.94 -17.66
CA TYR G 367 12.71 -26.23 -18.29
C TYR G 367 14.07 -26.77 -17.93
N ALA G 368 14.87 -25.95 -17.25
CA ALA G 368 16.26 -26.28 -16.94
C ALA G 368 16.47 -27.71 -16.44
N LEU G 369 15.66 -28.16 -15.47
CA LEU G 369 15.85 -29.46 -14.88
C LEU G 369 15.41 -30.61 -15.78
N LEU G 370 14.29 -30.43 -16.47
CA LEU G 370 13.83 -31.43 -17.42
C LEU G 370 14.80 -31.55 -18.60
N ASP G 371 15.29 -30.42 -19.09
CA ASP G 371 16.31 -30.38 -20.12
C ASP G 371 17.57 -31.13 -19.71
N LEU G 372 17.82 -31.21 -18.42
CA LEU G 372 18.94 -31.98 -17.89
C LEU G 372 18.64 -33.46 -18.04
N LYS G 373 17.44 -33.84 -17.58
CA LYS G 373 16.95 -35.21 -17.60
C LYS G 373 16.77 -35.68 -19.04
N ALA G 374 16.29 -34.80 -19.90
CA ALA G 374 16.07 -35.15 -21.32
C ALA G 374 17.35 -35.47 -22.09
N ASN G 375 18.46 -34.85 -21.71
CA ASN G 375 19.73 -35.10 -22.40
C ASN G 375 20.33 -36.49 -22.18
N MET G 376 20.55 -36.88 -20.92
CA MET G 376 20.92 -38.26 -20.60
C MET G 376 20.03 -39.23 -21.35
N ALA G 377 18.73 -39.14 -21.10
CA ALA G 377 17.75 -40.04 -21.69
C ALA G 377 17.82 -40.10 -23.21
N GLU G 378 18.26 -39.02 -23.87
CA GLU G 378 18.49 -39.09 -25.31
C GLU G 378 19.73 -39.93 -25.64
N ARG G 379 20.86 -39.63 -24.97
CA ARG G 379 22.09 -40.42 -25.12
C ARG G 379 21.78 -41.91 -25.00
N LYS G 380 21.08 -42.26 -23.93
CA LYS G 380 20.70 -43.63 -23.64
C LYS G 380 19.74 -44.22 -24.66
N ILE G 381 18.81 -43.40 -25.16
CA ILE G 381 17.88 -43.85 -26.19
C ILE G 381 18.58 -44.07 -27.53
N ARG G 382 19.47 -43.14 -27.89
CA ARG G 382 20.27 -43.23 -29.12
C ARG G 382 21.13 -44.49 -29.13
N ALA G 383 21.80 -44.76 -28.01
CA ALA G 383 22.63 -45.96 -27.85
C ALA G 383 21.84 -47.20 -28.27
N GLY G 384 20.64 -47.35 -27.71
CA GLY G 384 19.77 -48.48 -28.05
C GLY G 384 19.33 -48.48 -29.50
N LEU G 385 18.99 -47.31 -30.01
CA LEU G 385 18.44 -47.18 -31.36
C LEU G 385 19.49 -47.41 -32.45
N ARG G 386 20.76 -47.05 -32.17
CA ARG G 386 21.87 -47.32 -33.09
C ARG G 386 22.10 -48.81 -33.28
N LEU G 387 22.04 -49.52 -32.17
CA LEU G 387 22.08 -50.97 -32.16
C LEU G 387 20.89 -51.55 -32.90
N PHE G 388 19.74 -50.88 -32.82
CA PHE G 388 18.54 -51.31 -33.54
C PHE G 388 18.70 -51.18 -35.05
N PHE G 389 19.39 -50.15 -35.51
CA PHE G 389 19.62 -49.96 -36.94
C PHE G 389 20.77 -50.78 -37.48
N TRP G 390 21.66 -51.19 -36.59
CA TRP G 390 22.67 -52.19 -36.89
C TRP G 390 22.00 -53.50 -37.31
N PHE G 391 20.96 -53.88 -36.57
CA PHE G 391 20.19 -55.09 -36.83
C PHE G 391 19.36 -55.01 -38.11
N PHE G 392 18.84 -53.83 -38.40
CA PHE G 392 18.14 -53.60 -39.66
C PHE G 392 19.11 -53.67 -40.83
N ALA G 393 20.35 -53.21 -40.59
CA ALA G 393 21.41 -53.28 -41.62
C ALA G 393 21.81 -54.72 -41.94
N GLU G 394 21.84 -55.56 -40.91
CA GLU G 394 22.13 -56.98 -41.04
C GLU G 394 21.06 -57.68 -41.87
N TYR G 395 19.80 -57.37 -41.57
CA TYR G 395 18.67 -57.89 -42.33
C TYR G 395 18.76 -57.49 -43.79
N LEU G 396 19.11 -56.21 -44.03
CA LEU G 396 19.21 -55.68 -45.38
C LEU G 396 20.36 -56.30 -46.19
N ARG G 397 21.48 -56.57 -45.52
CA ARG G 397 22.63 -57.25 -46.11
C ARG G 397 22.27 -58.66 -46.59
N ASN G 398 21.54 -59.39 -45.74
CA ASN G 398 21.17 -60.78 -46.00
C ASN G 398 19.95 -60.95 -46.87
N THR G 399 19.03 -59.98 -46.84
CA THR G 399 17.85 -60.02 -47.71
C THR G 399 18.18 -59.55 -49.14
N GLY G 400 19.42 -59.08 -49.32
CA GLY G 400 19.93 -58.71 -50.63
C GLY G 400 19.43 -57.37 -51.15
N LYS G 401 19.12 -56.46 -50.23
CA LYS G 401 18.65 -55.12 -50.58
C LYS G 401 19.75 -54.06 -50.45
N GLY G 402 20.99 -54.52 -50.22
CA GLY G 402 22.15 -53.63 -50.11
C GLY G 402 22.88 -53.74 -48.78
N ASP G 403 24.16 -53.38 -48.80
CA ASP G 403 24.97 -53.36 -47.58
C ASP G 403 25.24 -51.93 -47.13
N PHE G 404 24.91 -51.64 -45.87
CA PHE G 404 24.97 -50.28 -45.35
C PHE G 404 25.72 -50.18 -44.02
N ASN G 405 26.15 -48.97 -43.68
CA ASN G 405 26.72 -48.70 -42.37
C ASN G 405 25.98 -47.56 -41.66
N PRO G 406 24.98 -47.92 -40.85
CA PRO G 406 24.14 -46.92 -40.19
C PRO G 406 24.96 -46.02 -39.27
N ASP G 407 25.86 -46.63 -38.49
CA ASP G 407 26.67 -45.94 -37.49
C ASP G 407 27.51 -44.79 -38.03
N LYS G 408 27.57 -44.66 -39.36
CA LYS G 408 28.39 -43.64 -39.99
C LYS G 408 27.67 -42.91 -41.11
N GLU G 409 26.61 -43.53 -41.64
CA GLU G 409 25.85 -42.93 -42.74
C GLU G 409 24.59 -42.23 -42.26
N LEU G 410 23.90 -42.83 -41.28
CA LEU G 410 22.61 -42.34 -40.80
C LEU G 410 22.73 -41.40 -39.59
N THR G 411 21.98 -40.30 -39.64
CA THR G 411 21.90 -39.36 -38.51
C THR G 411 20.46 -39.22 -38.00
N MET G 412 20.31 -39.17 -36.67
CA MET G 412 19.00 -39.07 -36.04
C MET G 412 18.75 -37.68 -35.48
N THR G 413 17.50 -37.25 -35.50
CA THR G 413 17.14 -35.92 -35.04
C THR G 413 15.94 -35.98 -34.09
N PHE G 414 16.19 -35.61 -32.83
CA PHE G 414 15.15 -35.56 -31.81
C PHE G 414 14.60 -34.15 -31.67
N THR G 415 13.28 -34.05 -31.56
CA THR G 415 12.61 -32.76 -31.45
C THR G 415 12.10 -32.56 -30.03
N ARG G 416 12.16 -31.33 -29.55
CA ARG G 416 11.63 -31.02 -28.22
C ARG G 416 10.53 -29.96 -28.18
N THR G 417 9.38 -30.39 -27.68
CA THR G 417 8.22 -29.53 -27.47
C THR G 417 8.48 -28.57 -26.31
N ARG G 418 9.09 -27.44 -26.63
CA ARG G 418 9.51 -26.53 -25.59
C ARG G 418 8.76 -25.21 -25.66
N ILE G 419 8.21 -24.79 -24.51
CA ILE G 419 7.46 -23.54 -24.41
C ILE G 419 8.34 -22.30 -24.69
N GLN G 420 7.89 -21.45 -25.60
CA GLN G 420 8.68 -20.32 -26.02
C GLN G 420 7.84 -19.06 -26.05
N ASN G 421 8.53 -17.93 -26.03
CA ASN G 421 7.88 -16.65 -26.14
C ASN G 421 7.98 -16.18 -27.58
N ASP G 422 7.17 -16.79 -28.44
CA ASP G 422 7.28 -16.61 -29.90
C ASP G 422 7.36 -15.15 -30.32
N SER G 423 6.57 -14.32 -29.63
CA SER G 423 6.53 -12.88 -29.87
C SER G 423 7.94 -12.27 -29.75
N GLU G 424 8.59 -12.57 -28.63
CA GLU G 424 9.92 -12.07 -28.27
C GLU G 424 10.97 -12.46 -29.32
N ILE G 425 11.04 -13.76 -29.64
CA ILE G 425 12.00 -14.27 -30.60
C ILE G 425 11.89 -13.56 -31.96
N VAL G 426 10.69 -13.51 -32.51
CA VAL G 426 10.44 -12.84 -33.79
C VAL G 426 11.07 -11.44 -33.84
N GLN G 427 10.84 -10.67 -32.78
CA GLN G 427 11.38 -9.31 -32.65
C GLN G 427 12.89 -9.27 -32.59
N SER G 428 13.46 -10.10 -31.71
CA SER G 428 14.91 -10.30 -31.67
C SER G 428 15.48 -10.63 -33.04
N LEU G 429 14.84 -11.57 -33.74
CA LEU G 429 15.28 -11.99 -35.06
C LEU G 429 15.21 -10.83 -36.04
N VAL G 430 14.06 -10.17 -36.10
CA VAL G 430 13.91 -9.00 -36.97
C VAL G 430 15.00 -7.99 -36.66
N GLN G 431 15.25 -7.77 -35.37
CA GLN G 431 16.27 -6.85 -34.92
C GLN G 431 17.64 -7.26 -35.45
N GLY G 432 18.01 -8.51 -35.21
CA GLY G 432 19.29 -9.07 -35.64
C GLY G 432 19.57 -8.95 -37.13
N VAL G 433 18.53 -9.17 -37.94
CA VAL G 433 18.64 -9.06 -39.38
C VAL G 433 18.82 -7.61 -39.79
N THR G 434 17.91 -6.75 -39.32
CA THR G 434 17.97 -5.31 -39.58
C THR G 434 19.33 -4.75 -39.19
N GLY G 435 19.85 -5.24 -38.05
CA GLY G 435 21.16 -4.87 -37.54
C GLY G 435 22.29 -5.38 -38.42
N GLY G 436 22.04 -6.49 -39.09
CA GLY G 436 23.02 -7.07 -40.02
C GLY G 436 23.95 -8.04 -39.33
N ILE G 437 23.53 -8.54 -38.17
CA ILE G 437 24.28 -9.56 -37.47
C ILE G 437 23.77 -10.95 -37.83
N MET G 438 22.88 -11.02 -38.82
CA MET G 438 22.21 -12.28 -39.16
C MET G 438 21.66 -12.34 -40.55
N SER G 439 21.94 -13.47 -41.19
CA SER G 439 21.36 -13.83 -42.48
C SER G 439 19.87 -14.08 -42.30
N LYS G 440 19.10 -13.81 -43.34
CA LYS G 440 17.68 -14.10 -43.34
C LYS G 440 17.47 -15.62 -43.31
N GLU G 441 18.43 -16.35 -43.90
CA GLU G 441 18.41 -17.81 -43.85
C GLU G 441 18.31 -18.27 -42.42
N THR G 442 19.35 -17.96 -41.64
CA THR G 442 19.46 -18.41 -40.25
C THR G 442 18.24 -17.94 -39.45
N ALA G 443 17.74 -16.76 -39.82
CA ALA G 443 16.55 -16.19 -39.21
C ALA G 443 15.30 -17.05 -39.47
N VAL G 444 14.98 -17.28 -40.75
CA VAL G 444 13.84 -18.11 -41.15
C VAL G 444 13.84 -19.48 -40.46
N ALA G 445 15.03 -20.09 -40.43
CA ALA G 445 15.24 -21.37 -39.77
C ALA G 445 14.93 -21.31 -38.29
N ARG G 446 15.18 -20.14 -37.69
CA ARG G 446 15.00 -19.91 -36.26
C ARG G 446 13.62 -19.32 -35.90
N ASN G 447 12.85 -18.95 -36.93
CA ASN G 447 11.47 -18.46 -36.76
C ASN G 447 10.54 -19.53 -36.16
N PRO G 448 9.85 -19.19 -35.06
CA PRO G 448 8.91 -20.13 -34.42
C PRO G 448 7.69 -20.50 -35.28
N PHE G 449 7.27 -19.64 -36.21
CA PHE G 449 6.12 -19.95 -37.07
C PHE G 449 6.52 -20.72 -38.31
N VAL G 450 7.73 -21.27 -38.28
CA VAL G 450 8.27 -22.01 -39.42
C VAL G 450 8.45 -23.48 -39.07
N GLN G 451 7.89 -24.34 -39.92
CA GLN G 451 8.08 -25.78 -39.83
C GLN G 451 9.31 -26.20 -40.64
N ASP G 452 9.25 -25.99 -41.96
CA ASP G 452 10.36 -26.36 -42.86
C ASP G 452 11.04 -25.13 -43.47
N PRO G 453 12.25 -24.79 -42.97
CA PRO G 453 13.09 -23.70 -43.50
C PRO G 453 13.25 -23.71 -45.02
N GLU G 454 13.34 -24.91 -45.61
CA GLU G 454 13.58 -25.06 -47.05
C GLU G 454 12.41 -24.51 -47.89
N GLU G 455 11.19 -24.87 -47.50
CA GLU G 455 9.98 -24.41 -48.20
C GLU G 455 9.74 -22.91 -48.05
N GLU G 456 9.96 -22.38 -46.84
CA GLU G 456 9.73 -20.96 -46.52
C GLU G 456 10.73 -20.02 -47.20
N LEU G 457 12.02 -20.33 -47.08
CA LEU G 457 13.07 -19.52 -47.71
C LEU G 457 12.79 -19.44 -49.21
N ALA G 458 12.33 -20.55 -49.78
CA ALA G 458 11.91 -20.63 -51.18
C ALA G 458 10.64 -19.81 -51.46
N ARG G 459 9.69 -19.86 -50.53
CA ARG G 459 8.42 -19.15 -50.68
C ARG G 459 8.62 -17.64 -50.66
N ILE G 460 9.52 -17.18 -49.80
CA ILE G 460 9.82 -15.76 -49.66
C ILE G 460 10.55 -15.22 -50.90
N GLU G 461 11.34 -16.08 -51.53
CA GLU G 461 12.04 -15.72 -52.76
C GLU G 461 11.07 -15.52 -53.93
N GLU G 462 10.15 -16.46 -54.11
CA GLU G 462 9.14 -16.41 -55.18
C GLU G 462 8.15 -15.25 -54.97
N GLU G 463 8.00 -14.80 -53.73
CA GLU G 463 7.20 -13.62 -53.41
C GLU G 463 7.87 -12.35 -53.95
N MET G 464 9.17 -12.22 -53.68
CA MET G 464 9.96 -11.05 -54.08
C MET G 464 10.00 -10.91 -55.59
N ASN G 465 10.20 -12.03 -56.29
CA ASN G 465 10.20 -12.08 -57.77
C ASN G 465 8.82 -11.80 -58.37
N GLN G 466 7.82 -11.68 -57.49
CA GLN G 466 6.46 -11.28 -57.86
C GLN G 466 6.27 -9.78 -57.61
N TYR G 467 6.29 -9.38 -56.34
CA TYR G 467 6.24 -7.98 -55.98
C TYR G 467 7.66 -7.40 -55.76
N UNK H 1 26.67 -64.98 -24.57
CA UNK H 1 25.51 -64.37 -23.87
C UNK H 1 24.18 -65.01 -24.28
N UNK H 2 23.58 -65.75 -23.34
CA UNK H 2 22.19 -66.18 -23.47
C UNK H 2 21.24 -65.09 -22.92
N UNK H 3 19.94 -65.30 -23.13
CA UNK H 3 18.89 -64.35 -22.73
C UNK H 3 17.56 -65.09 -22.74
N UNK H 4 16.97 -65.29 -21.57
CA UNK H 4 15.77 -66.12 -21.45
C UNK H 4 14.53 -65.33 -21.03
N UNK H 5 13.41 -65.60 -21.67
CA UNK H 5 12.14 -64.95 -21.31
C UNK H 5 11.19 -65.93 -20.60
N UNK H 6 10.77 -65.58 -19.40
CA UNK H 6 9.82 -66.38 -18.63
C UNK H 6 8.41 -65.81 -18.76
N UNK H 7 7.65 -66.34 -19.70
CA UNK H 7 6.25 -65.98 -19.87
C UNK H 7 5.37 -66.99 -19.13
N UNK H 8 4.09 -66.66 -18.98
CA UNK H 8 3.11 -67.57 -18.37
C UNK H 8 1.69 -67.23 -18.86
N UNK H 9 1.11 -68.12 -19.68
CA UNK H 9 -0.18 -67.86 -20.33
C UNK H 9 -1.30 -68.74 -19.80
N UNK H 10 -2.30 -68.12 -19.20
CA UNK H 10 -3.48 -68.83 -18.70
C UNK H 10 -4.46 -69.06 -19.84
N UNK H 11 -4.84 -70.32 -20.06
CA UNK H 11 -5.70 -70.71 -21.18
C UNK H 11 -7.19 -70.40 -20.92
N UNK H 12 -8.04 -70.70 -21.90
CA UNK H 12 -9.49 -70.61 -21.77
C UNK H 12 -9.97 -71.31 -20.49
N UNK H 13 -9.28 -72.40 -20.15
CA UNK H 13 -9.57 -73.19 -18.94
C UNK H 13 -8.37 -73.20 -17.99
N UNK H 14 -7.29 -73.84 -18.43
CA UNK H 14 -6.11 -74.12 -17.59
C UNK H 14 -5.15 -72.93 -17.42
N UNK H 15 -3.88 -73.23 -17.13
CA UNK H 15 -2.79 -72.25 -17.11
C UNK H 15 -1.45 -72.91 -17.46
N UNK H 16 -0.84 -72.46 -18.56
CA UNK H 16 0.49 -72.94 -18.99
C UNK H 16 1.61 -72.02 -18.47
N UNK H 17 2.84 -72.52 -18.51
CA UNK H 17 3.98 -71.74 -18.02
C UNK H 17 5.24 -71.92 -18.88
N UNK H 18 5.19 -71.44 -20.12
CA UNK H 18 6.29 -71.61 -21.09
C UNK H 18 7.53 -70.73 -20.85
N UNK H 19 8.58 -70.95 -21.63
CA UNK H 19 9.82 -70.16 -21.57
C UNK H 19 10.57 -70.16 -22.91
N UNK H 20 11.49 -69.22 -23.09
CA UNK H 20 12.27 -69.10 -24.31
C UNK H 20 13.73 -68.80 -23.97
N UNK H 21 14.68 -69.31 -24.76
CA UNK H 21 16.09 -68.99 -24.57
C UNK H 21 16.77 -68.53 -25.85
N UNK H 22 16.97 -67.22 -25.96
CA UNK H 22 17.56 -66.60 -27.16
C UNK H 22 19.09 -66.66 -27.16
N UNK H 23 19.65 -67.36 -28.15
CA UNK H 23 21.09 -67.51 -28.29
C UNK H 23 21.60 -66.86 -29.59
N UNK H 24 22.92 -66.70 -29.68
CA UNK H 24 23.57 -66.06 -30.84
C UNK H 24 23.24 -66.71 -32.21
N UNK H 25 22.81 -67.97 -32.19
CA UNK H 25 22.49 -68.72 -33.41
C UNK H 25 21.01 -69.10 -33.54
N UNK H 26 20.35 -69.41 -32.41
CA UNK H 26 18.94 -69.82 -32.40
C UNK H 26 18.12 -69.36 -31.16
N UNK H 27 16.93 -69.93 -30.97
CA UNK H 27 15.94 -69.47 -29.97
C UNK H 27 15.00 -70.59 -29.42
N UNK H 28 15.60 -71.65 -28.86
CA UNK H 28 14.89 -72.87 -28.39
C UNK H 28 13.83 -72.62 -27.30
N UNK H 29 12.65 -73.19 -27.47
CA UNK H 29 11.55 -73.00 -26.51
C UNK H 29 11.62 -73.94 -25.28
N UNK H 30 10.50 -73.92 -24.49
CA UNK H 30 10.34 -74.78 -23.29
C UNK H 30 8.99 -74.49 -22.60
N PRO I 29 -16.31 -74.42 -32.09
CA PRO I 29 -16.17 -73.92 -30.72
C PRO I 29 -17.01 -74.72 -29.72
N ASP I 30 -16.73 -74.53 -28.43
CA ASP I 30 -17.39 -75.31 -27.38
C ASP I 30 -18.40 -74.44 -26.61
N THR I 31 -19.45 -75.07 -26.08
CA THR I 31 -20.50 -74.36 -25.36
C THR I 31 -20.22 -74.29 -23.85
N THR I 32 -19.47 -75.27 -23.34
CA THR I 32 -19.08 -75.27 -21.94
C THR I 32 -18.04 -74.19 -21.63
N MET I 33 -17.01 -74.10 -22.47
CA MET I 33 -15.97 -73.09 -22.34
C MET I 33 -16.60 -71.70 -22.41
N ILE I 34 -17.62 -71.55 -23.26
CA ILE I 34 -18.39 -70.30 -23.37
C ILE I 34 -18.88 -69.85 -21.98
N GLN I 35 -19.50 -70.79 -21.26
CA GLN I 35 -19.93 -70.54 -19.90
C GLN I 35 -18.79 -70.06 -19.00
N LYS I 36 -17.68 -70.82 -18.97
CA LYS I 36 -16.47 -70.42 -18.24
C LYS I 36 -16.05 -68.99 -18.57
N LEU I 37 -16.03 -68.70 -19.87
CA LEU I 37 -15.62 -67.39 -20.34
C LEU I 37 -16.53 -66.27 -19.85
N ILE I 38 -17.84 -66.56 -19.82
CA ILE I 38 -18.83 -65.63 -19.32
C ILE I 38 -18.77 -65.50 -17.80
N ASP I 39 -18.66 -66.64 -17.10
CA ASP I 39 -18.67 -66.64 -15.64
C ASP I 39 -17.37 -66.16 -15.00
N GLU I 40 -16.26 -66.38 -15.70
CA GLU I 40 -14.97 -65.85 -15.26
C GLU I 40 -14.84 -64.31 -15.51
N HIS I 41 -15.55 -63.82 -16.53
CA HIS I 41 -15.56 -62.41 -16.90
C HIS I 41 -16.16 -61.54 -15.82
N ASN I 42 -15.62 -60.34 -15.68
CA ASN I 42 -16.18 -59.31 -14.78
C ASN I 42 -16.11 -57.91 -15.38
N PRO I 43 -17.26 -57.22 -15.45
CA PRO I 43 -17.31 -55.86 -16.00
C PRO I 43 -17.10 -54.74 -14.96
N GLU I 44 -17.03 -55.09 -13.67
CA GLU I 44 -16.82 -54.07 -12.62
C GLU I 44 -15.59 -53.16 -12.84
N PRO I 45 -14.43 -53.73 -13.23
CA PRO I 45 -13.33 -52.80 -13.48
C PRO I 45 -13.58 -51.90 -14.68
N LEU I 46 -14.41 -52.34 -15.61
CA LEU I 46 -14.67 -51.57 -16.82
C LEU I 46 -15.82 -50.58 -16.66
N LEU I 47 -16.74 -50.90 -15.76
CA LEU I 47 -17.88 -50.03 -15.49
C LEU I 47 -17.55 -48.94 -14.48
N LYS I 48 -16.51 -49.19 -13.69
CA LYS I 48 -15.94 -48.22 -12.73
C LYS I 48 -16.04 -46.78 -13.24
N GLY I 49 -15.33 -46.49 -14.34
CA GLY I 49 -15.31 -45.15 -14.92
C GLY I 49 -16.67 -44.65 -15.34
N VAL I 50 -17.52 -45.55 -15.83
CA VAL I 50 -18.85 -45.16 -16.29
C VAL I 50 -19.66 -44.63 -15.12
N ARG I 51 -19.59 -45.33 -13.99
CA ARG I 51 -20.32 -44.95 -12.79
C ARG I 51 -19.84 -43.58 -12.28
N TYR I 52 -18.53 -43.39 -12.23
CA TYR I 52 -17.98 -42.09 -11.88
C TYR I 52 -18.36 -41.01 -12.89
N TYR I 53 -18.34 -41.31 -14.19
CA TYR I 53 -18.83 -40.36 -15.19
C TYR I 53 -20.27 -39.93 -14.86
N MET I 54 -21.03 -40.83 -14.25
CA MET I 54 -22.45 -40.60 -14.02
C MET I 54 -22.76 -40.04 -12.62
N CYS I 55 -21.70 -39.76 -11.85
CA CYS I 55 -21.81 -39.42 -10.43
C CYS I 55 -22.50 -40.54 -9.64
N GLU I 56 -22.05 -41.77 -9.87
CA GLU I 56 -22.35 -42.87 -8.97
C GLU I 56 -21.01 -43.20 -8.31
N ASN I 57 -20.49 -42.30 -7.47
CA ASN I 57 -19.18 -42.53 -6.90
C ASN I 57 -19.26 -43.46 -5.70
N ASP I 58 -18.15 -44.09 -5.34
CA ASP I 58 -18.14 -45.05 -4.25
C ASP I 58 -18.73 -44.49 -2.98
N ILE I 59 -18.91 -43.17 -2.96
CA ILE I 59 -19.36 -42.52 -1.77
C ILE I 59 -20.85 -42.74 -1.59
N GLU I 60 -21.54 -43.13 -2.66
CA GLU I 60 -22.96 -43.35 -2.52
C GLU I 60 -23.24 -44.53 -1.57
N LYS I 61 -22.20 -45.28 -1.20
CA LYS I 61 -22.30 -46.44 -0.31
C LYS I 61 -22.16 -46.08 1.18
N LYS I 62 -21.67 -44.86 1.44
CA LYS I 62 -21.47 -44.33 2.79
C LYS I 62 -22.76 -44.41 3.59
N ARG I 63 -22.67 -44.86 4.84
CA ARG I 63 -23.86 -44.96 5.71
C ARG I 63 -23.48 -44.69 7.17
N ARG I 64 -24.33 -43.97 7.88
CA ARG I 64 -24.01 -43.56 9.24
C ARG I 64 -24.41 -44.62 10.25
N THR I 65 -23.42 -45.30 10.80
CA THR I 65 -23.70 -46.47 11.63
C THR I 65 -23.52 -46.18 13.13
N TYR I 66 -23.78 -47.20 13.95
CA TYR I 66 -23.58 -47.13 15.38
C TYR I 66 -23.64 -48.57 15.88
N TYR I 67 -23.35 -48.81 17.16
CA TYR I 67 -23.35 -50.18 17.67
C TYR I 67 -24.48 -50.49 18.65
N ASP I 68 -25.11 -51.62 18.42
CA ASP I 68 -26.17 -52.12 19.28
C ASP I 68 -25.66 -52.47 20.67
N ALA I 69 -26.46 -53.26 21.39
CA ALA I 69 -26.11 -53.78 22.69
C ALA I 69 -24.83 -54.61 22.62
N ALA I 70 -24.87 -55.71 21.86
CA ALA I 70 -23.72 -56.60 21.66
C ALA I 70 -22.95 -56.24 20.39
N GLY I 71 -22.54 -54.99 20.30
CA GLY I 71 -21.67 -54.56 19.23
C GLY I 71 -22.11 -54.92 17.82
N GLN I 72 -23.43 -55.00 17.60
CA GLN I 72 -23.96 -55.21 16.25
C GLN I 72 -24.04 -53.91 15.44
N GLN I 73 -23.15 -53.76 14.47
CA GLN I 73 -23.12 -52.54 13.64
C GLN I 73 -24.44 -52.34 12.91
N LEU I 74 -24.98 -51.13 13.00
CA LEU I 74 -26.32 -50.85 12.52
C LEU I 74 -26.40 -49.41 12.05
N VAL I 75 -27.14 -49.18 10.96
CA VAL I 75 -27.42 -47.83 10.45
C VAL I 75 -28.36 -47.12 11.42
N ASP I 76 -28.16 -45.83 11.69
CA ASP I 76 -29.12 -45.16 12.58
C ASP I 76 -29.98 -44.10 11.91
N ASP I 77 -31.28 -44.35 11.95
CA ASP I 77 -32.29 -43.47 11.33
C ASP I 77 -32.24 -42.03 11.87
N THR I 78 -31.63 -41.87 13.05
CA THR I 78 -31.49 -40.59 13.76
C THR I 78 -30.90 -39.48 12.91
N LYS I 79 -29.80 -39.78 12.21
CA LYS I 79 -28.98 -38.79 11.52
C LYS I 79 -29.09 -38.88 10.01
N THR I 80 -29.11 -37.72 9.35
CA THR I 80 -29.10 -37.65 7.89
C THR I 80 -27.76 -38.15 7.36
N ASN I 81 -27.79 -38.95 6.31
CA ASN I 81 -26.57 -39.47 5.72
C ASN I 81 -26.35 -38.89 4.36
N ASN I 82 -25.68 -37.74 4.33
CA ASN I 82 -25.39 -37.04 3.09
C ASN I 82 -24.24 -37.73 2.36
N ARG I 83 -24.41 -37.90 1.05
CA ARG I 83 -23.34 -38.47 0.25
C ARG I 83 -23.28 -37.85 -1.15
N THR I 84 -22.47 -36.80 -1.23
CA THR I 84 -22.23 -36.02 -2.43
C THR I 84 -21.14 -36.68 -3.28
N SER I 85 -21.46 -36.94 -4.55
CA SER I 85 -20.49 -37.52 -5.47
C SER I 85 -20.22 -36.60 -6.65
N HIS I 86 -18.98 -36.17 -6.78
CA HIS I 86 -18.61 -35.02 -7.65
C HIS I 86 -18.38 -35.36 -9.12
N ALA I 87 -18.89 -34.51 -10.01
CA ALA I 87 -18.74 -34.79 -11.43
C ALA I 87 -17.35 -34.41 -11.96
N TRP I 88 -16.32 -34.71 -11.18
CA TRP I 88 -14.98 -34.28 -11.57
C TRP I 88 -14.55 -35.05 -12.77
N HIS I 89 -14.70 -36.37 -12.69
CA HIS I 89 -14.31 -37.27 -13.75
C HIS I 89 -15.02 -36.96 -15.05
N LYS I 90 -16.34 -36.82 -14.99
CA LYS I 90 -17.10 -36.48 -16.17
C LYS I 90 -16.55 -35.25 -16.85
N LEU I 91 -16.18 -34.25 -16.04
CA LEU I 91 -15.69 -32.98 -16.55
C LEU I 91 -14.36 -33.13 -17.29
N PHE I 92 -13.48 -33.98 -16.76
CA PHE I 92 -12.18 -34.20 -17.36
C PHE I 92 -12.28 -34.96 -18.68
N VAL I 93 -13.12 -36.00 -18.68
CA VAL I 93 -13.40 -36.81 -19.87
C VAL I 93 -13.91 -35.96 -21.03
N ASP I 94 -15.05 -35.29 -20.81
CA ASP I 94 -15.64 -34.36 -21.78
C ASP I 94 -14.64 -33.38 -22.34
N GLN I 95 -13.68 -32.96 -21.51
CA GLN I 95 -12.69 -31.99 -21.91
C GLN I 95 -11.65 -32.64 -22.79
N LYS I 96 -11.29 -33.88 -22.48
CA LYS I 96 -10.38 -34.66 -23.31
C LYS I 96 -11.03 -34.99 -24.65
N THR I 97 -12.22 -35.60 -24.58
CA THR I 97 -13.01 -35.94 -25.76
C THR I 97 -13.02 -34.75 -26.71
N GLN I 98 -13.70 -33.69 -26.29
CA GLN I 98 -13.90 -32.53 -27.16
C GLN I 98 -12.62 -31.96 -27.73
N TYR I 99 -11.51 -32.12 -27.01
CA TYR I 99 -10.22 -31.57 -27.43
C TYR I 99 -9.69 -32.30 -28.65
N LEU I 100 -9.75 -33.62 -28.58
CA LEU I 100 -9.25 -34.47 -29.67
C LEU I 100 -10.21 -34.51 -30.83
N VAL I 101 -11.48 -34.76 -30.53
CA VAL I 101 -12.44 -35.19 -31.53
C VAL I 101 -13.58 -34.22 -31.77
N GLY I 102 -13.70 -33.21 -30.91
CA GLY I 102 -14.73 -32.18 -31.05
C GLY I 102 -14.80 -31.58 -32.44
N GLU I 103 -13.63 -31.29 -33.01
CA GLU I 103 -13.55 -30.90 -34.40
C GLU I 103 -13.35 -32.14 -35.26
N PRO I 104 -14.21 -32.31 -36.29
CA PRO I 104 -14.17 -33.46 -37.17
C PRO I 104 -12.78 -33.73 -37.74
N VAL I 105 -12.43 -35.02 -37.81
CA VAL I 105 -11.15 -35.46 -38.36
C VAL I 105 -11.14 -35.27 -39.88
N THR I 106 -10.02 -34.77 -40.40
CA THR I 106 -9.86 -34.50 -41.82
C THR I 106 -8.91 -35.52 -42.43
N PHE I 107 -9.13 -35.82 -43.70
CA PHE I 107 -8.36 -36.84 -44.39
C PHE I 107 -7.80 -36.28 -45.68
N THR I 108 -6.57 -36.69 -45.99
CA THR I 108 -5.92 -36.33 -47.24
C THR I 108 -5.19 -37.51 -47.88
N SER I 109 -5.39 -37.70 -49.17
CA SER I 109 -4.60 -38.65 -49.94
C SER I 109 -4.43 -38.09 -51.34
N ASP I 110 -3.50 -38.67 -52.09
CA ASP I 110 -3.37 -38.33 -53.49
C ASP I 110 -4.34 -39.16 -54.32
N ASN I 111 -4.67 -40.35 -53.81
CA ASN I 111 -5.67 -41.23 -54.40
C ASN I 111 -7.08 -40.67 -54.20
N LYS I 112 -7.55 -39.92 -55.19
CA LYS I 112 -8.80 -39.15 -55.08
C LYS I 112 -10.06 -39.99 -55.05
N THR I 113 -10.03 -41.17 -55.68
CA THR I 113 -11.18 -42.06 -55.67
C THR I 113 -11.38 -42.60 -54.25
N LEU I 114 -10.28 -42.99 -53.61
CA LEU I 114 -10.28 -43.44 -52.21
C LEU I 114 -10.77 -42.35 -51.29
N LEU I 115 -10.20 -41.16 -51.45
CA LEU I 115 -10.56 -39.96 -50.69
C LEU I 115 -12.05 -39.67 -50.77
N GLU I 116 -12.64 -39.81 -51.95
CA GLU I 116 -14.07 -39.65 -52.15
C GLU I 116 -14.87 -40.65 -51.32
N TYR I 117 -14.47 -41.92 -51.40
CA TYR I 117 -15.15 -43.01 -50.69
C TYR I 117 -15.04 -42.89 -49.18
N VAL I 118 -13.88 -42.40 -48.71
CA VAL I 118 -13.63 -42.20 -47.28
C VAL I 118 -14.53 -41.10 -46.72
N ASN I 119 -14.54 -39.95 -47.39
CA ASN I 119 -15.34 -38.80 -47.00
C ASN I 119 -16.85 -39.07 -46.96
N GLU I 120 -17.35 -39.75 -47.99
CA GLU I 120 -18.73 -40.23 -48.01
C GLU I 120 -19.12 -41.02 -46.75
N LEU I 121 -18.21 -41.89 -46.31
CA LEU I 121 -18.42 -42.76 -45.16
C LEU I 121 -18.31 -42.01 -43.85
N ALA I 122 -17.34 -41.11 -43.79
CA ALA I 122 -16.87 -40.58 -42.51
C ALA I 122 -16.70 -39.07 -42.49
N ASP I 123 -17.82 -38.35 -42.40
CA ASP I 123 -17.72 -36.93 -42.06
C ASP I 123 -18.94 -36.30 -41.36
N ASP I 124 -19.90 -37.13 -40.94
CA ASP I 124 -20.98 -36.61 -40.07
C ASP I 124 -21.45 -37.52 -38.93
N ASP I 125 -22.00 -38.68 -39.24
CA ASP I 125 -22.42 -39.63 -38.20
C ASP I 125 -21.19 -40.28 -37.59
N PHE I 126 -20.11 -40.29 -38.36
CA PHE I 126 -18.83 -40.83 -37.95
C PHE I 126 -18.24 -39.96 -36.85
N ASP I 127 -18.37 -38.65 -37.00
CA ASP I 127 -17.87 -37.67 -36.02
C ASP I 127 -18.53 -37.87 -34.66
N ASP I 128 -19.87 -37.97 -34.67
CA ASP I 128 -20.68 -38.10 -33.45
C ASP I 128 -20.52 -39.45 -32.76
N ILE I 129 -20.06 -40.46 -33.50
CA ILE I 129 -19.79 -41.79 -32.94
C ILE I 129 -18.37 -41.83 -32.37
N LEU I 130 -17.41 -41.33 -33.12
CA LEU I 130 -16.04 -41.27 -32.66
C LEU I 130 -15.95 -40.51 -31.34
N ASN I 131 -16.75 -39.45 -31.21
CA ASN I 131 -16.88 -38.70 -29.97
C ASN I 131 -17.31 -39.58 -28.80
N GLU I 132 -18.31 -40.41 -29.06
CA GLU I 132 -18.81 -41.33 -28.07
C GLU I 132 -17.81 -42.42 -27.74
N THR I 133 -16.94 -42.73 -28.70
CA THR I 133 -15.89 -43.72 -28.51
C THR I 133 -14.77 -43.23 -27.60
N VAL I 134 -14.38 -41.97 -27.77
CA VAL I 134 -13.32 -41.40 -26.95
C VAL I 134 -13.75 -41.32 -25.49
N LYS I 135 -14.92 -40.71 -25.26
CA LYS I 135 -15.55 -40.69 -23.94
C LYS I 135 -15.61 -42.09 -23.34
N ASN I 136 -16.10 -43.04 -24.14
CA ASN I 136 -16.26 -44.43 -23.74
C ASN I 136 -14.95 -45.12 -23.41
N MET I 137 -13.90 -44.78 -24.14
CA MET I 137 -12.64 -45.45 -23.95
C MET I 137 -11.93 -44.89 -22.74
N SER I 138 -12.32 -43.68 -22.36
CA SER I 138 -11.78 -43.03 -21.19
C SER I 138 -12.41 -43.59 -19.93
N ASN I 139 -13.72 -43.78 -19.96
CA ASN I 139 -14.46 -44.40 -18.87
C ASN I 139 -14.12 -45.88 -18.66
N LYS I 140 -14.02 -46.62 -19.77
CA LYS I 140 -13.87 -48.08 -19.72
C LYS I 140 -12.43 -48.55 -19.81
N GLY I 141 -11.59 -47.78 -20.48
CA GLY I 141 -10.18 -48.15 -20.62
C GLY I 141 -9.89 -48.75 -21.98
N ILE I 142 -10.95 -49.07 -22.71
CA ILE I 142 -10.90 -49.59 -24.07
C ILE I 142 -12.31 -49.55 -24.65
N GLU I 143 -12.43 -49.28 -25.94
CA GLU I 143 -13.72 -49.41 -26.57
C GLU I 143 -13.56 -50.10 -27.91
N TYR I 144 -14.33 -51.17 -28.08
CA TYR I 144 -14.35 -51.93 -29.32
C TYR I 144 -15.53 -51.49 -30.18
N TRP I 145 -15.31 -51.42 -31.48
CA TRP I 145 -16.45 -51.32 -32.38
C TRP I 145 -16.34 -52.19 -33.63
N HIS I 146 -17.48 -52.69 -34.09
CA HIS I 146 -17.53 -53.77 -35.09
C HIS I 146 -17.98 -53.32 -36.48
N PRO I 147 -17.19 -53.63 -37.52
CA PRO I 147 -17.53 -53.40 -38.92
C PRO I 147 -18.34 -54.56 -39.48
N PHE I 148 -19.36 -54.23 -40.28
CA PHE I 148 -20.24 -55.26 -40.84
C PHE I 148 -21.02 -54.74 -42.06
N VAL I 149 -21.26 -55.62 -43.02
CA VAL I 149 -22.01 -55.24 -44.22
C VAL I 149 -23.52 -55.24 -43.95
N ASP I 150 -24.19 -54.16 -44.35
CA ASP I 150 -25.62 -53.97 -44.12
C ASP I 150 -26.51 -54.92 -44.92
N GLU I 151 -27.78 -55.02 -44.53
CA GLU I 151 -28.77 -55.83 -45.23
C GLU I 151 -28.92 -55.35 -46.68
N GLU I 152 -28.76 -54.05 -46.88
CA GLU I 152 -28.82 -53.45 -48.22
C GLU I 152 -27.51 -53.62 -49.00
N GLY I 153 -26.49 -54.17 -48.36
CA GLY I 153 -25.21 -54.44 -49.01
C GLY I 153 -24.14 -53.37 -48.84
N GLU I 154 -24.46 -52.32 -48.09
CA GLU I 154 -23.53 -51.22 -47.84
C GLU I 154 -22.68 -51.43 -46.58
N PHE I 155 -21.55 -50.74 -46.53
CA PHE I 155 -20.65 -50.81 -45.37
C PHE I 155 -21.22 -50.05 -44.18
N ASP I 156 -21.15 -50.69 -43.02
CA ASP I 156 -21.66 -50.12 -41.79
C ASP I 156 -20.79 -50.51 -40.61
N TYR I 157 -20.86 -49.70 -39.56
CA TYR I 157 -20.07 -49.89 -38.33
C TYR I 157 -20.95 -49.52 -37.16
N VAL I 158 -20.84 -50.31 -36.11
CA VAL I 158 -21.63 -50.13 -34.91
C VAL I 158 -20.71 -50.33 -33.70
N ILE I 159 -20.96 -49.55 -32.66
CA ILE I 159 -20.18 -49.62 -31.42
C ILE I 159 -20.45 -50.92 -30.66
N PHE I 160 -19.38 -51.54 -30.14
CA PHE I 160 -19.51 -52.86 -29.54
C PHE I 160 -18.98 -52.86 -28.12
N PRO I 161 -19.78 -52.33 -27.16
CA PRO I 161 -19.43 -52.03 -25.76
C PRO I 161 -18.48 -53.03 -25.13
N ALA I 162 -17.30 -52.55 -24.74
CA ALA I 162 -16.17 -53.42 -24.33
C ALA I 162 -16.43 -54.23 -23.08
N GLU I 163 -17.48 -53.87 -22.35
CA GLU I 163 -17.89 -54.60 -21.14
C GLU I 163 -18.79 -55.80 -21.44
N GLU I 164 -19.18 -55.94 -22.71
CA GLU I 164 -19.89 -57.12 -23.19
C GLU I 164 -18.95 -58.07 -23.93
N MET I 165 -17.75 -57.61 -24.23
CA MET I 165 -16.79 -58.35 -25.03
C MET I 165 -15.80 -59.21 -24.22
N ILE I 166 -15.27 -60.23 -24.88
CA ILE I 166 -14.30 -61.17 -24.29
C ILE I 166 -13.33 -61.58 -25.41
N VAL I 167 -12.03 -61.31 -25.20
CA VAL I 167 -11.01 -61.46 -26.23
C VAL I 167 -9.78 -62.26 -25.77
N VAL I 168 -9.41 -63.28 -26.55
CA VAL I 168 -8.15 -64.02 -26.39
C VAL I 168 -7.57 -64.31 -27.78
N TYR I 169 -6.24 -64.22 -27.91
CA TYR I 169 -5.55 -64.50 -29.17
C TYR I 169 -4.34 -65.43 -28.98
N TRP I 239 -12.81 -61.94 -43.25
CA TRP I 239 -11.98 -60.76 -43.43
C TRP I 239 -10.47 -61.05 -43.40
N GLY I 240 -10.11 -62.23 -42.89
CA GLY I 240 -8.70 -62.64 -42.80
C GLY I 240 -8.17 -62.51 -41.38
N ARG I 241 -8.39 -61.33 -40.79
CA ARG I 241 -8.09 -61.04 -39.39
C ARG I 241 -9.36 -61.06 -38.56
N VAL I 242 -9.20 -61.17 -37.24
CA VAL I 242 -10.32 -61.10 -36.27
C VAL I 242 -11.12 -59.80 -36.48
N PRO I 243 -12.46 -59.92 -36.44
CA PRO I 243 -13.36 -58.90 -37.03
C PRO I 243 -13.77 -57.70 -36.16
N ILE I 244 -13.06 -57.43 -35.06
CA ILE I 244 -13.40 -56.26 -34.22
C ILE I 244 -12.25 -55.27 -34.04
N ILE I 245 -12.61 -53.99 -33.85
CA ILE I 245 -11.62 -52.92 -33.82
C ILE I 245 -11.45 -52.29 -32.43
N PRO I 246 -10.26 -52.48 -31.82
CA PRO I 246 -9.94 -51.89 -30.52
C PRO I 246 -9.55 -50.43 -30.63
N PHE I 247 -10.12 -49.62 -29.74
CA PHE I 247 -9.63 -48.28 -29.49
C PHE I 247 -9.11 -48.29 -28.07
N LYS I 248 -7.79 -48.32 -27.93
CA LYS I 248 -7.17 -48.37 -26.61
C LYS I 248 -7.09 -46.97 -25.96
N ASN I 249 -7.48 -46.88 -24.70
CA ASN I 249 -7.28 -45.66 -23.92
C ASN I 249 -5.80 -45.51 -23.57
N ASN I 250 -5.20 -46.60 -23.08
CA ASN I 250 -3.78 -46.60 -22.71
C ASN I 250 -3.12 -47.84 -23.26
N GLU I 251 -1.96 -48.17 -22.71
CA GLU I 251 -1.36 -49.46 -22.97
C GLU I 251 -1.95 -50.47 -22.00
N GLU I 252 -2.29 -49.97 -20.81
CA GLU I 252 -2.74 -50.82 -19.71
C GLU I 252 -4.25 -50.98 -19.73
N MET I 253 -4.91 -50.31 -20.69
CA MET I 253 -6.36 -50.39 -20.88
C MET I 253 -7.20 -50.17 -19.62
N VAL I 254 -6.61 -49.42 -18.69
CA VAL I 254 -7.32 -48.85 -17.57
C VAL I 254 -7.96 -47.52 -17.97
N SER I 255 -9.01 -47.17 -17.24
CA SER I 255 -9.73 -45.93 -17.43
C SER I 255 -8.84 -44.79 -16.97
N ASP I 256 -9.13 -43.57 -17.43
CA ASP I 256 -8.45 -42.38 -16.91
C ASP I 256 -8.67 -42.27 -15.42
N LEU I 257 -9.88 -42.59 -14.97
CA LEU I 257 -10.25 -42.60 -13.56
C LEU I 257 -9.26 -43.32 -12.66
N LYS I 258 -8.36 -44.10 -13.23
CA LYS I 258 -7.45 -44.91 -12.43
C LYS I 258 -6.36 -44.09 -11.77
N PHE I 259 -6.05 -42.95 -12.37
CA PHE I 259 -4.90 -42.16 -11.92
C PHE I 259 -5.28 -41.02 -10.99
N TYR I 260 -6.58 -40.93 -10.67
CA TYR I 260 -7.04 -39.94 -9.73
C TYR I 260 -8.33 -40.28 -9.00
N LYS I 261 -8.69 -41.57 -8.95
CA LYS I 261 -9.91 -42.00 -8.27
C LYS I 261 -9.79 -41.71 -6.79
N ASP I 262 -8.58 -41.88 -6.26
CA ASP I 262 -8.33 -41.63 -4.85
C ASP I 262 -8.76 -40.22 -4.52
N LEU I 263 -8.24 -39.26 -5.28
CA LEU I 263 -8.55 -37.87 -5.03
C LEU I 263 -10.06 -37.61 -5.01
N ILE I 264 -10.77 -37.94 -6.10
CA ILE I 264 -12.23 -37.76 -6.13
C ILE I 264 -12.92 -38.39 -4.94
N ASP I 265 -12.46 -39.56 -4.52
CA ASP I 265 -13.07 -40.22 -3.37
C ASP I 265 -12.87 -39.43 -2.10
N ASN I 266 -11.64 -38.94 -1.92
CA ASN I 266 -11.30 -38.06 -0.80
C ASN I 266 -12.12 -36.79 -0.82
N TYR I 267 -12.12 -36.12 -1.97
CA TYR I 267 -12.92 -34.93 -2.20
C TYR I 267 -14.38 -35.17 -1.84
N ASP I 268 -14.95 -36.28 -2.31
CA ASP I 268 -16.31 -36.71 -1.96
C ASP I 268 -16.50 -36.93 -0.45
N SER I 269 -15.49 -37.52 0.18
CA SER I 269 -15.59 -37.91 1.60
C SER I 269 -15.64 -36.69 2.52
N ILE I 270 -14.74 -35.76 2.26
CA ILE I 270 -14.66 -34.54 3.02
C ILE I 270 -15.98 -33.80 2.90
N THR I 271 -16.44 -33.56 1.69
CA THR I 271 -17.63 -32.73 1.46
C THR I 271 -18.88 -33.30 2.13
N SER I 272 -19.02 -34.62 2.09
CA SER I 272 -20.16 -35.24 2.70
C SER I 272 -20.02 -35.17 4.21
N SER I 273 -18.81 -35.38 4.71
CA SER I 273 -18.56 -35.25 6.15
C SER I 273 -18.97 -33.88 6.65
N THR I 274 -18.51 -32.85 5.94
CA THR I 274 -18.85 -31.47 6.26
C THR I 274 -20.35 -31.24 6.22
N MET I 275 -21.02 -31.81 5.23
CA MET I 275 -22.46 -31.65 5.09
C MET I 275 -23.24 -32.26 6.22
N ASP I 276 -22.72 -33.34 6.79
CA ASP I 276 -23.30 -33.97 7.95
C ASP I 276 -23.22 -32.99 9.10
N SER I 277 -22.05 -32.38 9.27
CA SER I 277 -21.81 -31.43 10.33
C SER I 277 -22.81 -30.30 10.27
N PHE I 278 -23.02 -29.72 9.09
CA PHE I 278 -24.04 -28.72 8.91
C PHE I 278 -25.41 -29.23 9.29
N SER I 279 -25.67 -30.50 9.05
CA SER I 279 -26.96 -31.10 9.37
C SER I 279 -27.08 -31.33 10.87
N ASP I 280 -26.00 -31.81 11.48
CA ASP I 280 -25.99 -32.11 12.92
C ASP I 280 -26.07 -30.88 13.77
N PHE I 281 -25.44 -29.82 13.29
CA PHE I 281 -25.38 -28.55 13.98
C PHE I 281 -26.77 -28.10 14.43
N GLN I 282 -27.78 -28.41 13.61
CA GLN I 282 -29.18 -28.05 13.90
C GLN I 282 -29.72 -28.68 15.19
N GLN I 283 -29.34 -29.92 15.45
CA GLN I 283 -29.83 -30.61 16.62
C GLN I 283 -28.98 -30.33 17.87
N ILE I 284 -29.50 -29.48 18.74
CA ILE I 284 -28.81 -29.05 19.95
C ILE I 284 -28.95 -30.12 21.02
N VAL I 285 -27.85 -30.52 21.64
CA VAL I 285 -27.85 -31.53 22.73
C VAL I 285 -27.71 -30.90 24.12
N TYR I 286 -28.73 -31.03 24.96
CA TYR I 286 -28.75 -30.41 26.29
C TYR I 286 -28.17 -31.28 27.38
N VAL I 287 -27.29 -30.71 28.18
CA VAL I 287 -26.75 -31.38 29.34
C VAL I 287 -27.47 -30.81 30.56
N LEU I 288 -28.22 -31.64 31.26
CA LEU I 288 -29.01 -31.20 32.40
C LEU I 288 -28.36 -31.50 33.75
N LYS I 289 -27.81 -30.46 34.36
CA LYS I 289 -27.12 -30.58 35.65
C LYS I 289 -28.04 -30.28 36.84
N ASN I 290 -28.17 -31.26 37.73
CA ASN I 290 -29.08 -31.21 38.90
C ASN I 290 -30.45 -30.63 38.53
N TYR I 291 -31.17 -31.35 37.67
CA TYR I 291 -32.43 -30.91 37.09
C TYR I 291 -33.58 -30.84 38.10
N ASP I 292 -34.32 -29.73 38.07
CA ASP I 292 -35.38 -29.42 39.05
C ASP I 292 -36.61 -30.35 39.00
N GLY I 293 -37.11 -30.60 37.79
CA GLY I 293 -38.30 -31.45 37.61
C GLY I 293 -38.05 -32.93 37.86
N GLU I 294 -39.04 -33.60 38.45
CA GLU I 294 -38.99 -35.05 38.62
C GLU I 294 -39.53 -35.74 37.37
N ASN I 295 -40.55 -35.14 36.76
CA ASN I 295 -41.23 -35.70 35.58
C ASN I 295 -40.42 -35.52 34.29
N PRO I 296 -40.33 -36.59 33.47
CA PRO I 296 -39.60 -36.54 32.20
C PRO I 296 -40.43 -35.82 31.13
N LYS I 297 -41.74 -36.00 31.21
CA LYS I 297 -42.70 -35.34 30.33
C LYS I 297 -42.59 -33.81 30.40
N GLU I 298 -42.52 -33.29 31.63
CA GLU I 298 -42.46 -31.86 31.92
C GLU I 298 -41.40 -31.11 31.13
N PHE I 299 -40.23 -31.72 30.96
CA PHE I 299 -39.11 -31.06 30.26
C PHE I 299 -39.40 -30.74 28.80
N THR I 300 -39.65 -31.79 28.03
CA THR I 300 -39.75 -31.70 26.56
C THR I 300 -40.89 -30.79 26.15
N ALA I 301 -42.00 -30.89 26.89
CA ALA I 301 -43.14 -30.00 26.71
C ALA I 301 -42.82 -28.58 27.17
N ASN I 302 -42.24 -28.46 28.36
CA ASN I 302 -41.97 -27.16 28.97
C ASN I 302 -41.02 -26.31 28.16
N LEU I 303 -40.02 -26.96 27.58
CA LEU I 303 -39.06 -26.31 26.68
C LEU I 303 -39.66 -26.05 25.32
N ARG I 304 -40.43 -27.01 24.82
CA ARG I 304 -40.95 -26.95 23.47
C ARG I 304 -42.06 -25.91 23.31
N TYR I 305 -42.83 -25.69 24.37
CA TYR I 305 -44.00 -24.82 24.27
C TYR I 305 -43.87 -23.52 25.02
N HIS I 306 -42.98 -23.50 26.01
CA HIS I 306 -42.65 -22.28 26.71
C HIS I 306 -41.16 -22.12 26.65
N SER I 307 -40.67 -20.92 26.93
CA SER I 307 -39.25 -20.65 26.72
C SER I 307 -38.36 -21.33 27.76
N VAL I 308 -38.99 -21.89 28.79
CA VAL I 308 -38.30 -22.15 30.06
C VAL I 308 -37.74 -23.56 30.27
N ILE I 309 -36.61 -23.60 30.96
CA ILE I 309 -36.10 -24.81 31.60
C ILE I 309 -35.89 -24.47 33.08
N LYS I 310 -36.56 -25.21 33.97
CA LYS I 310 -36.42 -25.01 35.42
C LYS I 310 -35.30 -25.88 35.99
N VAL I 311 -34.38 -25.23 36.73
CA VAL I 311 -33.24 -25.90 37.37
C VAL I 311 -33.02 -25.42 38.81
N SER I 312 -32.96 -26.38 39.73
CA SER I 312 -32.65 -26.13 41.15
C SER I 312 -31.24 -26.62 41.52
N GLY I 313 -30.94 -26.62 42.82
CA GLY I 313 -29.62 -26.96 43.30
C GLY I 313 -28.67 -25.86 42.90
N ASP I 314 -27.44 -26.23 42.55
CA ASP I 314 -26.46 -25.26 42.03
C ASP I 314 -26.13 -25.53 40.56
N GLY I 315 -26.94 -26.39 39.93
CA GLY I 315 -26.71 -26.84 38.55
C GLY I 315 -27.00 -25.81 37.47
N GLY I 316 -27.44 -26.30 36.32
CA GLY I 316 -27.67 -25.46 35.14
C GLY I 316 -27.81 -26.30 33.88
N VAL I 317 -27.86 -25.63 32.74
CA VAL I 317 -28.02 -26.30 31.46
C VAL I 317 -26.88 -25.91 30.54
N ASP I 318 -26.07 -26.90 30.17
CA ASP I 318 -25.03 -26.70 29.17
C ASP I 318 -25.53 -27.23 27.86
N THR I 319 -25.16 -26.59 26.76
CA THR I 319 -25.53 -27.09 25.45
C THR I 319 -24.30 -27.59 24.72
N LEU I 320 -24.47 -28.73 24.07
CA LEU I 320 -23.45 -29.28 23.21
C LEU I 320 -23.92 -29.09 21.79
N ARG I 321 -23.10 -28.46 20.98
CA ARG I 321 -23.43 -28.25 19.58
C ARG I 321 -22.30 -28.75 18.69
N ALA I 322 -22.65 -29.38 17.57
CA ALA I 322 -21.66 -29.89 16.62
C ALA I 322 -20.72 -28.79 16.16
N GLU I 323 -19.44 -29.10 16.15
CA GLU I 323 -18.48 -28.23 15.53
C GLU I 323 -18.53 -28.59 14.03
N ILE I 324 -18.57 -27.59 13.15
CA ILE I 324 -18.56 -27.79 11.69
C ILE I 324 -17.16 -27.47 11.19
N PRO I 325 -16.47 -28.44 10.57
CA PRO I 325 -15.07 -28.24 10.20
C PRO I 325 -14.82 -27.47 8.91
N VAL I 326 -15.68 -26.51 8.57
CA VAL I 326 -15.61 -25.82 7.28
C VAL I 326 -14.23 -25.34 6.89
N ASP I 327 -13.53 -24.75 7.86
CA ASP I 327 -12.26 -24.12 7.59
C ASP I 327 -11.16 -25.09 7.20
N SER I 328 -10.89 -26.08 8.04
CA SER I 328 -9.89 -27.08 7.72
C SER I 328 -10.30 -27.76 6.42
N ALA I 329 -11.57 -28.13 6.31
CA ALA I 329 -12.13 -28.79 5.12
C ALA I 329 -11.77 -28.04 3.87
N ALA I 330 -12.16 -26.78 3.81
CA ALA I 330 -11.93 -25.93 2.66
C ALA I 330 -10.44 -25.82 2.36
N LYS I 331 -9.61 -25.89 3.39
CA LYS I 331 -8.17 -25.75 3.21
C LYS I 331 -7.58 -26.96 2.50
N GLU I 332 -8.04 -28.14 2.89
CA GLU I 332 -7.62 -29.38 2.28
C GLU I 332 -8.20 -29.50 0.88
N LEU I 333 -9.51 -29.36 0.77
CA LEU I 333 -10.20 -29.37 -0.52
C LEU I 333 -9.54 -28.51 -1.58
N GLU I 334 -8.90 -27.43 -1.18
CA GLU I 334 -8.25 -26.59 -2.16
C GLU I 334 -7.08 -27.35 -2.78
N ARG I 335 -6.29 -28.02 -1.96
CA ARG I 335 -5.12 -28.73 -2.47
C ARG I 335 -5.55 -29.88 -3.36
N ILE I 336 -6.41 -30.73 -2.82
CA ILE I 336 -6.94 -31.85 -3.56
C ILE I 336 -7.35 -31.33 -4.91
N GLN I 337 -8.18 -30.29 -4.93
CA GLN I 337 -8.63 -29.72 -6.21
C GLN I 337 -7.48 -29.44 -7.18
N ASP I 338 -6.40 -28.85 -6.67
CA ASP I 338 -5.28 -28.52 -7.51
C ASP I 338 -4.59 -29.77 -8.03
N GLU I 339 -4.40 -30.75 -7.15
CA GLU I 339 -3.77 -32.02 -7.53
C GLU I 339 -4.63 -32.77 -8.56
N LEU I 340 -5.93 -32.79 -8.30
CA LEU I 340 -6.93 -33.34 -9.19
C LEU I 340 -6.66 -32.98 -10.65
N TYR I 341 -6.58 -31.69 -10.93
CA TYR I 341 -6.28 -31.16 -12.25
C TYR I 341 -4.94 -31.62 -12.77
N LYS I 342 -4.00 -31.90 -11.87
CA LYS I 342 -2.66 -32.32 -12.25
C LYS I 342 -2.69 -33.80 -12.55
N SER I 343 -3.08 -34.57 -11.56
CA SER I 343 -3.17 -36.00 -11.73
C SER I 343 -4.03 -36.39 -12.93
N ALA I 344 -4.97 -35.53 -13.32
CA ALA I 344 -5.87 -35.83 -14.42
C ALA I 344 -5.42 -35.19 -15.72
N GLN I 345 -4.23 -34.61 -15.74
CA GLN I 345 -3.78 -33.85 -16.92
C GLN I 345 -4.89 -33.05 -17.59
N ALA I 346 -5.47 -32.11 -16.85
CA ALA I 346 -6.61 -31.32 -17.32
C ALA I 346 -6.26 -29.85 -17.46
N VAL I 347 -7.18 -29.06 -18.00
CA VAL I 347 -7.02 -27.62 -18.04
C VAL I 347 -8.01 -26.97 -17.07
N ASP I 348 -7.51 -26.04 -16.26
CA ASP I 348 -8.39 -25.28 -15.39
C ASP I 348 -8.46 -23.89 -15.92
N ASN I 349 -9.56 -23.53 -16.57
CA ASN I 349 -9.71 -22.12 -16.98
C ASN I 349 -10.48 -21.16 -16.05
N SER I 350 -10.58 -21.52 -14.76
CA SER I 350 -10.92 -20.53 -13.74
C SER I 350 -10.10 -19.26 -13.95
N PRO I 351 -10.62 -18.07 -13.53
CA PRO I 351 -9.92 -16.85 -13.97
C PRO I 351 -8.63 -16.65 -13.18
N GLU I 352 -7.67 -15.97 -13.81
CA GLU I 352 -6.36 -15.81 -13.17
C GLU I 352 -6.31 -14.59 -12.26
N THR I 353 -6.15 -14.86 -10.95
CA THR I 353 -5.88 -13.85 -9.94
C THR I 353 -4.68 -13.00 -10.32
N ILE I 354 -3.64 -13.67 -10.82
CA ILE I 354 -2.47 -12.98 -11.34
C ILE I 354 -2.76 -12.43 -12.74
N GLY I 355 -2.35 -11.18 -12.94
CA GLY I 355 -2.51 -10.51 -14.22
C GLY I 355 -1.40 -10.86 -15.19
N GLY I 356 -1.30 -12.14 -15.55
CA GLY I 356 -0.35 -12.58 -16.58
C GLY I 356 -0.98 -13.43 -17.67
N GLY I 357 -1.93 -14.27 -17.24
CA GLY I 357 -2.56 -15.31 -18.07
C GLY I 357 -3.00 -15.07 -19.51
N ALA I 358 -2.90 -13.84 -20.01
CA ALA I 358 -3.29 -13.58 -21.38
C ALA I 358 -2.23 -13.99 -22.39
N THR I 359 -0.96 -13.88 -22.02
CA THR I 359 0.17 -13.99 -22.95
C THR I 359 0.33 -15.36 -23.59
N GLY I 360 1.06 -15.40 -24.70
CA GLY I 360 1.39 -16.64 -25.39
C GLY I 360 1.86 -17.77 -24.47
N PRO I 361 2.98 -17.55 -23.74
CA PRO I 361 3.51 -18.58 -22.88
C PRO I 361 2.56 -18.90 -21.75
N ALA I 362 1.83 -17.89 -21.29
CA ALA I 362 0.93 -18.05 -20.17
C ALA I 362 -0.21 -18.99 -20.53
N LEU I 363 -0.59 -18.99 -21.80
CA LEU I 363 -1.65 -19.86 -22.28
C LEU I 363 -1.14 -21.25 -22.58
N GLU I 364 0.06 -21.31 -23.16
CA GLU I 364 0.72 -22.57 -23.49
C GLU I 364 0.92 -23.39 -22.22
N LYS I 365 1.42 -22.73 -21.17
CA LYS I 365 1.61 -23.36 -19.87
C LYS I 365 0.29 -23.93 -19.31
N LEU I 366 -0.81 -23.24 -19.62
CA LEU I 366 -2.13 -23.63 -19.14
C LEU I 366 -2.58 -24.97 -19.71
N TYR I 367 -2.36 -25.16 -21.01
CA TYR I 367 -2.76 -26.37 -21.71
C TYR I 367 -1.73 -27.48 -21.65
N ALA I 368 -0.52 -27.15 -21.20
CA ALA I 368 0.60 -28.07 -21.12
C ALA I 368 0.21 -29.52 -20.84
N LEU I 369 -0.46 -29.78 -19.72
CA LEU I 369 -0.76 -31.15 -19.32
C LEU I 369 -1.79 -31.86 -20.20
N LEU I 370 -2.86 -31.16 -20.58
CA LEU I 370 -3.87 -31.76 -21.46
C LEU I 370 -3.22 -32.10 -22.79
N ASP I 371 -2.40 -31.19 -23.30
CA ASP I 371 -1.61 -31.43 -24.50
C ASP I 371 -0.79 -32.72 -24.39
N LEU I 372 -0.23 -32.98 -23.23
CA LEU I 372 0.47 -34.22 -22.95
C LEU I 372 -0.48 -35.40 -23.11
N LYS I 373 -1.65 -35.30 -22.49
CA LYS I 373 -2.65 -36.37 -22.43
C LYS I 373 -3.35 -36.56 -23.76
N ALA I 374 -3.51 -35.48 -24.52
CA ALA I 374 -4.15 -35.58 -25.82
C ALA I 374 -3.26 -36.30 -26.82
N ASN I 375 -1.94 -36.09 -26.70
CA ASN I 375 -0.97 -36.65 -27.64
C ASN I 375 -0.92 -38.18 -27.61
N MET I 376 -0.87 -38.77 -26.42
CA MET I 376 -0.99 -40.23 -26.27
C MET I 376 -2.32 -40.74 -26.80
N ALA I 377 -3.39 -40.05 -26.42
CA ALA I 377 -4.74 -40.41 -26.84
C ALA I 377 -4.87 -40.41 -28.36
N GLU I 378 -4.19 -39.49 -29.03
CA GLU I 378 -4.21 -39.48 -30.49
C GLU I 378 -3.50 -40.72 -31.02
N ARG I 379 -2.26 -40.95 -30.60
CA ARG I 379 -1.51 -42.15 -31.01
C ARG I 379 -2.39 -43.38 -30.90
N LYS I 380 -3.07 -43.49 -29.76
CA LYS I 380 -3.94 -44.61 -29.50
C LYS I 380 -5.22 -44.59 -30.31
N ILE I 381 -5.71 -43.41 -30.65
CA ILE I 381 -6.93 -43.31 -31.45
C ILE I 381 -6.60 -43.61 -32.90
N ARG I 382 -5.47 -43.09 -33.36
CA ARG I 382 -4.98 -43.34 -34.73
C ARG I 382 -4.80 -44.83 -34.99
N ALA I 383 -4.13 -45.53 -34.06
CA ALA I 383 -3.90 -46.97 -34.14
C ALA I 383 -5.18 -47.74 -34.45
N GLY I 384 -6.23 -47.47 -33.68
CA GLY I 384 -7.54 -48.07 -33.90
C GLY I 384 -8.14 -47.68 -35.23
N LEU I 385 -8.03 -46.39 -35.59
CA LEU I 385 -8.68 -45.88 -36.79
C LEU I 385 -8.01 -46.36 -38.09
N ARG I 386 -6.70 -46.62 -38.04
CA ARG I 386 -5.97 -47.17 -39.21
C ARG I 386 -6.46 -48.57 -39.55
N LEU I 387 -6.64 -49.37 -38.50
CA LEU I 387 -7.19 -50.71 -38.63
C LEU I 387 -8.64 -50.65 -39.09
N PHE I 388 -9.36 -49.60 -38.71
CA PHE I 388 -10.73 -49.38 -39.18
C PHE I 388 -10.76 -49.13 -40.68
N PHE I 389 -9.79 -48.39 -41.20
CA PHE I 389 -9.72 -48.12 -42.64
C PHE I 389 -9.13 -49.28 -43.44
N TRP I 390 -8.38 -50.15 -42.77
CA TRP I 390 -7.94 -51.41 -43.34
C TRP I 390 -9.14 -52.26 -43.70
N PHE I 391 -10.12 -52.30 -42.80
CA PHE I 391 -11.34 -53.07 -42.96
C PHE I 391 -12.21 -52.49 -44.07
N PHE I 392 -12.24 -51.16 -44.16
CA PHE I 392 -12.98 -50.50 -45.23
C PHE I 392 -12.34 -50.75 -46.60
N ALA I 393 -11.01 -50.90 -46.62
CA ALA I 393 -10.26 -51.22 -47.85
C ALA I 393 -10.56 -52.64 -48.29
N GLU I 394 -10.66 -53.54 -47.32
CA GLU I 394 -11.05 -54.93 -47.57
C GLU I 394 -12.44 -54.98 -48.19
N TYR I 395 -13.36 -54.16 -47.67
CA TYR I 395 -14.71 -54.07 -48.23
C TYR I 395 -14.72 -53.54 -49.64
N LEU I 396 -13.84 -52.59 -49.94
CA LEU I 396 -13.74 -52.01 -51.29
C LEU I 396 -13.14 -52.97 -52.32
N ARG I 397 -12.10 -53.71 -51.92
CA ARG I 397 -11.49 -54.74 -52.75
C ARG I 397 -12.54 -55.77 -53.16
N ASN I 398 -13.35 -56.19 -52.20
CA ASN I 398 -14.34 -57.25 -52.41
C ASN I 398 -15.64 -56.78 -53.04
N THR I 399 -16.03 -55.54 -52.76
CA THR I 399 -17.24 -54.96 -53.35
C THR I 399 -17.02 -54.53 -54.81
N GLY I 400 -15.76 -54.60 -55.24
CA GLY I 400 -15.38 -54.31 -56.63
C GLY I 400 -15.28 -52.84 -56.97
N LYS I 401 -15.02 -52.02 -55.95
CA LYS I 401 -14.88 -50.57 -56.14
C LYS I 401 -13.41 -50.13 -56.11
N GLY I 402 -12.50 -51.11 -56.16
CA GLY I 402 -11.06 -50.83 -56.26
C GLY I 402 -10.23 -51.44 -55.14
N ASP I 403 -8.93 -51.55 -55.38
CA ASP I 403 -7.99 -52.02 -54.36
C ASP I 403 -7.07 -50.89 -53.91
N PHE I 404 -7.06 -50.66 -52.60
CA PHE I 404 -6.34 -49.53 -52.00
C PHE I 404 -5.43 -49.95 -50.84
N ASN I 405 -4.47 -49.08 -50.53
CA ASN I 405 -3.62 -49.25 -49.35
C ASN I 405 -3.70 -48.01 -48.46
N PRO I 406 -4.64 -48.03 -47.47
CA PRO I 406 -4.84 -46.85 -46.63
C PRO I 406 -3.57 -46.53 -45.87
N ASP I 407 -2.96 -47.57 -45.29
CA ASP I 407 -1.77 -47.42 -44.46
C ASP I 407 -0.62 -46.64 -45.08
N LYS I 408 -0.66 -46.43 -46.39
CA LYS I 408 0.39 -45.68 -47.03
C LYS I 408 -0.13 -44.52 -47.88
N GLU I 409 -1.39 -44.62 -48.31
CA GLU I 409 -2.01 -43.59 -49.16
C GLU I 409 -2.73 -42.52 -48.35
N LEU I 410 -3.52 -42.95 -47.37
CA LEU I 410 -4.36 -42.04 -46.58
C LEU I 410 -3.60 -41.42 -45.43
N THR I 411 -3.85 -40.13 -45.22
CA THR I 411 -3.32 -39.41 -44.05
C THR I 411 -4.46 -38.77 -43.27
N MET I 412 -4.30 -38.75 -41.95
CA MET I 412 -5.32 -38.20 -41.07
C MET I 412 -4.88 -36.89 -40.42
N THR I 413 -5.87 -36.02 -40.18
CA THR I 413 -5.62 -34.73 -39.57
C THR I 413 -6.54 -34.45 -38.39
N PHE I 414 -5.96 -34.36 -37.20
CA PHE I 414 -6.69 -34.02 -35.99
C PHE I 414 -6.59 -32.53 -35.70
N THR I 415 -7.71 -31.94 -35.36
CA THR I 415 -7.77 -30.51 -35.11
C THR I 415 -7.93 -30.24 -33.63
N ARG I 416 -7.18 -29.27 -33.12
CA ARG I 416 -7.29 -28.93 -31.69
C ARG I 416 -7.84 -27.54 -31.41
N THR I 417 -8.89 -27.52 -30.59
CA THR I 417 -9.54 -26.31 -30.15
C THR I 417 -8.71 -25.76 -29.00
N ARG I 418 -7.78 -24.87 -29.33
CA ARG I 418 -6.84 -24.35 -28.35
C ARG I 418 -6.94 -22.85 -28.18
N ILE I 419 -7.02 -22.39 -26.92
CA ILE I 419 -7.18 -20.96 -26.63
C ILE I 419 -5.93 -20.18 -26.99
N GLN I 420 -6.10 -19.09 -27.73
CA GLN I 420 -4.96 -18.34 -28.23
C GLN I 420 -5.15 -16.86 -28.03
N ASN I 421 -4.04 -16.13 -28.08
CA ASN I 421 -4.06 -14.68 -28.01
C ASN I 421 -4.02 -14.14 -29.41
N ASP I 422 -5.15 -14.23 -30.12
CA ASP I 422 -5.19 -13.93 -31.57
C ASP I 422 -4.59 -12.59 -31.97
N SER I 423 -4.79 -11.59 -31.12
CA SER I 423 -4.22 -10.27 -31.29
C SER I 423 -2.71 -10.35 -31.36
N GLU I 424 -2.13 -11.06 -30.39
CA GLU I 424 -0.68 -11.16 -30.25
C GLU I 424 -0.05 -11.78 -31.47
N ILE I 425 -0.64 -12.89 -31.93
CA ILE I 425 -0.14 -13.64 -33.08
C ILE I 425 -0.14 -12.77 -34.34
N VAL I 426 -1.30 -12.23 -34.71
CA VAL I 426 -1.45 -11.36 -35.87
C VAL I 426 -0.33 -10.34 -35.97
N GLN I 427 0.05 -9.76 -34.82
CA GLN I 427 1.10 -8.76 -34.76
C GLN I 427 2.47 -9.35 -34.99
N SER I 428 2.78 -10.45 -34.29
CA SER I 428 4.02 -11.18 -34.49
C SER I 428 4.20 -11.60 -35.94
N LEU I 429 3.10 -12.03 -36.55
CA LEU I 429 3.06 -12.38 -37.97
C LEU I 429 3.36 -11.19 -38.86
N VAL I 430 2.64 -10.08 -38.68
CA VAL I 430 2.89 -8.85 -39.45
C VAL I 430 4.33 -8.37 -39.30
N GLN I 431 4.86 -8.50 -38.08
CA GLN I 431 6.22 -8.11 -37.77
C GLN I 431 7.23 -8.99 -38.52
N GLY I 432 7.02 -10.30 -38.43
CA GLY I 432 7.84 -11.27 -39.16
C GLY I 432 7.87 -11.08 -40.68
N VAL I 433 6.71 -10.81 -41.26
CA VAL I 433 6.60 -10.58 -42.70
C VAL I 433 7.33 -9.29 -43.03
N THR I 434 6.95 -8.21 -42.39
CA THR I 434 7.62 -6.91 -42.58
C THR I 434 9.13 -7.04 -42.41
N GLY I 435 9.54 -7.73 -41.33
CA GLY I 435 10.95 -8.02 -41.05
C GLY I 435 11.64 -8.78 -42.17
N GLY I 436 10.86 -9.59 -42.89
CA GLY I 436 11.40 -10.40 -43.99
C GLY I 436 11.94 -11.73 -43.52
N ILE I 437 11.41 -12.22 -42.40
CA ILE I 437 11.73 -13.57 -41.93
C ILE I 437 10.59 -14.53 -42.24
N MET I 438 9.63 -14.08 -43.04
CA MET I 438 8.44 -14.87 -43.34
C MET I 438 7.77 -14.55 -44.67
N SER I 439 7.39 -15.60 -45.37
CA SER I 439 6.50 -15.51 -46.51
C SER I 439 5.10 -15.13 -46.03
N LYS I 440 4.35 -14.41 -46.85
CA LYS I 440 2.96 -14.14 -46.56
C LYS I 440 2.16 -15.44 -46.55
N GLU I 441 2.58 -16.41 -47.38
CA GLU I 441 1.97 -17.72 -47.44
C GLU I 441 1.89 -18.37 -46.08
N THR I 442 3.06 -18.69 -45.53
CA THR I 442 3.17 -19.27 -44.18
C THR I 442 2.36 -18.44 -43.19
N ALA I 443 2.40 -17.12 -43.36
CA ALA I 443 1.72 -16.18 -42.48
C ALA I 443 0.20 -16.31 -42.56
N VAL I 444 -0.36 -16.29 -43.78
CA VAL I 444 -1.80 -16.46 -43.97
C VAL I 444 -2.30 -17.77 -43.33
N ALA I 445 -1.53 -18.83 -43.56
CA ALA I 445 -1.86 -20.16 -43.04
C ALA I 445 -1.78 -20.22 -41.51
N ARG I 446 -0.93 -19.37 -40.93
CA ARG I 446 -0.77 -19.28 -39.48
C ARG I 446 -1.70 -18.28 -38.79
N ASN I 447 -2.37 -17.45 -39.60
CA ASN I 447 -3.31 -16.42 -39.14
C ASN I 447 -4.58 -17.03 -38.50
N PRO I 448 -4.88 -16.63 -37.25
CA PRO I 448 -6.00 -17.18 -36.50
C PRO I 448 -7.40 -16.85 -37.03
N PHE I 449 -7.50 -15.85 -37.90
CA PHE I 449 -8.80 -15.53 -38.51
C PHE I 449 -9.00 -16.28 -39.84
N VAL I 450 -8.09 -17.22 -40.11
CA VAL I 450 -8.12 -17.96 -41.36
C VAL I 450 -8.54 -19.42 -41.15
N GLN I 451 -9.61 -19.81 -41.83
CA GLN I 451 -10.03 -21.20 -41.86
C GLN I 451 -9.19 -21.92 -42.92
N ASP I 452 -9.42 -21.59 -44.20
CA ASP I 452 -8.76 -22.26 -45.34
C ASP I 452 -7.70 -21.39 -46.03
N PRO I 453 -6.40 -21.73 -45.85
CA PRO I 453 -5.28 -20.97 -46.44
C PRO I 453 -5.36 -20.84 -47.95
N GLU I 454 -5.90 -21.87 -48.62
CA GLU I 454 -5.96 -21.91 -50.08
C GLU I 454 -6.88 -20.84 -50.67
N GLU I 455 -8.06 -20.66 -50.06
CA GLU I 455 -9.03 -19.66 -50.52
C GLU I 455 -8.58 -18.24 -50.23
N GLU I 456 -8.04 -17.99 -49.03
CA GLU I 456 -7.58 -16.65 -48.63
C GLU I 456 -6.34 -16.19 -49.41
N LEU I 457 -5.37 -17.09 -49.61
CA LEU I 457 -4.16 -16.77 -50.37
C LEU I 457 -4.56 -16.32 -51.76
N ALA I 458 -5.58 -16.99 -52.30
CA ALA I 458 -6.15 -16.65 -53.60
C ALA I 458 -7.00 -15.37 -53.54
N ARG I 459 -7.66 -15.15 -52.41
CA ARG I 459 -8.50 -13.96 -52.21
C ARG I 459 -7.66 -12.68 -52.16
N ILE I 460 -6.58 -12.72 -51.37
CA ILE I 460 -5.64 -11.61 -51.23
C ILE I 460 -5.03 -11.22 -52.58
N GLU I 461 -4.80 -12.21 -53.45
CA GLU I 461 -4.20 -11.97 -54.76
C GLU I 461 -5.18 -11.24 -55.68
N GLU I 462 -6.41 -11.75 -55.79
CA GLU I 462 -7.46 -11.15 -56.64
C GLU I 462 -7.85 -9.74 -56.16
N GLU I 463 -7.61 -9.46 -54.88
CA GLU I 463 -7.72 -8.11 -54.34
C GLU I 463 -6.65 -7.22 -54.96
N MET I 464 -5.40 -7.67 -54.88
CA MET I 464 -4.26 -6.93 -55.43
C MET I 464 -4.41 -6.62 -56.93
N ASN I 465 -4.84 -7.61 -57.72
CA ASN I 465 -5.05 -7.44 -59.18
C ASN I 465 -6.21 -6.51 -59.56
N GLN I 466 -7.03 -6.18 -58.56
CA GLN I 466 -8.10 -5.19 -58.71
C GLN I 466 -7.53 -3.79 -58.48
N TYR I 467 -7.01 -3.56 -57.28
CA TYR I 467 -6.38 -2.29 -56.95
C TYR I 467 -4.88 -2.33 -57.31
N UNK J 1 -7.99 -66.11 -32.87
CA UNK J 1 -8.64 -65.17 -31.91
C UNK J 1 -10.15 -65.12 -32.10
N UNK J 2 -10.87 -65.81 -31.21
CA UNK J 2 -12.31 -65.60 -31.04
C UNK J 2 -12.59 -64.28 -30.27
N UNK J 3 -13.84 -63.83 -30.36
CA UNK J 3 -14.31 -62.60 -29.73
C UNK J 3 -15.81 -62.72 -29.51
N UNK J 4 -16.23 -62.76 -28.25
CA UNK J 4 -17.63 -62.99 -27.90
C UNK J 4 -18.27 -61.77 -27.27
N UNK J 5 -19.55 -61.54 -27.58
CA UNK J 5 -20.35 -60.48 -26.97
C UNK J 5 -21.50 -61.05 -26.12
N UNK J 6 -21.52 -60.72 -24.82
CA UNK J 6 -22.55 -61.20 -23.90
C UNK J 6 -23.66 -60.16 -23.70
N UNK J 7 -24.64 -60.15 -24.60
CA UNK J 7 -25.78 -59.24 -24.48
C UNK J 7 -26.93 -59.87 -23.69
N UNK J 8 -27.87 -59.03 -23.25
CA UNK J 8 -29.00 -59.47 -22.43
C UNK J 8 -30.19 -58.53 -22.63
N UNK J 9 -31.19 -59.01 -23.38
CA UNK J 9 -32.37 -58.23 -23.72
C UNK J 9 -33.65 -58.68 -22.97
N UNK J 10 -34.19 -57.76 -22.15
CA UNK J 10 -35.48 -57.98 -21.47
C UNK J 10 -36.65 -57.59 -22.38
N UNK J 11 -37.51 -58.58 -22.69
CA UNK J 11 -38.61 -58.41 -23.65
C UNK J 11 -39.77 -57.57 -23.12
N UNK J 12 -40.85 -57.46 -23.90
CA UNK J 12 -42.09 -56.79 -23.49
C UNK J 12 -42.63 -57.35 -22.17
N UNK J 13 -42.47 -58.66 -22.00
CA UNK J 13 -42.85 -59.37 -20.78
C UNK J 13 -41.61 -60.01 -20.09
N UNK J 14 -41.02 -60.99 -20.77
CA UNK J 14 -39.95 -61.85 -20.23
C UNK J 14 -38.56 -61.20 -20.23
N UNK J 15 -37.53 -62.05 -20.28
CA UNK J 15 -36.13 -61.63 -20.39
C UNK J 15 -35.31 -62.73 -21.06
N UNK J 16 -34.66 -62.37 -22.18
CA UNK J 16 -33.78 -63.29 -22.92
C UNK J 16 -32.31 -62.96 -22.63
N UNK J 17 -31.42 -63.94 -22.84
CA UNK J 17 -30.00 -63.77 -22.51
C UNK J 17 -29.05 -64.32 -23.59
N UNK J 18 -29.10 -63.73 -24.78
CA UNK J 18 -28.36 -64.21 -25.96
C UNK J 18 -26.85 -63.91 -25.93
N UNK J 19 -26.14 -64.46 -26.92
CA UNK J 19 -24.70 -64.25 -27.07
C UNK J 19 -24.27 -64.35 -28.55
N UNK J 20 -23.03 -63.92 -28.84
CA UNK J 20 -22.48 -63.95 -30.20
C UNK J 20 -21.00 -64.28 -30.13
N UNK J 21 -20.51 -65.10 -31.07
CA UNK J 21 -19.09 -65.45 -31.12
C UNK J 21 -18.48 -65.12 -32.48
N UNK J 22 -17.71 -64.04 -32.53
CA UNK J 22 -17.12 -63.57 -33.78
C UNK J 22 -15.80 -64.29 -34.09
N UNK J 23 -15.75 -64.90 -35.27
CA UNK J 23 -14.58 -65.64 -35.75
C UNK J 23 -14.03 -65.08 -37.07
N UNK J 24 -12.77 -65.40 -37.36
CA UNK J 24 -12.11 -64.96 -38.59
C UNK J 24 -12.90 -65.26 -39.88
N UNK J 25 -13.77 -66.28 -39.85
CA UNK J 25 -14.58 -66.70 -41.00
C UNK J 25 -16.09 -66.44 -40.90
N UNK J 26 -16.69 -66.65 -39.71
CA UNK J 26 -18.13 -66.43 -39.49
C UNK J 26 -18.49 -65.90 -38.06
N UNK J 27 -19.79 -65.84 -37.75
CA UNK J 27 -20.29 -65.17 -36.53
C UNK J 27 -21.51 -65.83 -35.86
N UNK J 28 -21.34 -67.10 -35.44
CA UNK J 28 -22.41 -67.93 -34.84
C UNK J 28 -23.05 -67.33 -33.58
N UNK J 29 -24.37 -67.53 -33.44
CA UNK J 29 -25.14 -66.99 -32.30
C UNK J 29 -25.25 -67.96 -31.11
N UNK J 30 -26.28 -67.74 -30.26
CA UNK J 30 -26.58 -68.59 -29.09
C UNK J 30 -27.59 -67.91 -28.14
N PRO K 29 -51.43 -56.25 -32.41
CA PRO K 29 -50.82 -56.00 -31.09
C PRO K 29 -51.72 -56.49 -29.96
N ASP K 30 -51.15 -56.59 -28.75
CA ASP K 30 -51.89 -57.12 -27.60
C ASP K 30 -52.34 -56.03 -26.64
N THR K 31 -53.45 -56.26 -25.94
CA THR K 31 -53.98 -55.28 -24.97
C THR K 31 -53.44 -55.52 -23.55
N THR K 32 -53.14 -56.78 -23.21
CA THR K 32 -52.56 -57.14 -21.92
C THR K 32 -51.13 -56.64 -21.78
N MET K 33 -50.35 -56.81 -22.85
CA MET K 33 -48.98 -56.32 -22.95
C MET K 33 -48.89 -54.79 -22.79
N ILE K 34 -49.91 -54.10 -23.33
CA ILE K 34 -50.05 -52.65 -23.18
C ILE K 34 -50.08 -52.25 -21.70
N GLN K 35 -50.92 -52.93 -20.92
CA GLN K 35 -51.01 -52.69 -19.49
C GLN K 35 -49.67 -52.90 -18.78
N LYS K 36 -48.99 -54.02 -19.07
CA LYS K 36 -47.64 -54.27 -18.56
C LYS K 36 -46.69 -53.11 -18.85
N LEU K 37 -46.65 -52.68 -20.11
CA LEU K 37 -45.77 -51.60 -20.54
C LEU K 37 -46.11 -50.29 -19.86
N ILE K 38 -47.41 -50.08 -19.60
CA ILE K 38 -47.89 -48.91 -18.86
C ILE K 38 -47.56 -48.99 -17.35
N ASP K 39 -47.88 -50.12 -16.72
CA ASP K 39 -47.64 -50.29 -15.29
C ASP K 39 -46.16 -50.40 -14.95
N GLU K 40 -45.39 -50.96 -15.87
CA GLU K 40 -43.95 -51.05 -15.71
C GLU K 40 -43.24 -49.68 -15.90
N HIS K 41 -43.80 -48.85 -16.78
CA HIS K 41 -43.26 -47.50 -17.04
C HIS K 41 -43.24 -46.62 -15.80
N ASN K 42 -42.22 -45.77 -15.72
CA ASN K 42 -42.11 -44.79 -14.64
C ASN K 42 -41.49 -43.46 -15.08
N PRO K 43 -42.24 -42.36 -14.91
CA PRO K 43 -41.81 -41.06 -15.37
C PRO K 43 -40.97 -40.27 -14.35
N GLU K 44 -40.80 -40.83 -13.14
CA GLU K 44 -39.99 -40.16 -12.10
C GLU K 44 -38.53 -39.82 -12.53
N PRO K 45 -37.83 -40.73 -13.25
CA PRO K 45 -36.53 -40.33 -13.78
C PRO K 45 -36.58 -39.16 -14.76
N LEU K 46 -37.65 -39.08 -15.55
CA LEU K 46 -37.70 -38.07 -16.62
C LEU K 46 -38.31 -36.73 -16.18
N LEU K 47 -39.13 -36.79 -15.13
CA LEU K 47 -39.79 -35.59 -14.60
C LEU K 47 -38.92 -34.87 -13.58
N LYS K 48 -37.91 -35.58 -13.05
CA LYS K 48 -36.90 -35.05 -12.14
C LYS K 48 -36.43 -33.63 -12.55
N GLY K 49 -35.76 -33.55 -13.70
CA GLY K 49 -35.29 -32.27 -14.22
C GLY K 49 -36.38 -31.23 -14.40
N VAL K 50 -37.57 -31.67 -14.78
CA VAL K 50 -38.71 -30.77 -14.97
C VAL K 50 -39.06 -30.11 -13.65
N ARG K 51 -39.08 -30.89 -12.57
CA ARG K 51 -39.43 -30.39 -11.26
C ARG K 51 -38.37 -29.38 -10.77
N TYR K 52 -37.10 -29.74 -10.94
CA TYR K 52 -36.02 -28.85 -10.59
C TYR K 52 -36.04 -27.59 -11.42
N TYR K 53 -36.29 -27.71 -12.73
CA TYR K 53 -36.51 -26.51 -13.55
C TYR K 53 -37.66 -25.65 -13.00
N MET K 54 -38.51 -26.23 -12.16
CA MET K 54 -39.69 -25.53 -11.64
C MET K 54 -39.53 -25.08 -10.17
N CYS K 55 -38.31 -25.23 -9.64
CA CYS K 55 -38.03 -25.05 -8.21
C CYS K 55 -38.97 -25.89 -7.35
N GLU K 56 -39.03 -27.18 -7.66
CA GLU K 56 -39.63 -28.17 -6.79
C GLU K 56 -38.46 -29.10 -6.53
N ASN K 57 -37.56 -28.70 -5.66
CA ASN K 57 -36.40 -29.54 -5.38
C ASN K 57 -36.70 -30.53 -4.25
N ASP K 58 -35.91 -31.60 -4.16
CA ASP K 58 -36.17 -32.61 -3.12
C ASP K 58 -36.23 -31.99 -1.73
N ILE K 59 -35.76 -30.76 -1.63
CA ILE K 59 -35.73 -30.12 -0.33
C ILE K 59 -37.15 -29.79 0.13
N GLU K 60 -38.07 -29.65 -0.81
CA GLU K 60 -39.43 -29.30 -0.44
C GLU K 60 -40.02 -30.35 0.50
N LYS K 61 -39.37 -31.52 0.56
CA LYS K 61 -39.81 -32.64 1.41
C LYS K 61 -39.26 -32.57 2.84
N LYS K 62 -38.33 -31.65 3.06
CA LYS K 62 -37.73 -31.43 4.38
C LYS K 62 -38.82 -31.10 5.39
N ARG K 63 -38.73 -31.69 6.57
CA ARG K 63 -39.71 -31.42 7.62
C ARG K 63 -39.02 -31.51 8.96
N ARG K 64 -39.40 -30.63 9.90
CA ARG K 64 -38.75 -30.64 11.21
C ARG K 64 -39.42 -31.59 12.19
N THR K 65 -38.68 -32.61 12.60
CA THR K 65 -39.28 -33.68 13.39
C THR K 65 -38.73 -33.73 14.81
N TYR K 66 -39.32 -34.59 15.63
CA TYR K 66 -38.90 -34.82 17.01
C TYR K 66 -39.49 -36.15 17.47
N TYR K 67 -39.11 -36.64 18.64
CA TYR K 67 -39.61 -37.94 19.07
C TYR K 67 -40.60 -37.91 20.24
N ASP K 68 -41.62 -38.77 20.13
CA ASP K 68 -42.69 -38.89 21.13
C ASP K 68 -42.23 -39.64 22.38
N ALA K 69 -43.20 -40.10 23.17
CA ALA K 69 -42.96 -40.95 24.33
C ALA K 69 -42.11 -42.17 23.93
N ALA K 70 -42.75 -43.15 23.29
CA ALA K 70 -42.06 -44.36 22.85
C ALA K 70 -41.42 -44.22 21.47
N GLY K 71 -40.66 -43.13 21.28
CA GLY K 71 -39.88 -42.94 20.07
C GLY K 71 -40.62 -42.90 18.75
N GLN K 72 -41.80 -42.26 18.73
CA GLN K 72 -42.51 -42.04 17.46
C GLN K 72 -42.08 -40.71 16.80
N GLN K 73 -41.38 -40.82 15.67
CA GLN K 73 -40.97 -39.64 14.91
C GLN K 73 -42.20 -38.85 14.45
N LEU K 74 -42.21 -37.57 14.77
CA LEU K 74 -43.36 -36.72 14.53
C LEU K 74 -42.90 -35.33 14.16
N VAL K 75 -43.59 -34.69 13.21
CA VAL K 75 -43.34 -33.29 12.85
C VAL K 75 -43.76 -32.40 14.01
N ASP K 76 -43.02 -31.31 14.26
CA ASP K 76 -43.45 -30.44 15.36
C ASP K 76 -43.84 -29.01 14.98
N ASP K 77 -45.11 -28.72 15.19
CA ASP K 77 -45.70 -27.41 14.86
C ASP K 77 -44.99 -26.24 15.54
N THR K 78 -44.17 -26.53 16.55
CA THR K 78 -43.42 -25.52 17.29
C THR K 78 -42.56 -24.68 16.36
N LYS K 79 -41.83 -25.35 15.48
CA LYS K 79 -40.77 -24.72 14.68
C LYS K 79 -41.15 -24.43 13.24
N THR K 80 -40.57 -23.38 12.67
CA THR K 80 -40.74 -23.09 11.25
C THR K 80 -39.87 -24.04 10.44
N ASN K 81 -40.41 -24.51 9.32
CA ASN K 81 -39.73 -25.46 8.48
C ASN K 81 -39.49 -24.79 7.16
N ASN K 82 -38.44 -23.99 7.07
CA ASN K 82 -38.05 -23.33 5.83
C ASN K 82 -37.43 -24.32 4.86
N ARG K 83 -37.93 -24.31 3.63
CA ARG K 83 -37.32 -25.15 2.60
C ARG K 83 -37.18 -24.45 1.25
N THR K 84 -36.00 -23.85 1.11
CA THR K 84 -35.67 -22.99 0.00
C THR K 84 -35.07 -23.84 -1.12
N SER K 85 -35.65 -23.72 -2.32
CA SER K 85 -35.17 -24.47 -3.47
C SER K 85 -34.66 -23.54 -4.56
N HIS K 86 -33.40 -23.74 -4.94
CA HIS K 86 -32.73 -22.80 -5.82
C HIS K 86 -32.89 -23.07 -7.31
N ALA K 87 -33.29 -22.03 -8.04
CA ALA K 87 -33.44 -22.08 -9.48
C ALA K 87 -32.12 -22.23 -10.24
N TRP K 88 -31.20 -23.04 -9.70
CA TRP K 88 -29.90 -23.21 -10.33
C TRP K 88 -30.05 -23.91 -11.65
N HIS K 89 -30.79 -25.02 -11.61
CA HIS K 89 -30.94 -25.89 -12.76
C HIS K 89 -31.58 -25.17 -13.90
N LYS K 90 -32.63 -24.41 -13.60
CA LYS K 90 -33.35 -23.66 -14.62
C LYS K 90 -32.46 -22.68 -15.35
N LEU K 91 -31.58 -22.04 -14.59
CA LEU K 91 -30.67 -21.02 -15.10
C LEU K 91 -29.69 -21.60 -16.08
N PHE K 92 -29.13 -22.76 -15.76
CA PHE K 92 -28.16 -23.41 -16.63
C PHE K 92 -28.81 -23.86 -17.93
N VAL K 93 -29.98 -24.49 -17.82
CA VAL K 93 -30.73 -24.99 -18.97
C VAL K 93 -31.05 -23.85 -19.91
N ASP K 94 -31.68 -22.81 -19.39
CA ASP K 94 -31.99 -21.59 -20.16
C ASP K 94 -30.79 -21.04 -20.93
N GLN K 95 -29.63 -21.14 -20.30
CA GLN K 95 -28.38 -20.68 -20.88
C GLN K 95 -27.98 -21.58 -22.05
N LYS K 96 -28.09 -22.90 -21.86
CA LYS K 96 -27.78 -23.87 -22.92
C LYS K 96 -28.77 -23.77 -24.09
N THR K 97 -30.06 -23.76 -23.78
CA THR K 97 -31.10 -23.61 -24.80
C THR K 97 -30.76 -22.44 -25.72
N GLN K 98 -30.69 -21.25 -25.12
CA GLN K 98 -30.49 -19.99 -25.84
C GLN K 98 -29.18 -19.96 -26.60
N TYR K 99 -28.14 -20.56 -26.03
CA TYR K 99 -26.82 -20.58 -26.64
C TYR K 99 -26.85 -21.30 -27.97
N LEU K 100 -27.56 -22.42 -28.01
CA LEU K 100 -27.63 -23.27 -29.19
C LEU K 100 -28.68 -22.81 -30.20
N VAL K 101 -29.86 -22.48 -29.69
CA VAL K 101 -31.05 -22.35 -30.51
C VAL K 101 -31.68 -20.97 -30.45
N GLY K 102 -31.22 -20.14 -29.50
CA GLY K 102 -31.71 -18.76 -29.36
C GLY K 102 -31.75 -17.99 -30.68
N GLU K 103 -30.68 -18.12 -31.46
CA GLU K 103 -30.69 -17.68 -32.85
C GLU K 103 -31.20 -18.82 -33.74
N PRO K 104 -32.12 -18.52 -34.66
CA PRO K 104 -32.72 -19.49 -35.57
C PRO K 104 -31.68 -20.22 -36.42
N VAL K 105 -31.94 -21.49 -36.69
CA VAL K 105 -31.08 -22.31 -37.54
C VAL K 105 -31.20 -21.94 -39.03
N THR K 106 -30.06 -21.74 -39.67
CA THR K 106 -29.99 -21.38 -41.09
C THR K 106 -29.67 -22.60 -41.93
N PHE K 107 -30.29 -22.67 -43.11
CA PHE K 107 -30.10 -23.80 -43.98
C PHE K 107 -29.52 -23.37 -45.32
N THR K 108 -28.67 -24.22 -45.89
CA THR K 108 -28.09 -23.99 -47.22
C THR K 108 -27.99 -25.27 -48.04
N SER K 109 -28.44 -25.19 -49.29
CA SER K 109 -28.28 -26.25 -50.28
C SER K 109 -28.20 -25.63 -51.67
N ASP K 110 -27.72 -26.40 -52.64
CA ASP K 110 -27.68 -25.95 -54.04
C ASP K 110 -28.99 -26.26 -54.75
N ASN K 111 -29.73 -27.22 -54.22
CA ASN K 111 -31.08 -27.54 -54.69
C ASN K 111 -32.06 -26.49 -54.17
N LYS K 112 -32.40 -25.54 -55.04
CA LYS K 112 -33.15 -24.34 -54.63
C LYS K 112 -34.63 -24.56 -54.36
N THR K 113 -35.22 -25.57 -54.99
CA THR K 113 -36.63 -25.91 -54.76
C THR K 113 -36.81 -26.51 -53.36
N LEU K 114 -35.89 -27.39 -52.99
CA LEU K 114 -35.83 -27.98 -51.65
C LEU K 114 -35.62 -26.91 -50.58
N LEU K 115 -34.64 -26.03 -50.82
CA LEU K 115 -34.31 -24.92 -49.94
C LEU K 115 -35.54 -24.03 -49.65
N GLU K 116 -36.30 -23.71 -50.71
CA GLU K 116 -37.55 -22.97 -50.58
C GLU K 116 -38.53 -23.66 -49.65
N TYR K 117 -38.81 -24.93 -49.92
CA TYR K 117 -39.76 -25.75 -49.14
C TYR K 117 -39.37 -25.88 -47.68
N VAL K 118 -38.07 -25.99 -47.42
CA VAL K 118 -37.55 -26.13 -46.07
C VAL K 118 -37.76 -24.83 -45.27
N ASN K 119 -37.37 -23.70 -45.87
CA ASN K 119 -37.55 -22.37 -45.26
C ASN K 119 -39.00 -22.01 -44.96
N GLU K 120 -39.89 -22.28 -45.93
CA GLU K 120 -41.34 -22.19 -45.76
C GLU K 120 -41.84 -22.91 -44.50
N LEU K 121 -41.32 -24.10 -44.27
CA LEU K 121 -41.68 -24.95 -43.15
C LEU K 121 -41.05 -24.47 -41.85
N ALA K 122 -39.78 -24.12 -41.90
CA ALA K 122 -38.98 -24.03 -40.70
C ALA K 122 -38.19 -22.73 -40.55
N ASP K 123 -38.88 -21.63 -40.27
CA ASP K 123 -38.15 -20.40 -39.95
C ASP K 123 -38.84 -19.39 -39.03
N ASP K 124 -39.96 -19.79 -38.39
CA ASP K 124 -40.55 -18.95 -37.32
C ASP K 124 -41.20 -19.69 -36.16
N ASP K 125 -42.18 -20.55 -36.45
CA ASP K 125 -42.84 -21.38 -35.42
C ASP K 125 -41.95 -22.55 -35.05
N PHE K 126 -41.17 -22.98 -36.02
CA PHE K 126 -40.20 -24.05 -35.87
C PHE K 126 -39.17 -23.66 -34.84
N ASP K 127 -38.67 -22.43 -34.95
CA ASP K 127 -37.68 -21.92 -34.02
C ASP K 127 -38.19 -21.98 -32.57
N ASP K 128 -39.40 -21.46 -32.33
CA ASP K 128 -39.98 -21.37 -30.98
C ASP K 128 -40.21 -22.73 -30.35
N ILE K 129 -40.42 -23.73 -31.20
CA ILE K 129 -40.63 -25.10 -30.76
C ILE K 129 -39.27 -25.77 -30.51
N LEU K 130 -38.34 -25.56 -31.43
CA LEU K 130 -36.99 -26.10 -31.25
C LEU K 130 -36.39 -25.65 -29.93
N ASN K 131 -36.68 -24.40 -29.56
CA ASN K 131 -36.28 -23.88 -28.26
C ASN K 131 -36.90 -24.68 -27.14
N GLU K 132 -38.17 -24.98 -27.27
CA GLU K 132 -38.89 -25.73 -26.25
C GLU K 132 -38.41 -27.18 -26.17
N THR K 133 -37.81 -27.65 -27.26
CA THR K 133 -37.32 -29.03 -27.34
C THR K 133 -36.00 -29.18 -26.59
N VAL K 134 -35.12 -28.21 -26.79
CA VAL K 134 -33.81 -28.23 -26.16
C VAL K 134 -33.94 -28.11 -24.64
N LYS K 135 -34.78 -27.19 -24.20
CA LYS K 135 -35.10 -27.04 -22.79
C LYS K 135 -35.62 -28.36 -22.27
N ASN K 136 -36.60 -28.92 -22.98
CA ASN K 136 -37.23 -30.19 -22.61
C ASN K 136 -36.28 -31.36 -22.61
N MET K 137 -35.38 -31.41 -23.59
CA MET K 137 -34.43 -32.50 -23.68
C MET K 137 -33.39 -32.43 -22.58
N SER K 138 -33.19 -31.23 -22.04
CA SER K 138 -32.27 -31.02 -20.93
C SER K 138 -32.92 -31.39 -19.61
N ASN K 139 -34.22 -31.15 -19.50
CA ASN K 139 -34.93 -31.51 -18.30
C ASN K 139 -35.19 -32.99 -18.24
N LYS K 140 -35.60 -33.57 -19.37
CA LYS K 140 -36.09 -34.94 -19.39
C LYS K 140 -35.02 -35.98 -19.77
N GLY K 141 -34.01 -35.54 -20.52
CA GLY K 141 -32.95 -36.42 -20.97
C GLY K 141 -33.19 -36.91 -22.38
N ILE K 142 -34.39 -36.65 -22.88
CA ILE K 142 -34.76 -36.97 -24.25
C ILE K 142 -36.09 -36.28 -24.57
N GLU K 143 -36.27 -35.88 -25.81
CA GLU K 143 -37.56 -35.38 -26.22
C GLU K 143 -37.90 -35.90 -27.58
N TYR K 144 -39.10 -36.47 -27.68
CA TYR K 144 -39.62 -37.00 -28.93
C TYR K 144 -40.63 -36.03 -29.49
N TRP K 145 -40.64 -35.89 -30.80
CA TRP K 145 -41.73 -35.17 -31.43
C TRP K 145 -42.20 -35.82 -32.73
N HIS K 146 -43.51 -35.78 -32.97
CA HIS K 146 -44.14 -36.62 -33.99
C HIS K 146 -44.60 -35.87 -35.24
N PRO K 147 -44.16 -36.33 -36.43
CA PRO K 147 -44.61 -35.80 -37.72
C PRO K 147 -45.90 -36.46 -38.17
N PHE K 148 -46.82 -35.66 -38.72
CA PHE K 148 -48.12 -36.16 -39.16
C PHE K 148 -48.78 -35.22 -40.19
N VAL K 149 -49.50 -35.80 -41.14
CA VAL K 149 -50.21 -35.02 -42.17
C VAL K 149 -51.52 -34.44 -41.62
N ASP K 150 -51.65 -33.11 -41.74
CA ASP K 150 -52.81 -32.35 -41.24
C ASP K 150 -54.12 -32.77 -41.88
N GLU K 151 -55.24 -32.34 -41.27
CA GLU K 151 -56.57 -32.57 -41.83
C GLU K 151 -56.75 -31.86 -43.17
N GLU K 152 -56.02 -30.76 -43.35
CA GLU K 152 -56.02 -29.99 -44.59
C GLU K 152 -55.08 -30.57 -45.65
N GLY K 153 -54.28 -31.58 -45.27
CA GLY K 153 -53.39 -32.27 -46.20
C GLY K 153 -51.95 -31.79 -46.22
N GLU K 154 -51.64 -30.84 -45.34
CA GLU K 154 -50.30 -30.26 -45.23
C GLU K 154 -49.44 -30.93 -44.16
N PHE K 155 -48.13 -30.82 -44.32
CA PHE K 155 -47.17 -31.37 -43.36
C PHE K 155 -47.12 -30.61 -42.04
N ASP K 156 -47.17 -31.36 -40.94
CA ASP K 156 -47.25 -30.77 -39.61
C ASP K 156 -46.48 -31.63 -38.61
N TYR K 157 -46.07 -31.01 -37.51
CA TYR K 157 -45.29 -31.65 -36.47
C TYR K 157 -45.79 -31.14 -35.13
N VAL K 158 -45.80 -32.04 -34.15
CA VAL K 158 -46.17 -31.69 -32.77
C VAL K 158 -45.28 -32.45 -31.80
N ILE K 159 -44.90 -31.74 -30.73
CA ILE K 159 -44.06 -32.30 -29.67
C ILE K 159 -44.74 -33.48 -28.95
N PHE K 160 -43.99 -34.55 -28.70
CA PHE K 160 -44.58 -35.76 -28.14
C PHE K 160 -43.85 -36.09 -26.82
N PRO K 161 -44.29 -35.46 -25.71
CA PRO K 161 -43.61 -35.48 -24.41
C PRO K 161 -43.04 -36.86 -24.09
N ALA K 162 -41.73 -36.92 -23.84
CA ALA K 162 -41.03 -38.19 -23.70
C ALA K 162 -41.49 -39.03 -22.51
N GLU K 163 -41.99 -38.36 -21.47
CA GLU K 163 -42.51 -39.05 -20.28
C GLU K 163 -43.83 -39.78 -20.53
N GLU K 164 -44.47 -39.49 -21.66
CA GLU K 164 -45.69 -40.19 -22.08
C GLU K 164 -45.40 -41.32 -23.05
N MET K 165 -44.16 -41.37 -23.54
CA MET K 165 -43.79 -42.35 -24.57
C MET K 165 -43.11 -43.61 -24.05
N ILE K 166 -43.26 -44.69 -24.81
CA ILE K 166 -42.70 -45.99 -24.48
C ILE K 166 -42.18 -46.66 -25.76
N VAL K 167 -40.87 -46.91 -25.78
CA VAL K 167 -40.16 -47.33 -26.99
C VAL K 167 -39.32 -48.60 -26.82
N VAL K 168 -39.58 -49.59 -27.68
CA VAL K 168 -38.74 -50.78 -27.83
C VAL K 168 -38.55 -51.07 -29.33
N TYR K 169 -37.35 -51.51 -29.71
CA TYR K 169 -37.06 -51.94 -31.08
C TYR K 169 -36.33 -53.29 -31.12
N TRP K 239 -44.69 -44.80 -43.53
CA TRP K 239 -43.42 -44.11 -43.71
C TRP K 239 -42.24 -45.04 -44.00
N GLY K 240 -42.35 -46.31 -43.60
CA GLY K 240 -41.27 -47.28 -43.78
C GLY K 240 -40.50 -47.52 -42.49
N ARG K 241 -40.06 -46.42 -41.87
CA ARG K 241 -39.44 -46.45 -40.54
C ARG K 241 -40.45 -46.06 -39.47
N VAL K 242 -40.13 -46.36 -38.21
CA VAL K 242 -40.97 -45.99 -37.07
C VAL K 242 -41.22 -44.45 -37.06
N PRO K 243 -42.47 -44.03 -36.77
CA PRO K 243 -42.91 -42.66 -37.08
C PRO K 243 -42.69 -41.60 -35.99
N ILE K 244 -41.69 -41.77 -35.11
CA ILE K 244 -41.34 -40.72 -34.13
C ILE K 244 -39.87 -40.29 -34.13
N ILE K 245 -39.61 -39.02 -33.82
CA ILE K 245 -38.27 -38.44 -33.90
C ILE K 245 -37.64 -38.15 -32.56
N PRO K 246 -36.58 -38.91 -32.20
CA PRO K 246 -35.85 -38.67 -30.96
C PRO K 246 -34.89 -37.48 -31.06
N PHE K 247 -34.95 -36.63 -30.04
CA PHE K 247 -33.88 -35.66 -29.78
C PHE K 247 -33.25 -36.09 -28.46
N LYS K 248 -32.05 -36.67 -28.57
CA LYS K 248 -31.31 -37.13 -27.40
C LYS K 248 -30.52 -36.00 -26.73
N ASN K 249 -30.65 -35.91 -25.41
CA ASN K 249 -29.83 -34.99 -24.66
C ASN K 249 -28.39 -35.51 -24.61
N ASN K 250 -28.23 -36.79 -24.29
CA ASN K 250 -26.91 -37.41 -24.26
C ASN K 250 -27.00 -38.76 -24.93
N GLU K 251 -25.95 -39.55 -24.74
CA GLU K 251 -26.01 -40.95 -25.09
C GLU K 251 -26.82 -41.67 -24.01
N GLU K 252 -26.64 -41.23 -22.77
CA GLU K 252 -27.25 -41.87 -21.61
C GLU K 252 -28.70 -41.45 -21.39
N MET K 253 -29.13 -40.44 -22.16
CA MET K 253 -30.49 -39.89 -22.13
C MET K 253 -30.97 -39.52 -20.74
N VAL K 254 -30.01 -39.15 -19.90
CA VAL K 254 -30.26 -38.51 -18.62
C VAL K 254 -30.36 -37.00 -18.79
N SER K 255 -31.03 -36.37 -17.83
CA SER K 255 -31.11 -34.91 -17.76
C SER K 255 -29.75 -34.33 -17.42
N ASP K 256 -29.58 -33.03 -17.66
CA ASP K 256 -28.38 -32.30 -17.26
C ASP K 256 -28.26 -32.28 -15.75
N LEU K 257 -29.42 -32.22 -15.07
CA LEU K 257 -29.52 -32.25 -13.61
C LEU K 257 -28.81 -33.44 -12.96
N LYS K 258 -28.53 -34.48 -13.74
CA LYS K 258 -27.94 -35.70 -13.21
C LYS K 258 -26.50 -35.50 -12.74
N PHE K 259 -25.76 -34.63 -13.40
CA PHE K 259 -24.34 -34.43 -13.11
C PHE K 259 -24.03 -33.38 -12.05
N TYR K 260 -25.06 -32.77 -11.46
CA TYR K 260 -24.88 -31.78 -10.40
C TYR K 260 -26.02 -31.74 -9.38
N LYS K 261 -26.94 -32.68 -9.48
CA LYS K 261 -28.10 -32.67 -8.58
C LYS K 261 -27.61 -32.65 -7.15
N ASP K 262 -26.62 -33.49 -6.83
CA ASP K 262 -26.02 -33.52 -5.49
C ASP K 262 -25.71 -32.12 -4.97
N LEU K 263 -25.12 -31.30 -5.82
CA LEU K 263 -24.75 -29.96 -5.44
C LEU K 263 -25.98 -29.13 -5.17
N ILE K 264 -26.87 -28.94 -6.14
CA ILE K 264 -28.09 -28.18 -5.87
C ILE K 264 -28.77 -28.62 -4.57
N ASP K 265 -28.74 -29.91 -4.28
CA ASP K 265 -29.36 -30.42 -3.08
C ASP K 265 -28.66 -29.93 -1.84
N ASN K 266 -27.33 -29.97 -1.86
CA ASN K 266 -26.48 -29.48 -0.77
C ASN K 266 -26.65 -28.00 -0.49
N TYR K 267 -26.56 -27.21 -1.55
CA TYR K 267 -26.86 -25.79 -1.52
C TYR K 267 -28.20 -25.52 -0.85
N ASP K 268 -29.26 -26.19 -1.33
CA ASP K 268 -30.59 -26.09 -0.73
C ASP K 268 -30.58 -26.48 0.73
N SER K 269 -29.85 -27.54 1.05
CA SER K 269 -29.87 -28.07 2.42
C SER K 269 -29.27 -27.05 3.35
N ILE K 270 -28.14 -26.48 2.96
CA ILE K 270 -27.44 -25.53 3.82
C ILE K 270 -28.31 -24.30 4.05
N THR K 271 -28.77 -23.69 2.95
CA THR K 271 -29.51 -22.44 2.98
C THR K 271 -30.76 -22.51 3.85
N SER K 272 -31.51 -23.59 3.71
CA SER K 272 -32.69 -23.79 4.53
C SER K 272 -32.32 -24.01 5.98
N SER K 273 -31.21 -24.71 6.23
CA SER K 273 -30.74 -24.95 7.59
C SER K 273 -30.42 -23.63 8.26
N THR K 274 -29.71 -22.78 7.52
CA THR K 274 -29.35 -21.46 8.01
C THR K 274 -30.59 -20.64 8.26
N MET K 275 -31.59 -20.80 7.40
CA MET K 275 -32.85 -20.08 7.54
C MET K 275 -33.60 -20.45 8.81
N ASP K 276 -33.48 -21.72 9.21
CA ASP K 276 -34.07 -22.16 10.45
C ASP K 276 -33.38 -21.49 11.60
N SER K 277 -32.05 -21.38 11.51
CA SER K 277 -31.28 -20.71 12.53
C SER K 277 -31.74 -19.27 12.74
N PHE K 278 -31.97 -18.55 11.66
CA PHE K 278 -32.50 -17.19 11.76
C PHE K 278 -33.89 -17.17 12.37
N SER K 279 -34.69 -18.19 12.11
CA SER K 279 -36.02 -18.26 12.69
C SER K 279 -35.97 -18.64 14.16
N ASP K 280 -35.09 -19.57 14.51
CA ASP K 280 -34.95 -20.02 15.89
C ASP K 280 -34.30 -19.01 16.81
N PHE K 281 -33.54 -18.11 16.23
CA PHE K 281 -32.81 -17.09 16.98
C PHE K 281 -33.77 -16.16 17.68
N GLN K 282 -34.94 -15.97 17.09
CA GLN K 282 -36.01 -15.13 17.67
C GLN K 282 -36.58 -15.66 18.98
N GLN K 283 -36.76 -16.98 19.06
CA GLN K 283 -37.30 -17.59 20.27
C GLN K 283 -36.27 -17.90 21.35
N ILE K 284 -36.14 -16.98 22.31
CA ILE K 284 -35.18 -17.06 23.41
C ILE K 284 -35.62 -18.11 24.43
N VAL K 285 -34.66 -18.88 24.93
CA VAL K 285 -34.93 -19.94 25.91
C VAL K 285 -34.25 -19.63 27.24
N TYR K 286 -35.05 -19.51 28.30
CA TYR K 286 -34.56 -19.11 29.60
C TYR K 286 -34.26 -20.29 30.53
N VAL K 287 -33.10 -20.24 31.16
CA VAL K 287 -32.73 -21.23 32.15
C VAL K 287 -32.91 -20.59 33.53
N LEU K 288 -33.87 -21.11 34.30
CA LEU K 288 -34.23 -20.55 35.60
C LEU K 288 -33.62 -21.31 36.78
N LYS K 289 -32.61 -20.71 37.39
CA LYS K 289 -31.89 -21.30 38.52
C LYS K 289 -32.42 -20.74 39.82
N ASN K 290 -32.76 -21.64 40.74
CA ASN K 290 -33.36 -21.32 42.06
C ASN K 290 -34.41 -20.21 41.99
N TYR K 291 -35.45 -20.46 41.19
CA TYR K 291 -36.48 -19.47 40.89
C TYR K 291 -37.29 -19.06 42.13
N ASP K 292 -37.54 -17.75 42.26
CA ASP K 292 -38.21 -17.15 43.43
C ASP K 292 -39.69 -17.53 43.58
N GLY K 293 -40.44 -17.39 42.49
CA GLY K 293 -41.88 -17.70 42.50
C GLY K 293 -42.25 -19.17 42.65
N GLU K 294 -43.31 -19.43 43.43
CA GLU K 294 -43.91 -20.76 43.52
C GLU K 294 -44.87 -20.99 42.34
N ASN K 295 -45.59 -19.93 41.93
CA ASN K 295 -46.55 -19.99 40.83
C ASN K 295 -45.86 -19.97 39.46
N PRO K 296 -46.31 -20.84 38.53
CA PRO K 296 -45.81 -20.86 37.15
C PRO K 296 -46.50 -19.78 36.32
N LYS K 297 -47.69 -19.41 36.77
CA LYS K 297 -48.52 -18.38 36.15
C LYS K 297 -47.80 -17.04 36.20
N GLU K 298 -47.34 -16.69 37.39
CA GLU K 298 -46.67 -15.41 37.67
C GLU K 298 -45.52 -15.08 36.70
N PHE K 299 -44.71 -16.10 36.33
CA PHE K 299 -43.55 -15.90 35.47
C PHE K 299 -43.87 -15.38 34.08
N THR K 300 -44.69 -16.12 33.34
CA THR K 300 -44.98 -15.82 31.94
C THR K 300 -45.68 -14.48 31.81
N ALA K 301 -46.54 -14.17 32.79
CA ALA K 301 -47.21 -12.87 32.86
C ALA K 301 -46.27 -11.76 33.34
N ASN K 302 -45.51 -12.02 34.40
CA ASN K 302 -44.60 -11.04 34.99
C ASN K 302 -43.48 -10.58 34.05
N LEU K 303 -43.03 -11.47 33.17
CA LEU K 303 -41.99 -11.15 32.16
C LEU K 303 -42.57 -10.49 30.92
N ARG K 304 -43.80 -10.88 30.59
CA ARG K 304 -44.43 -10.44 29.35
C ARG K 304 -45.02 -9.03 29.46
N TYR K 305 -45.49 -8.68 30.66
CA TYR K 305 -46.18 -7.41 30.88
C TYR K 305 -45.38 -6.43 31.72
N HIS K 306 -44.53 -6.96 32.58
CA HIS K 306 -43.57 -6.14 33.29
C HIS K 306 -42.17 -6.63 32.91
N SER K 307 -41.17 -5.75 33.03
CA SER K 307 -39.83 -6.08 32.57
C SER K 307 -39.13 -7.14 33.42
N VAL K 308 -39.79 -7.59 34.49
CA VAL K 308 -39.11 -8.23 35.61
C VAL K 308 -39.16 -9.75 35.64
N ILE K 309 -38.06 -10.34 36.10
CA ILE K 309 -38.02 -11.73 36.54
C ILE K 309 -37.42 -11.77 37.95
N LYS K 310 -38.20 -12.26 38.90
CA LYS K 310 -37.79 -12.30 40.30
C LYS K 310 -37.06 -13.61 40.60
N VAL K 311 -35.87 -13.49 41.20
CA VAL K 311 -35.04 -14.64 41.54
C VAL K 311 -34.45 -14.54 42.95
N SER K 312 -34.61 -15.59 43.75
CA SER K 312 -34.01 -15.64 45.08
C SER K 312 -32.91 -16.70 45.17
N GLY K 313 -32.48 -16.99 46.40
CA GLY K 313 -31.34 -17.89 46.64
C GLY K 313 -30.07 -17.22 46.14
N ASP K 314 -29.19 -18.01 45.52
CA ASP K 314 -27.99 -17.48 44.88
C ASP K 314 -28.09 -17.66 43.38
N GLY K 315 -29.32 -17.93 42.91
CA GLY K 315 -29.58 -18.25 41.52
C GLY K 315 -29.54 -17.08 40.55
N GLY K 316 -30.33 -17.18 39.48
CA GLY K 316 -30.32 -16.18 38.43
C GLY K 316 -30.94 -16.75 37.17
N VAL K 317 -30.83 -16.00 36.08
CA VAL K 317 -31.44 -16.40 34.83
C VAL K 317 -30.39 -16.39 33.74
N ASP K 318 -30.16 -17.56 33.15
CA ASP K 318 -29.32 -17.67 31.97
C ASP K 318 -30.23 -17.80 30.77
N THR K 319 -29.83 -17.19 29.67
CA THR K 319 -30.59 -17.37 28.45
C THR K 319 -29.83 -18.24 27.46
N LEU K 320 -30.59 -18.99 26.67
CA LEU K 320 -30.05 -19.79 25.61
C LEU K 320 -30.59 -19.26 24.29
N ARG K 321 -29.67 -18.98 23.38
CA ARG K 321 -30.05 -18.47 22.08
C ARG K 321 -29.39 -19.39 21.04
N ALA K 322 -30.08 -19.60 19.92
CA ALA K 322 -29.55 -20.35 18.78
C ALA K 322 -28.31 -19.66 18.26
N GLU K 323 -27.35 -20.46 17.83
CA GLU K 323 -26.22 -19.93 17.11
C GLU K 323 -26.61 -20.02 15.64
N ILE K 324 -26.32 -18.97 14.86
CA ILE K 324 -26.66 -18.93 13.44
C ILE K 324 -25.39 -19.14 12.67
N PRO K 325 -25.29 -20.23 11.91
CA PRO K 325 -24.01 -20.56 11.29
C PRO K 325 -23.74 -19.85 9.98
N VAL K 326 -24.06 -18.57 9.89
CA VAL K 326 -23.88 -17.83 8.63
C VAL K 326 -22.47 -17.87 8.07
N ASP K 327 -21.46 -17.75 8.95
CA ASP K 327 -20.07 -17.66 8.50
C ASP K 327 -19.55 -18.91 7.81
N SER K 328 -19.65 -20.06 8.47
CA SER K 328 -19.27 -21.33 7.87
C SER K 328 -20.14 -21.65 6.67
N ALA K 329 -21.44 -21.41 6.78
CA ALA K 329 -22.36 -21.70 5.68
C ALA K 329 -21.95 -20.94 4.46
N ALA K 330 -21.65 -19.66 4.65
CA ALA K 330 -21.35 -18.78 3.54
C ALA K 330 -20.03 -19.17 2.89
N LYS K 331 -19.18 -19.80 3.67
CA LYS K 331 -17.86 -20.21 3.23
C LYS K 331 -17.97 -21.46 2.38
N GLU K 332 -18.87 -22.34 2.79
CA GLU K 332 -19.08 -23.58 2.09
C GLU K 332 -19.88 -23.29 0.85
N LEU K 333 -20.91 -22.48 0.98
CA LEU K 333 -21.75 -22.11 -0.14
C LEU K 333 -20.97 -21.47 -1.27
N GLU K 334 -19.85 -20.86 -0.93
CA GLU K 334 -19.02 -20.23 -1.93
C GLU K 334 -18.38 -21.26 -2.83
N ARG K 335 -17.88 -22.34 -2.25
CA ARG K 335 -17.24 -23.39 -3.03
C ARG K 335 -18.27 -24.11 -3.88
N ILE K 336 -19.33 -24.59 -3.25
CA ILE K 336 -20.37 -25.30 -3.96
C ILE K 336 -20.78 -24.52 -5.18
N GLN K 337 -21.07 -23.24 -5.00
CA GLN K 337 -21.44 -22.38 -6.11
C GLN K 337 -20.44 -22.47 -7.25
N ASP K 338 -19.15 -22.44 -6.92
CA ASP K 338 -18.11 -22.48 -7.94
C ASP K 338 -18.12 -23.80 -8.70
N GLU K 339 -18.25 -24.90 -7.96
CA GLU K 339 -18.24 -26.24 -8.57
C GLU K 339 -19.48 -26.43 -9.43
N LEU K 340 -20.59 -25.87 -8.96
CA LEU K 340 -21.88 -25.89 -9.63
C LEU K 340 -21.79 -25.41 -11.07
N TYR K 341 -21.02 -24.36 -11.28
CA TYR K 341 -20.78 -23.79 -12.61
C TYR K 341 -19.88 -24.69 -13.44
N LYS K 342 -19.03 -25.46 -12.77
CA LYS K 342 -18.13 -26.36 -13.46
C LYS K 342 -18.86 -27.65 -13.75
N SER K 343 -19.41 -28.26 -12.71
CA SER K 343 -20.13 -29.51 -12.88
C SER K 343 -21.31 -29.38 -13.84
N ALA K 344 -21.76 -28.16 -14.09
CA ALA K 344 -22.83 -27.91 -15.05
C ALA K 344 -22.32 -27.32 -16.37
N GLN K 345 -21.01 -27.22 -16.53
CA GLN K 345 -20.42 -26.60 -17.72
C GLN K 345 -21.18 -25.36 -18.18
N ALA K 346 -21.24 -24.38 -17.28
CA ALA K 346 -22.01 -23.14 -17.50
C ALA K 346 -21.09 -21.96 -17.66
N VAL K 347 -21.68 -20.80 -17.90
CA VAL K 347 -20.94 -19.55 -17.93
C VAL K 347 -21.42 -18.65 -16.81
N ASP K 348 -20.48 -18.13 -16.03
CA ASP K 348 -20.80 -17.25 -14.91
C ASP K 348 -20.36 -15.86 -15.30
N ASN K 349 -21.30 -14.97 -15.64
CA ASN K 349 -20.88 -13.60 -15.96
C ASN K 349 -21.02 -12.54 -14.87
N SER K 350 -21.01 -13.00 -13.61
CA SER K 350 -20.72 -12.12 -12.48
C SER K 350 -19.52 -11.25 -12.83
N PRO K 351 -19.39 -10.08 -12.19
CA PRO K 351 -18.29 -9.20 -12.65
C PRO K 351 -16.93 -9.64 -12.13
N GLU K 352 -15.89 -9.45 -12.95
CA GLU K 352 -14.56 -9.89 -12.54
C GLU K 352 -13.84 -8.89 -11.63
N THR K 353 -13.61 -9.32 -10.37
CA THR K 353 -12.69 -8.65 -9.43
C THR K 353 -11.35 -8.28 -10.08
N ILE K 354 -10.76 -9.28 -10.74
CA ILE K 354 -9.50 -9.10 -11.47
C ILE K 354 -9.69 -8.32 -12.79
N GLY K 355 -8.82 -7.34 -12.98
CA GLY K 355 -8.86 -6.49 -14.16
C GLY K 355 -8.22 -7.12 -15.39
N GLY K 356 -8.78 -8.24 -15.83
CA GLY K 356 -8.35 -8.87 -17.07
C GLY K 356 -9.46 -9.28 -18.04
N GLY K 357 -10.62 -9.66 -17.50
CA GLY K 357 -11.73 -10.26 -18.26
C GLY K 357 -12.17 -9.65 -19.57
N ALA K 358 -11.61 -8.52 -19.95
CA ALA K 358 -11.97 -7.90 -21.21
C ALA K 358 -11.39 -8.63 -22.40
N THR K 359 -10.15 -9.10 -22.28
CA THR K 359 -9.37 -9.58 -23.44
C THR K 359 -9.94 -10.81 -24.12
N GLY K 360 -9.53 -10.99 -25.38
CA GLY K 360 -9.86 -12.17 -26.17
C GLY K 360 -9.80 -13.49 -25.41
N PRO K 361 -8.60 -13.86 -24.91
CA PRO K 361 -8.43 -15.12 -24.21
C PRO K 361 -9.25 -15.17 -22.91
N ALA K 362 -9.39 -14.03 -22.28
CA ALA K 362 -10.08 -13.98 -21.00
C ALA K 362 -11.52 -14.34 -21.22
N LEU K 363 -12.06 -13.89 -22.34
CA LEU K 363 -13.45 -14.14 -22.68
C LEU K 363 -13.61 -15.57 -23.14
N GLU K 364 -12.65 -16.04 -23.93
CA GLU K 364 -12.65 -17.40 -24.43
C GLU K 364 -12.66 -18.39 -23.26
N LYS K 365 -11.75 -18.19 -22.31
CA LYS K 365 -11.67 -18.99 -21.09
C LYS K 365 -12.99 -19.03 -20.31
N LEU K 366 -13.74 -17.94 -20.37
CA LEU K 366 -15.00 -17.82 -19.66
C LEU K 366 -16.03 -18.78 -20.25
N TYR K 367 -16.15 -18.77 -21.58
CA TYR K 367 -17.10 -19.65 -22.26
C TYR K 367 -16.62 -21.09 -22.43
N ALA K 368 -15.34 -21.33 -22.13
CA ALA K 368 -14.70 -22.62 -22.35
C ALA K 368 -15.59 -23.83 -22.05
N LEU K 369 -16.19 -23.90 -20.86
CA LEU K 369 -17.00 -25.05 -20.51
C LEU K 369 -18.36 -25.14 -21.22
N LEU K 370 -19.04 -24.03 -21.42
CA LEU K 370 -20.32 -24.07 -22.12
C LEU K 370 -20.10 -24.44 -23.56
N ASP K 371 -19.03 -23.94 -24.16
CA ASP K 371 -18.65 -24.35 -25.51
C ASP K 371 -18.40 -25.84 -25.61
N LEU K 372 -17.93 -26.43 -24.52
CA LEU K 372 -17.79 -27.86 -24.42
C LEU K 372 -19.17 -28.47 -24.51
N LYS K 373 -20.05 -28.06 -23.59
CA LYS K 373 -21.41 -28.59 -23.48
C LYS K 373 -22.25 -28.34 -24.74
N ALA K 374 -22.04 -27.19 -25.37
CA ALA K 374 -22.82 -26.80 -26.56
C ALA K 374 -22.54 -27.75 -27.71
N ASN K 375 -21.29 -28.17 -27.82
CA ASN K 375 -20.85 -29.01 -28.91
C ASN K 375 -21.47 -30.40 -28.97
N MET K 376 -21.46 -31.14 -27.85
CA MET K 376 -22.20 -32.39 -27.77
C MET K 376 -23.67 -32.17 -28.14
N ALA K 377 -24.31 -31.24 -27.43
CA ALA K 377 -25.71 -30.93 -27.63
C ALA K 377 -26.04 -30.62 -29.09
N GLU K 378 -25.15 -29.90 -29.79
CA GLU K 378 -25.34 -29.67 -31.22
C GLU K 378 -25.38 -31.01 -31.93
N ARG K 379 -24.29 -31.79 -31.83
CA ARG K 379 -24.22 -33.09 -32.50
C ARG K 379 -25.53 -33.83 -32.35
N LYS K 380 -25.97 -33.96 -31.10
CA LYS K 380 -27.20 -34.67 -30.75
C LYS K 380 -28.45 -34.03 -31.36
N ILE K 381 -28.51 -32.71 -31.41
CA ILE K 381 -29.67 -32.01 -31.96
C ILE K 381 -29.72 -32.20 -33.47
N ARG K 382 -28.55 -32.13 -34.08
CA ARG K 382 -28.40 -32.34 -35.52
C ARG K 382 -28.91 -33.73 -35.91
N ALA K 383 -28.39 -34.76 -35.23
CA ALA K 383 -28.83 -36.13 -35.42
C ALA K 383 -30.35 -36.20 -35.51
N GLY K 384 -31.01 -35.63 -34.51
CA GLY K 384 -32.47 -35.59 -34.45
C GLY K 384 -33.06 -34.81 -35.62
N LEU K 385 -32.45 -33.68 -35.94
CA LEU K 385 -32.99 -32.79 -36.95
C LEU K 385 -32.85 -33.35 -38.37
N ARG K 386 -31.79 -34.12 -38.61
CA ARG K 386 -31.58 -34.82 -39.89
C ARG K 386 -32.68 -35.83 -40.17
N LEU K 387 -33.02 -36.59 -39.13
CA LEU K 387 -34.11 -37.54 -39.18
C LEU K 387 -35.45 -36.85 -39.41
N PHE K 388 -35.60 -35.65 -38.88
CA PHE K 388 -36.79 -34.84 -39.09
C PHE K 388 -36.95 -34.47 -40.57
N PHE K 389 -35.85 -34.13 -41.24
CA PHE K 389 -35.91 -33.71 -42.64
C PHE K 389 -36.00 -34.88 -43.62
N TRP K 390 -35.58 -36.05 -43.14
CA TRP K 390 -35.79 -37.30 -43.84
C TRP K 390 -37.29 -37.53 -44.00
N PHE K 391 -38.03 -37.33 -42.91
CA PHE K 391 -39.49 -37.47 -42.89
C PHE K 391 -40.16 -36.43 -43.76
N PHE K 392 -39.65 -35.21 -43.75
CA PHE K 392 -40.16 -34.14 -44.61
C PHE K 392 -39.93 -34.46 -46.09
N ALA K 393 -38.80 -35.11 -46.39
CA ALA K 393 -38.48 -35.54 -47.76
C ALA K 393 -39.41 -36.66 -48.22
N GLU K 394 -39.74 -37.56 -47.30
CA GLU K 394 -40.69 -38.64 -47.55
C GLU K 394 -42.06 -38.07 -47.88
N TYR K 395 -42.46 -37.02 -47.14
CA TYR K 395 -43.72 -36.33 -47.40
C TYR K 395 -43.73 -35.65 -48.76
N LEU K 396 -42.61 -35.05 -49.15
CA LEU K 396 -42.50 -34.37 -50.45
C LEU K 396 -42.48 -35.32 -51.64
N ARG K 397 -41.87 -36.49 -51.44
CA ARG K 397 -41.87 -37.57 -52.42
C ARG K 397 -43.31 -38.01 -52.72
N ASN K 398 -44.08 -38.26 -51.66
CA ASN K 398 -45.44 -38.79 -51.77
C ASN K 398 -46.50 -37.75 -52.11
N THR K 399 -46.24 -36.49 -51.77
CA THR K 399 -47.16 -35.40 -52.08
C THR K 399 -46.96 -34.90 -53.51
N GLY K 400 -45.95 -35.45 -54.18
CA GLY K 400 -45.66 -35.14 -55.58
C GLY K 400 -45.02 -33.79 -55.79
N LYS K 401 -44.30 -33.31 -54.78
CA LYS K 401 -43.59 -32.03 -54.89
C LYS K 401 -42.08 -32.22 -55.11
N GLY K 402 -41.67 -33.44 -55.44
CA GLY K 402 -40.29 -33.76 -55.76
C GLY K 402 -39.66 -34.80 -54.85
N ASP K 403 -38.60 -35.43 -55.33
CA ASP K 403 -37.83 -36.38 -54.52
C ASP K 403 -36.45 -35.80 -54.22
N PHE K 404 -36.09 -35.81 -52.94
CA PHE K 404 -34.87 -35.15 -52.50
C PHE K 404 -34.06 -36.04 -51.56
N ASN K 405 -32.78 -35.68 -51.41
CA ASN K 405 -31.92 -36.32 -50.42
C ASN K 405 -31.31 -35.29 -49.43
N PRO K 406 -32.05 -34.99 -48.34
CA PRO K 406 -31.59 -33.99 -47.36
C PRO K 406 -30.20 -34.31 -46.85
N ASP K 407 -30.00 -35.57 -46.46
CA ASP K 407 -28.74 -36.04 -45.87
C ASP K 407 -27.48 -35.71 -46.69
N LYS K 408 -27.67 -35.33 -47.95
CA LYS K 408 -26.52 -35.04 -48.82
C LYS K 408 -26.60 -33.69 -49.53
N GLU K 409 -27.82 -33.16 -49.66
CA GLU K 409 -28.02 -31.87 -50.32
C GLU K 409 -28.06 -30.69 -49.34
N LEU K 410 -28.85 -30.85 -48.28
CA LEU K 410 -29.08 -29.79 -47.28
C LEU K 410 -27.97 -29.70 -46.25
N THR K 411 -27.57 -28.46 -45.95
CA THR K 411 -26.62 -28.19 -44.85
C THR K 411 -27.23 -27.28 -43.77
N MET K 412 -26.94 -27.59 -42.51
CA MET K 412 -27.48 -26.82 -41.38
C MET K 412 -26.41 -25.92 -40.76
N THR K 413 -26.84 -24.74 -40.28
CA THR K 413 -25.93 -23.76 -39.67
C THR K 413 -26.49 -23.26 -38.33
N PHE K 414 -25.76 -23.57 -37.26
CA PHE K 414 -26.06 -23.07 -35.92
C PHE K 414 -25.25 -21.82 -35.60
N THR K 415 -25.91 -20.87 -34.96
CA THR K 415 -25.31 -19.59 -34.61
C THR K 415 -25.14 -19.54 -33.12
N ARG K 416 -24.04 -18.96 -32.67
CA ARG K 416 -23.82 -18.86 -31.23
C ARG K 416 -23.66 -17.42 -30.71
N THR K 417 -24.47 -17.12 -29.70
CA THR K 417 -24.45 -15.81 -29.06
C THR K 417 -23.27 -15.74 -28.09
N ARG K 418 -22.10 -15.39 -28.63
CA ARG K 418 -20.89 -15.39 -27.83
C ARG K 418 -20.36 -13.99 -27.57
N ILE K 419 -20.01 -13.75 -26.31
CA ILE K 419 -19.46 -12.45 -25.91
C ILE K 419 -18.05 -12.22 -26.47
N GLN K 420 -17.88 -11.10 -27.18
CA GLN K 420 -16.61 -10.79 -27.82
C GLN K 420 -16.09 -9.39 -27.49
N ASN K 421 -14.80 -9.18 -27.71
CA ASN K 421 -14.23 -7.85 -27.62
C ASN K 421 -14.20 -7.25 -29.01
N ASP K 422 -15.37 -6.84 -29.51
CA ASP K 422 -15.51 -6.32 -30.88
C ASP K 422 -14.42 -5.32 -31.23
N SER K 423 -14.06 -4.48 -30.24
CA SER K 423 -13.08 -3.39 -30.40
C SER K 423 -11.70 -3.95 -30.77
N GLU K 424 -11.31 -5.03 -30.07
CA GLU K 424 -10.04 -5.72 -30.25
C GLU K 424 -9.95 -6.37 -31.62
N ILE K 425 -10.97 -7.17 -31.96
CA ILE K 425 -11.04 -7.88 -33.23
C ILE K 425 -10.85 -6.92 -34.39
N VAL K 426 -11.70 -5.89 -34.43
CA VAL K 426 -11.65 -4.87 -35.48
C VAL K 426 -10.22 -4.40 -35.72
N GLN K 427 -9.50 -4.07 -34.66
CA GLN K 427 -8.11 -3.65 -34.79
C GLN K 427 -7.24 -4.76 -35.38
N SER K 428 -7.32 -5.95 -34.77
CA SER K 428 -6.54 -7.08 -35.25
C SER K 428 -6.83 -7.37 -36.72
N LEU K 429 -8.09 -7.21 -37.11
CA LEU K 429 -8.47 -7.36 -38.51
C LEU K 429 -7.77 -6.31 -39.35
N VAL K 430 -7.89 -5.04 -38.95
CA VAL K 430 -7.27 -3.92 -39.67
C VAL K 430 -5.77 -4.14 -39.80
N GLN K 431 -5.15 -4.58 -38.70
CA GLN K 431 -3.74 -4.86 -38.67
C GLN K 431 -3.39 -5.94 -39.70
N GLY K 432 -4.11 -7.06 -39.63
CA GLY K 432 -3.94 -8.20 -40.54
C GLY K 432 -4.01 -7.82 -42.00
N VAL K 433 -4.99 -6.99 -42.35
CA VAL K 433 -5.19 -6.55 -43.72
C VAL K 433 -4.05 -5.63 -44.16
N THR K 434 -3.76 -4.62 -43.35
CA THR K 434 -2.66 -3.68 -43.63
C THR K 434 -1.33 -4.42 -43.76
N GLY K 435 -1.11 -5.40 -42.88
CA GLY K 435 0.07 -6.28 -42.96
C GLY K 435 0.10 -7.11 -44.24
N GLY K 436 -1.08 -7.35 -44.80
CA GLY K 436 -1.21 -8.11 -46.01
C GLY K 436 -1.22 -9.61 -45.78
N ILE K 437 -1.58 -10.02 -44.56
CA ILE K 437 -1.76 -11.43 -44.29
C ILE K 437 -3.22 -11.86 -44.44
N MET K 438 -4.04 -10.94 -44.92
CA MET K 438 -5.48 -11.17 -44.98
C MET K 438 -6.18 -10.42 -46.08
N SER K 439 -7.12 -11.11 -46.71
CA SER K 439 -8.01 -10.52 -47.68
C SER K 439 -9.04 -9.65 -46.96
N LYS K 440 -9.49 -8.60 -47.63
CA LYS K 440 -10.57 -7.77 -47.11
C LYS K 440 -11.86 -8.60 -47.01
N GLU K 441 -12.03 -9.52 -47.95
CA GLU K 441 -13.14 -10.44 -47.95
C GLU K 441 -13.26 -11.19 -46.64
N THR K 442 -12.23 -11.97 -46.31
CA THR K 442 -12.19 -12.73 -45.06
C THR K 442 -12.39 -11.81 -43.84
N ALA K 443 -11.81 -10.62 -43.92
CA ALA K 443 -11.91 -9.61 -42.89
C ALA K 443 -13.35 -9.15 -42.68
N VAL K 444 -13.99 -8.68 -43.74
CA VAL K 444 -15.39 -8.20 -43.64
C VAL K 444 -16.33 -9.26 -43.05
N ALA K 445 -16.11 -10.51 -43.42
CA ALA K 445 -16.90 -11.63 -42.91
C ALA K 445 -16.62 -11.87 -41.43
N ARG K 446 -15.40 -11.54 -41.00
CA ARG K 446 -14.99 -11.74 -39.63
C ARG K 446 -15.24 -10.52 -38.73
N ASN K 447 -15.61 -9.41 -39.36
CA ASN K 447 -15.93 -8.14 -38.68
C ASN K 447 -17.22 -8.26 -37.88
N PRO K 448 -17.19 -7.96 -36.56
CA PRO K 448 -18.35 -8.14 -35.67
C PRO K 448 -19.53 -7.21 -35.94
N PHE K 449 -19.32 -6.14 -36.69
CA PHE K 449 -20.41 -5.22 -37.03
C PHE K 449 -21.10 -5.60 -38.34
N VAL K 450 -20.78 -6.79 -38.84
CA VAL K 450 -21.33 -7.31 -40.11
C VAL K 450 -22.26 -8.51 -39.87
N GLN K 451 -23.48 -8.39 -40.39
CA GLN K 451 -24.46 -9.47 -40.35
C GLN K 451 -24.36 -10.35 -41.60
N ASP K 452 -24.45 -9.72 -42.78
CA ASP K 452 -24.35 -10.45 -44.04
C ASP K 452 -23.15 -9.97 -44.85
N PRO K 453 -22.05 -10.76 -44.85
CA PRO K 453 -20.83 -10.46 -45.61
C PRO K 453 -21.07 -10.15 -47.09
N GLU K 454 -22.11 -10.73 -47.68
CA GLU K 454 -22.40 -10.54 -49.12
C GLU K 454 -22.86 -9.11 -49.42
N GLU K 455 -23.73 -8.58 -48.57
CA GLU K 455 -24.26 -7.22 -48.74
C GLU K 455 -23.17 -6.17 -48.51
N GLU K 456 -22.35 -6.36 -47.49
CA GLU K 456 -21.31 -5.40 -47.14
C GLU K 456 -20.12 -5.43 -48.12
N LEU K 457 -19.74 -6.62 -48.60
CA LEU K 457 -18.64 -6.74 -49.55
C LEU K 457 -18.99 -6.03 -50.85
N ALA K 458 -20.28 -6.08 -51.18
CA ALA K 458 -20.83 -5.35 -52.32
C ALA K 458 -20.97 -3.85 -52.01
N ARG K 459 -21.33 -3.52 -50.78
CA ARG K 459 -21.58 -2.13 -50.39
C ARG K 459 -20.30 -1.28 -50.42
N ILE K 460 -19.21 -1.86 -49.92
CA ILE K 460 -17.90 -1.19 -49.91
C ILE K 460 -17.35 -0.98 -51.34
N GLU K 461 -17.71 -1.87 -52.27
CA GLU K 461 -17.27 -1.76 -53.65
C GLU K 461 -17.94 -0.59 -54.37
N GLU K 462 -19.26 -0.47 -54.21
CA GLU K 462 -20.04 0.62 -54.80
C GLU K 462 -19.72 1.98 -54.15
N GLU K 463 -19.19 1.92 -52.92
CA GLU K 463 -18.66 3.11 -52.25
C GLU K 463 -17.39 3.60 -52.96
N MET K 464 -16.52 2.65 -53.33
CA MET K 464 -15.27 2.93 -54.04
C MET K 464 -15.51 3.47 -55.45
N ASN K 465 -16.45 2.85 -56.18
CA ASN K 465 -16.82 3.28 -57.55
C ASN K 465 -17.50 4.65 -57.58
N GLN K 466 -17.85 5.15 -56.40
CA GLN K 466 -18.38 6.49 -56.22
C GLN K 466 -17.24 7.43 -55.81
N TYR K 467 -16.58 7.10 -54.70
CA TYR K 467 -15.48 7.91 -54.13
C TYR K 467 -14.26 7.96 -55.04
N UNK L 1 -40.54 -51.96 -34.38
CA UNK L 1 -40.63 -50.90 -33.32
C UNK L 1 -42.02 -50.25 -33.24
N UNK L 2 -42.82 -50.70 -32.28
CA UNK L 2 -44.02 -49.96 -31.85
C UNK L 2 -43.61 -48.74 -31.00
N UNK L 3 -44.58 -47.86 -30.73
CA UNK L 3 -44.39 -46.69 -29.87
C UNK L 3 -45.74 -46.24 -29.31
N UNK L 4 -45.85 -46.17 -27.99
CA UNK L 4 -47.14 -45.87 -27.35
C UNK L 4 -47.12 -44.65 -26.42
N UNK L 5 -48.15 -43.82 -26.54
CA UNK L 5 -48.34 -42.62 -25.72
C UNK L 5 -49.48 -42.81 -24.72
N UNK L 6 -49.18 -42.71 -23.43
CA UNK L 6 -50.20 -42.81 -22.37
C UNK L 6 -50.67 -41.43 -21.92
N UNK L 7 -51.70 -40.91 -22.58
CA UNK L 7 -52.31 -39.65 -22.18
C UNK L 7 -53.40 -39.90 -21.14
N UNK L 8 -53.83 -38.84 -20.47
CA UNK L 8 -54.98 -38.89 -19.57
C UNK L 8 -55.57 -37.50 -19.47
N UNK L 9 -56.83 -37.37 -19.90
CA UNK L 9 -57.52 -36.09 -19.99
C UNK L 9 -58.79 -36.04 -19.13
N UNK L 10 -58.77 -35.21 -18.09
CA UNK L 10 -59.93 -35.01 -17.23
C UNK L 10 -60.92 -34.04 -17.91
N UNK L 11 -62.18 -34.48 -18.01
CA UNK L 11 -63.23 -33.76 -18.75
C UNK L 11 -63.84 -32.60 -17.94
N UNK L 12 -64.86 -31.95 -18.51
CA UNK L 12 -65.59 -30.87 -17.83
C UNK L 12 -66.16 -31.34 -16.48
N UNK L 13 -66.43 -32.63 -16.40
CA UNK L 13 -66.89 -33.29 -15.18
C UNK L 13 -65.96 -34.45 -14.81
N UNK L 14 -65.94 -35.47 -15.67
CA UNK L 14 -65.28 -36.76 -15.38
C UNK L 14 -63.76 -36.75 -15.62
N UNK L 15 -63.20 -37.94 -15.88
CA UNK L 15 -61.77 -38.13 -16.11
C UNK L 15 -61.47 -39.36 -16.98
N UNK L 16 -61.13 -39.14 -18.25
CA UNK L 16 -60.81 -40.21 -19.19
C UNK L 16 -59.34 -40.61 -19.18
N UNK L 17 -59.04 -41.82 -19.66
CA UNK L 17 -57.66 -42.32 -19.66
C UNK L 17 -57.27 -43.06 -20.96
N UNK L 18 -57.23 -42.32 -22.08
CA UNK L 18 -56.95 -42.90 -23.39
C UNK L 18 -55.47 -43.28 -23.62
N UNK L 19 -55.18 -43.86 -24.79
CA UNK L 19 -53.81 -44.18 -25.19
C UNK L 19 -53.67 -44.24 -26.72
N UNK L 20 -52.45 -44.35 -27.23
CA UNK L 20 -52.20 -44.43 -28.67
C UNK L 20 -51.05 -45.41 -28.97
N UNK L 21 -51.14 -46.10 -30.10
CA UNK L 21 -50.09 -47.04 -30.52
C UNK L 21 -49.61 -46.76 -31.94
N UNK L 22 -48.51 -46.02 -32.05
CA UNK L 22 -47.93 -45.66 -33.35
C UNK L 22 -47.14 -46.83 -33.94
N UNK L 23 -47.51 -47.25 -35.15
CA UNK L 23 -46.81 -48.32 -35.85
C UNK L 23 -46.27 -47.85 -37.19
N UNK L 24 -45.41 -48.67 -37.80
CA UNK L 24 -44.78 -48.34 -39.08
C UNK L 24 -45.80 -48.08 -40.21
N UNK L 25 -47.02 -48.59 -40.06
CA UNK L 25 -48.09 -48.46 -41.08
C UNK L 25 -49.30 -47.60 -40.67
N UNK L 26 -49.73 -47.73 -39.41
CA UNK L 26 -50.90 -46.99 -38.90
C UNK L 26 -50.74 -46.59 -37.42
N UNK L 27 -51.83 -46.11 -36.81
CA UNK L 27 -51.79 -45.58 -35.44
C UNK L 27 -53.09 -45.80 -34.63
N UNK L 28 -53.29 -47.03 -34.15
CA UNK L 28 -54.51 -47.41 -33.41
C UNK L 28 -54.60 -46.77 -32.03
N UNK L 29 -55.81 -46.34 -31.65
CA UNK L 29 -56.07 -45.70 -30.35
C UNK L 29 -56.55 -46.70 -29.27
N UNK L 30 -57.13 -46.17 -28.19
CA UNK L 30 -57.62 -46.99 -27.06
C UNK L 30 -58.11 -46.10 -25.92
N PRO M 29 -74.99 -25.26 -24.87
CA PRO M 29 -74.18 -25.50 -23.68
C PRO M 29 -75.03 -25.74 -22.42
N ASP M 30 -74.40 -26.24 -21.37
CA ASP M 30 -75.08 -26.57 -20.12
C ASP M 30 -74.82 -25.52 -19.05
N THR M 31 -75.78 -25.36 -18.12
CA THR M 31 -75.63 -24.38 -17.04
C THR M 31 -75.04 -25.00 -15.76
N THR M 32 -75.23 -26.31 -15.58
CA THR M 32 -74.65 -27.03 -14.45
C THR M 32 -73.13 -27.16 -14.55
N MET M 33 -72.65 -27.50 -15.75
CA MET M 33 -71.22 -27.63 -16.03
C MET M 33 -70.51 -26.28 -15.80
N ILE M 34 -71.20 -25.19 -16.13
CA ILE M 34 -70.70 -23.84 -15.89
C ILE M 34 -70.34 -23.67 -14.42
N GLN M 35 -71.27 -24.05 -13.53
CA GLN M 35 -71.03 -23.99 -12.10
C GLN M 35 -69.82 -24.82 -11.67
N LYS M 36 -69.74 -26.07 -12.15
CA LYS M 36 -68.58 -26.94 -11.89
C LYS M 36 -67.29 -26.25 -12.30
N LEU M 37 -67.28 -25.71 -13.52
CA LEU M 37 -66.11 -25.04 -14.05
C LEU M 37 -65.68 -23.83 -13.20
N ILE M 38 -66.67 -23.06 -12.74
CA ILE M 38 -66.43 -21.91 -11.87
C ILE M 38 -65.96 -22.31 -10.47
N ASP M 39 -66.62 -23.29 -9.86
CA ASP M 39 -66.29 -23.72 -8.50
C ASP M 39 -65.01 -24.54 -8.43
N GLU M 40 -64.64 -25.15 -9.56
CA GLU M 40 -63.41 -25.92 -9.66
C GLU M 40 -62.23 -24.97 -9.94
N HIS M 41 -62.53 -23.86 -10.62
CA HIS M 41 -61.54 -22.82 -10.90
C HIS M 41 -60.97 -22.19 -9.63
N ASN M 42 -59.66 -21.94 -9.65
CA ASN M 42 -59.01 -21.18 -8.58
C ASN M 42 -58.02 -20.16 -9.13
N PRO M 43 -58.16 -18.90 -8.70
CA PRO M 43 -57.26 -17.85 -9.18
C PRO M 43 -56.00 -17.64 -8.33
N GLU M 44 -55.87 -18.33 -7.19
CA GLU M 44 -54.70 -18.15 -6.31
C GLU M 44 -53.34 -18.41 -6.97
N PRO M 45 -53.23 -19.42 -7.86
CA PRO M 45 -51.94 -19.54 -8.57
C PRO M 45 -51.63 -18.32 -9.45
N LEU M 46 -52.63 -17.79 -10.16
CA LEU M 46 -52.40 -16.67 -11.09
C LEU M 46 -52.33 -15.32 -10.42
N LEU M 47 -52.88 -15.20 -9.22
CA LEU M 47 -52.89 -13.95 -8.48
C LEU M 47 -51.68 -13.79 -7.55
N LYS M 48 -51.01 -14.91 -7.27
CA LYS M 48 -49.71 -14.92 -6.60
C LYS M 48 -48.79 -13.79 -7.11
N GLY M 49 -48.36 -13.90 -8.37
CA GLY M 49 -47.48 -12.90 -8.97
C GLY M 49 -48.01 -11.49 -8.88
N VAL M 50 -49.33 -11.34 -8.90
CA VAL M 50 -49.92 -10.02 -8.81
C VAL M 50 -49.75 -9.43 -7.42
N ARG M 51 -49.96 -10.26 -6.38
CA ARG M 51 -49.85 -9.80 -4.99
C ARG M 51 -48.41 -9.39 -4.64
N TYR M 52 -47.44 -10.20 -5.06
CA TYR M 52 -46.02 -9.84 -4.90
C TYR M 52 -45.63 -8.59 -5.69
N TYR M 53 -46.14 -8.44 -6.90
CA TYR M 53 -45.94 -7.19 -7.62
C TYR M 53 -46.47 -6.01 -6.80
N MET M 54 -47.43 -6.28 -5.92
CA MET M 54 -48.04 -5.22 -5.12
C MET M 54 -47.50 -5.12 -3.69
N CYS M 55 -46.40 -5.84 -3.44
CA CYS M 55 -45.81 -5.93 -2.10
C CYS M 55 -46.88 -6.41 -1.12
N GLU M 56 -47.56 -7.50 -1.50
CA GLU M 56 -48.45 -8.23 -0.58
C GLU M 56 -47.85 -9.62 -0.46
N ASN M 57 -46.62 -9.70 0.03
CA ASN M 57 -45.93 -10.98 0.09
C ASN M 57 -46.43 -11.86 1.25
N ASP M 58 -46.22 -13.17 1.14
CA ASP M 58 -46.71 -14.09 2.17
C ASP M 58 -46.28 -13.71 3.57
N ILE M 59 -45.33 -12.80 3.66
CA ILE M 59 -44.81 -12.43 4.95
C ILE M 59 -45.78 -11.53 5.71
N GLU M 60 -46.76 -10.98 4.99
CA GLU M 60 -47.81 -10.17 5.62
C GLU M 60 -48.68 -11.04 6.55
N LYS M 61 -48.53 -12.36 6.45
CA LYS M 61 -49.26 -13.27 7.32
C LYS M 61 -48.51 -13.51 8.64
N LYS M 62 -47.25 -13.10 8.69
CA LYS M 62 -46.41 -13.34 9.88
C LYS M 62 -47.07 -12.73 11.09
N ARG M 63 -47.08 -13.49 12.19
CA ARG M 63 -47.68 -13.05 13.45
C ARG M 63 -46.88 -13.64 14.61
N ARG M 64 -46.61 -12.82 15.63
CA ARG M 64 -45.80 -13.26 16.75
C ARG M 64 -46.66 -13.96 17.77
N THR M 65 -46.44 -15.26 17.91
CA THR M 65 -47.33 -16.09 18.73
C THR M 65 -46.65 -16.50 20.04
N TYR M 66 -47.43 -17.11 20.93
CA TYR M 66 -46.94 -17.69 22.19
C TYR M 66 -47.98 -18.69 22.66
N TYR M 67 -47.68 -19.46 23.71
CA TYR M 67 -48.61 -20.51 24.18
C TYR M 67 -49.30 -20.25 25.52
N ASP M 68 -50.60 -20.55 25.56
CA ASP M 68 -51.44 -20.34 26.75
C ASP M 68 -51.16 -21.40 27.81
N ALA M 69 -52.12 -21.52 28.75
CA ALA M 69 -52.05 -22.50 29.82
C ALA M 69 -51.93 -23.91 29.26
N ALA M 70 -53.01 -24.40 28.65
CA ALA M 70 -53.00 -25.72 28.01
C ALA M 70 -52.62 -25.62 26.52
N GLY M 71 -51.49 -24.96 26.28
CA GLY M 71 -50.86 -24.92 24.96
C GLY M 71 -51.68 -24.40 23.79
N GLN M 72 -52.46 -23.34 24.02
CA GLN M 72 -53.22 -22.70 22.95
C GLN M 72 -52.41 -21.60 22.25
N GLN M 73 -52.07 -21.83 20.99
CA GLN M 73 -51.25 -20.87 20.24
C GLN M 73 -51.94 -19.53 20.01
N LEU M 74 -51.33 -18.47 20.51
CA LEU M 74 -51.97 -17.17 20.55
C LEU M 74 -51.00 -16.07 20.12
N VAL M 75 -51.51 -15.11 19.35
CA VAL M 75 -50.78 -13.87 19.02
C VAL M 75 -50.60 -13.07 20.31
N ASP M 76 -49.43 -12.47 20.55
CA ASP M 76 -49.27 -11.65 21.76
C ASP M 76 -49.12 -10.14 21.55
N ASP M 77 -50.10 -9.39 22.07
CA ASP M 77 -50.15 -7.93 21.95
C ASP M 77 -48.88 -7.24 22.47
N THR M 78 -48.12 -7.96 23.27
CA THR M 78 -46.91 -7.46 23.89
C THR M 78 -45.90 -6.94 22.89
N LYS M 79 -45.64 -7.72 21.84
CA LYS M 79 -44.54 -7.46 20.91
C LYS M 79 -44.99 -6.86 19.58
N THR M 80 -44.11 -6.09 18.95
CA THR M 80 -44.38 -5.53 17.63
C THR M 80 -44.20 -6.61 16.57
N ASN M 81 -45.11 -6.66 15.60
CA ASN M 81 -45.06 -7.70 14.59
C ASN M 81 -44.75 -7.12 13.24
N ASN M 82 -43.49 -6.78 13.06
CA ASN M 82 -43.01 -6.21 11.81
C ASN M 82 -43.08 -7.22 10.70
N ARG M 83 -43.57 -6.76 9.52
CA ARG M 83 -43.56 -7.62 8.35
C ARG M 83 -43.38 -6.80 7.11
N THR M 84 -42.15 -6.84 6.64
CA THR M 84 -41.68 -6.05 5.52
C THR M 84 -41.66 -6.96 4.32
N SER M 85 -42.40 -6.57 3.29
CA SER M 85 -42.47 -7.34 2.04
C SER M 85 -41.78 -6.60 0.92
N HIS M 86 -40.81 -7.23 0.27
CA HIS M 86 -39.92 -6.50 -0.63
C HIS M 86 -40.34 -6.37 -2.10
N ALA M 87 -40.20 -5.17 -2.64
CA ALA M 87 -40.60 -4.88 -4.02
C ALA M 87 -39.75 -5.53 -5.12
N TRP M 88 -39.05 -6.61 -4.77
CA TRP M 88 -38.12 -7.25 -5.69
C TRP M 88 -38.78 -7.65 -6.98
N HIS M 89 -39.88 -8.37 -6.86
CA HIS M 89 -40.60 -8.90 -8.01
C HIS M 89 -41.12 -7.82 -8.95
N LYS M 90 -41.69 -6.77 -8.38
CA LYS M 90 -42.15 -5.65 -9.18
C LYS M 90 -41.02 -5.05 -10.01
N LEU M 91 -39.86 -4.91 -9.39
CA LEU M 91 -38.70 -4.31 -10.03
C LEU M 91 -38.28 -5.12 -11.23
N PHE M 92 -38.18 -6.44 -11.06
CA PHE M 92 -37.75 -7.31 -12.14
C PHE M 92 -38.70 -7.28 -13.32
N VAL M 93 -39.99 -7.39 -12.99
CA VAL M 93 -41.06 -7.40 -13.99
C VAL M 93 -41.00 -6.14 -14.84
N ASP M 94 -41.02 -4.99 -14.17
CA ASP M 94 -40.90 -3.68 -14.80
C ASP M 94 -39.71 -3.55 -15.75
N GLN M 95 -38.61 -4.17 -15.34
CA GLN M 95 -37.40 -4.19 -16.11
C GLN M 95 -37.60 -5.02 -17.39
N LYS M 96 -38.27 -6.18 -17.25
CA LYS M 96 -38.57 -7.07 -18.40
C LYS M 96 -39.59 -6.48 -19.36
N THR M 97 -40.70 -5.97 -18.82
CA THR M 97 -41.69 -5.29 -19.60
C THR M 97 -41.01 -4.25 -20.48
N GLN M 98 -40.38 -3.29 -19.83
CA GLN M 98 -39.79 -2.13 -20.49
C GLN M 98 -38.77 -2.55 -21.54
N TYR M 99 -37.95 -3.53 -21.20
CA TYR M 99 -36.88 -3.97 -22.08
C TYR M 99 -37.42 -4.44 -23.43
N LEU M 100 -38.55 -5.14 -23.38
CA LEU M 100 -39.13 -5.76 -24.55
C LEU M 100 -40.03 -4.82 -25.29
N VAL M 101 -40.87 -4.11 -24.55
CA VAL M 101 -41.96 -3.36 -25.15
C VAL M 101 -41.91 -1.85 -24.89
N GLY M 102 -41.02 -1.41 -23.99
CA GLY M 102 -40.85 0.01 -23.70
C GLY M 102 -40.80 0.85 -24.97
N GLU M 103 -39.99 0.42 -25.92
CA GLU M 103 -40.01 1.02 -27.23
C GLU M 103 -41.07 0.30 -28.07
N PRO M 104 -41.91 1.07 -28.77
CA PRO M 104 -42.98 0.58 -29.65
C PRO M 104 -42.47 -0.35 -30.76
N VAL M 105 -43.26 -1.38 -31.01
CA VAL M 105 -42.99 -2.36 -32.05
C VAL M 105 -43.15 -1.71 -33.44
N THR M 106 -42.20 -1.99 -34.32
CA THR M 106 -42.25 -1.49 -35.69
C THR M 106 -42.64 -2.63 -36.61
N PHE M 107 -43.34 -2.29 -37.69
CA PHE M 107 -43.82 -3.27 -38.65
C PHE M 107 -43.36 -2.95 -40.06
N THR M 108 -43.00 -4.00 -40.81
CA THR M 108 -42.57 -3.84 -42.20
C THR M 108 -43.18 -4.92 -43.09
N SER M 109 -43.64 -4.50 -44.26
CA SER M 109 -44.15 -5.41 -45.29
C SER M 109 -43.96 -4.71 -46.63
N ASP M 110 -44.11 -5.48 -47.72
CA ASP M 110 -44.06 -4.90 -49.07
C ASP M 110 -45.47 -4.54 -49.55
N ASN M 111 -46.46 -5.15 -48.91
CA ASN M 111 -47.85 -4.80 -49.10
C ASN M 111 -48.18 -3.52 -48.32
N LYS M 112 -48.15 -2.40 -49.03
CA LYS M 112 -48.26 -1.07 -48.42
C LYS M 112 -49.64 -0.72 -47.85
N THR M 113 -50.69 -1.16 -48.53
CA THR M 113 -52.06 -0.95 -48.06
C THR M 113 -52.26 -1.62 -46.70
N LEU M 114 -51.80 -2.86 -46.59
CA LEU M 114 -51.81 -3.60 -45.34
C LEU M 114 -51.00 -2.85 -44.28
N LEU M 115 -49.79 -2.44 -44.66
CA LEU M 115 -48.88 -1.72 -43.78
C LEU M 115 -49.56 -0.49 -43.18
N GLU M 116 -50.29 0.25 -44.02
CA GLU M 116 -51.07 1.41 -43.60
C GLU M 116 -52.11 1.06 -42.52
N TYR M 117 -52.93 0.06 -42.82
CA TYR M 117 -54.00 -0.36 -41.90
C TYR M 117 -53.48 -0.81 -40.54
N VAL M 118 -52.33 -1.48 -40.55
CA VAL M 118 -51.69 -1.97 -39.33
C VAL M 118 -51.20 -0.81 -38.47
N ASN M 119 -50.51 0.12 -39.12
CA ASN M 119 -49.97 1.31 -38.47
C ASN M 119 -51.09 2.16 -37.85
N GLU M 120 -52.15 2.39 -38.62
CA GLU M 120 -53.38 3.05 -38.15
C GLU M 120 -53.92 2.43 -36.85
N LEU M 121 -53.88 1.10 -36.79
CA LEU M 121 -54.41 0.34 -35.66
C LEU M 121 -53.46 0.31 -34.47
N ALA M 122 -52.19 0.12 -34.75
CA ALA M 122 -51.24 -0.26 -33.72
C ALA M 122 -49.97 0.60 -33.67
N ASP M 123 -50.08 1.82 -33.15
CA ASP M 123 -48.88 2.60 -32.93
C ASP M 123 -48.93 3.66 -31.82
N ASP M 124 -50.00 3.66 -31.02
CA ASP M 124 -50.04 4.54 -29.84
C ASP M 124 -50.76 3.95 -28.60
N ASP M 125 -52.06 3.69 -28.71
CA ASP M 125 -52.83 3.06 -27.62
C ASP M 125 -52.48 1.58 -27.50
N PHE M 126 -52.10 1.02 -28.63
CA PHE M 126 -51.66 -0.36 -28.74
C PHE M 126 -50.39 -0.60 -27.94
N ASP M 127 -49.46 0.36 -28.02
CA ASP M 127 -48.19 0.27 -27.31
C ASP M 127 -48.43 0.24 -25.81
N ASP M 128 -49.26 1.17 -25.33
CA ASP M 128 -49.58 1.31 -23.90
C ASP M 128 -50.29 0.10 -23.32
N ILE M 129 -51.05 -0.60 -24.16
CA ILE M 129 -51.76 -1.83 -23.75
C ILE M 129 -50.81 -3.04 -23.78
N LEU M 130 -49.98 -3.13 -24.82
CA LEU M 130 -48.97 -4.18 -24.91
C LEU M 130 -48.04 -4.19 -23.70
N ASN M 131 -47.70 -2.99 -23.22
CA ASN M 131 -46.94 -2.85 -21.99
C ASN M 131 -47.67 -3.47 -20.81
N GLU M 132 -48.97 -3.20 -20.72
CA GLU M 132 -49.77 -3.71 -19.63
C GLU M 132 -49.96 -5.23 -19.70
N THR M 133 -49.85 -5.78 -20.90
CA THR M 133 -50.03 -7.21 -21.14
C THR M 133 -48.80 -7.99 -20.72
N VAL M 134 -47.63 -7.42 -20.98
CA VAL M 134 -46.36 -8.05 -20.70
C VAL M 134 -46.14 -8.17 -19.20
N LYS M 135 -46.38 -7.06 -18.52
CA LYS M 135 -46.40 -7.02 -17.06
C LYS M 135 -47.39 -8.06 -16.53
N ASN M 136 -48.60 -8.03 -17.08
CA ASN M 136 -49.65 -8.92 -16.68
C ASN M 136 -49.28 -10.38 -16.88
N MET M 137 -48.65 -10.69 -18.00
CA MET M 137 -48.32 -12.09 -18.29
C MET M 137 -47.18 -12.57 -17.40
N SER M 138 -46.43 -11.62 -16.86
CA SER M 138 -45.30 -11.95 -16.00
C SER M 138 -45.77 -12.18 -14.57
N ASN M 139 -46.81 -11.46 -14.17
CA ASN M 139 -47.40 -11.64 -12.86
C ASN M 139 -48.34 -12.83 -12.78
N LYS M 140 -49.04 -13.12 -13.87
CA LYS M 140 -50.07 -14.15 -13.84
C LYS M 140 -49.62 -15.48 -14.45
N GLY M 141 -48.71 -15.41 -15.41
CA GLY M 141 -48.24 -16.62 -16.10
C GLY M 141 -48.80 -16.73 -17.51
N ILE M 142 -49.80 -15.91 -17.79
CA ILE M 142 -50.47 -15.84 -19.08
C ILE M 142 -51.38 -14.61 -19.08
N GLU M 143 -51.55 -14.00 -20.24
CA GLU M 143 -52.55 -12.95 -20.36
C GLU M 143 -53.34 -13.09 -21.64
N TYR M 144 -54.65 -13.20 -21.49
CA TYR M 144 -55.55 -13.28 -22.62
C TYR M 144 -56.09 -11.90 -22.93
N TRP M 145 -56.25 -11.62 -24.22
CA TRP M 145 -57.02 -10.45 -24.61
C TRP M 145 -57.95 -10.72 -25.81
N HIS M 146 -59.10 -10.03 -25.81
CA HIS M 146 -60.18 -10.36 -26.72
C HIS M 146 -60.44 -9.33 -27.84
N PRO M 147 -60.42 -9.78 -29.11
CA PRO M 147 -60.81 -8.98 -30.26
C PRO M 147 -62.31 -9.00 -30.51
N PHE M 148 -62.88 -7.83 -30.81
CA PHE M 148 -64.33 -7.69 -31.02
C PHE M 148 -64.64 -6.44 -31.84
N VAL M 149 -65.74 -6.50 -32.59
CA VAL M 149 -66.18 -5.38 -33.43
C VAL M 149 -67.02 -4.38 -32.63
N ASP M 150 -66.66 -3.09 -32.74
CA ASP M 150 -67.28 -2.01 -31.98
C ASP M 150 -68.74 -1.74 -32.36
N GLU M 151 -69.44 -1.01 -31.51
CA GLU M 151 -70.81 -0.57 -31.79
C GLU M 151 -70.85 0.34 -33.02
N GLU M 152 -69.74 1.05 -33.26
CA GLU M 152 -69.58 1.90 -34.44
C GLU M 152 -69.15 1.12 -35.68
N GLY M 153 -68.82 -0.16 -35.49
CA GLY M 153 -68.46 -1.05 -36.59
C GLY M 153 -66.97 -1.22 -36.82
N GLU M 154 -66.16 -0.54 -36.02
CA GLU M 154 -64.70 -0.59 -36.16
C GLU M 154 -64.08 -1.72 -35.33
N PHE M 155 -62.87 -2.11 -35.70
CA PHE M 155 -62.14 -3.17 -34.99
C PHE M 155 -61.59 -2.68 -33.66
N ASP M 156 -61.80 -3.49 -32.62
CA ASP M 156 -61.38 -3.13 -31.27
C ASP M 156 -60.86 -4.36 -30.51
N TYR M 157 -60.05 -4.10 -29.50
CA TYR M 157 -59.44 -5.15 -28.67
C TYR M 157 -59.44 -4.69 -27.23
N VAL M 158 -59.74 -5.61 -26.32
CA VAL M 158 -59.74 -5.33 -24.89
C VAL M 158 -59.07 -6.47 -24.14
N ILE M 159 -58.34 -6.12 -23.08
CA ILE M 159 -57.63 -7.08 -22.25
C ILE M 159 -58.62 -7.93 -21.47
N PHE M 160 -58.39 -9.24 -21.47
CA PHE M 160 -59.31 -10.19 -20.84
C PHE M 160 -58.62 -10.95 -19.72
N PRO M 161 -58.59 -10.37 -18.51
CA PRO M 161 -57.84 -10.84 -17.35
C PRO M 161 -57.89 -12.36 -17.23
N ALA M 162 -56.75 -13.01 -17.39
CA ALA M 162 -56.66 -14.47 -17.43
C ALA M 162 -57.16 -15.18 -16.16
N GLU M 163 -57.24 -14.44 -15.05
CA GLU M 163 -57.75 -15.01 -13.80
C GLU M 163 -59.28 -15.13 -13.75
N GLU M 164 -59.94 -14.50 -14.72
CA GLU M 164 -61.39 -14.59 -14.87
C GLU M 164 -61.71 -15.59 -15.98
N MET M 165 -60.69 -16.11 -16.64
CA MET M 165 -60.88 -16.96 -17.81
C MET M 165 -60.75 -18.46 -17.55
N ILE M 166 -61.54 -19.24 -18.28
CA ILE M 166 -61.57 -20.71 -18.19
C ILE M 166 -61.59 -21.34 -19.59
N VAL M 167 -60.57 -22.14 -19.89
CA VAL M 167 -60.29 -22.62 -21.26
C VAL M 167 -60.07 -24.15 -21.35
N VAL M 168 -60.83 -24.78 -22.25
CA VAL M 168 -60.65 -26.20 -22.59
C VAL M 168 -60.83 -26.40 -24.11
N TYR M 169 -59.98 -27.24 -24.69
CA TYR M 169 -60.05 -27.56 -26.12
C TYR M 169 -59.96 -29.08 -26.35
N TRP M 239 -65.63 -16.28 -36.50
CA TRP M 239 -64.21 -16.13 -36.81
C TRP M 239 -63.54 -17.40 -37.32
N GLY M 240 -64.15 -18.56 -37.02
CA GLY M 240 -63.61 -19.85 -37.46
C GLY M 240 -62.86 -20.53 -36.34
N ARG M 241 -61.91 -19.81 -35.75
CA ARG M 241 -61.21 -20.29 -34.56
C ARG M 241 -61.87 -19.73 -33.29
N VAL M 242 -61.46 -20.27 -32.13
CA VAL M 242 -61.86 -19.75 -30.83
C VAL M 242 -61.42 -18.28 -30.69
N PRO M 243 -62.32 -17.41 -30.17
CA PRO M 243 -62.21 -15.94 -30.31
C PRO M 243 -61.34 -15.17 -29.29
N ILE M 244 -60.39 -15.82 -28.63
CA ILE M 244 -59.49 -15.11 -27.68
C ILE M 244 -58.01 -15.36 -27.96
N ILE M 245 -57.17 -14.40 -27.59
CA ILE M 245 -55.73 -14.44 -27.89
C ILE M 245 -54.86 -14.66 -26.64
N PRO M 246 -54.18 -15.82 -26.55
CA PRO M 246 -53.27 -16.05 -25.44
C PRO M 246 -51.92 -15.38 -25.67
N PHE M 247 -51.43 -14.74 -24.60
CA PHE M 247 -50.03 -14.35 -24.49
C PHE M 247 -49.45 -15.19 -23.35
N LYS M 248 -48.72 -16.23 -23.72
CA LYS M 248 -48.08 -17.11 -22.76
C LYS M 248 -46.79 -16.51 -22.21
N ASN M 249 -46.64 -16.53 -20.90
CA ASN M 249 -45.39 -16.10 -20.29
C ASN M 249 -44.26 -17.11 -20.58
N ASN M 250 -44.55 -18.38 -20.36
CA ASN M 250 -43.60 -19.44 -20.66
C ASN M 250 -44.37 -20.54 -21.38
N GLU M 251 -43.79 -21.74 -21.41
CA GLU M 251 -44.53 -22.90 -21.83
C GLU M 251 -45.40 -23.39 -20.67
N GLU M 252 -44.90 -23.22 -19.46
CA GLU M 252 -45.56 -23.73 -18.27
C GLU M 252 -46.58 -22.74 -17.74
N MET M 253 -46.60 -21.55 -18.34
CA MET M 253 -47.60 -20.52 -18.03
C MET M 253 -47.66 -20.13 -16.56
N VAL M 254 -46.55 -20.38 -15.87
CA VAL M 254 -46.36 -19.88 -14.54
C VAL M 254 -45.82 -18.45 -14.62
N SER M 255 -46.01 -17.72 -13.53
CA SER M 255 -45.44 -16.40 -13.36
C SER M 255 -43.93 -16.52 -13.25
N ASP M 256 -43.24 -15.40 -13.50
CA ASP M 256 -41.80 -15.34 -13.27
C ASP M 256 -41.50 -15.62 -11.80
N LEU M 257 -42.36 -15.09 -10.92
CA LEU M 257 -42.22 -15.24 -9.46
C LEU M 257 -41.88 -16.66 -9.06
N LYS M 258 -42.29 -17.62 -9.89
CA LYS M 258 -42.16 -19.03 -9.59
C LYS M 258 -40.72 -19.45 -9.36
N PHE M 259 -39.81 -18.86 -10.10
CA PHE M 259 -38.45 -19.36 -10.05
C PHE M 259 -37.56 -18.65 -9.02
N TYR M 260 -38.15 -17.76 -8.23
CA TYR M 260 -37.43 -17.03 -7.18
C TYR M 260 -38.27 -16.56 -5.99
N LYS M 261 -39.48 -17.11 -5.86
CA LYS M 261 -40.36 -16.74 -4.75
C LYS M 261 -39.75 -17.17 -3.42
N ASP M 262 -39.10 -18.32 -3.42
CA ASP M 262 -38.34 -18.78 -2.26
C ASP M 262 -37.40 -17.70 -1.71
N LEU M 263 -36.62 -17.11 -2.61
CA LEU M 263 -35.67 -16.12 -2.18
C LEU M 263 -36.37 -14.91 -1.60
N ILE M 264 -37.28 -14.30 -2.37
CA ILE M 264 -37.96 -13.10 -1.89
C ILE M 264 -38.53 -13.35 -0.50
N ASP M 265 -39.07 -14.55 -0.30
CA ASP M 265 -39.66 -14.92 0.98
C ASP M 265 -38.65 -14.94 2.11
N ASN M 266 -37.52 -15.61 1.85
CA ASN M 266 -36.36 -15.65 2.77
C ASN M 266 -35.87 -14.26 3.13
N TYR M 267 -35.74 -13.43 2.09
CA TYR M 267 -35.32 -12.06 2.23
C TYR M 267 -36.26 -11.31 3.15
N ASP M 268 -37.57 -11.49 2.95
CA ASP M 268 -38.56 -10.81 3.76
C ASP M 268 -38.52 -11.33 5.17
N SER M 269 -38.29 -12.63 5.31
CA SER M 269 -38.28 -13.29 6.62
C SER M 269 -37.14 -12.76 7.45
N ILE M 270 -35.95 -12.69 6.86
CA ILE M 270 -34.78 -12.24 7.57
C ILE M 270 -35.01 -10.81 8.04
N THR M 271 -35.31 -9.92 7.10
CA THR M 271 -35.45 -8.49 7.35
C THR M 271 -36.43 -8.19 8.47
N SER M 272 -37.60 -8.80 8.39
CA SER M 272 -38.61 -8.57 9.40
C SER M 272 -38.18 -9.11 10.75
N SER M 273 -37.46 -10.24 10.74
CA SER M 273 -36.95 -10.84 11.96
C SER M 273 -35.94 -9.92 12.65
N THR M 274 -35.07 -9.31 11.85
CA THR M 274 -34.12 -8.32 12.34
C THR M 274 -34.84 -7.12 12.93
N MET M 275 -35.86 -6.64 12.24
CA MET M 275 -36.68 -5.52 12.70
C MET M 275 -37.32 -5.74 14.06
N ASP M 276 -37.80 -6.96 14.29
CA ASP M 276 -38.32 -7.33 15.59
C ASP M 276 -37.23 -7.13 16.61
N SER M 277 -36.03 -7.62 16.30
CA SER M 277 -34.90 -7.50 17.21
C SER M 277 -34.59 -6.06 17.56
N PHE M 278 -34.69 -5.17 16.57
CA PHE M 278 -34.51 -3.73 16.78
C PHE M 278 -35.57 -3.17 17.68
N SER M 279 -36.77 -3.75 17.59
CA SER M 279 -37.89 -3.35 18.42
C SER M 279 -37.73 -3.86 19.86
N ASP M 280 -37.47 -5.15 20.00
CA ASP M 280 -37.31 -5.76 21.32
C ASP M 280 -36.14 -5.21 22.11
N PHE M 281 -35.15 -4.68 21.40
CA PHE M 281 -33.96 -4.17 22.04
C PHE M 281 -34.33 -3.04 23.00
N GLN M 282 -35.40 -2.32 22.68
CA GLN M 282 -35.89 -1.20 23.48
C GLN M 282 -36.42 -1.63 24.84
N GLN M 283 -37.09 -2.79 24.89
CA GLN M 283 -37.67 -3.26 26.12
C GLN M 283 -36.72 -4.09 26.97
N ILE M 284 -36.03 -3.42 27.89
CA ILE M 284 -35.06 -4.05 28.78
C ILE M 284 -35.74 -4.91 29.84
N VAL M 285 -35.17 -6.09 30.09
CA VAL M 285 -35.70 -7.07 31.04
C VAL M 285 -34.77 -7.19 32.25
N TYR M 286 -35.30 -6.90 33.44
CA TYR M 286 -34.50 -6.91 34.67
C TYR M 286 -34.60 -8.22 35.47
N VAL M 287 -33.45 -8.72 35.90
CA VAL M 287 -33.39 -9.92 36.73
C VAL M 287 -33.04 -9.49 38.14
N LEU M 288 -34.00 -9.65 39.04
CA LEU M 288 -33.88 -9.15 40.41
C LEU M 288 -33.49 -10.24 41.38
N LYS M 289 -32.22 -10.20 41.79
CA LYS M 289 -31.64 -11.18 42.70
C LYS M 289 -31.65 -10.65 44.14
N ASN M 290 -32.23 -11.46 45.04
CA ASN M 290 -32.43 -11.12 46.45
C ASN M 290 -32.86 -9.64 46.63
N TYR M 291 -34.07 -9.35 46.14
CA TYR M 291 -34.62 -7.98 46.08
C TYR M 291 -34.94 -7.47 47.48
N ASP M 292 -34.66 -6.18 47.71
CA ASP M 292 -34.79 -5.52 49.03
C ASP M 292 -36.23 -5.21 49.48
N GLY M 293 -37.01 -4.57 48.59
CA GLY M 293 -38.39 -4.20 48.90
C GLY M 293 -39.36 -5.37 48.92
N GLU M 294 -40.27 -5.36 49.90
CA GLU M 294 -41.34 -6.36 49.97
C GLU M 294 -42.49 -6.04 49.00
N ASN M 295 -42.83 -4.75 48.89
CA ASN M 295 -43.90 -4.30 47.99
C ASN M 295 -43.49 -4.35 46.52
N PRO M 296 -44.40 -4.84 45.64
CA PRO M 296 -44.18 -4.88 44.19
C PRO M 296 -44.38 -3.50 43.57
N LYS M 297 -45.32 -2.74 44.13
CA LYS M 297 -45.60 -1.37 43.72
C LYS M 297 -44.35 -0.48 43.80
N GLU M 298 -43.63 -0.60 44.92
CA GLU M 298 -42.40 0.16 45.18
C GLU M 298 -41.38 0.12 44.02
N PHE M 299 -41.18 -1.06 43.44
CA PHE M 299 -40.20 -1.23 42.36
C PHE M 299 -40.47 -0.36 41.14
N THR M 300 -41.62 -0.59 40.51
CA THR M 300 -41.94 -0.03 39.18
C THR M 300 -42.03 1.49 39.21
N ALA M 301 -42.38 2.03 40.37
CA ALA M 301 -42.42 3.46 40.59
C ALA M 301 -41.05 3.98 40.96
N ASN M 302 -40.36 3.28 41.86
CA ASN M 302 -39.06 3.72 42.37
C ASN M 302 -37.99 3.83 41.29
N LEU M 303 -38.13 2.99 40.25
CA LEU M 303 -37.26 2.98 39.07
C LEU M 303 -37.73 3.98 38.02
N ARG M 304 -39.03 4.10 37.88
CA ARG M 304 -39.62 4.93 36.82
C ARG M 304 -39.66 6.42 37.19
N TYR M 305 -39.55 6.74 38.46
CA TYR M 305 -39.61 8.13 38.89
C TYR M 305 -38.35 8.59 39.59
N HIS M 306 -37.57 7.64 40.06
CA HIS M 306 -36.25 7.93 40.58
C HIS M 306 -35.26 7.00 39.90
N SER M 307 -33.98 7.30 40.04
CA SER M 307 -32.97 6.52 39.33
C SER M 307 -32.72 5.18 39.99
N VAL M 308 -33.36 4.94 41.12
CA VAL M 308 -32.91 3.92 42.07
C VAL M 308 -33.63 2.57 41.99
N ILE M 309 -32.83 1.52 42.16
CA ILE M 309 -33.31 0.19 42.55
C ILE M 309 -32.57 -0.23 43.81
N LYS M 310 -33.32 -0.52 44.87
CA LYS M 310 -32.73 -0.90 46.15
C LYS M 310 -32.59 -2.42 46.26
N VAL M 311 -31.39 -2.87 46.61
CA VAL M 311 -31.11 -4.30 46.76
C VAL M 311 -30.31 -4.56 48.04
N SER M 312 -30.72 -5.58 48.79
CA SER M 312 -30.00 -6.05 49.97
C SER M 312 -29.54 -7.49 49.79
N GLY M 313 -29.05 -8.09 50.88
CA GLY M 313 -28.44 -9.42 50.84
C GLY M 313 -27.10 -9.28 50.16
N ASP M 314 -26.77 -10.25 49.31
CA ASP M 314 -25.58 -10.17 48.47
C ASP M 314 -25.97 -10.11 47.00
N GLY M 315 -27.24 -9.78 46.75
CA GLY M 315 -27.82 -9.81 45.41
C GLY M 315 -27.44 -8.63 44.54
N GLY M 316 -28.28 -8.35 43.55
CA GLY M 316 -28.04 -7.29 42.58
C GLY M 316 -29.08 -7.30 41.47
N VAL M 317 -28.81 -6.56 40.40
CA VAL M 317 -29.71 -6.55 39.27
C VAL M 317 -28.90 -6.79 38.02
N ASP M 318 -29.27 -7.84 37.30
CA ASP M 318 -28.75 -8.06 35.97
C ASP M 318 -29.82 -7.64 34.97
N THR M 319 -29.38 -7.17 33.82
CA THR M 319 -30.30 -6.85 32.75
C THR M 319 -30.14 -7.82 31.59
N LEU M 320 -31.25 -8.19 30.99
CA LEU M 320 -31.26 -8.99 29.78
C LEU M 320 -31.73 -8.10 28.64
N ARG M 321 -30.92 -8.01 27.60
CA ARG M 321 -31.29 -7.21 26.44
C ARG M 321 -31.25 -8.10 25.22
N ALA M 322 -32.18 -7.87 24.29
CA ALA M 322 -32.18 -8.60 23.02
C ALA M 322 -30.86 -8.43 22.29
N GLU M 323 -30.42 -9.50 21.65
CA GLU M 323 -29.29 -9.41 20.79
C GLU M 323 -29.91 -9.10 19.42
N ILE M 324 -29.27 -8.21 18.66
CA ILE M 324 -29.75 -7.88 17.30
C ILE M 324 -28.84 -8.53 16.28
N PRO M 325 -29.35 -9.46 15.46
CA PRO M 325 -28.44 -10.20 14.59
C PRO M 325 -28.08 -9.49 13.28
N VAL M 326 -27.72 -8.22 13.33
CA VAL M 326 -27.52 -7.40 12.11
C VAL M 326 -26.43 -7.94 11.18
N ASP M 327 -25.34 -8.40 11.78
CA ASP M 327 -24.15 -8.83 11.03
C ASP M 327 -24.40 -10.10 10.23
N SER M 328 -24.63 -11.21 10.91
CA SER M 328 -25.03 -12.43 10.24
C SER M 328 -26.11 -12.18 9.22
N ALA M 329 -27.13 -11.40 9.57
CA ALA M 329 -28.24 -11.10 8.68
C ALA M 329 -27.80 -10.38 7.45
N ALA M 330 -26.94 -9.39 7.62
CA ALA M 330 -26.45 -8.58 6.50
C ALA M 330 -25.57 -9.42 5.61
N LYS M 331 -24.90 -10.38 6.21
CA LYS M 331 -24.01 -11.24 5.50
C LYS M 331 -24.80 -12.21 4.62
N GLU M 332 -25.91 -12.72 5.16
CA GLU M 332 -26.76 -13.67 4.47
C GLU M 332 -27.51 -12.94 3.40
N LEU M 333 -28.11 -11.81 3.76
CA LEU M 333 -28.91 -11.01 2.85
C LEU M 333 -28.15 -10.61 1.62
N GLU M 334 -26.84 -10.52 1.76
CA GLU M 334 -25.99 -10.18 0.66
C GLU M 334 -26.01 -11.26 -0.41
N ARG M 335 -25.79 -12.51 -0.01
CA ARG M 335 -25.81 -13.61 -0.96
C ARG M 335 -27.19 -13.74 -1.62
N ILE M 336 -28.26 -13.75 -0.83
CA ILE M 336 -29.62 -13.88 -1.34
C ILE M 336 -29.89 -12.85 -2.43
N GLN M 337 -29.38 -11.65 -2.23
CA GLN M 337 -29.61 -10.58 -3.19
C GLN M 337 -28.91 -10.85 -4.52
N ASP M 338 -27.75 -11.47 -4.44
CA ASP M 338 -26.97 -11.80 -5.61
C ASP M 338 -27.67 -12.89 -6.38
N GLU M 339 -28.15 -13.91 -5.67
CA GLU M 339 -28.88 -15.01 -6.28
C GLU M 339 -30.18 -14.51 -6.90
N LEU M 340 -30.95 -13.76 -6.13
CA LEU M 340 -32.15 -13.08 -6.62
C LEU M 340 -32.03 -12.58 -8.06
N TYR M 341 -30.97 -11.81 -8.33
CA TYR M 341 -30.70 -11.22 -9.66
C TYR M 341 -30.36 -12.27 -10.69
N LYS M 342 -29.75 -13.36 -10.25
CA LYS M 342 -29.41 -14.47 -11.12
C LYS M 342 -30.69 -15.26 -11.37
N SER M 343 -31.24 -15.83 -10.31
CA SER M 343 -32.44 -16.63 -10.40
C SER M 343 -33.51 -15.97 -11.25
N ALA M 344 -33.58 -14.65 -11.21
CA ALA M 344 -34.61 -13.88 -11.90
C ALA M 344 -34.20 -13.42 -13.30
N GLN M 345 -32.98 -13.75 -13.70
CA GLN M 345 -32.42 -13.26 -14.95
C GLN M 345 -32.61 -11.76 -15.14
N ALA M 346 -32.07 -10.99 -14.20
CA ALA M 346 -32.23 -9.55 -14.23
C ALA M 346 -30.88 -8.85 -14.43
N VAL M 347 -30.95 -7.53 -14.60
CA VAL M 347 -29.76 -6.68 -14.67
C VAL M 347 -29.60 -5.89 -13.38
N ASP M 348 -28.42 -5.92 -12.80
CA ASP M 348 -28.12 -5.09 -11.65
C ASP M 348 -27.25 -3.95 -12.09
N ASN M 349 -27.79 -2.75 -12.18
CA ASN M 349 -26.91 -1.65 -12.51
C ASN M 349 -26.41 -0.78 -11.36
N SER M 350 -26.34 -1.39 -10.16
CA SER M 350 -25.55 -0.84 -9.05
C SER M 350 -24.18 -0.40 -9.57
N PRO M 351 -23.49 0.52 -8.86
CA PRO M 351 -22.21 0.93 -9.44
C PRO M 351 -21.14 -0.17 -9.25
N GLU M 352 -20.28 -0.31 -10.27
CA GLU M 352 -19.22 -1.30 -10.21
C GLU M 352 -18.01 -0.86 -9.38
N THR M 353 -17.86 -1.48 -8.20
CA THR M 353 -16.66 -1.34 -7.36
C THR M 353 -15.41 -1.49 -8.22
N ILE M 354 -15.39 -2.56 -9.01
CA ILE M 354 -14.25 -2.83 -9.88
C ILE M 354 -14.23 -1.83 -11.04
N GLY M 355 -13.04 -1.31 -11.32
CA GLY M 355 -12.85 -0.42 -12.47
C GLY M 355 -12.82 -1.15 -13.80
N GLY M 356 -13.85 -1.95 -14.07
CA GLY M 356 -14.00 -2.60 -15.38
C GLY M 356 -15.24 -2.20 -16.14
N GLY M 357 -16.35 -2.04 -15.41
CA GLY M 357 -17.70 -1.92 -15.96
C GLY M 357 -18.03 -1.11 -17.20
N ALA M 358 -17.10 -0.30 -17.70
CA ALA M 358 -17.41 0.59 -18.80
C ALA M 358 -17.33 -0.09 -20.15
N THR M 359 -16.41 -1.04 -20.30
CA THR M 359 -16.08 -1.65 -21.61
C THR M 359 -17.21 -2.45 -22.24
N GLY M 360 -17.15 -2.56 -23.57
CA GLY M 360 -18.09 -3.37 -24.35
C GLY M 360 -18.47 -4.73 -23.77
N PRO M 361 -17.49 -5.61 -23.49
CA PRO M 361 -17.78 -6.92 -22.95
C PRO M 361 -18.32 -6.84 -21.53
N ALA M 362 -17.86 -5.85 -20.78
CA ALA M 362 -18.28 -5.67 -19.40
C ALA M 362 -19.76 -5.36 -19.36
N LEU M 363 -20.23 -4.62 -20.36
CA LEU M 363 -21.63 -4.25 -20.44
C LEU M 363 -22.45 -5.38 -21.01
N GLU M 364 -21.87 -6.12 -21.94
CA GLU M 364 -22.52 -7.29 -22.52
C GLU M 364 -22.75 -8.34 -21.43
N LYS M 365 -21.70 -8.66 -20.68
CA LYS M 365 -21.80 -9.56 -19.53
C LYS M 365 -22.86 -9.11 -18.51
N LEU M 366 -23.04 -7.81 -18.37
CA LEU M 366 -24.01 -7.28 -17.43
C LEU M 366 -25.44 -7.65 -17.86
N TYR M 367 -25.73 -7.51 -19.15
CA TYR M 367 -27.06 -7.78 -19.63
C TYR M 367 -27.35 -9.25 -19.99
N ALA M 368 -26.29 -10.05 -20.09
CA ALA M 368 -26.39 -11.44 -20.53
C ALA M 368 -27.66 -12.15 -20.04
N LEU M 369 -27.92 -12.15 -18.75
CA LEU M 369 -29.09 -12.85 -18.22
C LEU M 369 -30.43 -12.28 -18.68
N LEU M 370 -30.63 -10.97 -18.57
CA LEU M 370 -31.88 -10.36 -19.04
C LEU M 370 -32.09 -10.62 -20.54
N ASP M 371 -31.00 -10.57 -21.32
CA ASP M 371 -31.04 -10.87 -22.75
C ASP M 371 -31.50 -12.30 -23.01
N LEU M 372 -31.21 -13.19 -22.06
CA LEU M 372 -31.70 -14.56 -22.07
C LEU M 372 -33.20 -14.56 -21.92
N LYS M 373 -33.69 -13.91 -20.87
CA LYS M 373 -35.10 -13.84 -20.53
C LYS M 373 -35.90 -13.04 -21.53
N ALA M 374 -35.28 -12.02 -22.11
CA ALA M 374 -35.94 -11.20 -23.14
C ALA M 374 -36.24 -12.00 -24.41
N ASN M 375 -35.32 -12.88 -24.77
CA ASN M 375 -35.48 -13.67 -25.98
C ASN M 375 -36.67 -14.62 -25.97
N MET M 376 -36.76 -15.47 -24.94
CA MET M 376 -37.93 -16.33 -24.77
C MET M 376 -39.20 -15.51 -24.85
N ALA M 377 -39.31 -14.54 -23.95
CA ALA M 377 -40.44 -13.65 -23.86
C ALA M 377 -40.84 -13.03 -25.20
N GLU M 378 -39.87 -12.78 -26.09
CA GLU M 378 -40.20 -12.27 -27.42
C GLU M 378 -40.88 -13.36 -28.24
N ARG M 379 -40.24 -14.51 -28.36
CA ARG M 379 -40.84 -15.67 -29.05
C ARG M 379 -42.30 -15.80 -28.63
N LYS M 380 -42.50 -15.92 -27.33
CA LYS M 380 -43.83 -16.01 -26.75
C LYS M 380 -44.75 -14.84 -27.08
N ILE M 381 -44.22 -13.63 -27.09
CA ILE M 381 -45.05 -12.46 -27.39
C ILE M 381 -45.42 -12.42 -28.89
N ARG M 382 -44.44 -12.73 -29.75
CA ARG M 382 -44.66 -12.78 -31.20
C ARG M 382 -45.76 -13.78 -31.58
N ALA M 383 -45.66 -14.99 -31.01
CA ALA M 383 -46.66 -16.02 -31.18
C ALA M 383 -48.05 -15.43 -31.00
N GLY M 384 -48.29 -14.81 -29.84
CA GLY M 384 -49.56 -14.16 -29.54
C GLY M 384 -49.92 -13.07 -30.53
N LEU M 385 -48.92 -12.27 -30.90
CA LEU M 385 -49.16 -11.12 -31.76
C LEU M 385 -49.51 -11.50 -33.20
N ARG M 386 -48.91 -12.59 -33.69
CA ARG M 386 -49.20 -13.11 -35.04
C ARG M 386 -50.66 -13.53 -35.14
N LEU M 387 -51.13 -14.18 -34.08
CA LEU M 387 -52.52 -14.59 -33.95
C LEU M 387 -53.42 -13.37 -33.87
N PHE M 388 -52.95 -12.33 -33.18
CA PHE M 388 -53.70 -11.08 -33.10
C PHE M 388 -53.92 -10.47 -34.49
N PHE M 389 -52.88 -10.50 -35.32
CA PHE M 389 -52.95 -9.94 -36.66
C PHE M 389 -53.65 -10.85 -37.67
N TRP M 390 -53.76 -12.12 -37.31
CA TRP M 390 -54.59 -13.07 -38.05
C TRP M 390 -56.06 -12.65 -37.98
N PHE M 391 -56.49 -12.26 -36.78
CA PHE M 391 -57.85 -11.80 -36.51
C PHE M 391 -58.16 -10.48 -37.21
N PHE M 392 -57.21 -9.55 -37.15
CA PHE M 392 -57.33 -8.29 -37.86
C PHE M 392 -57.48 -8.51 -39.38
N ALA M 393 -56.78 -9.52 -39.89
CA ALA M 393 -56.87 -9.92 -41.32
C ALA M 393 -58.25 -10.44 -41.65
N GLU M 394 -58.81 -11.21 -40.72
CA GLU M 394 -60.16 -11.74 -40.87
C GLU M 394 -61.15 -10.60 -40.95
N TYR M 395 -61.04 -9.65 -40.02
CA TYR M 395 -61.88 -8.45 -40.02
C TYR M 395 -61.77 -7.71 -41.34
N LEU M 396 -60.56 -7.58 -41.87
CA LEU M 396 -60.32 -6.86 -43.11
C LEU M 396 -60.88 -7.57 -44.35
N ARG M 397 -60.83 -8.90 -44.33
CA ARG M 397 -61.41 -9.73 -45.40
C ARG M 397 -62.92 -9.52 -45.47
N ASN M 398 -63.57 -9.50 -44.30
CA ASN M 398 -65.03 -9.40 -44.19
C ASN M 398 -65.58 -7.97 -44.28
N THR M 399 -64.79 -6.99 -43.83
CA THR M 399 -65.19 -5.58 -43.93
C THR M 399 -65.03 -5.03 -45.34
N GLY M 400 -64.42 -5.82 -46.21
CA GLY M 400 -64.25 -5.47 -47.63
C GLY M 400 -63.10 -4.52 -47.90
N LYS M 401 -62.12 -4.50 -47.02
CA LYS M 401 -60.95 -3.63 -47.18
C LYS M 401 -59.74 -4.38 -47.75
N GLY M 402 -59.94 -5.65 -48.09
CA GLY M 402 -58.91 -6.46 -48.73
C GLY M 402 -58.67 -7.80 -48.06
N ASP M 403 -58.03 -8.71 -48.78
CA ASP M 403 -57.63 -9.99 -48.24
C ASP M 403 -56.10 -10.09 -48.15
N PHE M 404 -55.60 -10.34 -46.93
CA PHE M 404 -54.15 -10.34 -46.68
C PHE M 404 -53.66 -11.58 -45.94
N ASN M 405 -52.35 -11.83 -46.02
CA ASN M 405 -51.72 -12.91 -45.27
C ASN M 405 -50.59 -12.38 -44.36
N PRO M 406 -50.93 -12.00 -43.11
CA PRO M 406 -49.94 -11.37 -42.22
C PRO M 406 -48.78 -12.30 -41.99
N ASP M 407 -49.08 -13.56 -41.70
CA ASP M 407 -48.05 -14.55 -41.37
C ASP M 407 -46.92 -14.65 -42.40
N LYS M 408 -47.14 -14.10 -43.59
CA LYS M 408 -46.16 -14.19 -44.67
C LYS M 408 -45.76 -12.84 -45.28
N GLU M 409 -46.64 -11.85 -45.20
CA GLU M 409 -46.37 -10.51 -45.74
C GLU M 409 -45.79 -9.55 -44.70
N LEU M 410 -46.35 -9.58 -43.49
CA LEU M 410 -45.98 -8.67 -42.39
C LEU M 410 -44.82 -9.17 -41.55
N THR M 411 -43.83 -8.30 -41.35
CA THR M 411 -42.71 -8.58 -40.45
C THR M 411 -42.74 -7.61 -39.26
N MET M 412 -42.32 -8.09 -38.10
CA MET M 412 -42.31 -7.28 -36.89
C MET M 412 -40.88 -6.96 -36.43
N THR M 413 -40.71 -5.80 -35.78
CA THR M 413 -39.41 -5.41 -35.24
C THR M 413 -39.51 -4.94 -33.80
N PHE M 414 -38.82 -5.66 -32.93
CA PHE M 414 -38.67 -5.28 -31.53
C PHE M 414 -37.39 -4.50 -31.30
N THR M 415 -37.45 -3.53 -30.40
CA THR M 415 -36.31 -2.68 -30.14
C THR M 415 -35.90 -2.81 -28.69
N ARG M 416 -34.59 -2.90 -28.45
CA ARG M 416 -34.08 -3.05 -27.08
C ARG M 416 -33.27 -1.87 -26.52
N THR M 417 -33.72 -1.39 -25.36
CA THR M 417 -33.02 -0.31 -24.67
C THR M 417 -31.84 -0.92 -23.93
N ARG M 418 -30.69 -0.92 -24.60
CA ARG M 418 -29.49 -1.57 -24.05
C ARG M 418 -28.37 -0.57 -23.88
N ILE M 419 -27.73 -0.60 -22.70
CA ILE M 419 -26.67 0.37 -22.37
C ILE M 419 -25.38 0.09 -23.17
N GLN M 420 -24.85 1.13 -23.80
CA GLN M 420 -23.69 0.94 -24.64
C GLN M 420 -22.60 1.95 -24.39
N ASN M 421 -21.39 1.59 -24.81
CA ASN M 421 -20.27 2.49 -24.74
C ASN M 421 -20.19 3.21 -26.08
N ASP M 422 -21.12 4.13 -26.30
CA ASP M 422 -21.24 4.85 -27.58
C ASP M 422 -19.91 5.44 -28.09
N SER M 423 -19.08 5.85 -27.15
CA SER M 423 -17.77 6.40 -27.42
C SER M 423 -16.90 5.33 -28.10
N GLU M 424 -16.83 4.15 -27.48
CA GLU M 424 -16.05 3.03 -27.98
C GLU M 424 -16.51 2.62 -29.38
N ILE M 425 -17.81 2.35 -29.53
CA ILE M 425 -18.38 1.89 -30.79
C ILE M 425 -17.96 2.82 -31.92
N VAL M 426 -18.21 4.12 -31.73
CA VAL M 426 -17.93 5.12 -32.74
C VAL M 426 -16.50 5.01 -33.26
N GLN M 427 -15.57 4.71 -32.37
CA GLN M 427 -14.17 4.58 -32.74
C GLN M 427 -13.86 3.32 -33.54
N SER M 428 -14.31 2.18 -33.00
CA SER M 428 -14.26 0.91 -33.71
C SER M 428 -14.84 1.01 -35.14
N LEU M 429 -15.98 1.70 -35.27
CA LEU M 429 -16.60 1.92 -36.57
C LEU M 429 -15.71 2.75 -37.48
N VAL M 430 -15.16 3.85 -36.95
CA VAL M 430 -14.26 4.70 -37.71
C VAL M 430 -13.01 3.93 -38.11
N GLN M 431 -12.47 3.15 -37.18
CA GLN M 431 -11.32 2.29 -37.43
C GLN M 431 -11.60 1.31 -38.57
N GLY M 432 -12.73 0.60 -38.45
CA GLY M 432 -13.21 -0.34 -39.46
C GLY M 432 -13.28 0.27 -40.85
N VAL M 433 -13.97 1.40 -40.99
CA VAL M 433 -14.14 2.05 -42.29
C VAL M 433 -12.82 2.54 -42.86
N THR M 434 -12.03 3.21 -42.03
CA THR M 434 -10.68 3.66 -42.37
C THR M 434 -9.82 2.49 -42.83
N GLY M 435 -9.90 1.38 -42.08
CA GLY M 435 -9.23 0.13 -42.45
C GLY M 435 -9.75 -0.44 -43.75
N GLY M 436 -11.03 -0.27 -44.00
CA GLY M 436 -11.66 -0.76 -45.22
C GLY M 436 -12.28 -2.12 -45.04
N ILE M 437 -12.57 -2.48 -43.80
CA ILE M 437 -13.31 -3.70 -43.50
C ILE M 437 -14.80 -3.39 -43.39
N MET M 438 -15.20 -2.20 -43.81
CA MET M 438 -16.56 -1.75 -43.62
C MET M 438 -17.02 -0.69 -44.59
N SER M 439 -18.24 -0.88 -45.06
CA SER M 439 -18.96 0.12 -45.82
C SER M 439 -19.44 1.21 -44.88
N LYS M 440 -19.52 2.45 -45.38
CA LYS M 440 -20.03 3.56 -44.59
C LYS M 440 -21.51 3.34 -44.26
N GLU M 441 -22.23 2.73 -45.21
CA GLU M 441 -23.63 2.34 -45.02
C GLU M 441 -23.82 1.53 -43.74
N THR M 442 -23.18 0.37 -43.69
CA THR M 442 -23.28 -0.50 -42.52
C THR M 442 -22.89 0.29 -41.26
N ALA M 443 -21.85 1.10 -41.40
CA ALA M 443 -21.32 1.91 -40.31
C ALA M 443 -22.35 2.91 -39.79
N VAL M 444 -22.95 3.66 -40.70
CA VAL M 444 -23.96 4.67 -40.33
C VAL M 444 -25.12 4.02 -39.57
N ALA M 445 -25.58 2.89 -40.07
CA ALA M 445 -26.66 2.13 -39.43
C ALA M 445 -26.27 1.63 -38.04
N ARG M 446 -24.98 1.33 -37.87
CA ARG M 446 -24.47 0.82 -36.60
C ARG M 446 -24.02 1.92 -35.63
N ASN M 447 -23.98 3.17 -36.12
CA ASN M 447 -23.64 4.34 -35.30
C ASN M 447 -24.73 4.64 -34.26
N PRO M 448 -24.36 4.66 -32.97
CA PRO M 448 -25.30 4.83 -31.87
C PRO M 448 -26.03 6.18 -31.84
N PHE M 449 -25.48 7.18 -32.53
CA PHE M 449 -26.13 8.49 -32.56
C PHE M 449 -27.17 8.59 -33.70
N VAL M 450 -27.41 7.47 -34.38
CA VAL M 450 -28.30 7.45 -35.54
C VAL M 450 -29.63 6.75 -35.23
N GLN M 451 -30.71 7.46 -35.48
CA GLN M 451 -32.05 6.90 -35.35
C GLN M 451 -32.45 6.23 -36.67
N ASP M 452 -32.60 7.02 -37.73
CA ASP M 452 -33.00 6.51 -39.05
C ASP M 452 -31.86 6.53 -40.08
N PRO M 453 -31.26 5.35 -40.37
CA PRO M 453 -30.14 5.22 -41.31
C PRO M 453 -30.44 5.74 -42.72
N GLU M 454 -31.71 5.74 -43.12
CA GLU M 454 -32.10 6.23 -44.43
C GLU M 454 -31.87 7.74 -44.58
N GLU M 455 -32.38 8.52 -43.62
CA GLU M 455 -32.24 9.98 -43.66
C GLU M 455 -30.79 10.45 -43.50
N GLU M 456 -30.02 9.76 -42.66
CA GLU M 456 -28.62 10.12 -42.38
C GLU M 456 -27.67 9.80 -43.54
N LEU M 457 -27.84 8.62 -44.14
CA LEU M 457 -27.06 8.23 -45.31
C LEU M 457 -27.30 9.25 -46.42
N ALA M 458 -28.53 9.75 -46.47
CA ALA M 458 -28.93 10.80 -47.41
C ALA M 458 -28.33 12.15 -47.03
N ARG M 459 -28.31 12.44 -45.73
CA ARG M 459 -27.84 13.73 -45.23
C ARG M 459 -26.35 13.93 -45.50
N ILE M 460 -25.56 12.88 -45.27
CA ILE M 460 -24.11 12.91 -45.47
C ILE M 460 -23.74 13.06 -46.96
N GLU M 461 -24.62 12.59 -47.84
CA GLU M 461 -24.39 12.69 -49.29
C GLU M 461 -24.67 14.11 -49.83
N GLU M 462 -25.74 14.74 -49.34
CA GLU M 462 -26.07 16.13 -49.70
C GLU M 462 -25.08 17.11 -49.08
N GLU M 463 -24.37 16.66 -48.04
CA GLU M 463 -23.27 17.43 -47.45
C GLU M 463 -22.08 17.42 -48.41
N MET M 464 -21.69 16.23 -48.86
CA MET M 464 -20.57 16.05 -49.77
C MET M 464 -20.78 16.84 -51.06
N ASN M 465 -21.98 16.74 -51.65
CA ASN M 465 -22.33 17.46 -52.90
C ASN M 465 -22.32 18.98 -52.76
N GLN M 466 -22.29 19.46 -51.51
CA GLN M 466 -22.12 20.88 -51.20
C GLN M 466 -20.64 21.21 -51.01
N TYR M 467 -19.97 20.46 -50.13
CA TYR M 467 -18.53 20.62 -49.89
C TYR M 467 -17.69 19.96 -50.99
N UNK N 1 -63.71 -25.63 -28.63
CA UNK N 1 -63.11 -24.86 -27.51
C UNK N 1 -64.00 -23.69 -27.08
N UNK N 2 -64.76 -23.89 -26.01
CA UNK N 2 -65.45 -22.79 -25.33
C UNK N 2 -64.45 -21.95 -24.49
N UNK N 3 -64.94 -20.84 -23.94
CA UNK N 3 -64.14 -19.99 -23.07
C UNK N 3 -65.04 -19.08 -22.24
N UNK N 4 -64.99 -19.21 -20.92
CA UNK N 4 -65.90 -18.47 -20.04
C UNK N 4 -65.20 -17.46 -19.12
N UNK N 5 -65.79 -16.26 -19.03
CA UNK N 5 -65.32 -15.22 -18.12
C UNK N 5 -66.24 -15.09 -16.90
N UNK N 6 -65.69 -15.24 -15.70
CA UNK N 6 -66.43 -15.02 -14.45
C UNK N 6 -66.17 -13.62 -13.86
N UNK N 7 -66.96 -12.65 -14.29
CA UNK N 7 -66.89 -11.27 -13.79
C UNK N 7 -67.84 -11.10 -12.61
N UNK N 8 -67.59 -10.09 -11.78
CA UNK N 8 -68.48 -9.77 -10.67
C UNK N 8 -68.49 -8.25 -10.40
N UNK N 9 -69.64 -7.63 -10.68
CA UNK N 9 -69.76 -6.17 -10.60
C UNK N 9 -70.67 -5.69 -9.47
N UNK N 10 -70.08 -4.99 -8.51
CA UNK N 10 -70.82 -4.40 -7.39
C UNK N 10 -71.47 -3.07 -7.77
N UNK N 11 -72.79 -3.02 -7.71
CA UNK N 11 -73.56 -1.84 -8.14
C UNK N 11 -73.43 -0.65 -7.19
N UNK N 12 -74.11 0.45 -7.52
CA UNK N 12 -74.19 1.64 -6.65
C UNK N 12 -74.70 1.29 -5.25
N UNK N 13 -75.53 0.25 -5.19
CA UNK N 13 -76.05 -0.28 -3.93
C UNK N 13 -75.67 -1.75 -3.76
N UNK N 14 -76.18 -2.58 -4.67
CA UNK N 14 -76.08 -4.05 -4.56
C UNK N 14 -74.75 -4.61 -5.07
N UNK N 15 -74.78 -5.89 -5.46
CA UNK N 15 -73.67 -6.58 -6.10
C UNK N 15 -74.22 -7.70 -6.98
N UNK N 16 -73.90 -7.65 -8.27
CA UNK N 16 -74.29 -8.69 -9.23
C UNK N 16 -73.11 -9.61 -9.52
N UNK N 17 -73.39 -10.74 -10.17
CA UNK N 17 -72.35 -11.73 -10.45
C UNK N 17 -72.51 -12.41 -11.82
N UNK N 18 -72.41 -11.63 -12.88
CA UNK N 18 -72.62 -12.12 -14.24
C UNK N 18 -71.52 -13.08 -14.74
N UNK N 19 -71.67 -13.56 -15.98
CA UNK N 19 -70.69 -14.41 -16.65
C UNK N 19 -70.88 -14.37 -18.17
N UNK N 20 -69.91 -14.91 -18.91
CA UNK N 20 -69.93 -14.90 -20.36
C UNK N 20 -69.36 -16.22 -20.89
N UNK N 21 -69.84 -16.66 -22.05
CA UNK N 21 -69.31 -17.87 -22.68
C UNK N 21 -69.03 -17.65 -24.16
N UNK N 22 -67.75 -17.50 -24.48
CA UNK N 22 -67.32 -17.25 -25.84
C UNK N 22 -67.21 -18.55 -26.64
N UNK N 23 -67.98 -18.63 -27.72
CA UNK N 23 -67.99 -19.80 -28.60
C UNK N 23 -67.55 -19.42 -30.02
N UNK N 24 -67.18 -20.44 -30.80
CA UNK N 24 -66.69 -20.25 -32.16
C UNK N 24 -67.63 -19.42 -33.07
N UNK N 25 -68.90 -19.36 -32.70
CA UNK N 25 -69.95 -18.69 -33.49
C UNK N 25 -70.60 -17.47 -32.81
N UNK N 26 -70.89 -17.60 -31.51
CA UNK N 26 -71.53 -16.51 -30.74
C UNK N 26 -70.96 -16.36 -29.32
N UNK N 27 -71.60 -15.53 -28.49
CA UNK N 27 -71.06 -15.15 -27.18
C UNK N 27 -72.12 -14.91 -26.10
N UNK N 28 -72.86 -15.97 -25.75
CA UNK N 28 -73.98 -15.91 -24.79
C UNK N 28 -73.57 -15.45 -23.38
N UNK N 29 -74.41 -14.62 -22.75
CA UNK N 29 -74.16 -14.08 -21.40
C UNK N 29 -74.76 -14.94 -20.27
N UNK N 30 -74.85 -14.37 -19.06
CA UNK N 30 -75.45 -15.02 -17.88
C UNK N 30 -75.25 -14.17 -16.62
N PRO O 29 -81.45 11.34 -11.31
CA PRO O 29 -80.64 10.64 -10.31
C PRO O 29 -81.28 10.65 -8.92
N ASP O 30 -80.75 9.81 -8.03
CA ASP O 30 -81.29 9.64 -6.68
C ASP O 30 -80.43 10.34 -5.63
N THR O 31 -81.06 10.83 -4.57
CA THR O 31 -80.35 11.50 -3.48
C THR O 31 -79.89 10.49 -2.41
N THR O 32 -80.59 9.36 -2.31
CA THR O 32 -80.27 8.31 -1.34
C THR O 32 -79.01 7.55 -1.73
N MET O 33 -78.86 7.26 -3.03
CA MET O 33 -77.68 6.56 -3.54
C MET O 33 -76.44 7.44 -3.38
N ILE O 34 -76.66 8.76 -3.50
CA ILE O 34 -75.61 9.75 -3.28
C ILE O 34 -74.99 9.56 -1.90
N GLN O 35 -75.82 9.49 -0.87
CA GLN O 35 -75.33 9.28 0.49
C GLN O 35 -74.56 7.95 0.64
N LYS O 36 -75.03 6.88 0.00
CA LYS O 36 -74.33 5.59 0.03
C LYS O 36 -72.95 5.73 -0.57
N LEU O 37 -72.90 6.32 -1.76
CA LEU O 37 -71.64 6.55 -2.46
C LEU O 37 -70.64 7.38 -1.65
N ILE O 38 -71.15 8.41 -0.98
CA ILE O 38 -70.36 9.23 -0.07
C ILE O 38 -69.88 8.45 1.17
N ASP O 39 -70.80 7.74 1.83
CA ASP O 39 -70.50 7.03 3.08
C ASP O 39 -69.73 5.73 2.89
N GLU O 40 -69.82 5.18 1.69
CA GLU O 40 -69.04 4.00 1.33
C GLU O 40 -67.63 4.42 0.83
N HIS O 41 -67.53 5.65 0.30
CA HIS O 41 -66.25 6.21 -0.13
C HIS O 41 -65.30 6.39 1.05
N ASN O 42 -64.02 6.11 0.80
CA ASN O 42 -62.97 6.42 1.75
C ASN O 42 -61.73 7.01 1.07
N PRO O 43 -61.25 8.16 1.58
CA PRO O 43 -60.04 8.76 1.05
C PRO O 43 -58.72 8.30 1.70
N GLU O 44 -58.77 7.45 2.73
CA GLU O 44 -57.53 7.00 3.40
C GLU O 44 -56.51 6.29 2.50
N PRO O 45 -56.96 5.54 1.47
CA PRO O 45 -55.93 5.00 0.58
C PRO O 45 -55.27 6.09 -0.29
N LEU O 46 -56.04 7.04 -0.78
CA LEU O 46 -55.50 8.08 -1.68
C LEU O 46 -54.74 9.17 -0.94
N LEU O 47 -55.02 9.34 0.34
CA LEU O 47 -54.37 10.39 1.12
C LEU O 47 -53.05 9.89 1.68
N LYS O 48 -52.92 8.56 1.79
CA LYS O 48 -51.70 7.88 2.23
C LYS O 48 -50.42 8.58 1.69
N GLY O 49 -50.23 8.55 0.37
CA GLY O 49 -49.09 9.20 -0.26
C GLY O 49 -48.94 10.68 0.02
N VAL O 50 -50.07 11.38 0.16
CA VAL O 50 -50.05 12.81 0.45
C VAL O 50 -49.49 13.04 1.85
N ARG O 51 -49.92 12.22 2.81
CA ARG O 51 -49.45 12.34 4.19
C ARG O 51 -47.94 12.05 4.32
N TYR O 52 -47.45 11.05 3.58
CA TYR O 52 -46.01 10.75 3.55
C TYR O 52 -45.21 11.85 2.84
N TYR O 53 -45.74 12.38 1.74
CA TYR O 53 -45.11 13.53 1.06
C TYR O 53 -44.93 14.72 2.00
N MET O 54 -45.73 14.76 3.06
CA MET O 54 -45.70 15.87 4.01
C MET O 54 -44.92 15.54 5.29
N CYS O 55 -44.24 14.39 5.29
CA CYS O 55 -43.59 13.86 6.49
C CYS O 55 -44.61 13.75 7.62
N GLU O 56 -45.74 13.08 7.33
CA GLU O 56 -46.69 12.61 8.33
C GLU O 56 -46.71 11.12 8.18
N ASN O 57 -45.70 10.44 8.70
CA ASN O 57 -45.63 9.01 8.51
C ASN O 57 -46.28 8.25 9.66
N ASP O 58 -46.66 6.99 9.43
CA ASP O 58 -47.33 6.18 10.46
C ASP O 58 -46.53 6.18 11.75
N ILE O 59 -45.28 6.59 11.67
CA ILE O 59 -44.43 6.60 12.84
C ILE O 59 -44.83 7.70 13.83
N GLU O 60 -45.54 8.71 13.34
CA GLU O 60 -46.07 9.75 14.21
C GLU O 60 -47.09 9.16 15.21
N LYS O 61 -47.57 7.94 14.97
CA LYS O 61 -48.46 7.27 15.91
C LYS O 61 -47.71 6.52 16.99
N LYS O 62 -46.38 6.47 16.89
CA LYS O 62 -45.56 5.80 17.90
C LYS O 62 -45.77 6.43 19.28
N ARG O 63 -45.94 5.59 20.30
CA ARG O 63 -46.07 6.04 21.68
C ARG O 63 -45.39 5.04 22.61
N ARG O 64 -44.74 5.54 23.66
CA ARG O 64 -44.00 4.68 24.58
C ARG O 64 -44.89 4.23 25.75
N THR O 65 -45.19 2.94 25.79
CA THR O 65 -46.18 2.45 26.73
C THR O 65 -45.56 1.67 27.90
N TYR O 66 -46.42 1.18 28.79
CA TYR O 66 -46.03 0.38 29.94
C TYR O 66 -47.32 -0.19 30.55
N TYR O 67 -47.21 -1.10 31.53
CA TYR O 67 -48.41 -1.72 32.08
C TYR O 67 -48.71 -1.40 33.55
N ASP O 68 -49.98 -1.08 33.81
CA ASP O 68 -50.46 -0.71 35.14
C ASP O 68 -50.48 -1.90 36.10
N ALA O 69 -51.26 -1.74 37.18
CA ALA O 69 -51.46 -2.80 38.16
C ALA O 69 -52.00 -4.05 37.48
N ALA O 70 -53.27 -3.99 37.05
CA ALA O 70 -53.90 -5.09 36.33
C ALA O 70 -53.73 -4.94 34.81
N GLY O 71 -52.47 -4.84 34.38
CA GLY O 71 -52.11 -4.86 32.96
C GLY O 71 -52.85 -3.91 32.03
N GLN O 72 -53.08 -2.68 32.50
CA GLN O 72 -53.66 -1.65 31.62
C GLN O 72 -52.58 -0.88 30.86
N GLN O 73 -52.50 -1.13 29.56
CA GLN O 73 -51.50 -0.50 28.71
C GLN O 73 -51.64 1.02 28.75
N LEU O 74 -50.55 1.70 29.06
CA LEU O 74 -50.59 3.13 29.35
C LEU O 74 -49.32 3.80 28.86
N VAL O 75 -49.48 4.97 28.24
CA VAL O 75 -48.35 5.81 27.83
C VAL O 75 -47.63 6.28 29.08
N ASP O 76 -46.30 6.43 29.04
CA ASP O 76 -45.66 6.96 30.23
C ASP O 76 -44.83 8.22 30.09
N ASP O 77 -45.34 9.28 30.70
CA ASP O 77 -44.73 10.61 30.73
C ASP O 77 -43.24 10.64 31.14
N THR O 78 -42.75 9.53 31.68
CA THR O 78 -41.37 9.41 32.16
C THR O 78 -40.35 9.58 31.05
N LYS O 79 -40.66 9.00 29.90
CA LYS O 79 -39.70 8.86 28.81
C LYS O 79 -40.09 9.68 27.57
N THR O 80 -39.10 10.26 26.93
CA THR O 80 -39.32 11.03 25.69
C THR O 80 -39.73 10.08 24.57
N ASN O 81 -40.68 10.49 23.75
CA ASN O 81 -41.17 9.62 22.70
C ASN O 81 -40.86 10.19 21.35
N ASN O 82 -39.62 10.00 20.91
CA ASN O 82 -39.18 10.51 19.62
C ASN O 82 -39.83 9.76 18.48
N ARG O 83 -40.35 10.50 17.50
CA ARG O 83 -40.87 9.84 16.32
C ARG O 83 -40.54 10.57 15.05
N THR O 84 -39.48 10.08 14.40
CA THR O 84 -38.89 10.75 13.24
C THR O 84 -39.41 10.15 11.95
N SER O 85 -40.00 11.00 11.12
CA SER O 85 -40.60 10.56 9.89
C SER O 85 -39.77 11.12 8.76
N HIS O 86 -39.38 10.27 7.82
CA HIS O 86 -38.42 10.67 6.79
C HIS O 86 -39.03 11.14 5.46
N ALA O 87 -38.39 12.14 4.88
CA ALA O 87 -38.90 12.74 3.66
C ALA O 87 -38.52 11.97 2.38
N TRP O 88 -38.30 10.66 2.48
CA TRP O 88 -37.89 9.86 1.32
C TRP O 88 -38.87 10.00 0.15
N HIS O 89 -40.15 9.79 0.46
CA HIS O 89 -41.21 9.79 -0.55
C HIS O 89 -41.33 11.14 -1.26
N LYS O 90 -41.30 12.23 -0.50
CA LYS O 90 -41.30 13.55 -1.11
C LYS O 90 -40.11 13.77 -2.06
N LEU O 91 -38.99 13.10 -1.75
CA LEU O 91 -37.79 13.26 -2.54
C LEU O 91 -37.99 12.57 -3.86
N PHE O 92 -38.49 11.33 -3.80
CA PHE O 92 -38.63 10.48 -4.98
C PHE O 92 -39.66 11.02 -5.96
N VAL O 93 -40.82 11.42 -5.44
CA VAL O 93 -41.90 12.03 -6.23
C VAL O 93 -41.41 13.28 -6.97
N ASP O 94 -40.83 14.21 -6.22
CA ASP O 94 -40.28 15.43 -6.78
C ASP O 94 -39.29 15.13 -7.89
N GLN O 95 -38.47 14.12 -7.68
CA GLN O 95 -37.49 13.75 -8.67
C GLN O 95 -38.20 13.31 -9.94
N LYS O 96 -39.25 12.49 -9.78
CA LYS O 96 -40.03 11.97 -10.90
C LYS O 96 -40.75 13.09 -11.63
N THR O 97 -41.46 13.93 -10.89
CA THR O 97 -42.21 15.05 -11.46
C THR O 97 -41.31 15.88 -12.35
N GLN O 98 -40.24 16.41 -11.77
CA GLN O 98 -39.31 17.29 -12.47
C GLN O 98 -38.71 16.62 -13.70
N TYR O 99 -38.55 15.30 -13.65
CA TYR O 99 -37.89 14.57 -14.72
C TYR O 99 -38.77 14.52 -15.95
N LEU O 100 -40.06 14.32 -15.72
CA LEU O 100 -41.03 14.19 -16.80
C LEU O 100 -41.53 15.53 -17.29
N VAL O 101 -41.85 16.41 -16.34
CA VAL O 101 -42.57 17.65 -16.64
C VAL O 101 -41.85 18.95 -16.24
N GLY O 102 -40.69 18.84 -15.61
CA GLY O 102 -39.88 20.02 -15.28
C GLY O 102 -39.71 20.90 -16.50
N GLU O 103 -39.25 20.32 -17.60
CA GLU O 103 -39.21 21.01 -18.88
C GLU O 103 -40.58 20.93 -19.53
N PRO O 104 -41.14 22.09 -19.92
CA PRO O 104 -42.44 22.20 -20.57
C PRO O 104 -42.57 21.31 -21.79
N VAL O 105 -43.77 20.75 -21.96
CA VAL O 105 -44.09 19.89 -23.10
C VAL O 105 -44.17 20.70 -24.40
N THR O 106 -43.61 20.14 -25.46
CA THR O 106 -43.61 20.80 -26.77
C THR O 106 -44.58 20.09 -27.70
N PHE O 107 -45.20 20.87 -28.60
CA PHE O 107 -46.19 20.35 -29.52
C PHE O 107 -45.84 20.65 -30.98
N THR O 108 -46.08 19.67 -31.85
CA THR O 108 -45.84 19.82 -33.29
C THR O 108 -46.97 19.22 -34.12
N SER O 109 -47.48 19.98 -35.08
CA SER O 109 -48.41 19.45 -36.08
C SER O 109 -48.16 20.17 -37.40
N ASP O 110 -48.81 19.68 -38.46
CA ASP O 110 -48.76 20.34 -39.76
C ASP O 110 -49.90 21.34 -39.90
N ASN O 111 -50.97 21.09 -39.14
CA ASN O 111 -52.09 22.02 -39.04
C ASN O 111 -51.71 23.20 -38.15
N LYS O 112 -51.31 24.30 -38.78
CA LYS O 112 -50.75 25.45 -38.08
C LYS O 112 -51.75 26.24 -37.23
N THR O 113 -52.99 26.32 -37.70
CA THR O 113 -54.04 27.01 -36.96
C THR O 113 -54.30 26.30 -35.64
N LEU O 114 -54.44 24.98 -35.71
CA LEU O 114 -54.54 24.15 -34.52
C LEU O 114 -53.33 24.38 -33.62
N LEU O 115 -52.14 24.34 -34.21
CA LEU O 115 -50.88 24.50 -33.48
C LEU O 115 -50.86 25.81 -32.71
N GLU O 116 -51.32 26.88 -33.34
CA GLU O 116 -51.44 28.19 -32.69
C GLU O 116 -52.34 28.13 -31.46
N TYR O 117 -53.57 27.64 -31.64
CA TYR O 117 -54.55 27.55 -30.55
C TYR O 117 -54.07 26.70 -29.35
N VAL O 118 -53.34 25.63 -29.65
CA VAL O 118 -52.82 24.73 -28.62
C VAL O 118 -51.74 25.43 -27.80
N ASN O 119 -50.85 26.12 -28.50
CA ASN O 119 -49.76 26.83 -27.87
C ASN O 119 -50.24 27.99 -27.00
N GLU O 120 -51.16 28.78 -27.54
CA GLU O 120 -51.86 29.84 -26.82
C GLU O 120 -52.40 29.34 -25.47
N LEU O 121 -52.97 28.15 -25.50
CA LEU O 121 -53.59 27.56 -24.32
C LEU O 121 -52.55 27.00 -23.36
N ALA O 122 -51.57 26.32 -23.92
CA ALA O 122 -50.76 25.41 -23.13
C ALA O 122 -49.27 25.64 -23.28
N ASP O 123 -48.73 26.61 -22.53
CA ASP O 123 -47.28 26.79 -22.52
C ASP O 123 -46.71 27.61 -21.35
N ASP O 124 -47.55 27.97 -20.37
CA ASP O 124 -47.05 28.65 -19.17
C ASP O 124 -47.79 28.33 -17.86
N ASP O 125 -49.10 28.58 -17.81
CA ASP O 125 -49.88 28.22 -16.62
C ASP O 125 -50.18 26.73 -16.62
N PHE O 126 -50.35 26.19 -17.83
CA PHE O 126 -50.51 24.78 -18.11
C PHE O 126 -49.36 23.97 -17.53
N ASP O 127 -48.14 24.46 -17.74
CA ASP O 127 -46.92 23.78 -17.29
C ASP O 127 -46.95 23.59 -15.78
N ASP O 128 -47.21 24.70 -15.07
CA ASP O 128 -47.16 24.75 -13.61
C ASP O 128 -48.23 23.85 -13.01
N ILE O 129 -49.33 23.68 -13.75
CA ILE O 129 -50.45 22.83 -13.32
C ILE O 129 -50.11 21.35 -13.58
N LEU O 130 -49.62 21.05 -14.78
CA LEU O 130 -49.23 19.68 -15.12
C LEU O 130 -48.20 19.15 -14.14
N ASN O 131 -47.34 20.05 -13.67
CA ASN O 131 -46.39 19.71 -12.63
C ASN O 131 -47.07 19.30 -11.35
N GLU O 132 -48.10 20.05 -10.97
CA GLU O 132 -48.85 19.75 -9.75
C GLU O 132 -49.65 18.46 -9.90
N THR O 133 -49.95 18.09 -11.14
CA THR O 133 -50.73 16.91 -11.46
C THR O 133 -49.92 15.64 -11.30
N VAL O 134 -48.68 15.67 -11.77
CA VAL O 134 -47.78 14.52 -11.73
C VAL O 134 -47.39 14.16 -10.31
N LYS O 135 -47.06 15.19 -9.53
CA LYS O 135 -46.84 15.03 -8.09
C LYS O 135 -48.10 14.46 -7.43
N ASN O 136 -49.25 15.06 -7.75
CA ASN O 136 -50.55 14.62 -7.24
C ASN O 136 -50.87 13.20 -7.62
N MET O 137 -50.62 12.82 -8.88
CA MET O 137 -50.94 11.48 -9.29
C MET O 137 -50.01 10.47 -8.66
N SER O 138 -48.85 10.94 -8.23
CA SER O 138 -47.88 10.07 -7.57
C SER O 138 -48.18 9.92 -6.09
N ASN O 139 -48.80 10.95 -5.52
CA ASN O 139 -49.23 10.85 -4.13
C ASN O 139 -50.55 10.12 -3.96
N LYS O 140 -51.48 10.34 -4.90
CA LYS O 140 -52.83 9.80 -4.78
C LYS O 140 -53.06 8.50 -5.56
N GLY O 141 -52.28 8.29 -6.62
CA GLY O 141 -52.43 7.10 -7.44
C GLY O 141 -53.20 7.41 -8.70
N ILE O 142 -53.84 8.58 -8.67
CA ILE O 142 -54.66 9.07 -9.78
C ILE O 142 -54.95 10.56 -9.54
N GLU O 143 -54.98 11.34 -10.61
CA GLU O 143 -55.44 12.71 -10.50
C GLU O 143 -56.41 13.02 -11.61
N TYR O 144 -57.58 13.50 -11.23
CA TYR O 144 -58.58 13.95 -12.18
C TYR O 144 -58.51 15.45 -12.32
N TRP O 145 -58.73 15.93 -13.53
CA TRP O 145 -58.94 17.34 -13.70
C TRP O 145 -60.03 17.67 -14.74
N HIS O 146 -60.77 18.75 -14.47
CA HIS O 146 -62.04 19.00 -15.15
C HIS O 146 -62.03 20.19 -16.10
N PRO O 147 -62.45 19.97 -17.36
CA PRO O 147 -62.61 21.01 -18.37
C PRO O 147 -63.97 21.68 -18.33
N PHE O 148 -63.99 23.00 -18.48
CA PHE O 148 -65.22 23.78 -18.40
C PHE O 148 -65.06 25.16 -19.03
N VAL O 149 -66.15 25.64 -19.62
CA VAL O 149 -66.18 26.95 -20.28
C VAL O 149 -66.39 28.08 -19.27
N ASP O 150 -65.49 29.05 -19.29
CA ASP O 150 -65.50 30.20 -18.36
C ASP O 150 -66.76 31.06 -18.53
N GLU O 151 -67.00 31.91 -17.52
CA GLU O 151 -68.11 32.87 -17.55
C GLU O 151 -67.92 33.90 -18.66
N GLU O 152 -66.67 34.12 -19.04
CA GLU O 152 -66.31 34.99 -20.16
C GLU O 152 -66.42 34.26 -21.51
N GLY O 153 -66.72 32.96 -21.46
CA GLY O 153 -66.93 32.16 -22.66
C GLY O 153 -65.69 31.47 -23.20
N GLU O 154 -64.56 31.61 -22.49
CA GLU O 154 -63.29 30.99 -22.88
C GLU O 154 -63.12 29.60 -22.28
N PHE O 155 -62.27 28.80 -22.91
CA PHE O 155 -61.97 27.45 -22.41
C PHE O 155 -61.07 27.49 -21.20
N ASP O 156 -61.38 26.66 -20.21
CA ASP O 156 -60.64 26.62 -18.96
C ASP O 156 -60.60 25.20 -18.41
N TYR O 157 -59.66 24.96 -17.50
CA TYR O 157 -59.46 23.66 -16.89
C TYR O 157 -59.02 23.89 -15.45
N VAL O 158 -59.54 23.08 -14.54
CA VAL O 158 -59.16 23.16 -13.14
C VAL O 158 -58.92 21.76 -12.62
N ILE O 159 -57.99 21.62 -11.68
CA ILE O 159 -57.69 20.35 -11.04
C ILE O 159 -58.85 19.87 -10.14
N PHE O 160 -59.20 18.60 -10.25
CA PHE O 160 -60.34 18.06 -9.53
C PHE O 160 -59.87 16.92 -8.61
N PRO O 161 -59.39 17.28 -7.41
CA PRO O 161 -58.74 16.37 -6.47
C PRO O 161 -59.42 15.01 -6.45
N ALA O 162 -58.68 13.97 -6.77
CA ALA O 162 -59.24 12.63 -6.90
C ALA O 162 -59.88 12.07 -5.62
N GLU O 163 -59.42 12.58 -4.47
CA GLU O 163 -59.96 12.16 -3.17
C GLU O 163 -61.29 12.80 -2.82
N GLU O 164 -61.81 13.60 -3.75
CA GLU O 164 -63.15 14.16 -3.64
C GLU O 164 -64.03 13.57 -4.72
N MET O 165 -63.43 12.79 -5.62
CA MET O 165 -64.17 12.24 -6.76
C MET O 165 -64.65 10.83 -6.53
N ILE O 166 -65.77 10.48 -7.16
CA ILE O 166 -66.38 9.14 -7.11
C ILE O 166 -66.86 8.76 -8.52
N VAL O 167 -66.32 7.67 -9.06
CA VAL O 167 -66.52 7.30 -10.48
C VAL O 167 -67.06 5.86 -10.69
N VAL O 168 -68.15 5.74 -11.44
CA VAL O 168 -68.68 4.42 -11.89
C VAL O 168 -69.19 4.51 -13.34
N TYR O 169 -68.82 3.53 -14.15
CA TYR O 169 -69.24 3.47 -15.55
C TYR O 169 -69.73 2.08 -15.91
N TRP O 239 -71.01 17.18 -23.92
CA TRP O 239 -69.73 16.85 -24.56
C TRP O 239 -69.74 15.51 -25.31
N GLY O 240 -70.66 14.63 -24.96
CA GLY O 240 -70.76 13.30 -25.58
C GLY O 240 -70.25 12.19 -24.66
N ARG O 241 -69.02 12.36 -24.20
CA ARG O 241 -68.43 11.49 -23.18
C ARG O 241 -68.50 12.12 -21.79
N VAL O 242 -68.24 11.32 -20.75
CA VAL O 242 -68.19 11.82 -19.37
C VAL O 242 -67.17 12.98 -19.27
N PRO O 243 -67.52 14.05 -18.52
CA PRO O 243 -66.81 15.34 -18.62
C PRO O 243 -65.57 15.54 -17.73
N ILE O 244 -64.90 14.46 -17.32
CA ILE O 244 -63.66 14.61 -16.53
C ILE O 244 -62.49 13.83 -17.10
N ILE O 245 -61.28 14.32 -16.84
CA ILE O 245 -60.04 13.76 -17.39
C ILE O 245 -59.17 13.08 -16.33
N PRO O 246 -59.06 11.73 -16.40
CA PRO O 246 -58.17 10.96 -15.54
C PRO O 246 -56.70 10.98 -15.98
N PHE O 247 -55.81 11.22 -15.02
CA PHE O 247 -54.38 10.96 -15.19
C PHE O 247 -54.04 9.83 -14.24
N LYS O 248 -53.77 8.67 -14.82
CA LYS O 248 -53.49 7.47 -14.02
C LYS O 248 -52.01 7.37 -13.72
N ASN O 249 -51.69 7.05 -12.48
CA ASN O 249 -50.30 6.88 -12.07
C ASN O 249 -49.78 5.52 -12.53
N ASN O 250 -50.56 4.48 -12.29
CA ASN O 250 -50.27 3.15 -12.81
C ASN O 250 -51.52 2.60 -13.47
N GLU O 251 -51.51 1.32 -13.77
CA GLU O 251 -52.75 0.66 -14.09
C GLU O 251 -53.51 0.50 -12.79
N GLU O 252 -52.79 0.16 -11.72
CA GLU O 252 -53.38 -0.16 -10.42
C GLU O 252 -53.89 1.07 -9.68
N MET O 253 -53.52 2.24 -10.19
CA MET O 253 -53.92 3.51 -9.59
C MET O 253 -53.65 3.59 -8.09
N VAL O 254 -52.56 2.93 -7.68
CA VAL O 254 -51.97 3.14 -6.36
C VAL O 254 -50.90 4.21 -6.43
N SER O 255 -50.61 4.78 -5.27
CA SER O 255 -49.54 5.74 -5.10
C SER O 255 -48.21 5.02 -5.29
N ASP O 256 -47.18 5.77 -5.68
CA ASP O 256 -45.85 5.23 -5.77
C ASP O 256 -45.44 4.68 -4.41
N LEU O 257 -45.86 5.36 -3.34
CA LEU O 257 -45.54 4.96 -1.98
C LEU O 257 -45.79 3.49 -1.71
N LYS O 258 -46.66 2.89 -2.51
CA LYS O 258 -47.18 1.53 -2.27
C LYS O 258 -46.09 0.48 -2.33
N PHE O 259 -45.08 0.74 -3.14
CA PHE O 259 -44.07 -0.25 -3.41
C PHE O 259 -42.85 -0.15 -2.49
N TYR O 260 -42.81 0.90 -1.66
CA TYR O 260 -41.71 1.10 -0.72
C TYR O 260 -42.10 1.64 0.66
N LYS O 261 -43.39 1.71 0.96
CA LYS O 261 -43.84 2.22 2.26
C LYS O 261 -43.34 1.36 3.43
N ASP O 262 -43.21 0.06 3.19
CA ASP O 262 -42.58 -0.86 4.13
C ASP O 262 -41.19 -0.42 4.56
N LEU O 263 -40.38 0.02 3.61
CA LEU O 263 -39.01 0.45 3.87
C LEU O 263 -38.93 1.79 4.62
N ILE O 264 -39.65 2.80 4.14
CA ILE O 264 -39.74 4.08 4.85
C ILE O 264 -40.18 3.89 6.31
N ASP O 265 -41.15 3.03 6.53
CA ASP O 265 -41.63 2.76 7.88
C ASP O 265 -40.55 2.15 8.73
N ASN O 266 -39.84 1.19 8.16
CA ASN O 266 -38.71 0.53 8.83
C ASN O 266 -37.61 1.52 9.16
N TYR O 267 -37.28 2.34 8.18
CA TYR O 267 -36.25 3.33 8.32
C TYR O 267 -36.62 4.22 9.49
N ASP O 268 -37.88 4.65 9.52
CA ASP O 268 -38.37 5.53 10.59
C ASP O 268 -38.33 4.84 11.94
N SER O 269 -38.74 3.59 11.94
CA SER O 269 -38.81 2.80 13.17
C SER O 269 -37.45 2.74 13.81
N ILE O 270 -36.42 2.56 12.98
CA ILE O 270 -35.09 2.32 13.51
C ILE O 270 -34.53 3.61 14.08
N THR O 271 -34.63 4.68 13.29
CA THR O 271 -34.11 6.00 13.63
C THR O 271 -34.64 6.49 14.96
N SER O 272 -35.95 6.36 15.13
CA SER O 272 -36.60 6.80 16.34
C SER O 272 -36.21 5.97 17.54
N SER O 273 -36.12 4.66 17.33
CA SER O 273 -35.65 3.73 18.37
C SER O 273 -34.30 4.20 18.88
N THR O 274 -33.40 4.45 17.95
CA THR O 274 -32.06 4.90 18.27
C THR O 274 -32.08 6.23 18.97
N MET O 275 -32.99 7.10 18.55
CA MET O 275 -33.20 8.38 19.22
C MET O 275 -33.62 8.23 20.68
N ASP O 276 -34.54 7.33 20.93
CA ASP O 276 -34.94 7.05 22.30
C ASP O 276 -33.73 6.62 23.10
N SER O 277 -32.87 5.82 22.49
CA SER O 277 -31.71 5.30 23.18
C SER O 277 -30.76 6.42 23.59
N PHE O 278 -30.67 7.44 22.73
CA PHE O 278 -29.83 8.57 23.01
C PHE O 278 -30.39 9.39 24.13
N SER O 279 -31.72 9.42 24.21
CA SER O 279 -32.40 10.14 25.28
C SER O 279 -32.24 9.42 26.61
N ASP O 280 -32.44 8.11 26.58
CA ASP O 280 -32.37 7.27 27.76
C ASP O 280 -30.97 7.14 28.36
N PHE O 281 -29.97 7.33 27.52
CA PHE O 281 -28.58 7.25 27.95
C PHE O 281 -28.27 8.27 29.05
N GLN O 282 -28.91 9.44 28.97
CA GLN O 282 -28.78 10.53 29.94
C GLN O 282 -29.21 10.14 31.36
N GLN O 283 -30.34 9.44 31.47
CA GLN O 283 -30.90 9.06 32.75
C GLN O 283 -30.31 7.76 33.33
N ILE O 284 -29.30 7.94 34.18
CA ILE O 284 -28.53 6.86 34.79
C ILE O 284 -29.37 6.21 35.87
N VAL O 285 -29.34 4.88 35.93
CA VAL O 285 -30.07 4.09 36.95
C VAL O 285 -29.10 3.45 37.94
N TYR O 286 -29.25 3.78 39.22
CA TYR O 286 -28.36 3.30 40.29
C TYR O 286 -28.90 2.06 40.99
N VAL O 287 -28.02 1.09 41.17
CA VAL O 287 -28.34 -0.10 41.96
C VAL O 287 -27.63 0.02 43.30
N LEU O 288 -28.40 0.13 44.37
CA LEU O 288 -27.88 0.35 45.71
C LEU O 288 -27.82 -0.93 46.52
N LYS O 289 -26.61 -1.48 46.64
CA LYS O 289 -26.38 -2.72 47.37
C LYS O 289 -25.94 -2.44 48.80
N ASN O 290 -26.65 -3.08 49.74
CA ASN O 290 -26.48 -2.87 51.19
C ASN O 290 -26.23 -1.38 51.54
N TYR O 291 -27.22 -0.56 51.22
CA TYR O 291 -27.14 0.91 51.39
C TYR O 291 -27.03 1.30 52.88
N ASP O 292 -26.18 2.29 53.16
CA ASP O 292 -25.87 2.73 54.52
C ASP O 292 -27.01 3.47 55.24
N GLY O 293 -27.55 4.50 54.58
CA GLY O 293 -28.62 5.34 55.15
C GLY O 293 -29.97 4.65 55.33
N GLU O 294 -30.64 4.96 56.45
CA GLU O 294 -32.01 4.50 56.69
C GLU O 294 -33.01 5.41 55.96
N ASN O 295 -32.75 6.71 55.99
CA ASN O 295 -33.61 7.71 55.33
C ASN O 295 -33.47 7.69 53.80
N PRO O 296 -34.62 7.74 53.08
CA PRO O 296 -34.69 7.84 51.61
C PRO O 296 -34.37 9.26 51.12
N LYS O 297 -34.77 10.25 51.93
CA LYS O 297 -34.52 11.67 51.67
C LYS O 297 -33.02 11.96 51.55
N GLU O 298 -32.23 11.37 52.46
CA GLU O 298 -30.78 11.57 52.52
C GLU O 298 -30.08 11.23 51.20
N PHE O 299 -30.51 10.17 50.53
CA PHE O 299 -29.88 9.76 49.28
C PHE O 299 -29.94 10.84 48.20
N THR O 300 -31.17 11.21 47.81
CA THR O 300 -31.42 12.05 46.63
C THR O 300 -30.84 13.44 46.80
N ALA O 301 -30.81 13.90 48.05
CA ALA O 301 -30.21 15.17 48.38
C ALA O 301 -28.69 15.05 48.45
N ASN O 302 -28.21 13.98 49.07
CA ASN O 302 -26.78 13.79 49.32
C ASN O 302 -25.95 13.54 48.05
N LEU O 303 -26.59 12.97 47.03
CA LEU O 303 -25.98 12.76 45.71
C LEU O 303 -26.05 14.01 44.84
N ARG O 304 -27.18 14.70 44.91
CA ARG O 304 -27.48 15.84 44.04
C ARG O 304 -26.74 17.12 44.47
N TYR O 305 -26.46 17.24 45.76
CA TYR O 305 -25.83 18.46 46.30
C TYR O 305 -24.41 18.26 46.82
N HIS O 306 -24.04 17.01 47.06
CA HIS O 306 -22.67 16.66 47.36
C HIS O 306 -22.34 15.48 46.50
N SER O 307 -21.06 15.24 46.29
CA SER O 307 -20.65 14.24 45.32
C SER O 307 -20.90 12.82 45.84
N VAL O 308 -21.32 12.72 47.10
CA VAL O 308 -21.20 11.47 47.84
C VAL O 308 -22.42 10.56 47.83
N ILE O 309 -22.13 9.26 47.80
CA ILE O 309 -23.09 8.22 48.16
C ILE O 309 -22.42 7.34 49.22
N LYS O 310 -23.06 7.25 50.40
CA LYS O 310 -22.53 6.51 51.54
C LYS O 310 -23.03 5.07 51.55
N VAL O 311 -22.11 4.12 51.64
CA VAL O 311 -22.44 2.70 51.60
C VAL O 311 -21.65 1.96 52.67
N SER O 312 -22.35 1.13 53.44
CA SER O 312 -21.73 0.27 54.45
C SER O 312 -21.79 -1.22 54.04
N GLY O 313 -21.59 -2.11 55.01
CA GLY O 313 -21.55 -3.55 54.76
C GLY O 313 -20.41 -3.89 53.81
N ASP O 314 -20.70 -4.77 52.85
CA ASP O 314 -19.73 -5.12 51.81
C ASP O 314 -20.27 -4.75 50.43
N GLY O 315 -21.26 -3.87 50.42
CA GLY O 315 -21.99 -3.51 49.20
C GLY O 315 -21.29 -2.49 48.33
N GLY O 316 -22.08 -1.62 47.72
CA GLY O 316 -21.56 -0.62 46.80
C GLY O 316 -22.65 -0.05 45.92
N VAL O 317 -22.24 0.58 44.82
CA VAL O 317 -23.21 1.18 43.92
C VAL O 317 -22.86 0.78 42.52
N ASP O 318 -23.78 0.07 41.88
CA ASP O 318 -23.65 -0.21 40.47
C ASP O 318 -24.54 0.74 39.70
N THR O 319 -24.14 1.07 38.48
CA THR O 319 -24.96 1.90 37.62
C THR O 319 -25.43 1.10 36.40
N LEU O 320 -26.67 1.32 36.01
CA LEU O 320 -27.19 0.75 34.78
C LEU O 320 -27.38 1.89 33.79
N ARG O 321 -26.66 1.82 32.70
CA ARG O 321 -26.85 2.81 31.64
C ARG O 321 -27.44 2.11 30.42
N ALA O 322 -28.27 2.84 29.68
CA ALA O 322 -28.81 2.33 28.42
C ALA O 322 -27.68 2.07 27.42
N GLU O 323 -27.86 1.03 26.61
CA GLU O 323 -26.97 0.80 25.51
C GLU O 323 -27.58 1.51 24.30
N ILE O 324 -26.74 2.11 23.47
CA ILE O 324 -27.21 2.77 22.27
C ILE O 324 -26.81 1.90 21.10
N PRO O 325 -27.78 1.43 20.28
CA PRO O 325 -27.41 0.52 19.21
C PRO O 325 -26.99 1.22 17.92
N VAL O 326 -26.19 2.29 18.01
CA VAL O 326 -25.81 3.09 16.81
C VAL O 326 -25.19 2.28 15.69
N ASP O 327 -24.32 1.34 16.06
CA ASP O 327 -23.60 0.55 15.08
C ASP O 327 -24.52 -0.33 14.24
N SER O 328 -25.24 -1.23 14.91
CA SER O 328 -26.17 -2.10 14.22
C SER O 328 -27.23 -1.30 13.48
N ALA O 329 -27.72 -0.23 14.07
CA ALA O 329 -28.70 0.61 13.41
C ALA O 329 -28.18 1.16 12.13
N ALA O 330 -26.92 1.63 12.17
CA ALA O 330 -26.25 2.27 11.04
C ALA O 330 -26.01 1.26 9.94
N LYS O 331 -25.67 0.04 10.33
CA LYS O 331 -25.38 -1.00 9.38
C LYS O 331 -26.63 -1.38 8.59
N GLU O 332 -27.74 -1.53 9.29
CA GLU O 332 -29.00 -1.93 8.67
C GLU O 332 -29.55 -0.79 7.83
N LEU O 333 -29.57 0.41 8.41
CA LEU O 333 -30.08 1.60 7.74
C LEU O 333 -29.48 1.81 6.36
N GLU O 334 -28.20 1.47 6.26
CA GLU O 334 -27.43 1.57 5.04
C GLU O 334 -28.07 0.74 3.96
N ARG O 335 -28.36 -0.52 4.26
CA ARG O 335 -29.01 -1.42 3.32
C ARG O 335 -30.40 -0.91 2.93
N ILE O 336 -31.23 -0.62 3.94
CA ILE O 336 -32.59 -0.09 3.74
C ILE O 336 -32.53 1.10 2.80
N GLN O 337 -31.48 1.89 2.95
CA GLN O 337 -31.27 3.08 2.15
C GLN O 337 -31.03 2.78 0.69
N ASP O 338 -30.21 1.78 0.43
CA ASP O 338 -29.88 1.33 -0.92
C ASP O 338 -31.09 0.70 -1.58
N GLU O 339 -31.83 -0.09 -0.82
CA GLU O 339 -33.01 -0.80 -1.32
C GLU O 339 -34.11 0.20 -1.64
N LEU O 340 -34.21 1.21 -0.79
CA LEU O 340 -35.16 2.30 -0.94
C LEU O 340 -35.08 2.92 -2.33
N TYR O 341 -33.88 3.32 -2.74
CA TYR O 341 -33.61 3.80 -4.09
C TYR O 341 -34.01 2.80 -5.16
N LYS O 342 -33.73 1.52 -4.90
CA LYS O 342 -34.05 0.50 -5.86
C LYS O 342 -35.54 0.40 -5.96
N SER O 343 -36.17 0.13 -4.82
CA SER O 343 -37.61 -0.11 -4.77
C SER O 343 -38.42 1.04 -5.35
N ALA O 344 -37.90 2.25 -5.23
CA ALA O 344 -38.59 3.44 -5.69
C ALA O 344 -38.23 3.84 -7.11
N GLN O 345 -37.34 3.08 -7.74
CA GLN O 345 -36.82 3.43 -9.08
C GLN O 345 -36.37 4.87 -9.15
N ALA O 346 -35.45 5.24 -8.26
CA ALA O 346 -34.97 6.61 -8.19
C ALA O 346 -33.50 6.70 -8.58
N VAL O 347 -32.98 7.93 -8.58
CA VAL O 347 -31.57 8.17 -8.82
C VAL O 347 -30.91 8.73 -7.59
N ASP O 348 -29.72 8.21 -7.29
CA ASP O 348 -28.94 8.64 -6.16
C ASP O 348 -27.69 9.32 -6.70
N ASN O 349 -27.70 10.65 -6.77
CA ASN O 349 -26.46 11.29 -7.16
C ASN O 349 -25.54 11.68 -6.01
N SER O 350 -25.55 10.90 -4.92
CA SER O 350 -24.48 10.95 -3.92
C SER O 350 -23.17 10.75 -4.65
N PRO O 351 -22.04 11.29 -4.14
CA PRO O 351 -20.85 11.19 -4.99
C PRO O 351 -20.31 9.75 -5.01
N GLU O 352 -19.75 9.37 -6.16
CA GLU O 352 -19.25 8.01 -6.28
C GLU O 352 -17.86 7.84 -5.68
N THR O 353 -17.80 7.04 -4.60
CA THR O 353 -16.53 6.57 -4.03
C THR O 353 -15.60 5.98 -5.10
N ILE O 354 -16.18 5.16 -5.98
CA ILE O 354 -15.44 4.59 -7.10
C ILE O 354 -15.21 5.65 -8.19
N GLY O 355 -13.98 5.67 -8.71
CA GLY O 355 -13.57 6.63 -9.71
C GLY O 355 -13.94 6.27 -11.14
N GLY O 356 -15.22 5.95 -11.35
CA GLY O 356 -15.72 5.66 -12.70
C GLY O 356 -16.90 6.50 -13.16
N GLY O 357 -17.72 6.95 -12.20
CA GLY O 357 -19.03 7.58 -12.44
C GLY O 357 -19.20 8.67 -13.50
N ALA O 358 -18.10 9.10 -14.11
CA ALA O 358 -18.12 10.19 -15.07
C ALA O 358 -18.53 9.75 -16.47
N THR O 359 -18.21 8.50 -16.83
CA THR O 359 -18.36 8.01 -18.21
C THR O 359 -19.79 7.79 -18.65
N GLY O 360 -20.00 7.92 -19.97
CA GLY O 360 -21.30 7.65 -20.59
C GLY O 360 -22.11 6.53 -19.98
N PRO O 361 -21.56 5.29 -19.99
CA PRO O 361 -22.26 4.12 -19.47
C PRO O 361 -22.51 4.24 -17.99
N ALA O 362 -21.53 4.79 -17.28
CA ALA O 362 -21.62 4.92 -15.84
C ALA O 362 -22.80 5.79 -15.49
N LEU O 363 -23.05 6.81 -16.31
CA LEU O 363 -24.14 7.74 -16.08
C LEU O 363 -25.46 7.11 -16.46
N GLU O 364 -25.47 6.45 -17.61
CA GLU O 364 -26.64 5.75 -18.13
C GLU O 364 -27.16 4.75 -17.10
N LYS O 365 -26.24 3.95 -16.55
CA LYS O 365 -26.54 3.00 -15.47
C LYS O 365 -27.18 3.69 -14.25
N LEU O 366 -26.69 4.89 -13.93
CA LEU O 366 -27.16 5.64 -12.78
C LEU O 366 -28.64 5.97 -12.90
N TYR O 367 -29.04 6.38 -14.10
CA TYR O 367 -30.44 6.77 -14.35
C TYR O 367 -31.38 5.63 -14.78
N ALA O 368 -30.78 4.47 -15.00
CA ALA O 368 -31.48 3.29 -15.51
C ALA O 368 -32.87 3.12 -14.92
N LEU O 369 -32.99 3.03 -13.59
CA LEU O 369 -34.27 2.76 -12.96
C LEU O 369 -35.28 3.89 -13.11
N LEU O 370 -34.84 5.13 -12.93
CA LEU O 370 -35.76 6.26 -13.06
C LEU O 370 -36.25 6.38 -14.50
N ASP O 371 -35.36 6.12 -15.45
CA ASP O 371 -35.73 6.01 -16.86
C ASP O 371 -36.81 4.95 -17.09
N LEU O 372 -36.74 3.87 -16.32
CA LEU O 372 -37.77 2.84 -16.33
C LEU O 372 -39.07 3.45 -15.87
N LYS O 373 -39.06 4.03 -14.68
CA LYS O 373 -40.22 4.65 -14.06
C LYS O 373 -40.78 5.85 -14.83
N ALA O 374 -39.91 6.56 -15.55
CA ALA O 374 -40.35 7.71 -16.33
C ALA O 374 -41.17 7.30 -17.53
N ASN O 375 -40.77 6.22 -18.19
CA ASN O 375 -41.43 5.82 -19.43
C ASN O 375 -42.88 5.42 -19.25
N MET O 376 -43.15 4.58 -18.24
CA MET O 376 -44.53 4.25 -17.86
C MET O 376 -45.31 5.51 -17.66
N ALA O 377 -44.86 6.31 -16.69
CA ALA O 377 -45.50 7.55 -16.32
C ALA O 377 -45.74 8.46 -17.53
N GLU O 378 -44.83 8.46 -18.49
CA GLU O 378 -45.09 9.22 -19.70
C GLU O 378 -46.30 8.62 -20.42
N ARG O 379 -46.26 7.31 -20.71
CA ARG O 379 -47.37 6.64 -21.40
C ARG O 379 -48.72 6.99 -20.78
N LYS O 380 -48.78 6.89 -19.45
CA LYS O 380 -49.96 7.22 -18.67
C LYS O 380 -50.31 8.69 -18.70
N ILE O 381 -49.30 9.57 -18.73
CA ILE O 381 -49.54 11.00 -18.80
C ILE O 381 -50.13 11.40 -20.17
N ARG O 382 -49.54 10.86 -21.24
CA ARG O 382 -49.99 11.11 -22.61
C ARG O 382 -51.43 10.68 -22.81
N ALA O 383 -51.78 9.51 -22.28
CA ALA O 383 -53.15 9.00 -22.30
C ALA O 383 -54.11 10.08 -21.84
N GLY O 384 -53.88 10.59 -20.63
CA GLY O 384 -54.69 11.64 -20.05
C GLY O 384 -54.71 12.90 -20.90
N LEU O 385 -53.54 13.26 -21.42
CA LEU O 385 -53.37 14.52 -22.13
C LEU O 385 -54.03 14.53 -23.51
N ARG O 386 -53.95 13.41 -24.21
CA ARG O 386 -54.65 13.24 -25.49
C ARG O 386 -56.16 13.48 -25.33
N LEU O 387 -56.73 12.83 -24.32
CA LEU O 387 -58.12 13.02 -23.94
C LEU O 387 -58.39 14.49 -23.61
N PHE O 388 -57.42 15.16 -23.02
CA PHE O 388 -57.55 16.57 -22.70
C PHE O 388 -57.69 17.41 -23.96
N PHE O 389 -56.91 17.07 -24.99
CA PHE O 389 -56.95 17.84 -26.24
C PHE O 389 -58.13 17.47 -27.14
N TRP O 390 -58.70 16.29 -26.90
CA TRP O 390 -59.97 15.89 -27.50
C TRP O 390 -61.07 16.85 -27.07
N PHE O 391 -61.08 17.19 -25.78
CA PHE O 391 -62.05 18.09 -25.19
C PHE O 391 -61.86 19.50 -25.71
N PHE O 392 -60.59 19.90 -25.83
CA PHE O 392 -60.27 21.19 -26.42
C PHE O 392 -60.71 21.25 -27.89
N ALA O 393 -60.61 20.12 -28.60
CA ALA O 393 -61.07 20.03 -29.99
C ALA O 393 -62.58 20.19 -30.10
N GLU O 394 -63.30 19.54 -29.16
CA GLU O 394 -64.74 19.67 -29.07
C GLU O 394 -65.15 21.13 -28.87
N TYR O 395 -64.44 21.82 -27.98
CA TYR O 395 -64.68 23.23 -27.71
C TYR O 395 -64.48 24.09 -28.95
N LEU O 396 -63.46 23.76 -29.73
CA LEU O 396 -63.14 24.50 -30.96
C LEU O 396 -64.15 24.27 -32.06
N ARG O 397 -64.67 23.04 -32.13
CA ARG O 397 -65.72 22.67 -33.07
C ARG O 397 -67.00 23.49 -32.83
N ASN O 398 -67.37 23.62 -31.54
CA ASN O 398 -68.60 24.27 -31.12
C ASN O 398 -68.51 25.79 -31.02
N THR O 399 -67.32 26.29 -30.69
CA THR O 399 -67.08 27.74 -30.62
C THR O 399 -66.87 28.32 -32.02
N GLY O 400 -66.87 27.43 -33.02
CA GLY O 400 -66.79 27.83 -34.43
C GLY O 400 -65.42 28.27 -34.88
N LYS O 401 -64.39 27.78 -34.20
CA LYS O 401 -63.01 28.13 -34.54
C LYS O 401 -62.31 27.06 -35.39
N GLY O 402 -63.08 26.08 -35.85
CA GLY O 402 -62.55 25.01 -36.69
C GLY O 402 -62.74 23.61 -36.12
N ASP O 403 -62.77 22.62 -37.01
CA ASP O 403 -62.89 21.21 -36.64
C ASP O 403 -61.57 20.49 -36.85
N PHE O 404 -61.07 19.85 -35.78
CA PHE O 404 -59.74 19.26 -35.79
C PHE O 404 -59.72 17.83 -35.25
N ASN O 405 -58.67 17.09 -35.59
CA ASN O 405 -58.44 15.75 -35.05
C ASN O 405 -57.07 15.66 -34.37
N PRO O 406 -57.01 15.99 -33.07
CA PRO O 406 -55.77 15.97 -32.30
C PRO O 406 -55.07 14.63 -32.35
N ASP O 407 -55.82 13.56 -32.06
CA ASP O 407 -55.28 12.20 -32.00
C ASP O 407 -54.46 11.78 -33.22
N LYS O 408 -54.60 12.51 -34.32
CA LYS O 408 -53.92 12.15 -35.57
C LYS O 408 -53.10 13.30 -36.16
N GLU O 409 -53.48 14.54 -35.82
CA GLU O 409 -52.78 15.73 -36.31
C GLU O 409 -51.67 16.22 -35.38
N LEU O 410 -51.94 16.26 -34.07
CA LEU O 410 -51.02 16.83 -33.08
C LEU O 410 -50.05 15.80 -32.49
N THR O 411 -48.78 16.17 -32.40
CA THR O 411 -47.75 15.34 -31.73
C THR O 411 -47.11 16.06 -30.53
N MET O 412 -46.95 15.33 -29.44
CA MET O 412 -46.39 15.88 -28.21
C MET O 412 -44.94 15.43 -28.03
N THR O 413 -44.15 16.29 -27.39
CA THR O 413 -42.73 16.02 -27.15
C THR O 413 -42.38 16.29 -25.70
N PHE O 414 -41.99 15.24 -24.99
CA PHE O 414 -41.48 15.38 -23.63
C PHE O 414 -39.98 15.54 -23.67
N THR O 415 -39.45 16.32 -22.73
CA THR O 415 -38.02 16.58 -22.63
C THR O 415 -37.49 16.09 -21.29
N ARG O 416 -36.32 15.46 -21.31
CA ARG O 416 -35.77 14.90 -20.08
C ARG O 416 -34.47 15.53 -19.63
N THR O 417 -34.50 16.00 -18.38
CA THR O 417 -33.32 16.58 -17.73
C THR O 417 -32.39 15.45 -17.31
N ARG O 418 -31.44 15.12 -18.19
CA ARG O 418 -30.56 14.00 -17.97
C ARG O 418 -29.10 14.40 -17.96
N ILE O 419 -28.39 13.98 -16.91
CA ILE O 419 -26.98 14.30 -16.74
C ILE O 419 -26.16 13.59 -17.80
N GLN O 420 -25.36 14.34 -18.52
CA GLN O 420 -24.53 13.76 -19.54
C GLN O 420 -23.09 14.17 -19.36
N ASN O 421 -22.23 13.52 -20.12
CA ASN O 421 -20.83 13.89 -20.18
C ASN O 421 -20.55 14.71 -21.43
N ASP O 422 -21.04 15.94 -21.45
CA ASP O 422 -20.98 16.77 -22.66
C ASP O 422 -19.61 16.79 -23.33
N SER O 423 -18.56 16.65 -22.53
CA SER O 423 -17.21 16.59 -23.05
C SER O 423 -16.99 15.34 -23.89
N GLU O 424 -17.44 14.20 -23.39
CA GLU O 424 -17.31 12.93 -24.10
C GLU O 424 -18.09 12.97 -25.42
N ILE O 425 -19.37 13.35 -25.36
CA ILE O 425 -20.25 13.37 -26.52
C ILE O 425 -19.67 14.18 -27.67
N VAL O 426 -19.29 15.42 -27.37
CA VAL O 426 -18.73 16.35 -28.36
C VAL O 426 -17.60 15.71 -29.15
N GLN O 427 -16.77 14.96 -28.44
CA GLN O 427 -15.64 14.25 -29.05
C GLN O 427 -16.09 13.10 -29.92
N SER O 428 -16.89 12.20 -29.35
CA SER O 428 -17.50 11.15 -30.14
C SER O 428 -18.11 11.71 -31.43
N LEU O 429 -18.87 12.80 -31.31
CA LEU O 429 -19.47 13.45 -32.46
C LEU O 429 -18.44 13.96 -33.45
N VAL O 430 -17.37 14.59 -32.96
CA VAL O 430 -16.33 15.11 -33.85
C VAL O 430 -15.64 13.95 -34.55
N GLN O 431 -15.38 12.88 -33.81
CA GLN O 431 -14.80 11.69 -34.40
C GLN O 431 -15.73 11.16 -35.47
N GLY O 432 -16.99 10.95 -35.08
CA GLY O 432 -18.03 10.47 -35.97
C GLY O 432 -18.06 11.18 -37.30
N VAL O 433 -18.12 12.50 -37.28
CA VAL O 433 -18.18 13.30 -38.51
C VAL O 433 -16.90 13.17 -39.33
N THR O 434 -15.76 13.35 -38.67
CA THR O 434 -14.44 13.23 -39.31
C THR O 434 -14.30 11.86 -39.96
N GLY O 435 -14.63 10.82 -39.19
CA GLY O 435 -14.71 9.45 -39.70
C GLY O 435 -15.59 9.36 -40.94
N GLY O 436 -16.65 10.17 -40.97
CA GLY O 436 -17.59 10.18 -42.08
C GLY O 436 -18.71 9.18 -41.90
N ILE O 437 -18.93 8.77 -40.66
CA ILE O 437 -20.05 7.92 -40.33
C ILE O 437 -21.22 8.79 -39.89
N MET O 438 -21.11 10.10 -40.13
CA MET O 438 -22.09 11.06 -39.63
C MET O 438 -22.21 12.35 -40.40
N SER O 439 -23.45 12.79 -40.55
CA SER O 439 -23.76 14.09 -41.12
C SER O 439 -23.61 15.16 -40.05
N LYS O 440 -23.14 16.33 -40.47
CA LYS O 440 -23.04 17.48 -39.57
C LYS O 440 -24.42 17.86 -39.05
N GLU O 441 -25.44 17.72 -39.90
CA GLU O 441 -26.83 17.87 -39.49
C GLU O 441 -27.13 17.06 -38.25
N THR O 442 -27.03 15.74 -38.36
CA THR O 442 -27.33 14.86 -37.22
C THR O 442 -26.46 15.26 -36.02
N ALA O 443 -25.20 15.61 -36.31
CA ALA O 443 -24.23 15.96 -35.29
C ALA O 443 -24.65 17.19 -34.49
N VAL O 444 -24.98 18.28 -35.19
CA VAL O 444 -25.39 19.52 -34.54
C VAL O 444 -26.61 19.32 -33.64
N ALA O 445 -27.56 18.51 -34.11
CA ALA O 445 -28.79 18.20 -33.35
C ALA O 445 -28.48 17.37 -32.11
N ARG O 446 -27.45 16.54 -32.21
CA ARG O 446 -27.01 15.70 -31.09
C ARG O 446 -26.03 16.40 -30.13
N ASN O 447 -25.49 17.55 -30.56
CA ASN O 447 -24.56 18.36 -29.76
C ASN O 447 -25.21 18.91 -28.49
N PRO O 448 -24.62 18.61 -27.31
CA PRO O 448 -25.22 19.00 -26.03
C PRO O 448 -25.29 20.52 -25.77
N PHE O 449 -24.48 21.30 -26.47
CA PHE O 449 -24.50 22.75 -26.28
C PHE O 449 -25.51 23.44 -27.19
N VAL O 450 -26.35 22.66 -27.88
CA VAL O 450 -27.33 23.18 -28.83
C VAL O 450 -28.78 23.04 -28.32
N GLN O 451 -29.52 24.15 -28.39
CA GLN O 451 -30.91 24.18 -28.00
C GLN O 451 -31.81 23.92 -29.21
N ASP O 452 -31.72 24.78 -30.22
CA ASP O 452 -32.55 24.68 -31.44
C ASP O 452 -31.69 24.37 -32.69
N PRO O 453 -31.74 23.10 -33.16
CA PRO O 453 -30.90 22.65 -34.28
C PRO O 453 -31.11 23.44 -35.56
N GLU O 454 -32.35 23.89 -35.76
CA GLU O 454 -32.68 24.73 -36.92
C GLU O 454 -31.80 25.97 -36.97
N GLU O 455 -31.77 26.75 -35.88
CA GLU O 455 -31.04 28.02 -35.83
C GLU O 455 -29.52 27.86 -35.99
N GLU O 456 -28.98 26.82 -35.35
CA GLU O 456 -27.52 26.58 -35.35
C GLU O 456 -27.03 26.04 -36.70
N LEU O 457 -27.79 25.14 -37.30
CA LEU O 457 -27.45 24.61 -38.62
C LEU O 457 -27.36 25.80 -39.58
N ALA O 458 -28.30 26.73 -39.42
CA ALA O 458 -28.36 27.95 -40.22
C ALA O 458 -27.23 28.93 -39.88
N ARG O 459 -26.87 28.98 -38.60
CA ARG O 459 -25.81 29.87 -38.14
C ARG O 459 -24.43 29.46 -38.68
N ILE O 460 -24.18 28.14 -38.72
CA ILE O 460 -22.91 27.58 -39.20
C ILE O 460 -22.68 27.81 -40.71
N GLU O 461 -23.78 27.82 -41.48
CA GLU O 461 -23.72 28.05 -42.92
C GLU O 461 -23.39 29.51 -43.25
N GLU O 462 -24.02 30.44 -42.54
CA GLU O 462 -23.79 31.87 -42.73
C GLU O 462 -22.38 32.27 -42.28
N GLU O 463 -21.85 31.54 -41.29
CA GLU O 463 -20.44 31.66 -40.90
C GLU O 463 -19.53 31.32 -42.10
N MET O 464 -19.70 30.11 -42.65
CA MET O 464 -18.94 29.64 -43.81
C MET O 464 -19.02 30.62 -45.00
N ASN O 465 -20.22 31.10 -45.31
CA ASN O 465 -20.42 32.05 -46.42
C ASN O 465 -19.79 33.43 -46.16
N GLN O 466 -19.29 33.62 -44.95
CA GLN O 466 -18.51 34.81 -44.63
C GLN O 466 -17.02 34.45 -44.73
N TYR O 467 -16.61 33.44 -43.98
CA TYR O 467 -15.23 32.94 -44.02
C TYR O 467 -15.01 31.99 -45.21
N UNK P 1 -71.94 7.14 -17.30
CA UNK P 1 -70.97 7.37 -16.19
C UNK P 1 -71.23 8.71 -15.51
N UNK P 2 -71.80 8.66 -14.31
CA UNK P 2 -71.84 9.82 -13.43
C UNK P 2 -70.45 10.07 -12.78
N UNK P 3 -70.29 11.21 -12.12
CA UNK P 3 -69.07 11.53 -11.38
C UNK P 3 -69.39 12.58 -10.33
N UNK P 4 -69.04 12.33 -9.07
CA UNK P 4 -69.43 13.22 -7.99
C UNK P 4 -68.26 13.73 -7.13
N UNK P 5 -68.25 15.05 -6.90
CA UNK P 5 -67.25 15.70 -6.05
C UNK P 5 -67.84 16.07 -4.69
N UNK P 6 -67.25 15.55 -3.61
CA UNK P 6 -67.72 15.86 -2.26
C UNK P 6 -66.86 16.97 -1.62
N UNK P 7 -67.24 18.21 -1.85
CA UNK P 7 -66.59 19.38 -1.24
C UNK P 7 -67.14 19.66 0.16
N UNK P 8 -66.36 20.36 0.98
CA UNK P 8 -66.79 20.82 2.29
C UNK P 8 -66.13 22.15 2.64
N UNK P 9 -66.93 23.21 2.67
CA UNK P 9 -66.43 24.59 2.83
C UNK P 9 -66.90 25.28 4.11
N UNK P 10 -66.02 25.35 5.11
CA UNK P 10 -66.31 26.05 6.36
C UNK P 10 -66.28 27.57 6.16
N UNK P 11 -67.33 28.25 6.62
CA UNK P 11 -67.53 29.68 6.37
C UNK P 11 -66.82 30.55 7.42
N UNK P 12 -67.05 31.86 7.30
CA UNK P 12 -66.57 32.87 8.27
C UNK P 12 -67.00 32.53 9.70
N UNK P 13 -68.20 31.97 9.81
CA UNK P 13 -68.74 31.50 11.08
C UNK P 13 -69.01 29.99 11.05
N UNK P 14 -69.94 29.57 10.18
CA UNK P 14 -70.46 28.20 10.16
C UNK P 14 -69.62 27.22 9.34
N UNK P 15 -70.23 26.14 8.88
CA UNK P 15 -69.57 25.10 8.08
C UNK P 15 -70.56 24.38 7.17
N UNK P 16 -70.49 24.64 5.87
CA UNK P 16 -71.35 24.00 4.87
C UNK P 16 -70.74 22.68 4.39
N UNK P 17 -71.54 21.86 3.71
CA UNK P 17 -71.08 20.56 3.23
C UNK P 17 -71.66 20.17 1.87
N UNK P 18 -71.43 21.00 0.85
CA UNK P 18 -72.01 20.82 -0.49
C UNK P 18 -71.50 19.59 -1.27
N UNK P 19 -72.02 19.43 -2.49
CA UNK P 19 -71.62 18.34 -3.40
C UNK P 19 -72.02 18.67 -4.85
N UNK P 20 -71.44 17.96 -5.81
CA UNK P 20 -71.71 18.18 -7.23
C UNK P 20 -71.75 16.85 -7.98
N UNK P 21 -72.61 16.75 -9.00
CA UNK P 21 -72.72 15.52 -9.79
C UNK P 21 -72.65 15.79 -11.29
N UNK P 22 -71.50 15.49 -11.88
CA UNK P 22 -71.24 15.76 -13.30
C UNK P 22 -71.77 14.63 -14.19
N UNK P 23 -72.69 14.98 -15.09
CA UNK P 23 -73.26 14.01 -16.03
C UNK P 23 -72.95 14.39 -17.47
N UNK P 24 -73.18 13.45 -18.39
CA UNK P 24 -72.83 13.60 -19.81
C UNK P 24 -73.44 14.85 -20.48
N UNK P 25 -74.49 15.40 -19.85
CA UNK P 25 -75.20 16.57 -20.39
C UNK P 25 -75.10 17.82 -19.49
N UNK P 26 -75.14 17.62 -18.17
CA UNK P 26 -75.20 18.73 -17.22
C UNK P 26 -74.43 18.47 -15.91
N UNK P 27 -74.61 19.34 -14.92
CA UNK P 27 -73.83 19.32 -13.68
C UNK P 27 -74.58 19.83 -12.42
N UNK P 28 -75.59 19.06 -11.99
CA UNK P 28 -76.46 19.42 -10.84
C UNK P 28 -75.71 19.49 -9.49
N UNK P 29 -76.08 20.46 -8.65
CA UNK P 29 -75.44 20.66 -7.34
C UNK P 29 -76.16 19.95 -6.17
N UNK P 30 -75.78 20.28 -4.94
CA UNK P 30 -76.41 19.73 -3.72
C UNK P 30 -75.69 20.22 -2.46
N PRO Q 29 -69.27 45.25 5.58
CA PRO Q 29 -68.65 44.18 6.37
C PRO Q 29 -69.02 44.23 7.85
N ASP Q 30 -68.81 43.12 8.56
CA ASP Q 30 -69.19 43.01 9.97
C ASP Q 30 -67.98 43.09 10.88
N THR Q 31 -68.16 43.69 12.06
CA THR Q 31 -67.07 43.87 13.03
C THR Q 31 -66.94 42.66 13.97
N THR Q 32 -68.03 41.91 14.13
CA THR Q 32 -68.04 40.72 14.99
C THR Q 32 -67.33 39.56 14.31
N MET Q 33 -67.62 39.38 13.02
CA MET Q 33 -66.90 38.43 12.17
C MET Q 33 -65.39 38.71 12.15
N ILE Q 34 -65.03 40.00 12.09
CA ILE Q 34 -63.65 40.43 12.19
C ILE Q 34 -62.99 39.81 13.42
N GLN Q 35 -63.61 39.99 14.58
CA GLN Q 35 -63.08 39.39 15.81
C GLN Q 35 -62.90 37.87 15.70
N LYS Q 36 -63.93 37.18 15.20
CA LYS Q 36 -63.85 35.73 14.97
C LYS Q 36 -62.62 35.39 14.11
N LEU Q 37 -62.52 36.04 12.96
CA LEU Q 37 -61.42 35.77 12.05
C LEU Q 37 -60.09 35.92 12.76
N ILE Q 38 -59.91 37.05 13.45
CA ILE Q 38 -58.70 37.33 14.24
C ILE Q 38 -58.42 36.28 15.33
N ASP Q 39 -59.42 35.96 16.14
CA ASP Q 39 -59.24 35.03 17.26
C ASP Q 39 -59.05 33.58 16.82
N GLU Q 40 -59.56 33.27 15.62
CA GLU Q 40 -59.48 31.92 15.07
C GLU Q 40 -58.16 31.75 14.31
N HIS Q 41 -57.65 32.87 13.81
CA HIS Q 41 -56.33 32.91 13.17
C HIS Q 41 -55.23 32.51 14.16
N ASN Q 42 -54.31 31.69 13.69
CA ASN Q 42 -53.09 31.43 14.45
C ASN Q 42 -51.85 31.57 13.58
N PRO Q 43 -50.84 32.30 14.08
CA PRO Q 43 -49.58 32.46 13.36
C PRO Q 43 -48.49 31.41 13.65
N GLU Q 44 -48.67 30.55 14.66
CA GLU Q 44 -47.66 29.53 15.00
C GLU Q 44 -47.20 28.68 13.81
N PRO Q 45 -48.14 28.21 12.94
CA PRO Q 45 -47.67 27.45 11.79
C PRO Q 45 -46.76 28.27 10.86
N LEU Q 46 -47.08 29.54 10.67
CA LEU Q 46 -46.32 30.38 9.77
C LEU Q 46 -45.04 30.93 10.38
N LEU Q 47 -44.99 31.04 11.71
CA LEU Q 47 -43.79 31.58 12.37
C LEU Q 47 -42.75 30.53 12.67
N LYS Q 48 -43.17 29.26 12.55
CA LYS Q 48 -42.29 28.11 12.73
C LYS Q 48 -40.98 28.28 11.97
N GLY Q 49 -41.05 28.47 10.66
CA GLY Q 49 -39.84 28.61 9.85
C GLY Q 49 -39.01 29.85 10.17
N VAL Q 50 -39.68 30.91 10.60
CA VAL Q 50 -39.00 32.13 10.99
C VAL Q 50 -38.19 31.90 12.26
N ARG Q 51 -38.71 31.09 13.18
CA ARG Q 51 -38.05 30.84 14.46
C ARG Q 51 -36.80 29.97 14.28
N TYR Q 52 -36.92 28.92 13.47
CA TYR Q 52 -35.77 28.09 13.12
C TYR Q 52 -34.72 28.88 12.29
N TYR Q 53 -35.18 29.72 11.36
CA TYR Q 53 -34.26 30.58 10.64
C TYR Q 53 -33.46 31.43 11.61
N MET Q 54 -34.02 31.72 12.78
CA MET Q 54 -33.35 32.59 13.75
C MET Q 54 -32.70 31.80 14.88
N CYS Q 55 -32.57 30.50 14.65
CA CYS Q 55 -32.06 29.55 15.65
C CYS Q 55 -32.81 29.73 16.96
N GLU Q 56 -34.13 29.72 16.90
CA GLU Q 56 -34.96 29.49 18.09
C GLU Q 56 -35.64 28.19 17.78
N ASN Q 57 -34.91 27.08 17.95
CA ASN Q 57 -35.47 25.77 17.67
C ASN Q 57 -36.21 25.20 18.88
N ASP Q 58 -37.00 24.17 18.67
CA ASP Q 58 -37.82 23.65 19.76
C ASP Q 58 -36.97 23.15 20.90
N ILE Q 59 -35.70 22.98 20.63
CA ILE Q 59 -34.80 22.46 21.61
C ILE Q 59 -34.54 23.49 22.71
N GLU Q 60 -34.84 24.75 22.42
CA GLU Q 60 -34.66 25.81 23.40
C GLU Q 60 -35.60 25.63 24.61
N LYS Q 61 -36.60 24.75 24.48
CA LYS Q 61 -37.54 24.44 25.56
C LYS Q 61 -37.06 23.30 26.44
N LYS Q 62 -36.01 22.59 26.01
CA LYS Q 62 -35.42 21.50 26.80
C LYS Q 62 -35.04 22.01 28.19
N ARG Q 63 -35.36 21.23 29.21
CA ARG Q 63 -35.00 21.57 30.60
C ARG Q 63 -34.71 20.31 31.39
N ARG Q 64 -33.76 20.37 32.30
CA ARG Q 64 -33.35 19.15 33.00
C ARG Q 64 -34.13 18.92 34.29
N THR Q 65 -35.06 17.99 34.24
CA THR Q 65 -36.01 17.84 35.32
C THR Q 65 -35.59 16.71 36.28
N TYR Q 66 -36.38 16.49 37.33
CA TYR Q 66 -36.21 15.37 38.28
C TYR Q 66 -37.51 15.28 39.08
N TYR Q 67 -37.62 14.32 40.02
CA TYR Q 67 -38.88 14.12 40.76
C TYR Q 67 -38.80 14.34 42.27
N ASP Q 68 -39.78 15.09 42.80
CA ASP Q 68 -39.85 15.45 44.22
C ASP Q 68 -40.25 14.28 45.12
N ALA Q 69 -40.69 14.61 46.33
CA ALA Q 69 -41.19 13.64 47.27
C ALA Q 69 -42.30 12.83 46.61
N ALA Q 70 -43.50 13.41 46.52
CA ALA Q 70 -44.64 12.77 45.87
C ALA Q 70 -44.69 13.02 44.35
N GLY Q 71 -43.60 12.63 43.68
CA GLY Q 71 -43.50 12.60 42.22
C GLY Q 71 -43.85 13.90 41.49
N GLN Q 72 -43.41 15.03 42.03
CA GLN Q 72 -43.59 16.32 41.35
C GLN Q 72 -42.40 16.62 40.42
N GLN Q 73 -42.68 16.71 39.12
CA GLN Q 73 -41.64 16.98 38.12
C GLN Q 73 -41.12 18.41 38.26
N LEU Q 74 -39.80 18.54 38.36
CA LEU Q 74 -39.18 19.80 38.75
C LEU Q 74 -37.82 19.96 38.09
N VAL Q 75 -37.55 21.15 37.57
CA VAL Q 75 -36.25 21.51 37.00
C VAL Q 75 -35.21 21.49 38.12
N ASP Q 76 -33.97 21.08 37.84
CA ASP Q 76 -32.98 21.00 38.92
C ASP Q 76 -31.72 21.81 38.73
N ASP Q 77 -31.61 22.87 39.52
CA ASP Q 77 -30.51 23.84 39.49
C ASP Q 77 -29.11 23.21 39.54
N THR Q 78 -29.04 21.94 39.96
CA THR Q 78 -27.80 21.19 40.06
C THR Q 78 -27.03 21.08 38.75
N LYS Q 79 -27.74 20.77 37.67
CA LYS Q 79 -27.13 20.45 36.38
C LYS Q 79 -27.32 21.53 35.34
N THR Q 80 -26.29 21.73 34.51
CA THR Q 80 -26.32 22.69 33.38
C THR Q 80 -27.20 22.14 32.26
N ASN Q 81 -28.03 23.00 31.71
CA ASN Q 81 -29.00 22.55 30.73
C ASN Q 81 -28.68 23.14 29.40
N ASN Q 82 -27.69 22.54 28.74
CA ASN Q 82 -27.29 22.98 27.41
C ASN Q 82 -28.44 22.73 26.46
N ARG Q 83 -28.78 23.74 25.66
CA ARG Q 83 -29.67 23.50 24.53
C ARG Q 83 -29.23 24.24 23.26
N THR Q 84 -28.50 23.51 22.42
CA THR Q 84 -27.87 24.03 21.21
C THR Q 84 -28.81 23.85 20.03
N SER Q 85 -29.06 24.90 19.27
CA SER Q 85 -30.06 24.79 18.21
C SER Q 85 -29.43 25.15 16.91
N HIS Q 86 -29.50 24.25 15.93
CA HIS Q 86 -28.65 24.38 14.73
C HIS Q 86 -29.11 25.26 13.53
N ALA Q 87 -28.19 26.04 12.98
CA ALA Q 87 -28.56 26.99 11.93
C ALA Q 87 -28.86 26.36 10.57
N TRP Q 88 -29.03 25.04 10.53
CA TRP Q 88 -29.24 24.27 9.29
C TRP Q 88 -30.27 24.88 8.35
N HIS Q 89 -31.45 25.19 8.88
CA HIS Q 89 -32.52 25.76 8.08
C HIS Q 89 -32.11 27.07 7.40
N LYS Q 90 -31.54 27.98 8.19
CA LYS Q 90 -31.16 29.28 7.67
C LYS Q 90 -30.17 29.11 6.51
N LEU Q 91 -29.34 28.08 6.61
CA LEU Q 91 -28.35 27.84 5.60
C LEU Q 91 -29.07 27.49 4.31
N PHE Q 92 -29.97 26.51 4.37
CA PHE Q 92 -30.66 26.01 3.18
C PHE Q 92 -31.51 27.09 2.53
N VAL Q 93 -32.20 27.87 3.35
CA VAL Q 93 -33.08 28.90 2.85
C VAL Q 93 -32.29 29.96 2.13
N ASP Q 94 -31.20 30.40 2.76
CA ASP Q 94 -30.26 31.36 2.18
C ASP Q 94 -29.73 30.91 0.85
N GLN Q 95 -29.41 29.64 0.78
CA GLN Q 95 -28.89 29.01 -0.42
C GLN Q 95 -29.94 29.01 -1.55
N LYS Q 96 -31.19 28.64 -1.21
CA LYS Q 96 -32.30 28.67 -2.18
C LYS Q 96 -32.55 30.09 -2.67
N THR Q 97 -32.76 31.01 -1.74
CA THR Q 97 -32.99 32.40 -2.05
C THR Q 97 -32.00 32.82 -3.11
N GLN Q 98 -30.73 32.85 -2.71
CA GLN Q 98 -29.62 33.35 -3.54
C GLN Q 98 -29.56 32.69 -4.93
N TYR Q 99 -29.85 31.39 -4.98
CA TYR Q 99 -29.77 30.61 -6.21
C TYR Q 99 -30.79 31.08 -7.23
N LEU Q 100 -31.96 31.46 -6.75
CA LEU Q 100 -33.04 31.84 -7.62
C LEU Q 100 -32.97 33.31 -7.95
N VAL Q 101 -32.76 34.11 -6.92
CA VAL Q 101 -32.99 35.55 -6.99
C VAL Q 101 -31.74 36.41 -6.73
N GLY Q 102 -30.65 35.77 -6.30
CA GLY Q 102 -29.36 36.43 -6.07
C GLY Q 102 -28.93 37.33 -7.21
N GLU Q 103 -29.02 36.81 -8.43
CA GLU Q 103 -28.90 37.62 -9.64
C GLU Q 103 -30.25 38.20 -9.96
N PRO Q 104 -30.30 39.51 -10.28
CA PRO Q 104 -31.55 40.22 -10.60
C PRO Q 104 -32.25 39.66 -11.83
N VAL Q 105 -33.58 39.75 -11.82
CA VAL Q 105 -34.41 39.19 -12.86
C VAL Q 105 -34.36 40.08 -14.10
N THR Q 106 -34.26 39.46 -15.27
CA THR Q 106 -34.15 40.20 -16.55
C THR Q 106 -35.43 40.10 -17.37
N PHE Q 107 -35.80 41.21 -18.02
CA PHE Q 107 -37.05 41.27 -18.75
C PHE Q 107 -36.87 41.59 -20.21
N THR Q 108 -37.62 40.91 -21.06
CA THR Q 108 -37.57 41.12 -22.51
C THR Q 108 -38.96 41.16 -23.09
N SER Q 109 -39.18 42.12 -24.00
CA SER Q 109 -40.39 42.17 -24.81
C SER Q 109 -40.07 42.92 -26.09
N ASP Q 110 -41.00 42.87 -27.04
CA ASP Q 110 -40.85 43.62 -28.28
C ASP Q 110 -41.45 45.02 -28.12
N ASN Q 111 -42.38 45.15 -27.18
CA ASN Q 111 -42.95 46.45 -26.82
C ASN Q 111 -41.95 47.22 -25.96
N LYS Q 112 -41.28 48.18 -26.58
CA LYS Q 112 -40.18 48.88 -25.94
C LYS Q 112 -40.62 49.89 -24.87
N THR Q 113 -41.77 50.51 -25.09
CA THR Q 113 -42.30 51.48 -24.12
C THR Q 113 -42.58 50.78 -22.81
N LEU Q 114 -43.29 49.66 -22.89
CA LEU Q 114 -43.55 48.78 -21.76
C LEU Q 114 -42.24 48.40 -21.09
N LEU Q 115 -41.31 47.86 -21.89
CA LEU Q 115 -40.01 47.41 -21.40
C LEU Q 115 -39.32 48.48 -20.56
N GLU Q 116 -39.33 49.72 -21.08
CA GLU Q 116 -38.79 50.87 -20.36
C GLU Q 116 -39.45 51.03 -19.00
N TYR Q 117 -40.78 51.11 -18.97
CA TYR Q 117 -41.53 51.31 -17.73
C TYR Q 117 -41.28 50.22 -16.69
N VAL Q 118 -41.10 48.98 -17.16
CA VAL Q 118 -40.89 47.84 -16.29
C VAL Q 118 -39.51 47.91 -15.64
N ASN Q 119 -38.51 48.24 -16.45
CA ASN Q 119 -37.13 48.35 -16.00
C ASN Q 119 -36.97 49.43 -14.94
N GLU Q 120 -37.45 50.64 -15.26
CA GLU Q 120 -37.53 51.79 -14.34
C GLU Q 120 -38.09 51.40 -12.97
N LEU Q 121 -39.10 50.54 -12.98
CA LEU Q 121 -39.78 50.08 -11.77
C LEU Q 121 -38.97 49.06 -11.00
N ALA Q 122 -38.31 48.17 -11.75
CA ALA Q 122 -37.92 46.90 -11.18
C ALA Q 122 -36.51 46.44 -11.52
N ASP Q 123 -35.50 47.08 -10.96
CA ASP Q 123 -34.15 46.57 -11.22
C ASP Q 123 -33.11 46.86 -10.12
N ASP Q 124 -33.55 47.51 -9.03
CA ASP Q 124 -32.65 47.77 -7.89
C ASP Q 124 -33.25 47.57 -6.49
N ASP Q 125 -34.34 48.26 -6.17
CA ASP Q 125 -35.01 48.07 -4.89
C ASP Q 125 -35.88 46.84 -4.92
N PHE Q 126 -36.32 46.52 -6.13
CA PHE Q 126 -37.19 45.39 -6.42
C PHE Q 126 -36.42 44.10 -6.27
N ASP Q 127 -35.12 44.15 -6.58
CA ASP Q 127 -34.24 43.01 -6.45
C ASP Q 127 -34.14 42.67 -4.96
N ASP Q 128 -33.89 43.71 -4.16
CA ASP Q 128 -33.61 43.55 -2.73
C ASP Q 128 -34.83 43.10 -1.95
N ILE Q 129 -36.02 43.47 -2.44
CA ILE Q 129 -37.32 43.04 -1.83
C ILE Q 129 -37.69 41.61 -2.24
N LEU Q 130 -37.59 41.30 -3.54
CA LEU Q 130 -37.81 39.94 -4.04
C LEU Q 130 -36.90 38.91 -3.37
N ASN Q 131 -35.68 39.29 -3.05
CA ASN Q 131 -34.82 38.45 -2.22
C ASN Q 131 -35.43 38.17 -0.85
N GLU Q 132 -35.98 39.21 -0.24
CA GLU Q 132 -36.57 39.11 1.09
C GLU Q 132 -37.88 38.35 1.05
N THR Q 133 -38.48 38.27 -0.15
CA THR Q 133 -39.74 37.57 -0.33
C THR Q 133 -39.52 36.08 -0.39
N VAL Q 134 -38.52 35.67 -1.15
CA VAL Q 134 -38.21 34.27 -1.31
C VAL Q 134 -37.79 33.67 0.02
N LYS Q 135 -36.94 34.39 0.74
CA LYS Q 135 -36.54 33.97 2.08
C LYS Q 135 -37.77 33.82 2.97
N ASN Q 136 -38.67 34.80 2.90
CA ASN Q 136 -39.89 34.77 3.70
C ASN Q 136 -40.84 33.68 3.30
N MET Q 137 -41.00 33.44 2.00
CA MET Q 137 -41.93 32.42 1.55
C MET Q 137 -41.44 31.03 1.88
N SER Q 138 -40.18 30.91 2.23
CA SER Q 138 -39.61 29.62 2.57
C SER Q 138 -39.67 29.38 4.07
N ASN Q 139 -39.70 30.45 4.84
CA ASN Q 139 -39.86 30.33 6.28
C ASN Q 139 -41.35 30.24 6.65
N LYS Q 140 -42.16 31.05 5.98
CA LYS Q 140 -43.58 31.13 6.31
C LYS Q 140 -44.43 30.10 5.57
N GLY Q 141 -44.11 29.85 4.31
CA GLY Q 141 -44.89 28.92 3.48
C GLY Q 141 -45.61 29.68 2.41
N ILE Q 142 -45.70 30.99 2.61
CA ILE Q 142 -46.33 31.89 1.68
C ILE Q 142 -45.82 33.30 1.98
N GLU Q 143 -45.80 34.18 0.99
CA GLU Q 143 -45.63 35.59 1.27
C GLU Q 143 -46.53 36.40 0.39
N TYR Q 144 -47.22 37.36 1.01
CA TYR Q 144 -48.09 38.31 0.32
C TYR Q 144 -47.44 39.67 0.21
N TRP Q 145 -47.65 40.33 -0.92
CA TRP Q 145 -47.26 41.71 -0.98
C TRP Q 145 -48.25 42.60 -1.74
N HIS Q 146 -48.44 43.82 -1.25
CA HIS Q 146 -49.56 44.67 -1.65
C HIS Q 146 -49.14 45.85 -2.51
N PRO Q 147 -49.74 45.98 -3.70
CA PRO Q 147 -49.54 47.11 -4.59
C PRO Q 147 -50.46 48.26 -4.23
N PHE Q 148 -49.95 49.49 -4.31
CA PHE Q 148 -50.72 50.68 -3.92
C PHE Q 148 -50.13 51.95 -4.52
N VAL Q 149 -50.99 52.92 -4.83
CA VAL Q 149 -50.55 54.19 -5.40
C VAL Q 149 -50.08 55.15 -4.30
N ASP Q 150 -48.88 55.71 -4.49
CA ASP Q 150 -48.24 56.61 -3.53
C ASP Q 150 -49.01 57.90 -3.33
N GLU Q 151 -48.68 58.61 -2.25
CA GLU Q 151 -49.23 59.94 -1.99
C GLU Q 151 -48.81 60.93 -3.08
N GLU Q 152 -47.65 60.68 -3.68
CA GLU Q 152 -47.15 61.48 -4.81
C GLU Q 152 -47.81 61.07 -6.13
N GLY Q 153 -48.59 59.98 -6.10
CA GLY Q 153 -49.33 59.52 -7.27
C GLY Q 153 -48.64 58.45 -8.09
N GLU Q 154 -47.46 58.03 -7.64
CA GLU Q 154 -46.67 57.01 -8.34
C GLU Q 154 -46.98 55.61 -7.83
N PHE Q 155 -46.68 54.60 -8.66
CA PHE Q 155 -46.90 53.19 -8.31
C PHE Q 155 -45.91 52.69 -7.26
N ASP Q 156 -46.41 51.96 -6.28
CA ASP Q 156 -45.60 51.49 -5.16
C ASP Q 156 -46.09 50.12 -4.70
N TYR Q 157 -45.18 49.40 -4.03
CA TYR Q 157 -45.42 48.04 -3.55
C TYR Q 157 -44.70 47.84 -2.22
N VAL Q 158 -45.38 47.20 -1.27
CA VAL Q 158 -44.83 46.94 0.05
C VAL Q 158 -45.13 45.50 0.38
N ILE Q 159 -44.23 44.87 1.13
CA ILE Q 159 -44.44 43.51 1.60
C ILE Q 159 -45.54 43.49 2.65
N PHE Q 160 -46.42 42.50 2.57
CA PHE Q 160 -47.55 42.41 3.49
C PHE Q 160 -47.47 41.08 4.26
N PRO Q 161 -46.75 41.07 5.40
CA PRO Q 161 -46.38 39.85 6.11
C PRO Q 161 -47.55 38.88 6.17
N ALA Q 162 -47.35 37.67 5.67
CA ALA Q 162 -48.43 36.69 5.56
C ALA Q 162 -49.04 36.28 6.90
N GLU Q 163 -48.25 36.36 7.97
CA GLU Q 163 -48.72 36.03 9.32
C GLU Q 163 -49.63 37.08 9.94
N GLU Q 164 -49.81 38.19 9.24
CA GLU Q 164 -50.75 39.25 9.63
C GLU Q 164 -51.95 39.26 8.70
N MET Q 165 -51.96 38.34 7.74
CA MET Q 165 -53.01 38.32 6.72
C MET Q 165 -54.00 37.19 6.90
N ILE Q 166 -55.24 37.45 6.51
CA ILE Q 166 -56.35 36.51 6.57
C ILE Q 166 -57.13 36.59 5.24
N VAL Q 167 -57.22 35.46 4.57
CA VAL Q 167 -57.75 35.39 3.20
C VAL Q 167 -58.88 34.34 3.02
N VAL Q 168 -60.04 34.79 2.55
CA VAL Q 168 -61.14 33.90 2.12
C VAL Q 168 -61.71 34.35 0.77
N TYR Q 169 -62.05 33.37 -0.09
CA TYR Q 169 -62.68 33.64 -1.38
C TYR Q 169 -63.83 32.66 -1.63
N TRP Q 239 -59.48 47.97 -8.59
CA TRP Q 239 -58.61 47.16 -9.44
C TRP Q 239 -59.35 46.06 -10.22
N GLY Q 240 -60.50 45.62 -9.69
CA GLY Q 240 -61.29 44.57 -10.33
C GLY Q 240 -61.15 43.25 -9.59
N ARG Q 241 -59.91 42.78 -9.48
CA ARG Q 241 -59.56 41.62 -8.67
C ARG Q 241 -59.19 42.06 -7.24
N VAL Q 242 -59.14 41.09 -6.31
CA VAL Q 242 -58.69 41.35 -4.95
C VAL Q 242 -57.29 41.98 -4.99
N PRO Q 243 -56.99 42.91 -4.06
CA PRO Q 243 -55.82 43.79 -4.20
C PRO Q 243 -54.46 43.32 -3.62
N ILE Q 244 -54.27 42.02 -3.40
CA ILE Q 244 -52.99 41.48 -2.90
C ILE Q 244 -52.41 40.33 -3.71
N ILE Q 245 -51.08 40.24 -3.69
CA ILE Q 245 -50.32 39.31 -4.52
C ILE Q 245 -49.66 38.18 -3.71
N PRO Q 246 -50.12 36.93 -3.91
CA PRO Q 246 -49.57 35.77 -3.23
C PRO Q 246 -48.31 35.23 -3.90
N PHE Q 247 -47.25 35.04 -3.11
CA PHE Q 247 -46.08 34.28 -3.55
C PHE Q 247 -46.12 33.00 -2.77
N LYS Q 248 -46.47 31.91 -3.46
CA LYS Q 248 -46.57 30.61 -2.81
C LYS Q 248 -45.25 29.85 -2.76
N ASN Q 249 -44.93 29.28 -1.60
CA ASN Q 249 -43.75 28.46 -1.47
C ASN Q 249 -43.95 27.12 -2.17
N ASN Q 250 -45.10 26.51 -1.92
CA ASN Q 250 -45.41 25.24 -2.55
C ASN Q 250 -46.77 25.33 -3.17
N GLU Q 251 -47.45 24.19 -3.23
CA GLU Q 251 -48.89 24.19 -3.41
C GLU Q 251 -49.46 24.19 -2.00
N GLU Q 252 -48.83 23.40 -1.13
CA GLU Q 252 -49.30 23.21 0.23
C GLU Q 252 -49.02 24.39 1.12
N MET Q 253 -48.27 25.37 0.60
CA MET Q 253 -47.99 26.60 1.35
C MET Q 253 -47.46 26.30 2.76
N VAL Q 254 -46.76 25.19 2.90
CA VAL Q 254 -45.94 24.98 4.07
C VAL Q 254 -44.54 25.55 3.84
N SER Q 255 -43.85 25.79 4.95
CA SER Q 255 -42.47 26.20 4.95
C SER Q 255 -41.62 25.02 4.45
N ASP Q 256 -40.41 25.29 3.97
CA ASP Q 256 -39.48 24.22 3.61
C ASP Q 256 -39.11 23.40 4.82
N LEU Q 257 -39.02 24.07 5.98
CA LEU Q 257 -38.69 23.41 7.25
C LEU Q 257 -39.51 22.14 7.49
N LYS Q 258 -40.73 22.14 6.95
CA LYS Q 258 -41.71 21.05 7.14
C LYS Q 258 -41.14 19.67 6.78
N PHE Q 259 -40.33 19.65 5.73
CA PHE Q 259 -39.86 18.40 5.20
C PHE Q 259 -38.59 17.92 5.83
N TYR Q 260 -37.97 18.75 6.70
CA TYR Q 260 -36.78 18.32 7.42
C TYR Q 260 -36.66 18.75 8.88
N LYS Q 261 -37.75 19.25 9.45
CA LYS Q 261 -37.73 19.71 10.85
C LYS Q 261 -37.42 18.59 11.83
N ASP Q 262 -37.99 17.41 11.58
CA ASP Q 262 -37.71 16.20 12.35
C ASP Q 262 -36.22 15.92 12.53
N LEU Q 263 -35.47 16.01 11.43
CA LEU Q 263 -34.03 15.85 11.46
C LEU Q 263 -33.33 16.95 12.26
N ILE Q 264 -33.49 18.23 11.85
CA ILE Q 264 -32.90 19.35 12.61
C ILE Q 264 -33.06 19.14 14.10
N ASP Q 265 -34.27 18.78 14.52
CA ASP Q 265 -34.58 18.60 15.94
C ASP Q 265 -33.75 17.52 16.57
N ASN Q 266 -33.64 16.41 15.86
CA ASN Q 266 -32.85 15.25 16.26
C ASN Q 266 -31.37 15.59 16.36
N TYR Q 267 -30.89 16.35 15.39
CA TYR Q 267 -29.54 16.87 15.42
C TYR Q 267 -29.29 17.70 16.65
N ASP Q 268 -30.20 18.63 16.94
CA ASP Q 268 -30.15 19.44 18.16
C ASP Q 268 -30.19 18.59 19.43
N SER Q 269 -31.07 17.59 19.44
CA SER Q 269 -31.28 16.77 20.64
C SER Q 269 -30.04 16.04 21.05
N ILE Q 270 -29.35 15.46 20.06
CA ILE Q 270 -28.15 14.67 20.28
C ILE Q 270 -27.03 15.55 20.81
N THR Q 271 -26.71 16.60 20.06
CA THR Q 271 -25.65 17.54 20.36
C THR Q 271 -25.73 18.08 21.79
N SER Q 272 -26.94 18.45 22.19
CA SER Q 272 -27.19 18.98 23.53
C SER Q 272 -26.98 17.93 24.61
N SER Q 273 -27.48 16.73 24.35
CA SER Q 273 -27.31 15.64 25.30
C SER Q 273 -25.83 15.38 25.52
N THR Q 274 -25.07 15.45 24.42
CA THR Q 274 -23.66 15.15 24.46
C THR Q 274 -22.95 16.23 25.22
N MET Q 275 -23.38 17.48 25.01
CA MET Q 275 -22.93 18.63 25.79
C MET Q 275 -23.15 18.47 27.28
N ASP Q 276 -24.32 17.96 27.66
CA ASP Q 276 -24.62 17.70 29.05
C ASP Q 276 -23.64 16.69 29.62
N SER Q 277 -23.28 15.72 28.79
CA SER Q 277 -22.39 14.65 29.21
C SER Q 277 -21.01 15.20 29.50
N PHE Q 278 -20.55 16.09 28.63
CA PHE Q 278 -19.30 16.78 28.80
C PHE Q 278 -19.32 17.66 30.03
N SER Q 279 -20.48 18.24 30.29
CA SER Q 279 -20.68 19.09 31.46
C SER Q 279 -20.64 18.21 32.71
N ASP Q 280 -21.43 17.15 32.73
CA ASP Q 280 -21.53 16.30 33.90
C ASP Q 280 -20.23 15.58 34.28
N PHE Q 281 -19.37 15.36 33.28
CA PHE Q 281 -18.14 14.60 33.44
C PHE Q 281 -17.24 15.23 34.50
N GLN Q 282 -17.28 16.57 34.58
CA GLN Q 282 -16.51 17.37 35.55
C GLN Q 282 -16.80 17.04 37.02
N GLN Q 283 -18.09 16.85 37.33
CA GLN Q 283 -18.52 16.55 38.70
C GLN Q 283 -18.43 15.07 39.03
N ILE Q 284 -17.32 14.71 39.68
CA ILE Q 284 -17.02 13.33 40.08
C ILE Q 284 -17.88 12.99 41.29
N VAL Q 285 -18.47 11.79 41.28
CA VAL Q 285 -19.31 11.29 42.36
C VAL Q 285 -18.56 10.20 43.08
N TYR Q 286 -18.43 10.31 44.39
CA TYR Q 286 -17.68 9.31 45.16
C TYR Q 286 -18.58 8.32 45.90
N VAL Q 287 -18.23 7.05 45.82
CA VAL Q 287 -18.93 6.01 46.56
C VAL Q 287 -18.05 5.59 47.72
N LEU Q 288 -18.51 5.89 48.93
CA LEU Q 288 -17.72 5.71 50.15
C LEU Q 288 -18.08 4.43 50.94
N LYS Q 289 -17.27 3.39 50.73
CA LYS Q 289 -17.49 2.10 51.39
C LYS Q 289 -16.74 2.02 52.71
N ASN Q 290 -17.46 1.62 53.76
CA ASN Q 290 -16.96 1.52 55.14
C ASN Q 290 -16.07 2.70 55.56
N TYR Q 291 -16.63 3.90 55.44
CA TYR Q 291 -15.92 5.17 55.68
C TYR Q 291 -15.40 5.29 57.12
N ASP Q 292 -14.16 5.78 57.24
CA ASP Q 292 -13.45 5.88 58.54
C ASP Q 292 -14.00 6.96 59.49
N GLY Q 293 -14.14 8.18 58.98
CA GLY Q 293 -14.62 9.30 59.78
C GLY Q 293 -16.07 9.19 60.21
N GLU Q 294 -16.35 9.65 61.42
CA GLU Q 294 -17.73 9.76 61.90
C GLU Q 294 -18.34 11.09 61.47
N ASN Q 295 -17.53 12.15 61.48
CA ASN Q 295 -17.98 13.50 61.10
C ASN Q 295 -18.18 13.66 59.58
N PRO Q 296 -19.32 14.26 59.18
CA PRO Q 296 -19.60 14.50 57.74
C PRO Q 296 -18.80 15.69 57.20
N LYS Q 297 -18.54 16.63 58.10
CA LYS Q 297 -17.74 17.83 57.85
C LYS Q 297 -16.33 17.45 57.44
N GLU Q 298 -15.74 16.53 58.21
CA GLU Q 298 -14.36 16.08 58.02
C GLU Q 298 -14.06 15.70 56.58
N PHE Q 299 -15.02 15.04 55.91
CA PHE Q 299 -14.80 14.57 54.54
C PHE Q 299 -14.60 15.70 53.54
N THR Q 300 -15.59 16.59 53.45
CA THR Q 300 -15.65 17.58 52.38
C THR Q 300 -14.52 18.59 52.45
N ALA Q 301 -14.07 18.87 53.66
CA ALA Q 301 -12.93 19.75 53.87
C ALA Q 301 -11.62 18.98 53.70
N ASN Q 302 -11.58 17.75 54.21
CA ASN Q 302 -10.36 16.95 54.21
C ASN Q 302 -9.93 16.58 52.80
N LEU Q 303 -10.91 16.41 51.92
CA LEU Q 303 -10.67 16.14 50.49
C LEU Q 303 -10.36 17.43 49.74
N ARG Q 304 -11.04 18.50 50.11
CA ARG Q 304 -10.98 19.77 49.41
C ARG Q 304 -9.70 20.53 49.70
N TYR Q 305 -9.14 20.38 50.89
CA TYR Q 305 -7.95 21.13 51.26
C TYR Q 305 -6.70 20.29 51.35
N HIS Q 306 -6.89 18.99 51.57
CA HIS Q 306 -5.79 18.07 51.57
C HIS Q 306 -6.12 16.97 50.59
N SER Q 307 -5.09 16.26 50.13
CA SER Q 307 -5.29 15.29 49.08
C SER Q 307 -6.02 14.05 49.59
N VAL Q 308 -6.32 14.00 50.88
CA VAL Q 308 -6.63 12.74 51.54
C VAL Q 308 -8.10 12.41 51.74
N ILE Q 309 -8.42 11.13 51.54
CA ILE Q 309 -9.64 10.51 52.07
C ILE Q 309 -9.22 9.31 52.93
N LYS Q 310 -9.66 9.32 54.19
CA LYS Q 310 -9.32 8.26 55.15
C LYS Q 310 -10.40 7.18 55.19
N VAL Q 311 -9.96 5.92 55.09
CA VAL Q 311 -10.87 4.77 55.08
C VAL Q 311 -10.35 3.65 55.99
N SER Q 312 -11.24 3.10 56.81
CA SER Q 312 -10.95 1.91 57.62
C SER Q 312 -11.79 0.70 57.19
N GLY Q 313 -11.77 -0.36 58.00
CA GLY Q 313 -12.43 -1.62 57.65
C GLY Q 313 -11.68 -2.25 56.49
N ASP Q 314 -12.42 -2.83 55.54
CA ASP Q 314 -11.79 -3.38 54.32
C ASP Q 314 -12.33 -2.63 53.11
N GLY Q 315 -12.86 -1.43 53.35
CA GLY Q 315 -13.54 -0.65 52.32
C GLY Q 315 -12.62 0.09 51.37
N GLY Q 316 -13.06 1.28 50.96
CA GLY Q 316 -12.33 2.09 50.00
C GLY Q 316 -13.19 3.15 49.36
N VAL Q 317 -12.69 3.74 48.28
CA VAL Q 317 -13.38 4.80 47.56
C VAL Q 317 -13.47 4.46 46.08
N ASP Q 318 -14.70 4.26 45.60
CA ASP Q 318 -14.93 4.15 44.16
C ASP Q 318 -15.41 5.49 43.64
N THR Q 319 -15.04 5.82 42.42
CA THR Q 319 -15.56 7.03 41.81
C THR Q 319 -16.54 6.64 40.71
N LEU Q 320 -17.56 7.47 40.52
CA LEU Q 320 -18.51 7.28 39.45
C LEU Q 320 -18.41 8.47 38.53
N ARG Q 321 -17.89 8.24 37.33
CA ARG Q 321 -17.79 9.34 36.36
C ARG Q 321 -18.78 9.14 35.22
N ALA Q 322 -19.28 10.25 34.67
CA ALA Q 322 -20.24 10.20 33.60
C ALA Q 322 -19.55 9.62 32.38
N GLU Q 323 -20.30 8.89 31.58
CA GLU Q 323 -19.78 8.46 30.32
C GLU Q 323 -20.21 9.52 29.32
N ILE Q 324 -19.33 9.79 28.36
CA ILE Q 324 -19.62 10.74 27.29
C ILE Q 324 -19.82 9.94 26.02
N PRO Q 325 -21.00 10.05 25.38
CA PRO Q 325 -21.24 9.24 24.21
C PRO Q 325 -20.76 9.87 22.92
N VAL Q 326 -19.55 10.40 22.89
CA VAL Q 326 -19.05 11.11 21.67
C VAL Q 326 -19.04 10.26 20.42
N ASP Q 327 -18.56 9.04 20.56
CA ASP Q 327 -18.43 8.12 19.44
C ASP Q 327 -19.76 7.80 18.78
N SER Q 328 -20.67 7.19 19.52
CA SER Q 328 -21.98 6.84 19.01
C SER Q 328 -22.69 8.07 18.47
N ALA Q 329 -22.62 9.17 19.20
CA ALA Q 329 -23.26 10.41 18.76
C ALA Q 329 -22.71 10.82 17.43
N ALA Q 330 -21.38 10.77 17.32
CA ALA Q 330 -20.69 11.27 16.13
C ALA Q 330 -21.15 10.50 14.92
N LYS Q 331 -21.34 9.20 15.11
CA LYS Q 331 -21.70 8.30 14.04
C LYS Q 331 -23.11 8.52 13.52
N GLU Q 332 -24.03 8.77 14.45
CA GLU Q 332 -25.42 9.02 14.11
C GLU Q 332 -25.53 10.37 13.45
N LEU Q 333 -24.84 11.33 14.03
CA LEU Q 333 -24.87 12.71 13.59
C LEU Q 333 -24.42 12.83 12.16
N GLU Q 334 -23.44 12.01 11.81
CA GLU Q 334 -22.98 11.86 10.44
C GLU Q 334 -24.12 11.57 9.45
N ARG Q 335 -24.85 10.47 9.69
CA ARG Q 335 -25.96 10.10 8.82
C ARG Q 335 -26.98 11.22 8.74
N ILE Q 336 -27.48 11.66 9.89
CA ILE Q 336 -28.49 12.73 9.93
C ILE Q 336 -28.09 13.89 9.03
N GLN Q 337 -26.81 14.25 9.10
CA GLN Q 337 -26.28 15.36 8.35
C GLN Q 337 -26.43 15.15 6.84
N ASP Q 338 -26.12 13.93 6.39
CA ASP Q 338 -26.19 13.56 5.00
C ASP Q 338 -27.65 13.59 4.58
N GLU Q 339 -28.53 13.04 5.42
CA GLU Q 339 -29.96 12.99 5.16
C GLU Q 339 -30.51 14.38 5.07
N LEU Q 340 -30.08 15.21 6.02
CA LEU Q 340 -30.44 16.60 6.12
C LEU Q 340 -30.30 17.29 4.77
N TYR Q 341 -29.13 17.13 4.16
CA TYR Q 341 -28.85 17.69 2.84
C TYR Q 341 -29.76 17.16 1.76
N LYS Q 342 -30.15 15.90 1.85
CA LYS Q 342 -31.04 15.32 0.87
C LYS Q 342 -32.43 15.83 1.13
N SER Q 343 -32.95 15.54 2.32
CA SER Q 343 -34.30 15.91 2.70
C SER Q 343 -34.61 17.38 2.42
N ALA Q 344 -33.59 18.22 2.40
CA ALA Q 344 -33.77 19.64 2.17
C ALA Q 344 -33.53 20.05 0.72
N GLN Q 345 -33.11 19.12 -0.13
CA GLN Q 345 -32.75 19.45 -1.51
C GLN Q 345 -31.71 20.57 -1.59
N ALA Q 346 -30.60 20.36 -0.90
CA ALA Q 346 -29.56 21.38 -0.79
C ALA Q 346 -28.30 20.97 -1.55
N VAL Q 347 -27.35 21.90 -1.64
CA VAL Q 347 -26.01 21.60 -2.12
C VAL Q 347 -25.03 21.65 -0.98
N ASP Q 348 -24.21 20.60 -0.86
CA ASP Q 348 -23.17 20.56 0.15
C ASP Q 348 -21.83 20.65 -0.54
N ASN Q 349 -21.19 21.80 -0.48
CA ASN Q 349 -19.88 21.91 -1.09
C ASN Q 349 -18.67 21.80 -0.14
N SER Q 350 -18.82 21.02 0.93
CA SER Q 350 -17.66 20.48 1.66
C SER Q 350 -16.74 19.84 0.64
N PRO Q 351 -15.42 19.76 0.94
CA PRO Q 351 -14.51 19.37 -0.16
C PRO Q 351 -14.50 17.84 -0.34
N GLU Q 352 -14.31 17.41 -1.58
CA GLU Q 352 -14.49 16.00 -1.87
C GLU Q 352 -13.27 15.14 -1.55
N THR Q 353 -13.36 14.33 -0.48
CA THR Q 353 -12.40 13.26 -0.22
C THR Q 353 -12.01 12.50 -1.49
N ILE Q 354 -13.01 12.16 -2.31
CA ILE Q 354 -12.78 11.48 -3.58
C ILE Q 354 -12.31 12.46 -4.67
N GLY Q 355 -11.36 12.00 -5.48
CA GLY Q 355 -10.77 12.81 -6.52
C GLY Q 355 -11.52 12.77 -7.84
N GLY Q 356 -12.81 13.07 -7.80
CA GLY Q 356 -13.58 13.19 -9.04
C GLY Q 356 -14.21 14.56 -9.22
N GLY Q 357 -14.68 15.13 -8.10
CA GLY Q 357 -15.54 16.32 -8.02
C GLY Q 357 -15.36 17.47 -9.00
N ALA Q 358 -14.31 17.45 -9.78
CA ALA Q 358 -14.03 18.56 -10.64
C ALA Q 358 -14.85 18.51 -11.92
N THR Q 359 -15.10 17.31 -12.45
CA THR Q 359 -15.68 17.16 -13.79
C THR Q 359 -17.09 17.65 -13.96
N GLY Q 360 -17.45 17.97 -15.19
CA GLY Q 360 -18.80 18.39 -15.54
C GLY Q 360 -19.92 17.62 -14.86
N PRO Q 361 -19.98 16.28 -15.07
CA PRO Q 361 -21.06 15.49 -14.49
C PRO Q 361 -21.00 15.45 -12.97
N ALA Q 362 -19.80 15.54 -12.42
CA ALA Q 362 -19.62 15.42 -10.99
C ALA Q 362 -20.19 16.64 -10.31
N LEU Q 363 -20.13 17.77 -11.01
CA LEU Q 363 -20.66 19.03 -10.52
C LEU Q 363 -22.15 19.09 -10.75
N GLU Q 364 -22.60 18.57 -11.88
CA GLU Q 364 -24.02 18.48 -12.17
C GLU Q 364 -24.78 17.68 -11.11
N LYS Q 365 -24.23 16.52 -10.76
CA LYS Q 365 -24.76 15.66 -9.69
C LYS Q 365 -24.87 16.41 -8.37
N LEU Q 366 -23.89 17.23 -8.08
CA LEU Q 366 -23.82 18.00 -6.83
C LEU Q 366 -25.03 18.95 -6.64
N TYR Q 367 -25.40 19.61 -7.73
CA TYR Q 367 -26.49 20.55 -7.73
C TYR Q 367 -27.83 19.93 -8.10
N ALA Q 368 -27.82 18.65 -8.44
CA ALA Q 368 -29.02 17.92 -8.86
C ALA Q 368 -30.26 18.20 -7.99
N LEU Q 369 -30.15 17.97 -6.68
CA LEU Q 369 -31.28 18.21 -5.81
C LEU Q 369 -31.72 19.65 -5.76
N LEU Q 370 -30.79 20.59 -5.62
CA LEU Q 370 -31.13 22.01 -5.55
C LEU Q 370 -31.78 22.49 -6.84
N ASP Q 371 -31.23 22.06 -7.98
CA ASP Q 371 -31.81 22.39 -9.27
C ASP Q 371 -33.27 21.97 -9.32
N LEU Q 372 -33.56 20.83 -8.70
CA LEU Q 372 -34.92 20.33 -8.51
C LEU Q 372 -35.73 21.39 -7.78
N LYS Q 373 -35.30 21.70 -6.56
CA LYS Q 373 -36.01 22.62 -5.67
C LYS Q 373 -36.18 23.99 -6.31
N ALA Q 374 -35.18 24.42 -7.08
CA ALA Q 374 -35.22 25.74 -7.69
C ALA Q 374 -36.30 25.83 -8.74
N ASN Q 375 -36.49 24.75 -9.50
CA ASN Q 375 -37.45 24.78 -10.60
C ASN Q 375 -38.90 24.95 -10.16
N MET Q 376 -39.33 24.19 -9.13
CA MET Q 376 -40.62 24.42 -8.48
C MET Q 376 -40.75 25.87 -8.07
N ALA Q 377 -39.85 26.29 -7.18
CA ALA Q 377 -39.83 27.64 -6.65
C ALA Q 377 -39.90 28.71 -7.74
N GLU Q 378 -39.19 28.50 -8.86
CA GLU Q 378 -39.29 29.43 -9.99
C GLU Q 378 -40.73 29.53 -10.48
N ARG Q 379 -41.33 28.39 -10.82
CA ARG Q 379 -42.71 28.34 -11.30
C ARG Q 379 -43.60 29.14 -10.38
N LYS Q 380 -43.48 28.86 -9.08
CA LYS Q 380 -44.29 29.50 -8.06
C LYS Q 380 -44.01 30.99 -7.92
N ILE Q 381 -42.75 31.38 -8.11
CA ILE Q 381 -42.36 32.78 -8.05
C ILE Q 381 -42.94 33.50 -9.25
N ARG Q 382 -42.69 32.96 -10.45
CA ARG Q 382 -43.21 33.52 -11.69
C ARG Q 382 -44.71 33.78 -11.61
N ALA Q 383 -45.45 32.81 -11.09
CA ALA Q 383 -46.88 32.88 -10.94
C ALA Q 383 -47.29 34.14 -10.19
N GLY Q 384 -46.63 34.38 -9.06
CA GLY Q 384 -46.86 35.58 -8.26
C GLY Q 384 -46.45 36.83 -9.01
N LEU Q 385 -45.30 36.76 -9.70
CA LEU Q 385 -44.73 37.91 -10.38
C LEU Q 385 -45.54 38.35 -11.59
N ARG Q 386 -46.05 37.38 -12.36
CA ARG Q 386 -46.93 37.69 -13.51
C ARG Q 386 -48.13 38.54 -13.08
N LEU Q 387 -48.77 38.10 -11.99
CA LEU Q 387 -49.90 38.81 -11.40
C LEU Q 387 -49.51 40.20 -10.92
N PHE Q 388 -48.28 40.34 -10.43
CA PHE Q 388 -47.75 41.63 -10.02
C PHE Q 388 -47.65 42.59 -11.20
N PHE Q 389 -47.30 42.05 -12.37
CA PHE Q 389 -47.18 42.89 -13.57
C PHE Q 389 -48.52 43.14 -14.25
N TRP Q 390 -49.52 42.34 -13.88
CA TRP Q 390 -50.90 42.61 -14.26
C TRP Q 390 -51.40 43.88 -13.60
N PHE Q 391 -51.08 44.02 -12.31
CA PHE Q 391 -51.46 45.19 -11.53
C PHE Q 391 -50.73 46.41 -12.02
N PHE Q 392 -49.45 46.26 -12.34
CA PHE Q 392 -48.69 47.35 -12.92
C PHE Q 392 -49.32 47.81 -14.23
N ALA Q 393 -49.85 46.86 -15.00
CA ALA Q 393 -50.53 47.16 -16.27
C ALA Q 393 -51.86 47.90 -16.07
N GLU Q 394 -52.60 47.52 -15.03
CA GLU Q 394 -53.81 48.22 -14.63
C GLU Q 394 -53.50 49.67 -14.32
N TYR Q 395 -52.47 49.89 -13.49
CA TYR Q 395 -52.01 51.23 -13.14
C TYR Q 395 -51.68 52.05 -14.39
N LEU Q 396 -50.97 51.42 -15.33
CA LEU Q 396 -50.54 52.09 -16.57
C LEU Q 396 -51.71 52.46 -17.48
N ARG Q 397 -52.70 51.57 -17.54
CA ARG Q 397 -53.93 51.80 -18.28
C ARG Q 397 -54.63 53.04 -17.73
N ASN Q 398 -54.75 53.11 -16.41
CA ASN Q 398 -55.52 54.16 -15.73
C ASN Q 398 -54.75 55.47 -15.54
N THR Q 399 -53.43 55.38 -15.48
CA THR Q 399 -52.58 56.56 -15.33
C THR Q 399 -52.34 57.23 -16.68
N GLY Q 400 -52.80 56.58 -17.75
CA GLY Q 400 -52.75 57.14 -19.10
C GLY Q 400 -51.39 57.04 -19.76
N LYS Q 401 -50.63 56.02 -19.39
CA LYS Q 401 -49.31 55.80 -19.97
C LYS Q 401 -49.32 54.61 -20.92
N GLY Q 402 -50.51 54.20 -21.35
CA GLY Q 402 -50.66 53.12 -22.32
C GLY Q 402 -51.32 51.87 -21.77
N ASP Q 403 -51.91 51.09 -22.67
CA ASP Q 403 -52.56 49.83 -22.32
C ASP Q 403 -51.72 48.65 -22.83
N PHE Q 404 -51.34 47.76 -21.92
CA PHE Q 404 -50.44 46.66 -22.25
C PHE Q 404 -50.98 45.29 -21.83
N ASN Q 405 -50.41 44.23 -22.40
CA ASN Q 405 -50.70 42.86 -21.98
C ASN Q 405 -49.43 42.11 -21.56
N PRO Q 406 -49.02 42.25 -20.29
CA PRO Q 406 -47.80 41.64 -19.76
C PRO Q 406 -47.74 40.15 -20.07
N ASP Q 407 -48.82 39.46 -19.72
CA ASP Q 407 -48.88 38.00 -19.83
C ASP Q 407 -48.47 37.44 -21.19
N LYS Q 408 -48.47 38.27 -22.22
CA LYS Q 408 -48.20 37.81 -23.58
C LYS Q 408 -47.07 38.58 -24.27
N GLU Q 409 -46.86 39.82 -23.84
CA GLU Q 409 -45.80 40.68 -24.40
C GLU Q 409 -44.47 40.54 -23.66
N LEU Q 410 -44.54 40.57 -22.32
CA LEU Q 410 -43.35 40.54 -21.46
C LEU Q 410 -42.84 39.13 -21.19
N THR Q 411 -41.52 38.96 -21.26
CA THR Q 411 -40.90 37.68 -20.89
C THR Q 411 -39.85 37.90 -19.79
N MET Q 412 -39.78 36.96 -18.87
CA MET Q 412 -38.87 37.08 -17.73
C MET Q 412 -37.70 36.10 -17.85
N THR Q 413 -36.56 36.48 -17.29
CA THR Q 413 -35.37 35.64 -17.32
C THR Q 413 -34.77 35.55 -15.94
N PHE Q 414 -34.74 34.33 -15.41
CA PHE Q 414 -34.01 34.04 -14.19
C PHE Q 414 -32.62 33.55 -14.52
N THR Q 415 -31.68 33.89 -13.66
CA THR Q 415 -30.30 33.51 -13.81
C THR Q 415 -29.88 32.66 -12.63
N ARG Q 416 -29.07 31.65 -12.89
CA ARG Q 416 -28.59 30.81 -11.79
C ARG Q 416 -27.09 30.75 -11.61
N THR Q 417 -26.67 30.95 -10.36
CA THR Q 417 -25.24 30.92 -9.98
C THR Q 417 -24.84 29.48 -9.75
N ARG Q 418 -24.34 28.87 -10.82
CA ARG Q 418 -24.04 27.46 -10.76
C ARG Q 418 -22.57 27.22 -10.94
N ILE Q 419 -21.99 26.34 -10.12
CA ILE Q 419 -20.55 26.09 -10.21
C ILE Q 419 -20.24 25.28 -11.47
N GLN Q 420 -19.26 25.73 -12.24
CA GLN Q 420 -18.93 25.06 -13.49
C GLN Q 420 -17.45 24.75 -13.58
N ASN Q 421 -17.09 23.94 -14.57
CA ASN Q 421 -15.71 23.72 -14.91
C ASN Q 421 -15.43 24.49 -16.17
N ASP Q 422 -15.08 25.76 -16.02
CA ASP Q 422 -14.95 26.68 -17.17
C ASP Q 422 -13.82 26.26 -18.12
N SER Q 423 -12.80 25.64 -17.57
CA SER Q 423 -11.66 25.15 -18.32
C SER Q 423 -12.09 24.05 -19.31
N GLU Q 424 -12.91 23.12 -18.81
CA GLU Q 424 -13.47 22.01 -19.58
C GLU Q 424 -14.43 22.48 -20.67
N ILE Q 425 -15.30 23.44 -20.36
CA ILE Q 425 -16.31 23.93 -21.32
C ILE Q 425 -15.63 24.61 -22.50
N VAL Q 426 -14.69 25.50 -22.20
CA VAL Q 426 -13.94 26.25 -23.23
C VAL Q 426 -13.28 25.31 -24.23
N GLN Q 427 -12.77 24.19 -23.74
CA GLN Q 427 -12.17 23.16 -24.59
C GLN Q 427 -13.20 22.48 -25.47
N SER Q 428 -14.24 21.94 -24.83
CA SER Q 428 -15.31 21.30 -25.56
C SER Q 428 -15.88 22.21 -26.63
N LEU Q 429 -16.13 23.47 -26.27
CA LEU Q 429 -16.63 24.43 -27.22
C LEU Q 429 -15.67 24.56 -28.39
N VAL Q 430 -14.39 24.80 -28.08
CA VAL Q 430 -13.35 24.93 -29.11
C VAL Q 430 -13.34 23.73 -30.04
N GLN Q 431 -13.45 22.55 -29.43
CA GLN Q 431 -13.47 21.27 -30.15
C GLN Q 431 -14.70 21.19 -31.04
N GLY Q 432 -15.84 21.59 -30.48
CA GLY Q 432 -17.09 21.62 -31.21
C GLY Q 432 -17.06 22.49 -32.44
N VAL Q 433 -16.47 23.67 -32.32
CA VAL Q 433 -16.41 24.62 -33.43
C VAL Q 433 -15.41 24.16 -34.49
N THR Q 434 -14.23 23.78 -34.03
CA THR Q 434 -13.21 23.21 -34.89
C THR Q 434 -13.76 22.02 -35.67
N GLY Q 435 -14.43 21.12 -34.96
CA GLY Q 435 -15.10 19.96 -35.55
C GLY Q 435 -16.17 20.30 -36.57
N GLY Q 436 -16.80 21.48 -36.40
CA GLY Q 436 -17.81 21.97 -37.32
C GLY Q 436 -19.23 21.62 -36.91
N ILE Q 437 -19.38 21.14 -35.68
CA ILE Q 437 -20.69 20.82 -35.14
C ILE Q 437 -21.33 22.02 -34.45
N MET Q 438 -20.72 23.19 -34.61
CA MET Q 438 -21.15 24.37 -33.86
C MET Q 438 -20.80 25.67 -34.50
N SER Q 439 -21.76 26.59 -34.46
CA SER Q 439 -21.56 27.98 -34.88
C SER Q 439 -20.79 28.72 -33.80
N LYS Q 440 -19.91 29.64 -34.23
CA LYS Q 440 -19.15 30.46 -33.30
C LYS Q 440 -20.13 31.27 -32.46
N GLU Q 441 -21.24 31.67 -33.09
CA GLU Q 441 -22.30 32.40 -32.41
C GLU Q 441 -22.72 31.69 -31.14
N THR Q 442 -23.27 30.49 -31.30
CA THR Q 442 -23.74 29.69 -30.19
C THR Q 442 -22.62 29.52 -29.17
N ALA Q 443 -21.42 29.24 -29.66
CA ALA Q 443 -20.27 28.99 -28.79
C ALA Q 443 -19.94 30.21 -27.91
N VAL Q 444 -19.90 31.39 -28.53
CA VAL Q 444 -19.66 32.65 -27.81
C VAL Q 444 -20.67 32.83 -26.69
N ALA Q 445 -21.93 32.50 -26.96
CA ALA Q 445 -23.02 32.63 -26.00
C ALA Q 445 -22.93 31.59 -24.90
N ARG Q 446 -22.27 30.48 -25.21
CA ARG Q 446 -22.08 29.38 -24.26
C ARG Q 446 -20.78 29.47 -23.44
N ASN Q 447 -19.85 30.32 -23.90
CA ASN Q 447 -18.57 30.60 -23.24
C ASN Q 447 -18.77 31.18 -21.84
N PRO Q 448 -18.15 30.55 -20.82
CA PRO Q 448 -18.28 30.98 -19.42
C PRO Q 448 -17.57 32.28 -19.08
N PHE Q 449 -16.78 32.82 -20.00
CA PHE Q 449 -16.12 34.11 -19.76
C PHE Q 449 -16.87 35.24 -20.45
N VAL Q 450 -18.10 34.97 -20.88
CA VAL Q 450 -18.87 35.97 -21.60
C VAL Q 450 -20.14 36.33 -20.82
N GLN Q 451 -20.30 37.63 -20.58
CA GLN Q 451 -21.50 38.20 -19.95
C GLN Q 451 -22.58 38.52 -21.00
N ASP Q 452 -22.26 39.39 -21.97
CA ASP Q 452 -23.19 39.74 -23.05
C ASP Q 452 -22.71 39.25 -24.42
N PRO Q 453 -23.36 38.21 -24.97
CA PRO Q 453 -23.03 37.63 -26.28
C PRO Q 453 -23.07 38.63 -27.42
N GLU Q 454 -23.95 39.62 -27.32
CA GLU Q 454 -24.08 40.63 -28.37
C GLU Q 454 -22.79 41.42 -28.53
N GLU Q 455 -22.30 41.98 -27.43
CA GLU Q 455 -21.08 42.79 -27.44
C GLU Q 455 -19.84 41.99 -27.89
N GLU Q 456 -19.74 40.73 -27.45
CA GLU Q 456 -18.56 39.90 -27.72
C GLU Q 456 -18.54 39.34 -29.15
N LEU Q 457 -19.72 39.06 -29.71
CA LEU Q 457 -19.82 38.61 -31.10
C LEU Q 457 -19.40 39.75 -32.03
N ALA Q 458 -19.73 40.97 -31.61
CA ALA Q 458 -19.34 42.19 -32.33
C ALA Q 458 -17.86 42.55 -32.15
N ARG Q 459 -17.35 42.32 -30.94
CA ARG Q 459 -15.96 42.62 -30.64
C ARG Q 459 -15.04 41.76 -31.50
N ILE Q 460 -15.41 40.48 -31.66
CA ILE Q 460 -14.64 39.50 -32.42
C ILE Q 460 -14.62 39.84 -33.91
N GLU Q 461 -15.72 40.42 -34.40
CA GLU Q 461 -15.80 40.83 -35.79
C GLU Q 461 -14.85 42.00 -36.05
N GLU Q 462 -14.94 43.02 -35.20
CA GLU Q 462 -14.11 44.23 -35.33
C GLU Q 462 -12.62 43.93 -35.10
N GLU Q 463 -12.34 42.84 -34.37
CA GLU Q 463 -10.96 42.35 -34.25
C GLU Q 463 -10.48 41.83 -35.61
N MET Q 464 -11.30 40.99 -36.23
CA MET Q 464 -11.02 40.41 -37.54
C MET Q 464 -10.84 41.47 -38.64
N ASN Q 465 -11.74 42.45 -38.68
CA ASN Q 465 -11.69 43.54 -39.67
C ASN Q 465 -10.47 44.46 -39.51
N GLN Q 466 -9.77 44.29 -38.39
CA GLN Q 466 -8.48 44.92 -38.17
C GLN Q 466 -7.38 43.93 -38.57
N TYR Q 467 -7.46 42.69 -38.08
CA TYR Q 467 -6.49 41.63 -38.44
C TYR Q 467 -6.88 40.86 -39.71
N UNK R 1 -63.94 38.31 -2.30
CA UNK R 1 -62.73 38.00 -1.48
C UNK R 1 -62.23 39.23 -0.73
N UNK R 2 -62.54 39.29 0.56
CA UNK R 2 -61.87 40.23 1.47
C UNK R 2 -60.41 39.77 1.79
N UNK R 3 -59.69 40.61 2.53
CA UNK R 3 -58.33 40.30 2.98
C UNK R 3 -57.94 41.25 4.10
N UNK R 4 -57.72 40.73 5.29
CA UNK R 4 -57.56 41.59 6.47
C UNK R 4 -56.20 41.48 7.12
N UNK R 5 -55.60 42.63 7.41
CA UNK R 5 -54.31 42.67 8.11
C UNK R 5 -54.49 43.02 9.58
N UNK R 6 -53.96 42.18 10.47
CA UNK R 6 -53.95 42.46 11.92
C UNK R 6 -52.56 42.94 12.39
N UNK R 7 -52.41 44.26 12.44
CA UNK R 7 -51.19 44.89 12.94
C UNK R 7 -51.36 45.23 14.43
N UNK R 8 -50.25 45.54 15.10
CA UNK R 8 -50.26 45.96 16.49
C UNK R 8 -49.05 46.86 16.79
N UNK R 9 -49.28 48.16 16.95
CA UNK R 9 -48.19 49.13 17.07
C UNK R 9 -48.08 49.79 18.46
N UNK R 10 -47.05 49.41 19.22
CA UNK R 10 -46.79 49.98 20.54
C UNK R 10 -46.20 51.38 20.44
N UNK R 11 -46.84 52.35 21.09
CA UNK R 11 -46.44 53.76 21.01
C UNK R 11 -45.25 54.11 21.94
N UNK R 12 -44.86 55.39 21.91
CA UNK R 12 -43.80 55.92 22.78
C UNK R 12 -44.06 55.59 24.25
N UNK R 13 -45.36 55.56 24.59
CA UNK R 13 -45.84 55.20 25.92
C UNK R 13 -46.74 53.93 25.87
N UNK R 14 -47.92 54.07 25.26
CA UNK R 14 -48.97 53.04 25.28
C UNK R 14 -48.75 51.86 24.31
N UNK R 15 -49.85 51.24 23.88
CA UNK R 15 -49.85 50.18 22.86
C UNK R 15 -51.21 50.11 22.17
N UNK R 16 -51.24 50.45 20.88
CA UNK R 16 -52.46 50.35 20.08
C UNK R 16 -52.55 49.00 19.35
N UNK R 17 -53.73 48.69 18.82
CA UNK R 17 -53.96 47.40 18.14
C UNK R 17 -54.91 47.52 16.94
N UNK R 18 -54.46 48.20 15.88
CA UNK R 18 -55.28 48.47 14.69
C UNK R 18 -55.49 47.23 13.78
N UNK R 19 -56.20 47.45 12.68
CA UNK R 19 -56.44 46.43 11.65
C UNK R 19 -56.94 47.09 10.35
N UNK R 20 -56.84 46.36 9.24
CA UNK R 20 -57.22 46.88 7.92
C UNK R 20 -57.95 45.82 7.11
N UNK R 21 -58.94 46.22 6.34
CA UNK R 21 -59.70 45.27 5.52
C UNK R 21 -59.71 45.68 4.07
N UNK R 22 -58.97 44.93 3.25
CA UNK R 22 -58.84 45.25 1.83
C UNK R 22 -59.94 44.58 0.99
N UNK R 23 -60.80 45.39 0.38
CA UNK R 23 -61.86 44.89 -0.50
C UNK R 23 -61.63 45.28 -1.96
N UNK R 24 -62.34 44.64 -2.88
CA UNK R 24 -62.17 44.85 -4.32
C UNK R 24 -62.27 46.31 -4.78
N UNK R 25 -62.90 47.16 -3.96
CA UNK R 25 -63.15 48.57 -4.28
C UNK R 25 -62.42 49.56 -3.38
N UNK R 26 -62.31 49.25 -2.08
CA UNK R 26 -61.72 50.16 -1.09
C UNK R 26 -60.95 49.46 0.04
N UNK R 27 -60.54 50.21 1.07
CA UNK R 27 -59.63 49.72 2.11
C UNK R 27 -59.89 50.29 3.52
N UNK R 28 -61.07 49.98 4.06
CA UNK R 28 -61.51 50.44 5.39
C UNK R 28 -60.57 50.03 6.55
N UNK R 29 -60.39 50.93 7.52
CA UNK R 29 -59.50 50.66 8.67
C UNK R 29 -60.20 50.04 9.89
N UNK R 30 -59.55 50.18 11.07
CA UNK R 30 -60.09 49.73 12.36
C UNK R 30 -58.98 49.71 13.42
N PRO S 29 -41.26 68.59 21.38
CA PRO S 29 -41.12 67.25 21.98
C PRO S 29 -41.20 67.29 23.52
N ASP S 30 -41.36 66.12 24.13
CA ASP S 30 -41.54 66.02 25.58
C ASP S 30 -40.27 65.54 26.26
N THR S 31 -40.04 65.96 27.50
CA THR S 31 -38.87 65.53 28.27
C THR S 31 -39.12 64.23 29.06
N THR S 32 -40.36 64.01 29.50
CA THR S 32 -40.72 62.80 30.25
C THR S 32 -40.70 61.56 29.37
N MET S 33 -41.14 61.75 28.12
CA MET S 33 -41.17 60.68 27.13
C MET S 33 -39.74 60.28 26.80
N ILE S 34 -38.84 61.27 26.80
CA ILE S 34 -37.41 61.06 26.56
C ILE S 34 -36.85 60.07 27.58
N GLN S 35 -37.20 60.29 28.85
CA GLN S 35 -36.82 59.41 29.93
C GLN S 35 -37.33 57.97 29.72
N LYS S 36 -38.62 57.84 29.37
CA LYS S 36 -39.23 56.54 29.11
C LYS S 36 -38.46 55.79 28.04
N LEU S 37 -38.22 56.50 26.94
CA LEU S 37 -37.49 55.94 25.79
C LEU S 37 -36.13 55.45 26.21
N ILE S 38 -35.39 56.29 26.94
CA ILE S 38 -34.09 55.93 27.47
C ILE S 38 -34.15 54.75 28.46
N ASP S 39 -35.08 54.80 29.40
CA ASP S 39 -35.16 53.78 30.46
C ASP S 39 -35.71 52.46 29.97
N GLU S 40 -36.60 52.52 28.99
CA GLU S 40 -37.09 51.33 28.31
C GLU S 40 -36.04 50.69 27.34
N HIS S 41 -35.18 51.53 26.77
CA HIS S 41 -34.09 51.08 25.88
C HIS S 41 -33.09 50.14 26.58
N ASN S 42 -32.61 49.14 25.83
CA ASN S 42 -31.56 48.25 26.33
C ASN S 42 -30.52 47.87 25.27
N PRO S 43 -29.25 48.15 25.55
CA PRO S 43 -28.20 47.84 24.59
C PRO S 43 -27.67 46.40 24.67
N GLU S 44 -28.07 45.61 25.65
CA GLU S 44 -27.51 44.25 25.73
C GLU S 44 -27.59 43.45 24.40
N PRO S 45 -28.75 43.53 23.67
CA PRO S 45 -28.80 42.80 22.39
C PRO S 45 -27.80 43.33 21.38
N LEU S 46 -27.59 44.65 21.34
CA LEU S 46 -26.69 45.21 20.35
C LEU S 46 -25.23 45.09 20.75
N LEU S 47 -24.97 44.84 22.02
CA LEU S 47 -23.57 44.72 22.45
C LEU S 47 -23.04 43.28 22.38
N LYS S 48 -23.97 42.33 22.43
CA LYS S 48 -23.66 40.90 22.33
C LYS S 48 -22.53 40.64 21.33
N GLY S 49 -22.76 40.99 20.07
CA GLY S 49 -21.75 40.75 19.02
C GLY S 49 -20.41 41.40 19.32
N VAL S 50 -20.44 42.67 19.72
CA VAL S 50 -19.25 43.43 20.09
C VAL S 50 -18.42 42.76 21.19
N ARG S 51 -19.11 42.21 22.20
CA ARG S 51 -18.45 41.50 23.31
C ARG S 51 -17.76 40.22 22.80
N TYR S 52 -18.46 39.43 21.98
CA TYR S 52 -17.85 38.26 21.39
C TYR S 52 -16.70 38.62 20.42
N TYR S 53 -16.92 39.58 19.54
CA TYR S 53 -15.81 40.09 18.73
C TYR S 53 -14.58 40.41 19.58
N MET S 54 -14.78 40.78 20.85
CA MET S 54 -13.68 41.13 21.74
C MET S 54 -13.19 39.99 22.68
N CYS S 55 -13.53 38.74 22.32
CA CYS S 55 -13.35 37.61 23.25
C CYS S 55 -13.75 37.98 24.71
N GLU S 56 -14.95 38.54 24.83
CA GLU S 56 -15.61 38.55 26.12
C GLU S 56 -16.78 37.59 25.92
N ASN S 57 -16.53 36.29 25.99
CA ASN S 57 -17.65 35.40 25.73
C ASN S 57 -18.42 34.97 27.00
N ASP S 58 -19.68 34.56 26.84
CA ASP S 58 -20.52 34.20 28.01
C ASP S 58 -19.77 33.30 28.95
N ILE S 59 -18.70 32.72 28.47
CA ILE S 59 -17.97 31.73 29.24
C ILE S 59 -17.10 32.39 30.30
N GLU S 60 -16.84 33.68 30.14
CA GLU S 60 -16.11 34.41 31.18
C GLU S 60 -16.96 34.54 32.47
N LYS S 61 -18.18 34.02 32.46
CA LYS S 61 -19.05 33.98 33.61
C LYS S 61 -18.94 32.63 34.31
N LYS S 62 -18.24 31.68 33.70
CA LYS S 62 -18.12 30.32 34.26
C LYS S 62 -17.30 30.33 35.56
N ARG S 63 -17.81 29.66 36.59
CA ARG S 63 -17.14 29.62 37.88
C ARG S 63 -17.29 28.24 38.48
N ARG S 64 -16.29 27.78 39.23
CA ARG S 64 -16.37 26.45 39.80
C ARG S 64 -16.95 26.38 41.23
N THR S 65 -18.20 25.95 41.33
CA THR S 65 -18.92 26.06 42.59
C THR S 65 -18.93 24.73 43.37
N TYR S 66 -19.61 24.74 44.53
CA TYR S 66 -19.80 23.58 45.40
C TYR S 66 -20.86 23.95 46.45
N TYR S 67 -21.25 22.99 47.30
CA TYR S 67 -22.33 23.26 48.27
C TYR S 67 -21.91 23.21 49.73
N ASP S 68 -22.40 24.20 50.48
CA ASP S 68 -22.06 24.38 51.88
C ASP S 68 -22.77 23.38 52.76
N ALA S 69 -22.83 23.70 54.05
CA ALA S 69 -23.58 22.93 55.03
C ALA S 69 -25.02 22.73 54.56
N ALA S 70 -25.84 23.77 54.71
CA ALA S 70 -27.24 23.74 54.30
C ALA S 70 -27.42 24.19 52.84
N GLY S 71 -26.69 23.54 51.94
CA GLY S 71 -26.85 23.76 50.50
C GLY S 71 -26.76 25.20 50.01
N GLN S 72 -25.74 25.91 50.45
CA GLN S 72 -25.46 27.26 49.94
C GLN S 72 -24.38 27.27 48.82
N GLN S 73 -24.85 27.35 47.57
CA GLN S 73 -23.93 27.29 46.42
C GLN S 73 -22.85 28.38 46.47
N LEU S 74 -21.58 27.95 46.41
CA LEU S 74 -20.45 28.83 46.67
C LEU S 74 -19.31 28.48 45.72
N VAL S 75 -18.60 29.49 45.24
CA VAL S 75 -17.38 29.29 44.44
C VAL S 75 -16.31 28.67 45.32
N ASP S 76 -15.43 27.83 44.79
CA ASP S 76 -14.38 27.30 45.65
C ASP S 76 -12.95 27.58 45.24
N ASP S 77 -12.23 28.23 46.15
CA ASP S 77 -10.86 28.70 45.94
C ASP S 77 -9.85 27.58 45.72
N THR S 78 -10.30 26.35 45.96
CA THR S 78 -9.48 25.15 45.80
C THR S 78 -9.01 24.95 44.38
N LYS S 79 -9.94 25.04 43.44
CA LYS S 79 -9.71 24.64 42.04
C LYS S 79 -9.51 25.83 41.13
N THR S 80 -8.66 25.67 40.11
CA THR S 80 -8.52 26.72 39.09
C THR S 80 -9.77 26.73 38.23
N ASN S 81 -10.19 27.91 37.80
CA ASN S 81 -11.39 28.03 37.00
C ASN S 81 -11.00 28.61 35.68
N ASN S 82 -10.57 27.75 34.78
CA ASN S 82 -10.21 28.17 33.44
C ASN S 82 -11.46 28.57 32.69
N ARG S 83 -11.43 29.75 32.05
CA ARG S 83 -12.50 30.09 31.11
C ARG S 83 -12.02 30.75 29.84
N THR S 84 -11.89 29.90 28.80
CA THR S 84 -11.30 30.26 27.50
C THR S 84 -12.39 30.67 26.48
N SER S 85 -12.26 31.86 25.91
CA SER S 85 -13.29 32.33 25.01
C SER S 85 -12.72 32.54 23.62
N HIS S 86 -13.24 31.79 22.65
CA HIS S 86 -12.66 31.72 21.29
C HIS S 86 -12.97 32.88 20.29
N ALA S 87 -11.92 33.35 19.60
CA ALA S 87 -12.03 34.52 18.72
C ALA S 87 -12.75 34.22 17.41
N TRP S 88 -13.53 33.14 17.41
CA TRP S 88 -14.16 32.60 16.19
C TRP S 88 -14.98 33.66 15.46
N HIS S 89 -15.78 34.39 16.24
CA HIS S 89 -16.66 35.41 15.73
C HIS S 89 -15.91 36.54 15.12
N LYS S 90 -14.81 36.93 15.75
CA LYS S 90 -14.05 38.04 15.22
C LYS S 90 -13.42 37.67 13.89
N LEU S 91 -12.96 36.42 13.80
CA LEU S 91 -12.31 35.90 12.61
C LEU S 91 -13.28 35.95 11.44
N PHE S 92 -14.52 35.48 11.66
CA PHE S 92 -15.52 35.46 10.60
C PHE S 92 -15.90 36.86 10.17
N VAL S 93 -16.13 37.74 11.14
CA VAL S 93 -16.56 39.11 10.87
C VAL S 93 -15.53 39.83 10.02
N ASP S 94 -14.27 39.78 10.46
CA ASP S 94 -13.15 40.36 9.73
C ASP S 94 -13.06 39.90 8.28
N GLN S 95 -13.25 38.58 8.12
CA GLN S 95 -13.26 37.94 6.82
C GLN S 95 -14.38 38.51 5.95
N LYS S 96 -15.59 38.60 6.50
CA LYS S 96 -16.73 39.20 5.79
C LYS S 96 -16.47 40.66 5.42
N THR S 97 -15.97 41.42 6.38
CA THR S 97 -15.68 42.83 6.20
C THR S 97 -14.70 42.94 5.04
N GLN S 98 -13.51 42.37 5.20
CA GLN S 98 -12.45 42.47 4.17
C GLN S 98 -12.93 42.10 2.75
N TYR S 99 -13.78 41.08 2.67
CA TYR S 99 -14.28 40.56 1.41
C TYR S 99 -15.18 41.57 0.70
N LEU S 100 -16.03 42.23 1.45
CA LEU S 100 -16.94 43.17 0.82
C LEU S 100 -16.27 44.50 0.56
N VAL S 101 -15.52 44.99 1.54
CA VAL S 101 -15.14 46.39 1.55
C VAL S 101 -13.61 46.60 1.62
N GLY S 102 -12.86 45.50 1.78
CA GLY S 102 -11.39 45.57 1.80
C GLY S 102 -10.79 46.33 0.63
N GLU S 103 -11.32 46.11 -0.57
CA GLU S 103 -10.99 46.93 -1.72
C GLU S 103 -12.03 48.02 -1.82
N PRO S 104 -11.57 49.27 -1.90
CA PRO S 104 -12.37 50.46 -2.04
C PRO S 104 -13.50 50.31 -3.05
N VAL S 105 -14.68 50.84 -2.71
CA VAL S 105 -15.78 50.93 -3.67
C VAL S 105 -15.52 51.94 -4.81
N THR S 106 -15.88 51.54 -6.03
CA THR S 106 -15.62 52.29 -7.27
C THR S 106 -16.91 52.80 -7.85
N PHE S 107 -16.95 54.07 -8.26
CA PHE S 107 -18.21 54.64 -8.71
C PHE S 107 -18.14 55.00 -10.16
N THR S 108 -19.28 54.90 -10.85
CA THR S 108 -19.33 55.31 -12.26
C THR S 108 -20.62 56.02 -12.58
N SER S 109 -20.55 57.09 -13.35
CA SER S 109 -21.73 57.71 -13.93
C SER S 109 -21.33 58.43 -15.21
N ASP S 110 -22.30 59.00 -15.93
CA ASP S 110 -21.99 59.82 -17.09
C ASP S 110 -22.00 61.29 -16.72
N ASN S 111 -22.45 61.57 -15.49
CA ASN S 111 -22.40 62.92 -14.97
C ASN S 111 -21.04 63.10 -14.31
N LYS S 112 -20.13 63.70 -15.09
CA LYS S 112 -18.73 63.84 -14.70
C LYS S 112 -18.46 64.83 -13.58
N THR S 113 -19.32 65.85 -13.47
CA THR S 113 -19.25 66.81 -12.37
C THR S 113 -19.65 66.15 -11.06
N LEU S 114 -20.68 65.32 -11.12
CA LEU S 114 -21.12 64.56 -9.98
C LEU S 114 -19.98 63.62 -9.64
N LEU S 115 -19.48 62.93 -10.65
CA LEU S 115 -18.50 61.89 -10.43
C LEU S 115 -17.33 62.45 -9.65
N GLU S 116 -16.87 63.64 -10.08
CA GLU S 116 -15.78 64.36 -9.41
C GLU S 116 -16.14 64.60 -7.95
N TYR S 117 -17.25 65.29 -7.70
CA TYR S 117 -17.65 65.60 -6.31
C TYR S 117 -17.71 64.36 -5.44
N VAL S 118 -18.19 63.23 -5.98
CA VAL S 118 -18.34 62.01 -5.21
C VAL S 118 -16.97 61.43 -4.85
N ASN S 119 -16.02 61.57 -5.81
CA ASN S 119 -14.69 61.01 -5.66
C ASN S 119 -13.85 61.78 -4.67
N GLU S 120 -13.96 63.13 -4.78
CA GLU S 120 -13.43 64.03 -3.75
C GLU S 120 -13.87 63.56 -2.35
N LEU S 121 -15.17 63.23 -2.25
CA LEU S 121 -15.81 62.94 -0.96
C LEU S 121 -15.40 61.59 -0.42
N ALA S 122 -15.23 60.66 -1.34
CA ALA S 122 -15.26 59.30 -0.92
C ALA S 122 -14.23 58.44 -1.60
N ASP S 123 -12.99 58.47 -1.09
CA ASP S 123 -12.09 57.44 -1.60
C ASP S 123 -10.91 57.08 -0.71
N ASP S 124 -10.82 57.68 0.50
CA ASP S 124 -9.72 57.34 1.41
C ASP S 124 -10.09 57.19 2.88
N ASP S 125 -10.70 58.21 3.45
CA ASP S 125 -11.18 58.17 4.84
C ASP S 125 -12.51 57.46 4.89
N PHE S 126 -13.24 57.60 3.79
CA PHE S 126 -14.51 56.97 3.56
C PHE S 126 -14.37 55.46 3.53
N ASP S 127 -13.25 54.96 2.98
CA ASP S 127 -13.03 53.52 2.83
C ASP S 127 -12.79 52.92 4.22
N ASP S 128 -11.94 53.60 4.99
CA ASP S 128 -11.51 53.16 6.31
C ASP S 128 -12.67 53.20 7.30
N ILE S 129 -13.61 54.12 7.09
CA ILE S 129 -14.84 54.24 7.88
C ILE S 129 -15.81 53.13 7.49
N LEU S 130 -16.19 53.06 6.22
CA LEU S 130 -17.09 52.00 5.74
C LEU S 130 -16.65 50.62 6.26
N ASN S 131 -15.35 50.38 6.31
CA ASN S 131 -14.82 49.14 6.87
C ASN S 131 -15.25 48.98 8.32
N GLU S 132 -15.22 50.08 9.06
CA GLU S 132 -15.61 50.06 10.47
C GLU S 132 -17.11 49.94 10.62
N THR S 133 -17.85 50.35 9.61
CA THR S 133 -19.29 50.21 9.58
C THR S 133 -19.71 48.77 9.35
N VAL S 134 -19.11 48.11 8.37
CA VAL S 134 -19.47 46.72 8.08
C VAL S 134 -19.24 45.78 9.30
N LYS S 135 -18.07 45.88 9.91
CA LYS S 135 -17.72 45.16 11.14
C LYS S 135 -18.73 45.50 12.21
N ASN S 136 -19.04 46.79 12.34
CA ASN S 136 -20.00 47.26 13.32
C ASN S 136 -21.38 46.68 13.08
N MET S 137 -21.83 46.67 11.83
CA MET S 137 -23.16 46.16 11.53
C MET S 137 -23.28 44.63 11.66
N SER S 138 -22.14 43.94 11.69
CA SER S 138 -22.14 42.51 11.88
C SER S 138 -22.11 42.23 13.37
N ASN S 139 -21.42 43.07 14.14
CA ASN S 139 -21.44 42.87 15.58
C ASN S 139 -22.79 43.28 16.18
N LYS S 140 -23.28 44.47 15.81
CA LYS S 140 -24.48 45.04 16.42
C LYS S 140 -25.81 44.58 15.78
N GLY S 141 -25.83 44.45 14.47
CA GLY S 141 -27.03 44.03 13.75
C GLY S 141 -27.55 45.18 12.93
N ILE S 142 -26.99 46.36 13.22
CA ILE S 142 -27.31 47.60 12.52
C ILE S 142 -26.25 48.66 12.85
N GLU S 143 -25.97 49.54 11.91
CA GLU S 143 -25.12 50.67 12.23
C GLU S 143 -25.63 51.88 11.51
N TYR S 144 -25.84 52.93 12.30
CA TYR S 144 -26.31 54.19 11.79
C TYR S 144 -25.13 55.08 11.75
N TRP S 145 -25.16 56.04 10.82
CA TRP S 145 -24.15 57.07 10.77
C TRP S 145 -24.79 58.36 10.19
N HIS S 146 -24.39 59.53 10.72
CA HIS S 146 -25.13 60.81 10.53
C HIS S 146 -24.42 61.86 9.68
N PRO S 147 -25.11 62.38 8.64
CA PRO S 147 -24.59 63.42 7.75
C PRO S 147 -24.85 64.81 8.30
N PHE S 148 -23.85 65.68 8.20
CA PHE S 148 -23.95 66.99 8.81
C PHE S 148 -22.96 67.96 8.19
N VAL S 149 -23.33 69.23 8.13
CA VAL S 149 -22.49 70.27 7.53
C VAL S 149 -21.51 70.87 8.54
N ASP S 150 -20.23 70.89 8.17
CA ASP S 150 -19.11 71.33 9.02
C ASP S 150 -19.20 72.80 9.45
N GLU S 151 -18.45 73.13 10.50
CA GLU S 151 -18.32 74.51 10.95
C GLU S 151 -17.71 75.34 9.82
N GLU S 152 -16.84 74.71 9.04
CA GLU S 152 -16.23 75.34 7.86
C GLU S 152 -17.21 75.43 6.68
N GLY S 153 -18.33 74.70 6.78
CA GLY S 153 -19.39 74.74 5.76
C GLY S 153 -19.35 73.59 4.77
N GLU S 154 -18.47 72.61 5.02
CA GLU S 154 -18.30 71.48 4.09
C GLU S 154 -19.11 70.30 4.56
N PHE S 155 -19.41 69.39 3.63
CA PHE S 155 -20.18 68.16 3.95
C PHE S 155 -19.34 67.14 4.71
N ASP S 156 -19.93 66.60 5.78
CA ASP S 156 -19.24 65.66 6.64
C ASP S 156 -20.16 64.52 7.06
N TYR S 157 -19.58 63.46 7.59
CA TYR S 157 -20.34 62.30 8.03
C TYR S 157 -19.56 61.66 9.16
N VAL S 158 -20.26 61.23 10.19
CA VAL S 158 -19.65 60.64 11.36
C VAL S 158 -20.55 59.51 11.80
N ILE S 159 -19.92 58.43 12.27
CA ILE S 159 -20.65 57.25 12.73
C ILE S 159 -21.48 57.54 13.98
N PHE S 160 -22.73 57.09 13.98
CA PHE S 160 -23.63 57.24 15.12
C PHE S 160 -23.96 55.89 15.76
N PRO S 161 -23.09 55.42 16.68
CA PRO S 161 -23.16 54.04 17.20
C PRO S 161 -24.59 53.63 17.52
N ALA S 162 -25.02 52.50 16.94
CA ALA S 162 -26.44 52.12 16.99
C ALA S 162 -26.96 51.91 18.42
N GLU S 163 -26.05 51.53 19.32
CA GLU S 163 -26.45 51.24 20.69
C GLU S 163 -26.65 52.50 21.52
N GLU S 164 -26.60 53.65 20.87
CA GLU S 164 -26.90 54.93 21.50
C GLU S 164 -28.06 55.60 20.80
N MET S 165 -28.60 54.92 19.80
CA MET S 165 -29.70 55.45 19.02
C MET S 165 -31.05 54.87 19.42
N ILE S 166 -32.10 55.69 19.28
CA ILE S 166 -33.47 55.25 19.51
C ILE S 166 -34.34 55.81 18.37
N VAL S 167 -34.98 54.91 17.62
CA VAL S 167 -35.66 55.28 16.38
C VAL S 167 -37.11 54.82 16.31
N VAL S 168 -38.04 55.77 16.17
CA VAL S 168 -39.44 55.41 15.91
C VAL S 168 -39.99 56.21 14.74
N TYR S 169 -40.90 55.60 13.97
CA TYR S 169 -41.52 56.25 12.83
C TYR S 169 -43.01 55.89 12.71
N TRP S 239 -33.59 68.85 5.82
CA TRP S 239 -33.29 67.86 4.80
C TRP S 239 -34.52 67.25 4.11
N GLY S 240 -35.64 67.24 4.82
CA GLY S 240 -36.90 66.68 4.29
C GLY S 240 -37.22 65.34 4.91
N ARG S 241 -36.31 64.39 4.71
CA ARG S 241 -36.37 63.10 5.40
C ARG S 241 -35.71 63.23 6.78
N VAL S 242 -36.01 62.29 7.68
CA VAL S 242 -35.23 62.18 8.92
C VAL S 242 -33.70 62.09 8.58
N PRO S 243 -32.85 62.71 9.43
CA PRO S 243 -31.42 62.96 9.09
C PRO S 243 -30.39 61.88 9.47
N ILE S 244 -30.74 60.59 9.46
CA ILE S 244 -29.75 59.53 9.74
C ILE S 244 -29.83 58.31 8.82
N ILE S 245 -28.68 57.68 8.58
CA ILE S 245 -28.55 56.63 7.56
C ILE S 245 -28.35 55.21 8.13
N PRO S 246 -29.40 54.37 8.08
CA PRO S 246 -29.25 52.97 8.47
C PRO S 246 -28.46 52.10 7.48
N PHE S 247 -27.49 51.36 8.03
CA PHE S 247 -26.87 50.23 7.37
C PHE S 247 -27.35 49.00 8.12
N LYS S 248 -28.31 48.29 7.54
CA LYS S 248 -28.89 47.10 8.15
C LYS S 248 -28.07 45.85 7.85
N ASN S 249 -27.67 45.12 8.88
CA ASN S 249 -27.00 43.85 8.67
C ASN S 249 -27.90 42.84 7.98
N ASN S 250 -29.14 42.74 8.44
CA ASN S 250 -30.12 41.81 7.88
C ASN S 250 -31.42 42.49 7.55
N GLU S 251 -32.48 41.70 7.53
CA GLU S 251 -33.79 42.26 7.63
C GLU S 251 -34.06 42.35 9.11
N GLU S 252 -33.73 41.27 9.80
CA GLU S 252 -34.01 41.13 11.22
C GLU S 252 -33.07 41.97 12.07
N MET S 253 -32.15 42.69 11.42
CA MET S 253 -31.22 43.56 12.13
C MET S 253 -30.62 42.93 13.38
N VAL S 254 -30.38 41.62 13.31
CA VAL S 254 -29.56 40.93 14.31
C VAL S 254 -28.12 40.86 13.83
N SER S 255 -27.23 40.57 14.78
CA SER S 255 -25.81 40.36 14.50
C SER S 255 -25.66 39.04 13.79
N ASP S 256 -24.54 38.86 13.09
CA ASP S 256 -24.20 37.58 12.52
C ASP S 256 -24.12 36.52 13.63
N LEU S 257 -23.59 36.92 14.78
CA LEU S 257 -23.42 36.04 15.94
C LEU S 257 -24.65 35.19 16.23
N LYS S 258 -25.82 35.73 15.88
CA LYS S 258 -27.12 35.16 16.26
C LYS S 258 -27.28 33.73 15.72
N PHE S 259 -26.56 33.46 14.63
CA PHE S 259 -26.77 32.23 13.92
C PHE S 259 -25.74 31.17 14.23
N TYR S 260 -24.74 31.51 15.05
CA TYR S 260 -23.77 30.50 15.48
C TYR S 260 -23.27 30.66 16.93
N LYS S 261 -23.93 31.53 17.71
CA LYS S 261 -23.50 31.80 19.08
C LYS S 261 -23.55 30.52 19.94
N ASP S 262 -24.56 29.69 19.67
CA ASP S 262 -24.68 28.42 20.33
C ASP S 262 -23.43 27.52 20.18
N LEU S 263 -22.86 27.55 18.98
CA LEU S 263 -21.72 26.69 18.68
C LEU S 263 -20.47 27.19 19.38
N ILE S 264 -20.14 28.47 19.16
CA ILE S 264 -19.04 29.08 19.91
C ILE S 264 -19.15 28.72 21.39
N ASP S 265 -20.33 28.92 21.99
CA ASP S 265 -20.43 28.78 23.44
C ASP S 265 -20.00 27.40 23.87
N ASN S 266 -20.53 26.39 23.17
CA ASN S 266 -20.18 24.95 23.31
C ASN S 266 -18.69 24.64 23.16
N TYR S 267 -18.10 25.28 22.14
CA TYR S 267 -16.68 25.22 21.89
C TYR S 267 -15.94 25.81 23.08
N ASP S 268 -16.22 27.09 23.40
CA ASP S 268 -15.71 27.69 24.64
C ASP S 268 -15.87 26.77 25.88
N SER S 269 -17.08 26.15 26.01
CA SER S 269 -17.40 25.34 27.19
C SER S 269 -16.54 24.11 27.26
N ILE S 270 -16.33 23.48 26.11
CA ILE S 270 -15.61 22.20 26.09
C ILE S 270 -14.15 22.46 26.45
N THR S 271 -13.52 23.36 25.70
CA THR S 271 -12.12 23.68 25.85
C THR S 271 -11.77 23.98 27.31
N SER S 272 -12.61 24.78 27.95
CA SER S 272 -12.42 25.15 29.35
C SER S 272 -12.56 23.98 30.31
N SER S 273 -13.51 23.11 30.00
CA SER S 273 -13.72 21.90 30.80
C SER S 273 -12.45 21.06 30.76
N THR S 274 -11.90 20.93 29.57
CA THR S 274 -10.74 20.09 29.32
C THR S 274 -9.54 20.69 30.05
N MET S 275 -9.42 22.00 29.99
CA MET S 275 -8.41 22.74 30.73
C MET S 275 -8.45 22.52 32.25
N ASP S 276 -9.64 22.56 32.83
CA ASP S 276 -9.76 22.25 34.24
C ASP S 276 -9.16 20.87 34.50
N SER S 277 -9.51 19.92 33.62
CA SER S 277 -9.08 18.54 33.74
C SER S 277 -7.58 18.41 33.74
N PHE S 278 -6.93 19.16 32.86
CA PHE S 278 -5.49 19.23 32.86
C PHE S 278 -4.97 19.79 34.17
N SER S 279 -5.58 20.88 34.64
CA SER S 279 -5.22 21.49 35.92
C SER S 279 -5.40 20.49 37.06
N ASP S 280 -6.59 19.93 37.17
CA ASP S 280 -6.93 19.02 38.26
C ASP S 280 -6.01 17.82 38.33
N PHE S 281 -5.56 17.36 37.17
CA PHE S 281 -4.74 16.14 37.03
C PHE S 281 -3.48 16.19 37.88
N GLN S 282 -2.96 17.41 38.07
CA GLN S 282 -1.78 17.66 38.91
C GLN S 282 -1.98 17.37 40.40
N GLN S 283 -3.19 17.58 40.91
CA GLN S 283 -3.48 17.35 42.33
C GLN S 283 -3.96 15.93 42.64
N ILE S 284 -3.04 15.11 43.13
CA ILE S 284 -3.28 13.68 43.36
C ILE S 284 -4.02 13.48 44.67
N VAL S 285 -5.12 12.73 44.64
CA VAL S 285 -5.94 12.45 45.82
C VAL S 285 -5.60 11.06 46.38
N TYR S 286 -5.13 11.00 47.62
CA TYR S 286 -4.76 9.71 48.23
C TYR S 286 -5.87 9.07 49.04
N VAL S 287 -6.10 7.78 48.80
CA VAL S 287 -7.04 7.00 49.59
C VAL S 287 -6.25 6.14 50.57
N LEU S 288 -6.43 6.41 51.86
CA LEU S 288 -5.65 5.75 52.90
C LEU S 288 -6.42 4.64 53.62
N LYS S 289 -6.09 3.40 53.28
CA LYS S 289 -6.74 2.22 53.84
C LYS S 289 -5.94 1.64 55.01
N ASN S 290 -6.61 1.52 56.16
CA ASN S 290 -6.02 1.02 57.42
C ASN S 290 -4.69 1.69 57.80
N TYR S 291 -4.70 3.02 57.83
CA TYR S 291 -3.50 3.85 58.01
C TYR S 291 -2.75 3.55 59.30
N ASP S 292 -1.43 3.48 59.21
CA ASP S 292 -0.54 3.10 60.33
C ASP S 292 -0.44 4.17 61.44
N GLY S 293 -0.13 5.40 61.03
CA GLY S 293 0.08 6.51 61.96
C GLY S 293 -1.17 7.01 62.65
N GLU S 294 -1.06 7.28 63.95
CA GLU S 294 -2.17 7.85 64.73
C GLU S 294 -2.24 9.37 64.55
N ASN S 295 -1.08 10.00 64.32
CA ASN S 295 -1.00 11.45 64.08
C ASN S 295 -1.32 11.81 62.63
N PRO S 296 -2.08 12.92 62.42
CA PRO S 296 -2.41 13.43 61.08
C PRO S 296 -1.28 14.30 60.52
N LYS S 297 -0.49 14.88 61.42
CA LYS S 297 0.68 15.68 61.06
C LYS S 297 1.75 14.81 60.38
N GLU S 298 2.00 13.65 60.97
CA GLU S 298 3.03 12.72 60.51
C GLU S 298 2.94 12.44 59.02
N PHE S 299 1.71 12.30 58.50
CA PHE S 299 1.47 11.96 57.10
C PHE S 299 1.99 13.00 56.10
N THR S 300 1.43 14.21 56.16
CA THR S 300 1.68 15.26 55.17
C THR S 300 3.15 15.69 55.14
N ALA S 301 3.79 15.65 56.31
CA ALA S 301 5.21 15.90 56.44
C ALA S 301 6.01 14.71 55.89
N ASN S 302 5.68 13.51 56.36
CA ASN S 302 6.42 12.30 56.02
C ASN S 302 6.40 11.98 54.53
N LEU S 303 5.30 12.34 53.86
CA LEU S 303 5.18 12.22 52.41
C LEU S 303 5.92 13.33 51.68
N ARG S 304 5.85 14.54 52.24
CA ARG S 304 6.33 15.73 51.56
C ARG S 304 7.85 15.83 51.60
N TYR S 305 8.45 15.36 52.70
CA TYR S 305 9.89 15.53 52.90
C TYR S 305 10.67 14.23 52.82
N HIS S 306 9.96 13.12 52.96
CA HIS S 306 10.53 11.81 52.70
C HIS S 306 9.62 11.11 51.72
N SER S 307 10.13 10.10 51.05
CA SER S 307 9.35 9.45 50.02
C SER S 307 8.19 8.63 50.60
N VAL S 308 8.21 8.43 51.92
CA VAL S 308 7.48 7.32 52.54
C VAL S 308 6.08 7.60 53.06
N ILE S 309 5.19 6.63 52.82
CA ILE S 309 3.93 6.50 53.54
C ILE S 309 3.95 5.13 54.22
N LYS S 310 3.76 5.14 55.54
CA LYS S 310 3.74 3.91 56.34
C LYS S 310 2.30 3.41 56.53
N VAL S 311 2.11 2.12 56.27
CA VAL S 311 0.81 1.47 56.34
C VAL S 311 0.95 0.11 57.04
N SER S 312 0.03 -0.17 57.96
CA SER S 312 -0.05 -1.48 58.64
C SER S 312 -1.37 -2.20 58.34
N GLY S 313 -1.64 -3.28 59.07
CA GLY S 313 -2.82 -4.10 58.81
C GLY S 313 -2.65 -4.76 57.46
N ASP S 314 -3.75 -4.93 56.74
CA ASP S 314 -3.71 -5.47 55.38
C ASP S 314 -4.01 -4.36 54.36
N GLY S 315 -3.92 -3.12 54.83
CA GLY S 315 -4.31 -1.94 54.04
C GLY S 315 -3.36 -1.54 52.92
N GLY S 316 -3.33 -0.24 52.61
CA GLY S 316 -2.52 0.28 51.51
C GLY S 316 -2.90 1.68 51.09
N VAL S 317 -2.33 2.13 49.97
CA VAL S 317 -2.60 3.45 49.44
C VAL S 317 -3.02 3.40 47.99
N ASP S 318 -4.28 3.77 47.74
CA ASP S 318 -4.78 3.99 46.39
C ASP S 318 -4.69 5.47 46.09
N THR S 319 -4.37 5.81 44.84
CA THR S 319 -4.41 7.18 44.42
C THR S 319 -5.58 7.35 43.48
N LEU S 320 -6.22 8.51 43.54
CA LEU S 320 -7.24 8.85 42.58
C LEU S 320 -6.75 10.01 41.73
N ARG S 321 -6.78 9.82 40.42
CA ARG S 321 -6.35 10.89 39.51
C ARG S 321 -7.49 11.30 38.58
N ALA S 322 -7.54 12.57 38.24
CA ALA S 322 -8.55 13.06 37.32
C ALA S 322 -8.32 12.37 35.99
N GLU S 323 -9.41 12.06 35.31
CA GLU S 323 -9.34 11.63 33.94
C GLU S 323 -9.43 12.91 33.12
N ILE S 324 -8.56 13.03 32.13
CA ILE S 324 -8.63 14.13 31.18
C ILE S 324 -9.34 13.59 29.95
N PRO S 325 -10.41 14.27 29.49
CA PRO S 325 -11.17 13.75 28.37
C PRO S 325 -10.71 14.26 27.00
N VAL S 326 -9.40 14.33 26.77
CA VAL S 326 -8.87 14.95 25.55
C VAL S 326 -9.40 14.34 24.28
N ASP S 327 -9.48 13.02 24.26
CA ASP S 327 -9.93 12.25 23.10
C ASP S 327 -11.34 12.56 22.66
N SER S 328 -12.30 12.31 23.54
CA SER S 328 -13.70 12.60 23.25
C SER S 328 -13.84 14.04 22.85
N ALA S 329 -13.22 14.92 23.64
CA ALA S 329 -13.29 16.36 23.41
C ALA S 329 -12.81 16.73 22.02
N ALA S 330 -11.64 16.21 21.67
CA ALA S 330 -11.03 16.50 20.39
C ALA S 330 -11.96 16.08 19.28
N LYS S 331 -12.65 14.97 19.48
CA LYS S 331 -13.55 14.46 18.46
C LYS S 331 -14.78 15.33 18.29
N GLU S 332 -15.35 15.80 19.40
CA GLU S 332 -16.54 16.64 19.34
C GLU S 332 -16.19 17.98 18.79
N LEU S 333 -15.05 18.48 19.27
CA LEU S 333 -14.59 19.80 18.88
C LEU S 333 -14.39 19.92 17.39
N GLU S 334 -13.95 18.81 16.80
CA GLU S 334 -13.71 18.69 15.38
C GLU S 334 -14.98 18.93 14.57
N ARG S 335 -16.08 18.25 14.93
CA ARG S 335 -17.37 18.49 14.31
C ARG S 335 -17.85 19.93 14.49
N ILE S 336 -17.87 20.40 15.74
CA ILE S 336 -18.34 21.75 16.02
C ILE S 336 -17.65 22.75 15.10
N GLN S 337 -16.34 22.56 14.91
CA GLN S 337 -15.51 23.49 14.14
C GLN S 337 -15.96 23.53 12.69
N ASP S 338 -16.37 22.38 12.18
CA ASP S 338 -16.80 22.27 10.81
C ASP S 338 -18.15 22.92 10.66
N GLU S 339 -19.01 22.73 11.66
CA GLU S 339 -20.34 23.33 11.64
C GLU S 339 -20.20 24.84 11.74
N LEU S 340 -19.41 25.28 12.71
CA LEU S 340 -19.06 26.67 12.87
C LEU S 340 -18.88 27.36 11.55
N TYR S 341 -18.00 26.84 10.70
CA TYR S 341 -17.74 27.45 9.40
C TYR S 341 -18.97 27.49 8.50
N LYS S 342 -19.83 26.49 8.63
CA LYS S 342 -20.99 26.37 7.79
C LYS S 342 -22.00 27.37 8.30
N SER S 343 -22.37 27.23 9.56
CA SER S 343 -23.36 28.09 10.22
C SER S 343 -23.06 29.56 10.05
N ALA S 344 -21.77 29.88 9.92
CA ALA S 344 -21.29 31.25 9.81
C ALA S 344 -21.10 31.70 8.37
N GLN S 345 -21.31 30.78 7.43
CA GLN S 345 -21.02 31.03 6.01
C GLN S 345 -19.66 31.65 5.83
N ALA S 346 -18.64 30.91 6.23
CA ALA S 346 -17.27 31.38 6.20
C ALA S 346 -16.42 30.62 5.17
N VAL S 347 -15.18 31.07 4.98
CA VAL S 347 -14.19 30.32 4.21
C VAL S 347 -13.21 29.76 5.20
N ASP S 348 -12.77 28.54 4.95
CA ASP S 348 -11.75 27.92 5.77
C ASP S 348 -10.61 27.58 4.85
N ASN S 349 -9.58 28.43 4.78
CA ASN S 349 -8.43 28.07 3.94
C ASN S 349 -7.25 27.31 4.57
N SER S 350 -7.50 26.60 5.68
CA SER S 350 -6.61 25.54 6.11
C SER S 350 -6.21 24.73 4.89
N PRO S 351 -5.11 23.93 4.99
CA PRO S 351 -4.66 23.31 3.76
C PRO S 351 -5.43 22.00 3.48
N GLU S 352 -5.64 21.70 2.20
CA GLU S 352 -6.41 20.51 1.82
C GLU S 352 -5.65 19.17 1.83
N THR S 353 -6.01 18.32 2.80
CA THR S 353 -5.59 16.92 2.85
C THR S 353 -5.76 16.23 1.51
N ILE S 354 -6.87 16.55 0.85
CA ILE S 354 -7.16 16.01 -0.48
C ILE S 354 -6.45 16.82 -1.56
N GLY S 355 -5.81 16.09 -2.47
CA GLY S 355 -5.07 16.69 -3.57
C GLY S 355 -5.90 17.19 -4.74
N GLY S 356 -6.91 18.00 -4.45
CA GLY S 356 -7.71 18.60 -5.52
C GLY S 356 -7.84 20.12 -5.46
N GLY S 357 -7.86 20.66 -4.24
CA GLY S 357 -8.17 22.08 -3.94
C GLY S 357 -7.65 23.21 -4.81
N ALA S 358 -6.77 22.88 -5.76
CA ALA S 358 -6.19 23.84 -6.69
C ALA S 358 -7.16 24.30 -7.76
N THR S 359 -7.95 23.38 -8.31
CA THR S 359 -8.75 23.64 -9.53
C THR S 359 -9.79 24.72 -9.43
N GLY S 360 -10.19 25.25 -10.58
CA GLY S 360 -11.26 26.24 -10.66
C GLY S 360 -12.48 25.92 -9.79
N PRO S 361 -13.14 24.80 -10.07
CA PRO S 361 -14.29 24.38 -9.28
C PRO S 361 -13.98 24.22 -7.79
N ALA S 362 -12.77 23.78 -7.49
CA ALA S 362 -12.42 23.40 -6.14
C ALA S 362 -12.35 24.63 -5.29
N LEU S 363 -11.98 25.73 -5.92
CA LEU S 363 -11.83 27.00 -5.23
C LEU S 363 -13.17 27.67 -5.12
N GLU S 364 -13.96 27.59 -6.19
CA GLU S 364 -15.33 28.10 -6.18
C GLU S 364 -16.14 27.48 -5.06
N LYS S 365 -16.06 26.15 -4.91
CA LYS S 365 -16.72 25.45 -3.80
C LYS S 365 -16.29 26.00 -2.45
N LEU S 366 -15.01 26.33 -2.34
CA LEU S 366 -14.42 26.81 -1.10
C LEU S 366 -15.03 28.14 -0.65
N TYR S 367 -15.33 28.99 -1.62
CA TYR S 367 -15.84 30.32 -1.31
C TYR S 367 -17.36 30.42 -1.37
N ALA S 368 -17.98 29.28 -1.65
CA ALA S 368 -19.42 29.17 -1.91
C ALA S 368 -20.31 29.87 -0.87
N LEU S 369 -20.14 29.51 0.39
CA LEU S 369 -20.97 30.03 1.46
C LEU S 369 -20.72 31.52 1.76
N LEU S 370 -19.46 31.93 1.79
CA LEU S 370 -19.13 33.34 2.01
C LEU S 370 -19.68 34.19 0.87
N ASP S 371 -19.51 33.75 -0.37
CA ASP S 371 -20.10 34.41 -1.53
C ASP S 371 -21.59 34.61 -1.34
N LEU S 372 -22.22 33.64 -0.67
CA LEU S 372 -23.63 33.73 -0.30
C LEU S 372 -23.79 34.91 0.65
N LYS S 373 -23.17 34.81 1.81
CA LYS S 373 -23.23 35.82 2.87
C LYS S 373 -22.79 37.20 2.40
N ALA S 374 -21.83 37.25 1.51
CA ALA S 374 -21.40 38.55 1.01
C ALA S 374 -22.44 39.19 0.09
N ASN S 375 -23.27 38.36 -0.54
CA ASN S 375 -24.27 38.87 -1.50
C ASN S 375 -25.41 39.64 -0.85
N MET S 376 -25.99 39.04 0.20
CA MET S 376 -26.94 39.71 1.05
C MET S 376 -26.33 40.98 1.56
N ALA S 377 -25.27 40.83 2.36
CA ALA S 377 -24.48 41.95 2.85
C ALA S 377 -24.32 43.12 1.86
N GLU S 378 -23.99 42.84 0.60
CA GLU S 378 -23.86 43.88 -0.40
C GLU S 378 -25.17 44.61 -0.60
N ARG S 379 -26.24 43.87 -0.93
CA ARG S 379 -27.55 44.49 -1.14
C ARG S 379 -27.86 45.49 -0.03
N LYS S 380 -27.62 45.04 1.20
CA LYS S 380 -27.92 45.79 2.39
C LYS S 380 -27.02 46.98 2.63
N ILE S 381 -25.76 46.85 2.21
CA ILE S 381 -24.81 47.94 2.28
C ILE S 381 -25.14 48.97 1.22
N ARG S 382 -25.42 48.51 0.00
CA ARG S 382 -25.85 49.40 -1.08
C ARG S 382 -27.07 50.26 -0.70
N ALA S 383 -28.11 49.61 -0.17
CA ALA S 383 -29.31 50.30 0.32
C ALA S 383 -28.91 51.56 1.09
N GLY S 384 -28.15 51.35 2.17
CA GLY S 384 -27.70 52.44 3.03
C GLY S 384 -26.91 53.48 2.27
N LEU S 385 -25.93 53.01 1.51
CA LEU S 385 -25.04 53.89 0.73
C LEU S 385 -25.76 54.76 -0.29
N ARG S 386 -26.77 54.21 -0.96
CA ARG S 386 -27.64 55.00 -1.87
C ARG S 386 -28.25 56.18 -1.10
N LEU S 387 -28.86 55.88 0.03
CA LEU S 387 -29.44 56.88 0.92
C LEU S 387 -28.42 57.92 1.37
N PHE S 388 -27.18 57.48 1.58
CA PHE S 388 -26.07 58.38 1.89
C PHE S 388 -25.80 59.35 0.76
N PHE S 389 -25.85 58.86 -0.46
CA PHE S 389 -25.57 59.72 -1.60
C PHE S 389 -26.76 60.58 -2.00
N TRP S 390 -27.94 60.24 -1.48
CA TRP S 390 -29.12 61.11 -1.57
C TRP S 390 -28.86 62.36 -0.75
N PHE S 391 -28.35 62.17 0.47
CA PHE S 391 -28.09 63.25 1.41
C PHE S 391 -27.03 64.19 0.88
N PHE S 392 -26.02 63.60 0.26
CA PHE S 392 -24.96 64.34 -0.39
C PHE S 392 -25.53 65.15 -1.54
N ALA S 393 -26.44 64.58 -2.32
CA ALA S 393 -27.11 65.33 -3.40
C ALA S 393 -27.92 66.55 -2.89
N GLU S 394 -28.67 66.35 -1.80
CA GLU S 394 -29.39 67.43 -1.12
C GLU S 394 -28.44 68.57 -0.79
N TYR S 395 -27.33 68.24 -0.14
CA TYR S 395 -26.29 69.21 0.22
C TYR S 395 -25.78 69.96 -1.01
N LEU S 396 -25.61 69.24 -2.12
CA LEU S 396 -25.12 69.84 -3.36
C LEU S 396 -26.12 70.79 -4.00
N ARG S 397 -27.40 70.39 -3.98
CA ARG S 397 -28.49 71.26 -4.41
C ARG S 397 -28.54 72.57 -3.61
N ASN S 398 -28.46 72.44 -2.28
CA ASN S 398 -28.57 73.57 -1.37
C ASN S 398 -27.31 74.41 -1.31
N THR S 399 -26.15 73.76 -1.39
CA THR S 399 -24.89 74.51 -1.41
C THR S 399 -24.68 75.26 -2.73
N GLY S 400 -25.53 74.95 -3.71
CA GLY S 400 -25.52 75.62 -5.00
C GLY S 400 -24.47 75.10 -5.95
N LYS S 401 -24.04 73.87 -5.74
CA LYS S 401 -23.04 73.27 -6.61
C LYS S 401 -23.69 72.34 -7.63
N GLY S 402 -25.02 72.38 -7.73
CA GLY S 402 -25.74 71.65 -8.77
C GLY S 402 -26.76 70.66 -8.24
N ASP S 403 -27.66 70.25 -9.13
CA ASP S 403 -28.77 69.39 -8.75
C ASP S 403 -28.63 68.05 -9.47
N PHE S 404 -28.53 66.97 -8.71
CA PHE S 404 -28.25 65.67 -9.29
C PHE S 404 -29.26 64.62 -8.84
N ASN S 405 -29.26 63.48 -9.53
CA ASN S 405 -30.06 62.31 -9.11
C ASN S 405 -29.18 61.06 -9.02
N PRO S 406 -28.52 60.85 -7.87
CA PRO S 406 -27.60 59.73 -7.67
C PRO S 406 -28.27 58.41 -8.04
N ASP S 407 -29.41 58.15 -7.39
CA ASP S 407 -30.24 56.97 -7.61
C ASP S 407 -30.43 56.50 -9.05
N LYS S 408 -30.21 57.38 -10.02
CA LYS S 408 -30.36 56.99 -11.42
C LYS S 408 -29.13 57.33 -12.25
N GLU S 409 -28.31 58.27 -11.77
CA GLU S 409 -27.08 58.67 -12.49
C GLU S 409 -25.82 57.89 -12.04
N LEU S 410 -25.65 57.74 -10.73
CA LEU S 410 -24.47 57.12 -10.15
C LEU S 410 -24.58 55.61 -10.04
N THR S 411 -23.57 54.88 -10.51
CA THR S 411 -23.50 53.44 -10.27
C THR S 411 -22.35 53.11 -9.32
N MET S 412 -22.51 52.07 -8.50
CA MET S 412 -21.47 51.66 -7.54
C MET S 412 -20.87 50.33 -7.93
N THR S 413 -19.61 50.09 -7.57
CA THR S 413 -18.94 48.83 -7.92
C THR S 413 -18.10 48.29 -6.79
N PHE S 414 -18.56 47.18 -6.21
CA PHE S 414 -17.85 46.48 -5.15
C PHE S 414 -16.89 45.46 -5.73
N THR S 415 -15.76 45.27 -5.07
CA THR S 415 -14.73 44.38 -5.57
C THR S 415 -14.54 43.23 -4.60
N ARG S 416 -14.33 42.03 -5.12
CA ARG S 416 -14.16 40.88 -4.23
C ARG S 416 -12.81 40.20 -4.26
N THR S 417 -12.23 40.07 -3.06
CA THR S 417 -10.91 39.46 -2.92
C THR S 417 -11.05 37.95 -2.95
N ARG S 418 -10.86 37.40 -4.15
CA ARG S 418 -11.17 36.02 -4.37
C ARG S 418 -10.00 35.21 -4.89
N ILE S 419 -9.69 34.10 -4.21
CA ILE S 419 -8.55 33.26 -4.62
C ILE S 419 -8.85 32.58 -5.95
N GLN S 420 -7.94 32.74 -6.90
CA GLN S 420 -8.12 32.12 -8.21
C GLN S 420 -6.97 31.21 -8.57
N ASN S 421 -7.15 30.50 -9.66
CA ASN S 421 -6.08 29.74 -10.25
C ASN S 421 -5.61 30.47 -11.49
N ASP S 422 -4.82 31.51 -11.29
CA ASP S 422 -4.50 32.43 -12.39
C ASP S 422 -3.89 31.72 -13.56
N SER S 423 -3.11 30.68 -13.27
CA SER S 423 -2.49 29.86 -14.29
C SER S 423 -3.53 29.23 -15.21
N GLU S 424 -4.51 28.58 -14.58
CA GLU S 424 -5.62 27.92 -15.25
C GLU S 424 -6.44 28.90 -16.07
N ILE S 425 -6.69 30.09 -15.53
CA ILE S 425 -7.53 31.06 -16.22
C ILE S 425 -6.89 31.54 -17.51
N VAL S 426 -5.62 31.94 -17.40
CA VAL S 426 -4.83 32.47 -18.52
C VAL S 426 -4.87 31.52 -19.71
N GLN S 427 -4.63 30.23 -19.44
CA GLN S 427 -4.65 29.22 -20.49
C GLN S 427 -6.00 29.15 -21.16
N SER S 428 -7.03 28.95 -20.35
CA SER S 428 -8.39 28.88 -20.82
C SER S 428 -8.73 30.06 -21.73
N LEU S 429 -8.36 31.25 -21.28
CA LEU S 429 -8.55 32.46 -22.06
C LEU S 429 -7.80 32.37 -23.37
N VAL S 430 -6.55 31.93 -23.34
CA VAL S 430 -5.75 31.81 -24.56
C VAL S 430 -6.44 30.84 -25.51
N GLN S 431 -6.85 29.71 -24.95
CA GLN S 431 -7.50 28.65 -25.69
C GLN S 431 -8.76 29.19 -26.38
N GLY S 432 -9.54 29.96 -25.63
CA GLY S 432 -10.79 30.53 -26.08
C GLY S 432 -10.62 31.51 -27.22
N VAL S 433 -9.62 32.37 -27.11
CA VAL S 433 -9.32 33.34 -28.16
C VAL S 433 -8.79 32.63 -29.41
N THR S 434 -7.83 31.73 -29.21
CA THR S 434 -7.25 30.89 -30.27
C THR S 434 -8.34 30.14 -31.01
N GLY S 435 -9.26 29.53 -30.26
CA GLY S 435 -10.44 28.86 -30.81
C GLY S 435 -11.39 29.82 -31.53
N GLY S 436 -11.31 31.09 -31.15
CA GLY S 436 -12.13 32.11 -31.74
C GLY S 436 -13.51 32.18 -31.10
N ILE S 437 -13.62 31.64 -29.89
CA ILE S 437 -14.84 31.82 -29.13
C ILE S 437 -14.78 33.09 -28.28
N MET S 438 -13.75 33.91 -28.50
CA MET S 438 -13.51 35.08 -27.66
C MET S 438 -12.77 36.21 -28.36
N SER S 439 -13.21 37.43 -28.07
CA SER S 439 -12.51 38.67 -28.41
C SER S 439 -11.34 38.88 -27.46
N LYS S 440 -10.26 39.47 -27.98
CA LYS S 440 -9.07 39.76 -27.16
C LYS S 440 -9.42 40.80 -26.10
N GLU S 441 -10.38 41.65 -26.43
CA GLU S 441 -10.92 42.62 -25.49
C GLU S 441 -11.44 41.95 -24.23
N THR S 442 -12.51 41.17 -24.38
CA THR S 442 -13.11 40.48 -23.23
C THR S 442 -12.06 39.64 -22.51
N ALA S 443 -11.13 39.07 -23.28
CA ALA S 443 -10.05 38.26 -22.76
C ALA S 443 -9.12 39.05 -21.81
N VAL S 444 -8.64 40.20 -22.29
CA VAL S 444 -7.75 41.07 -21.53
C VAL S 444 -8.40 41.53 -20.22
N ALA S 445 -9.65 41.97 -20.29
CA ALA S 445 -10.41 42.36 -19.11
C ALA S 445 -10.60 41.19 -18.13
N ARG S 446 -10.56 39.96 -18.64
CA ARG S 446 -10.75 38.79 -17.81
C ARG S 446 -9.44 38.19 -17.30
N ASN S 447 -8.32 38.72 -17.80
CA ASN S 447 -6.97 38.28 -17.41
C ASN S 447 -6.62 38.69 -15.99
N PRO S 448 -6.22 37.71 -15.15
CA PRO S 448 -5.98 38.00 -13.72
C PRO S 448 -4.81 38.95 -13.45
N PHE S 449 -3.89 39.09 -14.41
CA PHE S 449 -2.73 39.98 -14.24
C PHE S 449 -2.99 41.37 -14.76
N VAL S 450 -4.27 41.71 -14.92
CA VAL S 450 -4.67 43.02 -15.42
C VAL S 450 -5.54 43.75 -14.40
N GLN S 451 -5.09 44.95 -14.05
CA GLN S 451 -5.85 45.86 -13.21
C GLN S 451 -6.83 46.70 -14.05
N ASP S 452 -6.30 47.47 -15.00
CA ASP S 452 -7.13 48.34 -15.85
C ASP S 452 -7.13 47.90 -17.32
N PRO S 453 -8.26 47.35 -17.79
CA PRO S 453 -8.45 46.86 -19.17
C PRO S 453 -8.20 47.93 -20.22
N GLU S 454 -8.53 49.17 -19.88
CA GLU S 454 -8.40 50.30 -20.80
C GLU S 454 -6.94 50.56 -21.19
N GLU S 455 -6.07 50.61 -20.19
CA GLU S 455 -4.65 50.88 -20.44
C GLU S 455 -3.96 49.70 -21.11
N GLU S 456 -4.36 48.48 -20.74
CA GLU S 456 -3.71 47.27 -21.27
C GLU S 456 -4.07 47.00 -22.74
N LEU S 457 -5.35 47.18 -23.09
CA LEU S 457 -5.81 46.97 -24.46
C LEU S 457 -5.10 47.98 -25.37
N ALA S 458 -4.88 49.18 -24.83
CA ALA S 458 -4.14 50.23 -25.51
C ALA S 458 -2.64 49.95 -25.57
N ARG S 459 -2.09 49.38 -24.49
CA ARG S 459 -0.67 49.05 -24.43
C ARG S 459 -0.33 47.98 -25.45
N ILE S 460 -1.22 46.99 -25.60
CA ILE S 460 -1.06 45.89 -26.57
C ILE S 460 -1.15 46.37 -28.04
N GLU S 461 -1.96 47.41 -28.28
CA GLU S 461 -2.11 47.98 -29.61
C GLU S 461 -0.85 48.73 -30.06
N GLU S 462 -0.32 49.58 -29.18
CA GLU S 462 0.91 50.36 -29.46
C GLU S 462 2.14 49.45 -29.49
N GLU S 463 2.02 48.25 -28.90
CA GLU S 463 3.03 47.21 -29.04
C GLU S 463 3.08 46.72 -30.49
N MET S 464 1.91 46.29 -31.00
CA MET S 464 1.78 45.79 -32.38
C MET S 464 2.20 46.81 -33.44
N ASN S 465 1.83 48.07 -33.23
CA ASN S 465 2.20 49.16 -34.14
C ASN S 465 3.70 49.47 -34.12
N GLN S 466 4.41 48.88 -33.15
CA GLN S 466 5.87 48.97 -33.09
C GLN S 466 6.49 47.79 -33.86
N TYR S 467 6.25 46.56 -33.41
CA TYR S 467 6.72 45.35 -34.11
C TYR S 467 6.13 45.22 -35.52
N UNK T 1 -40.73 60.98 12.21
CA UNK T 1 -39.65 60.14 12.83
C UNK T 1 -38.63 61.01 13.55
N UNK T 2 -38.69 61.01 14.88
CA UNK T 2 -37.58 61.47 15.70
C UNK T 2 -36.41 60.42 15.72
N UNK T 3 -35.32 60.75 16.40
CA UNK T 3 -34.17 59.86 16.60
C UNK T 3 -33.27 60.47 17.66
N UNK T 4 -33.00 59.73 18.73
CA UNK T 4 -32.32 60.28 19.91
C UNK T 4 -31.06 59.54 20.26
N UNK T 5 -29.97 60.29 20.47
CA UNK T 5 -28.69 59.69 20.88
C UNK T 5 -28.41 59.89 22.36
N UNK T 6 -28.25 58.79 23.09
CA UNK T 6 -27.87 58.83 24.50
C UNK T 6 -26.36 58.60 24.68
N UNK T 7 -25.62 59.71 24.75
CA UNK T 7 -24.21 59.70 25.10
C UNK T 7 -24.03 59.99 26.60
N UNK T 8 -22.87 59.62 27.13
CA UNK T 8 -22.48 60.00 28.50
C UNK T 8 -20.96 60.21 28.55
N UNK T 9 -20.55 61.43 28.90
CA UNK T 9 -19.14 61.84 28.82
C UNK T 9 -18.51 62.16 30.18
N UNK T 10 -17.54 61.34 30.58
CA UNK T 10 -16.80 61.55 31.84
C UNK T 10 -15.72 62.62 31.69
N UNK T 11 -15.82 63.67 32.50
CA UNK T 11 -14.89 64.82 32.43
C UNK T 11 -13.51 64.55 33.05
N UNK T 12 -12.67 65.59 33.08
CA UNK T 12 -11.36 65.56 33.74
C UNK T 12 -11.52 65.15 35.21
N UNK T 13 -12.56 65.68 35.85
CA UNK T 13 -12.96 65.27 37.19
C UNK T 13 -14.28 64.46 37.20
N UNK T 14 -15.38 65.13 36.87
CA UNK T 14 -16.75 64.62 37.05
C UNK T 14 -17.19 63.58 36.01
N UNK T 15 -18.51 63.48 35.82
CA UNK T 15 -19.13 62.67 34.76
C UNK T 15 -20.50 63.23 34.35
N UNK T 16 -20.63 63.61 33.08
CA UNK T 16 -21.88 64.16 32.54
C UNK T 16 -22.65 63.10 31.75
N UNK T 17 -23.94 63.37 31.50
CA UNK T 17 -24.79 62.43 30.74
C UNK T 17 -25.79 63.15 29.82
N UNK T 18 -25.29 63.64 28.68
CA UNK T 18 -26.10 64.43 27.75
C UNK T 18 -26.93 63.58 26.76
N UNK T 19 -27.78 64.26 25.98
CA UNK T 19 -28.58 63.61 24.95
C UNK T 19 -28.88 64.57 23.79
N UNK T 20 -29.34 64.02 22.67
CA UNK T 20 -29.56 64.77 21.43
C UNK T 20 -30.77 64.21 20.70
N UNK T 21 -31.65 65.08 20.23
CA UNK T 21 -32.84 64.63 19.50
C UNK T 21 -32.89 65.18 18.08
N UNK T 22 -32.62 64.30 17.11
CA UNK T 22 -32.56 64.70 15.70
C UNK T 22 -33.94 64.67 15.03
N UNK T 23 -34.34 65.81 14.47
CA UNK T 23 -35.68 65.97 13.87
C UNK T 23 -35.57 66.33 12.40
N UNK T 24 -36.70 66.24 11.69
CA UNK T 24 -36.75 66.57 10.27
C UNK T 24 -36.23 67.99 9.95
N UNK T 25 -36.34 68.89 10.94
CA UNK T 25 -36.00 70.31 10.77
C UNK T 25 -34.81 70.82 11.61
N UNK T 26 -34.58 70.22 12.79
CA UNK T 26 -33.52 70.68 13.72
C UNK T 26 -32.96 69.57 14.60
N UNK T 27 -32.04 69.92 15.51
CA UNK T 27 -31.30 68.93 16.30
C UNK T 27 -31.04 69.36 17.76
N UNK T 28 -32.14 69.62 18.50
CA UNK T 28 -32.09 70.05 19.90
C UNK T 28 -31.27 69.12 20.82
N UNK T 29 -30.65 69.70 21.85
CA UNK T 29 -29.81 68.95 22.79
C UNK T 29 -30.51 68.72 24.17
N UNK T 30 -29.74 68.37 25.20
CA UNK T 30 -30.23 68.19 26.59
C UNK T 30 -29.15 67.61 27.51
N PRO U 29 -3.91 76.23 32.57
CA PRO U 29 -4.34 74.92 33.06
C PRO U 29 -4.13 74.76 34.55
N ASP U 30 -4.71 73.70 35.12
CA ASP U 30 -4.69 73.46 36.55
C ASP U 30 -3.70 72.34 36.91
N THR U 31 -3.09 72.46 38.09
CA THR U 31 -2.12 71.46 38.58
C THR U 31 -2.78 70.34 39.39
N THR U 32 -3.98 70.58 39.93
CA THR U 32 -4.72 69.56 40.68
C THR U 32 -5.37 68.54 39.75
N MET U 33 -5.87 69.05 38.64
CA MET U 33 -6.42 68.21 37.58
C MET U 33 -5.35 67.26 37.04
N ILE U 34 -4.17 67.81 36.75
CA ILE U 34 -3.00 67.04 36.36
C ILE U 34 -2.84 65.79 37.21
N GLN U 35 -2.87 65.96 38.53
CA GLN U 35 -2.71 64.85 39.44
C GLN U 35 -3.81 63.80 39.24
N LYS U 36 -5.05 64.26 39.07
CA LYS U 36 -6.20 63.35 38.89
C LYS U 36 -5.98 62.54 37.64
N LEU U 37 -5.65 63.23 36.56
CA LEU U 37 -5.37 62.61 35.27
C LEU U 37 -4.27 61.55 35.33
N ILE U 38 -3.16 61.88 35.99
CA ILE U 38 -2.09 60.92 36.28
C ILE U 38 -2.53 59.71 37.14
N ASP U 39 -3.17 59.99 38.26
CA ASP U 39 -3.54 58.94 39.19
C ASP U 39 -4.63 58.04 38.65
N GLU U 40 -5.52 58.66 37.88
CA GLU U 40 -6.60 57.94 37.26
C GLU U 40 -6.10 57.09 36.07
N HIS U 41 -5.01 57.54 35.45
CA HIS U 41 -4.40 56.81 34.33
C HIS U 41 -3.83 55.48 34.76
N ASN U 42 -3.92 54.47 33.88
CA ASN U 42 -3.29 53.17 34.12
C ASN U 42 -2.70 52.53 32.86
N PRO U 43 -1.42 52.17 32.93
CA PRO U 43 -0.73 51.54 31.83
C PRO U 43 -0.75 50.01 31.82
N GLU U 44 -1.38 49.35 32.81
CA GLU U 44 -1.46 47.88 32.75
C GLU U 44 -2.10 47.35 31.46
N PRO U 45 -3.25 47.93 31.02
CA PRO U 45 -3.79 47.44 29.74
C PRO U 45 -2.82 47.64 28.56
N LEU U 46 -2.07 48.73 28.56
CA LEU U 46 -1.18 49.01 27.45
C LEU U 46 0.17 48.31 27.58
N LEU U 47 0.47 47.78 28.76
CA LEU U 47 1.72 47.06 28.94
C LEU U 47 1.56 45.55 28.74
N LYS U 48 0.33 45.08 28.93
CA LYS U 48 -0.04 43.68 28.69
C LYS U 48 0.70 43.06 27.48
N GLY U 49 0.45 43.62 26.29
CA GLY U 49 1.07 43.10 25.09
C GLY U 49 2.59 43.13 25.14
N VAL U 50 3.16 44.22 25.65
CA VAL U 50 4.60 44.34 25.78
C VAL U 50 5.17 43.20 26.63
N ARG U 51 4.50 42.89 27.73
CA ARG U 51 4.96 41.81 28.61
C ARG U 51 4.96 40.45 27.88
N TYR U 52 3.85 40.12 27.23
CA TYR U 52 3.81 38.88 26.48
C TYR U 52 4.88 38.87 25.38
N TYR U 53 5.05 39.99 24.67
CA TYR U 53 6.10 40.11 23.66
C TYR U 53 7.48 39.86 24.25
N MET U 54 7.63 40.00 25.56
CA MET U 54 8.93 39.76 26.21
C MET U 54 8.94 38.42 26.95
N CYS U 55 7.95 37.57 26.67
CA CYS U 55 7.74 36.32 27.39
C CYS U 55 7.70 36.60 28.87
N GLU U 56 6.85 37.54 29.25
CA GLU U 56 6.50 37.71 30.64
C GLU U 56 5.02 37.40 30.69
N ASN U 57 4.67 36.13 30.55
CA ASN U 57 3.28 35.77 30.47
C ASN U 57 2.69 35.58 31.87
N ASP U 58 1.37 35.75 32.02
CA ASP U 58 0.69 35.57 33.32
C ASP U 58 1.16 34.32 34.03
N ILE U 59 1.70 33.38 33.25
CA ILE U 59 2.09 32.10 33.77
C ILE U 59 3.33 32.19 34.66
N GLU U 60 4.02 33.32 34.60
CA GLU U 60 5.15 33.57 35.50
C GLU U 60 4.69 33.79 36.96
N LYS U 61 3.39 33.98 37.14
CA LYS U 61 2.80 34.11 38.46
C LYS U 61 2.45 32.75 39.10
N LYS U 62 2.47 31.68 38.29
CA LYS U 62 2.16 30.32 38.78
C LYS U 62 3.04 29.91 39.96
N ARG U 63 2.44 29.37 41.01
CA ARG U 63 3.19 28.86 42.17
C ARG U 63 2.57 27.58 42.74
N ARG U 64 3.40 26.63 43.15
CA ARG U 64 2.87 25.36 43.65
C ARG U 64 2.54 25.43 45.15
N THR U 65 1.26 25.44 45.48
CA THR U 65 0.83 25.69 46.85
C THR U 65 0.41 24.41 47.57
N TYR U 66 -0.02 24.55 48.83
CA TYR U 66 -0.48 23.44 49.66
C TYR U 66 -1.08 24.05 50.93
N TYR U 67 -1.81 23.27 51.73
CA TYR U 67 -2.50 23.84 52.90
C TYR U 67 -1.92 23.42 54.26
N ASP U 68 -1.71 24.42 55.10
CA ASP U 68 -1.18 24.23 56.46
C ASP U 68 -2.15 23.47 57.36
N ALA U 69 -1.89 23.53 58.67
CA ALA U 69 -2.77 22.96 59.70
C ALA U 69 -4.20 23.49 59.57
N ALA U 70 -4.39 24.77 59.93
CA ALA U 70 -5.68 25.45 59.76
C ALA U 70 -5.81 26.11 58.37
N GLY U 71 -5.68 25.29 57.34
CA GLY U 71 -5.95 25.69 55.97
C GLY U 71 -5.37 27.02 55.56
N GLN U 72 -4.10 27.25 55.89
CA GLN U 72 -3.36 28.42 55.37
C GLN U 72 -2.57 28.14 54.09
N GLN U 73 -3.12 28.54 52.94
CA GLN U 73 -2.46 28.33 51.66
C GLN U 73 -1.00 28.79 51.72
N LEU U 74 -0.09 27.98 51.21
CA LEU U 74 1.33 28.24 51.36
C LEU U 74 2.08 27.62 50.19
N VAL U 75 3.09 28.31 49.67
CA VAL U 75 3.99 27.75 48.63
C VAL U 75 4.78 26.58 49.23
N ASP U 76 5.04 25.52 48.47
CA ASP U 76 5.90 24.46 49.02
C ASP U 76 7.19 24.21 48.27
N ASP U 77 8.29 24.55 48.91
CA ASP U 77 9.64 24.41 48.35
C ASP U 77 10.06 22.94 48.16
N THR U 78 9.18 22.00 48.49
CA THR U 78 9.42 20.61 48.17
C THR U 78 9.58 20.48 46.66
N LYS U 79 8.64 21.07 45.94
CA LYS U 79 8.44 20.81 44.51
C LYS U 79 8.98 21.92 43.64
N THR U 80 9.46 21.55 42.46
CA THR U 80 9.91 22.52 41.44
C THR U 80 8.72 23.13 40.73
N ASN U 81 8.71 24.45 40.62
CA ASN U 81 7.60 25.14 40.01
C ASN U 81 7.97 25.66 38.65
N ASN U 82 7.82 24.81 37.64
CA ASN U 82 8.09 25.20 36.28
C ASN U 82 7.01 26.16 35.82
N ARG U 83 7.41 27.24 35.14
CA ARG U 83 6.45 28.08 34.45
C ARG U 83 7.04 28.67 33.16
N THR U 84 6.63 28.02 32.07
CA THR U 84 7.16 28.26 30.75
C THR U 84 6.26 29.22 30.01
N SER U 85 6.81 30.35 29.60
CA SER U 85 6.00 31.35 28.92
C SER U 85 6.37 31.41 27.46
N HIS U 86 5.40 31.19 26.58
CA HIS U 86 5.69 31.00 25.15
C HIS U 86 5.80 32.27 24.29
N ALA U 87 6.75 32.28 23.35
CA ALA U 87 7.00 33.45 22.51
C ALA U 87 6.06 33.63 21.33
N TRP U 88 4.86 33.07 21.45
CA TRP U 88 3.88 33.11 20.36
C TRP U 88 3.55 34.53 19.91
N HIS U 89 3.25 35.39 20.88
CA HIS U 89 2.76 36.73 20.59
C HIS U 89 3.87 37.48 19.92
N LYS U 90 5.09 37.29 20.40
CA LYS U 90 6.23 37.97 19.81
C LYS U 90 6.37 37.61 18.34
N LEU U 91 6.20 36.31 18.07
CA LEU U 91 6.39 35.76 16.73
C LEU U 91 5.37 36.34 15.75
N PHE U 92 4.12 36.43 16.17
CA PHE U 92 3.06 36.95 15.32
C PHE U 92 3.22 38.41 15.01
N VAL U 93 3.56 39.18 16.05
CA VAL U 93 3.81 40.62 15.95
C VAL U 93 4.92 40.90 14.99
N ASP U 94 6.07 40.26 15.23
CA ASP U 94 7.23 40.33 14.33
C ASP U 94 6.89 40.05 12.86
N GLN U 95 5.97 39.11 12.66
CA GLN U 95 5.51 38.74 11.34
C GLN U 95 4.67 39.84 10.68
N LYS U 96 3.73 40.41 11.43
CA LYS U 96 2.87 41.51 10.98
C LYS U 96 3.67 42.76 10.63
N THR U 97 4.56 43.14 11.54
CA THR U 97 5.46 44.24 11.36
C THR U 97 6.15 44.05 10.02
N GLN U 98 6.94 43.00 9.91
CA GLN U 98 7.81 42.79 8.76
C GLN U 98 7.04 42.81 7.44
N TYR U 99 5.83 42.24 7.46
CA TYR U 99 4.97 42.18 6.30
C TYR U 99 4.63 43.58 5.80
N LEU U 100 4.20 44.43 6.73
CA LEU U 100 3.68 45.73 6.37
C LEU U 100 4.76 46.71 6.07
N VAL U 101 5.79 46.71 6.91
CA VAL U 101 6.75 47.79 6.91
C VAL U 101 8.21 47.35 6.70
N GLY U 102 8.45 46.03 6.72
CA GLY U 102 9.78 45.47 6.47
C GLY U 102 10.43 46.07 5.26
N GLU U 103 9.66 46.27 4.19
CA GLU U 103 10.12 47.00 3.02
C GLU U 103 9.69 48.44 3.15
N PRO U 104 10.63 49.38 2.94
CA PRO U 104 10.40 50.80 3.10
C PRO U 104 9.23 51.27 2.26
N VAL U 105 8.43 52.15 2.86
CA VAL U 105 7.31 52.82 2.18
C VAL U 105 7.83 53.71 1.06
N THR U 106 7.15 53.69 -0.08
CA THR U 106 7.56 54.47 -1.24
C THR U 106 6.58 55.62 -1.48
N PHE U 107 7.10 56.77 -1.94
CA PHE U 107 6.24 57.92 -2.12
C PHE U 107 6.20 58.44 -3.55
N THR U 108 5.07 58.99 -3.95
CA THR U 108 4.91 59.48 -5.32
C THR U 108 4.00 60.70 -5.37
N SER U 109 4.43 61.74 -6.08
CA SER U 109 3.57 62.88 -6.40
C SER U 109 4.09 63.55 -7.67
N ASP U 110 3.28 64.45 -8.23
CA ASP U 110 3.68 65.18 -9.42
C ASP U 110 4.42 66.44 -9.00
N ASN U 111 4.20 66.83 -7.74
CA ASN U 111 4.86 67.96 -7.14
C ASN U 111 6.24 67.49 -6.72
N LYS U 112 7.23 67.79 -7.58
CA LYS U 112 8.55 67.21 -7.39
C LYS U 112 9.36 67.78 -6.23
N THR U 113 9.16 69.07 -5.96
CA THR U 113 9.81 69.73 -4.84
C THR U 113 9.35 69.09 -3.53
N LEU U 114 8.04 68.97 -3.39
CA LEU U 114 7.46 68.27 -2.24
C LEU U 114 8.06 66.88 -2.14
N LEU U 115 8.08 66.17 -3.25
CA LEU U 115 8.56 64.79 -3.29
C LEU U 115 10.00 64.71 -2.87
N GLU U 116 10.80 65.74 -3.21
CA GLU U 116 12.20 65.80 -2.78
C GLU U 116 12.25 65.89 -1.26
N TYR U 117 11.56 66.89 -0.71
CA TYR U 117 11.57 67.14 0.75
C TYR U 117 11.15 65.91 1.52
N VAL U 118 10.15 65.20 1.01
CA VAL U 118 9.58 64.03 1.67
C VAL U 118 10.58 62.89 1.72
N ASN U 119 11.24 62.66 0.60
CA ASN U 119 12.24 61.61 0.49
C ASN U 119 13.43 61.83 1.41
N GLU U 120 14.02 63.02 1.34
CA GLU U 120 15.06 63.49 2.26
C GLU U 120 14.73 63.19 3.75
N LEU U 121 13.46 63.38 4.10
CA LEU U 121 13.00 63.25 5.47
C LEU U 121 12.81 61.82 5.83
N ALA U 122 12.31 61.07 4.87
CA ALA U 122 11.65 59.85 5.22
C ALA U 122 12.07 58.70 4.39
N ASP U 123 13.32 58.28 4.52
CA ASP U 123 13.68 57.04 3.81
C ASP U 123 14.69 56.07 4.47
N ASP U 124 15.28 56.45 5.62
CA ASP U 124 16.22 55.53 6.29
C ASP U 124 16.07 55.32 7.78
N ASP U 125 16.08 56.39 8.56
CA ASP U 125 15.84 56.31 10.00
C ASP U 125 14.35 56.18 10.20
N PHE U 126 13.60 56.74 9.24
CA PHE U 126 12.15 56.76 9.21
C PHE U 126 11.60 55.35 9.17
N ASP U 127 12.20 54.53 8.30
CA ASP U 127 11.82 53.15 8.14
C ASP U 127 12.00 52.48 9.49
N ASP U 128 13.22 52.52 10.01
CA ASP U 128 13.60 51.80 11.25
C ASP U 128 12.77 52.20 12.43
N ILE U 129 12.22 53.42 12.40
CA ILE U 129 11.33 53.94 13.45
C ILE U 129 9.91 53.52 13.18
N LEU U 130 9.51 53.49 11.90
CA LEU U 130 8.16 53.00 11.55
C LEU U 130 7.99 51.54 11.89
N ASN U 131 9.05 50.75 11.74
CA ASN U 131 9.03 49.36 12.18
C ASN U 131 8.76 49.25 13.67
N GLU U 132 9.37 50.15 14.43
CA GLU U 132 9.26 50.15 15.89
C GLU U 132 7.87 50.56 16.31
N THR U 133 7.23 51.37 15.49
CA THR U 133 5.89 51.84 15.75
C THR U 133 4.82 50.77 15.53
N VAL U 134 4.99 49.97 14.49
CA VAL U 134 4.00 48.95 14.19
C VAL U 134 4.02 47.85 15.24
N LYS U 135 5.23 47.43 15.62
CA LYS U 135 5.43 46.48 16.71
C LYS U 135 4.82 47.06 17.97
N ASN U 136 5.09 48.34 18.21
CA ASN U 136 4.60 49.07 19.37
C ASN U 136 3.10 49.19 19.38
N MET U 137 2.51 49.48 18.22
CA MET U 137 1.07 49.63 18.18
C MET U 137 0.35 48.29 18.29
N SER U 138 1.07 47.19 18.08
CA SER U 138 0.52 45.88 18.25
C SER U 138 0.56 45.47 19.72
N ASN U 139 1.68 45.75 20.39
CA ASN U 139 1.79 45.35 21.79
C ASN U 139 0.92 46.24 22.68
N LYS U 140 0.77 47.50 22.30
CA LYS U 140 0.09 48.48 23.15
C LYS U 140 -1.37 48.77 22.78
N GLY U 141 -1.71 48.65 21.50
CA GLY U 141 -3.06 48.94 21.03
C GLY U 141 -3.16 50.33 20.41
N ILE U 142 -2.08 51.09 20.53
CA ILE U 142 -1.96 52.43 19.95
C ILE U 142 -0.53 52.94 20.15
N GLU U 143 -0.01 53.72 19.23
CA GLU U 143 1.28 54.34 19.46
C GLU U 143 1.19 55.73 18.93
N TYR U 144 1.62 56.67 19.76
CA TYR U 144 1.64 58.08 19.42
C TYR U 144 3.07 58.40 19.09
N TRP U 145 3.26 59.36 18.21
CA TRP U 145 4.56 59.95 18.06
C TRP U 145 4.50 61.45 17.70
N HIS U 146 5.47 62.23 18.21
CA HIS U 146 5.38 63.71 18.27
C HIS U 146 6.35 64.45 17.34
N PRO U 147 5.82 65.35 16.50
CA PRO U 147 6.58 66.24 15.62
C PRO U 147 7.01 67.55 16.30
N PHE U 148 8.25 67.96 16.08
CA PHE U 148 8.81 69.10 16.76
C PHE U 148 10.01 69.61 15.98
N VAL U 149 10.30 70.89 16.11
CA VAL U 149 11.40 71.47 15.35
C VAL U 149 12.68 71.45 16.19
N ASP U 150 13.77 70.96 15.57
CA ASP U 150 15.05 70.77 16.24
C ASP U 150 15.67 72.06 16.71
N GLU U 151 16.62 71.95 17.64
CA GLU U 151 17.39 73.09 18.13
C GLU U 151 18.08 73.78 16.95
N GLU U 152 18.53 72.99 15.99
CA GLU U 152 19.15 73.47 14.74
C GLU U 152 18.12 74.04 13.76
N GLY U 153 16.84 73.86 14.07
CA GLY U 153 15.76 74.45 13.26
C GLY U 153 15.20 73.54 12.19
N GLU U 154 15.64 72.28 12.18
CA GLU U 154 15.15 71.29 11.21
C GLU U 154 13.96 70.53 11.76
N PHE U 155 13.24 69.85 10.87
CA PHE U 155 12.08 69.04 11.28
C PHE U 155 12.47 67.67 11.84
N ASP U 156 11.86 67.31 12.96
CA ASP U 156 12.20 66.07 13.65
C ASP U 156 10.99 65.47 14.35
N TYR U 157 11.03 64.17 14.56
CA TYR U 157 9.92 63.40 15.07
C TYR U 157 10.47 62.34 15.99
N VAL U 158 9.84 62.22 17.16
CA VAL U 158 10.26 61.28 18.16
C VAL U 158 9.05 60.50 18.63
N ILE U 159 9.27 59.22 18.92
CA ILE U 159 8.21 58.37 19.43
C ILE U 159 7.79 58.79 20.86
N PHE U 160 6.48 58.75 21.10
CA PHE U 160 5.93 59.24 22.36
C PHE U 160 5.14 58.14 23.04
N PRO U 161 5.85 57.19 23.70
CA PRO U 161 5.25 55.94 24.18
C PRO U 161 3.84 56.17 24.71
N ALA U 162 2.86 55.47 24.14
CA ALA U 162 1.45 55.69 24.46
C ALA U 162 1.08 55.43 25.92
N GLU U 163 1.89 54.60 26.59
CA GLU U 163 1.64 54.26 27.99
C GLU U 163 2.08 55.37 28.93
N GLU U 164 2.63 56.43 28.34
CA GLU U 164 2.97 57.64 29.06
C GLU U 164 2.02 58.78 28.73
N MET U 165 1.16 58.60 27.73
CA MET U 165 0.31 59.67 27.25
C MET U 165 -1.09 59.64 27.80
N ILE U 166 -1.70 60.82 27.90
CA ILE U 166 -3.07 61.02 28.39
C ILE U 166 -3.75 62.06 27.49
N VAL U 167 -4.84 61.67 26.84
CA VAL U 167 -5.46 62.45 25.77
C VAL U 167 -6.96 62.64 26.00
N VAL U 168 -7.42 63.88 26.00
CA VAL U 168 -8.86 64.16 26.02
C VAL U 168 -9.18 65.20 24.97
N TYR U 169 -10.40 65.17 24.44
CA TYR U 169 -10.84 66.13 23.43
C TYR U 169 -12.31 66.46 23.54
N TRP U 239 0.56 75.07 15.71
CA TRP U 239 0.27 74.12 14.65
C TRP U 239 -1.18 74.15 14.16
N GLY U 240 -2.11 74.46 15.04
CA GLY U 240 -3.51 74.59 14.64
C GLY U 240 -4.30 73.40 15.11
N ARG U 241 -3.71 72.22 14.97
CA ARG U 241 -4.27 71.03 15.59
C ARG U 241 -3.41 70.65 16.81
N VAL U 242 -4.00 69.90 17.73
CA VAL U 242 -3.22 69.32 18.83
C VAL U 242 -2.02 68.58 18.22
N PRO U 243 -0.81 68.78 18.77
CA PRO U 243 0.45 68.43 18.11
C PRO U 243 0.98 66.99 18.32
N ILE U 244 0.12 65.98 18.35
CA ILE U 244 0.58 64.58 18.42
C ILE U 244 -0.12 63.65 17.43
N ILE U 245 0.59 62.61 16.98
CA ILE U 245 0.11 61.73 15.92
C ILE U 245 -0.21 60.31 16.41
N PRO U 246 -1.51 59.96 16.45
CA PRO U 246 -1.88 58.60 16.80
C PRO U 246 -1.71 57.61 15.63
N PHE U 247 -1.14 56.45 15.93
CA PHE U 247 -1.14 55.31 15.05
C PHE U 247 -1.96 54.28 15.80
N LYS U 248 -3.20 54.08 15.37
CA LYS U 248 -4.13 53.14 16.02
C LYS U 248 -3.96 51.72 15.51
N ASN U 249 -3.77 50.79 16.43
CA ASN U 249 -3.72 49.39 16.07
C ASN U 249 -5.07 48.92 15.52
N ASN U 250 -6.15 49.26 16.23
CA ASN U 250 -7.50 48.90 15.79
C ASN U 250 -8.40 50.10 15.70
N GLU U 251 -9.70 49.84 15.82
CA GLU U 251 -10.63 50.86 16.24
C GLU U 251 -10.62 50.88 17.75
N GLU U 252 -10.73 49.70 18.33
CA GLU U 252 -10.83 49.54 19.77
C GLU U 252 -9.55 49.83 20.52
N MET U 253 -8.48 50.09 19.77
CA MET U 253 -7.18 50.43 20.37
C MET U 253 -6.71 49.42 21.43
N VAL U 254 -7.14 48.18 21.26
CA VAL U 254 -6.61 47.03 21.99
C VAL U 254 -5.43 46.41 21.24
N SER U 255 -4.54 45.73 21.98
CA SER U 255 -3.40 45.07 21.38
C SER U 255 -3.88 43.88 20.59
N ASP U 256 -3.02 43.35 19.72
CA ASP U 256 -3.35 42.14 18.98
C ASP U 256 -3.53 41.02 19.97
N LEU U 257 -2.72 41.03 21.04
CA LEU U 257 -2.79 40.01 22.08
C LEU U 257 -4.18 39.78 22.65
N LYS U 258 -5.04 40.78 22.51
CA LYS U 258 -6.39 40.72 23.08
C LYS U 258 -7.19 39.52 22.55
N PHE U 259 -6.95 39.16 21.28
CA PHE U 259 -7.82 38.21 20.62
C PHE U 259 -7.32 36.79 20.67
N TYR U 260 -6.17 36.57 21.32
CA TYR U 260 -5.67 35.19 21.53
C TYR U 260 -4.94 34.92 22.85
N LYS U 261 -4.98 35.87 23.77
CA LYS U 261 -4.33 35.75 25.07
C LYS U 261 -4.77 34.48 25.77
N ASP U 262 -6.08 34.23 25.75
CA ASP U 262 -6.65 32.99 26.28
C ASP U 262 -5.94 31.71 25.78
N LEU U 263 -5.62 31.70 24.50
CA LEU U 263 -4.94 30.56 23.90
C LEU U 263 -3.48 30.45 24.32
N ILE U 264 -2.68 31.49 24.11
CA ILE U 264 -1.33 31.50 24.66
C ILE U 264 -1.29 31.02 26.11
N ASP U 265 -2.22 31.50 26.94
CA ASP U 265 -2.18 31.18 28.36
C ASP U 265 -2.37 29.71 28.56
N ASN U 266 -3.37 29.17 27.88
CA ASN U 266 -3.70 27.74 27.92
C ASN U 266 -2.49 26.87 27.57
N TYR U 267 -1.82 27.28 26.49
CA TYR U 267 -0.63 26.64 26.01
C TYR U 267 0.44 26.61 27.06
N ASP U 268 0.65 27.73 27.73
CA ASP U 268 1.57 27.84 28.87
C ASP U 268 1.12 27.03 30.09
N SER U 269 -0.19 27.01 30.30
CA SER U 269 -0.75 26.28 31.41
C SER U 269 -0.42 24.81 31.26
N ILE U 270 -0.64 24.30 30.06
CA ILE U 270 -0.48 22.87 29.80
C ILE U 270 0.99 22.46 29.87
N THR U 271 1.84 23.22 29.18
CA THR U 271 3.25 22.89 29.03
C THR U 271 3.98 22.84 30.35
N SER U 272 3.65 23.78 31.23
CA SER U 272 4.25 23.85 32.56
C SER U 272 3.77 22.68 33.43
N SER U 273 2.47 22.39 33.34
CA SER U 273 1.88 21.26 34.06
C SER U 273 2.64 19.97 33.75
N THR U 274 2.87 19.78 32.46
CA THR U 274 3.58 18.62 31.92
C THR U 274 5.01 18.55 32.43
N MET U 275 5.65 19.72 32.53
CA MET U 275 7.01 19.84 33.02
C MET U 275 7.10 19.55 34.49
N ASP U 276 6.08 19.93 35.25
CA ASP U 276 6.02 19.55 36.64
C ASP U 276 5.94 18.03 36.76
N SER U 277 5.16 17.41 35.86
CA SER U 277 5.00 15.95 35.85
C SER U 277 6.31 15.26 35.56
N PHE U 278 7.07 15.79 34.62
CA PHE U 278 8.39 15.27 34.31
C PHE U 278 9.35 15.42 35.47
N SER U 279 9.18 16.51 36.21
CA SER U 279 9.96 16.79 37.40
C SER U 279 9.60 15.86 38.56
N ASP U 280 8.30 15.71 38.84
CA ASP U 280 7.83 14.85 39.92
C ASP U 280 8.13 13.37 39.70
N PHE U 281 8.18 12.98 38.43
CA PHE U 281 8.40 11.59 38.06
C PHE U 281 9.65 11.04 38.73
N GLN U 282 10.64 11.92 38.93
CA GLN U 282 11.93 11.55 39.48
C GLN U 282 11.87 11.13 40.93
N GLN U 283 11.00 11.78 41.70
CA GLN U 283 10.86 11.52 43.14
C GLN U 283 9.84 10.41 43.48
N ILE U 284 10.36 9.22 43.72
CA ILE U 284 9.55 7.99 43.87
C ILE U 284 8.99 7.89 45.28
N VAL U 285 7.69 7.63 45.39
CA VAL U 285 6.99 7.55 46.68
C VAL U 285 6.76 6.10 47.13
N TYR U 286 7.35 5.71 48.26
CA TYR U 286 7.27 4.33 48.75
C TYR U 286 6.15 4.09 49.74
N VAL U 287 5.28 3.13 49.43
CA VAL U 287 4.25 2.70 50.36
C VAL U 287 4.76 1.47 51.11
N LEU U 288 4.91 1.62 52.43
CA LEU U 288 5.49 0.55 53.26
C LEU U 288 4.44 -0.26 54.03
N LYS U 289 4.17 -1.48 53.54
CA LYS U 289 3.18 -2.37 54.14
C LYS U 289 3.82 -3.42 55.03
N ASN U 290 3.38 -3.45 56.29
CA ASN U 290 3.89 -4.33 57.37
C ASN U 290 5.42 -4.34 57.46
N TYR U 291 5.99 -3.13 57.59
CA TYR U 291 7.44 -2.90 57.60
C TYR U 291 8.16 -3.61 58.77
N ASP U 292 9.29 -4.24 58.45
CA ASP U 292 10.07 -5.08 59.37
C ASP U 292 10.77 -4.33 60.52
N GLY U 293 11.53 -3.28 60.18
CA GLY U 293 12.31 -2.54 61.17
C GLY U 293 11.46 -1.63 62.04
N GLU U 294 11.86 -1.46 63.29
CA GLU U 294 11.23 -0.46 64.17
C GLU U 294 11.87 0.92 64.00
N ASN U 295 13.16 0.95 63.70
CA ASN U 295 13.89 2.21 63.52
C ASN U 295 13.54 2.91 62.21
N PRO U 296 13.26 4.24 62.29
CA PRO U 296 12.99 5.05 61.09
C PRO U 296 14.28 5.39 60.34
N LYS U 297 15.37 5.49 61.10
CA LYS U 297 16.71 5.76 60.58
C LYS U 297 17.14 4.63 59.64
N GLU U 298 16.99 3.40 60.13
CA GLU U 298 17.35 2.18 59.40
C GLU U 298 16.90 2.17 57.93
N PHE U 299 15.66 2.60 57.68
CA PHE U 299 15.11 2.60 56.34
C PHE U 299 15.87 3.48 55.35
N THR U 300 15.93 4.78 55.63
CA THR U 300 16.46 5.79 54.70
C THR U 300 17.91 5.52 54.36
N ALA U 301 18.66 5.01 55.33
CA ALA U 301 20.05 4.63 55.15
C ALA U 301 20.17 3.29 54.42
N ASN U 302 19.41 2.30 54.87
CA ASN U 302 19.50 0.94 54.33
C ASN U 302 19.08 0.84 52.86
N LEU U 303 18.20 1.73 52.43
CA LEU U 303 17.81 1.84 51.02
C LEU U 303 18.81 2.69 50.23
N ARG U 304 19.34 3.73 50.86
CA ARG U 304 20.18 4.68 50.17
C ARG U 304 21.58 4.13 49.92
N TYR U 305 22.13 3.42 50.89
CA TYR U 305 23.51 2.91 50.79
C TYR U 305 23.62 1.43 50.45
N HIS U 306 22.52 0.71 50.65
CA HIS U 306 22.43 -0.68 50.22
C HIS U 306 21.17 -0.86 49.40
N SER U 307 21.16 -1.86 48.53
CA SER U 307 20.04 -2.05 47.61
C SER U 307 18.74 -2.44 48.32
N VAL U 308 18.83 -2.72 49.63
CA VAL U 308 17.82 -3.49 50.35
C VAL U 308 16.76 -2.70 51.13
N ILE U 309 15.54 -3.23 51.09
CA ILE U 309 14.47 -2.88 52.02
C ILE U 309 13.99 -4.19 52.65
N LYS U 310 14.00 -4.26 53.98
CA LYS U 310 13.56 -5.45 54.73
C LYS U 310 12.08 -5.38 55.14
N VAL U 311 11.32 -6.41 54.76
CA VAL U 311 9.88 -6.48 55.07
C VAL U 311 9.48 -7.85 55.59
N SER U 312 8.74 -7.86 56.69
CA SER U 312 8.20 -9.09 57.27
C SER U 312 6.67 -9.05 57.26
N GLY U 313 6.05 -9.94 58.04
CA GLY U 313 4.61 -10.13 57.98
C GLY U 313 4.28 -10.72 56.64
N ASP U 314 3.17 -10.28 56.05
CA ASP U 314 2.80 -10.70 54.71
C ASP U 314 2.86 -9.51 53.75
N GLY U 315 3.46 -8.41 54.21
CA GLY U 315 3.44 -7.14 53.50
C GLY U 315 4.32 -7.01 52.28
N GLY U 316 4.92 -5.84 52.12
CA GLY U 316 5.76 -5.54 50.98
C GLY U 316 5.98 -4.05 50.79
N VAL U 317 6.43 -3.69 49.59
CA VAL U 317 6.70 -2.30 49.23
C VAL U 317 6.07 -2.01 47.88
N ASP U 318 5.08 -1.13 47.88
CA ASP U 318 4.51 -0.62 46.64
C ASP U 318 5.11 0.75 46.36
N THR U 319 5.33 1.05 45.09
CA THR U 319 5.83 2.36 44.74
C THR U 319 4.76 3.16 44.03
N LEU U 320 4.72 4.45 44.31
CA LEU U 320 3.81 5.36 43.64
C LEU U 320 4.64 6.27 42.77
N ARG U 321 4.34 6.28 41.48
CA ARG U 321 5.08 7.13 40.56
C ARG U 321 4.14 8.06 39.81
N ALA U 322 4.60 9.30 39.61
CA ALA U 322 3.83 10.30 38.88
C ALA U 322 3.48 9.74 37.51
N GLU U 323 2.27 10.02 37.08
CA GLU U 323 1.92 9.79 35.70
C GLU U 323 2.23 11.12 35.02
N ILE U 324 2.78 11.03 33.80
CA ILE U 324 3.11 12.24 33.03
C ILE U 324 2.11 12.28 31.90
N PRO U 325 1.34 13.36 31.80
CA PRO U 325 0.31 13.34 30.77
C PRO U 325 0.79 13.79 29.39
N VAL U 326 1.91 13.26 28.91
CA VAL U 326 2.48 13.71 27.63
C VAL U 326 1.55 13.59 26.43
N ASP U 327 0.84 12.47 26.39
CA ASP U 327 0.00 12.13 25.26
C ASP U 327 -1.21 13.02 25.10
N SER U 328 -2.07 13.07 26.11
CA SER U 328 -3.25 13.92 26.07
C SER U 328 -2.80 15.36 25.90
N ALA U 329 -1.74 15.72 26.62
CA ALA U 329 -1.13 17.04 26.53
C ALA U 329 -0.82 17.40 25.10
N ALA U 330 -0.07 16.52 24.43
CA ALA U 330 0.41 16.82 23.11
C ALA U 330 -0.76 16.90 22.17
N LYS U 331 -1.82 16.16 22.47
CA LYS U 331 -3.00 16.13 21.61
C LYS U 331 -3.79 17.44 21.66
N GLU U 332 -3.99 17.95 22.87
CA GLU U 332 -4.67 19.21 23.05
C GLU U 332 -3.85 20.30 22.46
N LEU U 333 -2.56 20.32 22.81
CA LEU U 333 -1.61 21.33 22.37
C LEU U 333 -1.56 21.51 20.87
N GLU U 334 -1.79 20.43 20.16
CA GLU U 334 -1.81 20.46 18.71
C GLU U 334 -2.95 21.35 18.21
N ARG U 335 -4.15 21.18 18.77
CA ARG U 335 -5.33 21.96 18.35
C ARG U 335 -5.16 23.40 18.73
N ILE U 336 -4.76 23.64 19.97
CA ILE U 336 -4.59 24.98 20.48
C ILE U 336 -3.73 25.74 19.51
N GLN U 337 -2.62 25.13 19.13
CA GLN U 337 -1.63 25.74 18.24
C GLN U 337 -2.21 26.14 16.88
N ASP U 338 -3.08 25.27 16.35
CA ASP U 338 -3.74 25.55 15.10
C ASP U 338 -4.68 26.74 15.24
N GLU U 339 -5.42 26.76 16.35
CA GLU U 339 -6.39 27.82 16.65
C GLU U 339 -5.65 29.14 16.77
N LEU U 340 -4.50 29.07 17.45
CA LEU U 340 -3.60 30.19 17.64
C LEU U 340 -3.32 30.93 16.33
N TYR U 341 -2.77 30.20 15.36
CA TYR U 341 -2.52 30.77 14.04
C TYR U 341 -3.77 31.41 13.43
N LYS U 342 -4.95 30.87 13.72
CA LYS U 342 -6.17 31.40 13.14
C LYS U 342 -6.56 32.64 13.91
N SER U 343 -6.71 32.46 15.23
CA SER U 343 -7.14 33.53 16.11
C SER U 343 -6.27 34.75 15.97
N ALA U 344 -5.00 34.53 15.62
CA ALA U 344 -3.98 35.58 15.49
C ALA U 344 -3.82 36.08 14.07
N GLN U 345 -4.58 35.51 13.14
CA GLN U 345 -4.43 35.84 11.72
C GLN U 345 -2.98 35.85 11.28
N ALA U 346 -2.29 34.71 11.45
CA ALA U 346 -0.87 34.60 11.15
C ALA U 346 -0.62 33.68 9.99
N VAL U 347 0.65 33.56 9.61
CA VAL U 347 1.06 32.60 8.60
C VAL U 347 1.92 31.55 9.28
N ASP U 348 1.63 30.29 8.99
CA ASP U 348 2.44 29.20 9.51
C ASP U 348 3.17 28.55 8.36
N ASN U 349 4.46 28.84 8.18
CA ASN U 349 5.17 28.16 7.09
C ASN U 349 6.00 26.93 7.46
N SER U 350 5.53 26.17 8.48
CA SER U 350 5.99 24.80 8.71
C SER U 350 5.84 24.10 7.39
N PRO U 351 6.52 22.94 7.20
CA PRO U 351 6.48 22.40 5.84
C PRO U 351 5.22 21.53 5.61
N GLU U 352 4.67 21.61 4.40
CA GLU U 352 3.41 20.90 4.10
C GLU U 352 3.50 19.34 3.90
N THR U 353 2.94 18.60 4.86
CA THR U 353 2.78 17.14 4.75
C THR U 353 2.09 16.74 3.47
N ILE U 354 1.18 17.61 3.01
CA ILE U 354 0.46 17.35 1.76
C ILE U 354 1.25 17.96 0.62
N GLY U 355 1.58 17.11 -0.34
CA GLY U 355 2.33 17.57 -1.51
C GLY U 355 1.52 18.46 -2.46
N GLY U 356 1.10 19.62 -1.96
CA GLY U 356 0.31 20.53 -2.77
C GLY U 356 0.80 21.97 -2.71
N GLY U 357 1.33 22.35 -1.54
CA GLY U 357 1.66 23.73 -1.17
C GLY U 357 2.51 24.62 -2.05
N ALA U 358 2.92 24.15 -3.20
CA ALA U 358 3.77 24.94 -4.06
C ALA U 358 2.94 25.88 -4.92
N THR U 359 1.74 25.47 -5.31
CA THR U 359 0.97 26.17 -6.34
C THR U 359 0.49 27.54 -5.94
N GLY U 360 0.14 28.33 -6.95
CA GLY U 360 -0.38 29.69 -6.75
C GLY U 360 -1.48 29.81 -5.71
N PRO U 361 -2.57 29.04 -5.87
CA PRO U 361 -3.64 29.03 -4.88
C PRO U 361 -3.14 28.56 -3.53
N ALA U 362 -2.30 27.54 -3.52
CA ALA U 362 -1.92 26.90 -2.26
C ALA U 362 -1.23 27.90 -1.35
N LEU U 363 -0.50 28.81 -1.97
CA LEU U 363 0.29 29.79 -1.26
C LEU U 363 -0.57 30.97 -0.85
N GLU U 364 -1.45 31.39 -1.76
CA GLU U 364 -2.39 32.46 -1.50
C GLU U 364 -3.27 32.06 -0.31
N LYS U 365 -3.72 30.80 -0.29
CA LYS U 365 -4.49 30.30 0.83
C LYS U 365 -3.71 30.43 2.13
N LEU U 366 -2.39 30.41 2.04
CA LEU U 366 -1.57 30.35 3.23
C LEU U 366 -1.50 31.72 3.89
N TYR U 367 -1.41 32.73 3.07
CA TYR U 367 -1.31 34.08 3.55
C TYR U 367 -2.66 34.74 3.72
N ALA U 368 -3.72 34.01 3.39
CA ALA U 368 -5.08 34.52 3.47
C ALA U 368 -5.35 35.34 4.74
N LEU U 369 -5.08 34.76 5.91
CA LEU U 369 -5.37 35.45 7.15
C LEU U 369 -4.48 36.66 7.42
N LEU U 370 -3.19 36.52 7.15
CA LEU U 370 -2.31 37.63 7.41
C LEU U 370 -2.65 38.76 6.44
N ASP U 371 -2.95 38.43 5.18
CA ASP U 371 -3.43 39.42 4.21
C ASP U 371 -4.63 40.22 4.74
N LEU U 372 -5.42 39.55 5.56
CA LEU U 372 -6.59 40.14 6.21
C LEU U 372 -6.09 41.12 7.22
N LYS U 373 -5.24 40.65 8.12
CA LYS U 373 -4.71 41.46 9.22
C LYS U 373 -3.87 42.61 8.72
N ALA U 374 -3.06 42.38 7.69
CA ALA U 374 -2.23 43.44 7.18
C ALA U 374 -3.03 44.54 6.52
N ASN U 375 -4.22 44.22 6.04
CA ASN U 375 -4.99 45.21 5.31
C ASN U 375 -5.58 46.27 6.19
N MET U 376 -6.21 45.87 7.29
CA MET U 376 -6.63 46.82 8.32
C MET U 376 -5.42 47.65 8.73
N ALA U 377 -4.47 46.99 9.38
CA ALA U 377 -3.24 47.61 9.83
C ALA U 377 -2.72 48.68 8.88
N GLU U 378 -2.81 48.43 7.56
CA GLU U 378 -2.38 49.42 6.60
C GLU U 378 -3.29 50.64 6.65
N ARG U 379 -4.60 50.44 6.62
CA ARG U 379 -5.53 51.57 6.69
C ARG U 379 -5.21 52.48 7.88
N LYS U 380 -5.03 51.82 9.02
CA LYS U 380 -4.77 52.48 10.28
C LYS U 380 -3.40 53.12 10.32
N ILE U 381 -2.44 52.56 9.57
CA ILE U 381 -1.10 53.12 9.52
C ILE U 381 -1.11 54.34 8.62
N ARG U 382 -1.85 54.25 7.52
CA ARG U 382 -1.96 55.34 6.56
C ARG U 382 -2.58 56.55 7.20
N ALA U 383 -3.66 56.32 7.96
CA ALA U 383 -4.36 57.40 8.64
C ALA U 383 -3.40 58.23 9.49
N GLY U 384 -2.60 57.53 10.29
CA GLY U 384 -1.56 58.16 11.09
C GLY U 384 -0.53 58.87 10.24
N LEU U 385 -0.11 58.25 9.17
CA LEU U 385 0.96 58.76 8.35
C LEU U 385 0.54 59.95 7.53
N ARG U 386 -0.73 60.00 7.12
CA ARG U 386 -1.28 61.17 6.42
C ARG U 386 -1.26 62.42 7.31
N LEU U 387 -1.65 62.23 8.57
CA LEU U 387 -1.57 63.27 9.58
C LEU U 387 -0.13 63.69 9.85
N PHE U 388 0.81 62.75 9.73
CA PHE U 388 2.21 63.06 9.94
C PHE U 388 2.69 64.01 8.88
N PHE U 389 2.27 63.76 7.65
CA PHE U 389 2.72 64.60 6.53
C PHE U 389 1.96 65.91 6.42
N TRP U 390 0.86 66.04 7.17
CA TRP U 390 0.16 67.32 7.32
C TRP U 390 1.01 68.22 8.17
N PHE U 391 1.60 67.63 9.19
CA PHE U 391 2.46 68.35 10.12
C PHE U 391 3.74 68.79 9.42
N PHE U 392 4.30 67.89 8.63
CA PHE U 392 5.46 68.21 7.84
C PHE U 392 5.18 69.39 6.89
N ALA U 393 3.96 69.44 6.37
CA ALA U 393 3.54 70.48 5.44
C ALA U 393 3.34 71.82 6.13
N GLU U 394 2.84 71.76 7.37
CA GLU U 394 2.71 72.95 8.21
C GLU U 394 4.08 73.55 8.46
N TYR U 395 5.05 72.68 8.74
CA TYR U 395 6.44 73.08 8.97
C TYR U 395 7.04 73.72 7.76
N LEU U 396 6.73 73.20 6.58
CA LEU U 396 7.25 73.74 5.32
C LEU U 396 6.66 75.09 4.96
N ARG U 397 5.35 75.21 5.15
CA ARG U 397 4.64 76.47 4.93
C ARG U 397 5.22 77.59 5.81
N ASN U 398 5.61 77.27 7.03
CA ASN U 398 6.10 78.25 7.99
C ASN U 398 7.60 78.48 7.86
N THR U 399 8.34 77.45 7.51
CA THR U 399 9.77 77.55 7.32
C THR U 399 10.14 78.14 5.95
N GLY U 400 9.12 78.51 5.17
CA GLY U 400 9.33 79.19 3.89
C GLY U 400 9.89 78.30 2.79
N LYS U 401 9.54 77.02 2.86
CA LYS U 401 9.98 76.00 1.89
C LYS U 401 8.87 75.52 0.93
N GLY U 402 7.69 76.12 1.09
CA GLY U 402 6.63 75.92 0.12
C GLY U 402 5.31 75.63 0.83
N ASP U 403 4.21 75.91 0.13
CA ASP U 403 2.88 75.57 0.63
C ASP U 403 2.31 74.42 -0.20
N PHE U 404 2.12 73.29 0.48
CA PHE U 404 1.75 72.04 -0.15
C PHE U 404 0.49 71.45 0.45
N ASN U 405 -0.13 70.52 -0.29
CA ASN U 405 -1.29 69.76 0.20
C ASN U 405 -1.04 68.24 0.07
N PRO U 406 -0.31 67.66 1.03
CA PRO U 406 0.02 66.22 1.02
C PRO U 406 -1.22 65.35 0.75
N ASP U 407 -2.29 65.61 1.52
CA ASP U 407 -3.55 64.88 1.43
C ASP U 407 -4.16 64.77 0.03
N LYS U 408 -3.57 65.45 -0.93
CA LYS U 408 -4.09 65.43 -2.28
C LYS U 408 -2.96 65.43 -3.29
N GLU U 409 -1.73 65.68 -2.86
CA GLU U 409 -0.60 65.70 -3.79
C GLU U 409 0.30 64.46 -3.68
N LEU U 410 0.54 64.01 -2.45
CA LEU U 410 1.44 62.90 -2.23
C LEU U 410 0.68 61.58 -2.15
N THR U 411 1.27 60.54 -2.72
CA THR U 411 0.72 59.17 -2.61
C THR U 411 1.73 58.23 -1.93
N MET U 412 1.23 57.23 -1.23
CA MET U 412 2.07 56.27 -0.53
C MET U 412 1.93 54.88 -1.12
N THR U 413 3.00 54.09 -1.05
CA THR U 413 2.97 52.76 -1.62
C THR U 413 3.62 51.77 -0.70
N PHE U 414 2.80 50.97 -0.05
CA PHE U 414 3.29 49.92 0.84
C PHE U 414 3.63 48.68 0.03
N THR U 415 4.69 47.99 0.43
CA THR U 415 5.16 46.81 -0.28
C THR U 415 5.02 45.60 0.59
N ARG U 416 4.69 44.47 -0.02
CA ARG U 416 4.53 43.28 0.80
C ARG U 416 5.43 42.11 0.44
N THR U 417 6.05 41.57 1.49
CA THR U 417 6.96 40.45 1.33
C THR U 417 6.13 39.20 1.24
N ARG U 418 5.83 38.79 0.01
CA ARG U 418 4.90 37.70 -0.23
C ARG U 418 5.50 36.52 -0.97
N ILE U 419 5.37 35.32 -0.40
CA ILE U 419 5.93 34.11 -1.03
C ILE U 419 5.19 33.82 -2.32
N GLN U 420 5.93 33.59 -3.38
CA GLN U 420 5.29 33.27 -4.64
C GLN U 420 5.95 32.11 -5.32
N ASN U 421 5.28 31.63 -6.35
CA ASN U 421 5.85 30.62 -7.19
C ASN U 421 6.32 31.29 -8.46
N ASP U 422 7.51 31.89 -8.40
CA ASP U 422 8.04 32.70 -9.51
C ASP U 422 8.08 31.96 -10.83
N SER U 423 8.38 30.67 -10.74
CA SER U 423 8.48 29.77 -11.88
C SER U 423 7.15 29.77 -12.59
N GLU U 424 6.10 29.52 -11.83
CA GLU U 424 4.73 29.46 -12.31
C GLU U 424 4.31 30.78 -12.95
N ILE U 425 4.60 31.89 -12.30
CA ILE U 425 4.15 33.18 -12.79
C ILE U 425 4.81 33.52 -14.11
N VAL U 426 6.13 33.33 -14.19
CA VAL U 426 6.88 33.56 -15.43
C VAL U 426 6.24 32.87 -16.63
N GLN U 427 5.86 31.60 -16.45
CA GLN U 427 5.20 30.83 -17.49
C GLN U 427 3.82 31.36 -17.89
N SER U 428 3.00 31.64 -16.89
CA SER U 428 1.73 32.27 -17.12
C SER U 428 1.89 33.52 -17.94
N LEU U 429 2.89 34.33 -17.60
CA LEU U 429 3.08 35.61 -18.25
C LEU U 429 3.52 35.44 -19.69
N VAL U 430 4.44 34.51 -19.91
CA VAL U 430 4.92 34.16 -21.24
C VAL U 430 3.74 33.71 -22.08
N GLN U 431 2.90 32.87 -21.47
CA GLN U 431 1.75 32.26 -22.11
C GLN U 431 0.75 33.34 -22.49
N GLY U 432 0.55 34.30 -21.58
CA GLY U 432 -0.40 35.38 -21.78
C GLY U 432 -0.01 36.33 -22.90
N VAL U 433 1.28 36.61 -22.99
CA VAL U 433 1.82 37.52 -24.01
C VAL U 433 1.85 36.85 -25.38
N THR U 434 2.35 35.61 -25.41
CA THR U 434 2.29 34.80 -26.61
C THR U 434 0.87 34.75 -27.14
N GLY U 435 -0.08 34.42 -26.27
CA GLY U 435 -1.49 34.29 -26.64
C GLY U 435 -2.06 35.62 -27.10
N GLY U 436 -1.54 36.70 -26.56
CA GLY U 436 -1.94 38.02 -26.99
C GLY U 436 -2.97 38.64 -26.08
N ILE U 437 -3.12 38.06 -24.90
CA ILE U 437 -4.02 38.60 -23.89
C ILE U 437 -3.30 39.63 -23.03
N MET U 438 -2.05 39.93 -23.38
CA MET U 438 -1.22 40.80 -22.55
C MET U 438 -0.20 41.60 -23.31
N SER U 439 0.04 42.82 -22.85
CA SER U 439 1.16 43.62 -23.33
C SER U 439 2.42 43.18 -22.60
N LYS U 440 3.56 43.29 -23.29
CA LYS U 440 4.85 43.01 -22.67
C LYS U 440 5.08 43.97 -21.50
N GLU U 441 4.67 45.23 -21.66
CA GLU U 441 4.68 46.23 -20.59
C GLU U 441 4.13 45.64 -19.30
N THR U 442 2.82 45.39 -19.30
CA THR U 442 2.14 44.83 -18.13
C THR U 442 2.92 43.63 -17.62
N ALA U 443 3.41 42.83 -18.57
CA ALA U 443 4.12 41.58 -18.28
C ALA U 443 5.42 41.83 -17.52
N VAL U 444 6.23 42.74 -18.04
CA VAL U 444 7.49 43.12 -17.43
C VAL U 444 7.28 43.59 -15.98
N ALA U 445 6.27 44.44 -15.78
CA ALA U 445 5.95 44.97 -14.46
C ALA U 445 5.49 43.89 -13.49
N ARG U 446 4.92 42.81 -14.04
CA ARG U 446 4.38 41.72 -13.23
C ARG U 446 5.37 40.55 -13.04
N ASN U 447 6.49 40.61 -13.77
CA ASN U 447 7.59 39.64 -13.67
C ASN U 447 8.27 39.70 -12.30
N PRO U 448 8.35 38.56 -11.60
CA PRO U 448 8.91 38.55 -10.26
C PRO U 448 10.41 38.86 -10.20
N PHE U 449 11.12 38.72 -11.31
CA PHE U 449 12.56 38.99 -11.32
C PHE U 449 12.88 40.44 -11.67
N VAL U 450 11.86 41.29 -11.61
CA VAL U 450 12.03 42.69 -12.00
C VAL U 450 11.75 43.60 -10.80
N GLN U 451 12.74 44.42 -10.46
CA GLN U 451 12.60 45.39 -9.38
C GLN U 451 11.97 46.69 -9.88
N ASP U 452 12.56 47.27 -10.94
CA ASP U 452 12.10 48.53 -11.53
C ASP U 452 11.67 48.38 -12.99
N PRO U 453 10.33 48.39 -13.24
CA PRO U 453 9.73 48.19 -14.56
C PRO U 453 10.27 49.14 -15.64
N GLU U 454 10.49 50.39 -15.26
CA GLU U 454 10.96 51.42 -16.18
C GLU U 454 12.31 51.08 -16.81
N GLU U 455 13.27 50.69 -15.98
CA GLU U 455 14.61 50.31 -16.44
C GLU U 455 14.60 49.05 -17.32
N GLU U 456 13.81 48.05 -16.91
CA GLU U 456 13.72 46.77 -17.64
C GLU U 456 13.02 46.92 -19.01
N LEU U 457 11.92 47.68 -19.03
CA LEU U 457 11.24 47.97 -20.30
C LEU U 457 12.21 48.69 -21.24
N ALA U 458 13.05 49.55 -20.67
CA ALA U 458 14.06 50.27 -21.44
C ALA U 458 15.21 49.35 -21.85
N ARG U 459 15.64 48.47 -20.95
CA ARG U 459 16.76 47.58 -21.22
C ARG U 459 16.44 46.62 -22.37
N ILE U 460 15.23 46.06 -22.36
CA ILE U 460 14.76 45.13 -23.38
C ILE U 460 14.67 45.79 -24.77
N GLU U 461 14.39 47.09 -24.77
CA GLU U 461 14.26 47.86 -26.02
C GLU U 461 15.62 48.16 -26.67
N GLU U 462 16.64 48.39 -25.83
CA GLU U 462 18.00 48.64 -26.30
C GLU U 462 18.69 47.29 -26.62
N GLU U 463 18.15 46.22 -26.08
CA GLU U 463 18.56 44.88 -26.51
C GLU U 463 18.17 44.71 -27.99
N MET U 464 16.89 44.95 -28.31
CA MET U 464 16.34 44.76 -29.67
C MET U 464 17.00 45.66 -30.74
N ASN U 465 17.20 46.93 -30.42
CA ASN U 465 17.87 47.87 -31.35
C ASN U 465 19.35 47.48 -31.57
N GLN U 466 19.77 46.42 -30.88
CA GLN U 466 21.12 45.85 -31.03
C GLN U 466 21.07 44.54 -31.82
N TYR U 467 20.37 43.54 -31.29
CA TYR U 467 20.19 42.24 -31.96
C TYR U 467 19.16 42.33 -33.10
N UNK V 1 -8.29 70.07 23.10
CA UNK V 1 -7.47 68.85 23.39
C UNK V 1 -6.09 69.22 23.95
N UNK V 2 -5.90 68.95 25.22
CA UNK V 2 -4.56 68.85 25.77
C UNK V 2 -4.01 67.42 25.45
N UNK V 3 -2.75 67.20 25.84
CA UNK V 3 -2.14 65.87 25.83
C UNK V 3 -0.95 65.90 26.80
N UNK V 4 -0.91 64.97 27.75
CA UNK V 4 0.13 64.99 28.78
C UNK V 4 0.98 63.73 28.73
N UNK V 5 2.29 63.88 28.94
CA UNK V 5 3.20 62.73 29.06
C UNK V 5 3.77 62.61 30.48
N UNK V 6 3.60 61.44 31.10
CA UNK V 6 4.04 61.19 32.47
C UNK V 6 5.34 60.38 32.52
N UNK V 7 6.47 61.05 32.36
CA UNK V 7 7.81 60.45 32.48
C UNK V 7 8.28 60.41 33.95
N UNK V 8 9.28 59.58 34.23
CA UNK V 8 9.91 59.53 35.56
C UNK V 8 11.38 59.08 35.42
N UNK V 9 12.30 59.99 35.72
CA UNK V 9 13.74 59.79 35.44
C UNK V 9 14.59 59.70 36.69
N UNK V 10 15.21 58.53 36.92
CA UNK V 10 16.14 58.34 38.05
C UNK V 10 17.56 58.89 37.74
N UNK V 11 18.08 59.71 38.63
CA UNK V 11 19.39 60.35 38.41
C UNK V 11 20.57 59.46 38.79
N UNK V 12 21.79 59.98 38.60
CA UNK V 12 23.02 59.32 39.03
C UNK V 12 22.90 58.82 40.47
N UNK V 13 22.24 59.64 41.30
CA UNK V 13 21.95 59.31 42.69
C UNK V 13 20.44 59.20 42.97
N UNK V 14 19.72 60.29 42.72
CA UNK V 14 18.31 60.45 43.12
C UNK V 14 17.28 59.78 42.20
N UNK V 15 16.09 60.38 42.14
CA UNK V 15 15.01 60.00 41.23
C UNK V 15 13.98 61.14 41.05
N UNK V 16 13.94 61.74 39.86
CA UNK V 16 12.97 62.79 39.53
C UNK V 16 11.74 62.21 38.83
N UNK V 17 10.65 62.98 38.81
CA UNK V 17 9.38 62.49 38.23
C UNK V 17 8.60 63.59 37.49
N UNK V 18 9.16 64.06 36.36
CA UNK V 18 8.63 65.22 35.60
C UNK V 18 7.39 64.93 34.76
N UNK V 19 6.82 65.99 34.18
CA UNK V 19 5.64 65.88 33.30
C UNK V 19 5.55 67.04 32.29
N UNK V 20 4.82 66.80 31.20
CA UNK V 20 4.73 67.69 30.03
C UNK V 20 3.28 67.77 29.52
N UNK V 21 2.75 68.99 29.36
CA UNK V 21 1.39 69.16 28.82
C UNK V 21 1.39 69.88 27.46
N UNK V 22 1.12 69.12 26.40
CA UNK V 22 1.16 69.63 25.02
C UNK V 22 -0.19 70.27 24.60
N UNK V 23 -0.13 71.56 24.26
CA UNK V 23 -1.31 72.31 23.85
C UNK V 23 -1.20 72.76 22.39
N UNK V 24 -2.35 73.13 21.80
CA UNK V 24 -2.40 73.59 20.42
C UNK V 24 -1.39 74.70 20.11
N UNK V 25 -1.08 75.53 21.11
CA UNK V 25 -0.18 76.70 20.96
C UNK V 25 1.23 76.57 21.59
N UNK V 26 1.29 75.94 22.78
CA UNK V 26 2.56 75.69 23.51
C UNK V 26 2.64 74.33 24.29
N UNK V 27 3.74 74.09 25.02
CA UNK V 27 4.06 72.77 25.59
C UNK V 27 4.71 72.81 26.97
N UNK V 28 4.03 73.47 27.92
CA UNK V 28 4.50 73.69 29.29
C UNK V 28 4.97 72.43 30.03
N UNK V 29 5.98 72.59 30.91
CA UNK V 29 6.55 71.46 31.68
C UNK V 29 6.03 71.32 33.15
N UNK V 30 6.71 70.50 33.95
CA UNK V 30 6.39 70.32 35.38
C UNK V 30 7.27 69.23 36.02
N PRO W 29 33.84 65.75 37.04
CA PRO W 29 33.10 64.58 37.53
C PRO W 29 33.44 64.23 38.98
N ASP W 30 32.59 63.42 39.61
CA ASP W 30 32.76 63.07 41.03
C ASP W 30 33.27 61.64 41.19
N THR W 31 34.02 61.38 42.27
CA THR W 31 34.57 60.05 42.52
C THR W 31 33.61 59.17 43.32
N THR W 32 32.78 59.81 44.13
CA THR W 32 31.75 59.10 44.91
C THR W 32 30.64 58.51 44.03
N MET W 33 30.18 59.33 43.07
CA MET W 33 29.12 58.94 42.15
C MET W 33 29.56 57.75 41.27
N ILE W 34 30.85 57.74 40.92
CA ILE W 34 31.48 56.63 40.21
C ILE W 34 31.23 55.31 40.94
N GLN W 35 31.52 55.29 42.25
CA GLN W 35 31.29 54.12 43.07
C GLN W 35 29.83 53.65 43.06
N LYS W 36 28.88 54.59 43.20
CA LYS W 36 27.44 54.27 43.11
C LYS W 36 27.14 53.63 41.76
N LEU W 37 27.56 54.31 40.70
CA LEU W 37 27.36 53.81 39.35
C LEU W 37 27.92 52.40 39.16
N ILE W 38 29.08 52.15 39.75
CA ILE W 38 29.73 50.84 39.69
C ILE W 38 29.02 49.79 40.57
N ASP W 39 28.71 50.14 41.80
CA ASP W 39 28.10 49.19 42.72
C ASP W 39 26.67 48.90 42.38
N GLU W 40 25.98 49.91 41.86
CA GLU W 40 24.61 49.77 41.40
C GLU W 40 24.53 48.89 40.12
N HIS W 41 25.52 49.01 39.23
CA HIS W 41 25.60 48.24 37.98
C HIS W 41 25.59 46.72 38.22
N ASN W 42 24.94 46.00 37.30
CA ASN W 42 24.96 44.54 37.30
C ASN W 42 25.09 43.96 35.88
N PRO W 43 26.09 43.06 35.69
CA PRO W 43 26.29 42.50 34.36
C PRO W 43 25.54 41.18 34.15
N GLU W 44 24.94 40.62 35.21
CA GLU W 44 24.25 39.32 35.07
C GLU W 44 23.17 39.26 33.96
N PRO W 45 22.41 40.35 33.73
CA PRO W 45 21.49 40.30 32.58
C PRO W 45 22.25 40.21 31.27
N LEU W 46 23.38 40.91 31.17
CA LEU W 46 24.13 40.98 29.91
C LEU W 46 25.00 39.76 29.67
N LEU W 47 25.38 39.08 30.75
CA LEU W 47 26.22 37.88 30.62
C LEU W 47 25.38 36.63 30.34
N LYS W 48 24.10 36.69 30.72
CA LYS W 48 23.15 35.59 30.53
C LYS W 48 23.38 34.88 29.19
N GLY W 49 23.12 35.59 28.09
CA GLY W 49 23.33 35.07 26.74
C GLY W 49 24.71 34.47 26.54
N VAL W 50 25.75 35.16 27.00
CA VAL W 50 27.12 34.69 26.84
C VAL W 50 27.34 33.34 27.51
N ARG W 51 26.75 33.14 28.69
CA ARG W 51 26.89 31.88 29.40
C ARG W 51 26.15 30.81 28.61
N TYR W 52 24.98 31.14 28.10
CA TYR W 52 24.25 30.18 27.31
C TYR W 52 24.98 29.88 26.02
N TYR W 53 25.57 30.90 25.40
CA TYR W 53 26.38 30.70 24.20
C TYR W 53 27.49 29.68 24.44
N MET W 54 27.96 29.60 25.68
CA MET W 54 29.06 28.72 26.06
C MET W 54 28.62 27.37 26.69
N CYS W 55 27.33 27.08 26.64
CA CYS W 55 26.76 25.94 27.37
C CYS W 55 27.13 26.05 28.84
N GLU W 56 26.72 27.15 29.46
CA GLU W 56 26.70 27.26 30.91
C GLU W 56 25.26 27.59 31.27
N ASN W 57 24.39 26.62 31.11
CA ASN W 57 22.97 26.86 31.31
C ASN W 57 22.56 26.66 32.78
N ASP W 58 21.52 27.38 33.21
CA ASP W 58 21.10 27.34 34.61
C ASP W 58 21.08 25.92 35.11
N ILE W 59 20.99 24.99 34.17
CA ILE W 59 20.82 23.59 34.52
C ILE W 59 22.07 23.05 35.18
N GLU W 60 23.18 23.77 35.04
CA GLU W 60 24.39 23.33 35.70
C GLU W 60 24.32 23.55 37.22
N LYS W 61 23.25 24.20 37.68
CA LYS W 61 23.01 24.42 39.12
C LYS W 61 22.21 23.28 39.76
N LYS W 62 21.62 22.44 38.90
CA LYS W 62 20.84 21.27 39.34
C LYS W 62 21.68 20.38 40.24
N ARG W 63 21.07 19.91 41.31
CA ARG W 63 21.75 19.03 42.25
C ARG W 63 20.72 18.10 42.83
N ARG W 64 21.12 16.87 43.15
CA ARG W 64 20.18 15.88 43.66
C ARG W 64 20.13 15.84 45.20
N THR W 65 19.02 16.31 45.74
CA THR W 65 18.90 16.58 47.17
C THR W 65 18.07 15.51 47.91
N TYR W 66 17.96 15.66 49.23
CA TYR W 66 17.16 14.77 50.10
C TYR W 66 17.11 15.38 51.49
N TYR W 67 16.27 14.84 52.37
CA TYR W 67 16.08 15.46 53.68
C TYR W 67 16.60 14.65 54.85
N ASP W 68 17.29 15.34 55.75
CA ASP W 68 17.92 14.76 56.93
C ASP W 68 16.89 14.34 57.99
N ALA W 69 17.36 14.19 59.22
CA ALA W 69 16.53 13.88 60.39
C ALA W 69 15.42 14.92 60.58
N ALA W 70 15.80 16.13 61.01
CA ALA W 70 14.88 17.27 61.13
C ALA W 70 14.80 18.09 59.82
N GLY W 71 14.48 17.40 58.71
CA GLY W 71 14.16 18.05 57.46
C GLY W 71 15.17 19.07 57.00
N GLN W 72 16.47 18.73 57.11
CA GLN W 72 17.53 19.54 56.51
C GLN W 72 17.86 19.13 55.05
N GLN W 73 17.57 20.01 54.11
CA GLN W 73 17.85 19.72 52.71
C GLN W 73 19.35 19.51 52.51
N LEU W 74 19.72 18.42 51.84
CA LEU W 74 21.11 18.05 51.66
C LEU W 74 21.31 17.37 50.30
N VAL W 75 22.46 17.58 49.68
CA VAL W 75 22.87 16.85 48.47
C VAL W 75 23.22 15.41 48.85
N ASP W 76 22.85 14.43 48.01
CA ASP W 76 23.24 13.05 48.34
C ASP W 76 24.23 12.42 47.37
N ASP W 77 25.35 11.97 47.94
CA ASP W 77 26.47 11.43 47.17
C ASP W 77 26.17 10.06 46.60
N THR W 78 25.03 9.50 47.01
CA THR W 78 24.50 8.24 46.49
C THR W 78 24.27 8.26 44.98
N LYS W 79 23.61 9.31 44.50
CA LYS W 79 23.12 9.37 43.13
C LYS W 79 23.98 10.22 42.22
N THR W 80 24.01 9.86 40.94
CA THR W 80 24.71 10.65 39.93
C THR W 80 23.87 11.85 39.53
N ASN W 81 24.49 13.02 39.48
CA ASN W 81 23.79 14.24 39.16
C ASN W 81 24.17 14.72 37.78
N ASN W 82 23.51 14.17 36.76
CA ASN W 82 23.74 14.58 35.39
C ASN W 82 23.12 15.95 35.21
N ARG W 83 23.84 16.85 34.57
CA ARG W 83 23.24 18.10 34.14
C ARG W 83 23.73 18.58 32.78
N THR W 84 22.89 18.29 31.80
CA THR W 84 23.23 18.46 30.41
C THR W 84 22.73 19.81 29.87
N SER W 85 23.63 20.67 29.45
CA SER W 85 23.23 21.97 28.93
C SER W 85 23.41 21.98 27.44
N HIS W 86 22.36 22.33 26.71
CA HIS W 86 22.38 22.23 25.24
C HIS W 86 22.89 23.49 24.52
N ALA W 87 23.63 23.26 23.43
CA ALA W 87 24.18 24.36 22.62
C ALA W 87 23.18 24.95 21.62
N TRP W 88 21.91 25.07 22.02
CA TRP W 88 20.88 25.58 21.12
C TRP W 88 21.14 27.02 20.81
N HIS W 89 21.43 27.79 21.86
CA HIS W 89 21.53 29.22 21.74
C HIS W 89 22.72 29.62 20.91
N LYS W 90 23.83 28.90 21.07
CA LYS W 90 25.03 29.19 20.29
C LYS W 90 24.80 28.96 18.79
N LEU W 91 24.07 27.90 18.50
CA LEU W 91 23.77 27.54 17.14
C LEU W 91 22.91 28.58 16.47
N PHE W 92 21.94 29.12 17.20
CA PHE W 92 21.05 30.09 16.61
C PHE W 92 21.78 31.37 16.30
N VAL W 93 22.68 31.76 17.22
CA VAL W 93 23.44 33.01 17.14
C VAL W 93 24.46 32.96 16.02
N ASP W 94 25.20 31.87 15.95
CA ASP W 94 26.11 31.62 14.82
C ASP W 94 25.41 31.71 13.47
N GLN W 95 24.17 31.22 13.43
CA GLN W 95 23.38 31.24 12.23
C GLN W 95 22.95 32.66 11.87
N LYS W 96 22.57 33.45 12.86
CA LYS W 96 22.19 34.85 12.63
C LYS W 96 23.39 35.69 12.23
N THR W 97 24.49 35.52 12.96
CA THR W 97 25.72 36.24 12.68
C THR W 97 26.14 36.02 11.23
N GLN W 98 26.29 34.75 10.86
CA GLN W 98 26.81 34.39 9.55
C GLN W 98 25.92 34.89 8.42
N TYR W 99 24.61 34.78 8.59
CA TYR W 99 23.65 35.25 7.60
C TYR W 99 23.88 36.72 7.27
N LEU W 100 23.96 37.54 8.31
CA LEU W 100 24.01 38.98 8.16
C LEU W 100 25.37 39.46 7.69
N VAL W 101 26.42 38.90 8.28
CA VAL W 101 27.75 39.47 8.23
C VAL W 101 28.78 38.51 7.65
N GLY W 102 28.40 37.23 7.53
CA GLY W 102 29.26 36.20 6.92
C GLY W 102 29.92 36.63 5.63
N GLU W 103 29.16 37.24 4.74
CA GLU W 103 29.74 37.93 3.59
C GLU W 103 30.01 39.37 3.97
N PRO W 104 31.21 39.89 3.64
CA PRO W 104 31.65 41.26 3.96
C PRO W 104 30.73 42.32 3.40
N VAL W 105 30.63 43.44 4.11
CA VAL W 105 29.74 44.52 3.72
C VAL W 105 30.34 45.34 2.60
N THR W 106 29.55 45.61 1.56
CA THR W 106 30.02 46.35 0.39
C THR W 106 29.51 47.77 0.39
N PHE W 107 30.36 48.70 -0.07
CA PHE W 107 30.06 50.11 -0.02
C PHE W 107 30.08 50.73 -1.41
N THR W 108 29.19 51.69 -1.63
CA THR W 108 29.14 52.43 -2.87
C THR W 108 28.85 53.88 -2.56
N SER W 109 29.55 54.77 -3.27
CA SER W 109 29.18 56.18 -3.34
C SER W 109 29.58 56.68 -4.72
N ASP W 110 29.29 57.95 -4.97
CA ASP W 110 29.78 58.60 -6.18
C ASP W 110 31.01 59.44 -5.84
N ASN W 111 31.22 59.66 -4.54
CA ASN W 111 32.42 60.32 -4.04
C ASN W 111 33.56 59.32 -3.95
N LYS W 112 34.43 59.34 -4.95
CA LYS W 112 35.42 58.28 -5.13
C LYS W 112 36.53 58.30 -4.09
N THR W 113 36.95 59.51 -3.72
CA THR W 113 37.99 59.70 -2.71
C THR W 113 37.53 59.15 -1.36
N LEU W 114 36.29 59.47 -0.99
CA LEU W 114 35.65 58.94 0.20
C LEU W 114 35.58 57.42 0.11
N LEU W 115 35.10 56.92 -1.03
CA LEU W 115 34.98 55.49 -1.26
C LEU W 115 36.33 54.79 -1.08
N GLU W 116 37.39 55.39 -1.63
CA GLU W 116 38.75 54.89 -1.45
C GLU W 116 39.11 54.75 0.02
N TYR W 117 38.92 55.82 0.79
CA TYR W 117 39.25 55.83 2.24
C TYR W 117 38.44 54.83 3.05
N VAL W 118 37.18 54.62 2.68
CA VAL W 118 36.30 53.70 3.40
C VAL W 118 36.72 52.25 3.17
N ASN W 119 36.99 51.92 1.91
CA ASN W 119 37.47 50.60 1.54
C ASN W 119 38.76 50.19 2.26
N GLU W 120 39.80 51.02 2.12
CA GLU W 120 41.07 50.91 2.84
C GLU W 120 40.87 50.56 4.32
N LEU W 121 39.91 51.23 4.94
CA LEU W 121 39.62 51.11 6.38
C LEU W 121 38.93 49.82 6.69
N ALA W 122 37.95 49.50 5.86
CA ALA W 122 36.97 48.52 6.22
C ALA W 122 36.78 47.51 5.12
N ASP W 123 37.69 46.55 5.00
CA ASP W 123 37.37 45.39 4.14
C ASP W 123 38.02 44.05 4.48
N ASP W 124 38.78 43.99 5.58
CA ASP W 124 39.33 42.70 6.05
C ASP W 124 39.27 42.42 7.56
N ASP W 125 39.90 43.27 8.35
CA ASP W 125 39.89 43.08 9.80
C ASP W 125 38.54 43.56 10.32
N PHE W 126 37.97 44.50 9.59
CA PHE W 126 36.71 45.11 9.92
C PHE W 126 35.64 44.03 9.90
N ASP W 127 35.68 43.18 8.86
CA ASP W 127 34.73 42.09 8.70
C ASP W 127 34.73 41.16 9.92
N ASP W 128 35.91 40.67 10.28
CA ASP W 128 36.12 39.76 11.43
C ASP W 128 35.71 40.35 12.77
N ILE W 129 35.80 41.68 12.89
CA ILE W 129 35.36 42.36 14.10
C ILE W 129 33.86 42.50 14.06
N LEU W 130 33.32 42.91 12.91
CA LEU W 130 31.88 43.06 12.76
C LEU W 130 31.14 41.75 13.07
N ASN W 131 31.71 40.64 12.63
CA ASN W 131 31.20 39.32 13.00
C ASN W 131 31.12 39.13 14.51
N GLU W 132 32.18 39.53 15.21
CA GLU W 132 32.26 39.36 16.65
C GLU W 132 31.31 40.29 17.40
N THR W 133 30.89 41.34 16.72
CA THR W 133 30.00 42.35 17.30
C THR W 133 28.56 41.87 17.29
N VAL W 134 28.16 41.25 16.18
CA VAL W 134 26.81 40.75 16.03
C VAL W 134 26.56 39.58 16.98
N LYS W 135 27.46 38.60 16.97
CA LYS W 135 27.43 37.53 17.94
C LYS W 135 27.29 38.12 19.33
N ASN W 136 28.15 39.11 19.63
CA ASN W 136 28.16 39.78 20.90
C ASN W 136 26.84 40.48 21.19
N MET W 137 26.30 41.20 20.23
CA MET W 137 25.07 41.95 20.48
C MET W 137 23.89 41.03 20.60
N SER W 138 24.05 39.78 20.18
CA SER W 138 22.98 38.82 20.27
C SER W 138 23.03 38.12 21.60
N ASN W 139 24.24 37.92 22.11
CA ASN W 139 24.41 37.34 23.41
C ASN W 139 24.08 38.35 24.51
N LYS W 140 24.49 39.60 24.30
CA LYS W 140 24.46 40.61 25.36
C LYS W 140 23.23 41.51 25.27
N GLY W 141 22.69 41.68 24.07
CA GLY W 141 21.55 42.55 23.87
C GLY W 141 21.98 43.91 23.33
N ILE W 142 23.27 44.19 23.42
CA ILE W 142 23.88 45.43 22.94
C ILE W 142 25.39 45.28 22.94
N GLU W 143 26.05 45.85 21.96
CA GLU W 143 27.49 45.86 21.99
C GLU W 143 27.93 47.21 21.51
N TYR W 144 28.78 47.84 22.31
CA TYR W 144 29.36 49.13 22.02
C TYR W 144 30.75 48.93 21.51
N TRP W 145 31.17 49.81 20.60
CA TRP W 145 32.58 49.87 20.27
C TRP W 145 33.14 51.30 20.08
N HIS W 146 34.40 51.50 20.46
CA HIS W 146 34.97 52.85 20.64
C HIS W 146 36.01 53.24 19.58
N PRO W 147 35.80 54.40 18.94
CA PRO W 147 36.69 54.99 17.95
C PRO W 147 37.73 55.93 18.59
N PHE W 148 38.99 55.81 18.18
CA PHE W 148 40.08 56.57 18.81
C PHE W 148 41.27 56.66 17.88
N VAL W 149 42.01 57.77 17.99
CA VAL W 149 43.20 57.99 17.16
C VAL W 149 44.40 57.24 17.72
N ASP W 150 45.09 56.51 16.84
CA ASP W 150 46.27 55.73 17.20
C ASP W 150 47.45 56.60 17.66
N GLU W 151 48.39 55.96 18.35
CA GLU W 151 49.66 56.60 18.74
C GLU W 151 50.48 57.01 17.50
N GLU W 152 50.26 56.30 16.39
CA GLU W 152 50.85 56.63 15.09
C GLU W 152 50.03 57.69 14.35
N GLY W 153 48.93 58.14 14.96
CA GLY W 153 48.13 59.21 14.40
C GLY W 153 47.05 58.78 13.42
N GLU W 154 46.91 57.46 13.24
CA GLU W 154 45.90 56.88 12.33
C GLU W 154 44.59 56.57 13.06
N PHE W 155 43.52 56.39 12.28
CA PHE W 155 42.19 56.08 12.84
C PHE W 155 42.04 54.61 13.19
N ASP W 156 41.49 54.35 14.38
CA ASP W 156 41.39 52.99 14.88
C ASP W 156 40.13 52.84 15.72
N TYR W 157 39.63 51.62 15.77
CA TYR W 157 38.40 51.28 16.48
C TYR W 157 38.62 49.99 17.23
N VAL W 158 38.13 49.94 18.46
CA VAL W 158 38.26 48.75 19.28
C VAL W 158 36.92 48.48 19.92
N ILE W 159 36.61 47.20 20.11
CA ILE W 159 35.37 46.77 20.74
C ILE W 159 35.39 47.12 22.23
N PHE W 160 34.26 47.62 22.72
CA PHE W 160 34.15 48.02 24.13
C PHE W 160 33.05 47.20 24.80
N PRO W 161 33.40 46.00 25.32
CA PRO W 161 32.45 45.10 25.97
C PRO W 161 31.36 45.80 26.78
N ALA W 162 30.11 45.66 26.33
CA ALA W 162 28.97 46.37 26.89
C ALA W 162 28.70 46.07 28.38
N GLU W 163 29.21 44.95 28.86
CA GLU W 163 29.06 44.59 30.25
C GLU W 163 30.02 45.34 31.16
N GLU W 164 30.98 46.04 30.56
CA GLU W 164 31.88 46.94 31.29
C GLU W 164 31.46 48.40 31.21
N MET W 165 30.41 48.67 30.42
CA MET W 165 29.97 50.04 30.14
C MET W 165 28.76 50.48 30.95
N ILE W 166 28.71 51.78 31.21
CA ILE W 166 27.68 52.43 32.02
C ILE W 166 27.32 53.76 31.37
N VAL W 167 26.10 53.85 30.85
CA VAL W 167 25.69 54.99 30.02
C VAL W 167 24.47 55.76 30.57
N VAL W 168 24.62 57.07 30.71
CA VAL W 168 23.51 57.98 31.01
C VAL W 168 23.59 59.22 30.12
N TYR W 169 22.43 59.66 29.60
CA TYR W 169 22.30 60.90 28.83
C TYR W 169 21.11 61.73 29.33
N TRP W 239 35.00 65.64 19.62
CA TRP W 239 34.15 64.99 18.61
C TRP W 239 32.76 65.66 18.45
N GLY W 240 32.25 66.26 19.52
CA GLY W 240 30.95 66.94 19.46
C GLY W 240 29.85 66.14 20.13
N ARG W 241 29.82 64.86 19.80
CA ARG W 241 28.91 63.91 20.44
C ARG W 241 29.70 63.05 21.43
N VAL W 242 28.97 62.29 22.27
CA VAL W 242 29.60 61.31 23.14
C VAL W 242 30.42 60.34 22.27
N PRO W 243 31.58 59.89 22.76
CA PRO W 243 32.54 59.19 21.89
C PRO W 243 32.39 57.66 21.70
N ILE W 244 31.23 57.07 22.01
CA ILE W 244 31.03 55.61 21.80
C ILE W 244 29.87 55.25 20.87
N ILE W 245 29.98 54.09 20.21
CA ILE W 245 29.03 53.65 19.18
C ILE W 245 28.20 52.42 19.57
N PRO W 246 26.89 52.62 19.82
CA PRO W 246 25.96 51.53 20.12
C PRO W 246 25.48 50.71 18.91
N PHE W 247 25.63 49.39 19.02
CA PHE W 247 25.02 48.43 18.11
C PHE W 247 23.96 47.67 18.90
N LYS W 248 22.72 48.13 18.81
CA LYS W 248 21.61 47.53 19.54
C LYS W 248 21.14 46.24 18.88
N ASN W 249 20.87 45.22 19.70
CA ASN W 249 20.32 43.97 19.20
C ASN W 249 18.84 44.12 18.87
N ASN W 250 18.10 44.74 19.78
CA ASN W 250 16.70 45.08 19.55
C ASN W 250 16.49 46.50 20.05
N GLU W 251 15.22 46.86 20.21
CA GLU W 251 14.92 48.12 20.87
C GLU W 251 15.08 47.91 22.36
N GLU W 252 14.65 46.76 22.85
CA GLU W 252 14.66 46.51 24.27
C GLU W 252 16.04 46.14 24.77
N MET W 253 16.98 46.04 23.83
CA MET W 253 18.41 45.74 24.11
C MET W 253 18.63 44.47 24.96
N VAL W 254 17.71 43.52 24.79
CA VAL W 254 17.82 42.20 25.39
C VAL W 254 18.43 41.23 24.40
N SER W 255 19.08 40.20 24.92
CA SER W 255 19.66 39.15 24.13
C SER W 255 18.59 38.46 23.33
N ASP W 256 19.00 37.65 22.36
CA ASP W 256 18.04 36.84 21.64
C ASP W 256 17.52 35.78 22.56
N LEU W 257 18.38 35.34 23.48
CA LEU W 257 18.07 34.28 24.45
C LEU W 257 16.82 34.58 25.25
N LYS W 258 16.45 35.83 25.31
CA LYS W 258 15.31 36.29 26.10
C LYS W 258 14.01 35.63 25.63
N PHE W 259 13.93 35.33 24.35
CA PHE W 259 12.66 34.90 23.79
C PHE W 259 12.48 33.38 23.67
N TYR W 260 13.44 32.61 24.19
CA TYR W 260 13.32 31.16 24.15
C TYR W 260 14.06 30.44 25.25
N LYS W 261 14.61 31.20 26.21
CA LYS W 261 15.36 30.65 27.35
C LYS W 261 14.53 29.61 28.11
N ASP W 262 13.25 29.92 28.30
CA ASP W 262 12.31 28.96 28.91
C ASP W 262 12.39 27.59 28.25
N LEU W 263 12.45 27.61 26.91
CA LEU W 263 12.48 26.38 26.12
C LEU W 263 13.78 25.65 26.32
N ILE W 264 14.91 26.29 25.99
CA ILE W 264 16.21 25.67 26.29
C ILE W 264 16.24 25.07 27.70
N ASP W 265 15.78 25.83 28.68
CA ASP W 265 15.81 25.36 30.05
C ASP W 265 14.96 24.12 30.24
N ASN W 266 13.79 24.11 29.63
CA ASN W 266 12.91 22.95 29.68
C ASN W 266 13.61 21.75 29.06
N TYR W 267 14.16 21.98 27.87
CA TYR W 267 14.85 20.97 27.10
C TYR W 267 15.98 20.35 27.91
N ASP W 268 16.76 21.18 28.60
CA ASP W 268 17.85 20.71 29.44
C ASP W 268 17.34 19.93 30.64
N SER W 269 16.18 20.33 31.16
CA SER W 269 15.66 19.76 32.39
C SER W 269 15.24 18.34 32.11
N ILE W 270 14.51 18.16 31.02
CA ILE W 270 14.01 16.86 30.63
C ILE W 270 15.20 15.94 30.45
N THR W 271 16.13 16.33 29.56
CA THR W 271 17.21 15.46 29.13
C THR W 271 18.08 14.96 30.27
N SER W 272 18.28 15.81 31.25
CA SER W 272 19.06 15.44 32.41
C SER W 272 18.25 14.48 33.29
N SER W 273 16.96 14.78 33.46
CA SER W 273 16.07 13.93 34.25
C SER W 273 16.14 12.51 33.73
N THR W 274 16.01 12.38 32.42
CA THR W 274 16.07 11.10 31.71
C THR W 274 17.42 10.44 31.89
N MET W 275 18.48 11.24 31.97
CA MET W 275 19.82 10.69 32.16
C MET W 275 20.02 10.14 33.54
N ASP W 276 19.36 10.76 34.52
CA ASP W 276 19.38 10.23 35.86
C ASP W 276 18.68 8.90 35.89
N SER W 277 17.55 8.81 35.18
CA SER W 277 16.80 7.57 35.06
C SER W 277 17.66 6.46 34.52
N PHE W 278 18.42 6.74 33.46
CA PHE W 278 19.34 5.77 32.91
C PHE W 278 20.41 5.38 33.90
N SER W 279 20.82 6.33 34.73
CA SER W 279 21.84 6.06 35.72
C SER W 279 21.30 5.22 36.86
N ASP W 280 20.10 5.53 37.34
CA ASP W 280 19.48 4.84 38.47
C ASP W 280 19.04 3.43 38.14
N PHE W 281 18.67 3.23 36.87
CA PHE W 281 18.28 1.91 36.35
C PHE W 281 19.28 0.80 36.67
N GLN W 282 20.56 1.15 36.75
CA GLN W 282 21.62 0.18 37.04
C GLN W 282 21.54 -0.34 38.46
N GLN W 283 21.24 0.55 39.39
CA GLN W 283 21.18 0.17 40.80
C GLN W 283 19.85 -0.48 41.17
N ILE W 284 19.86 -1.81 41.24
CA ILE W 284 18.67 -2.61 41.54
C ILE W 284 18.34 -2.55 43.03
N VAL W 285 17.07 -2.31 43.36
CA VAL W 285 16.63 -2.29 44.76
C VAL W 285 15.86 -3.55 45.12
N TYR W 286 16.37 -4.33 46.07
CA TYR W 286 15.75 -5.59 46.46
C TYR W 286 14.80 -5.43 47.65
N VAL W 287 13.62 -6.02 47.52
CA VAL W 287 12.65 -6.10 48.60
C VAL W 287 12.69 -7.52 49.19
N LEU W 288 13.10 -7.63 50.45
CA LEU W 288 13.27 -8.93 51.11
C LEU W 288 12.11 -9.33 52.04
N LYS W 289 11.23 -10.18 51.52
CA LYS W 289 10.06 -10.64 52.26
C LYS W 289 10.32 -11.94 53.03
N ASN W 290 10.12 -11.89 54.35
CA ASN W 290 10.36 -13.02 55.24
C ASN W 290 11.72 -13.67 54.98
N TYR W 291 12.78 -12.88 55.17
CA TYR W 291 14.16 -13.29 54.86
C TYR W 291 14.70 -14.37 55.81
N ASP W 292 15.35 -15.38 55.21
CA ASP W 292 15.78 -16.61 55.90
C ASP W 292 16.91 -16.38 56.90
N GLY W 293 17.95 -15.67 56.48
CA GLY W 293 19.13 -15.43 57.31
C GLY W 293 18.91 -14.46 58.47
N GLU W 294 19.60 -14.71 59.59
CA GLU W 294 19.60 -13.76 60.70
C GLU W 294 20.65 -12.68 60.46
N ASN W 295 21.83 -13.08 59.96
CA ASN W 295 22.95 -12.18 59.72
C ASN W 295 22.73 -11.23 58.55
N PRO W 296 23.06 -9.93 58.73
CA PRO W 296 22.97 -8.95 57.65
C PRO W 296 24.14 -9.07 56.68
N LYS W 297 25.29 -9.52 57.20
CA LYS W 297 26.50 -9.73 56.42
C LYS W 297 26.29 -10.81 55.36
N GLU W 298 25.70 -11.93 55.78
CA GLU W 298 25.45 -13.09 54.93
C GLU W 298 24.80 -12.72 53.61
N PHE W 299 23.85 -11.79 53.65
CA PHE W 299 23.13 -11.38 52.44
C PHE W 299 24.04 -10.78 51.37
N THR W 300 24.68 -9.65 51.69
CA THR W 300 25.42 -8.87 50.70
C THR W 300 26.57 -9.66 50.09
N ALA W 301 27.20 -10.50 50.92
CA ALA W 301 28.27 -11.38 50.47
C ALA W 301 27.74 -12.53 49.63
N ASN W 302 26.67 -13.16 50.12
CA ASN W 302 26.11 -14.36 49.49
C ASN W 302 25.47 -14.11 48.12
N LEU W 303 25.00 -12.89 47.92
CA LEU W 303 24.47 -12.45 46.63
C LEU W 303 25.59 -12.00 45.69
N ARG W 304 26.58 -11.34 46.26
CA ARG W 304 27.68 -10.76 45.51
C ARG W 304 28.69 -11.78 45.02
N TYR W 305 28.91 -12.85 45.80
CA TYR W 305 29.92 -13.86 45.45
C TYR W 305 29.34 -15.19 45.02
N HIS W 306 28.08 -15.43 45.39
CA HIS W 306 27.34 -16.56 44.87
C HIS W 306 26.05 -16.01 44.31
N SER W 307 25.41 -16.78 43.43
CA SER W 307 24.23 -16.32 42.74
C SER W 307 23.02 -16.25 43.68
N VAL W 308 23.15 -16.83 44.85
CA VAL W 308 22.02 -17.21 45.67
C VAL W 308 21.51 -16.15 46.65
N ILE W 309 20.19 -16.11 46.83
CA ILE W 309 19.55 -15.48 47.98
C ILE W 309 18.63 -16.53 48.62
N LYS W 310 18.84 -16.82 49.89
CA LYS W 310 18.04 -17.81 50.62
C LYS W 310 16.84 -17.17 51.33
N VAL W 311 15.66 -17.74 51.09
CA VAL W 311 14.41 -17.24 51.66
C VAL W 311 13.56 -18.38 52.21
N SER W 312 13.03 -18.18 53.41
CA SER W 312 12.13 -19.12 54.06
C SER W 312 10.75 -18.51 54.29
N GLY W 313 9.95 -19.17 55.13
CA GLY W 313 8.57 -18.78 55.34
C GLY W 313 7.81 -19.00 54.06
N ASP W 314 7.01 -18.02 53.67
CA ASP W 314 6.32 -18.08 52.39
C ASP W 314 6.67 -16.85 51.58
N GLY W 315 7.76 -16.19 51.98
CA GLY W 315 8.20 -14.92 51.36
C GLY W 315 8.85 -15.05 49.99
N GLY W 316 9.85 -14.20 49.76
CA GLY W 316 10.55 -14.16 48.47
C GLY W 316 11.30 -12.86 48.28
N VAL W 317 11.70 -12.59 47.04
CA VAL W 317 12.45 -11.39 46.71
C VAL W 317 11.79 -10.65 45.57
N ASP W 318 11.34 -9.44 45.82
CA ASP W 318 10.88 -8.54 44.77
C ASP W 318 11.96 -7.54 44.43
N THR W 319 12.07 -7.18 43.16
CA THR W 319 13.03 -6.16 42.75
C THR W 319 12.31 -4.93 42.26
N LEU W 320 12.80 -3.77 42.69
CA LEU W 320 12.33 -2.48 42.23
C LEU W 320 13.40 -1.91 41.34
N ARG W 321 13.00 -1.57 40.13
CA ARG W 321 13.93 -0.95 39.18
C ARG W 321 13.35 0.38 38.75
N ALA W 322 14.22 1.37 38.58
CA ALA W 322 13.81 2.66 38.02
C ALA W 322 13.14 2.47 36.66
N GLU W 323 12.06 3.22 36.44
CA GLU W 323 11.44 3.27 35.15
C GLU W 323 12.12 4.41 34.44
N ILE W 324 12.38 4.26 33.15
CA ILE W 324 13.04 5.29 32.34
C ILE W 324 12.04 5.91 31.38
N PRO W 325 11.75 7.20 31.55
CA PRO W 325 10.68 7.80 30.79
C PRO W 325 11.15 8.31 29.43
N VAL W 326 11.83 7.45 28.67
CA VAL W 326 12.35 7.82 27.34
C VAL W 326 11.28 8.12 26.32
N ASP W 327 10.19 7.38 26.37
CA ASP W 327 9.11 7.53 25.40
C ASP W 327 8.35 8.84 25.50
N SER W 328 7.81 9.14 26.69
CA SER W 328 7.19 10.44 26.94
C SER W 328 8.22 11.54 26.69
N ALA W 329 9.41 11.38 27.25
CA ALA W 329 10.47 12.37 27.11
C ALA W 329 10.68 12.74 25.67
N ALA W 330 10.90 11.74 24.84
CA ALA W 330 11.18 11.95 23.43
C ALA W 330 10.05 12.69 22.74
N LYS W 331 8.82 12.32 23.08
CA LYS W 331 7.64 12.94 22.49
C LYS W 331 7.54 14.43 22.82
N GLU W 332 7.86 14.77 24.07
CA GLU W 332 7.78 16.12 24.56
C GLU W 332 8.93 16.90 23.95
N LEU W 333 10.13 16.34 24.04
CA LEU W 333 11.30 16.93 23.45
C LEU W 333 11.10 17.27 21.99
N GLU W 334 10.37 16.44 21.28
CA GLU W 334 10.12 16.72 19.88
C GLU W 334 9.46 18.07 19.65
N ARG W 335 8.42 18.40 20.42
CA ARG W 335 7.65 19.61 20.22
C ARG W 335 8.44 20.80 20.69
N ILE W 336 9.10 20.65 21.83
CA ILE W 336 9.94 21.74 22.33
C ILE W 336 10.87 22.15 21.21
N GLN W 337 11.51 21.16 20.60
CA GLN W 337 12.51 21.36 19.56
C GLN W 337 11.97 22.11 18.37
N ASP W 338 10.72 21.83 18.01
CA ASP W 338 10.09 22.51 16.91
C ASP W 338 9.81 23.95 17.29
N GLU W 339 9.27 24.15 18.50
CA GLU W 339 8.94 25.48 19.01
C GLU W 339 10.22 26.31 19.11
N LEU W 340 11.22 25.76 19.78
CA LEU W 340 12.57 26.29 19.80
C LEU W 340 12.88 27.02 18.51
N TYR W 341 12.90 26.32 17.39
CA TYR W 341 13.23 26.92 16.10
C TYR W 341 12.32 28.09 15.71
N LYS W 342 11.07 28.03 16.13
CA LYS W 342 10.09 29.05 15.77
C LYS W 342 10.29 30.25 16.65
N SER W 343 10.33 30.00 17.96
CA SER W 343 10.54 31.04 18.95
C SER W 343 11.84 31.79 18.70
N ALA W 344 12.85 31.06 18.23
CA ALA W 344 14.15 31.62 17.94
C ALA W 344 14.29 32.25 16.56
N GLN W 345 13.21 32.26 15.78
CA GLN W 345 13.28 32.63 14.36
C GLN W 345 14.52 32.09 13.66
N ALA W 346 14.68 30.77 13.69
CA ALA W 346 15.85 30.09 13.15
C ALA W 346 15.55 29.34 11.84
N VAL W 347 16.57 28.77 11.20
CA VAL W 347 16.34 27.91 10.05
C VAL W 347 16.74 26.52 10.47
N ASP W 348 15.91 25.53 10.11
CA ASP W 348 16.25 24.16 10.44
C ASP W 348 16.48 23.39 9.17
N ASN W 349 17.73 23.19 8.77
CA ASN W 349 17.92 22.39 7.55
C ASN W 349 18.20 20.89 7.71
N SER W 350 17.60 20.30 8.75
CA SER W 350 17.42 18.84 8.80
C SER W 350 16.76 18.41 7.49
N PRO W 351 16.94 17.12 7.09
CA PRO W 351 16.45 16.80 5.75
C PRO W 351 14.94 16.58 5.77
N GLU W 352 14.28 17.02 4.71
CA GLU W 352 12.81 16.93 4.64
C GLU W 352 12.23 15.55 4.29
N THR W 353 11.52 14.94 5.25
CA THR W 353 10.73 13.71 5.02
C THR W 353 9.83 13.84 3.81
N ILE W 354 9.13 14.98 3.75
CA ILE W 354 8.26 15.26 2.62
C ILE W 354 9.09 15.68 1.40
N GLY W 355 8.88 14.96 0.31
CA GLY W 355 9.55 15.29 -0.95
C GLY W 355 9.05 16.57 -1.61
N GLY W 356 9.15 17.68 -0.88
CA GLY W 356 8.75 18.97 -1.44
C GLY W 356 9.85 20.01 -1.39
N GLY W 357 10.72 19.93 -0.37
CA GLY W 357 11.69 20.98 0.01
C GLY W 357 12.70 21.55 -0.99
N ALA W 358 12.66 21.13 -2.24
CA ALA W 358 13.60 21.63 -3.23
C ALA W 358 13.08 22.87 -3.90
N THR W 359 11.76 22.96 -4.09
CA THR W 359 11.18 24.04 -4.91
C THR W 359 11.44 25.42 -4.36
N GLY W 360 11.34 26.41 -5.24
CA GLY W 360 11.48 27.83 -4.88
C GLY W 360 10.74 28.28 -3.63
N PRO W 361 9.42 28.09 -3.59
CA PRO W 361 8.60 28.45 -2.45
C PRO W 361 8.96 27.64 -1.24
N ALA W 362 9.44 26.43 -1.45
CA ALA W 362 9.64 25.50 -0.36
C ALA W 362 10.81 25.92 0.46
N LEU W 363 11.79 26.52 -0.22
CA LEU W 363 13.01 27.03 0.40
C LEU W 363 12.72 28.39 1.01
N GLU W 364 11.98 29.22 0.26
CA GLU W 364 11.55 30.53 0.76
C GLU W 364 10.87 30.37 2.12
N LYS W 365 9.91 29.45 2.19
CA LYS W 365 9.23 29.11 3.44
C LYS W 365 10.22 28.74 4.52
N LEU W 366 11.27 28.01 4.15
CA LEU W 366 12.20 27.51 5.13
C LEU W 366 12.90 28.66 5.84
N TYR W 367 13.27 29.68 5.07
CA TYR W 367 14.03 30.79 5.62
C TYR W 367 13.16 31.95 6.07
N ALA W 368 11.84 31.77 5.98
CA ALA W 368 10.87 32.81 6.30
C ALA W 368 11.15 33.51 7.64
N LEU W 369 11.34 32.72 8.69
CA LEU W 369 11.56 33.26 10.02
C LEU W 369 12.90 33.94 10.20
N LEU W 370 13.99 33.27 9.84
CA LEU W 370 15.30 33.92 9.93
C LEU W 370 15.35 35.20 9.11
N ASP W 371 14.78 35.18 7.91
CA ASP W 371 14.64 36.38 7.09
C ASP W 371 13.94 37.52 7.85
N LEU W 372 13.03 37.16 8.74
CA LEU W 372 12.34 38.11 9.60
C LEU W 372 13.36 38.72 10.54
N LYS W 373 14.05 37.86 11.26
CA LYS W 373 15.02 38.24 12.27
C LYS W 373 16.19 39.02 11.64
N ALA W 374 16.61 38.64 10.45
CA ALA W 374 17.76 39.30 9.81
C ALA W 374 17.43 40.74 9.47
N ASN W 375 16.18 40.97 9.07
CA ASN W 375 15.75 42.29 8.65
C ASN W 375 15.87 43.38 9.73
N MET W 376 15.33 43.10 10.92
CA MET W 376 15.53 43.97 12.09
C MET W 376 17.01 44.13 12.36
N ALA W 377 17.67 43.00 12.61
CA ALA W 377 19.10 43.01 12.88
C ALA W 377 19.89 43.91 11.91
N GLU W 378 19.54 43.87 10.64
CA GLU W 378 20.21 44.72 9.68
C GLU W 378 19.93 46.17 10.00
N ARG W 379 18.66 46.53 10.15
CA ARG W 379 18.29 47.91 10.48
C ARG W 379 19.11 48.40 11.67
N LYS W 380 19.18 47.57 12.70
CA LYS W 380 19.90 47.90 13.92
C LYS W 380 21.41 47.95 13.71
N ILE W 381 21.93 47.11 12.82
CA ILE W 381 23.35 47.11 12.49
C ILE W 381 23.74 48.33 11.67
N ARG W 382 22.91 48.68 10.70
CA ARG W 382 23.10 49.89 9.89
C ARG W 382 23.13 51.18 10.71
N ALA W 383 22.20 51.33 11.65
CA ALA W 383 22.11 52.50 12.52
C ALA W 383 23.42 52.74 13.29
N GLY W 384 23.98 51.67 13.85
CA GLY W 384 25.27 51.72 14.53
C GLY W 384 26.36 52.09 13.56
N LEU W 385 26.40 51.39 12.44
CA LEU W 385 27.45 51.57 11.42
C LEU W 385 27.48 52.96 10.78
N ARG W 386 26.30 53.57 10.61
CA ARG W 386 26.19 54.95 10.09
C ARG W 386 26.84 55.93 11.04
N LEU W 387 26.61 55.71 12.34
CA LEU W 387 27.24 56.52 13.37
C LEU W 387 28.75 56.35 13.32
N PHE W 388 29.20 55.11 13.08
CA PHE W 388 30.62 54.80 12.97
C PHE W 388 31.27 55.62 11.87
N PHE W 389 30.61 55.71 10.73
CA PHE W 389 31.17 56.42 9.57
C PHE W 389 31.11 57.92 9.71
N TRP W 390 30.21 58.41 10.54
CA TRP W 390 30.16 59.80 10.95
C TRP W 390 31.43 60.18 11.69
N PHE W 391 31.88 59.30 12.58
CA PHE W 391 33.09 59.50 13.36
C PHE W 391 34.30 59.47 12.43
N PHE W 392 34.35 58.47 11.56
CA PHE W 392 35.39 58.41 10.55
C PHE W 392 35.43 59.70 9.72
N ALA W 393 34.27 60.29 9.47
CA ALA W 393 34.18 61.54 8.71
C ALA W 393 34.71 62.72 9.51
N GLU W 394 34.49 62.66 10.83
CA GLU W 394 35.02 63.69 11.73
C GLU W 394 36.53 63.64 11.75
N TYR W 395 37.08 62.43 11.85
CA TYR W 395 38.51 62.21 11.75
C TYR W 395 39.06 62.78 10.44
N LEU W 396 38.38 62.48 9.34
CA LEU W 396 38.81 62.90 8.00
C LEU W 396 38.80 64.40 7.77
N ARG W 397 37.82 65.07 8.36
CA ARG W 397 37.72 66.53 8.35
C ARG W 397 38.91 67.17 9.09
N ASN W 398 39.23 66.60 10.25
CA ASN W 398 40.27 67.11 11.13
C ASN W 398 41.68 66.72 10.73
N THR W 399 41.83 65.55 10.12
CA THR W 399 43.14 65.10 9.64
C THR W 399 43.46 65.77 8.30
N GLY W 400 42.49 66.50 7.77
CA GLY W 400 42.67 67.28 6.55
C GLY W 400 42.78 66.43 5.31
N LYS W 401 42.00 65.37 5.27
CA LYS W 401 41.93 64.50 4.10
C LYS W 401 40.62 64.70 3.34
N GLY W 402 39.83 65.68 3.78
CA GLY W 402 38.57 66.02 3.12
C GLY W 402 37.39 66.11 4.07
N ASP W 403 36.36 66.86 3.64
CA ASP W 403 35.12 66.99 4.40
C ASP W 403 34.00 66.28 3.65
N PHE W 404 33.39 65.29 4.30
CA PHE W 404 32.42 64.43 3.64
C PHE W 404 31.09 64.36 4.39
N ASN W 405 30.05 63.84 3.73
CA ASN W 405 28.79 63.52 4.40
C ASN W 405 28.35 62.08 4.12
N PRO W 406 28.81 61.13 4.96
CA PRO W 406 28.54 59.71 4.76
C PRO W 406 27.05 59.48 4.65
N ASP W 407 26.31 59.96 5.65
CA ASP W 407 24.87 59.76 5.74
C ASP W 407 24.08 60.10 4.48
N LYS W 408 24.71 60.79 3.53
CA LYS W 408 24.05 61.09 2.28
C LYS W 408 24.85 60.64 1.07
N GLU W 409 26.17 60.53 1.22
CA GLU W 409 27.01 60.15 0.08
C GLU W 409 27.31 58.64 0.00
N LEU W 410 27.50 58.00 1.15
CA LEU W 410 27.89 56.59 1.21
C LEU W 410 26.69 55.63 1.29
N THR W 411 26.70 54.57 0.49
CA THR W 411 25.67 53.52 0.58
C THR W 411 26.23 52.15 0.98
N MET W 412 25.45 51.41 1.79
CA MET W 412 25.89 50.13 2.33
C MET W 412 25.12 48.97 1.71
N THR W 413 25.82 47.85 1.50
CA THR W 413 25.19 46.67 0.89
C THR W 413 25.53 45.39 1.64
N PHE W 414 24.50 44.82 2.26
CA PHE W 414 24.64 43.53 2.94
C PHE W 414 24.31 42.42 1.95
N THR W 415 25.00 41.30 2.10
CA THR W 415 24.80 40.14 1.25
C THR W 415 24.31 39.03 2.12
N ARG W 416 23.39 38.22 1.61
CA ARG W 416 22.88 37.11 2.41
C ARG W 416 23.08 35.77 1.75
N THR W 417 23.63 34.85 2.54
CA THR W 417 23.89 33.50 2.09
C THR W 417 22.61 32.65 2.11
N ARG W 418 21.92 32.64 0.97
CA ARG W 418 20.60 32.05 0.94
C ARG W 418 20.45 30.82 0.04
N ILE W 419 19.99 29.70 0.59
CA ILE W 419 19.88 28.49 -0.22
C ILE W 419 18.88 28.67 -1.36
N GLN W 420 19.32 28.36 -2.57
CA GLN W 420 18.47 28.51 -3.73
C GLN W 420 18.43 27.26 -4.55
N ASN W 421 17.41 27.17 -5.39
CA ASN W 421 17.31 26.14 -6.38
C ASN W 421 17.84 26.68 -7.71
N ASP W 422 19.16 26.83 -7.80
CA ASP W 422 19.78 27.49 -8.95
C ASP W 422 19.34 26.90 -10.29
N SER W 423 19.09 25.60 -10.28
CA SER W 423 18.70 24.89 -11.47
C SER W 423 17.41 25.53 -12.01
N GLU W 424 16.45 25.70 -11.10
CA GLU W 424 15.12 26.26 -11.36
C GLU W 424 15.21 27.70 -11.84
N ILE W 425 15.94 28.53 -11.10
CA ILE W 425 16.07 29.96 -11.42
C ILE W 425 16.55 30.14 -12.86
N VAL W 426 17.62 29.42 -13.20
CA VAL W 426 18.24 29.52 -14.53
C VAL W 426 17.21 29.34 -15.65
N GLN W 427 16.34 28.34 -15.48
CA GLN W 427 15.29 28.04 -16.45
C GLN W 427 14.23 29.10 -16.55
N SER W 428 13.68 29.50 -15.40
CA SER W 428 12.73 30.62 -15.35
C SER W 428 13.29 31.84 -16.07
N LEU W 429 14.57 32.12 -15.83
CA LEU W 429 15.25 33.26 -16.44
C LEU W 429 15.34 33.09 -17.96
N VAL W 430 15.69 31.88 -18.40
CA VAL W 430 15.79 31.57 -19.84
C VAL W 430 14.43 31.69 -20.51
N GLN W 431 13.41 31.20 -19.81
CA GLN W 431 12.02 31.30 -20.23
C GLN W 431 11.59 32.77 -20.32
N GLY W 432 11.96 33.52 -19.28
CA GLY W 432 11.63 34.94 -19.18
C GLY W 432 12.20 35.73 -20.33
N VAL W 433 13.48 35.54 -20.60
CA VAL W 433 14.17 36.25 -21.68
C VAL W 433 13.60 35.85 -23.03
N THR W 434 13.50 34.54 -23.28
CA THR W 434 12.95 33.99 -24.51
C THR W 434 11.55 34.52 -24.80
N GLY W 435 10.71 34.54 -23.77
CA GLY W 435 9.34 35.09 -23.86
C GLY W 435 9.29 36.59 -24.11
N GLY W 436 10.37 37.28 -23.76
CA GLY W 436 10.49 38.71 -23.98
C GLY W 436 9.92 39.55 -22.87
N ILE W 437 9.88 38.99 -21.67
CA ILE W 437 9.44 39.74 -20.49
C ILE W 437 10.64 40.22 -19.69
N MET W 438 11.83 39.96 -20.22
CA MET W 438 13.07 40.28 -19.53
C MET W 438 14.23 40.62 -20.42
N SER W 439 14.98 41.62 -19.97
CA SER W 439 16.27 41.96 -20.51
C SER W 439 17.29 40.89 -20.12
N LYS W 440 18.21 40.60 -21.04
CA LYS W 440 19.34 39.73 -20.73
C LYS W 440 20.17 40.36 -19.61
N GLU W 441 20.27 41.70 -19.63
CA GLU W 441 20.89 42.46 -18.56
C GLU W 441 20.35 42.03 -17.21
N THR W 442 19.08 42.34 -16.94
CA THR W 442 18.45 42.00 -15.66
C THR W 442 18.68 40.52 -15.38
N ALA W 443 18.60 39.72 -16.44
CA ALA W 443 18.76 38.29 -16.32
C ALA W 443 20.15 37.91 -15.80
N VAL W 444 21.18 38.42 -16.46
CA VAL W 444 22.56 38.12 -16.09
C VAL W 444 22.83 38.45 -14.61
N ALA W 445 22.30 39.57 -14.14
CA ALA W 445 22.45 39.99 -12.75
C ALA W 445 21.64 39.10 -11.79
N ARG W 446 20.58 38.48 -12.31
CA ARG W 446 19.76 37.59 -11.50
C ARG W 446 20.22 36.14 -11.55
N ASN W 447 21.13 35.83 -12.48
CA ASN W 447 21.70 34.49 -12.64
C ASN W 447 22.54 34.07 -11.43
N PRO W 448 22.23 32.90 -10.84
CA PRO W 448 22.94 32.43 -9.65
C PRO W 448 24.44 32.18 -9.84
N PHE W 449 24.86 31.83 -11.05
CA PHE W 449 26.27 31.50 -11.30
C PHE W 449 27.11 32.73 -11.59
N VAL W 450 26.54 33.91 -11.34
CA VAL W 450 27.20 35.17 -11.66
C VAL W 450 27.56 35.93 -10.39
N GLN W 451 28.84 36.28 -10.28
CA GLN W 451 29.34 37.10 -9.16
C GLN W 451 29.16 38.59 -9.47
N ASP W 452 29.94 39.09 -10.43
CA ASP W 452 29.89 40.50 -10.84
C ASP W 452 29.19 40.67 -12.20
N PRO W 453 27.96 41.23 -12.20
CA PRO W 453 27.16 41.49 -13.40
C PRO W 453 27.88 42.27 -14.50
N GLU W 454 28.67 43.27 -14.11
CA GLU W 454 29.37 44.13 -15.07
C GLU W 454 30.36 43.36 -15.93
N GLU W 455 31.16 42.50 -15.28
CA GLU W 455 32.16 41.68 -15.97
C GLU W 455 31.51 40.68 -16.93
N GLU W 456 30.41 40.06 -16.49
CA GLU W 456 29.73 39.01 -17.26
C GLU W 456 28.97 39.56 -18.48
N LEU W 457 28.27 40.68 -18.29
CA LEU W 457 27.55 41.33 -19.39
C LEU W 457 28.54 41.69 -20.49
N ALA W 458 29.72 42.10 -20.05
CA ALA W 458 30.82 42.49 -20.94
C ALA W 458 31.46 41.28 -21.60
N ARG W 459 31.53 40.17 -20.86
CA ARG W 459 32.12 38.93 -21.38
C ARG W 459 31.24 38.36 -22.50
N ILE W 460 29.93 38.34 -22.26
CA ILE W 460 28.96 37.80 -23.22
C ILE W 460 28.91 38.60 -24.51
N GLU W 461 29.20 39.90 -24.42
CA GLU W 461 29.26 40.76 -25.60
C GLU W 461 30.50 40.50 -26.46
N GLU W 462 31.66 40.33 -25.80
CA GLU W 462 32.93 40.05 -26.48
C GLU W 462 32.98 38.62 -27.01
N GLU W 463 32.06 37.78 -26.52
CA GLU W 463 31.85 36.43 -27.07
C GLU W 463 31.13 36.53 -28.42
N MET W 464 30.13 37.41 -28.49
CA MET W 464 29.34 37.62 -29.71
C MET W 464 30.11 38.36 -30.81
N ASN W 465 30.93 39.35 -30.43
CA ASN W 465 31.81 40.03 -31.39
C ASN W 465 32.94 39.13 -31.95
N GLN W 466 33.05 37.93 -31.36
CA GLN W 466 33.99 36.90 -31.82
C GLN W 466 33.32 35.99 -32.85
N TYR W 467 32.40 35.14 -32.41
CA TYR W 467 31.65 34.26 -33.33
C TYR W 467 30.32 34.90 -33.78
N UNK X 1 26.31 63.56 28.30
CA UNK X 1 26.46 62.09 28.46
C UNK X 1 27.90 61.67 28.76
N UNK X 2 28.14 61.22 29.98
CA UNK X 2 29.35 60.45 30.32
C UNK X 2 29.21 58.97 29.88
N UNK X 3 30.30 58.21 29.99
CA UNK X 3 30.33 56.77 29.71
C UNK X 3 31.57 56.14 30.38
N UNK X 4 31.34 55.26 31.36
CA UNK X 4 32.42 54.73 32.18
C UNK X 4 32.67 53.25 31.93
N UNK X 5 33.94 52.86 31.84
CA UNK X 5 34.32 51.45 31.65
C UNK X 5 34.98 50.84 32.91
N UNK X 6 34.37 49.79 33.47
CA UNK X 6 34.86 49.15 34.71
C UNK X 6 35.73 47.90 34.44
N UNK X 7 37.00 48.13 34.15
CA UNK X 7 37.97 47.05 33.91
C UNK X 7 38.65 46.60 35.21
N UNK X 8 39.16 45.37 35.21
CA UNK X 8 39.95 44.84 36.34
C UNK X 8 40.95 43.81 35.83
N UNK X 9 42.23 44.12 35.97
CA UNK X 9 43.30 43.30 35.41
C UNK X 9 44.27 42.78 36.48
N UNK X 10 44.31 41.47 36.65
CA UNK X 10 45.22 40.83 37.62
C UNK X 10 46.65 40.73 37.07
N UNK X 11 47.60 41.26 37.85
CA UNK X 11 49.03 41.34 37.46
C UNK X 11 49.75 39.99 37.52
N UNK X 12 51.06 40.00 37.25
CA UNK X 12 51.89 38.80 37.29
C UNK X 12 51.87 38.17 38.68
N UNK X 13 51.54 39.00 39.67
CA UNK X 13 51.39 38.58 41.06
C UNK X 13 50.03 39.06 41.59
N UNK X 14 49.88 40.39 41.71
CA UNK X 14 48.74 41.03 42.37
C UNK X 14 47.46 41.07 41.52
N UNK X 15 46.60 42.06 41.80
CA UNK X 15 45.40 42.34 41.02
C UNK X 15 45.01 43.83 41.15
N UNK X 16 44.96 44.53 40.03
CA UNK X 16 44.55 45.94 39.98
C UNK X 16 43.09 46.09 39.52
N UNK X 17 42.49 47.25 39.81
CA UNK X 17 41.07 47.48 39.53
C UNK X 17 40.75 48.87 38.98
N UNK X 18 41.31 49.18 37.80
CA UNK X 18 41.17 50.51 37.17
C UNK X 18 39.78 50.82 36.60
N UNK X 19 39.62 52.05 36.09
CA UNK X 19 38.38 52.50 35.43
C UNK X 19 38.67 53.62 34.42
N UNK X 20 37.69 53.93 33.57
CA UNK X 20 37.83 54.98 32.56
C UNK X 20 36.49 55.70 32.36
N UNK X 21 36.52 57.04 32.29
CA UNK X 21 35.31 57.84 32.08
C UNK X 21 35.36 58.68 30.80
N UNK X 22 34.67 58.23 29.74
CA UNK X 22 34.69 58.91 28.44
C UNK X 22 33.69 60.07 28.34
N UNK X 23 34.23 61.27 28.10
CA UNK X 23 33.43 62.49 28.00
C UNK X 23 33.52 63.13 26.62
N UNK X 24 32.57 64.02 26.32
CA UNK X 24 32.50 64.68 25.02
C UNK X 24 33.80 65.34 24.58
N UNK X 25 34.69 65.65 25.55
CA UNK X 25 35.94 66.40 25.31
C UNK X 25 37.24 65.63 25.64
N UNK X 26 37.24 64.86 26.73
CA UNK X 26 38.41 64.04 27.12
C UNK X 26 38.03 62.68 27.77
N UNK X 27 39.01 61.96 28.33
CA UNK X 27 38.82 60.55 28.76
C UNK X 27 39.59 60.11 30.02
N UNK X 28 39.46 60.91 31.10
CA UNK X 28 40.14 60.73 32.40
C UNK X 28 40.11 59.30 32.98
N UNK X 29 41.25 58.84 33.50
CA UNK X 29 41.36 57.48 34.04
C UNK X 29 41.00 57.36 35.55
N UNK X 30 41.44 56.26 36.20
CA UNK X 30 41.28 56.01 37.65
C UNK X 30 41.68 54.58 38.02
N PRO Y 29 64.21 40.39 33.60
CA PRO Y 29 63.09 39.63 34.13
C PRO Y 29 63.41 38.91 35.45
N ASP Y 30 62.38 38.44 36.15
CA ASP Y 30 62.52 37.84 37.47
C ASP Y 30 62.35 36.32 37.43
N THR Y 31 63.06 35.62 38.31
CA THR Y 31 63.01 34.16 38.36
C THR Y 31 61.90 33.65 39.29
N THR Y 32 61.54 34.43 40.31
CA THR Y 32 60.45 34.08 41.24
C THR Y 32 59.08 34.16 40.58
N MET Y 33 58.88 35.22 39.79
CA MET Y 33 57.64 35.42 39.05
C MET Y 33 57.43 34.28 38.03
N ILE Y 34 58.52 33.81 37.43
CA ILE Y 34 58.51 32.65 36.53
C ILE Y 34 57.87 31.47 37.22
N GLN Y 35 58.29 31.21 38.45
CA GLN Y 35 57.72 30.12 39.23
C GLN Y 35 56.22 30.30 39.47
N LYS Y 36 55.80 31.49 39.90
CA LYS Y 36 54.38 31.80 40.04
C LYS Y 36 53.60 31.51 38.76
N LEU Y 37 54.11 32.03 37.64
CA LEU Y 37 53.50 31.84 36.33
C LEU Y 37 53.38 30.38 35.93
N ILE Y 38 54.41 29.61 36.22
CA ILE Y 38 54.40 28.18 35.94
C ILE Y 38 53.44 27.43 36.87
N ASP Y 39 53.50 27.72 38.16
CA ASP Y 39 52.68 27.00 39.13
C ASP Y 39 51.22 27.41 39.07
N GLU Y 40 50.97 28.66 38.71
CA GLU Y 40 49.61 29.15 38.49
C GLU Y 40 48.97 28.51 37.23
N HIS Y 41 49.77 28.30 36.19
CA HIS Y 41 49.34 27.74 34.91
C HIS Y 41 48.74 26.32 35.02
N ASN Y 42 47.68 26.09 34.25
CA ASN Y 42 47.07 24.75 34.15
C ASN Y 42 46.65 24.39 32.72
N PRO Y 43 47.12 23.24 32.23
CA PRO Y 43 46.85 22.83 30.87
C PRO Y 43 45.61 21.91 30.72
N GLU Y 44 44.97 21.56 31.83
CA GLU Y 44 43.77 20.71 31.81
C GLU Y 44 42.61 21.26 30.97
N PRO Y 45 42.39 22.60 30.97
CA PRO Y 45 41.41 23.11 29.99
C PRO Y 45 41.86 22.88 28.55
N LEU Y 46 43.15 23.04 28.29
CA LEU Y 46 43.69 22.96 26.93
C LEU Y 46 43.93 21.54 26.44
N LEU Y 47 44.13 20.61 27.37
CA LEU Y 47 44.33 19.21 27.01
C LEU Y 47 43.01 18.42 26.89
N LYS Y 48 41.97 18.98 27.49
CA LYS Y 48 40.60 18.44 27.42
C LYS Y 48 40.31 17.88 26.03
N GLY Y 49 40.31 18.76 25.04
CA GLY Y 49 40.05 18.40 23.66
C GLY Y 49 40.98 17.34 23.13
N VAL Y 50 42.28 17.49 23.44
CA VAL Y 50 43.28 16.52 22.99
C VAL Y 50 42.91 15.13 23.47
N ARG Y 51 42.52 15.02 24.76
CA ARG Y 51 42.12 13.73 25.37
C ARG Y 51 40.88 13.09 24.70
N TYR Y 52 39.88 13.90 24.38
CA TYR Y 52 38.71 13.40 23.69
C TYR Y 52 39.03 13.06 22.24
N TYR Y 53 39.98 13.78 21.64
CA TYR Y 53 40.43 13.46 20.28
C TYR Y 53 41.11 12.09 20.25
N MET Y 54 41.62 11.65 21.39
CA MET Y 54 42.31 10.36 21.49
C MET Y 54 41.45 9.27 22.14
N CYS Y 55 40.17 9.60 22.38
CA CYS Y 55 39.22 8.71 23.07
C CYS Y 55 39.66 8.37 24.50
N GLU Y 56 40.08 9.40 25.22
CA GLU Y 56 40.29 9.32 26.64
C GLU Y 56 39.21 10.19 27.25
N ASN Y 57 37.96 9.75 27.17
CA ASN Y 57 36.85 10.57 27.66
C ASN Y 57 36.66 10.40 29.17
N ASP Y 58 36.00 11.37 29.80
CA ASP Y 58 35.80 11.35 31.26
C ASP Y 58 35.14 10.07 31.74
N ILE Y 59 34.54 9.33 30.80
CA ILE Y 59 33.92 8.07 31.13
C ILE Y 59 34.92 6.99 31.55
N GLU Y 60 36.19 7.19 31.23
CA GLU Y 60 37.22 6.22 31.57
C GLU Y 60 37.46 6.23 33.08
N LYS Y 61 36.86 7.20 33.76
CA LYS Y 61 36.92 7.32 35.22
C LYS Y 61 35.81 6.54 35.93
N LYS Y 62 34.78 6.16 35.15
CA LYS Y 62 33.64 5.38 35.66
C LYS Y 62 34.09 4.09 36.29
N ARG Y 63 33.65 3.87 37.52
CA ARG Y 63 33.96 2.64 38.26
C ARG Y 63 32.70 2.13 38.95
N ARG Y 64 32.60 0.81 39.11
CA ARG Y 64 31.41 0.23 39.70
C ARG Y 64 31.59 0.01 41.19
N THR Y 65 30.82 0.75 41.99
CA THR Y 65 31.06 0.84 43.44
C THR Y 65 30.00 0.12 44.28
N TYR Y 66 30.19 0.12 45.59
CA TYR Y 66 29.25 -0.45 46.55
C TYR Y 66 29.67 -0.03 47.97
N TYR Y 67 28.82 -0.29 48.97
CA TYR Y 67 29.10 0.20 50.33
C TYR Y 67 29.40 -0.90 51.33
N ASP Y 68 30.48 -0.70 52.07
CA ASP Y 68 30.97 -1.62 53.08
C ASP Y 68 30.04 -1.70 54.28
N ALA Y 69 30.58 -2.21 55.39
CA ALA Y 69 29.85 -2.28 56.66
C ALA Y 69 29.34 -0.89 57.07
N ALA Y 70 30.27 -0.01 57.48
CA ALA Y 70 29.93 1.35 57.87
C ALA Y 70 30.06 2.33 56.70
N GLY Y 71 29.42 1.96 55.59
CA GLY Y 71 29.24 2.88 54.46
C GLY Y 71 30.50 3.41 53.81
N GLN Y 72 31.55 2.58 53.75
CA GLN Y 72 32.76 2.94 53.01
C GLN Y 72 32.63 2.57 51.52
N GLN Y 73 32.52 3.59 50.67
CA GLN Y 73 32.39 3.37 49.23
C GLN Y 73 33.60 2.65 48.66
N LEU Y 74 33.35 1.59 47.89
CA LEU Y 74 34.41 0.72 47.44
C LEU Y 74 34.09 0.17 46.04
N VAL Y 75 35.12 -0.08 45.26
CA VAL Y 75 34.97 -0.73 43.96
C VAL Y 75 34.75 -2.22 44.19
N ASP Y 76 33.85 -2.84 43.45
CA ASP Y 76 33.68 -4.28 43.61
C ASP Y 76 34.15 -5.13 42.42
N ASP Y 77 35.11 -6.01 42.71
CA ASP Y 77 35.72 -6.90 41.72
C ASP Y 77 34.72 -7.88 41.11
N THR Y 78 33.54 -7.96 41.73
CA THR Y 78 32.45 -8.82 41.29
C THR Y 78 31.95 -8.54 39.86
N LYS Y 79 31.75 -7.26 39.54
CA LYS Y 79 31.13 -6.87 38.28
C LYS Y 79 32.15 -6.34 37.28
N THR Y 80 31.87 -6.51 36.00
CA THR Y 80 32.71 -5.92 34.96
C THR Y 80 32.36 -4.45 34.82
N ASN Y 81 33.39 -3.61 34.67
CA ASN Y 81 33.20 -2.18 34.55
C ASN Y 81 33.56 -1.70 33.16
N ASN Y 82 32.59 -1.77 32.27
CA ASN Y 82 32.75 -1.29 30.91
C ASN Y 82 32.75 0.22 30.89
N ARG Y 83 33.75 0.79 30.22
CA ARG Y 83 33.70 2.22 29.91
C ARG Y 83 34.09 2.53 28.47
N THR Y 84 33.06 2.74 27.66
CA THR Y 84 33.22 2.96 26.25
C THR Y 84 33.29 4.47 25.99
N SER Y 85 34.39 4.93 25.39
CA SER Y 85 34.52 6.34 25.04
C SER Y 85 34.52 6.53 23.53
N HIS Y 86 33.66 7.41 23.05
CA HIS Y 86 33.37 7.49 21.61
C HIS Y 86 34.18 8.52 20.86
N ALA Y 87 34.77 8.10 19.75
CA ALA Y 87 35.55 8.96 18.89
C ALA Y 87 34.79 10.11 18.18
N TRP Y 88 33.70 10.59 18.77
CA TRP Y 88 32.84 11.59 18.12
C TRP Y 88 33.57 12.86 17.86
N HIS Y 89 34.19 13.40 18.90
CA HIS Y 89 34.95 14.64 18.82
C HIS Y 89 35.99 14.58 17.74
N LYS Y 90 36.77 13.49 17.70
CA LYS Y 90 37.82 13.33 16.71
C LYS Y 90 37.28 13.41 15.29
N LEU Y 91 36.11 12.83 15.08
CA LEU Y 91 35.53 12.78 13.76
C LEU Y 91 35.15 14.17 13.30
N PHE Y 92 34.66 14.99 14.22
CA PHE Y 92 34.20 16.33 13.87
C PHE Y 92 35.36 17.25 13.51
N VAL Y 93 36.44 17.11 14.27
CA VAL Y 93 37.66 17.91 14.14
C VAL Y 93 38.30 17.59 12.80
N ASP Y 94 38.50 16.30 12.54
CA ASP Y 94 39.05 15.84 11.29
C ASP Y 94 38.30 16.40 10.10
N GLN Y 95 37.00 16.56 10.27
CA GLN Y 95 36.13 17.01 9.20
C GLN Y 95 36.28 18.52 8.97
N LYS Y 96 36.42 19.28 10.06
CA LYS Y 96 36.66 20.72 9.95
C LYS Y 96 38.03 21.01 9.37
N THR Y 97 39.05 20.32 9.88
CA THR Y 97 40.43 20.48 9.43
C THR Y 97 40.52 20.32 7.92
N GLN Y 98 40.15 19.13 7.44
CA GLN Y 98 40.24 18.76 6.04
C GLN Y 98 39.40 19.65 5.12
N TYR Y 99 38.34 20.24 5.65
CA TYR Y 99 37.46 21.07 4.88
C TYR Y 99 38.17 22.38 4.52
N LEU Y 100 38.77 22.98 5.54
CA LEU Y 100 39.41 24.29 5.40
C LEU Y 100 40.75 24.17 4.70
N VAL Y 101 41.54 23.20 5.15
CA VAL Y 101 42.96 23.17 4.89
C VAL Y 101 43.41 21.95 4.09
N GLY Y 102 42.57 20.93 4.02
CA GLY Y 102 42.86 19.72 3.26
C GLY Y 102 43.42 20.05 1.89
N GLU Y 103 42.74 20.96 1.19
CA GLU Y 103 43.28 21.48 -0.04
C GLU Y 103 44.20 22.64 0.31
N PRO Y 104 45.43 22.65 -0.24
CA PRO Y 104 46.45 23.68 0.05
C PRO Y 104 45.99 25.08 -0.30
N VAL Y 105 46.41 26.02 0.54
CA VAL Y 105 46.14 27.44 0.37
C VAL Y 105 46.92 28.01 -0.81
N THR Y 106 46.23 28.80 -1.63
CA THR Y 106 46.82 29.40 -2.83
C THR Y 106 47.02 30.87 -2.57
N PHE Y 107 48.07 31.43 -3.16
CA PHE Y 107 48.39 32.85 -3.00
C PHE Y 107 48.50 33.59 -4.33
N THR Y 108 48.00 34.83 -4.34
CA THR Y 108 48.06 35.70 -5.52
C THR Y 108 48.46 37.12 -5.13
N SER Y 109 49.34 37.71 -5.93
CA SER Y 109 49.68 39.12 -5.83
C SER Y 109 50.15 39.60 -7.20
N ASP Y 110 50.26 40.92 -7.35
CA ASP Y 110 50.83 41.50 -8.57
C ASP Y 110 52.35 41.64 -8.44
N ASN Y 111 52.83 41.76 -7.21
CA ASN Y 111 54.25 41.74 -6.91
C ASN Y 111 54.79 40.31 -7.08
N LYS Y 112 55.42 40.06 -8.23
CA LYS Y 112 55.83 38.69 -8.60
C LYS Y 112 57.01 38.12 -7.83
N THR Y 113 57.93 38.99 -7.42
CA THR Y 113 59.10 38.56 -6.67
C THR Y 113 58.69 38.07 -5.29
N LEU Y 114 57.80 38.81 -4.64
CA LEU Y 114 57.20 38.41 -3.38
C LEU Y 114 56.44 37.08 -3.53
N LEU Y 115 55.62 36.99 -4.58
CA LEU Y 115 54.85 35.79 -4.92
C LEU Y 115 55.74 34.55 -5.04
N GLU Y 116 56.90 34.70 -5.70
CA GLU Y 116 57.88 33.62 -5.81
C GLU Y 116 58.38 33.15 -4.45
N TYR Y 117 58.87 34.10 -3.65
CA TYR Y 117 59.39 33.81 -2.31
C TYR Y 117 58.37 33.12 -1.39
N VAL Y 118 57.11 33.57 -1.45
CA VAL Y 118 56.05 33.00 -0.63
C VAL Y 118 55.81 31.55 -1.03
N ASN Y 119 55.62 31.34 -2.32
CA ASN Y 119 55.45 30.01 -2.90
C ASN Y 119 56.56 29.03 -2.51
N GLU Y 120 57.81 29.48 -2.67
CA GLU Y 120 59.00 28.74 -2.25
C GLU Y 120 58.89 28.27 -0.80
N LEU Y 121 58.34 29.13 0.06
CA LEU Y 121 58.24 28.87 1.50
C LEU Y 121 57.04 28.02 1.87
N ALA Y 122 55.95 28.24 1.17
CA ALA Y 122 54.68 27.72 1.62
C ALA Y 122 53.89 27.02 0.52
N ASP Y 123 54.28 25.80 0.19
CA ASP Y 123 53.42 24.98 -0.65
C ASP Y 123 53.54 23.45 -0.58
N ASP Y 124 54.30 22.94 0.41
CA ASP Y 124 54.30 21.49 0.69
C ASP Y 124 54.37 21.12 2.18
N ASP Y 125 55.48 21.43 2.84
CA ASP Y 125 55.62 21.15 4.28
C ASP Y 125 54.73 22.08 5.07
N PHE Y 126 54.54 23.27 4.53
CA PHE Y 126 53.71 24.30 5.11
C PHE Y 126 52.28 23.78 5.24
N ASP Y 127 51.81 23.13 4.19
CA ASP Y 127 50.49 22.55 4.14
C ASP Y 127 50.29 21.58 5.30
N ASP Y 128 51.15 20.57 5.37
CA ASP Y 128 51.03 19.49 6.37
C ASP Y 128 51.14 19.98 7.82
N ILE Y 129 51.75 21.14 8.01
CA ILE Y 129 51.87 21.77 9.34
C ILE Y 129 50.63 22.62 9.62
N LEU Y 130 50.10 23.29 8.61
CA LEU Y 130 48.86 24.06 8.76
C LEU Y 130 47.69 23.13 9.11
N ASN Y 131 47.69 21.93 8.53
CA ASN Y 131 46.74 20.89 8.92
C ASN Y 131 46.81 20.55 10.42
N GLU Y 132 48.02 20.33 10.92
CA GLU Y 132 48.21 19.98 12.32
C GLU Y 132 47.90 21.13 13.26
N THR Y 133 47.78 22.31 12.69
CA THR Y 133 47.51 23.51 13.47
C THR Y 133 46.01 23.64 13.69
N VAL Y 134 45.24 23.50 12.62
CA VAL Y 134 43.77 23.60 12.69
C VAL Y 134 43.20 22.55 13.63
N LYS Y 135 43.61 21.30 13.43
CA LYS Y 135 43.28 20.19 14.32
C LYS Y 135 43.65 20.56 15.76
N ASN Y 136 44.86 21.11 15.93
CA ASN Y 136 45.38 21.47 17.24
C ASN Y 136 44.64 22.63 17.87
N MET Y 137 44.27 23.62 17.06
CA MET Y 137 43.57 24.78 17.56
C MET Y 137 42.14 24.41 17.94
N SER Y 138 41.64 23.32 17.35
CA SER Y 138 40.30 22.84 17.64
C SER Y 138 40.25 21.99 18.91
N ASN Y 139 41.30 21.22 19.18
CA ASN Y 139 41.42 20.48 20.44
C ASN Y 139 41.75 21.35 21.65
N LYS Y 140 42.62 22.33 21.43
CA LYS Y 140 43.17 23.14 22.52
C LYS Y 140 42.44 24.46 22.71
N GLY Y 141 41.95 25.01 21.61
CA GLY Y 141 41.23 26.27 21.64
C GLY Y 141 42.07 27.39 21.09
N ILE Y 142 43.35 27.11 20.94
CA ILE Y 142 44.36 28.04 20.42
C ILE Y 142 45.65 27.28 20.14
N GLU Y 143 46.31 27.64 19.06
CA GLU Y 143 47.61 27.06 18.79
C GLU Y 143 48.51 28.17 18.35
N TYR Y 144 49.65 28.28 19.03
CA TYR Y 144 50.67 29.23 18.69
C TYR Y 144 51.74 28.54 17.89
N TRP Y 145 52.30 29.25 16.93
CA TRP Y 145 53.55 28.77 16.34
C TRP Y 145 54.64 29.87 16.15
N HIS Y 146 55.90 29.47 16.27
CA HIS Y 146 57.00 30.42 16.43
C HIS Y 146 57.95 30.53 15.22
N PRO Y 147 58.19 31.76 14.74
CA PRO Y 147 59.12 32.06 13.64
C PRO Y 147 60.53 32.37 14.14
N PHE Y 148 61.52 31.80 13.47
CA PHE Y 148 62.92 31.92 13.88
C PHE Y 148 63.88 31.64 12.73
N VAL Y 149 65.01 32.31 12.73
CA VAL Y 149 66.03 32.14 11.67
C VAL Y 149 66.93 30.93 11.95
N ASP Y 150 67.01 30.03 10.96
CA ASP Y 150 67.78 28.78 11.06
C ASP Y 150 69.25 29.00 11.30
N GLU Y 151 69.95 27.94 11.73
CA GLU Y 151 71.41 27.99 11.92
C GLU Y 151 72.11 28.31 10.60
N GLU Y 152 71.51 27.86 9.49
CA GLU Y 152 72.00 28.13 8.15
C GLU Y 152 71.57 29.51 7.63
N GLY Y 153 70.89 30.28 8.47
CA GLY Y 153 70.50 31.64 8.13
C GLY Y 153 69.20 31.81 7.35
N GLU Y 154 68.49 30.71 7.12
CA GLU Y 154 67.21 30.73 6.40
C GLU Y 154 66.01 30.89 7.34
N PHE Y 155 64.87 31.28 6.77
CA PHE Y 155 63.62 31.43 7.54
C PHE Y 155 62.96 30.08 7.80
N ASP Y 156 62.52 29.89 9.04
CA ASP Y 156 61.91 28.64 9.49
C ASP Y 156 60.87 28.93 10.55
N TYR Y 157 59.96 27.98 10.72
CA TYR Y 157 58.82 28.08 11.61
C TYR Y 157 58.58 26.72 12.25
N VAL Y 158 58.29 26.72 13.54
CA VAL Y 158 57.99 25.50 14.27
C VAL Y 158 56.78 25.74 15.16
N ILE Y 159 55.91 24.73 15.23
CA ILE Y 159 54.72 24.77 16.07
C ILE Y 159 55.10 24.90 17.55
N PHE Y 160 54.38 25.75 18.27
CA PHE Y 160 54.72 26.03 19.66
C PHE Y 160 53.53 25.72 20.58
N PRO Y 161 53.37 24.45 20.97
CA PRO Y 161 52.23 23.91 21.72
C PRO Y 161 51.72 24.87 22.80
N ALA Y 162 50.47 25.31 22.62
CA ALA Y 162 49.88 26.36 23.46
C ALA Y 162 49.70 25.97 24.93
N GLU Y 163 49.70 24.66 25.18
CA GLU Y 163 49.59 24.14 26.54
C GLU Y 163 50.92 24.15 27.29
N GLU Y 164 51.97 24.60 26.60
CA GLU Y 164 53.28 24.89 27.18
C GLU Y 164 53.47 26.39 27.33
N MET Y 165 52.68 27.17 26.58
CA MET Y 165 52.84 28.63 26.51
C MET Y 165 52.10 29.40 27.61
N ILE Y 166 52.65 30.56 27.96
CA ILE Y 166 52.03 31.48 28.91
C ILE Y 166 52.19 32.89 28.35
N VAL Y 167 51.10 33.64 28.26
CA VAL Y 167 51.11 34.94 27.60
C VAL Y 167 50.39 36.03 28.40
N VAL Y 168 51.07 37.17 28.58
CA VAL Y 168 50.48 38.39 29.14
C VAL Y 168 50.99 39.62 28.38
N TYR Y 169 50.08 40.53 28.03
CA TYR Y 169 50.42 41.80 27.38
C TYR Y 169 49.72 42.97 28.07
N TRP Y 239 62.32 41.92 16.21
CA TRP Y 239 61.15 41.94 15.33
C TRP Y 239 60.23 43.16 15.53
N GLY Y 240 60.29 43.76 16.71
CA GLY Y 240 59.46 44.92 17.05
C GLY Y 240 58.24 44.53 17.85
N ARG Y 241 57.52 43.53 17.37
CA ARG Y 241 56.39 42.94 18.08
C ARG Y 241 56.85 41.67 18.79
N VAL Y 242 56.04 41.20 19.74
CA VAL Y 242 56.30 39.93 20.43
C VAL Y 242 56.43 38.81 19.39
N PRO Y 243 57.37 37.87 19.61
CA PRO Y 243 57.81 36.94 18.56
C PRO Y 243 56.99 35.64 18.31
N ILE Y 244 55.72 35.57 18.72
CA ILE Y 244 54.88 34.36 18.50
C ILE Y 244 53.53 34.63 17.81
N ILE Y 245 53.03 33.62 17.09
CA ILE Y 245 51.85 33.77 16.24
C ILE Y 245 50.63 32.93 16.70
N PRO Y 246 49.59 33.62 17.22
CA PRO Y 246 48.36 32.95 17.64
C PRO Y 246 47.44 32.54 16.49
N PHE Y 247 47.03 31.27 16.50
CA PHE Y 247 45.91 30.79 15.70
C PHE Y 247 44.73 30.48 16.64
N LYS Y 248 43.82 31.45 16.76
CA LYS Y 248 42.67 31.31 17.64
C LYS Y 248 41.58 30.43 17.02
N ASN Y 249 41.12 29.46 17.79
CA ASN Y 249 39.98 28.64 17.39
C ASN Y 249 38.69 29.48 17.42
N ASN Y 250 38.51 30.28 18.46
CA ASN Y 250 37.36 31.15 18.57
C ASN Y 250 37.80 32.49 19.09
N GLU Y 251 36.83 33.29 19.50
CA GLU Y 251 37.15 34.49 20.23
C GLU Y 251 37.46 34.07 21.65
N GLU Y 252 36.71 33.10 22.15
CA GLU Y 252 36.81 32.70 23.53
C GLU Y 252 37.94 31.73 23.76
N MET Y 253 38.55 31.27 22.67
CA MET Y 253 39.71 30.36 22.70
C MET Y 253 39.45 29.05 23.44
N VAL Y 254 38.19 28.64 23.46
CA VAL Y 254 37.80 27.30 23.86
C VAL Y 254 37.90 26.32 22.69
N SER Y 255 38.04 25.06 23.04
CA SER Y 255 38.08 23.98 22.10
C SER Y 255 36.69 23.83 21.53
N ASP Y 256 36.57 23.19 20.37
CA ASP Y 256 35.25 22.90 19.77
C ASP Y 256 34.45 22.00 20.69
N LEU Y 257 35.14 21.14 21.45
CA LEU Y 257 34.54 20.21 22.38
C LEU Y 257 33.67 20.87 23.42
N LYS Y 258 33.86 22.17 23.60
CA LYS Y 258 33.21 22.91 24.66
C LYS Y 258 31.69 22.95 24.51
N PHE Y 259 31.22 22.89 23.28
CA PHE Y 259 29.81 23.11 22.98
C PHE Y 259 28.98 21.83 22.83
N TYR Y 260 29.63 20.68 22.92
CA TYR Y 260 28.94 19.39 22.86
C TYR Y 260 29.54 18.33 23.77
N LYS Y 261 30.36 18.72 24.74
CA LYS Y 261 31.01 17.76 25.60
C LYS Y 261 29.97 17.03 26.45
N ASP Y 262 28.89 17.73 26.77
CA ASP Y 262 27.78 17.17 27.54
C ASP Y 262 27.16 16.00 26.81
N LEU Y 263 26.98 16.16 25.50
CA LEU Y 263 26.39 15.12 24.69
C LEU Y 263 27.30 13.90 24.61
N ILE Y 264 28.52 14.06 24.11
CA ILE Y 264 29.46 12.94 24.09
C ILE Y 264 29.53 12.23 25.44
N ASP Y 265 29.50 12.98 26.53
CA ASP Y 265 29.56 12.34 27.83
C ASP Y 265 28.34 11.47 28.06
N ASN Y 266 27.17 12.02 27.74
CA ASN Y 266 25.92 11.29 27.91
C ASN Y 266 25.92 10.00 27.08
N TYR Y 267 26.31 10.14 25.82
CA TYR Y 267 26.42 9.04 24.87
C TYR Y 267 27.27 7.93 25.46
N ASP Y 268 28.45 8.28 25.95
CA ASP Y 268 29.36 7.33 26.56
C ASP Y 268 28.71 6.69 27.77
N SER Y 269 27.97 7.49 28.54
CA SER Y 269 27.38 7.04 29.79
C SER Y 269 26.36 5.96 29.55
N ILE Y 270 25.48 6.18 28.58
CA ILE Y 270 24.40 5.27 28.25
C ILE Y 270 24.95 3.96 27.73
N THR Y 271 25.81 4.07 26.72
CA THR Y 271 26.36 2.91 26.04
C THR Y 271 27.05 1.96 26.99
N SER Y 272 27.78 2.54 27.94
CA SER Y 272 28.53 1.76 28.89
C SER Y 272 27.60 1.12 29.92
N SER Y 273 26.51 1.82 30.22
CA SER Y 273 25.49 1.33 31.14
C SER Y 273 24.81 0.13 30.52
N THR Y 274 24.52 0.24 29.23
CA THR Y 274 23.92 -0.85 28.49
C THR Y 274 24.86 -2.05 28.43
N MET Y 275 26.15 -1.79 28.26
CA MET Y 275 27.15 -2.84 28.21
C MET Y 275 27.29 -3.58 29.51
N ASP Y 276 27.04 -2.88 30.61
CA ASP Y 276 27.07 -3.51 31.92
C ASP Y 276 25.89 -4.45 32.03
N SER Y 277 24.74 -4.01 31.51
CA SER Y 277 23.53 -4.82 31.48
C SER Y 277 23.67 -6.09 30.66
N PHE Y 278 24.36 -6.01 29.54
CA PHE Y 278 24.70 -7.19 28.75
C PHE Y 278 25.64 -8.07 29.52
N SER Y 279 26.48 -7.47 30.35
CA SER Y 279 27.46 -8.23 31.10
C SER Y 279 26.82 -8.95 32.29
N ASP Y 280 25.93 -8.25 32.99
CA ASP Y 280 25.26 -8.80 34.16
C ASP Y 280 24.25 -9.86 33.80
N PHE Y 281 23.61 -9.70 32.65
CA PHE Y 281 22.61 -10.64 32.17
C PHE Y 281 23.07 -12.09 32.25
N GLN Y 282 24.37 -12.32 32.02
CA GLN Y 282 24.97 -13.66 32.06
C GLN Y 282 24.84 -14.28 33.43
N GLN Y 283 25.09 -13.48 34.46
CA GLN Y 283 25.08 -13.96 35.83
C GLN Y 283 23.67 -14.04 36.38
N ILE Y 284 23.14 -15.26 36.45
CA ILE Y 284 21.78 -15.52 36.91
C ILE Y 284 21.77 -15.56 38.44
N VAL Y 285 20.77 -14.91 39.04
CA VAL Y 285 20.62 -14.89 40.50
C VAL Y 285 19.43 -15.75 40.94
N TYR Y 286 19.70 -16.77 41.76
CA TYR Y 286 18.67 -17.73 42.21
C TYR Y 286 18.06 -17.42 43.57
N VAL Y 287 16.73 -17.33 43.59
CA VAL Y 287 15.97 -17.14 44.82
C VAL Y 287 15.51 -18.52 45.30
N LEU Y 288 16.04 -18.97 46.44
CA LEU Y 288 15.72 -20.30 46.98
C LEU Y 288 14.68 -20.24 48.09
N LYS Y 289 13.45 -20.63 47.74
CA LYS Y 289 12.33 -20.61 48.68
C LYS Y 289 12.10 -21.99 49.29
N ASN Y 290 12.11 -22.05 50.63
CA ASN Y 290 12.01 -23.31 51.40
C ASN Y 290 12.88 -24.44 50.84
N TYR Y 291 14.19 -24.26 50.96
CA TYR Y 291 15.19 -25.15 50.33
C TYR Y 291 15.34 -26.50 51.06
N ASP Y 292 15.39 -27.58 50.28
CA ASP Y 292 15.39 -28.97 50.77
C ASP Y 292 16.65 -29.37 51.55
N GLY Y 293 17.82 -29.10 50.97
CA GLY Y 293 19.09 -29.48 51.57
C GLY Y 293 19.47 -28.64 52.78
N GLU Y 294 20.12 -29.27 53.75
CA GLU Y 294 20.71 -28.55 54.88
C GLU Y 294 22.11 -28.03 54.54
N ASN Y 295 22.86 -28.79 53.74
CA ASN Y 295 24.22 -28.41 53.32
C ASN Y 295 24.23 -27.30 52.26
N PRO Y 296 25.09 -26.29 52.44
CA PRO Y 296 25.26 -25.22 51.44
C PRO Y 296 26.14 -25.67 50.27
N LYS Y 297 27.06 -26.61 50.56
CA LYS Y 297 27.96 -27.22 49.57
C LYS Y 297 27.16 -27.99 48.52
N GLU Y 298 26.21 -28.79 48.99
CA GLU Y 298 25.35 -29.60 48.14
C GLU Y 298 24.75 -28.81 46.96
N PHE Y 299 24.33 -27.58 47.20
CA PHE Y 299 23.70 -26.75 46.17
C PHE Y 299 24.60 -26.45 44.95
N THR Y 300 25.66 -25.70 45.19
CA THR Y 300 26.51 -25.17 44.12
C THR Y 300 27.10 -26.27 43.25
N ALA Y 301 27.43 -27.40 43.88
CA ALA Y 301 27.95 -28.56 43.16
C ALA Y 301 26.82 -29.31 42.44
N ASN Y 302 25.69 -29.47 43.12
CA ASN Y 302 24.58 -30.27 42.59
C ASN Y 302 23.94 -29.62 41.38
N LEU Y 303 24.01 -28.30 41.32
CA LEU Y 303 23.52 -27.54 40.17
C LEU Y 303 24.58 -27.45 39.07
N ARG Y 304 25.84 -27.35 39.47
CA ARG Y 304 26.93 -27.13 38.53
C ARG Y 304 27.33 -28.41 37.78
N TYR Y 305 27.14 -29.56 38.43
CA TYR Y 305 27.58 -30.85 37.88
C TYR Y 305 26.43 -31.76 37.47
N HIS Y 306 25.25 -31.51 38.03
CA HIS Y 306 24.04 -32.19 37.60
C HIS Y 306 23.01 -31.11 37.31
N SER Y 307 21.97 -31.48 36.58
CA SER Y 307 20.98 -30.49 36.15
C SER Y 307 20.13 -29.99 37.31
N VAL Y 308 20.21 -30.68 38.45
CA VAL Y 308 19.18 -30.64 39.46
C VAL Y 308 19.33 -29.62 40.59
N ILE Y 309 18.19 -29.09 41.01
CA ILE Y 309 18.05 -28.40 42.28
C ILE Y 309 16.87 -29.06 43.01
N LYS Y 310 17.09 -29.55 44.24
CA LYS Y 310 16.07 -30.23 45.04
C LYS Y 310 15.35 -29.29 46.00
N VAL Y 311 14.02 -29.30 45.98
CA VAL Y 311 13.21 -28.43 46.80
C VAL Y 311 12.02 -29.16 47.42
N SER Y 312 11.87 -29.01 48.73
CA SER Y 312 10.73 -29.55 49.47
C SER Y 312 9.85 -28.43 50.05
N GLY Y 313 8.97 -28.80 50.98
CA GLY Y 313 7.98 -27.86 51.50
C GLY Y 313 6.98 -27.53 50.40
N ASP Y 314 6.63 -26.25 50.29
CA ASP Y 314 5.79 -25.80 49.18
C ASP Y 314 6.54 -24.78 48.33
N GLY Y 315 7.86 -24.77 48.50
CA GLY Y 315 8.74 -23.80 47.86
C GLY Y 315 8.99 -23.94 46.37
N GLY Y 316 10.16 -23.50 45.95
CA GLY Y 316 10.55 -23.50 44.55
C GLY Y 316 11.77 -22.64 44.33
N VAL Y 317 12.09 -22.43 43.05
CA VAL Y 317 13.24 -21.62 42.70
C VAL Y 317 12.80 -20.57 41.71
N ASP Y 318 12.95 -19.30 42.10
CA ASP Y 318 12.78 -18.18 41.19
C ASP Y 318 14.14 -17.71 40.74
N THR Y 319 14.24 -17.29 39.49
CA THR Y 319 15.47 -16.70 39.02
C THR Y 319 15.30 -15.20 38.83
N LEU Y 320 16.35 -14.46 39.13
CA LEU Y 320 16.39 -13.03 38.86
C LEU Y 320 17.39 -12.83 37.76
N ARG Y 321 16.95 -12.18 36.69
CA ARG Y 321 17.85 -11.85 35.60
C ARG Y 321 17.78 -10.35 35.27
N ALA Y 322 18.96 -9.76 35.07
CA ALA Y 322 19.10 -8.34 34.77
C ALA Y 322 18.34 -8.01 33.49
N GLU Y 323 17.51 -6.99 33.57
CA GLU Y 323 16.84 -6.47 32.40
C GLU Y 323 17.89 -5.64 31.64
N ILE Y 324 17.83 -5.67 30.32
CA ILE Y 324 18.76 -4.91 29.49
C ILE Y 324 17.96 -3.79 28.84
N PRO Y 325 18.37 -2.54 29.03
CA PRO Y 325 17.47 -1.50 28.57
C PRO Y 325 17.74 -1.09 27.14
N VAL Y 326 17.97 -2.04 26.24
CA VAL Y 326 18.43 -1.74 24.87
C VAL Y 326 17.50 -0.84 24.09
N ASP Y 327 16.20 -1.06 24.27
CA ASP Y 327 15.18 -0.31 23.54
C ASP Y 327 15.17 1.17 23.89
N SER Y 328 15.09 1.50 25.18
CA SER Y 328 15.10 2.89 25.60
C SER Y 328 16.41 3.49 25.19
N ALA Y 329 17.51 2.82 25.51
CA ALA Y 329 18.83 3.32 25.20
C ALA Y 329 18.94 3.74 23.73
N ALA Y 330 18.63 2.80 22.85
CA ALA Y 330 18.70 3.03 21.42
C ALA Y 330 17.88 4.25 21.03
N LYS Y 331 16.74 4.43 21.68
CA LYS Y 331 15.82 5.52 21.36
C LYS Y 331 16.40 6.86 21.77
N GLU Y 332 16.97 6.91 22.97
CA GLU Y 332 17.57 8.13 23.46
C GLU Y 332 18.82 8.43 22.66
N LEU Y 333 19.70 7.44 22.53
CA LEU Y 333 20.93 7.56 21.75
C LEU Y 333 20.73 8.10 20.34
N GLU Y 334 19.61 7.74 19.74
CA GLU Y 334 19.23 8.23 18.42
C GLU Y 334 19.16 9.75 18.39
N ARG Y 335 18.52 10.34 19.40
CA ARG Y 335 18.37 11.80 19.48
C ARG Y 335 19.70 12.49 19.75
N ILE Y 336 20.43 11.97 20.73
CA ILE Y 336 21.72 12.53 21.13
C ILE Y 336 22.62 12.67 19.92
N GLN Y 337 22.61 11.64 19.06
CA GLN Y 337 23.40 11.62 17.84
C GLN Y 337 22.97 12.67 16.82
N ASP Y 338 21.66 12.89 16.68
CA ASP Y 338 21.18 13.94 15.80
C ASP Y 338 21.64 15.27 16.34
N GLU Y 339 21.48 15.45 17.66
CA GLU Y 339 21.82 16.71 18.32
C GLU Y 339 23.32 16.96 18.20
N LEU Y 340 24.10 15.95 18.57
CA LEU Y 340 25.54 15.91 18.37
C LEU Y 340 25.98 16.60 17.07
N TYR Y 341 25.52 16.11 15.92
CA TYR Y 341 25.83 16.71 14.62
C TYR Y 341 25.44 18.20 14.48
N LYS Y 342 24.43 18.61 15.22
CA LYS Y 342 23.96 19.98 15.15
C LYS Y 342 24.80 20.85 16.05
N SER Y 343 24.96 20.41 17.31
CA SER Y 343 25.77 21.13 18.28
C SER Y 343 27.22 21.25 17.84
N ALA Y 344 27.68 20.32 17.02
CA ALA Y 344 29.04 20.32 16.53
C ALA Y 344 29.20 21.10 15.24
N GLN Y 345 28.09 21.56 14.68
CA GLN Y 345 28.09 22.11 13.33
C GLN Y 345 28.85 21.23 12.33
N ALA Y 346 28.42 19.98 12.24
CA ALA Y 346 29.09 18.97 11.43
C ALA Y 346 28.22 18.51 10.27
N VAL Y 347 28.77 17.69 9.39
CA VAL Y 347 28.04 17.10 8.27
C VAL Y 347 27.91 15.62 8.54
N ASP Y 348 26.71 15.11 8.29
CA ASP Y 348 26.42 13.68 8.41
C ASP Y 348 26.06 13.15 7.04
N ASN Y 349 26.97 12.43 6.42
CA ASN Y 349 26.66 11.84 5.12
C ASN Y 349 26.31 10.35 5.16
N SER Y 350 25.71 9.92 6.26
CA SER Y 350 24.96 8.67 6.30
C SER Y 350 23.99 8.73 5.13
N PRO Y 351 23.51 7.58 4.64
CA PRO Y 351 22.75 7.67 3.39
C PRO Y 351 21.28 8.04 3.63
N GLU Y 352 20.73 8.89 2.75
CA GLU Y 352 19.38 9.40 2.98
C GLU Y 352 18.24 8.40 2.71
N THR Y 353 17.57 7.99 3.79
CA THR Y 353 16.32 7.26 3.72
C THR Y 353 15.37 7.91 2.72
N ILE Y 354 15.24 9.23 2.82
CA ILE Y 354 14.37 10.02 1.94
C ILE Y 354 15.02 10.26 0.58
N GLY Y 355 14.32 9.79 -0.45
CA GLY Y 355 14.75 9.96 -1.84
C GLY Y 355 14.73 11.40 -2.31
N GLY Y 356 15.51 12.25 -1.63
CA GLY Y 356 15.71 13.62 -2.07
C GLY Y 356 17.17 14.04 -2.23
N GLY Y 357 18.02 13.52 -1.33
CA GLY Y 357 19.38 14.01 -1.09
C GLY Y 357 20.37 14.27 -2.22
N ALA Y 358 19.94 14.15 -3.47
CA ALA Y 358 20.83 14.37 -4.60
C ALA Y 358 20.85 15.82 -5.01
N THR Y 359 19.69 16.49 -4.95
CA THR Y 359 19.52 17.83 -5.52
C THR Y 359 20.46 18.88 -4.94
N GLY Y 360 20.69 19.92 -5.74
CA GLY Y 360 21.51 21.07 -5.34
C GLY Y 360 21.16 21.57 -3.96
N PRO Y 361 19.91 22.01 -3.76
CA PRO Y 361 19.44 22.44 -2.46
C PRO Y 361 19.61 21.37 -1.41
N ALA Y 362 19.38 20.13 -1.79
CA ALA Y 362 19.42 19.05 -0.81
C ALA Y 362 20.81 18.93 -0.22
N LEU Y 363 21.82 19.09 -1.08
CA LEU Y 363 23.22 18.97 -0.67
C LEU Y 363 23.70 20.24 0.02
N GLU Y 364 23.22 21.38 -0.46
CA GLU Y 364 23.54 22.66 0.15
C GLU Y 364 23.10 22.63 1.62
N LYS Y 365 21.84 22.25 1.85
CA LYS Y 365 21.29 22.08 3.19
C LYS Y 365 22.13 21.16 4.06
N LEU Y 366 22.68 20.10 3.47
CA LEU Y 366 23.52 19.16 4.20
C LEU Y 366 24.78 19.80 4.81
N TYR Y 367 25.44 20.64 4.03
CA TYR Y 367 26.68 21.26 4.46
C TYR Y 367 26.47 22.53 5.26
N ALA Y 368 25.22 22.99 5.32
CA ALA Y 368 24.90 24.30 5.89
C ALA Y 368 25.65 24.61 7.18
N LEU Y 369 25.56 23.73 8.17
CA LEU Y 369 26.19 23.98 9.46
C LEU Y 369 27.70 24.01 9.38
N LEU Y 370 28.30 23.00 8.78
CA LEU Y 370 29.75 22.97 8.65
C LEU Y 370 30.22 24.24 7.95
N ASP Y 371 29.55 24.61 6.86
CA ASP Y 371 29.84 25.85 6.16
C ASP Y 371 29.82 27.05 7.08
N LEU Y 372 29.03 26.95 8.15
CA LEU Y 372 28.90 28.01 9.15
C LEU Y 372 30.16 28.02 9.96
N LYS Y 373 30.50 26.83 10.47
CA LYS Y 373 31.71 26.62 11.25
C LYS Y 373 32.99 26.88 10.45
N ALA Y 374 33.00 26.56 9.16
CA ALA Y 374 34.18 26.77 8.32
C ALA Y 374 34.51 28.23 8.13
N ASN Y 375 33.46 29.06 8.05
CA ASN Y 375 33.63 30.50 7.82
C ASN Y 375 34.30 31.26 8.98
N MET Y 376 33.80 31.04 10.19
CA MET Y 376 34.48 31.56 11.37
C MET Y 376 35.94 31.13 11.36
N ALA Y 377 36.15 29.82 11.33
CA ALA Y 377 37.48 29.25 11.33
C ALA Y 377 38.43 29.86 10.29
N GLU Y 378 37.92 30.18 9.10
CA GLU Y 378 38.78 30.78 8.09
C GLU Y 378 39.23 32.14 8.58
N ARG Y 379 38.27 33.00 8.95
CA ARG Y 379 38.59 34.35 9.45
C ARG Y 379 39.70 34.29 10.48
N LYS Y 380 39.56 33.38 11.44
CA LYS Y 380 40.52 33.21 12.53
C LYS Y 380 41.86 32.66 12.04
N ILE Y 381 41.82 31.74 11.07
CA ILE Y 381 43.04 31.21 10.46
C ILE Y 381 43.74 32.29 9.65
N ARG Y 382 42.97 33.09 8.92
CA ARG Y 382 43.52 34.20 8.13
C ARG Y 382 44.24 35.22 9.00
N ALA Y 383 43.63 35.56 10.13
CA ALA Y 383 44.18 36.50 11.08
C ALA Y 383 45.59 36.09 11.52
N GLY Y 384 45.72 34.84 11.94
CA GLY Y 384 46.99 34.26 12.33
C GLY Y 384 47.97 34.22 11.17
N LEU Y 385 47.51 33.81 10.00
CA LEU Y 385 48.37 33.68 8.82
C LEU Y 385 48.89 35.03 8.28
N ARG Y 386 48.05 36.07 8.36
CA ARG Y 386 48.44 37.41 7.93
C ARG Y 386 49.61 37.89 8.77
N LEU Y 387 49.51 37.68 10.08
CA LEU Y 387 50.58 38.00 11.01
C LEU Y 387 51.82 37.16 10.75
N PHE Y 388 51.63 35.94 10.27
CA PHE Y 388 52.73 35.06 9.90
C PHE Y 388 53.53 35.66 8.75
N PHE Y 389 52.82 36.14 7.72
CA PHE Y 389 53.48 36.72 6.56
C PHE Y 389 54.04 38.12 6.79
N TRP Y 390 53.57 38.77 7.84
CA TRP Y 390 54.17 40.02 8.32
C TRP Y 390 55.61 39.77 8.79
N PHE Y 391 55.80 38.66 9.50
CA PHE Y 391 57.09 38.24 10.02
C PHE Y 391 58.01 37.81 8.89
N PHE Y 392 57.47 37.10 7.91
CA PHE Y 392 58.23 36.70 6.73
C PHE Y 392 58.72 37.92 5.93
N ALA Y 393 57.95 39.00 5.98
CA ALA Y 393 58.32 40.26 5.32
C ALA Y 393 59.43 40.98 6.08
N GLU Y 394 59.38 40.89 7.40
CA GLU Y 394 60.43 41.45 8.27
C GLU Y 394 61.76 40.80 7.97
N TYR Y 395 61.76 39.46 7.94
CA TYR Y 395 62.94 38.70 7.57
C TYR Y 395 63.48 39.08 6.20
N LEU Y 396 62.58 39.31 5.23
CA LEU Y 396 63.01 39.64 3.86
C LEU Y 396 63.62 41.03 3.74
N ARG Y 397 63.07 41.98 4.51
CA ARG Y 397 63.58 43.36 4.61
C ARG Y 397 65.01 43.37 5.15
N ASN Y 398 65.22 42.61 6.22
CA ASN Y 398 66.50 42.52 6.91
C ASN Y 398 67.49 41.58 6.22
N THR Y 399 66.98 40.52 5.59
CA THR Y 399 67.83 39.62 4.82
C THR Y 399 68.26 40.27 3.49
N GLY Y 400 67.66 41.43 3.19
CA GLY Y 400 68.00 42.23 2.02
C GLY Y 400 67.51 41.65 0.71
N LYS Y 401 66.38 40.94 0.76
CA LYS Y 401 65.78 40.36 -0.43
C LYS Y 401 64.63 41.23 -0.96
N GLY Y 402 64.41 42.36 -0.31
CA GLY Y 402 63.39 43.33 -0.72
C GLY Y 402 62.51 43.78 0.43
N ASP Y 403 61.75 44.85 0.20
CA ASP Y 403 60.80 45.36 1.18
C ASP Y 403 59.36 45.23 0.64
N PHE Y 404 58.50 44.52 1.39
CA PHE Y 404 57.14 44.19 0.93
C PHE Y 404 56.06 44.49 1.95
N ASN Y 405 54.82 44.66 1.47
CA ASN Y 405 53.65 44.81 2.32
C ASN Y 405 52.59 43.72 2.04
N PRO Y 406 52.64 42.59 2.76
CA PRO Y 406 51.76 41.46 2.51
C PRO Y 406 50.31 41.86 2.73
N ASP Y 407 50.06 42.58 3.82
CA ASP Y 407 48.71 43.00 4.21
C ASP Y 407 47.97 43.79 3.12
N LYS Y 408 48.67 44.21 2.08
CA LYS Y 408 48.02 44.95 1.01
C LYS Y 408 48.37 44.45 -0.39
N GLU Y 409 49.44 43.68 -0.51
CA GLU Y 409 49.86 43.14 -1.82
C GLU Y 409 49.47 41.67 -2.04
N LEU Y 410 49.55 40.87 -0.99
CA LEU Y 410 49.28 39.43 -1.06
C LEU Y 410 47.82 39.13 -0.77
N THR Y 411 47.25 38.23 -1.57
CA THR Y 411 45.90 37.70 -1.30
C THR Y 411 45.95 36.18 -1.09
N MET Y 412 45.08 35.69 -0.22
CA MET Y 412 45.02 34.27 0.12
C MET Y 412 43.76 33.61 -0.42
N THR Y 413 43.91 32.38 -0.92
CA THR Y 413 42.78 31.64 -1.43
C THR Y 413 42.63 30.30 -0.72
N PHE Y 414 41.51 30.15 -0.02
CA PHE Y 414 41.13 28.87 0.57
C PHE Y 414 40.24 28.10 -0.38
N THR Y 415 40.38 26.79 -0.38
CA THR Y 415 39.60 25.92 -1.25
C THR Y 415 38.79 24.98 -0.39
N ARG Y 416 37.56 24.70 -0.81
CA ARG Y 416 36.74 23.78 -0.04
C ARG Y 416 36.28 22.54 -0.80
N THR Y 417 36.53 21.39 -0.20
CA THR Y 417 36.09 20.10 -0.73
C THR Y 417 34.60 19.87 -0.44
N ARG Y 418 33.75 20.37 -1.34
CA ARG Y 418 32.32 20.30 -1.12
C ARG Y 418 31.63 19.38 -2.12
N ILE Y 419 30.73 18.53 -1.62
CA ILE Y 419 30.00 17.58 -2.46
C ILE Y 419 29.00 18.34 -3.34
N GLN Y 420 28.97 18.01 -4.62
CA GLN Y 420 28.07 18.69 -5.54
C GLN Y 420 27.37 17.68 -6.39
N ASN Y 421 26.39 18.15 -7.15
CA ASN Y 421 25.73 17.31 -8.13
C ASN Y 421 26.25 17.72 -9.48
N ASP Y 422 27.48 17.33 -9.78
CA ASP Y 422 28.16 17.76 -10.99
C ASP Y 422 27.28 17.67 -12.24
N SER Y 423 26.44 16.65 -12.28
CA SER Y 423 25.58 16.35 -13.42
C SER Y 423 24.58 17.47 -13.65
N GLU Y 424 24.02 17.96 -12.55
CA GLU Y 424 23.00 19.00 -12.54
C GLU Y 424 23.60 20.32 -12.96
N ILE Y 425 24.77 20.63 -12.41
CA ILE Y 425 25.43 21.91 -12.65
C ILE Y 425 25.70 22.07 -14.12
N VAL Y 426 26.31 21.04 -14.73
CA VAL Y 426 26.70 21.06 -16.15
C VAL Y 426 25.52 21.44 -17.05
N GLN Y 427 24.36 20.84 -16.78
CA GLN Y 427 23.14 21.14 -17.53
C GLN Y 427 22.68 22.57 -17.39
N SER Y 428 22.53 23.01 -16.13
CA SER Y 428 22.25 24.40 -15.82
C SER Y 428 23.17 25.37 -16.55
N LEU Y 429 24.48 25.11 -16.46
CA LEU Y 429 25.45 25.95 -17.14
C LEU Y 429 25.12 25.94 -18.62
N VAL Y 430 24.86 24.76 -19.17
CA VAL Y 430 24.58 24.62 -20.60
C VAL Y 430 23.30 25.37 -21.02
N GLN Y 431 22.30 25.29 -20.15
CA GLN Y 431 21.05 26.00 -20.34
C GLN Y 431 21.29 27.51 -20.31
N GLY Y 432 22.05 27.95 -19.31
CA GLY Y 432 22.40 29.35 -19.14
C GLY Y 432 23.20 29.98 -20.27
N VAL Y 433 24.13 29.23 -20.87
CA VAL Y 433 24.90 29.72 -22.02
C VAL Y 433 24.05 29.77 -23.28
N THR Y 434 23.40 28.66 -23.61
CA THR Y 434 22.41 28.61 -24.69
C THR Y 434 21.36 29.73 -24.57
N GLY Y 435 20.71 29.81 -23.41
CA GLY Y 435 19.77 30.89 -23.14
C GLY Y 435 20.32 32.27 -23.48
N GLY Y 436 21.57 32.52 -23.10
CA GLY Y 436 22.18 33.83 -23.32
C GLY Y 436 22.28 34.65 -22.05
N ILE Y 437 22.23 34.00 -20.90
CA ILE Y 437 22.35 34.67 -19.62
C ILE Y 437 23.76 34.53 -19.07
N MET Y 438 24.66 34.01 -19.90
CA MET Y 438 26.00 33.61 -19.44
C MET Y 438 27.09 33.54 -20.50
N SER Y 439 28.26 34.05 -20.13
CA SER Y 439 29.48 33.90 -20.92
C SER Y 439 30.02 32.48 -20.80
N LYS Y 440 30.65 31.99 -21.86
CA LYS Y 440 31.29 30.68 -21.82
C LYS Y 440 32.45 30.70 -20.83
N GLU Y 441 33.12 31.86 -20.74
CA GLU Y 441 34.16 32.12 -19.74
C GLU Y 441 33.71 31.78 -18.33
N THR Y 442 32.68 32.49 -17.85
CA THR Y 442 32.12 32.28 -16.49
C THR Y 442 31.70 30.81 -16.33
N ALA Y 443 31.10 30.26 -17.38
CA ALA Y 443 30.67 28.87 -17.40
C ALA Y 443 31.82 27.90 -17.24
N VAL Y 444 32.89 28.07 -18.02
CA VAL Y 444 34.07 27.20 -17.95
C VAL Y 444 34.67 27.22 -16.54
N ALA Y 445 34.73 28.39 -15.94
CA ALA Y 445 35.25 28.56 -14.59
C ALA Y 445 34.34 27.95 -13.52
N ARG Y 446 33.06 27.81 -13.86
CA ARG Y 446 32.07 27.25 -12.93
C ARG Y 446 31.80 25.76 -13.14
N ASN Y 447 32.36 25.23 -14.23
CA ASN Y 447 32.28 23.81 -14.61
C ASN Y 447 33.07 22.92 -13.63
N PRO Y 448 32.40 21.94 -13.00
CA PRO Y 448 33.03 21.04 -12.02
C PRO Y 448 34.20 20.19 -12.55
N PHE Y 449 34.23 19.94 -13.85
CA PHE Y 449 35.29 19.11 -14.43
C PHE Y 449 36.52 19.94 -14.81
N VAL Y 450 36.51 21.21 -14.42
CA VAL Y 450 37.57 22.13 -14.75
C VAL Y 450 38.43 22.46 -13.50
N GLN Y 451 39.71 22.15 -13.58
CA GLN Y 451 40.70 22.53 -12.56
C GLN Y 451 41.14 23.99 -12.75
N ASP Y 452 41.84 24.27 -13.85
CA ASP Y 452 42.30 25.64 -14.18
C ASP Y 452 41.53 26.21 -15.38
N PRO Y 453 40.67 27.23 -15.12
CA PRO Y 453 39.87 27.88 -16.17
C PRO Y 453 40.72 28.51 -17.29
N GLU Y 454 41.92 28.96 -16.95
CA GLU Y 454 42.81 29.62 -17.91
C GLU Y 454 43.21 28.63 -19.02
N GLU Y 455 43.66 27.44 -18.61
CA GLU Y 455 44.08 26.39 -19.53
C GLU Y 455 42.95 25.90 -20.44
N GLU Y 456 41.75 25.77 -19.86
CA GLU Y 456 40.60 25.20 -20.57
C GLU Y 456 39.96 26.20 -21.54
N LEU Y 457 39.95 27.47 -21.15
CA LEU Y 457 39.43 28.53 -22.01
C LEU Y 457 40.33 28.65 -23.25
N ALA Y 458 41.62 28.50 -23.03
CA ALA Y 458 42.60 28.49 -24.11
C ALA Y 458 42.47 27.23 -24.95
N ARG Y 459 42.21 26.09 -24.29
CA ARG Y 459 42.10 24.80 -24.99
C ARG Y 459 40.91 24.76 -25.94
N ILE Y 460 39.79 25.32 -25.47
CA ILE Y 460 38.53 25.34 -26.24
C ILE Y 460 38.65 26.25 -27.47
N GLU Y 461 39.50 27.25 -27.39
CA GLU Y 461 39.73 28.14 -28.53
C GLU Y 461 40.62 27.49 -29.59
N GLU Y 462 41.69 26.81 -29.14
CA GLU Y 462 42.61 26.12 -30.06
C GLU Y 462 41.93 24.89 -30.69
N GLU Y 463 40.90 24.38 -30.02
CA GLU Y 463 40.03 23.38 -30.62
C GLU Y 463 39.26 23.99 -31.79
N MET Y 464 38.74 25.20 -31.59
CA MET Y 464 37.93 25.90 -32.59
C MET Y 464 38.73 26.28 -33.83
N ASN Y 465 39.91 26.85 -33.63
CA ASN Y 465 40.83 27.20 -34.72
C ASN Y 465 41.34 25.97 -35.50
N GLN Y 466 41.03 24.80 -34.96
CA GLN Y 466 41.29 23.52 -35.62
C GLN Y 466 40.07 23.09 -36.44
N TYR Y 467 39.09 22.45 -35.77
CA TYR Y 467 37.85 22.04 -36.43
C TYR Y 467 36.89 23.22 -36.56
N UNK Z 1 55.02 42.65 26.20
CA UNK Z 1 54.52 41.25 26.20
C UNK Z 1 55.66 40.25 26.20
N UNK Z 2 55.90 39.62 27.36
CA UNK Z 2 56.72 38.41 27.42
C UNK Z 2 55.90 37.16 27.03
N UNK Z 3 56.59 36.04 26.81
CA UNK Z 3 55.96 34.75 26.50
C UNK Z 3 56.88 33.60 26.87
N UNK Z 4 56.42 32.74 27.76
CA UNK Z 4 57.24 31.61 28.24
C UNK Z 4 56.69 30.23 27.84
N UNK Z 5 57.59 29.30 27.48
CA UNK Z 5 57.25 27.91 27.14
C UNK Z 5 57.84 26.93 28.17
N UNK Z 6 56.97 26.20 28.89
CA UNK Z 6 57.41 25.30 29.96
C UNK Z 6 57.62 23.87 29.49
N UNK Z 7 58.80 23.58 28.93
CA UNK Z 7 59.13 22.25 28.44
C UNK Z 7 59.63 21.34 29.57
N UNK Z 8 59.67 20.03 29.32
CA UNK Z 8 60.22 19.06 30.27
C UNK Z 8 60.63 17.78 29.56
N UNK Z 9 61.94 17.59 29.38
CA UNK Z 9 62.48 16.47 28.60
C UNK Z 9 63.22 15.44 29.47
N UNK Z 10 62.66 14.23 29.55
CA UNK Z 10 63.29 13.13 30.27
C UNK Z 10 64.44 12.51 29.44
N UNK Z 11 65.64 12.52 30.01
CA UNK Z 11 66.86 12.05 29.34
C UNK Z 11 66.94 10.52 29.21
N UNK Z 12 68.06 10.04 28.68
CA UNK Z 12 68.32 8.59 28.54
C UNK Z 12 68.16 7.88 29.88
N UNK Z 13 68.52 8.59 30.94
CA UNK Z 13 68.43 8.11 32.32
C UNK Z 13 67.53 9.03 33.16
N UNK Z 14 67.98 10.27 33.36
CA UNK Z 14 67.35 11.22 34.27
C UNK Z 14 66.12 11.91 33.69
N UNK Z 15 65.78 13.08 34.24
CA UNK Z 15 64.72 13.95 33.74
C UNK Z 15 65.00 15.42 34.03
N UNK Z 16 65.12 16.23 32.97
CA UNK Z 16 65.33 17.68 33.07
C UNK Z 16 64.00 18.44 32.95
N UNK Z 17 63.99 19.69 33.39
CA UNK Z 17 62.77 20.51 33.35
C UNK Z 17 63.03 21.97 32.96
N UNK Z 18 63.44 22.19 31.72
CA UNK Z 18 63.85 23.52 31.22
C UNK Z 18 62.68 24.47 30.92
N UNK Z 19 63.00 25.71 30.52
CA UNK Z 19 62.01 26.72 30.14
C UNK Z 19 62.61 27.80 29.22
N UNK Z 20 61.75 28.51 28.50
CA UNK Z 20 62.17 29.56 27.56
C UNK Z 20 61.30 30.81 27.73
N UNK Z 21 61.92 31.99 27.68
CA UNK Z 21 61.19 33.28 27.78
C UNK Z 21 61.41 34.19 26.57
N UNK Z 22 60.44 34.17 25.65
CA UNK Z 22 60.53 34.94 24.41
C UNK Z 22 60.15 36.41 24.60
N UNK Z 23 61.10 37.29 24.31
CA UNK Z 23 60.93 38.73 24.43
C UNK Z 23 61.06 39.45 23.08
N UNK Z 24 60.60 40.69 23.02
CA UNK Z 24 60.62 41.49 21.80
C UNK Z 24 62.01 41.60 21.16
N UNK Z 25 63.06 41.51 21.99
CA UNK Z 25 64.45 41.65 21.52
C UNK Z 25 65.30 40.37 21.54
N UNK Z 26 65.06 39.48 22.52
CA UNK Z 26 65.82 38.22 22.66
C UNK Z 26 64.98 37.05 23.25
N UNK Z 27 65.64 35.93 23.58
CA UNK Z 27 64.94 34.69 23.97
C UNK Z 27 65.66 33.85 25.04
N UNK Z 28 65.88 34.45 26.21
CA UNK Z 28 66.62 33.83 27.33
C UNK Z 28 66.12 32.46 27.79
N UNK Z 29 67.04 31.52 28.04
CA UNK Z 29 66.69 30.17 28.48
C UNK Z 29 66.61 30.02 30.01
N UNK Z 30 66.49 28.77 30.47
CA UNK Z 30 66.44 28.41 31.90
C UNK Z 30 66.25 26.90 32.07
#